data_7V3V
#
_entry.id   7V3V
#
loop_
_entity.id
_entity.type
_entity.pdbx_description
1 polymer 'DNA replication licensing factor MCM2'
2 polymer 'DNA replication licensing factor MCM3'
3 polymer 'DNA replication licensing factor MCM4'
4 polymer 'Minichromosome maintenance protein 5'
5 polymer 'DNA replication licensing factor MCM6'
6 polymer 'DNA replication licensing factor MCM7'
7 polymer 'Cell division control protein 7'
8 polymer 'DDK kinase regulatory subunit DBF4'
9 non-polymer 'PHOSPHOTHIOPHOSPHORIC ACID-ADENYLATE ESTER'
10 non-polymer 'MAGNESIUM ION'
11 non-polymer 'ZINC ION'
12 non-polymer "ADENOSINE-5'-DIPHOSPHATE"
#
loop_
_entity_poly.entity_id
_entity_poly.type
_entity_poly.pdbx_seq_one_letter_code
_entity_poly.pdbx_strand_id
1 'polypeptide(L)'
;MSDNRRRRREEDDSDSENELPPSSPQQHFRGGMNPVSSPIGSPDMINPEGDDNEVDDVPDIDEVEEQMNEVDLMDDNMYE
DYAADHNRDRYDPDQVDDREQQELSLSERRRIDAQLNERDRLLRNVAYIDDEDEEQEGAAQLDEMGLPVQRRRRRRQYED
LENSDDDLLSDMDIDPLREELTLESLSNVKANSYSEWITQPNVSRTIARELKSFLLEYTDETGRSVYGARIRTLGEMNSE
SLEVNYRHLAESKAILALFLAKCPEEMLKIFDLVAMEATELHYPDYARIHSEIHVRISDFPTIYSLRELRESNLSSLVRV
TGVVTRRTGVFPQLKYVKFNCLKCGSILGPFFQDSNEEIRISFCTNCKSKGPFRVNGEKTVYRNYQRVTLQEAPGTVPPG
RLPRHREVILLADLVDVSKPGEEVEVTGIYKNNYDGNLNAKNGFPVFATIIEANSIKRREGNTANEGEEGLDVFSWTEEE
EREFRKISRDRGIIDKIISSMAPSIYGHRDIKTAVACSLFGGVPKNVNGKHSIRGDINVLLLGDPGTAKSQILKYVEKTA
HRAVFATGQGASAVGLTASVRKDPITKEWTLEGGALVLADKGVCLIDEFDKMNDQDRTSIHEAMEQQSISISKAGIVTTL
QARCSIIAAANPNGGRYNSTLPLAQNVSLTEPILSRFDILCVVRDLVDEEADERLATFVVDSHVRSHPENDEDREGEELK
NNGESAIEQGEDEINEQLNARQRRLQRQRKKEEEISPIPQELLMKYIHYARTKIYPKLHQMDMDKVSRVYADLRRESIST
GSFPITVRHLESILRIAESFAKMRLSEFVSSYDLDRAIKVVVDSFVDAQKVSVRRQLRRSFAIYTLGH
;
2,B
2 'polypeptide(L)'
;MEGSTGFDGDATTFFAPDAVFGDRVRRFQEFLDTFTSYRDSVRSIQVYNSNNAANYNDDQDDADERDLLGDDDGDDLEKE
KKAASSTSLNILPHRIIISLDDLREFDRSFWSGILVEPAYFIPPAEKALTDLADSMDDVPHPNASAVSSRHPWKLSFKGS
FGAHALSPRTLTAQHLNKLVSVEGIVTKTSLVRPKLIRSVHYAAKTGRFHYRDYTDATTTLTTRIPTPAIYPTEDTEGNK
LTTEYGYSTFIDHQRITVQEMPEMAPAGQLPRSIDVILDDDLVDKTKPGDRVNVVGVFKSLGAGGMNQSNSNTLIGFKTL
ILGNTVYPLHARSTGVAARQMLTDFDIRNINKLSKKKDIFDILSQSLAPSIYGHDHIKKAILLMLMGGVEKNLENGSHLR
GDINILMVGDPSTAKSQLLRFVLNTASLAIATTGRGSSGVGLTAAVTTDRETGERRLEAGAMVLADRGVVCIDEFDKMTD
VDRVAIHEVMEQQTVTIAKAGIHTTLNARCSVIAAANPVFGQYDVNRDPHQNIALPDSLLSRFDLLFVVTDDINEIRDRS
ISEHVLRTHRYLPPGYLEGEPVRERLNLSLAVGEDADINPEEHSNSGAGVENEGEDDEDHVFEKFNPLLQAGAKLAKNKG
NYNGTEIPKLVTIPFLRKYVQYAKERVIPQLTQEAINVIVKNYTDLRNDDNTKKSPITARTLETLIRLATAHAKVRLSKT
VNKVDAKVAANLLRFALLGEDIGNDIDEEESEYEEALSKRSPQKSPKKRQRVRQPASNSGSPIKSTPRRSTASSVNATPS
SARRILRFQDDEQNAGEDDNDIMSPLPADEEAELQRRLQLGLRVSPRRREHLHAPEEGSSGPLTEVGTPRLPNVSSAGQD
DEQQQSVISFDNVEPGTISTGRLSLISGIIARLMQTEIFEEESYPVASLFERINEELPEEEKFSAQEYLAGLKIMSDRNN
LMVADDKVWRV
;
3,C
3 'polypeptide(L)'
;MSQQSSSPTKEDNNSSSPVVPNPDSVPPQLSSPALFYSSSSSQGDIYGRNNSQNLSQGEGNIRAAIGSSPLNFPSSSQRQ
NSDVFQSQGRQGRIRSSASASGRSRYHSDLRSDRALPTSSSSLGRNGQNRVHMRRNDIHTSDLSSPRRIVDFDTRSGVNT
LDTSSSSAPPSEASEPLRIIWGTNVSIQECTTNFRNFLMSFKYKFRKILDEREEFINNTTDEELYYIKQLNEMRELGTSN
LNLDARNLLAYKQTEDLYHQLLNYPQEVISIMDQTIKDCMVSLIVDNNLDYDLDEIETKFYKVRPYNVGSCKGMRELNPN
DIDKLINLKGLVLRSTPVIPDMKVAFFKCNVCDHTMAVEIDRGVIQEPARCERIDCNEPNSMSLIHNRCSFADKQVIKLQ
ETPDFVPDGQTPHSISLCVYDELVDSCRAGDRIEVTGTFRSIPIRANSRQRVLKSLYKTYVDVVHVKKVSDKRLDVDTST
IEQELMQNKVDHNEVEEVRQITDQDLAKIREVAAREDLYSLLARSIAPSIYELEDVKKGILLQLFGGTNKTFTKGGRYRG
DINILLCGDPSTSKSQILQYVHKITPRGVYTSGKGSSAVGLTAYITRDVDTKQLVLESGALVLSDGGVCCIDEFDKMSDS
TRSVLHEVMEQQTISIAKAGIITTLNARSSILASANPIGSRYNPNLPVTENIDLPPPLLSRFDLVYLVLDKVDEKNDREL
AKHLTNLYLEDKPEHISQDDVLPVEFLTMYISYAKEHIHPIITEAAKTELVRAYVGMRKMGDDSRSDEKRITATTRQLES
MIRLAEAHAKMKLKNVVELEDVQEAVRLIRSAIKDYATDPKTGKIDMNLVQTGKSVIQRKLQEDLSREIMNVLKDQASDS
MSFNELIKQINEHSQDRVESSDIQEALSRLQQEDKVIVLGEGVRRSVRLNNRV
;
4,D
4 'polypeptide(L)'
;MSFDRPEIYSAPVLQGESPNDDDNTEIIKSFKNFILEFRLDSQFIYRDQLRNNILVKNYSLTVNMEHLIGYNEDIYKKLS
DEPSDIIPLFETAITQVAKRISILSRAQSANNNDKDPENTSMDTDSLLLNSLPTFQLILNSNANQIPLRDLDSEHVSKIV
RLSGIIISTSVLSSRATYLSIMCRNCRHTTSITINNFNSITGNTVSLPRSCLSTIESESSMANESNIGDESTKKNCGPDP
YIIIHESSKFIDQQFLKLQEIPELVPVGEMPRNLTMTCDRYLTNKVIPGTRVTIVGIYSIYNSKNGAGSGRSGGGNGGSG
VAIRTPYIKILGIQSDVETSSIWNSVTMFTEEEEEEFLQLSRNPKLYEILTNSIAPSIFGNEDIKKAIVCLLMGGSKKIL
PDGMRLRGDINVLLLGDPGTAKSQLLKFVEKVSPIAVYTSGKGSSAAGLTASVQRDPMTREFYLEGGAMVLADGGVVCID
EFDKMRDEDRVAIHEAMEQQTISIAKAGITTVLNSRTSVLAAANPIYGRYDDLKSPGDNIDFQTTILSRFDMIFIVKDDH
NEERDISIANHVINIHTGNANAMQNQQEENGSEISIEKMKRYITYCRLKCAPRLSPQAAEKLSSNFVTIRKQLLINELES
TERSSIPITIRQLEAIIRITESLAKLELSPIAQERHVDEAIRLFQASTMDAASQDPIGGLNQASGTSLSEIRRFEQELKR
RLPIGWSTSYQTLRREFVDTHRFSQLALDKALYALEKHETIQLRHQGQNIYRSGV
;
5,E
5 'polypeptide(L)'
;MSSPFPADTPSSNRPSNSSPPPSSIGAGFGSSSGLDSQIGSRLHFPSSSQPHVSNSQTGPFVNDSTQFSSQRLQTDGSAT
NDMEGNEPARSFKSRALNHVKKVDDVTGEKVREAFEQFLEDFSVQSTDTGEVEKVYRAQIEFMKIYDLNTIYIDYQHLSM
RENGALAMAISEQYYRFLPFLQKGLRRVVRKYAPELLNTSDSLKRSEGDEGQADEDEQQDDDMNGSSLPRDSGSSAAPGN
GTSAMATRSITTSTSPEQTERVFQISFFNLPTVHRIRDIRSEKIGSLLSISGTVTRTSEVRPELYKASFTCDMCRAIVDN
VEQSFKYTEPTFCPNPSCENRAFWTLNVTRSRFLDWQKVRIQENANEIPTGSMPRTLDVILRGDSVERAKPGDRCKFTGV
EIVVPDVTQLGLPGVKPSSTLDTRGISKTTEGLNSGVTGLRSLGVRDLTYKISFLACHVISIGSNIGASSPDANSNNRET
ELQMAANLQANNVYQDNERDQEVFLNSLSSDEINELKEMVKDEHIYDKLVRSIAPAVFGHEAVKKGILLQMLGGVHKSTV
EGIKLRGDINICVVGDPSTSKSQFLKYVVGFAPRSVYTSGKASSAAGLTAAVVRDEEGGDYTIEAGALMLADNGICCIDE
FDKMDISDQVAIHEAMEQQTISIAKAGIHATLNARTSILAAANPVGGRYNRKLSLRGNLNMTAPIMSRFDLFFVILDDCN
EKIDTELASHIVDLHMKRDEAIEPPFSAEQLRRYIKYARTFKPILTKEARSYLVEKYKELRKDDAQGFSRSSYRITVRQL
ESMIRLSEAIARANCVDEITPSFIAEAYDLLRQSIIRVDVDDVEMDEEFDNIESQSHAASGNNDDNDDGTGSGVITSEPP
ADIEEGQSEATARPGTSEKKKTTVTYDKYVSMMNMIVRKIAEVDREGAEELTAVDIVDWYLLQKENDLGSLAEYWEERRL
AFKVIKRLVKDRILMEIHGTRHNLRDLENEENENNKTVYVIHPNCEVLDQLEPQDSS
;
6,F
6 'polypeptide(L)'
;MSAALPSIQLPVDYNNLFNEITDFLVTFKQDTLSSDATRNENEDENLDAENIEQHLLEKGPKYMAMLQKVANRELNSVII
DLDDILQYQNEKFLQGTQADDLVSAIQQNANHFTELFCRAIDNNMPLPTKEIDYKDDVLDVILNQRRLRNERMLSDRTNE
IRSENLMDTTMDPPSSMNDALREVVEDETELFPPNLTRRYFLYFKPLSQNCARRYRKKAISSKPLSVRQIKGDFLGQLIT
VRGIITRVSDVKPAVEVIAYTCDQCGYEVFQEVNSRTFTPLSECTSEECSQNQTKGQLFMSTRASKFSAFQECKIQELSQ
QVPVGHIPRSLNIHVNGTLVRSLSPGDIVDVTGIFLPAPYTGFKALKAGLLTETYLEAQFVRQHKKKFASFSLTSDVEER
VMELITSGDVYNRLAKSIAPEIYGNLDVKKALLLLLVGGVDKRVGDGMKIRGDINVCLMGDPGVAKSQLLKAICKISPRG
VYTTGKGSSGVGLTAAVMKDPVTDEMILEGGALVLADNGICCIDEFDKMDESDRTAIHEVMEQQTISISKAGINTTLNAR
TSILAAANPLYGRYNPRLSPLDNINLPAALLSRFDILFLMLDIPSRDDDEKLAEHVTYVHMHNKQPDLDFTPVEPSKMRE
YIAYAKTKRPVMSEAVNDYVVQAYIRLRQDSKREMDSKFSFGQATPRTLLGIIRLSQALAKLRLADMVDIDDVEEALRLV
RVSKESLYQETNKSKEDESPTTKIFTIIKKMLQETGKNTLSYENIVKTVRLRGFTMLQLSNCIQEYSYLNVWHLINEGNT
LKFVDDGTMDTDQEDSLVSTPKLAPQTTASANVSAQDSDIDLQDA
;
7,G
7 'polypeptide(L)'
;MTSKTKNIDDIPPEIKEEMIQLYHDLPGIENEYKLIDKIGEGTFSSVYKAKDITGKITKKFASHFWNYGSNYVALKKIYV
TSSPQRIYNELNLLYIMTGSSRVAPLCDAKRVRDQVIAVLPYYPHEEFRTFYRDLPIKGIKKYIWELLRALKFVHSKGII
HRDIKPTNFLFNLELGRGVLVDFGLAEAQMDYKSMISSQNDYDNYANTNHDGGYSMRNHEQFCPCIMRNQYSPNSHNQTP
PMVTIQNGKVVHLNNVNGVDLTKGYPKNETRRIKRANRAGTRGFRAPEVLMKCGAQSTKIDIWSVGVILLSLLGRRFPMF
QSLDDADSLLELCTIFGWKELRKCAALHGLGFEASGLIWDKPNGYSNGLKEFVYDLLNKECTIGTFPEYSVAFETFGFLQ
QELHDRMSIEPQLPDPKTNMDAVDAYELKKYQEEIWSDHYWCFQVLEQCFEMDPQKRSSAEDLLKTPFFNELNENTYLLD
GESTDEDDVVSSSEADLLDKDVLLISE
;
H
8 'polypeptide(L)'
;MVSPTKMIIRSPLKETDTNLKHNNGIAASTTAAGHLNVFSNDNNCNNNNTTESFPKKRSLERLELQQQQHLHEKKRARIE
RARSIEGAVQVSKGTGLKNVEPRVTPKELLEWQTNWKKIMKRDSRIYFDITDDVEMNTYNKSKMDKRRDLLKRGFLTLGA
QITQFFDTTVTIVITRRSVENIYLLKDTDILSRAKKNYMKVWSYEKAARFLKNLDVDLDHLSKTKSASLAAPTLSNLLHN
EKLYGPTDRDPRTKRDDIHYFKYPHVYLYDLWQTWAPIITLEWKPQELTNLDELPYPILKIGSFGRCPFIGDRNYDESSY
KRVVKRYSRDKANKKYALQLRALFQYHADTLLNTSSVNDQTKNLIFIPHTCNDSTKSFKKWMQEKAKNFEKTELKKTDDS
AVQDVRNEHADQTDEKNSILLNETETKEPPLKEEKENKQSIAEESNKYPQRKELAATPKLNHPVLATFARQETEEVPDDL
CTLKTKSRQAFEIKASGAHQSNDVATSFGNGLGPTRASVMSKNMKSLSRLMVDRKLGVKQTNGNNKNYTATIATTAETSK
ENRHRLDFNALKKDEAPSKETGKDSAVHLETNRKPQNFPKVATKSVSADSKVHNDIKITTTESPTASKKSTSTNVTLHFN
AQTAQTAQPVKKETVKNSGYCENCRVKYESLEQHIVSEKHLSFAENDLNFEAIDSLIENLRFQI
;
I
#
# COMPACT_ATOMS: atom_id res chain seq x y z
N LEU A 181 27.94 -51.06 8.91
CA LEU A 181 26.79 -51.97 8.83
C LEU A 181 27.03 -53.06 7.81
N THR A 182 26.23 -54.12 7.87
CA THR A 182 26.38 -55.27 7.00
C THR A 182 25.13 -55.44 6.16
N LEU A 183 25.16 -56.45 5.28
CA LEU A 183 24.00 -56.77 4.45
C LEU A 183 22.84 -57.26 5.29
N GLU A 184 23.12 -58.11 6.29
CA GLU A 184 22.07 -58.59 7.17
C GLU A 184 21.51 -57.46 8.04
N SER A 185 22.36 -56.49 8.41
CA SER A 185 21.86 -55.30 9.09
C SER A 185 21.05 -54.43 8.14
N LEU A 186 21.39 -54.43 6.85
CA LEU A 186 20.60 -53.70 5.86
C LEU A 186 19.24 -54.36 5.65
N SER A 187 19.15 -55.67 5.87
CA SER A 187 17.89 -56.38 5.72
C SER A 187 16.86 -55.88 6.73
N ASN A 188 17.28 -55.66 7.98
CA ASN A 188 16.38 -55.11 8.98
C ASN A 188 16.20 -53.62 8.79
N VAL A 189 14.98 -53.13 8.98
CA VAL A 189 14.63 -51.74 8.79
C VAL A 189 14.16 -51.15 10.10
N LYS A 190 14.55 -49.90 10.36
CA LYS A 190 14.18 -49.21 11.59
C LYS A 190 13.25 -48.02 11.36
N ALA A 191 13.37 -47.35 10.22
CA ALA A 191 12.55 -46.18 9.93
C ALA A 191 11.13 -46.61 9.58
N ASN A 192 10.23 -45.61 9.52
CA ASN A 192 8.82 -45.89 9.24
C ASN A 192 8.63 -46.41 7.82
N SER A 193 9.33 -45.82 6.85
CA SER A 193 9.22 -46.24 5.46
C SER A 193 10.60 -46.61 4.94
N TYR A 194 10.62 -47.21 3.75
CA TYR A 194 11.88 -47.57 3.11
C TYR A 194 12.69 -46.33 2.74
N SER A 195 12.01 -45.28 2.26
CA SER A 195 12.70 -44.07 1.82
C SER A 195 13.40 -43.38 2.99
N GLU A 196 12.74 -43.32 4.14
CA GLU A 196 13.38 -42.76 5.33
C GLU A 196 14.54 -43.62 5.80
N TRP A 197 14.44 -44.94 5.59
CA TRP A 197 15.54 -45.83 5.93
C TRP A 197 16.77 -45.55 5.06
N ILE A 198 16.57 -45.37 3.76
CA ILE A 198 17.69 -45.11 2.87
C ILE A 198 18.22 -43.68 3.07
N THR A 199 17.36 -42.77 3.53
CA THR A 199 17.77 -41.37 3.73
C THR A 199 18.81 -41.22 4.84
N GLN A 200 18.88 -42.16 5.77
CA GLN A 200 19.83 -42.06 6.87
C GLN A 200 21.26 -42.13 6.35
N PRO A 201 22.18 -41.30 6.87
CA PRO A 201 23.56 -41.31 6.37
C PRO A 201 24.27 -42.64 6.51
N ASN A 202 24.04 -43.37 7.60
CA ASN A 202 24.75 -44.64 7.79
C ASN A 202 24.27 -45.70 6.81
N VAL A 203 22.96 -45.78 6.58
CA VAL A 203 22.42 -46.71 5.60
C VAL A 203 22.89 -46.33 4.19
N SER A 204 22.94 -45.02 3.91
CA SER A 204 23.38 -44.56 2.61
C SER A 204 24.84 -44.90 2.35
N ARG A 205 25.71 -44.69 3.34
CA ARG A 205 27.13 -45.01 3.14
C ARG A 205 27.34 -46.52 3.09
N THR A 206 26.55 -47.30 3.84
CA THR A 206 26.65 -48.74 3.75
C THR A 206 26.24 -49.24 2.37
N ILE A 207 25.15 -48.68 1.82
CA ILE A 207 24.69 -49.06 0.49
C ILE A 207 25.71 -48.64 -0.57
N ALA A 208 26.33 -47.47 -0.38
CA ALA A 208 27.37 -47.02 -1.30
C ALA A 208 28.56 -47.96 -1.30
N ARG A 209 29.00 -48.40 -0.10
CA ARG A 209 30.11 -49.33 -0.02
C ARG A 209 29.76 -50.68 -0.64
N GLU A 210 28.54 -51.17 -0.39
CA GLU A 210 28.14 -52.45 -0.95
C GLU A 210 28.00 -52.39 -2.47
N LEU A 211 27.52 -51.26 -2.99
CA LEU A 211 27.43 -51.09 -4.43
C LEU A 211 28.82 -50.97 -5.05
N LYS A 212 29.75 -50.35 -4.33
CA LYS A 212 31.14 -50.31 -4.81
C LYS A 212 31.74 -51.71 -4.87
N SER A 213 31.51 -52.52 -3.84
CA SER A 213 32.01 -53.88 -3.83
C SER A 213 31.38 -54.71 -4.95
N PHE A 214 30.07 -54.53 -5.18
CA PHE A 214 29.39 -55.24 -6.26
C PHE A 214 29.90 -54.82 -7.62
N LEU A 215 30.15 -53.52 -7.82
CA LEU A 215 30.61 -53.05 -9.11
C LEU A 215 32.05 -53.44 -9.38
N LEU A 216 32.88 -53.52 -8.34
CA LEU A 216 34.29 -53.81 -8.53
C LEU A 216 34.62 -55.30 -8.48
N GLU A 217 33.74 -56.13 -7.91
CA GLU A 217 34.07 -57.52 -7.65
C GLU A 217 33.16 -58.54 -8.32
N TYR A 218 32.18 -58.11 -9.11
CA TYR A 218 31.26 -59.06 -9.72
C TYR A 218 31.93 -59.77 -10.89
N THR A 219 31.91 -61.10 -10.86
CA THR A 219 32.37 -61.92 -11.97
C THR A 219 31.36 -63.02 -12.21
N ASP A 220 31.30 -63.49 -13.46
CA ASP A 220 30.37 -64.56 -13.84
C ASP A 220 31.01 -65.93 -13.75
N GLU A 221 31.99 -66.11 -12.86
CA GLU A 221 32.70 -67.37 -12.63
C GLU A 221 33.40 -67.87 -13.90
N THR A 222 33.75 -66.93 -14.79
CA THR A 222 34.53 -67.25 -15.98
C THR A 222 35.86 -66.50 -16.01
N GLY A 223 36.19 -65.80 -14.93
CA GLY A 223 37.45 -65.07 -14.86
C GLY A 223 37.44 -63.69 -15.44
N ARG A 224 36.29 -63.19 -15.89
CA ARG A 224 36.18 -61.85 -16.45
C ARG A 224 35.22 -61.02 -15.62
N SER A 225 35.57 -59.74 -15.43
CA SER A 225 34.70 -58.78 -14.76
C SER A 225 33.94 -58.01 -15.83
N VAL A 226 32.65 -58.29 -15.96
CA VAL A 226 31.85 -57.67 -17.01
C VAL A 226 31.65 -56.18 -16.74
N TYR A 227 31.54 -55.79 -15.47
CA TYR A 227 31.31 -54.38 -15.16
C TYR A 227 32.58 -53.55 -15.31
N GLY A 228 33.75 -54.11 -15.01
CA GLY A 228 34.98 -53.40 -15.30
C GLY A 228 35.18 -53.16 -16.79
N ALA A 229 34.86 -54.18 -17.60
CA ALA A 229 34.91 -54.01 -19.05
C ALA A 229 33.90 -52.98 -19.53
N ARG A 230 32.72 -52.95 -18.91
CA ARG A 230 31.71 -51.95 -19.27
C ARG A 230 32.19 -50.53 -18.93
N ILE A 231 32.81 -50.36 -17.77
CA ILE A 231 33.35 -49.05 -17.39
C ILE A 231 34.47 -48.63 -18.34
N ARG A 232 35.35 -49.56 -18.71
CA ARG A 232 36.39 -49.25 -19.68
C ARG A 232 35.83 -48.87 -21.03
N THR A 233 34.78 -49.58 -21.48
CA THR A 233 34.17 -49.29 -22.77
C THR A 233 33.48 -47.93 -22.77
N LEU A 234 32.75 -47.60 -21.69
CA LEU A 234 32.09 -46.30 -21.63
C LEU A 234 33.10 -45.17 -21.48
N GLY A 235 34.23 -45.41 -20.81
CA GLY A 235 35.27 -44.41 -20.75
C GLY A 235 35.93 -44.17 -22.09
N GLU A 236 36.23 -45.24 -22.83
CA GLU A 236 36.88 -45.08 -24.12
C GLU A 236 35.93 -44.58 -25.20
N MET A 237 34.62 -44.76 -25.02
CA MET A 237 33.63 -44.24 -25.96
C MET A 237 33.11 -42.88 -25.58
N ASN A 238 33.53 -42.33 -24.44
CA ASN A 238 33.10 -41.03 -23.93
C ASN A 238 31.57 -40.95 -23.79
N SER A 239 31.03 -41.91 -23.05
CA SER A 239 29.59 -42.01 -22.82
C SER A 239 29.30 -41.92 -21.34
N GLU A 240 28.13 -41.37 -21.02
CA GLU A 240 27.68 -41.22 -19.63
C GLU A 240 26.67 -42.28 -19.22
N SER A 241 26.55 -43.35 -20.00
CA SER A 241 25.56 -44.40 -19.75
C SER A 241 26.27 -45.68 -19.37
N LEU A 242 25.87 -46.26 -18.23
CA LEU A 242 26.39 -47.54 -17.77
C LEU A 242 25.22 -48.50 -17.62
N GLU A 243 25.27 -49.61 -18.35
CA GLU A 243 24.21 -50.61 -18.31
C GLU A 243 24.52 -51.61 -17.20
N VAL A 244 23.66 -51.67 -16.20
CA VAL A 244 23.80 -52.59 -15.08
C VAL A 244 22.63 -53.55 -15.11
N ASN A 245 22.93 -54.85 -15.18
CA ASN A 245 21.88 -55.85 -15.26
C ASN A 245 21.26 -56.09 -13.89
N TYR A 246 19.94 -56.22 -13.86
CA TYR A 246 19.24 -56.39 -12.59
C TYR A 246 19.42 -57.79 -12.01
N ARG A 247 19.54 -58.81 -12.87
CA ARG A 247 19.71 -60.16 -12.36
C ARG A 247 21.08 -60.36 -11.73
N HIS A 248 22.09 -59.63 -12.22
CA HIS A 248 23.42 -59.68 -11.60
C HIS A 248 23.38 -59.13 -10.19
N LEU A 249 22.72 -57.98 -9.99
CA LEU A 249 22.58 -57.43 -8.64
C LEU A 249 21.70 -58.32 -7.77
N ALA A 250 20.67 -58.93 -8.35
CA ALA A 250 19.81 -59.83 -7.58
C ALA A 250 20.56 -61.06 -7.09
N GLU A 251 21.42 -61.63 -7.94
CA GLU A 251 22.24 -62.76 -7.51
C GLU A 251 23.32 -62.32 -6.53
N SER A 252 23.84 -61.11 -6.68
CA SER A 252 24.91 -60.64 -5.80
C SER A 252 24.36 -60.19 -4.45
N LYS A 253 23.52 -59.15 -4.45
CA LYS A 253 22.92 -58.61 -3.24
C LYS A 253 21.41 -58.46 -3.48
N ALA A 254 20.64 -59.44 -2.99
CA ALA A 254 19.20 -59.45 -3.23
C ALA A 254 18.50 -58.31 -2.52
N ILE A 255 18.96 -57.92 -1.33
CA ILE A 255 18.30 -56.86 -0.58
C ILE A 255 18.48 -55.52 -1.28
N LEU A 256 19.62 -55.29 -1.91
CA LEU A 256 19.80 -54.05 -2.66
C LEU A 256 18.95 -54.05 -3.93
N ALA A 257 18.75 -55.20 -4.55
CA ALA A 257 17.84 -55.29 -5.68
C ALA A 257 16.41 -54.98 -5.26
N LEU A 258 16.01 -55.48 -4.08
CA LEU A 258 14.67 -55.17 -3.56
C LEU A 258 14.54 -53.69 -3.23
N PHE A 259 15.59 -53.09 -2.68
CA PHE A 259 15.60 -51.65 -2.39
C PHE A 259 15.48 -50.83 -3.66
N LEU A 260 16.17 -51.26 -4.73
CA LEU A 260 16.05 -50.59 -6.02
C LEU A 260 14.65 -50.73 -6.59
N ALA A 261 14.05 -51.90 -6.44
CA ALA A 261 12.69 -52.11 -6.93
C ALA A 261 11.68 -51.25 -6.19
N LYS A 262 11.86 -51.10 -4.87
CA LYS A 262 10.88 -50.35 -4.09
C LYS A 262 11.09 -48.84 -4.18
N CYS A 263 12.31 -48.37 -3.94
CA CYS A 263 12.62 -46.94 -3.89
C CYS A 263 13.77 -46.66 -4.85
N PRO A 264 13.47 -46.46 -6.14
CA PRO A 264 14.55 -46.38 -7.14
C PRO A 264 15.27 -45.05 -7.20
N GLU A 265 14.65 -43.95 -6.78
CA GLU A 265 15.20 -42.62 -7.04
C GLU A 265 16.49 -42.37 -6.28
N GLU A 266 16.43 -42.42 -4.95
CA GLU A 266 17.62 -42.08 -4.17
C GLU A 266 18.67 -43.18 -4.22
N MET A 267 18.25 -44.44 -4.40
CA MET A 267 19.23 -45.49 -4.58
C MET A 267 19.94 -45.37 -5.93
N LEU A 268 19.22 -44.92 -6.96
CA LEU A 268 19.87 -44.61 -8.22
C LEU A 268 20.81 -43.43 -8.09
N LYS A 269 20.48 -42.45 -7.25
CA LYS A 269 21.42 -41.35 -6.99
C LYS A 269 22.68 -41.88 -6.31
N ILE A 270 22.51 -42.78 -5.34
CA ILE A 270 23.65 -43.38 -4.65
C ILE A 270 24.53 -44.14 -5.64
N PHE A 271 23.89 -44.93 -6.52
CA PHE A 271 24.66 -45.74 -7.45
C PHE A 271 25.23 -44.88 -8.59
N ASP A 272 24.65 -43.72 -8.85
CA ASP A 272 25.28 -42.71 -9.70
C ASP A 272 26.61 -42.27 -9.09
N LEU A 273 26.60 -41.93 -7.80
CA LEU A 273 27.85 -41.54 -7.15
C LEU A 273 28.86 -42.68 -7.12
N VAL A 274 28.38 -43.90 -6.87
CA VAL A 274 29.26 -45.08 -6.81
C VAL A 274 29.89 -45.35 -8.17
N ALA A 275 29.09 -45.31 -9.24
CA ALA A 275 29.62 -45.54 -10.58
C ALA A 275 30.56 -44.42 -11.00
N MET A 276 30.29 -43.19 -10.57
CA MET A 276 31.21 -42.10 -10.85
C MET A 276 32.56 -42.31 -10.18
N GLU A 277 32.55 -42.77 -8.92
CA GLU A 277 33.80 -43.07 -8.24
C GLU A 277 34.52 -44.25 -8.89
N ALA A 278 33.77 -45.26 -9.33
CA ALA A 278 34.38 -46.40 -10.01
C ALA A 278 35.00 -45.99 -11.35
N THR A 279 34.39 -45.03 -12.03
CA THR A 279 34.97 -44.51 -13.27
C THR A 279 36.22 -43.68 -12.98
N GLU A 280 36.18 -42.87 -11.91
CA GLU A 280 37.35 -42.09 -11.53
C GLU A 280 38.49 -42.96 -11.01
N LEU A 281 38.20 -44.18 -10.58
CA LEU A 281 39.27 -45.11 -10.21
C LEU A 281 40.15 -45.45 -11.40
N HIS A 282 39.55 -45.61 -12.59
CA HIS A 282 40.32 -45.87 -13.79
C HIS A 282 40.79 -44.58 -14.46
N TYR A 283 39.86 -43.69 -14.80
CA TYR A 283 40.19 -42.47 -15.50
C TYR A 283 40.07 -41.28 -14.55
N PRO A 284 41.18 -40.70 -14.10
CA PRO A 284 41.08 -39.63 -13.10
C PRO A 284 40.63 -38.29 -13.66
N ASP A 285 40.63 -38.11 -14.98
CA ASP A 285 40.25 -36.85 -15.60
C ASP A 285 38.86 -36.90 -16.21
N TYR A 286 38.08 -37.94 -15.91
CA TYR A 286 36.74 -38.08 -16.46
C TYR A 286 35.74 -37.13 -15.80
N ALA A 287 36.04 -36.62 -14.60
CA ALA A 287 35.11 -35.75 -13.90
C ALA A 287 34.94 -34.41 -14.62
N ARG A 288 36.03 -33.84 -15.12
CA ARG A 288 35.95 -32.56 -15.81
C ARG A 288 35.23 -32.68 -17.16
N ILE A 289 35.26 -33.85 -17.78
CA ILE A 289 34.61 -34.04 -19.07
C ILE A 289 33.10 -34.12 -18.91
N HIS A 290 32.63 -34.93 -17.97
CA HIS A 290 31.20 -35.22 -17.84
C HIS A 290 30.61 -34.77 -16.52
N SER A 291 31.21 -35.16 -15.39
CA SER A 291 30.72 -34.91 -14.03
C SER A 291 29.33 -35.48 -13.78
N GLU A 292 28.94 -36.51 -14.53
CA GLU A 292 27.63 -37.14 -14.39
C GLU A 292 27.67 -38.47 -15.12
N ILE A 293 27.32 -39.55 -14.42
CA ILE A 293 27.25 -40.88 -15.01
C ILE A 293 25.88 -41.47 -14.71
N HIS A 294 25.15 -41.81 -15.77
CA HIS A 294 23.80 -42.33 -15.61
C HIS A 294 23.82 -43.86 -15.64
N VAL A 295 23.22 -44.48 -14.64
CA VAL A 295 23.16 -45.93 -14.53
C VAL A 295 21.83 -46.41 -15.07
N ARG A 296 21.87 -47.32 -16.03
CA ARG A 296 20.68 -47.82 -16.72
C ARG A 296 20.47 -49.28 -16.32
N ILE A 297 19.37 -49.54 -15.62
CA ILE A 297 19.07 -50.89 -15.18
C ILE A 297 18.40 -51.66 -16.31
N SER A 298 18.92 -52.84 -16.62
CA SER A 298 18.40 -53.67 -17.70
C SER A 298 17.91 -54.99 -17.13
N ASP A 299 16.98 -55.61 -17.87
CA ASP A 299 16.40 -56.92 -17.55
C ASP A 299 15.72 -56.91 -16.18
N PHE A 300 14.88 -55.91 -15.95
CA PHE A 300 14.01 -55.91 -14.78
C PHE A 300 12.97 -57.02 -14.96
N PRO A 301 12.73 -57.86 -13.96
CA PRO A 301 11.92 -59.06 -14.18
C PRO A 301 10.43 -58.79 -14.33
N THR A 302 9.87 -57.92 -13.50
CA THR A 302 8.43 -57.66 -13.53
C THR A 302 8.05 -56.90 -14.79
N ILE A 303 7.02 -57.39 -15.47
CA ILE A 303 6.57 -56.82 -16.73
C ILE A 303 5.14 -56.35 -16.53
N TYR A 304 4.90 -55.08 -16.80
CA TYR A 304 3.59 -54.47 -16.65
C TYR A 304 3.12 -53.90 -17.97
N SER A 305 1.84 -54.05 -18.26
CA SER A 305 1.22 -53.31 -19.35
C SER A 305 0.77 -51.95 -18.83
N LEU A 306 0.53 -51.03 -19.76
CA LEU A 306 0.10 -49.69 -19.38
C LEU A 306 -1.31 -49.68 -18.82
N ARG A 307 -2.08 -50.73 -19.05
CA ARG A 307 -3.45 -50.81 -18.55
C ARG A 307 -3.54 -51.39 -17.14
N GLU A 308 -2.43 -51.84 -16.57
CA GLU A 308 -2.43 -52.42 -15.23
C GLU A 308 -1.53 -51.68 -14.26
N LEU A 309 -1.17 -50.44 -14.55
CA LEU A 309 -0.48 -49.60 -13.58
C LEU A 309 -1.48 -49.08 -12.54
N ARG A 310 -1.16 -49.24 -11.26
CA ARG A 310 -2.12 -48.93 -10.21
C ARG A 310 -1.49 -48.13 -9.08
N GLU A 311 -2.21 -48.04 -7.96
CA GLU A 311 -1.75 -47.29 -6.79
C GLU A 311 -0.45 -47.82 -6.20
N SER A 312 -0.17 -49.12 -6.34
CA SER A 312 0.97 -49.72 -5.66
C SER A 312 2.28 -49.42 -6.36
N ASN A 313 2.24 -48.93 -7.59
CA ASN A 313 3.44 -48.74 -8.39
C ASN A 313 4.00 -47.33 -8.32
N LEU A 314 3.40 -46.45 -7.53
CA LEU A 314 3.92 -45.10 -7.41
C LEU A 314 5.25 -45.08 -6.68
N SER A 315 6.17 -44.25 -7.18
CA SER A 315 7.54 -44.13 -6.67
C SER A 315 8.26 -45.49 -6.67
N SER A 316 8.03 -46.27 -7.72
CA SER A 316 8.63 -47.59 -7.85
C SER A 316 9.04 -47.82 -9.30
N LEU A 317 9.91 -48.81 -9.48
CA LEU A 317 10.46 -49.13 -10.79
C LEU A 317 9.51 -50.06 -11.52
N VAL A 318 9.10 -49.67 -12.72
CA VAL A 318 8.19 -50.44 -13.55
C VAL A 318 8.80 -50.58 -14.93
N ARG A 319 8.60 -51.73 -15.55
CA ARG A 319 9.07 -52.03 -16.89
C ARG A 319 7.85 -52.23 -17.78
N VAL A 320 7.59 -51.28 -18.67
CA VAL A 320 6.37 -51.29 -19.47
C VAL A 320 6.71 -51.22 -20.95
N THR A 321 5.98 -52.00 -21.73
CA THR A 321 6.13 -52.04 -23.18
C THR A 321 5.09 -51.15 -23.83
N GLY A 322 5.34 -50.76 -25.08
CA GLY A 322 4.32 -50.03 -25.81
C GLY A 322 4.88 -49.39 -27.06
N VAL A 323 3.98 -48.77 -27.81
CA VAL A 323 4.30 -48.12 -29.08
C VAL A 323 4.33 -46.61 -28.84
N VAL A 324 5.40 -45.97 -29.29
CA VAL A 324 5.52 -44.52 -29.20
C VAL A 324 4.62 -43.87 -30.23
N THR A 325 3.78 -42.93 -29.78
CA THR A 325 2.85 -42.26 -30.66
C THR A 325 3.46 -41.00 -31.26
N ARG A 326 3.87 -40.05 -30.42
CA ARG A 326 4.62 -38.90 -30.89
C ARG A 326 5.51 -38.39 -29.77
N ARG A 327 6.53 -37.64 -30.16
CA ARG A 327 7.55 -37.17 -29.25
C ARG A 327 7.74 -35.67 -29.43
N THR A 328 8.15 -35.00 -28.35
CA THR A 328 8.41 -33.58 -28.40
C THR A 328 9.84 -33.32 -28.83
N GLY A 329 10.17 -32.05 -29.02
CA GLY A 329 11.54 -31.68 -29.29
C GLY A 329 12.39 -31.72 -28.03
N VAL A 330 13.70 -31.65 -28.22
CA VAL A 330 14.64 -31.68 -27.11
C VAL A 330 14.73 -30.29 -26.50
N PHE A 331 14.38 -30.18 -25.21
CA PHE A 331 14.39 -28.92 -24.50
C PHE A 331 15.50 -28.89 -23.46
N PRO A 332 16.07 -27.72 -23.18
CA PRO A 332 17.06 -27.61 -22.10
C PRO A 332 16.38 -27.44 -20.75
N GLN A 333 16.61 -28.39 -19.85
CA GLN A 333 16.15 -28.32 -18.47
C GLN A 333 17.31 -27.94 -17.58
N LEU A 334 17.06 -27.08 -16.59
CA LEU A 334 18.13 -26.62 -15.71
C LEU A 334 18.66 -27.78 -14.88
N LYS A 335 19.99 -27.90 -14.79
CA LYS A 335 20.63 -28.96 -14.01
C LYS A 335 21.50 -28.41 -12.89
N TYR A 336 22.44 -27.52 -13.20
CA TYR A 336 23.25 -26.83 -12.19
C TYR A 336 22.88 -25.35 -12.28
N VAL A 337 21.98 -24.93 -11.40
CA VAL A 337 21.32 -23.64 -11.52
C VAL A 337 22.20 -22.59 -10.84
N LYS A 338 22.47 -21.50 -11.56
CA LYS A 338 23.30 -20.42 -11.06
C LYS A 338 22.51 -19.12 -11.13
N PHE A 339 22.63 -18.30 -10.08
CA PHE A 339 21.85 -17.08 -9.95
C PHE A 339 22.75 -15.85 -9.96
N ASN A 340 22.12 -14.69 -10.07
CA ASN A 340 22.77 -13.42 -9.79
C ASN A 340 21.82 -12.52 -9.00
N CYS A 341 22.40 -11.67 -8.16
CA CYS A 341 21.63 -10.80 -7.28
C CYS A 341 21.52 -9.42 -7.90
N LEU A 342 20.31 -8.89 -7.95
CA LEU A 342 20.08 -7.58 -8.56
C LEU A 342 20.63 -6.43 -7.71
N LYS A 343 20.83 -6.64 -6.41
CA LYS A 343 21.33 -5.57 -5.56
C LYS A 343 22.81 -5.30 -5.81
N CYS A 344 23.62 -6.35 -5.91
CA CYS A 344 25.07 -6.21 -5.99
C CYS A 344 25.68 -6.73 -7.28
N GLY A 345 24.96 -7.55 -8.05
CA GLY A 345 25.51 -8.13 -9.26
C GLY A 345 26.37 -9.36 -9.06
N SER A 346 26.49 -9.84 -7.83
CA SER A 346 27.32 -11.02 -7.56
C SER A 346 26.66 -12.27 -8.12
N ILE A 347 27.48 -13.16 -8.67
CA ILE A 347 27.01 -14.41 -9.24
C ILE A 347 27.19 -15.51 -8.21
N LEU A 348 26.10 -16.20 -7.88
CA LEU A 348 26.11 -17.19 -6.82
C LEU A 348 26.62 -18.53 -7.31
N GLY A 349 26.77 -19.47 -6.39
CA GLY A 349 27.29 -20.78 -6.70
C GLY A 349 26.29 -21.63 -7.46
N PRO A 350 26.77 -22.72 -8.06
CA PRO A 350 25.86 -23.63 -8.75
C PRO A 350 25.12 -24.52 -7.76
N PHE A 351 23.84 -24.77 -8.05
CA PHE A 351 23.00 -25.63 -7.24
C PHE A 351 22.32 -26.67 -8.12
N PHE A 352 22.23 -27.90 -7.62
CA PHE A 352 21.62 -28.98 -8.37
C PHE A 352 20.11 -28.80 -8.42
N GLN A 353 19.54 -28.92 -9.61
CA GLN A 353 18.10 -28.84 -9.81
C GLN A 353 17.51 -30.24 -9.73
N ASP A 354 16.71 -30.48 -8.70
CA ASP A 354 15.97 -31.73 -8.62
C ASP A 354 14.92 -31.77 -9.74
N SER A 355 14.78 -32.95 -10.35
CA SER A 355 13.82 -33.09 -11.43
C SER A 355 12.38 -33.04 -10.95
N ASN A 356 12.15 -33.24 -9.66
CA ASN A 356 10.79 -33.26 -9.13
C ASN A 356 10.18 -31.86 -9.05
N GLU A 357 10.95 -30.87 -8.57
CA GLU A 357 10.41 -29.55 -8.31
C GLU A 357 11.45 -28.48 -8.62
N GLU A 358 10.96 -27.26 -8.82
CA GLU A 358 11.82 -26.11 -9.01
C GLU A 358 12.55 -25.75 -7.72
N ILE A 359 13.80 -25.31 -7.86
CA ILE A 359 14.61 -24.88 -6.72
C ILE A 359 14.70 -23.37 -6.72
N ARG A 360 14.81 -22.80 -5.52
CA ARG A 360 14.86 -21.36 -5.33
C ARG A 360 15.81 -21.04 -4.18
N ILE A 361 16.44 -19.87 -4.26
CA ILE A 361 17.38 -19.40 -3.24
C ILE A 361 16.85 -18.10 -2.64
N SER A 362 17.00 -17.96 -1.32
CA SER A 362 16.50 -16.81 -0.60
C SER A 362 17.58 -15.92 0.00
N PHE A 363 18.85 -16.28 -0.12
CA PHE A 363 19.95 -15.53 0.48
C PHE A 363 21.03 -15.29 -0.57
N CYS A 364 21.79 -14.20 -0.38
CA CYS A 364 22.84 -13.84 -1.32
C CYS A 364 24.23 -14.26 -0.88
N THR A 365 24.49 -14.28 0.43
CA THR A 365 25.77 -14.62 1.06
C THR A 365 26.91 -13.68 0.69
N ASN A 366 26.63 -12.59 -0.03
CA ASN A 366 27.62 -11.55 -0.29
C ASN A 366 27.19 -10.20 0.26
N CYS A 367 25.99 -9.74 -0.08
CA CYS A 367 25.43 -8.52 0.48
C CYS A 367 24.41 -8.80 1.57
N LYS A 368 24.15 -10.08 1.87
CA LYS A 368 23.24 -10.52 2.93
C LYS A 368 21.84 -9.94 2.74
N SER A 369 21.26 -10.24 1.58
CA SER A 369 19.95 -9.72 1.21
C SER A 369 19.07 -10.83 0.66
N LYS A 370 17.77 -10.71 0.91
CA LYS A 370 16.77 -11.60 0.34
C LYS A 370 16.15 -11.02 -0.93
N GLY A 371 16.93 -10.24 -1.69
CA GLY A 371 16.39 -9.54 -2.83
C GLY A 371 16.11 -10.47 -4.00
N PRO A 372 15.58 -9.90 -5.08
CA PRO A 372 15.21 -10.72 -6.24
C PRO A 372 16.44 -11.22 -6.99
N PHE A 373 16.62 -12.54 -6.96
CA PHE A 373 17.69 -13.19 -7.70
C PHE A 373 17.16 -13.69 -9.03
N ARG A 374 17.99 -13.61 -10.06
CA ARG A 374 17.60 -13.99 -11.41
C ARG A 374 18.52 -15.09 -11.92
N VAL A 375 17.96 -16.02 -12.68
CA VAL A 375 18.76 -17.08 -13.29
C VAL A 375 19.37 -16.57 -14.59
N ASN A 376 20.69 -16.67 -14.69
CA ASN A 376 21.39 -16.32 -15.93
C ASN A 376 21.70 -17.59 -16.70
N GLY A 377 21.27 -17.64 -17.95
CA GLY A 377 21.41 -18.85 -18.74
C GLY A 377 22.79 -19.12 -19.27
N GLU A 378 23.68 -18.12 -19.26
CA GLU A 378 25.01 -18.33 -19.83
C GLU A 378 25.89 -19.14 -18.88
N LYS A 379 25.71 -18.95 -17.58
CA LYS A 379 26.46 -19.72 -16.58
C LYS A 379 25.66 -20.86 -15.97
N THR A 380 24.43 -21.08 -16.41
CA THR A 380 23.64 -22.22 -15.96
C THR A 380 23.86 -23.41 -16.89
N VAL A 381 23.98 -24.60 -16.31
CA VAL A 381 24.20 -25.84 -17.03
C VAL A 381 22.86 -26.54 -17.19
N TYR A 382 22.65 -27.19 -18.33
CA TYR A 382 21.37 -27.80 -18.65
C TYR A 382 21.56 -29.27 -19.02
N ARG A 383 20.48 -30.04 -18.87
CA ARG A 383 20.37 -31.39 -19.39
C ARG A 383 19.32 -31.39 -20.49
N ASN A 384 19.36 -32.42 -21.34
CA ASN A 384 18.37 -32.57 -22.38
C ASN A 384 17.08 -33.15 -21.80
N TYR A 385 15.95 -32.79 -22.42
CA TYR A 385 14.64 -33.19 -21.96
C TYR A 385 13.76 -33.54 -23.15
N GLN A 386 13.06 -34.67 -23.07
CA GLN A 386 12.10 -35.03 -24.09
C GLN A 386 10.86 -35.62 -23.44
N ARG A 387 9.72 -35.44 -24.10
CA ARG A 387 8.44 -35.92 -23.60
C ARG A 387 7.81 -36.79 -24.68
N VAL A 388 7.55 -38.05 -24.34
CA VAL A 388 7.20 -39.09 -25.32
C VAL A 388 5.93 -39.79 -24.86
N THR A 389 4.90 -39.80 -25.69
CA THR A 389 3.66 -40.47 -25.33
C THR A 389 3.70 -41.92 -25.79
N LEU A 390 3.43 -42.83 -24.88
CA LEU A 390 3.47 -44.26 -25.14
C LEU A 390 2.07 -44.84 -24.97
N GLN A 391 1.60 -45.60 -25.96
CA GLN A 391 0.34 -46.31 -25.81
C GLN A 391 0.61 -47.79 -25.72
N GLU A 392 -0.38 -48.53 -25.23
CA GLU A 392 -0.32 -49.98 -25.28
C GLU A 392 -0.33 -50.44 -26.74
N ALA A 393 0.49 -51.44 -27.03
CA ALA A 393 0.56 -51.99 -28.38
C ALA A 393 -0.78 -52.59 -28.76
N PRO A 394 -1.33 -52.26 -29.94
CA PRO A 394 -2.70 -52.68 -30.27
C PRO A 394 -2.89 -54.19 -30.35
N GLY A 395 -1.82 -54.95 -30.56
CA GLY A 395 -1.95 -56.39 -30.56
C GLY A 395 -2.34 -56.97 -29.21
N THR A 396 -1.89 -56.34 -28.13
CA THR A 396 -2.04 -56.90 -26.79
C THR A 396 -3.24 -56.38 -26.02
N VAL A 397 -4.04 -55.48 -26.60
CA VAL A 397 -5.15 -54.88 -25.85
C VAL A 397 -6.31 -55.87 -25.79
N PRO A 398 -7.00 -56.00 -24.66
CA PRO A 398 -8.22 -56.80 -24.60
C PRO A 398 -9.29 -56.23 -25.51
N PRO A 399 -10.27 -57.06 -25.94
CA PRO A 399 -11.15 -56.69 -27.07
C PRO A 399 -11.89 -55.37 -26.97
N GLY A 400 -12.74 -55.19 -25.94
CA GLY A 400 -13.55 -53.99 -25.89
C GLY A 400 -12.86 -52.78 -25.35
N ARG A 401 -11.61 -52.91 -24.92
CA ARG A 401 -10.91 -51.84 -24.23
C ARG A 401 -10.05 -51.04 -25.21
N LEU A 402 -10.02 -49.76 -24.97
CA LEU A 402 -9.15 -48.82 -25.65
C LEU A 402 -7.72 -48.96 -25.13
N PRO A 403 -6.72 -48.72 -25.98
CA PRO A 403 -5.33 -48.78 -25.51
C PRO A 403 -5.01 -47.61 -24.58
N ARG A 404 -4.59 -47.93 -23.37
CA ARG A 404 -4.19 -46.92 -22.40
C ARG A 404 -2.87 -46.28 -22.83
N HIS A 405 -2.68 -45.04 -22.42
CA HIS A 405 -1.46 -44.32 -22.75
C HIS A 405 -0.90 -43.68 -21.50
N ARG A 406 0.42 -43.64 -21.42
CA ARG A 406 1.15 -42.91 -20.40
C ARG A 406 2.12 -41.97 -21.08
N GLU A 407 2.77 -41.15 -20.27
CA GLU A 407 3.70 -40.15 -20.79
C GLU A 407 5.05 -40.40 -20.14
N VAL A 408 6.11 -40.42 -20.94
CA VAL A 408 7.44 -40.81 -20.50
C VAL A 408 8.39 -39.64 -20.71
N ILE A 409 9.17 -39.32 -19.69
CA ILE A 409 10.14 -38.23 -19.76
C ILE A 409 11.54 -38.83 -19.95
N LEU A 410 12.18 -38.48 -21.06
CA LEU A 410 13.53 -38.93 -21.39
C LEU A 410 14.53 -37.85 -21.00
N LEU A 411 15.55 -38.25 -20.26
CA LEU A 411 16.57 -37.35 -19.74
C LEU A 411 17.71 -37.23 -20.76
N ALA A 412 18.87 -36.73 -20.30
CA ALA A 412 19.85 -36.11 -21.18
C ALA A 412 20.39 -37.05 -22.25
N ASP A 413 20.70 -38.29 -21.88
CA ASP A 413 21.29 -39.21 -22.85
C ASP A 413 20.25 -40.00 -23.63
N LEU A 414 19.04 -40.12 -23.11
CA LEU A 414 18.00 -40.94 -23.73
C LEU A 414 17.17 -40.18 -24.75
N VAL A 415 17.52 -38.93 -25.07
CA VAL A 415 16.72 -38.16 -26.01
C VAL A 415 16.96 -38.65 -27.43
N ASP A 416 15.91 -38.56 -28.26
CA ASP A 416 15.93 -38.94 -29.67
C ASP A 416 16.36 -40.39 -29.88
N VAL A 417 15.96 -41.30 -28.99
CA VAL A 417 16.36 -42.69 -29.12
C VAL A 417 15.29 -43.49 -29.84
N SER A 418 14.03 -43.34 -29.42
CA SER A 418 12.93 -44.11 -29.96
C SER A 418 12.09 -43.21 -30.87
N LYS A 419 12.06 -43.54 -32.15
CA LYS A 419 11.20 -42.83 -33.08
C LYS A 419 9.77 -43.36 -32.96
N PRO A 420 8.77 -42.49 -33.19
CA PRO A 420 7.38 -42.94 -33.09
C PRO A 420 7.01 -43.94 -34.18
N GLY A 421 6.14 -44.87 -33.81
CA GLY A 421 5.73 -45.94 -34.68
C GLY A 421 6.39 -47.26 -34.43
N GLU A 422 7.27 -47.36 -33.44
CA GLU A 422 7.98 -48.59 -33.15
C GLU A 422 7.70 -49.05 -31.73
N GLU A 423 7.71 -50.37 -31.53
CA GLU A 423 7.45 -50.96 -30.23
C GLU A 423 8.73 -50.94 -29.40
N VAL A 424 8.65 -50.32 -28.23
CA VAL A 424 9.80 -50.08 -27.39
C VAL A 424 9.40 -50.50 -25.97
N GLU A 425 10.40 -50.68 -25.11
CA GLU A 425 10.18 -51.13 -23.74
C GLU A 425 10.99 -50.23 -22.82
N VAL A 426 10.31 -49.55 -21.90
CA VAL A 426 10.91 -48.55 -21.04
C VAL A 426 10.85 -49.01 -19.60
N THR A 427 12.00 -48.96 -18.92
CA THR A 427 12.09 -49.16 -17.49
C THR A 427 12.25 -47.80 -16.83
N GLY A 428 11.44 -47.52 -15.81
CA GLY A 428 11.51 -46.22 -15.19
C GLY A 428 10.69 -46.13 -13.93
N ILE A 429 10.82 -45.00 -13.25
CA ILE A 429 10.12 -44.74 -12.00
C ILE A 429 8.74 -44.18 -12.31
N TYR A 430 7.71 -44.83 -11.77
CA TYR A 430 6.33 -44.40 -11.94
C TYR A 430 5.99 -43.43 -10.82
N LYS A 431 5.76 -42.16 -11.17
CA LYS A 431 5.49 -41.14 -10.17
C LYS A 431 4.44 -40.17 -10.67
N ASN A 432 4.03 -39.27 -9.78
CA ASN A 432 2.93 -38.34 -10.02
C ASN A 432 3.47 -37.01 -10.52
N ASN A 433 2.82 -36.47 -11.55
CA ASN A 433 3.08 -35.09 -11.97
C ASN A 433 2.26 -34.14 -11.12
N TYR A 434 2.92 -33.18 -10.50
CA TYR A 434 2.28 -32.22 -9.62
C TYR A 434 1.80 -31.02 -10.44
N ASP A 435 0.54 -30.63 -10.23
CA ASP A 435 -0.07 -29.52 -10.94
C ASP A 435 -0.76 -28.59 -9.94
N GLY A 436 -0.89 -27.33 -10.33
CA GLY A 436 -1.49 -26.34 -9.45
C GLY A 436 -2.99 -26.50 -9.37
N ASN A 437 -3.51 -26.53 -8.12
CA ASN A 437 -4.94 -26.56 -7.80
C ASN A 437 -5.65 -27.81 -8.35
N LEU A 438 -4.88 -28.84 -8.67
CA LEU A 438 -5.38 -30.17 -9.11
C LEU A 438 -6.23 -29.98 -10.38
N ASN A 439 -7.35 -30.67 -10.50
CA ASN A 439 -8.24 -30.56 -11.66
C ASN A 439 -9.61 -30.07 -11.18
N ALA A 440 -10.04 -28.93 -11.71
CA ALA A 440 -11.33 -28.37 -11.31
C ALA A 440 -12.49 -29.09 -11.98
N LYS A 441 -12.27 -29.70 -13.15
CA LYS A 441 -13.36 -30.35 -13.87
C LYS A 441 -13.81 -31.62 -13.16
N ASN A 442 -12.88 -32.37 -12.58
CA ASN A 442 -13.24 -33.64 -11.94
C ASN A 442 -13.95 -33.41 -10.61
N GLY A 443 -13.49 -32.43 -9.83
CA GLY A 443 -14.02 -32.23 -8.49
C GLY A 443 -13.46 -33.17 -7.46
N PHE A 444 -12.45 -33.96 -7.80
CA PHE A 444 -11.82 -34.95 -6.95
C PHE A 444 -10.31 -34.71 -6.93
N PRO A 445 -9.63 -35.03 -5.83
CA PRO A 445 -8.19 -34.70 -5.76
C PRO A 445 -7.36 -35.72 -6.55
N VAL A 446 -7.38 -35.57 -7.87
CA VAL A 446 -6.86 -36.56 -8.79
C VAL A 446 -5.59 -36.02 -9.44
N PHE A 447 -4.53 -36.83 -9.42
CA PHE A 447 -3.24 -36.48 -9.98
C PHE A 447 -3.02 -37.20 -11.30
N ALA A 448 -2.14 -36.64 -12.13
CA ALA A 448 -1.69 -37.29 -13.34
C ALA A 448 -0.35 -37.98 -13.09
N THR A 449 -0.06 -38.98 -13.90
CA THR A 449 1.12 -39.82 -13.70
C THR A 449 2.06 -39.76 -14.89
N ILE A 450 3.36 -39.84 -14.58
CA ILE A 450 4.44 -39.83 -15.56
C ILE A 450 5.35 -41.01 -15.26
N ILE A 451 6.16 -41.37 -16.25
CA ILE A 451 7.24 -42.34 -16.08
C ILE A 451 8.55 -41.65 -16.43
N GLU A 452 9.42 -41.44 -15.45
CA GLU A 452 10.77 -40.95 -15.72
C GLU A 452 11.62 -42.13 -16.15
N ALA A 453 12.02 -42.13 -17.42
CA ALA A 453 12.67 -43.29 -18.03
C ALA A 453 14.05 -43.52 -17.43
N ASN A 454 14.28 -44.75 -16.97
CA ASN A 454 15.63 -45.14 -16.56
C ASN A 454 16.37 -45.81 -17.72
N SER A 455 15.67 -46.59 -18.53
CA SER A 455 16.30 -47.22 -19.68
C SER A 455 15.28 -47.45 -20.78
N ILE A 456 15.77 -47.42 -22.02
CA ILE A 456 14.98 -47.57 -23.23
C ILE A 456 15.57 -48.74 -24.02
N LYS A 457 14.73 -49.72 -24.37
CA LYS A 457 15.17 -50.87 -25.13
C LYS A 457 14.25 -51.07 -26.33
N ARG A 458 14.83 -51.19 -27.52
CA ARG A 458 14.06 -51.42 -28.73
C ARG A 458 13.82 -52.91 -28.89
N ARG A 459 12.55 -53.30 -28.94
CA ARG A 459 12.18 -54.69 -29.17
C ARG A 459 12.31 -55.07 -30.64
N VAL A 473 19.32 -51.25 -39.71
CA VAL A 473 20.42 -50.30 -39.79
C VAL A 473 21.27 -50.63 -41.02
N PHE A 474 21.49 -49.61 -41.87
CA PHE A 474 22.18 -49.80 -43.14
C PHE A 474 23.66 -49.45 -43.01
N SER A 475 24.30 -50.05 -42.00
CA SER A 475 25.71 -49.83 -41.74
C SER A 475 26.49 -51.07 -42.12
N TRP A 476 27.46 -50.92 -43.01
CA TRP A 476 28.31 -52.02 -43.44
C TRP A 476 29.69 -51.88 -42.78
N THR A 477 30.16 -52.97 -42.19
CA THR A 477 31.47 -53.00 -41.57
C THR A 477 32.55 -53.30 -42.59
N GLU A 478 33.76 -53.56 -42.11
CA GLU A 478 34.84 -53.94 -43.00
C GLU A 478 34.64 -55.34 -43.58
N GLU A 479 34.03 -56.24 -42.79
CA GLU A 479 33.71 -57.57 -43.30
C GLU A 479 32.53 -57.54 -44.25
N GLU A 480 31.59 -56.60 -44.03
CA GLU A 480 30.37 -56.55 -44.83
C GLU A 480 30.67 -56.16 -46.27
N GLU A 481 31.60 -55.22 -46.50
CA GLU A 481 31.93 -54.84 -47.86
C GLU A 481 32.68 -55.95 -48.58
N ARG A 482 33.52 -56.72 -47.86
CA ARG A 482 34.17 -57.87 -48.47
C ARG A 482 33.14 -58.94 -48.83
N GLU A 483 32.14 -59.15 -47.97
CA GLU A 483 31.06 -60.07 -48.30
C GLU A 483 30.26 -59.60 -49.51
N PHE A 484 30.03 -58.29 -49.62
CA PHE A 484 29.34 -57.74 -50.79
C PHE A 484 30.14 -57.96 -52.06
N ARG A 485 31.46 -57.75 -52.00
CA ARG A 485 32.30 -58.03 -53.17
C ARG A 485 32.31 -59.51 -53.51
N LYS A 486 32.28 -60.37 -52.49
CA LYS A 486 32.26 -61.81 -52.73
C LYS A 486 30.97 -62.24 -53.39
N ILE A 487 29.83 -61.69 -52.96
CA ILE A 487 28.56 -62.08 -53.54
C ILE A 487 28.33 -61.41 -54.89
N SER A 488 29.01 -60.30 -55.18
CA SER A 488 28.86 -59.65 -56.48
C SER A 488 29.59 -60.40 -57.58
N ARG A 489 30.70 -61.08 -57.28
CA ARG A 489 31.49 -61.74 -58.30
C ARG A 489 30.84 -63.01 -58.83
N ASP A 490 29.75 -63.47 -58.22
CA ASP A 490 28.96 -64.55 -58.79
C ASP A 490 28.35 -64.11 -60.12
N ARG A 491 28.30 -65.05 -61.07
CA ARG A 491 27.80 -64.72 -62.39
C ARG A 491 26.29 -64.48 -62.36
N GLY A 492 25.55 -65.33 -61.66
CA GLY A 492 24.11 -65.19 -61.58
C GLY A 492 23.64 -64.42 -60.36
N ILE A 493 24.33 -63.33 -60.03
CA ILE A 493 23.94 -62.56 -58.85
C ILE A 493 22.62 -61.86 -59.07
N ILE A 494 22.43 -61.27 -60.27
CA ILE A 494 21.27 -60.43 -60.55
C ILE A 494 19.98 -61.23 -60.37
N ASP A 495 19.95 -62.44 -60.94
CA ASP A 495 18.78 -63.30 -60.83
C ASP A 495 18.46 -63.62 -59.38
N LYS A 496 19.49 -63.79 -58.54
CA LYS A 496 19.25 -64.02 -57.13
C LYS A 496 18.55 -62.82 -56.48
N ILE A 497 18.98 -61.62 -56.85
CA ILE A 497 18.29 -60.41 -56.40
C ILE A 497 16.85 -60.41 -56.93
N ILE A 498 16.65 -60.87 -58.17
CA ILE A 498 15.30 -60.99 -58.71
C ILE A 498 14.52 -62.03 -57.90
N SER A 499 15.21 -63.09 -57.46
CA SER A 499 14.54 -64.07 -56.63
C SER A 499 14.42 -63.60 -55.18
N SER A 500 15.15 -62.55 -54.81
CA SER A 500 15.07 -62.05 -53.43
C SER A 500 13.96 -61.03 -53.24
N MET A 501 13.39 -60.50 -54.32
CA MET A 501 12.35 -59.50 -54.21
C MET A 501 11.04 -60.17 -53.80
N ALA A 502 10.50 -59.77 -52.64
CA ALA A 502 9.19 -60.16 -52.14
C ALA A 502 8.98 -61.67 -52.13
N PRO A 503 9.59 -62.40 -51.18
CA PRO A 503 9.43 -63.87 -51.16
C PRO A 503 8.00 -64.33 -50.99
N SER A 504 7.16 -63.57 -50.29
CA SER A 504 5.76 -63.92 -50.13
C SER A 504 4.95 -63.76 -51.41
N ILE A 505 5.52 -63.14 -52.44
CA ILE A 505 4.86 -62.95 -53.73
C ILE A 505 5.45 -63.96 -54.70
N TYR A 506 4.59 -64.66 -55.44
CA TYR A 506 5.01 -65.78 -56.27
C TYR A 506 4.64 -65.53 -57.74
N GLY A 507 5.60 -65.74 -58.63
CA GLY A 507 5.34 -65.87 -60.05
C GLY A 507 5.41 -64.62 -60.89
N HIS A 508 5.55 -63.44 -60.29
CA HIS A 508 5.56 -62.19 -61.05
C HIS A 508 7.00 -61.73 -61.27
N ARG A 509 7.73 -62.51 -62.09
CA ARG A 509 9.17 -62.29 -62.24
C ARG A 509 9.50 -60.96 -62.88
N ASP A 510 8.74 -60.54 -63.89
CA ASP A 510 9.02 -59.25 -64.53
C ASP A 510 8.71 -58.08 -63.61
N ILE A 511 7.66 -58.20 -62.78
CA ILE A 511 7.40 -57.18 -61.77
C ILE A 511 8.54 -57.10 -60.77
N LYS A 512 9.05 -58.25 -60.33
CA LYS A 512 10.16 -58.26 -59.39
C LYS A 512 11.43 -57.69 -60.03
N THR A 513 11.62 -57.92 -61.32
CA THR A 513 12.74 -57.31 -62.02
C THR A 513 12.63 -55.80 -62.06
N ALA A 514 11.41 -55.30 -62.30
CA ALA A 514 11.17 -53.86 -62.24
C ALA A 514 11.43 -53.30 -60.84
N VAL A 515 11.02 -54.05 -59.81
CA VAL A 515 11.30 -53.66 -58.43
C VAL A 515 12.79 -53.57 -58.16
N ALA A 516 13.55 -54.56 -58.63
CA ALA A 516 15.00 -54.54 -58.42
C ALA A 516 15.65 -53.37 -59.14
N CYS A 517 15.21 -53.09 -60.38
CA CYS A 517 15.74 -51.95 -61.11
C CYS A 517 15.41 -50.63 -60.43
N SER A 518 14.19 -50.50 -59.91
CA SER A 518 13.81 -49.26 -59.23
C SER A 518 14.54 -49.10 -57.91
N LEU A 519 14.74 -50.20 -57.18
CA LEU A 519 15.45 -50.14 -55.90
C LEU A 519 16.91 -49.78 -56.09
N PHE A 520 17.56 -50.33 -57.11
CA PHE A 520 18.96 -50.00 -57.32
C PHE A 520 19.12 -48.65 -58.04
N GLY A 521 18.37 -48.45 -59.12
CA GLY A 521 18.35 -47.18 -59.80
C GLY A 521 19.59 -46.89 -60.62
N GLY A 522 19.43 -45.97 -61.57
CA GLY A 522 20.51 -45.52 -62.41
C GLY A 522 21.31 -44.42 -61.73
N VAL A 523 21.99 -43.63 -62.55
CA VAL A 523 22.75 -42.47 -62.08
C VAL A 523 22.18 -41.22 -62.73
N PRO A 524 21.88 -40.17 -61.96
CA PRO A 524 21.50 -38.89 -62.58
C PRO A 524 22.73 -38.20 -63.14
N LYS A 525 22.52 -37.34 -64.12
CA LYS A 525 23.65 -36.63 -64.68
C LYS A 525 23.23 -35.26 -65.17
N ASN A 526 24.20 -34.36 -65.27
CA ASN A 526 23.95 -32.98 -65.68
C ASN A 526 25.15 -32.57 -66.53
N VAL A 527 24.97 -32.61 -67.85
CA VAL A 527 26.06 -32.32 -68.78
C VAL A 527 26.24 -30.80 -68.88
N ASN A 528 27.44 -30.33 -68.50
CA ASN A 528 27.85 -28.93 -68.53
C ASN A 528 26.96 -28.02 -67.67
N GLY A 529 26.10 -28.60 -66.84
CA GLY A 529 25.20 -27.80 -66.01
C GLY A 529 23.95 -27.35 -66.75
N LYS A 530 23.95 -27.48 -68.08
CA LYS A 530 22.86 -26.95 -68.88
C LYS A 530 21.73 -27.96 -69.04
N HIS A 531 22.06 -29.24 -69.20
CA HIS A 531 21.10 -30.27 -69.57
C HIS A 531 21.14 -31.39 -68.56
N SER A 532 19.99 -31.71 -67.98
CA SER A 532 19.89 -32.68 -66.90
C SER A 532 19.16 -33.92 -67.38
N ILE A 533 19.73 -35.09 -67.08
CA ILE A 533 19.12 -36.38 -67.36
C ILE A 533 18.82 -37.06 -66.03
N ARG A 534 17.55 -37.42 -65.85
CA ARG A 534 17.06 -38.09 -64.65
C ARG A 534 17.68 -39.48 -64.53
N GLY A 535 17.92 -39.89 -63.28
CA GLY A 535 18.63 -41.13 -63.04
C GLY A 535 17.98 -42.11 -62.09
N ASP A 536 16.66 -42.25 -62.14
CA ASP A 536 15.93 -43.23 -61.34
C ASP A 536 14.71 -43.77 -62.08
N ILE A 537 14.43 -45.05 -61.88
CA ILE A 537 13.43 -45.74 -62.69
C ILE A 537 12.07 -45.61 -62.04
N ASN A 538 11.09 -45.12 -62.80
CA ASN A 538 9.71 -45.03 -62.36
C ASN A 538 8.94 -46.22 -62.93
N VAL A 539 8.30 -46.98 -62.05
CA VAL A 539 7.63 -48.22 -62.42
C VAL A 539 6.14 -48.07 -62.13
N LEU A 540 5.32 -48.42 -63.12
CA LEU A 540 3.86 -48.43 -62.97
C LEU A 540 3.35 -49.86 -63.04
N LEU A 541 2.78 -50.33 -61.94
CA LEU A 541 2.16 -51.65 -61.84
C LEU A 541 0.68 -51.48 -62.08
N LEU A 542 0.23 -51.75 -63.30
CA LEU A 542 -1.18 -51.73 -63.62
C LEU A 542 -1.70 -53.17 -63.59
N GLY A 543 -2.66 -53.45 -62.72
CA GLY A 543 -3.13 -54.81 -62.57
C GLY A 543 -4.54 -54.93 -62.07
N ASP A 544 -5.13 -56.08 -62.35
CA ASP A 544 -6.46 -56.43 -61.86
C ASP A 544 -6.39 -56.67 -60.35
N PRO A 545 -7.54 -56.61 -59.66
CA PRO A 545 -7.55 -56.95 -58.23
C PRO A 545 -7.10 -58.38 -57.98
N GLY A 546 -6.33 -58.57 -56.91
CA GLY A 546 -5.80 -59.86 -56.58
C GLY A 546 -4.50 -60.23 -57.25
N THR A 547 -3.76 -59.25 -57.77
CA THR A 547 -2.44 -59.49 -58.33
C THR A 547 -1.32 -59.10 -57.37
N ALA A 548 -1.67 -58.80 -56.12
CA ALA A 548 -0.71 -58.58 -55.03
C ALA A 548 0.24 -57.42 -55.32
N LYS A 549 -0.31 -56.31 -55.82
CA LYS A 549 0.50 -55.11 -56.04
C LYS A 549 0.78 -54.38 -54.72
N SER A 550 -0.21 -54.35 -53.83
CA SER A 550 -0.05 -53.67 -52.55
C SER A 550 0.99 -54.36 -51.68
N GLN A 551 1.07 -55.69 -51.76
CA GLN A 551 2.09 -56.40 -50.99
C GLN A 551 3.48 -56.14 -51.54
N ILE A 552 3.60 -55.95 -52.86
CA ILE A 552 4.87 -55.55 -53.45
C ILE A 552 5.26 -54.15 -52.96
N LEU A 553 4.28 -53.24 -52.89
CA LEU A 553 4.56 -51.91 -52.37
C LEU A 553 4.99 -51.95 -50.91
N LYS A 554 4.34 -52.80 -50.10
CA LYS A 554 4.74 -52.95 -48.70
C LYS A 554 6.13 -53.54 -48.58
N TYR A 555 6.47 -54.50 -49.45
CA TYR A 555 7.81 -55.07 -49.43
C TYR A 555 8.87 -54.03 -49.76
N VAL A 556 8.60 -53.17 -50.74
CA VAL A 556 9.55 -52.12 -51.09
C VAL A 556 9.67 -51.11 -49.95
N GLU A 557 8.55 -50.81 -49.28
CA GLU A 557 8.58 -49.93 -48.12
C GLU A 557 9.44 -50.52 -47.01
N LYS A 558 9.37 -51.83 -46.81
CA LYS A 558 10.21 -52.48 -45.82
C LYS A 558 11.68 -52.48 -46.23
N THR A 559 11.97 -52.72 -47.50
CA THR A 559 13.34 -52.95 -47.96
C THR A 559 14.11 -51.64 -48.15
N ALA A 560 13.49 -50.64 -48.78
CA ALA A 560 14.22 -49.47 -49.25
C ALA A 560 14.68 -48.59 -48.09
N HIS A 561 15.67 -47.74 -48.39
CA HIS A 561 16.26 -46.87 -47.37
C HIS A 561 15.30 -45.75 -46.98
N ARG A 562 14.96 -44.89 -47.95
CA ARG A 562 14.05 -43.78 -47.71
C ARG A 562 12.82 -44.05 -48.57
N ALA A 563 11.90 -44.84 -48.04
CA ALA A 563 10.67 -45.19 -48.73
C ALA A 563 9.50 -44.50 -48.05
N VAL A 564 8.71 -43.77 -48.84
CA VAL A 564 7.56 -43.04 -48.33
C VAL A 564 6.30 -43.60 -48.99
N PHE A 565 5.37 -44.06 -48.17
CA PHE A 565 4.11 -44.63 -48.65
C PHE A 565 3.04 -43.56 -48.65
N ALA A 566 2.31 -43.47 -49.77
CA ALA A 566 1.18 -42.56 -49.89
C ALA A 566 0.13 -43.21 -50.78
N THR A 567 -1.08 -42.66 -50.72
CA THR A 567 -2.18 -43.14 -51.52
C THR A 567 -3.10 -41.98 -51.89
N GLY A 568 -3.85 -42.16 -52.97
CA GLY A 568 -4.75 -41.13 -53.43
C GLY A 568 -6.06 -41.08 -52.69
N GLN A 569 -6.74 -42.21 -52.56
CA GLN A 569 -8.05 -42.25 -51.93
C GLN A 569 -7.99 -42.16 -50.42
N GLY A 570 -6.95 -42.70 -49.80
CA GLY A 570 -6.88 -42.77 -48.35
C GLY A 570 -6.68 -41.41 -47.70
N ALA A 571 -6.89 -41.38 -46.39
CA ALA A 571 -6.86 -40.16 -45.61
C ALA A 571 -5.72 -40.11 -44.61
N SER A 572 -5.56 -41.14 -43.78
CA SER A 572 -4.53 -41.15 -42.74
C SER A 572 -3.19 -41.59 -43.34
N ALA A 573 -2.64 -40.71 -44.17
CA ALA A 573 -1.35 -40.93 -44.80
C ALA A 573 -0.75 -39.59 -45.15
N VAL A 574 0.56 -39.60 -45.43
CA VAL A 574 1.25 -38.37 -45.82
C VAL A 574 0.78 -37.96 -47.21
N GLY A 575 0.53 -36.67 -47.40
CA GLY A 575 0.02 -36.19 -48.67
C GLY A 575 1.10 -36.06 -49.72
N LEU A 576 0.65 -36.02 -50.97
CA LEU A 576 1.55 -35.86 -52.11
C LEU A 576 1.78 -34.40 -52.46
N THR A 577 1.06 -33.47 -51.85
CA THR A 577 1.14 -32.06 -52.17
C THR A 577 1.86 -31.31 -51.06
N ALA A 578 2.78 -30.42 -51.44
CA ALA A 578 3.40 -29.53 -50.48
C ALA A 578 2.37 -28.55 -49.93
N SER A 579 2.54 -28.18 -48.66
CA SER A 579 1.59 -27.31 -48.00
C SER A 579 2.27 -26.55 -46.88
N VAL A 580 1.63 -25.47 -46.45
CA VAL A 580 2.01 -24.72 -45.26
C VAL A 580 0.83 -24.79 -44.31
N ARG A 581 1.00 -25.50 -43.20
CA ARG A 581 -0.11 -25.81 -42.32
C ARG A 581 0.14 -25.24 -40.93
N LYS A 582 -0.90 -24.62 -40.37
CA LYS A 582 -0.86 -24.08 -39.02
C LYS A 582 -1.57 -25.04 -38.08
N ASP A 583 -0.88 -25.46 -37.02
CA ASP A 583 -1.50 -26.31 -36.02
C ASP A 583 -2.59 -25.54 -35.28
N PRO A 584 -3.78 -26.13 -35.10
CA PRO A 584 -4.85 -25.40 -34.40
C PRO A 584 -4.54 -25.11 -32.95
N ILE A 585 -3.74 -25.96 -32.30
CA ILE A 585 -3.43 -25.78 -30.88
C ILE A 585 -2.10 -25.07 -30.68
N THR A 586 -1.05 -25.53 -31.38
CA THR A 586 0.26 -24.93 -31.22
C THR A 586 0.32 -23.54 -31.86
N LYS A 587 -0.55 -23.27 -32.83
CA LYS A 587 -0.57 -22.03 -33.61
C LYS A 587 0.77 -21.77 -34.28
N GLU A 588 1.37 -22.83 -34.81
CA GLU A 588 2.70 -22.78 -35.42
C GLU A 588 2.59 -23.18 -36.88
N TRP A 589 3.12 -22.33 -37.77
CA TRP A 589 3.12 -22.60 -39.19
C TRP A 589 4.31 -23.48 -39.54
N THR A 590 4.03 -24.62 -40.17
CA THR A 590 5.06 -25.56 -40.59
C THR A 590 4.94 -25.82 -42.08
N LEU A 591 6.09 -26.08 -42.71
CA LEU A 591 6.16 -26.32 -44.14
C LEU A 591 6.31 -27.82 -44.37
N GLU A 592 5.26 -28.44 -44.90
CA GLU A 592 5.28 -29.85 -45.23
C GLU A 592 5.62 -29.99 -46.71
N GLY A 593 6.72 -30.69 -47.01
CA GLY A 593 7.10 -30.88 -48.39
C GLY A 593 6.26 -31.91 -49.12
N GLY A 594 5.53 -32.73 -48.38
CA GLY A 594 4.76 -33.80 -48.98
C GLY A 594 5.57 -35.06 -49.15
N ALA A 595 4.89 -36.09 -49.63
CA ALA A 595 5.53 -37.40 -49.79
C ALA A 595 6.58 -37.40 -50.89
N LEU A 596 6.48 -36.47 -51.84
CA LEU A 596 7.43 -36.47 -52.95
C LEU A 596 8.75 -35.85 -52.51
N VAL A 597 8.70 -34.72 -51.81
CA VAL A 597 9.89 -34.10 -51.26
C VAL A 597 10.47 -34.97 -50.15
N LEU A 598 9.60 -35.60 -49.36
CA LEU A 598 10.06 -36.45 -48.27
C LEU A 598 10.75 -37.71 -48.77
N ALA A 599 10.46 -38.13 -50.00
CA ALA A 599 11.09 -39.30 -50.59
C ALA A 599 12.31 -38.96 -51.42
N ASP A 600 12.88 -37.78 -51.22
CA ASP A 600 14.06 -37.36 -51.98
C ASP A 600 15.23 -38.30 -51.74
N LYS A 601 15.93 -38.64 -52.82
CA LYS A 601 16.99 -39.66 -52.82
C LYS A 601 16.47 -40.99 -52.29
N GLY A 602 15.25 -41.32 -52.65
CA GLY A 602 14.61 -42.53 -52.18
C GLY A 602 13.52 -42.95 -53.13
N VAL A 603 12.48 -43.57 -52.59
CA VAL A 603 11.37 -44.07 -53.40
C VAL A 603 10.06 -43.64 -52.75
N CYS A 604 9.13 -43.19 -53.58
CA CYS A 604 7.77 -42.90 -53.16
C CYS A 604 6.84 -43.94 -53.76
N LEU A 605 5.99 -44.53 -52.92
CA LEU A 605 5.12 -45.62 -53.31
C LEU A 605 3.68 -45.13 -53.21
N ILE A 606 3.04 -44.95 -54.36
CA ILE A 606 1.70 -44.38 -54.41
C ILE A 606 0.74 -45.50 -54.76
N ASP A 607 0.05 -46.01 -53.74
CA ASP A 607 -1.01 -46.99 -53.96
C ASP A 607 -2.26 -46.29 -54.47
N GLU A 608 -3.00 -46.98 -55.33
CA GLU A 608 -4.23 -46.49 -55.96
C GLU A 608 -3.97 -45.19 -56.73
N PHE A 609 -3.12 -45.33 -57.76
CA PHE A 609 -2.69 -44.22 -58.59
C PHE A 609 -3.79 -43.68 -59.49
N ASP A 610 -4.90 -44.40 -59.63
CA ASP A 610 -5.92 -44.02 -60.61
C ASP A 610 -6.94 -43.01 -60.06
N LYS A 611 -7.41 -43.20 -58.82
CA LYS A 611 -8.44 -42.33 -58.26
C LYS A 611 -7.84 -41.19 -57.45
N MET A 612 -6.69 -40.71 -57.89
CA MET A 612 -6.05 -39.53 -57.36
C MET A 612 -6.88 -38.28 -57.69
N ASN A 613 -6.68 -37.22 -56.91
CA ASN A 613 -7.35 -35.96 -57.21
C ASN A 613 -6.42 -35.03 -57.98
N ASP A 614 -6.92 -33.83 -58.30
CA ASP A 614 -6.27 -32.97 -59.28
C ASP A 614 -4.97 -32.40 -58.75
N GLN A 615 -4.97 -31.93 -57.49
CA GLN A 615 -3.76 -31.34 -56.93
C GLN A 615 -2.65 -32.37 -56.79
N ASP A 616 -3.00 -33.60 -56.42
CA ASP A 616 -1.99 -34.65 -56.33
C ASP A 616 -1.47 -35.04 -57.71
N ARG A 617 -2.33 -35.04 -58.74
CA ARG A 617 -1.85 -35.27 -60.10
C ARG A 617 -0.87 -34.19 -60.53
N THR A 618 -1.16 -32.92 -60.21
CA THR A 618 -0.25 -31.84 -60.57
C THR A 618 1.07 -31.97 -59.82
N SER A 619 1.01 -32.38 -58.55
CA SER A 619 2.22 -32.60 -57.76
C SER A 619 3.08 -33.71 -58.36
N ILE A 620 2.46 -34.81 -58.77
CA ILE A 620 3.20 -35.90 -59.40
C ILE A 620 3.79 -35.45 -60.74
N HIS A 621 3.03 -34.67 -61.52
CA HIS A 621 3.53 -34.19 -62.80
C HIS A 621 4.76 -33.32 -62.61
N GLU A 622 4.73 -32.40 -61.65
CA GLU A 622 5.91 -31.57 -61.40
C GLU A 622 7.06 -32.39 -60.84
N ALA A 623 6.76 -33.36 -59.96
CA ALA A 623 7.83 -34.15 -59.36
C ALA A 623 8.50 -35.08 -60.36
N MET A 624 7.82 -35.45 -61.44
CA MET A 624 8.50 -36.22 -62.47
C MET A 624 9.11 -35.35 -63.57
N GLU A 625 8.56 -34.16 -63.85
CA GLU A 625 9.19 -33.31 -64.87
C GLU A 625 10.46 -32.65 -64.35
N GLN A 626 10.32 -31.78 -63.35
CA GLN A 626 11.43 -30.99 -62.85
C GLN A 626 12.20 -31.67 -61.73
N GLN A 627 11.69 -32.79 -61.21
CA GLN A 627 12.21 -33.45 -60.00
C GLN A 627 12.27 -32.46 -58.83
N SER A 628 11.27 -31.59 -58.76
CA SER A 628 11.20 -30.57 -57.72
C SER A 628 9.76 -30.13 -57.60
N ILE A 629 9.46 -29.45 -56.49
CA ILE A 629 8.12 -28.98 -56.17
C ILE A 629 8.21 -27.53 -55.76
N SER A 630 7.48 -26.66 -56.44
CA SER A 630 7.53 -25.23 -56.16
C SER A 630 6.28 -24.81 -55.40
N ILE A 631 6.49 -24.11 -54.29
CA ILE A 631 5.41 -23.66 -53.42
C ILE A 631 5.42 -22.14 -53.33
N SER A 632 4.23 -21.54 -53.43
CA SER A 632 4.00 -20.13 -53.15
C SER A 632 2.78 -20.05 -52.23
N LYS A 633 3.00 -20.26 -50.94
CA LYS A 633 1.94 -20.26 -49.94
C LYS A 633 2.40 -19.58 -48.66
N ALA A 634 1.51 -18.75 -48.10
CA ALA A 634 1.67 -18.12 -46.78
C ALA A 634 2.97 -17.32 -46.67
N GLY A 635 3.31 -16.60 -47.73
CA GLY A 635 4.53 -15.82 -47.77
C GLY A 635 5.78 -16.62 -48.08
N ILE A 636 5.68 -17.93 -48.25
CA ILE A 636 6.80 -18.80 -48.55
C ILE A 636 6.77 -19.10 -50.04
N VAL A 637 7.77 -18.60 -50.76
CA VAL A 637 7.94 -18.88 -52.18
C VAL A 637 9.30 -19.54 -52.34
N THR A 638 9.29 -20.85 -52.64
CA THR A 638 10.55 -21.59 -52.76
C THR A 638 10.32 -22.84 -53.60
N THR A 639 11.40 -23.58 -53.80
CA THR A 639 11.39 -24.86 -54.50
C THR A 639 12.09 -25.90 -53.64
N LEU A 640 11.53 -27.10 -53.60
CA LEU A 640 12.04 -28.21 -52.81
C LEU A 640 12.43 -29.34 -53.74
N GLN A 641 13.61 -29.90 -53.53
CA GLN A 641 14.09 -30.97 -54.37
C GLN A 641 13.27 -32.23 -54.14
N ALA A 642 12.84 -32.87 -55.23
CA ALA A 642 11.99 -34.06 -55.17
C ALA A 642 12.55 -35.14 -56.09
N ARG A 643 13.86 -35.37 -56.00
CA ARG A 643 14.52 -36.38 -56.82
C ARG A 643 14.21 -37.75 -56.23
N CYS A 644 13.01 -38.24 -56.55
CA CYS A 644 12.47 -39.47 -55.98
C CYS A 644 12.02 -40.41 -57.09
N SER A 645 12.35 -41.68 -56.95
CA SER A 645 11.77 -42.69 -57.81
C SER A 645 10.35 -43.01 -57.35
N ILE A 646 9.51 -43.38 -58.30
CA ILE A 646 8.09 -43.61 -58.03
C ILE A 646 7.71 -45.00 -58.50
N ILE A 647 7.18 -45.80 -57.57
CA ILE A 647 6.61 -47.11 -57.87
C ILE A 647 5.12 -47.01 -57.57
N ALA A 648 4.31 -46.90 -58.61
CA ALA A 648 2.88 -46.67 -58.45
C ALA A 648 2.11 -47.93 -58.80
N ALA A 649 0.93 -48.07 -58.20
CA ALA A 649 0.04 -49.19 -58.47
C ALA A 649 -1.32 -48.67 -58.87
N ALA A 650 -1.90 -49.27 -59.92
CA ALA A 650 -3.17 -48.80 -60.45
C ALA A 650 -4.02 -49.99 -60.87
N ASN A 651 -5.33 -49.77 -60.86
CA ASN A 651 -6.33 -50.69 -61.36
C ASN A 651 -6.87 -50.18 -62.70
N PRO A 652 -7.08 -51.06 -63.67
CA PRO A 652 -7.60 -50.62 -64.97
C PRO A 652 -9.05 -50.20 -64.88
N ASN A 653 -9.50 -49.51 -65.93
CA ASN A 653 -10.87 -49.02 -65.98
C ASN A 653 -11.85 -50.18 -66.09
N GLY A 654 -12.88 -50.15 -65.26
CA GLY A 654 -13.88 -51.19 -65.23
C GLY A 654 -13.54 -52.41 -64.40
N GLY A 655 -12.36 -52.45 -63.79
CA GLY A 655 -11.94 -53.58 -62.99
C GLY A 655 -11.14 -54.63 -63.73
N ARG A 656 -11.09 -54.58 -65.06
CA ARG A 656 -10.31 -55.52 -65.86
C ARG A 656 -9.48 -54.79 -66.90
N TYR A 657 -8.31 -55.37 -67.19
CA TYR A 657 -7.58 -55.01 -68.40
C TYR A 657 -8.23 -55.65 -69.61
N ASN A 658 -8.50 -54.83 -70.62
CA ASN A 658 -9.01 -55.29 -71.90
C ASN A 658 -7.88 -55.21 -72.92
N SER A 659 -7.44 -56.37 -73.40
CA SER A 659 -6.30 -56.42 -74.30
C SER A 659 -6.63 -55.90 -75.70
N THR A 660 -7.91 -55.87 -76.05
CA THR A 660 -8.31 -55.33 -77.34
C THR A 660 -8.05 -53.82 -77.42
N LEU A 661 -8.27 -53.12 -76.33
CA LEU A 661 -7.94 -51.69 -76.32
C LEU A 661 -6.50 -51.49 -75.90
N PRO A 662 -5.83 -50.43 -76.38
CA PRO A 662 -4.47 -50.17 -75.91
C PRO A 662 -4.44 -49.64 -74.49
N LEU A 663 -3.23 -49.35 -73.98
CA LEU A 663 -3.06 -49.06 -72.56
C LEU A 663 -3.78 -47.78 -72.14
N ALA A 664 -3.72 -46.74 -72.98
CA ALA A 664 -4.24 -45.43 -72.59
C ALA A 664 -5.76 -45.46 -72.37
N GLN A 665 -6.46 -46.37 -73.04
CA GLN A 665 -7.90 -46.50 -72.86
C GLN A 665 -8.28 -47.38 -71.67
N ASN A 666 -7.35 -48.13 -71.11
CA ASN A 666 -7.64 -48.92 -69.92
C ASN A 666 -7.40 -48.16 -68.62
N VAL A 667 -6.68 -47.05 -68.66
CA VAL A 667 -6.30 -46.32 -67.46
C VAL A 667 -6.77 -44.88 -67.60
N SER A 668 -7.25 -44.32 -66.48
CA SER A 668 -7.65 -42.93 -66.44
C SER A 668 -6.48 -41.96 -66.54
N LEU A 669 -5.25 -42.45 -66.41
CA LEU A 669 -4.08 -41.58 -66.55
C LEU A 669 -3.94 -41.08 -67.98
N THR A 670 -3.58 -39.81 -68.11
CA THR A 670 -3.41 -39.19 -69.41
C THR A 670 -2.05 -39.55 -70.00
N GLU A 671 -1.84 -39.11 -71.25
CA GLU A 671 -0.62 -39.47 -71.97
C GLU A 671 0.67 -38.92 -71.35
N PRO A 672 0.79 -37.63 -70.96
CA PRO A 672 2.07 -37.19 -70.39
C PRO A 672 2.45 -37.88 -69.08
N ILE A 673 1.49 -38.21 -68.23
CA ILE A 673 1.85 -38.91 -66.99
C ILE A 673 2.14 -40.38 -67.24
N LEU A 674 1.54 -40.97 -68.28
CA LEU A 674 1.85 -42.35 -68.64
C LEU A 674 3.22 -42.46 -69.30
N SER A 675 3.65 -41.42 -70.01
CA SER A 675 4.92 -41.45 -70.70
C SER A 675 6.11 -41.31 -69.77
N ARG A 676 5.90 -40.85 -68.53
CA ARG A 676 7.01 -40.61 -67.63
C ARG A 676 7.50 -41.87 -66.94
N PHE A 677 6.80 -42.99 -67.07
CA PHE A 677 7.22 -44.21 -66.41
C PHE A 677 8.22 -44.96 -67.29
N ASP A 678 9.30 -45.45 -66.67
CA ASP A 678 10.31 -46.18 -67.42
C ASP A 678 9.90 -47.63 -67.65
N ILE A 679 9.42 -48.31 -66.61
CA ILE A 679 8.93 -49.68 -66.72
C ILE A 679 7.43 -49.67 -66.45
N LEU A 680 6.69 -50.34 -67.31
CA LEU A 680 5.24 -50.25 -67.37
C LEU A 680 4.72 -51.68 -67.30
N CYS A 681 4.59 -52.21 -66.08
CA CYS A 681 4.24 -53.62 -65.87
C CYS A 681 2.73 -53.76 -65.85
N VAL A 682 2.18 -54.37 -66.88
CA VAL A 682 0.77 -54.71 -66.95
C VAL A 682 0.65 -56.18 -66.55
N VAL A 683 -0.02 -56.44 -65.43
CA VAL A 683 -0.21 -57.79 -64.93
C VAL A 683 -1.69 -58.11 -64.97
N ARG A 684 -2.02 -59.30 -65.48
CA ARG A 684 -3.40 -59.73 -65.62
C ARG A 684 -3.53 -61.17 -65.15
N ASP A 685 -4.65 -61.47 -64.51
CA ASP A 685 -4.88 -62.80 -63.93
C ASP A 685 -5.70 -63.65 -64.90
N LEU A 686 -5.06 -64.00 -66.02
CA LEU A 686 -5.65 -64.93 -66.97
C LEU A 686 -5.73 -66.32 -66.35
N VAL A 687 -6.70 -67.11 -66.80
CA VAL A 687 -6.95 -68.42 -66.21
C VAL A 687 -6.04 -69.44 -66.87
N ASP A 688 -5.07 -69.95 -66.11
CA ASP A 688 -4.25 -71.08 -66.51
C ASP A 688 -4.34 -72.11 -65.40
N GLU A 689 -4.60 -73.36 -65.76
CA GLU A 689 -4.88 -74.39 -64.76
C GLU A 689 -3.66 -74.68 -63.89
N GLU A 690 -2.50 -74.85 -64.51
CA GLU A 690 -1.28 -75.14 -63.76
C GLU A 690 -0.86 -73.96 -62.90
N ALA A 691 -0.95 -72.74 -63.45
CA ALA A 691 -0.63 -71.55 -62.69
C ALA A 691 -1.59 -71.37 -61.51
N ASP A 692 -2.87 -71.63 -61.73
CA ASP A 692 -3.85 -71.57 -60.65
C ASP A 692 -3.53 -72.59 -59.56
N GLU A 693 -3.15 -73.80 -59.96
CA GLU A 693 -2.82 -74.85 -59.00
C GLU A 693 -1.61 -74.46 -58.15
N ARG A 694 -0.54 -73.97 -58.80
CA ARG A 694 0.65 -73.60 -58.03
C ARG A 694 0.40 -72.38 -57.15
N LEU A 695 -0.39 -71.41 -57.64
CA LEU A 695 -0.70 -70.24 -56.82
C LEU A 695 -1.55 -70.62 -55.62
N ALA A 696 -2.56 -71.47 -55.81
CA ALA A 696 -3.40 -71.92 -54.71
C ALA A 696 -2.59 -72.74 -53.70
N THR A 697 -1.68 -73.58 -54.19
CA THR A 697 -0.81 -74.34 -53.31
C THR A 697 0.06 -73.41 -52.47
N PHE A 698 0.62 -72.37 -53.11
CA PHE A 698 1.46 -71.41 -52.39
C PHE A 698 0.69 -70.68 -51.32
N VAL A 699 -0.53 -70.22 -51.65
CA VAL A 699 -1.32 -69.48 -50.67
C VAL A 699 -1.77 -70.36 -49.51
N VAL A 700 -2.26 -71.57 -49.81
CA VAL A 700 -2.72 -72.47 -48.76
C VAL A 700 -1.56 -72.91 -47.87
N ASP A 701 -0.38 -73.10 -48.46
CA ASP A 701 0.79 -73.43 -47.67
C ASP A 701 1.19 -72.25 -46.78
N SER A 702 1.04 -71.03 -47.29
CA SER A 702 1.31 -69.85 -46.46
C SER A 702 0.34 -69.75 -45.28
N HIS A 703 -0.92 -70.14 -45.50
CA HIS A 703 -1.85 -70.19 -44.37
C HIS A 703 -1.49 -71.27 -43.35
N VAL A 704 -1.13 -72.47 -43.83
CA VAL A 704 -0.93 -73.55 -42.88
C VAL A 704 0.39 -73.40 -42.14
N ARG A 705 1.35 -72.64 -42.69
CA ARG A 705 2.53 -72.32 -41.91
C ARG A 705 2.23 -71.30 -40.82
N SER A 706 1.24 -70.44 -41.02
CA SER A 706 0.99 -69.30 -40.15
C SER A 706 0.04 -69.61 -39.00
N HIS A 707 -0.39 -70.84 -38.84
CA HIS A 707 -1.37 -71.17 -37.83
C HIS A 707 -0.76 -71.09 -36.43
N PRO A 708 -1.44 -70.47 -35.47
CA PRO A 708 -0.86 -70.34 -34.11
C PRO A 708 -0.63 -71.67 -33.41
N GLU A 709 -1.46 -72.68 -33.66
CA GLU A 709 -1.28 -73.98 -33.04
C GLU A 709 -0.16 -74.78 -33.69
N ASN A 710 0.24 -74.43 -34.90
CA ASN A 710 1.30 -75.15 -35.60
C ASN A 710 2.68 -74.74 -35.08
N SER A 756 19.03 -70.06 -52.02
CA SER A 756 19.48 -69.24 -53.15
C SER A 756 19.02 -67.77 -53.13
N PRO A 757 17.82 -67.46 -52.61
CA PRO A 757 17.52 -66.06 -52.30
C PRO A 757 18.49 -65.50 -51.26
N ILE A 758 18.89 -64.25 -51.47
CA ILE A 758 19.74 -63.55 -50.49
C ILE A 758 18.90 -63.23 -49.26
N PRO A 759 19.44 -63.40 -48.05
CA PRO A 759 18.71 -62.98 -46.85
C PRO A 759 18.39 -61.49 -46.87
N GLN A 760 17.27 -61.14 -46.25
CA GLN A 760 16.75 -59.77 -46.30
C GLN A 760 17.71 -58.77 -45.65
N GLU A 761 18.28 -59.15 -44.50
CA GLU A 761 19.18 -58.25 -43.79
C GLU A 761 20.43 -57.97 -44.61
N LEU A 762 20.97 -58.98 -45.28
CA LEU A 762 22.11 -58.75 -46.17
C LEU A 762 21.69 -57.95 -47.41
N LEU A 763 20.50 -58.25 -47.94
CA LEU A 763 20.05 -57.63 -49.18
C LEU A 763 19.82 -56.13 -49.03
N MET A 764 19.28 -55.71 -47.88
CA MET A 764 18.97 -54.30 -47.67
C MET A 764 20.26 -53.47 -47.64
N LYS A 765 21.26 -53.93 -46.90
CA LYS A 765 22.55 -53.24 -46.88
C LYS A 765 23.25 -53.34 -48.23
N TYR A 766 23.06 -54.44 -48.96
CA TYR A 766 23.64 -54.55 -50.30
C TYR A 766 23.07 -53.50 -51.24
N ILE A 767 21.74 -53.31 -51.20
CA ILE A 767 21.10 -52.29 -52.04
C ILE A 767 21.59 -50.90 -51.65
N HIS A 768 21.68 -50.63 -50.35
CA HIS A 768 22.18 -49.31 -49.92
C HIS A 768 23.62 -49.08 -50.36
N TYR A 769 24.48 -50.10 -50.25
CA TYR A 769 25.87 -49.98 -50.64
C TYR A 769 26.00 -49.72 -52.14
N ALA A 770 25.26 -50.48 -52.95
CA ALA A 770 25.32 -50.31 -54.39
C ALA A 770 24.74 -48.97 -54.82
N ARG A 771 23.74 -48.47 -54.10
CA ARG A 771 23.21 -47.15 -54.39
C ARG A 771 24.18 -46.04 -54.01
N THR A 772 24.95 -46.21 -52.93
CA THR A 772 25.74 -45.11 -52.39
C THR A 772 27.21 -45.09 -52.81
N LYS A 773 27.72 -46.13 -53.47
CA LYS A 773 29.15 -46.11 -53.77
C LYS A 773 29.53 -46.53 -55.19
N ILE A 774 28.59 -46.99 -56.03
CA ILE A 774 29.00 -47.61 -57.28
C ILE A 774 29.14 -46.58 -58.40
N TYR A 775 28.02 -45.92 -58.78
CA TYR A 775 27.97 -44.97 -59.88
C TYR A 775 28.53 -45.53 -61.19
N PRO A 776 27.82 -46.44 -61.86
CA PRO A 776 28.35 -47.02 -63.10
C PRO A 776 28.41 -46.02 -64.25
N LYS A 777 29.18 -46.38 -65.28
CA LYS A 777 29.43 -45.53 -66.42
C LYS A 777 29.54 -46.41 -67.65
N LEU A 778 29.06 -45.90 -68.79
CA LEU A 778 29.10 -46.61 -70.05
C LEU A 778 30.08 -45.93 -70.99
N HIS A 779 30.84 -46.74 -71.72
CA HIS A 779 31.95 -46.26 -72.54
C HIS A 779 31.56 -46.19 -74.01
N GLN A 780 32.46 -45.63 -74.82
CA GLN A 780 32.13 -45.11 -76.14
C GLN A 780 31.95 -46.18 -77.21
N MET A 781 32.51 -47.38 -77.06
CA MET A 781 32.54 -48.33 -78.15
C MET A 781 31.30 -49.23 -78.20
N ASP A 782 30.32 -48.98 -77.33
CA ASP A 782 29.04 -49.67 -77.38
C ASP A 782 27.94 -48.85 -78.04
N MET A 783 28.29 -47.71 -78.65
CA MET A 783 27.27 -46.83 -79.23
C MET A 783 26.72 -47.36 -80.54
N ASP A 784 27.39 -48.33 -81.17
CA ASP A 784 26.98 -48.80 -82.48
C ASP A 784 25.84 -49.80 -82.43
N LYS A 785 25.49 -50.31 -81.24
CA LYS A 785 24.46 -51.32 -81.13
C LYS A 785 23.16 -50.76 -80.55
N VAL A 786 23.26 -49.86 -79.59
CA VAL A 786 22.06 -49.20 -79.05
C VAL A 786 21.42 -48.32 -80.12
N SER A 787 22.24 -47.59 -80.88
CA SER A 787 21.71 -46.79 -81.98
C SER A 787 21.10 -47.68 -83.06
N ARG A 788 21.64 -48.88 -83.24
CA ARG A 788 21.10 -49.83 -84.20
C ARG A 788 19.71 -50.30 -83.76
N VAL A 789 19.60 -50.73 -82.51
CA VAL A 789 18.35 -51.31 -82.02
C VAL A 789 17.30 -50.21 -81.84
N TYR A 790 17.72 -48.97 -81.63
CA TYR A 790 16.77 -47.87 -81.54
C TYR A 790 16.04 -47.65 -82.85
N ALA A 791 16.78 -47.62 -83.96
CA ALA A 791 16.13 -47.54 -85.27
C ALA A 791 15.33 -48.80 -85.57
N ASP A 792 15.81 -49.96 -85.11
CA ASP A 792 15.08 -51.21 -85.30
C ASP A 792 13.71 -51.20 -84.64
N LEU A 793 13.59 -50.68 -83.42
CA LEU A 793 12.26 -50.48 -82.82
C LEU A 793 11.48 -49.32 -83.42
N ARG A 794 12.15 -48.23 -83.82
CA ARG A 794 11.41 -47.07 -84.31
C ARG A 794 10.72 -47.36 -85.64
N ARG A 795 11.44 -47.97 -86.59
CA ARG A 795 10.83 -48.24 -87.89
C ARG A 795 9.72 -49.27 -87.78
N GLU A 796 9.88 -50.26 -86.88
CA GLU A 796 8.82 -51.24 -86.68
C GLU A 796 7.61 -50.62 -86.00
N SER A 797 7.82 -49.66 -85.09
CA SER A 797 6.71 -48.94 -84.50
C SER A 797 5.99 -48.07 -85.51
N ILE A 798 6.72 -47.48 -86.46
CA ILE A 798 6.07 -46.76 -87.56
C ILE A 798 5.24 -47.70 -88.40
N SER A 799 5.80 -48.88 -88.74
CA SER A 799 5.12 -49.81 -89.64
C SER A 799 3.87 -50.40 -89.00
N THR A 800 3.94 -50.74 -87.71
CA THR A 800 2.82 -51.37 -87.03
C THR A 800 1.73 -50.38 -86.66
N GLY A 801 2.08 -49.13 -86.36
CA GLY A 801 1.08 -48.11 -86.11
C GLY A 801 0.61 -47.97 -84.68
N SER A 802 1.43 -48.38 -83.71
CA SER A 802 1.12 -48.15 -82.30
C SER A 802 1.57 -46.74 -81.90
N PHE A 803 1.47 -46.44 -80.61
CA PHE A 803 2.00 -45.18 -80.11
C PHE A 803 3.53 -45.21 -80.18
N PRO A 804 4.17 -44.11 -80.56
CA PRO A 804 5.54 -44.19 -81.08
C PRO A 804 6.57 -44.46 -79.99
N ILE A 805 7.67 -45.05 -80.43
CA ILE A 805 8.89 -45.14 -79.64
C ILE A 805 9.63 -43.82 -79.80
N THR A 806 9.91 -43.17 -78.68
CA THR A 806 10.57 -41.87 -78.68
C THR A 806 12.00 -42.04 -78.19
N VAL A 807 12.69 -40.91 -78.01
CA VAL A 807 14.04 -40.92 -77.48
C VAL A 807 14.04 -41.40 -76.03
N ARG A 808 12.92 -41.20 -75.33
CA ARG A 808 12.87 -41.53 -73.91
C ARG A 808 12.92 -43.03 -73.67
N HIS A 809 12.52 -43.84 -74.63
CA HIS A 809 12.71 -45.28 -74.51
C HIS A 809 14.19 -45.64 -74.56
N LEU A 810 14.96 -44.95 -75.40
CA LEU A 810 16.42 -45.14 -75.40
C LEU A 810 17.04 -44.70 -74.08
N GLU A 811 16.57 -43.57 -73.53
CA GLU A 811 17.07 -43.15 -72.23
C GLU A 811 16.67 -44.12 -71.13
N SER A 812 15.47 -44.70 -71.21
CA SER A 812 15.06 -45.72 -70.26
C SER A 812 15.92 -46.97 -70.37
N ILE A 813 16.28 -47.35 -71.59
CA ILE A 813 17.22 -48.46 -71.80
C ILE A 813 18.54 -48.15 -71.11
N LEU A 814 19.08 -46.96 -71.34
CA LEU A 814 20.39 -46.60 -70.82
C LEU A 814 20.37 -46.44 -69.29
N ARG A 815 19.22 -46.12 -68.72
CA ARG A 815 19.08 -45.98 -67.28
C ARG A 815 18.90 -47.33 -66.60
N ILE A 816 18.09 -48.20 -67.20
CA ILE A 816 17.88 -49.54 -66.66
C ILE A 816 19.16 -50.36 -66.76
N ALA A 817 19.96 -50.10 -67.80
CA ALA A 817 21.28 -50.74 -67.90
C ALA A 817 22.18 -50.34 -66.74
N GLU A 818 22.24 -49.04 -66.44
CA GLU A 818 23.03 -48.56 -65.31
C GLU A 818 22.50 -49.06 -63.97
N SER A 819 21.19 -49.34 -63.86
CA SER A 819 20.66 -49.95 -62.65
C SER A 819 21.03 -51.42 -62.52
N PHE A 820 20.95 -52.18 -63.62
CA PHE A 820 21.37 -53.57 -63.60
C PHE A 820 22.86 -53.71 -63.31
N ALA A 821 23.67 -52.78 -63.81
CA ALA A 821 25.10 -52.81 -63.54
C ALA A 821 25.44 -52.52 -62.08
N LYS A 822 24.54 -51.89 -61.34
CA LYS A 822 24.78 -51.64 -59.93
C LYS A 822 24.67 -52.90 -59.08
N MET A 823 23.79 -53.83 -59.47
CA MET A 823 23.67 -55.08 -58.74
C MET A 823 24.92 -55.96 -58.84
N ARG A 824 25.71 -55.78 -59.88
CA ARG A 824 26.99 -56.47 -60.01
C ARG A 824 28.12 -55.76 -59.29
N LEU A 825 27.83 -54.61 -58.67
CA LEU A 825 28.83 -53.71 -58.09
C LEU A 825 29.91 -53.37 -59.12
N SER A 826 29.48 -53.12 -60.35
CA SER A 826 30.39 -52.92 -61.46
C SER A 826 30.51 -51.44 -61.79
N GLU A 827 31.74 -51.00 -62.05
CA GLU A 827 32.01 -49.62 -62.42
C GLU A 827 31.74 -49.33 -63.89
N PHE A 828 31.39 -50.34 -64.68
CA PHE A 828 31.19 -50.16 -66.11
C PHE A 828 29.98 -50.96 -66.57
N VAL A 829 29.46 -50.59 -67.73
CA VAL A 829 28.26 -51.20 -68.31
C VAL A 829 28.69 -52.21 -69.36
N SER A 830 28.18 -53.44 -69.24
CA SER A 830 28.56 -54.53 -70.11
C SER A 830 27.50 -54.76 -71.20
N SER A 831 27.82 -55.63 -72.15
CA SER A 831 26.92 -55.90 -73.27
C SER A 831 25.73 -56.74 -72.85
N TYR A 832 25.93 -57.73 -71.99
CA TYR A 832 24.81 -58.52 -71.48
C TYR A 832 23.90 -57.67 -70.61
N ASP A 833 24.51 -56.71 -69.88
CA ASP A 833 23.76 -55.71 -69.14
C ASP A 833 22.82 -54.92 -70.04
N LEU A 834 23.35 -54.40 -71.15
CA LEU A 834 22.55 -53.64 -72.10
C LEU A 834 21.48 -54.52 -72.73
N ASP A 835 21.81 -55.77 -73.03
CA ASP A 835 20.83 -56.68 -73.64
C ASP A 835 19.69 -56.96 -72.67
N ARG A 836 20.00 -57.13 -71.39
CA ARG A 836 18.95 -57.35 -70.39
C ARG A 836 18.07 -56.12 -70.23
N ALA A 837 18.67 -54.93 -70.24
CA ALA A 837 17.89 -53.70 -70.16
C ALA A 837 16.98 -53.54 -71.39
N ILE A 838 17.51 -53.87 -72.57
CA ILE A 838 16.72 -53.81 -73.80
C ILE A 838 15.58 -54.81 -73.75
N LYS A 839 15.82 -56.00 -73.19
CA LYS A 839 14.76 -56.97 -72.97
C LYS A 839 13.67 -56.39 -72.08
N VAL A 840 14.05 -55.75 -70.97
CA VAL A 840 13.07 -55.19 -70.05
C VAL A 840 12.23 -54.12 -70.71
N VAL A 841 12.88 -53.21 -71.45
CA VAL A 841 12.17 -52.11 -72.09
C VAL A 841 11.27 -52.61 -73.23
N VAL A 842 11.76 -53.57 -74.02
CA VAL A 842 10.97 -54.12 -75.11
C VAL A 842 9.75 -54.87 -74.57
N ASP A 843 9.94 -55.66 -73.51
CA ASP A 843 8.81 -56.38 -72.92
C ASP A 843 7.81 -55.40 -72.31
N SER A 844 8.29 -54.32 -71.71
CA SER A 844 7.39 -53.32 -71.14
C SER A 844 6.64 -52.55 -72.20
N PHE A 845 7.24 -52.31 -73.36
CA PHE A 845 6.56 -51.60 -74.44
C PHE A 845 5.58 -52.50 -75.19
N VAL A 846 5.91 -53.78 -75.37
CA VAL A 846 5.06 -54.67 -76.14
C VAL A 846 3.77 -54.99 -75.40
N ASP A 847 3.85 -55.33 -74.11
CA ASP A 847 2.67 -55.84 -73.42
C ASP A 847 1.61 -54.79 -73.15
N ALA A 848 1.92 -53.51 -73.36
CA ALA A 848 0.94 -52.44 -73.21
C ALA A 848 0.20 -52.11 -74.49
N GLN A 849 0.12 -53.06 -75.43
CA GLN A 849 -0.43 -52.78 -76.75
C GLN A 849 -1.73 -53.54 -77.00
N LYS A 850 -2.42 -53.13 -78.07
CA LYS A 850 -3.51 -53.91 -78.62
C LYS A 850 -2.99 -55.26 -79.11
N VAL A 851 -3.84 -56.29 -78.99
CA VAL A 851 -3.43 -57.66 -79.31
C VAL A 851 -2.98 -57.79 -80.77
N SER A 852 -3.59 -57.01 -81.66
CA SER A 852 -3.12 -56.94 -83.04
C SER A 852 -1.71 -56.40 -83.12
N VAL A 853 -1.41 -55.36 -82.32
CA VAL A 853 -0.05 -54.86 -82.23
C VAL A 853 0.86 -55.88 -81.54
N ARG A 854 0.35 -56.59 -80.53
CA ARG A 854 1.16 -57.57 -79.80
C ARG A 854 1.65 -58.68 -80.71
N ARG A 855 0.77 -59.20 -81.57
CA ARG A 855 1.12 -60.36 -82.39
C ARG A 855 2.23 -60.02 -83.38
N GLN A 856 2.19 -58.82 -83.96
CA GLN A 856 3.26 -58.42 -84.88
C GLN A 856 4.53 -58.06 -84.13
N LEU A 857 4.41 -57.33 -83.01
CA LEU A 857 5.59 -56.85 -82.31
C LEU A 857 6.35 -57.96 -81.62
N ARG A 858 5.67 -59.02 -81.20
CA ARG A 858 6.37 -60.15 -80.59
C ARG A 858 7.24 -60.88 -81.60
N ARG A 859 6.73 -61.03 -82.83
CA ARG A 859 7.51 -61.72 -83.86
C ARG A 859 8.62 -60.83 -84.41
N SER A 860 8.37 -59.51 -84.53
CA SER A 860 9.41 -58.64 -85.06
C SER A 860 10.56 -58.44 -84.08
N PHE A 861 10.26 -58.35 -82.79
CA PHE A 861 11.28 -58.14 -81.77
C PHE A 861 11.68 -59.44 -81.08
N ALA A 862 11.58 -60.57 -81.77
CA ALA A 862 11.99 -61.85 -81.18
C ALA A 862 13.48 -61.93 -80.95
N ILE A 863 14.28 -61.20 -81.72
CA ILE A 863 15.74 -61.25 -81.57
C ILE A 863 16.17 -60.58 -80.27
N TYR A 864 15.45 -59.56 -79.82
CA TYR A 864 15.83 -58.84 -78.61
C TYR A 864 15.19 -59.41 -77.35
N THR A 865 14.01 -60.03 -77.47
CA THR A 865 13.44 -60.73 -76.33
C THR A 865 14.19 -62.01 -76.02
N LEU A 866 14.71 -62.68 -77.04
CA LEU A 866 15.43 -63.95 -76.92
C LEU A 866 14.62 -65.02 -76.19
N PRO B 17 8.42 29.63 -20.25
CA PRO B 17 8.81 30.04 -21.60
C PRO B 17 10.22 29.58 -21.96
N ASP B 18 10.42 29.16 -23.21
CA ASP B 18 11.69 28.68 -23.69
C ASP B 18 12.24 29.63 -24.74
N ALA B 19 13.55 29.89 -24.66
CA ALA B 19 14.17 30.85 -25.58
C ALA B 19 14.23 30.32 -27.00
N VAL B 20 14.59 29.04 -27.16
CA VAL B 20 14.67 28.47 -28.51
C VAL B 20 13.28 28.35 -29.13
N PHE B 21 12.25 28.14 -28.31
CA PHE B 21 10.88 28.12 -28.81
C PHE B 21 10.49 29.48 -29.37
N GLY B 22 10.81 30.55 -28.65
CA GLY B 22 10.51 31.89 -29.14
C GLY B 22 11.33 32.26 -30.36
N ASP B 23 12.59 31.81 -30.41
CA ASP B 23 13.42 32.08 -31.58
C ASP B 23 12.86 31.40 -32.82
N ARG B 24 12.40 30.15 -32.67
CA ARG B 24 11.81 29.45 -33.80
C ARG B 24 10.45 30.04 -34.18
N VAL B 25 9.69 30.54 -33.20
CA VAL B 25 8.44 31.23 -33.49
C VAL B 25 8.70 32.50 -34.32
N ARG B 26 9.74 33.26 -33.93
CA ARG B 26 10.09 34.45 -34.71
C ARG B 26 10.59 34.10 -36.10
N ARG B 27 11.33 32.99 -36.22
CA ARG B 27 11.82 32.59 -37.54
C ARG B 27 10.66 32.19 -38.45
N PHE B 28 9.64 31.52 -37.89
CA PHE B 28 8.45 31.21 -38.69
C PHE B 28 7.61 32.46 -38.97
N GLN B 29 7.62 33.46 -38.08
CA GLN B 29 7.03 34.75 -38.42
C GLN B 29 7.70 35.36 -39.63
N GLU B 30 9.03 35.32 -39.67
CA GLU B 30 9.74 35.85 -40.85
C GLU B 30 9.42 35.03 -42.10
N PHE B 31 9.32 33.71 -41.96
CA PHE B 31 8.99 32.87 -43.11
C PHE B 31 7.59 33.14 -43.63
N LEU B 32 6.63 33.35 -42.73
CA LEU B 32 5.26 33.64 -43.15
C LEU B 32 5.14 35.04 -43.70
N ASP B 33 5.96 35.99 -43.22
CA ASP B 33 5.93 37.32 -43.78
C ASP B 33 6.62 37.38 -45.14
N THR B 34 7.54 36.46 -45.40
CA THR B 34 8.21 36.41 -46.70
C THR B 34 7.26 35.91 -47.79
N PHE B 35 6.53 34.82 -47.51
CA PHE B 35 5.61 34.22 -48.48
C PHE B 35 4.19 34.56 -48.07
N THR B 36 3.53 35.42 -48.84
CA THR B 36 2.19 35.88 -48.50
C THR B 36 1.08 34.94 -48.93
N SER B 37 1.42 33.83 -49.61
CA SER B 37 0.41 32.85 -49.99
C SER B 37 -0.23 32.21 -48.78
N TYR B 38 0.58 31.89 -47.76
CA TYR B 38 0.02 31.35 -46.52
C TYR B 38 -0.80 32.40 -45.79
N ARG B 39 -0.38 33.66 -45.86
CA ARG B 39 -1.10 34.74 -45.19
C ARG B 39 -2.49 34.94 -45.79
N ASP B 40 -2.59 35.03 -47.11
CA ASP B 40 -3.93 35.22 -47.66
C ASP B 40 -4.71 33.91 -47.76
N SER B 41 -4.06 32.75 -47.60
CA SER B 41 -4.82 31.52 -47.37
C SER B 41 -5.51 31.57 -46.00
N VAL B 42 -4.79 32.03 -44.98
CA VAL B 42 -5.40 32.26 -43.66
C VAL B 42 -6.53 33.27 -43.77
N ARG B 43 -6.30 34.35 -44.54
CA ARG B 43 -7.34 35.35 -44.78
C ARG B 43 -8.57 34.72 -45.43
N SER B 44 -8.38 33.87 -46.44
CA SER B 44 -9.50 33.29 -47.16
C SER B 44 -10.27 32.31 -46.27
N ILE B 45 -9.56 31.58 -45.40
CA ILE B 45 -10.25 30.69 -44.47
C ILE B 45 -11.09 31.50 -43.47
N GLN B 46 -10.51 32.57 -42.93
CA GLN B 46 -11.21 33.35 -41.91
C GLN B 46 -12.41 34.10 -42.51
N VAL B 47 -12.28 34.64 -43.71
CA VAL B 47 -13.43 35.35 -44.29
C VAL B 47 -14.51 34.36 -44.69
N TYR B 48 -14.15 33.15 -45.10
CA TYR B 48 -15.16 32.14 -45.40
C TYR B 48 -15.94 31.78 -44.14
N ASN B 49 -15.22 31.57 -43.04
CA ASN B 49 -15.90 31.28 -41.76
C ASN B 49 -16.76 32.45 -41.31
N SER B 50 -16.28 33.68 -41.50
CA SER B 50 -17.02 34.86 -41.06
C SER B 50 -18.29 35.07 -41.87
N ASN B 51 -18.21 34.89 -43.20
CA ASN B 51 -19.42 35.04 -44.01
C ASN B 51 -20.40 33.90 -43.76
N ASN B 52 -19.92 32.69 -43.48
CA ASN B 52 -20.85 31.62 -43.12
C ASN B 52 -21.53 31.91 -41.78
N ALA B 53 -20.79 32.43 -40.80
CA ALA B 53 -21.39 32.80 -39.53
C ALA B 53 -22.38 33.96 -39.70
N ALA B 54 -22.05 34.93 -40.55
CA ALA B 54 -22.96 36.05 -40.79
C ALA B 54 -24.20 35.62 -41.54
N ASN B 55 -24.08 34.68 -42.47
CA ASN B 55 -25.26 34.14 -43.16
C ASN B 55 -26.13 33.33 -42.21
N TYR B 56 -25.50 32.62 -41.26
CA TYR B 56 -26.29 31.93 -40.24
C TYR B 56 -26.98 32.93 -39.31
N ASN B 57 -26.33 34.05 -39.00
CA ASN B 57 -26.94 35.07 -38.15
C ASN B 57 -28.10 35.76 -38.85
N ASP B 58 -27.94 36.08 -40.13
CA ASP B 58 -28.99 36.78 -40.88
C ASP B 58 -30.08 35.81 -41.33
N ASP B 59 -29.70 34.83 -42.15
CA ASP B 59 -30.65 33.82 -42.62
C ASP B 59 -30.63 32.60 -41.71
N LEU B 89 -24.38 25.36 -45.15
CA LEU B 89 -23.28 26.04 -44.48
C LEU B 89 -22.13 25.07 -44.22
N ASN B 90 -20.92 25.60 -44.14
CA ASN B 90 -19.72 24.80 -43.91
C ASN B 90 -18.67 25.64 -43.22
N ILE B 91 -17.85 24.99 -42.42
CA ILE B 91 -16.75 25.66 -41.71
C ILE B 91 -15.45 25.00 -42.14
N LEU B 92 -14.54 25.80 -42.70
CA LEU B 92 -13.26 25.29 -43.14
C LEU B 92 -12.34 25.07 -41.93
N PRO B 93 -11.53 24.03 -41.93
CA PRO B 93 -10.62 23.78 -40.80
C PRO B 93 -9.51 24.81 -40.73
N HIS B 94 -8.96 24.96 -39.53
CA HIS B 94 -7.89 25.92 -39.28
C HIS B 94 -6.55 25.23 -39.46
N ARG B 95 -6.19 25.00 -40.73
CA ARG B 95 -4.89 24.45 -41.05
C ARG B 95 -4.46 24.95 -42.42
N ILE B 96 -3.15 25.03 -42.62
CA ILE B 96 -2.55 25.64 -43.81
C ILE B 96 -1.55 24.65 -44.41
N ILE B 97 -1.64 24.45 -45.73
CA ILE B 97 -0.69 23.59 -46.42
C ILE B 97 0.60 24.36 -46.60
N ILE B 98 1.71 23.82 -46.09
CA ILE B 98 3.01 24.45 -46.18
C ILE B 98 3.88 23.67 -47.15
N SER B 99 4.46 24.36 -48.12
CA SER B 99 5.40 23.73 -49.04
C SER B 99 6.77 23.62 -48.39
N LEU B 100 7.35 22.42 -48.42
CA LEU B 100 8.68 22.23 -47.83
C LEU B 100 9.77 22.83 -48.70
N ASP B 101 9.53 22.95 -50.02
CA ASP B 101 10.54 23.51 -50.90
C ASP B 101 10.74 25.00 -50.65
N ASP B 102 9.64 25.73 -50.42
CA ASP B 102 9.76 27.16 -50.10
C ASP B 102 10.48 27.37 -48.78
N LEU B 103 10.22 26.48 -47.81
CA LEU B 103 10.92 26.56 -46.54
C LEU B 103 12.40 26.24 -46.68
N ARG B 104 12.73 25.28 -47.55
CA ARG B 104 14.12 24.97 -47.83
C ARG B 104 14.82 26.15 -48.49
N GLU B 105 14.12 26.85 -49.39
CA GLU B 105 14.68 28.04 -50.01
C GLU B 105 14.85 29.16 -48.99
N PHE B 106 13.95 29.23 -48.00
CA PHE B 106 14.03 30.30 -47.00
C PHE B 106 15.09 30.00 -45.95
N ASP B 107 14.94 28.89 -45.23
CA ASP B 107 15.85 28.56 -44.13
C ASP B 107 16.13 27.06 -44.19
N ARG B 108 17.38 26.71 -44.50
CA ARG B 108 17.79 25.31 -44.51
C ARG B 108 17.74 24.69 -43.12
N SER B 109 18.16 25.44 -42.10
CA SER B 109 18.22 24.91 -40.75
C SER B 109 16.82 24.60 -40.21
N PHE B 110 15.86 25.49 -40.47
CA PHE B 110 14.51 25.27 -39.96
C PHE B 110 13.80 24.17 -40.75
N TRP B 111 14.09 24.07 -42.05
CA TRP B 111 13.56 22.98 -42.87
C TRP B 111 14.08 21.62 -42.40
N SER B 112 15.39 21.52 -42.17
CA SER B 112 15.96 20.29 -41.62
C SER B 112 15.47 20.03 -40.21
N GLY B 113 15.16 21.09 -39.45
CA GLY B 113 14.59 20.90 -38.13
C GLY B 113 13.20 20.30 -38.18
N ILE B 114 12.37 20.76 -39.11
CA ILE B 114 11.04 20.15 -39.26
C ILE B 114 11.16 18.71 -39.74
N LEU B 115 12.06 18.43 -40.68
CA LEU B 115 12.15 17.07 -41.21
C LEU B 115 12.73 16.10 -40.18
N VAL B 116 13.77 16.50 -39.45
CA VAL B 116 14.51 15.56 -38.61
C VAL B 116 14.01 15.58 -37.17
N GLU B 117 13.73 16.76 -36.61
CA GLU B 117 13.29 16.89 -35.22
C GLU B 117 11.97 17.66 -35.18
N PRO B 118 10.88 17.05 -35.66
CA PRO B 118 9.62 17.79 -35.78
C PRO B 118 9.00 18.15 -34.45
N ALA B 119 9.33 17.45 -33.36
CA ALA B 119 8.76 17.77 -32.07
C ALA B 119 9.25 19.11 -31.54
N TYR B 120 10.45 19.53 -31.94
CA TYR B 120 11.01 20.80 -31.49
C TYR B 120 10.72 21.95 -32.44
N PHE B 121 10.24 21.67 -33.65
CA PHE B 121 10.10 22.69 -34.67
C PHE B 121 8.68 22.91 -35.14
N ILE B 122 7.85 21.86 -35.20
CA ILE B 122 6.46 22.00 -35.61
C ILE B 122 5.63 22.81 -34.61
N PRO B 123 5.68 22.58 -33.30
CA PRO B 123 4.87 23.43 -32.37
C PRO B 123 5.23 24.91 -32.39
N PRO B 124 6.50 25.32 -32.52
CA PRO B 124 6.74 26.76 -32.74
C PRO B 124 6.12 27.31 -34.01
N ALA B 125 6.13 26.52 -35.09
CA ALA B 125 5.52 26.96 -36.34
C ALA B 125 4.01 27.07 -36.20
N GLU B 126 3.39 26.13 -35.49
CA GLU B 126 1.95 26.20 -35.25
C GLU B 126 1.58 27.39 -34.38
N LYS B 127 2.39 27.68 -33.36
CA LYS B 127 2.14 28.87 -32.53
C LYS B 127 2.31 30.15 -33.35
N ALA B 128 3.29 30.17 -34.24
CA ALA B 128 3.49 31.33 -35.11
C ALA B 128 2.30 31.53 -36.04
N LEU B 129 1.78 30.44 -36.61
CA LEU B 129 0.60 30.55 -37.48
C LEU B 129 -0.62 31.01 -36.69
N THR B 130 -0.77 30.52 -35.45
CA THR B 130 -1.88 30.95 -34.61
C THR B 130 -1.78 32.43 -34.27
N ASP B 131 -0.56 32.92 -33.98
CA ASP B 131 -0.37 34.33 -33.69
C ASP B 131 -0.64 35.19 -34.93
N LEU B 132 -0.22 34.72 -36.11
CA LEU B 132 -0.53 35.43 -37.34
C LEU B 132 -2.03 35.50 -37.60
N ALA B 133 -2.73 34.39 -37.35
CA ALA B 133 -4.18 34.36 -37.53
C ALA B 133 -4.89 35.27 -36.55
N ASP B 134 -4.41 35.32 -35.30
CA ASP B 134 -5.03 36.17 -34.29
C ASP B 134 -4.67 37.63 -34.48
N SER B 135 -3.60 37.92 -35.23
CA SER B 135 -3.23 39.31 -35.49
C SER B 135 -4.28 40.01 -36.35
N MET B 136 -4.82 39.31 -37.34
CA MET B 136 -5.80 39.87 -38.25
C MET B 136 -7.23 39.53 -37.89
N ASP B 137 -7.43 38.75 -36.82
CA ASP B 137 -8.77 38.37 -36.38
C ASP B 137 -9.32 39.29 -35.29
N ASP B 138 -8.58 40.35 -34.94
CA ASP B 138 -9.05 41.27 -33.92
C ASP B 138 -10.27 42.06 -34.39
N VAL B 139 -10.26 42.53 -35.64
CA VAL B 139 -11.39 43.27 -36.20
C VAL B 139 -12.62 42.37 -36.35
N PRO B 140 -12.52 41.14 -36.89
CA PRO B 140 -13.76 40.36 -36.82
C PRO B 140 -13.99 39.76 -35.43
N ARG B 150 -10.61 30.71 -32.09
CA ARG B 150 -10.16 30.32 -30.77
C ARG B 150 -9.42 29.00 -30.82
N HIS B 151 -9.82 28.13 -31.75
CA HIS B 151 -9.15 26.85 -31.94
C HIS B 151 -7.76 27.08 -32.53
N PRO B 152 -6.71 26.48 -31.97
CA PRO B 152 -5.37 26.73 -32.48
C PRO B 152 -5.16 26.14 -33.88
N TRP B 153 -4.32 26.82 -34.64
CA TRP B 153 -4.13 26.46 -36.05
C TRP B 153 -3.11 25.33 -36.18
N LYS B 154 -3.40 24.43 -37.10
CA LYS B 154 -2.55 23.27 -37.38
C LYS B 154 -1.77 23.51 -38.66
N LEU B 155 -0.83 22.61 -38.92
CA LEU B 155 0.00 22.70 -40.12
C LEU B 155 -0.04 21.39 -40.87
N SER B 156 0.14 21.49 -42.18
CA SER B 156 0.26 20.35 -43.07
C SER B 156 1.37 20.63 -44.06
N PHE B 157 1.94 19.57 -44.62
CA PHE B 157 3.15 19.68 -45.41
C PHE B 157 3.01 18.99 -46.76
N LYS B 158 3.51 19.66 -47.80
CA LYS B 158 3.65 19.11 -49.13
C LYS B 158 5.06 19.38 -49.63
N GLY B 159 5.44 18.65 -50.68
CA GLY B 159 6.72 18.88 -51.33
C GLY B 159 7.59 17.63 -51.31
N SER B 160 8.84 17.83 -51.69
CA SER B 160 9.81 16.74 -51.71
C SER B 160 10.28 16.45 -50.30
N PHE B 161 10.23 15.17 -49.91
CA PHE B 161 10.69 14.76 -48.59
C PHE B 161 12.04 14.08 -48.63
N GLY B 162 12.60 13.84 -49.81
CA GLY B 162 13.90 13.22 -49.95
C GLY B 162 13.93 11.79 -49.46
N ALA B 163 14.79 11.51 -48.48
CA ALA B 163 14.89 10.18 -47.91
C ALA B 163 13.73 9.85 -46.98
N HIS B 164 12.86 10.82 -46.70
CA HIS B 164 11.71 10.61 -45.82
C HIS B 164 10.45 10.21 -46.58
N ALA B 165 10.51 10.08 -47.90
CA ALA B 165 9.40 9.56 -48.69
C ALA B 165 9.52 8.04 -48.71
N LEU B 166 8.79 7.37 -47.82
CA LEU B 166 9.04 5.98 -47.50
C LEU B 166 7.81 5.13 -47.76
N SER B 167 7.90 3.88 -47.35
CA SER B 167 6.91 2.83 -47.52
C SER B 167 6.70 2.15 -46.18
N PRO B 168 5.56 1.50 -45.97
CA PRO B 168 5.39 0.72 -44.74
C PRO B 168 6.43 -0.37 -44.54
N ARG B 169 6.96 -0.94 -45.63
CA ARG B 169 8.09 -1.85 -45.51
C ARG B 169 9.38 -1.11 -45.22
N THR B 170 9.58 0.05 -45.86
CA THR B 170 10.83 0.77 -45.77
C THR B 170 11.00 1.49 -44.43
N LEU B 171 9.89 1.80 -43.74
CA LEU B 171 9.96 2.39 -42.40
C LEU B 171 10.64 1.46 -41.41
N THR B 172 11.78 1.91 -40.89
CA THR B 172 12.49 1.20 -39.83
C THR B 172 12.59 2.12 -38.63
N ALA B 173 13.34 1.72 -37.61
CA ALA B 173 13.43 2.51 -36.38
C ALA B 173 14.37 3.70 -36.50
N GLN B 174 15.10 3.84 -37.61
CA GLN B 174 15.90 5.04 -37.80
C GLN B 174 15.06 6.24 -38.17
N HIS B 175 13.82 6.02 -38.60
CA HIS B 175 12.91 7.11 -38.95
C HIS B 175 11.99 7.51 -37.80
N LEU B 176 12.20 6.96 -36.61
CA LEU B 176 11.39 7.35 -35.46
C LEU B 176 11.70 8.78 -35.05
N ASN B 177 10.67 9.47 -34.55
CA ASN B 177 10.71 10.89 -34.20
C ASN B 177 11.13 11.74 -35.40
N LYS B 178 10.64 11.39 -36.58
CA LYS B 178 10.93 12.13 -37.79
C LYS B 178 9.65 12.29 -38.60
N LEU B 179 9.62 13.34 -39.41
CA LEU B 179 8.48 13.60 -40.29
C LEU B 179 8.63 12.78 -41.56
N VAL B 180 7.71 11.85 -41.78
CA VAL B 180 7.79 10.92 -42.89
C VAL B 180 6.56 11.10 -43.77
N SER B 181 6.76 10.87 -45.07
CA SER B 181 5.68 10.81 -46.04
C SER B 181 5.59 9.39 -46.57
N VAL B 182 4.54 8.69 -46.20
CA VAL B 182 4.39 7.27 -46.50
C VAL B 182 3.25 7.10 -47.49
N GLU B 183 3.53 6.49 -48.63
CA GLU B 183 2.50 6.14 -49.60
C GLU B 183 2.12 4.68 -49.43
N GLY B 184 0.85 4.37 -49.64
CA GLY B 184 0.39 3.02 -49.45
C GLY B 184 -1.08 2.87 -49.79
N ILE B 185 -1.67 1.79 -49.27
CA ILE B 185 -3.08 1.51 -49.47
C ILE B 185 -3.75 1.37 -48.09
N VAL B 186 -4.91 2.00 -47.94
CA VAL B 186 -5.67 1.91 -46.71
C VAL B 186 -6.38 0.56 -46.68
N THR B 187 -6.09 -0.25 -45.67
CA THR B 187 -6.73 -1.54 -45.50
C THR B 187 -7.82 -1.54 -44.44
N LYS B 188 -7.57 -0.92 -43.28
CA LYS B 188 -8.55 -0.87 -42.20
C LYS B 188 -8.78 0.58 -41.81
N THR B 189 -10.03 0.92 -41.55
CA THR B 189 -10.42 2.25 -41.10
C THR B 189 -11.34 2.08 -39.90
N SER B 190 -10.88 2.50 -38.73
CA SER B 190 -11.67 2.34 -37.52
C SER B 190 -12.83 3.34 -37.52
N LEU B 191 -13.80 3.08 -36.64
CA LEU B 191 -14.94 3.97 -36.49
C LEU B 191 -14.49 5.32 -35.92
N VAL B 192 -15.05 6.39 -36.46
CA VAL B 192 -14.71 7.73 -35.99
C VAL B 192 -15.28 7.91 -34.59
N ARG B 193 -14.42 7.98 -33.60
CA ARG B 193 -14.85 8.00 -32.22
C ARG B 193 -14.55 9.35 -31.60
N PRO B 194 -15.51 9.98 -30.93
CA PRO B 194 -15.21 11.23 -30.23
C PRO B 194 -14.35 10.97 -29.00
N LYS B 195 -13.43 11.88 -28.73
CA LYS B 195 -12.53 11.82 -27.60
C LYS B 195 -12.73 13.07 -26.76
N LEU B 196 -12.96 12.87 -25.47
CA LEU B 196 -13.24 13.98 -24.57
C LEU B 196 -11.98 14.79 -24.32
N ILE B 197 -12.04 16.11 -24.55
CA ILE B 197 -10.92 16.99 -24.27
C ILE B 197 -11.16 17.81 -23.01
N ARG B 198 -12.28 18.51 -22.93
CA ARG B 198 -12.67 19.24 -21.75
C ARG B 198 -14.08 18.85 -21.38
N SER B 199 -14.27 18.44 -20.13
CA SER B 199 -15.58 18.09 -19.60
C SER B 199 -16.09 19.25 -18.75
N VAL B 200 -17.37 19.59 -18.92
CA VAL B 200 -18.02 20.68 -18.20
C VAL B 200 -19.06 20.07 -17.27
N HIS B 201 -19.07 20.53 -16.02
CA HIS B 201 -19.94 20.00 -14.99
C HIS B 201 -20.66 21.14 -14.30
N TYR B 202 -21.80 20.82 -13.70
CA TYR B 202 -22.64 21.78 -13.01
C TYR B 202 -22.84 21.34 -11.56
N ALA B 203 -22.65 22.28 -10.64
CA ALA B 203 -22.95 22.07 -9.23
C ALA B 203 -24.24 22.81 -8.93
N ALA B 204 -25.30 22.05 -8.63
CA ALA B 204 -26.62 22.63 -8.38
C ALA B 204 -26.73 23.26 -7.02
N LYS B 205 -25.97 22.77 -6.03
CA LYS B 205 -26.03 23.36 -4.69
C LYS B 205 -25.48 24.77 -4.68
N THR B 206 -24.33 24.98 -5.32
CA THR B 206 -23.75 26.31 -5.48
C THR B 206 -24.06 26.91 -6.84
N GLY B 207 -24.59 26.13 -7.78
CA GLY B 207 -25.01 26.63 -9.07
C GLY B 207 -23.89 27.11 -9.96
N ARG B 208 -22.76 26.40 -9.97
CA ARG B 208 -21.59 26.87 -10.70
C ARG B 208 -21.12 25.81 -11.68
N PHE B 209 -20.51 26.27 -12.77
CA PHE B 209 -19.98 25.39 -13.80
C PHE B 209 -18.49 25.23 -13.62
N HIS B 210 -18.03 23.98 -13.58
CA HIS B 210 -16.62 23.63 -13.54
C HIS B 210 -16.23 22.98 -14.86
N TYR B 211 -14.92 22.86 -15.06
CA TYR B 211 -14.41 22.15 -16.24
C TYR B 211 -13.11 21.46 -15.87
N ARG B 212 -12.80 20.42 -16.63
CA ARG B 212 -11.52 19.74 -16.53
C ARG B 212 -11.02 19.39 -17.91
N ASP B 213 -9.74 19.67 -18.16
CA ASP B 213 -9.10 19.37 -19.43
C ASP B 213 -8.41 18.02 -19.36
N TYR B 214 -8.38 17.32 -20.48
CA TYR B 214 -7.76 16.00 -20.58
C TYR B 214 -6.81 15.97 -21.76
N THR B 215 -5.63 15.40 -21.55
CA THR B 215 -4.63 15.24 -22.58
C THR B 215 -4.09 13.82 -22.57
N ASP B 216 -3.57 13.39 -23.71
CA ASP B 216 -2.89 12.11 -23.85
C ASP B 216 -1.59 12.33 -24.63
N ALA B 217 -0.83 11.24 -24.79
CA ALA B 217 0.45 11.34 -25.48
C ALA B 217 0.29 11.52 -26.98
N THR B 218 -0.90 11.24 -27.52
CA THR B 218 -1.11 11.36 -28.96
C THR B 218 -1.29 12.81 -29.39
N THR B 219 -2.00 13.62 -28.60
CA THR B 219 -2.32 14.98 -29.03
C THR B 219 -1.12 15.92 -28.99
N THR B 220 -0.02 15.53 -28.35
CA THR B 220 1.17 16.37 -28.30
C THR B 220 2.35 15.67 -28.97
N LEU B 221 3.22 16.48 -29.58
CA LEU B 221 4.44 15.96 -30.19
C LEU B 221 5.55 15.81 -29.16
N THR B 222 5.57 16.68 -28.15
CA THR B 222 6.60 16.67 -27.12
C THR B 222 6.04 16.00 -25.87
N THR B 223 6.73 14.98 -25.37
CA THR B 223 6.27 14.24 -24.21
C THR B 223 6.39 15.08 -22.95
N ARG B 224 5.31 15.13 -22.19
CA ARG B 224 5.26 15.81 -20.90
C ARG B 224 4.97 14.79 -19.82
N ILE B 225 4.93 15.25 -18.58
CA ILE B 225 4.63 14.37 -17.45
C ILE B 225 3.18 13.89 -17.55
N PRO B 226 2.93 12.59 -17.57
CA PRO B 226 1.54 12.12 -17.63
C PRO B 226 0.83 12.31 -16.29
N THR B 227 -0.09 13.27 -16.25
CA THR B 227 -0.88 13.54 -15.05
C THR B 227 -2.30 13.08 -15.29
N PRO B 228 -2.67 11.87 -14.85
CA PRO B 228 -4.05 11.42 -15.06
C PRO B 228 -5.02 12.07 -14.09
N ALA B 229 -5.77 13.05 -14.58
CA ALA B 229 -6.80 13.71 -13.78
C ALA B 229 -8.11 12.95 -13.98
N ILE B 230 -8.64 12.41 -12.88
CA ILE B 230 -9.84 11.60 -12.99
C ILE B 230 -11.04 12.46 -13.34
N TYR B 231 -12.10 11.81 -13.78
CA TYR B 231 -13.33 12.50 -14.14
C TYR B 231 -14.01 13.02 -12.88
N PRO B 232 -14.21 14.32 -12.73
CA PRO B 232 -14.76 14.86 -11.48
C PRO B 232 -16.26 14.61 -11.40
N THR B 233 -16.67 13.85 -10.40
CA THR B 233 -18.07 13.69 -10.05
C THR B 233 -18.45 14.47 -8.80
N GLU B 234 -17.49 15.14 -8.17
CA GLU B 234 -17.70 15.87 -6.94
C GLU B 234 -16.72 17.04 -6.90
N ASP B 235 -17.19 18.20 -6.45
CA ASP B 235 -16.34 19.38 -6.42
C ASP B 235 -15.44 19.35 -5.19
N THR B 236 -14.72 20.44 -4.95
CA THR B 236 -13.83 20.52 -3.79
C THR B 236 -14.61 20.63 -2.48
N GLU B 237 -15.82 21.16 -2.52
CA GLU B 237 -16.65 21.32 -1.33
C GLU B 237 -17.46 20.09 -0.99
N GLY B 238 -17.48 19.08 -1.87
CA GLY B 238 -18.21 17.86 -1.61
C GLY B 238 -19.55 17.75 -2.30
N ASN B 239 -19.94 18.72 -3.11
CA ASN B 239 -21.24 18.69 -3.78
C ASN B 239 -21.17 17.85 -5.05
N LYS B 240 -22.29 17.19 -5.36
CA LYS B 240 -22.36 16.34 -6.54
C LYS B 240 -22.38 17.19 -7.80
N LEU B 241 -21.66 16.73 -8.83
CA LEU B 241 -21.60 17.39 -10.12
C LEU B 241 -22.45 16.64 -11.14
N THR B 242 -23.12 17.38 -12.00
CA THR B 242 -23.86 16.83 -13.13
C THR B 242 -23.08 17.10 -14.40
N THR B 243 -22.84 16.06 -15.20
CA THR B 243 -22.15 16.23 -16.46
C THR B 243 -23.01 17.03 -17.44
N GLU B 244 -22.43 18.09 -17.99
CA GLU B 244 -23.10 18.96 -18.94
C GLU B 244 -22.65 18.56 -20.35
N TYR B 245 -23.29 17.54 -20.90
CA TYR B 245 -23.07 17.19 -22.29
C TYR B 245 -23.62 18.30 -23.17
N GLY B 246 -22.92 18.60 -24.25
CA GLY B 246 -23.31 19.73 -25.07
C GLY B 246 -22.46 20.93 -24.80
N TYR B 247 -21.92 21.02 -23.58
CA TYR B 247 -20.91 22.01 -23.25
C TYR B 247 -19.51 21.41 -23.16
N SER B 248 -19.41 20.10 -22.98
CA SER B 248 -18.13 19.42 -23.09
C SER B 248 -17.70 19.36 -24.56
N THR B 249 -16.39 19.27 -24.78
CA THR B 249 -15.84 19.23 -26.12
C THR B 249 -15.26 17.86 -26.44
N PHE B 250 -15.60 17.36 -27.62
CA PHE B 250 -15.17 16.06 -28.10
C PHE B 250 -14.55 16.24 -29.48
N ILE B 251 -13.38 15.66 -29.67
CA ILE B 251 -12.65 15.74 -30.93
C ILE B 251 -12.66 14.38 -31.60
N ASP B 252 -12.98 14.35 -32.89
CA ASP B 252 -13.05 13.10 -33.62
C ASP B 252 -11.67 12.47 -33.74
N HIS B 253 -11.61 11.16 -33.50
CA HIS B 253 -10.37 10.41 -33.53
C HIS B 253 -10.57 9.20 -34.43
N GLN B 254 -9.58 8.92 -35.27
CA GLN B 254 -9.65 7.78 -36.18
C GLN B 254 -8.31 7.06 -36.19
N ARG B 255 -8.38 5.75 -36.38
CA ARG B 255 -7.21 4.93 -36.64
C ARG B 255 -7.35 4.32 -38.02
N ILE B 256 -6.32 4.47 -38.85
CA ILE B 256 -6.29 3.79 -40.14
C ILE B 256 -5.03 2.94 -40.20
N THR B 257 -5.08 1.92 -41.04
CA THR B 257 -3.95 1.04 -41.28
C THR B 257 -3.52 1.19 -42.73
N VAL B 258 -2.28 1.59 -42.94
CA VAL B 258 -1.74 1.84 -44.27
C VAL B 258 -0.79 0.68 -44.57
N GLN B 259 -1.12 -0.07 -45.61
CA GLN B 259 -0.33 -1.18 -46.11
C GLN B 259 0.38 -0.74 -47.38
N GLU B 260 1.47 -1.43 -47.71
CA GLU B 260 2.17 -1.14 -48.95
C GLU B 260 1.27 -1.49 -50.15
N MET B 261 1.40 -0.69 -51.21
CA MET B 261 0.57 -0.88 -52.38
C MET B 261 0.90 -2.22 -53.04
N PRO B 262 -0.12 -2.97 -53.48
CA PRO B 262 0.14 -4.24 -54.19
C PRO B 262 0.87 -4.04 -55.52
N GLU B 263 0.86 -2.84 -56.07
CA GLU B 263 1.62 -2.54 -57.28
C GLU B 263 3.12 -2.43 -57.01
N MET B 264 3.51 -1.97 -55.83
CA MET B 264 4.92 -1.81 -55.47
C MET B 264 5.36 -2.80 -54.40
N ALA B 265 4.59 -3.80 -54.13
CA ALA B 265 4.99 -4.78 -53.14
C ALA B 265 5.69 -5.96 -53.80
N PRO B 266 6.58 -6.65 -53.07
CA PRO B 266 7.11 -7.92 -53.58
C PRO B 266 5.99 -8.93 -53.79
N ALA B 267 6.11 -9.72 -54.85
CA ALA B 267 4.98 -10.46 -55.37
C ALA B 267 4.63 -11.71 -54.57
N GLY B 268 5.44 -12.11 -53.60
CA GLY B 268 5.14 -13.31 -52.85
C GLY B 268 5.18 -13.15 -51.34
N GLN B 269 5.72 -12.02 -50.87
CA GLN B 269 5.93 -11.84 -49.45
C GLN B 269 4.68 -11.26 -48.78
N LEU B 270 4.60 -11.48 -47.47
CA LEU B 270 3.53 -10.88 -46.69
C LEU B 270 3.74 -9.37 -46.61
N PRO B 271 2.67 -8.58 -46.70
CA PRO B 271 2.82 -7.14 -46.72
C PRO B 271 3.00 -6.56 -45.32
N ARG B 272 3.63 -5.40 -45.28
CA ARG B 272 3.88 -4.67 -44.04
C ARG B 272 2.92 -3.49 -43.93
N SER B 273 2.50 -3.21 -42.70
CA SER B 273 1.47 -2.20 -42.46
C SER B 273 1.86 -1.34 -41.28
N ILE B 274 1.32 -0.13 -41.25
CA ILE B 274 1.53 0.83 -40.17
C ILE B 274 0.19 1.40 -39.75
N ASP B 275 0.16 1.94 -38.54
CA ASP B 275 -1.02 2.58 -38.00
C ASP B 275 -0.86 4.10 -38.02
N VAL B 276 -1.92 4.79 -38.41
CA VAL B 276 -1.93 6.25 -38.50
C VAL B 276 -3.11 6.77 -37.70
N ILE B 277 -2.84 7.73 -36.82
CA ILE B 277 -3.86 8.38 -35.99
C ILE B 277 -4.27 9.68 -36.65
N LEU B 278 -5.57 9.91 -36.75
CA LEU B 278 -6.12 11.14 -37.32
C LEU B 278 -7.01 11.84 -36.31
N ASP B 279 -6.97 13.17 -36.34
CA ASP B 279 -7.72 14.06 -35.48
C ASP B 279 -8.86 14.69 -36.29
N ASP B 280 -9.53 15.68 -35.69
CA ASP B 280 -10.88 16.08 -36.09
C ASP B 280 -10.99 16.47 -37.55
N ASP B 281 -10.09 17.32 -38.03
CA ASP B 281 -10.18 17.78 -39.41
C ASP B 281 -9.67 16.76 -40.43
N LEU B 282 -9.02 15.69 -39.98
CA LEU B 282 -8.44 14.70 -40.89
C LEU B 282 -9.19 13.37 -40.90
N VAL B 283 -10.24 13.22 -40.10
CA VAL B 283 -11.03 11.98 -40.13
C VAL B 283 -11.88 11.97 -41.38
N ASP B 284 -12.28 10.75 -41.79
CA ASP B 284 -13.21 10.51 -42.91
C ASP B 284 -12.69 11.04 -44.24
N LYS B 285 -11.38 11.21 -44.35
CA LYS B 285 -10.76 11.58 -45.61
C LYS B 285 -10.35 10.36 -46.43
N THR B 286 -10.49 9.17 -45.87
CA THR B 286 -10.09 7.93 -46.51
C THR B 286 -11.19 6.89 -46.35
N LYS B 287 -11.21 5.94 -47.27
CA LYS B 287 -12.00 4.73 -47.17
C LYS B 287 -11.06 3.57 -47.48
N PRO B 288 -11.37 2.37 -46.99
CA PRO B 288 -10.53 1.21 -47.32
C PRO B 288 -10.47 0.95 -48.81
N GLY B 289 -9.28 0.59 -49.28
CA GLY B 289 -9.03 0.40 -50.69
C GLY B 289 -8.42 1.60 -51.38
N ASP B 290 -8.42 2.77 -50.74
CA ASP B 290 -7.78 3.94 -51.32
C ASP B 290 -6.26 3.80 -51.30
N ARG B 291 -5.63 4.38 -52.31
CA ARG B 291 -4.20 4.64 -52.27
C ARG B 291 -4.01 6.03 -51.67
N VAL B 292 -3.08 6.14 -50.72
CA VAL B 292 -2.95 7.36 -49.94
C VAL B 292 -1.48 7.73 -49.79
N ASN B 293 -1.27 9.01 -49.49
CA ASN B 293 0.01 9.54 -49.03
C ASN B 293 -0.23 10.24 -47.71
N VAL B 294 0.36 9.72 -46.64
CA VAL B 294 0.18 10.25 -45.29
C VAL B 294 1.48 10.91 -44.87
N VAL B 295 1.40 12.19 -44.52
CA VAL B 295 2.53 12.94 -43.99
C VAL B 295 2.30 13.05 -42.49
N GLY B 296 3.28 12.61 -41.70
CA GLY B 296 3.13 12.67 -40.27
C GLY B 296 4.40 12.28 -39.55
N VAL B 297 4.38 12.48 -38.24
CA VAL B 297 5.53 12.20 -37.38
C VAL B 297 5.46 10.74 -36.95
N PHE B 298 6.53 10.00 -37.20
CA PHE B 298 6.65 8.60 -36.77
C PHE B 298 7.09 8.58 -35.32
N LYS B 299 6.19 8.21 -34.42
CA LYS B 299 6.41 8.39 -32.99
C LYS B 299 6.21 7.07 -32.23
N SER B 300 7.05 6.87 -31.22
CA SER B 300 6.96 5.72 -30.32
C SER B 300 6.34 6.18 -29.00
N LEU B 301 5.56 5.29 -28.38
CA LEU B 301 4.76 5.63 -27.21
C LEU B 301 4.96 4.60 -26.11
N GLY B 302 4.74 5.05 -24.88
CA GLY B 302 4.78 4.18 -23.73
C GLY B 302 6.19 3.69 -23.42
N ALA B 303 6.23 2.64 -22.61
CA ALA B 303 7.46 1.91 -22.32
C ALA B 303 7.29 0.48 -22.81
N GLY B 304 8.25 0.02 -23.62
CA GLY B 304 8.16 -1.31 -24.18
C GLY B 304 8.48 -2.40 -23.16
N GLY B 305 7.62 -2.56 -22.17
CA GLY B 305 7.82 -3.57 -21.17
C GLY B 305 8.89 -3.27 -20.15
N MET B 306 9.37 -2.02 -20.08
CA MET B 306 10.46 -1.68 -19.18
C MET B 306 9.99 -1.25 -17.80
N ASN B 307 8.69 -1.20 -17.55
CA ASN B 307 8.21 -1.02 -16.20
C ASN B 307 8.02 -2.38 -15.52
N GLN B 308 7.67 -2.35 -14.23
CA GLN B 308 7.41 -3.58 -13.51
C GLN B 308 6.08 -4.20 -13.90
N SER B 309 5.04 -3.37 -14.08
CA SER B 309 3.71 -3.89 -14.38
C SER B 309 3.66 -4.52 -15.77
N ASN B 310 4.29 -3.90 -16.76
CA ASN B 310 4.30 -4.47 -18.10
C ASN B 310 5.20 -5.70 -18.17
N SER B 311 6.38 -5.63 -17.56
CA SER B 311 7.36 -6.72 -17.49
C SER B 311 7.72 -7.31 -18.85
N THR B 313 6.83 -8.83 -21.84
CA THR B 313 6.28 -8.91 -23.19
C THR B 313 7.21 -8.25 -24.19
N LEU B 314 7.10 -8.64 -25.46
CA LEU B 314 7.92 -8.09 -26.53
C LEU B 314 7.07 -7.58 -27.69
N ILE B 315 6.06 -6.76 -27.38
CA ILE B 315 5.47 -5.94 -28.43
C ILE B 315 6.45 -4.86 -28.85
N GLY B 316 7.49 -4.61 -28.05
CA GLY B 316 8.40 -3.53 -28.29
C GLY B 316 7.74 -2.22 -27.94
N PHE B 317 8.35 -1.14 -28.41
CA PHE B 317 7.69 0.16 -28.32
C PHE B 317 6.66 0.26 -29.43
N LYS B 318 5.43 0.62 -29.07
CA LYS B 318 4.38 0.76 -30.07
C LYS B 318 4.69 1.95 -30.97
N THR B 319 4.57 1.72 -32.27
CA THR B 319 4.96 2.70 -33.28
C THR B 319 3.76 3.00 -34.16
N LEU B 320 3.53 4.29 -34.41
CA LEU B 320 2.44 4.75 -35.26
C LEU B 320 2.81 6.11 -35.83
N ILE B 321 1.92 6.65 -36.66
CA ILE B 321 2.14 7.93 -37.30
C ILE B 321 1.04 8.89 -36.86
N LEU B 322 1.45 10.02 -36.28
CA LEU B 322 0.54 11.12 -36.01
C LEU B 322 0.30 11.86 -37.32
N GLY B 323 -0.84 11.60 -37.94
CA GLY B 323 -1.11 12.12 -39.27
C GLY B 323 -1.23 13.63 -39.26
N ASN B 324 -0.45 14.29 -40.12
CA ASN B 324 -0.57 15.71 -40.37
C ASN B 324 -1.30 16.01 -41.67
N THR B 325 -1.05 15.21 -42.70
CA THR B 325 -1.62 15.44 -44.02
C THR B 325 -2.05 14.11 -44.61
N VAL B 326 -3.24 14.09 -45.22
CA VAL B 326 -3.75 12.91 -45.91
C VAL B 326 -4.08 13.32 -47.33
N TYR B 327 -3.37 12.72 -48.30
CA TYR B 327 -3.65 12.95 -49.70
C TYR B 327 -4.16 11.66 -50.33
N PRO B 328 -5.45 11.54 -50.64
CA PRO B 328 -5.92 10.37 -51.39
C PRO B 328 -5.43 10.43 -52.83
N LEU B 329 -4.47 9.57 -53.15
CA LEU B 329 -3.88 9.50 -54.47
C LEU B 329 -4.79 8.72 -55.41
N HIS B 330 -4.85 9.16 -56.67
CA HIS B 330 -5.54 8.42 -57.71
C HIS B 330 -4.58 7.40 -58.30
N ALA B 331 -5.03 6.17 -58.41
CA ALA B 331 -4.27 5.11 -59.06
C ALA B 331 -5.19 4.37 -60.03
N ARG B 332 -4.57 3.64 -60.95
CA ARG B 332 -5.31 2.95 -61.99
C ARG B 332 -6.14 1.82 -61.39
N SER B 333 -7.42 1.77 -61.78
CA SER B 333 -8.39 0.77 -61.33
C SER B 333 -8.53 0.76 -59.81
N THR B 334 -8.67 1.95 -59.23
CA THR B 334 -8.88 2.12 -57.80
C THR B 334 -10.13 2.97 -57.57
N GLY B 335 -10.45 3.20 -56.30
CA GLY B 335 -11.64 3.93 -55.92
C GLY B 335 -11.53 5.43 -55.82
N VAL B 336 -10.33 5.98 -56.00
CA VAL B 336 -10.13 7.42 -55.95
C VAL B 336 -10.23 7.98 -57.36
N ALA B 337 -11.06 9.00 -57.54
CA ALA B 337 -11.26 9.62 -58.84
C ALA B 337 -10.19 10.68 -59.08
N ALA B 338 -9.65 10.69 -60.30
CA ALA B 338 -8.65 11.67 -60.67
C ALA B 338 -9.29 13.03 -60.85
N ARG B 339 -8.72 14.04 -60.18
CA ARG B 339 -9.18 15.42 -60.29
C ARG B 339 -7.99 16.29 -60.65
N GLN B 340 -8.21 17.22 -61.58
CA GLN B 340 -7.16 18.10 -62.07
C GLN B 340 -7.61 19.55 -61.92
N MET B 341 -6.68 20.40 -61.46
CA MET B 341 -7.01 21.80 -61.18
C MET B 341 -7.17 22.56 -62.48
N LEU B 342 -8.33 23.19 -62.65
CA LEU B 342 -8.66 23.92 -63.87
C LEU B 342 -8.26 25.38 -63.69
N THR B 343 -7.18 25.79 -64.36
CA THR B 343 -6.78 27.18 -64.36
C THR B 343 -7.68 27.98 -65.30
N ASP B 344 -7.57 29.32 -65.21
CA ASP B 344 -8.36 30.19 -66.06
C ASP B 344 -7.99 30.04 -67.53
N PHE B 345 -6.69 29.88 -67.82
CA PHE B 345 -6.24 29.69 -69.20
C PHE B 345 -6.83 28.42 -69.79
N ASP B 346 -6.88 27.35 -69.01
CA ASP B 346 -7.43 26.09 -69.49
C ASP B 346 -8.94 26.18 -69.69
N ILE B 347 -9.63 26.95 -68.85
CA ILE B 347 -11.07 27.19 -69.03
C ILE B 347 -11.32 27.96 -70.32
N ARG B 348 -10.51 28.99 -70.59
CA ARG B 348 -10.64 29.73 -71.85
C ARG B 348 -10.34 28.84 -73.04
N ASN B 349 -9.36 27.94 -72.92
CA ASN B 349 -9.07 26.99 -73.99
C ASN B 349 -10.25 26.07 -74.23
N ILE B 350 -10.87 25.56 -73.16
CA ILE B 350 -12.01 24.66 -73.29
C ILE B 350 -13.17 25.37 -73.98
N ASN B 351 -13.43 26.61 -73.57
CA ASN B 351 -14.48 27.40 -74.21
C ASN B 351 -14.15 27.73 -75.66
N LYS B 352 -12.86 27.82 -76.00
CA LYS B 352 -12.48 28.06 -77.38
C LYS B 352 -12.69 26.81 -78.24
N LEU B 353 -12.43 25.62 -77.66
CA LEU B 353 -12.79 24.39 -78.36
C LEU B 353 -14.29 24.26 -78.57
N SER B 354 -15.08 24.60 -77.55
CA SER B 354 -16.52 24.36 -77.61
C SER B 354 -17.23 25.16 -78.70
N LYS B 355 -16.61 26.24 -79.20
CA LYS B 355 -17.26 27.05 -80.22
C LYS B 355 -17.05 26.54 -81.63
N LYS B 356 -16.16 25.57 -81.83
CA LYS B 356 -15.90 25.06 -83.17
C LYS B 356 -16.98 24.08 -83.58
N LYS B 357 -17.29 24.08 -84.88
CA LYS B 357 -18.26 23.16 -85.45
C LYS B 357 -17.74 21.73 -85.54
N ASP B 358 -16.42 21.55 -85.58
CA ASP B 358 -15.79 20.25 -85.78
C ASP B 358 -15.43 19.62 -84.43
N ILE B 359 -16.04 20.10 -83.35
CA ILE B 359 -15.54 19.80 -82.00
C ILE B 359 -15.69 18.32 -81.66
N PHE B 360 -16.78 17.69 -82.11
CA PHE B 360 -17.01 16.29 -81.82
C PHE B 360 -15.98 15.39 -82.49
N ASP B 361 -15.51 15.76 -83.67
CA ASP B 361 -14.62 14.93 -84.46
C ASP B 361 -13.14 15.16 -84.12
N ILE B 362 -12.79 16.16 -83.33
CA ILE B 362 -11.44 16.32 -82.81
C ILE B 362 -11.26 15.58 -81.50
N LEU B 363 -12.23 15.72 -80.60
CA LEU B 363 -12.15 15.03 -79.32
C LEU B 363 -12.28 13.51 -79.49
N SER B 364 -13.08 13.07 -80.46
CA SER B 364 -13.19 11.65 -80.74
C SER B 364 -11.92 11.10 -81.38
N GLN B 365 -11.42 11.78 -82.42
CA GLN B 365 -10.21 11.32 -83.09
C GLN B 365 -8.96 11.50 -82.26
N SER B 366 -9.01 12.31 -81.21
CA SER B 366 -7.89 12.52 -80.31
C SER B 366 -7.91 11.56 -79.14
N LEU B 367 -8.77 10.55 -79.16
CA LEU B 367 -8.79 9.59 -78.07
C LEU B 367 -7.57 8.70 -78.15
N ALA B 368 -7.54 7.82 -79.14
CA ALA B 368 -6.46 6.84 -79.30
C ALA B 368 -5.94 6.98 -80.72
N PRO B 369 -5.07 7.97 -80.96
CA PRO B 369 -4.51 8.15 -82.31
C PRO B 369 -3.62 7.01 -82.76
N SER B 370 -3.17 6.16 -81.84
CA SER B 370 -2.34 5.01 -82.19
C SER B 370 -3.16 3.80 -82.59
N ILE B 371 -4.48 3.90 -82.59
CA ILE B 371 -5.37 2.87 -83.12
C ILE B 371 -5.98 3.42 -84.41
N TYR B 372 -5.76 2.71 -85.51
CA TYR B 372 -6.27 3.18 -86.79
C TYR B 372 -7.74 2.81 -86.94
N GLY B 373 -8.53 3.75 -87.46
CA GLY B 373 -9.95 3.50 -87.65
C GLY B 373 -10.70 3.49 -86.33
N HIS B 374 -11.81 2.74 -86.33
CA HIS B 374 -12.71 2.60 -85.17
C HIS B 374 -13.25 3.96 -84.71
N ASP B 375 -13.51 4.85 -85.68
CA ASP B 375 -13.88 6.22 -85.35
C ASP B 375 -15.21 6.32 -84.63
N HIS B 376 -16.21 5.55 -85.06
CA HIS B 376 -17.50 5.56 -84.40
C HIS B 376 -17.41 5.02 -82.97
N ILE B 377 -16.51 4.08 -82.74
CA ILE B 377 -16.26 3.61 -81.38
C ILE B 377 -15.62 4.71 -80.54
N LYS B 378 -14.75 5.51 -81.15
CA LYS B 378 -14.18 6.66 -80.44
C LYS B 378 -15.27 7.66 -80.06
N LYS B 379 -16.21 7.89 -80.99
CA LYS B 379 -17.34 8.76 -80.69
C LYS B 379 -18.18 8.21 -79.54
N ALA B 380 -18.45 6.91 -79.56
CA ALA B 380 -19.25 6.29 -78.50
C ALA B 380 -18.53 6.36 -77.16
N ILE B 381 -17.21 6.15 -77.16
CA ILE B 381 -16.44 6.20 -75.92
C ILE B 381 -16.41 7.61 -75.36
N LEU B 382 -16.30 8.61 -76.24
CA LEU B 382 -16.36 10.01 -75.79
C LEU B 382 -17.72 10.34 -75.19
N LEU B 383 -18.80 9.89 -75.85
CA LEU B 383 -20.14 10.14 -75.31
C LEU B 383 -20.37 9.39 -74.00
N MET B 384 -19.76 8.22 -73.85
CA MET B 384 -19.82 7.51 -72.57
C MET B 384 -19.08 8.26 -71.48
N LEU B 385 -17.93 8.85 -71.83
CA LEU B 385 -17.17 9.64 -70.88
C LEU B 385 -17.93 10.89 -70.46
N MET B 386 -18.71 11.48 -71.36
CA MET B 386 -19.57 12.59 -70.98
C MET B 386 -20.67 12.15 -70.02
N GLY B 387 -21.39 11.09 -70.37
CA GLY B 387 -22.17 10.33 -69.41
C GLY B 387 -23.62 10.69 -69.26
N GLY B 388 -24.18 11.56 -70.11
CA GLY B 388 -25.60 11.86 -70.06
C GLY B 388 -26.01 12.60 -68.80
N VAL B 389 -27.32 12.71 -68.62
CA VAL B 389 -27.91 13.35 -67.44
C VAL B 389 -28.85 12.37 -66.77
N GLU B 390 -28.63 12.14 -65.49
CA GLU B 390 -29.43 11.23 -64.69
C GLU B 390 -30.65 11.97 -64.13
N LYS B 391 -31.83 11.40 -64.35
CA LYS B 391 -33.08 12.02 -63.90
C LYS B 391 -33.56 11.33 -62.64
N ASN B 392 -33.89 12.14 -61.63
CA ASN B 392 -34.45 11.66 -60.38
C ASN B 392 -35.84 12.25 -60.23
N LEU B 393 -36.86 11.43 -60.45
CA LEU B 393 -38.23 11.90 -60.50
C LEU B 393 -38.75 12.18 -59.09
N GLU B 394 -39.85 12.91 -59.03
CA GLU B 394 -40.35 13.40 -57.73
C GLU B 394 -40.94 12.28 -56.86
N ASN B 395 -41.40 11.19 -57.46
CA ASN B 395 -41.97 10.07 -56.70
C ASN B 395 -40.91 9.07 -56.28
N GLY B 396 -39.65 9.31 -56.64
CA GLY B 396 -38.57 8.41 -56.29
C GLY B 396 -38.09 7.51 -57.40
N SER B 397 -38.80 7.46 -58.52
CA SER B 397 -38.36 6.67 -59.66
C SER B 397 -37.14 7.31 -60.30
N HIS B 398 -36.31 6.47 -60.94
CA HIS B 398 -34.99 6.86 -61.39
C HIS B 398 -34.78 6.51 -62.85
N LEU B 399 -34.14 7.43 -63.58
CA LEU B 399 -33.86 7.26 -65.00
C LEU B 399 -32.36 7.38 -65.25
N ARG B 400 -31.85 6.51 -66.11
CA ARG B 400 -30.42 6.42 -66.36
C ARG B 400 -29.91 7.62 -67.14
N GLY B 401 -28.62 7.89 -66.97
CA GLY B 401 -27.92 8.84 -67.81
C GLY B 401 -26.72 8.20 -68.48
N ASP B 402 -26.20 7.14 -67.87
CA ASP B 402 -24.98 6.49 -68.30
C ASP B 402 -25.16 5.74 -69.61
N ILE B 403 -24.10 5.73 -70.42
CA ILE B 403 -24.08 5.07 -71.72
C ILE B 403 -23.18 3.85 -71.60
N ASN B 404 -23.68 2.70 -72.05
CA ASN B 404 -22.95 1.44 -71.99
C ASN B 404 -22.63 0.96 -73.40
N ILE B 405 -21.40 0.50 -73.61
CA ILE B 405 -20.91 0.11 -74.92
C ILE B 405 -20.45 -1.35 -74.86
N LEU B 406 -20.90 -2.16 -75.82
CA LEU B 406 -20.41 -3.51 -76.00
C LEU B 406 -19.74 -3.61 -77.36
N MET B 407 -18.56 -4.23 -77.40
CA MET B 407 -17.87 -4.50 -78.65
C MET B 407 -17.63 -5.99 -78.77
N VAL B 408 -18.15 -6.58 -79.84
CA VAL B 408 -17.93 -7.99 -80.14
C VAL B 408 -17.31 -8.06 -81.53
N GLY B 409 -16.39 -8.99 -81.74
CA GLY B 409 -15.88 -9.19 -83.08
C GLY B 409 -14.61 -10.01 -83.09
N ASP B 410 -13.93 -9.93 -84.24
CA ASP B 410 -12.80 -10.80 -84.53
C ASP B 410 -11.64 -10.53 -83.59
N PRO B 411 -10.80 -11.52 -83.32
CA PRO B 411 -9.66 -11.31 -82.43
C PRO B 411 -8.65 -10.35 -83.04
N SER B 412 -7.91 -9.70 -82.14
CA SER B 412 -6.82 -8.78 -82.48
C SER B 412 -7.33 -7.60 -83.31
N THR B 413 -8.33 -6.89 -82.76
CA THR B 413 -8.96 -5.74 -83.41
C THR B 413 -9.08 -4.55 -82.46
N ALA B 414 -8.07 -4.33 -81.62
CA ALA B 414 -7.95 -3.16 -80.75
C ALA B 414 -9.10 -3.05 -79.75
N LYS B 415 -9.66 -4.19 -79.34
CA LYS B 415 -10.69 -4.16 -78.32
C LYS B 415 -10.07 -4.01 -76.92
N SER B 416 -9.12 -4.88 -76.58
CA SER B 416 -8.46 -4.80 -75.29
C SER B 416 -7.67 -3.50 -75.16
N GLN B 417 -7.10 -3.00 -76.25
CA GLN B 417 -6.37 -1.74 -76.18
C GLN B 417 -7.32 -0.57 -75.94
N LEU B 418 -8.51 -0.60 -76.54
CA LEU B 418 -9.49 0.44 -76.27
C LEU B 418 -10.00 0.37 -74.84
N LEU B 419 -10.19 -0.84 -74.30
CA LEU B 419 -10.57 -0.97 -72.90
C LEU B 419 -9.49 -0.43 -71.98
N ARG B 420 -8.22 -0.71 -72.28
CA ARG B 420 -7.13 -0.18 -71.48
C ARG B 420 -7.01 1.33 -71.61
N PHE B 421 -7.31 1.87 -72.80
CA PHE B 421 -7.37 3.32 -72.94
C PHE B 421 -8.45 3.93 -72.07
N VAL B 422 -9.64 3.31 -72.03
CA VAL B 422 -10.69 3.83 -71.16
C VAL B 422 -10.27 3.71 -69.70
N LEU B 423 -9.56 2.64 -69.34
CA LEU B 423 -9.02 2.51 -67.99
C LEU B 423 -8.03 3.63 -67.67
N ASN B 424 -7.17 3.99 -68.62
CA ASN B 424 -6.17 5.03 -68.40
C ASN B 424 -6.72 6.44 -68.41
N THR B 425 -7.70 6.77 -69.26
CA THR B 425 -8.10 8.15 -69.46
C THR B 425 -9.32 8.57 -68.66
N ALA B 426 -10.09 7.64 -68.11
CA ALA B 426 -11.26 7.98 -67.35
C ALA B 426 -10.87 8.32 -65.92
N SER B 427 -11.73 9.08 -65.25
CA SER B 427 -11.44 9.52 -63.88
C SER B 427 -11.49 8.35 -62.91
N LEU B 428 -12.49 7.48 -63.03
CA LEU B 428 -12.72 6.43 -62.04
C LEU B 428 -13.04 5.11 -62.75
N ALA B 429 -12.18 4.70 -63.68
CA ALA B 429 -12.36 3.43 -64.36
C ALA B 429 -11.76 2.30 -63.55
N ILE B 430 -12.47 1.17 -63.50
CA ILE B 430 -12.02 -0.04 -62.81
C ILE B 430 -12.08 -1.20 -63.79
N ALA B 431 -10.97 -1.93 -63.92
CA ALA B 431 -10.85 -3.00 -64.90
C ALA B 431 -11.19 -4.35 -64.26
N THR B 432 -12.04 -5.11 -64.94
CA THR B 432 -12.37 -6.48 -64.57
C THR B 432 -12.29 -7.36 -65.81
N THR B 433 -12.11 -8.67 -65.58
CA THR B 433 -12.13 -9.66 -66.64
C THR B 433 -13.27 -10.63 -66.39
N GLY B 434 -13.50 -11.51 -67.35
CA GLY B 434 -14.64 -12.41 -67.31
C GLY B 434 -14.65 -13.41 -66.18
N ARG B 435 -13.74 -14.39 -66.23
CA ARG B 435 -13.72 -15.43 -65.21
C ARG B 435 -13.09 -14.95 -63.92
N GLY B 436 -12.23 -13.94 -63.99
CA GLY B 436 -11.39 -13.58 -62.85
C GLY B 436 -12.18 -13.09 -61.66
N SER B 437 -13.21 -12.31 -61.91
CA SER B 437 -14.08 -11.81 -60.84
C SER B 437 -15.47 -12.42 -60.98
N SER B 438 -16.14 -12.61 -59.85
CA SER B 438 -17.37 -13.37 -59.78
C SER B 438 -18.51 -12.48 -59.32
N GLY B 439 -19.66 -13.10 -59.04
CA GLY B 439 -20.85 -12.34 -58.65
C GLY B 439 -20.66 -11.54 -57.38
N VAL B 440 -19.99 -12.13 -56.39
CA VAL B 440 -19.60 -11.36 -55.21
C VAL B 440 -18.39 -10.47 -55.51
N GLY B 441 -17.60 -10.81 -56.52
CA GLY B 441 -16.45 -10.00 -56.86
C GLY B 441 -16.83 -8.65 -57.45
N LEU B 442 -17.84 -8.63 -58.30
CA LEU B 442 -18.22 -7.36 -58.94
C LEU B 442 -19.14 -6.53 -58.08
N THR B 443 -20.06 -7.14 -57.34
CA THR B 443 -21.11 -6.37 -56.66
C THR B 443 -20.76 -6.04 -55.21
N ALA B 444 -20.67 -7.05 -54.35
CA ALA B 444 -20.53 -6.85 -52.92
C ALA B 444 -20.35 -8.21 -52.25
N ALA B 445 -19.85 -8.18 -51.02
CA ALA B 445 -19.74 -9.39 -50.21
C ALA B 445 -19.84 -9.00 -48.74
N VAL B 446 -19.93 -10.01 -47.88
CA VAL B 446 -20.11 -9.83 -46.45
C VAL B 446 -18.91 -10.40 -45.72
N THR B 447 -18.42 -9.65 -44.73
CA THR B 447 -17.32 -10.08 -43.87
C THR B 447 -17.70 -9.80 -42.42
N THR B 448 -16.79 -10.13 -41.50
CA THR B 448 -17.06 -10.02 -40.07
C THR B 448 -16.08 -9.03 -39.43
N ASP B 449 -16.62 -8.09 -38.67
CA ASP B 449 -15.80 -7.12 -37.96
C ASP B 449 -15.14 -7.74 -36.74
N ARG B 450 -13.87 -7.39 -36.50
CA ARG B 450 -13.16 -7.91 -35.34
C ARG B 450 -13.60 -7.19 -34.05
N GLU B 451 -13.79 -5.87 -34.12
CA GLU B 451 -14.07 -5.11 -32.92
C GLU B 451 -15.53 -5.24 -32.49
N THR B 452 -16.46 -4.80 -33.35
CA THR B 452 -17.87 -4.83 -33.00
C THR B 452 -18.44 -6.24 -33.02
N GLY B 453 -17.88 -7.11 -33.85
CA GLY B 453 -18.36 -8.48 -33.98
C GLY B 453 -19.53 -8.66 -34.92
N GLU B 454 -20.01 -7.59 -35.54
CA GLU B 454 -21.12 -7.67 -36.48
C GLU B 454 -20.59 -7.69 -37.90
N ARG B 455 -21.42 -8.19 -38.82
CA ARG B 455 -21.02 -8.32 -40.21
C ARG B 455 -21.01 -6.96 -40.89
N ARG B 456 -20.00 -6.75 -41.74
CA ARG B 456 -19.90 -5.54 -42.55
C ARG B 456 -19.90 -5.94 -44.02
N LEU B 457 -19.87 -4.93 -44.88
CA LEU B 457 -19.88 -5.12 -46.32
C LEU B 457 -18.51 -4.80 -46.91
N GLU B 458 -18.18 -5.52 -47.97
CA GLU B 458 -17.02 -5.21 -48.81
C GLU B 458 -17.53 -4.94 -50.21
N ALA B 459 -17.11 -3.81 -50.78
CA ALA B 459 -17.65 -3.31 -52.03
C ALA B 459 -16.92 -3.91 -53.22
N GLY B 460 -17.68 -4.49 -54.14
CA GLY B 460 -17.12 -5.06 -55.35
C GLY B 460 -16.81 -4.00 -56.38
N ALA B 461 -16.61 -4.46 -57.62
CA ALA B 461 -16.20 -3.58 -58.70
C ALA B 461 -17.26 -2.55 -59.05
N MET B 462 -18.53 -2.94 -59.07
CA MET B 462 -19.59 -2.01 -59.45
C MET B 462 -19.80 -0.92 -58.40
N VAL B 463 -19.73 -1.27 -57.11
CA VAL B 463 -19.95 -0.28 -56.07
C VAL B 463 -18.79 0.70 -55.99
N LEU B 464 -17.56 0.20 -56.07
CA LEU B 464 -16.39 1.07 -56.04
C LEU B 464 -16.31 1.98 -57.25
N ALA B 465 -16.81 1.55 -58.41
CA ALA B 465 -16.78 2.36 -59.61
C ALA B 465 -18.04 3.19 -59.79
N ASP B 466 -18.73 3.53 -58.70
CA ASP B 466 -19.87 4.41 -58.75
C ASP B 466 -19.47 5.77 -59.30
N ARG B 467 -20.31 6.32 -60.18
CA ARG B 467 -20.03 7.54 -60.94
C ARG B 467 -18.75 7.41 -61.76
N GLY B 468 -18.52 6.22 -62.31
CA GLY B 468 -17.34 5.96 -63.10
C GLY B 468 -17.58 4.98 -64.23
N VAL B 469 -16.53 4.25 -64.61
CA VAL B 469 -16.56 3.32 -65.73
C VAL B 469 -16.07 1.97 -65.25
N VAL B 470 -16.77 0.90 -65.64
CA VAL B 470 -16.32 -0.46 -65.42
C VAL B 470 -15.89 -1.03 -66.76
N CYS B 471 -14.62 -1.41 -66.87
CA CYS B 471 -14.03 -1.89 -68.12
C CYS B 471 -13.94 -3.41 -68.02
N ILE B 472 -14.85 -4.09 -68.68
CA ILE B 472 -14.94 -5.55 -68.64
C ILE B 472 -14.30 -6.13 -69.88
N ASP B 473 -13.32 -7.00 -69.70
CA ASP B 473 -12.73 -7.77 -70.77
C ASP B 473 -13.21 -9.20 -70.70
N GLU B 474 -13.36 -9.82 -71.87
CA GLU B 474 -13.90 -11.18 -72.02
C GLU B 474 -15.28 -11.28 -71.36
N PHE B 475 -16.19 -10.44 -71.86
CA PHE B 475 -17.54 -10.34 -71.30
C PHE B 475 -18.33 -11.63 -71.46
N ASP B 476 -18.04 -12.42 -72.49
CA ASP B 476 -18.81 -13.63 -72.77
C ASP B 476 -18.47 -14.79 -71.85
N LYS B 477 -17.44 -14.67 -71.01
CA LYS B 477 -17.05 -15.73 -70.10
C LYS B 477 -17.56 -15.50 -68.68
N MET B 478 -18.55 -14.64 -68.50
CA MET B 478 -19.19 -14.51 -67.20
C MET B 478 -20.01 -15.74 -66.85
N THR B 479 -20.07 -16.03 -65.56
CA THR B 479 -21.00 -17.02 -65.05
C THR B 479 -22.42 -16.46 -65.05
N ASP B 480 -23.40 -17.37 -64.98
CA ASP B 480 -24.80 -16.96 -65.07
C ASP B 480 -25.23 -16.09 -63.90
N VAL B 481 -24.78 -16.43 -62.68
CA VAL B 481 -25.12 -15.63 -61.50
C VAL B 481 -24.49 -14.24 -61.60
N ASP B 482 -23.29 -14.16 -62.17
CA ASP B 482 -22.68 -12.85 -62.42
C ASP B 482 -23.49 -12.05 -63.41
N ARG B 483 -24.04 -12.72 -64.44
CA ARG B 483 -24.86 -12.03 -65.44
C ARG B 483 -26.14 -11.49 -64.82
N VAL B 484 -26.75 -12.27 -63.93
CA VAL B 484 -27.94 -11.79 -63.22
C VAL B 484 -27.60 -10.60 -62.33
N ALA B 485 -26.40 -10.61 -61.73
CA ALA B 485 -25.94 -9.45 -60.98
C ALA B 485 -25.77 -8.22 -61.88
N ILE B 486 -25.25 -8.42 -63.09
CA ILE B 486 -25.09 -7.34 -64.07
C ILE B 486 -26.42 -6.76 -64.53
N HIS B 487 -27.47 -7.58 -64.61
CA HIS B 487 -28.76 -7.11 -65.11
C HIS B 487 -29.32 -5.95 -64.29
N GLU B 488 -29.23 -6.04 -62.96
CA GLU B 488 -29.74 -4.96 -62.13
C GLU B 488 -28.87 -3.72 -62.21
N VAL B 489 -27.55 -3.90 -62.29
CA VAL B 489 -26.62 -2.76 -62.29
C VAL B 489 -26.77 -1.96 -63.58
N MET B 490 -26.93 -2.63 -64.72
CA MET B 490 -26.95 -1.92 -65.99
C MET B 490 -28.22 -1.11 -66.21
N GLU B 491 -29.30 -1.40 -65.47
CA GLU B 491 -30.54 -0.66 -65.67
C GLU B 491 -31.00 0.10 -64.43
N GLN B 492 -31.17 -0.58 -63.29
CA GLN B 492 -31.63 0.09 -62.09
C GLN B 492 -30.52 0.85 -61.37
N GLN B 493 -29.28 0.67 -61.80
CA GLN B 493 -28.10 1.40 -61.34
C GLN B 493 -27.81 1.14 -59.86
N THR B 494 -28.29 0.02 -59.31
CA THR B 494 -28.15 -0.29 -57.90
C THR B 494 -27.81 -1.77 -57.73
N VAL B 495 -27.27 -2.10 -56.56
CA VAL B 495 -27.03 -3.48 -56.15
C VAL B 495 -27.83 -3.73 -54.89
N THR B 496 -28.80 -4.63 -54.96
CA THR B 496 -29.60 -5.00 -53.81
C THR B 496 -29.09 -6.32 -53.27
N ILE B 497 -28.59 -6.32 -52.03
CA ILE B 497 -28.08 -7.52 -51.40
C ILE B 497 -28.93 -7.84 -50.18
N ALA B 498 -29.34 -9.11 -50.08
CA ALA B 498 -30.16 -9.62 -48.99
C ALA B 498 -29.49 -10.89 -48.49
N LYS B 499 -28.52 -10.73 -47.60
CA LYS B 499 -27.75 -11.84 -47.04
C LYS B 499 -28.37 -12.25 -45.72
N ALA B 500 -27.67 -13.10 -44.97
CA ALA B 500 -28.14 -13.56 -43.67
C ALA B 500 -28.03 -12.42 -42.68
N GLY B 501 -29.13 -11.67 -42.53
CA GLY B 501 -29.18 -10.57 -41.60
C GLY B 501 -28.90 -9.21 -42.18
N ILE B 502 -28.26 -9.14 -43.35
CA ILE B 502 -27.94 -7.88 -44.00
C ILE B 502 -28.86 -7.73 -45.21
N HIS B 503 -29.60 -6.63 -45.25
CA HIS B 503 -30.45 -6.30 -46.40
C HIS B 503 -30.25 -4.82 -46.70
N THR B 504 -29.58 -4.51 -47.81
CA THR B 504 -29.30 -3.12 -48.14
C THR B 504 -29.10 -2.96 -49.64
N THR B 505 -29.26 -1.72 -50.09
CA THR B 505 -29.07 -1.33 -51.48
C THR B 505 -27.90 -0.37 -51.58
N LEU B 506 -26.96 -0.69 -52.45
CA LEU B 506 -25.78 0.13 -52.69
C LEU B 506 -25.89 0.78 -54.06
N ASN B 507 -25.37 2.00 -54.16
CA ASN B 507 -25.40 2.75 -55.41
C ASN B 507 -24.29 2.27 -56.33
N ALA B 508 -24.67 1.81 -57.52
CA ALA B 508 -23.74 1.30 -58.50
C ALA B 508 -23.96 1.98 -59.84
N ARG B 509 -24.04 3.30 -59.82
CA ARG B 509 -24.26 4.08 -61.04
C ARG B 509 -23.00 4.06 -61.87
N CYS B 510 -22.94 3.15 -62.84
CA CYS B 510 -21.73 2.86 -63.60
C CYS B 510 -22.00 2.96 -65.09
N SER B 511 -20.96 3.24 -65.85
CA SER B 511 -20.97 3.08 -67.29
C SER B 511 -20.12 1.86 -67.64
N VAL B 512 -20.72 0.91 -68.36
CA VAL B 512 -20.07 -0.37 -68.61
C VAL B 512 -19.62 -0.41 -70.06
N ILE B 513 -18.32 -0.55 -70.28
CA ILE B 513 -17.74 -0.83 -71.58
C ILE B 513 -17.17 -2.24 -71.56
N ALA B 514 -17.57 -3.05 -72.52
CA ALA B 514 -17.28 -4.48 -72.50
C ALA B 514 -16.74 -4.94 -73.84
N ALA B 515 -15.85 -5.93 -73.80
CA ALA B 515 -15.30 -6.58 -74.98
C ALA B 515 -15.64 -8.05 -74.90
N ALA B 516 -16.19 -8.59 -75.99
CA ALA B 516 -16.59 -9.98 -76.07
C ALA B 516 -16.12 -10.57 -77.40
N ASN B 517 -16.10 -11.90 -77.44
CA ASN B 517 -15.74 -12.64 -78.64
C ASN B 517 -16.95 -13.44 -79.11
N PRO B 518 -17.08 -13.66 -80.41
CA PRO B 518 -18.13 -14.56 -80.90
C PRO B 518 -17.86 -15.99 -80.47
N VAL B 519 -18.93 -16.78 -80.39
CA VAL B 519 -18.82 -18.15 -79.91
C VAL B 519 -18.01 -19.03 -80.87
N PHE B 520 -17.94 -18.68 -82.14
CA PHE B 520 -17.15 -19.43 -83.11
C PHE B 520 -15.74 -18.89 -83.26
N GLY B 521 -15.37 -17.86 -82.50
CA GLY B 521 -14.05 -17.27 -82.61
C GLY B 521 -13.90 -16.25 -83.71
N GLN B 522 -14.89 -16.15 -84.60
CA GLN B 522 -14.84 -15.25 -85.74
C GLN B 522 -16.27 -14.90 -86.14
N TYR B 523 -16.47 -13.69 -86.65
CA TYR B 523 -17.79 -13.27 -87.05
C TYR B 523 -18.06 -13.68 -88.49
N ASP B 524 -19.20 -14.33 -88.72
CA ASP B 524 -19.61 -14.76 -90.05
C ASP B 524 -20.71 -13.84 -90.57
N VAL B 525 -20.51 -13.33 -91.78
CA VAL B 525 -21.43 -12.35 -92.35
C VAL B 525 -22.77 -13.01 -92.68
N ASN B 526 -22.72 -14.20 -93.27
CA ASN B 526 -23.94 -14.88 -93.72
C ASN B 526 -24.81 -15.33 -92.56
N ARG B 527 -24.22 -15.70 -91.44
CA ARG B 527 -25.00 -16.16 -90.30
C ARG B 527 -25.58 -14.97 -89.54
N ASP B 528 -26.81 -15.15 -89.04
CA ASP B 528 -27.51 -14.11 -88.32
C ASP B 528 -26.77 -13.78 -87.01
N PRO B 529 -26.84 -12.53 -86.54
CA PRO B 529 -26.10 -12.16 -85.32
C PRO B 529 -26.61 -12.81 -84.04
N HIS B 530 -27.82 -13.39 -84.05
CA HIS B 530 -28.35 -14.01 -82.83
C HIS B 530 -27.50 -15.19 -82.40
N GLN B 531 -27.04 -16.00 -83.36
CA GLN B 531 -26.13 -17.10 -83.02
C GLN B 531 -24.68 -16.65 -82.99
N ASN B 532 -24.37 -15.52 -83.62
CA ASN B 532 -22.99 -15.03 -83.64
C ASN B 532 -22.59 -14.46 -82.28
N ILE B 533 -23.33 -13.48 -81.79
CA ILE B 533 -23.05 -12.94 -80.46
C ILE B 533 -23.44 -13.95 -79.39
N ALA B 534 -24.60 -14.59 -79.55
CA ALA B 534 -25.11 -15.64 -78.66
C ALA B 534 -25.17 -15.16 -77.21
N LEU B 535 -25.95 -14.10 -77.00
CA LEU B 535 -26.09 -13.43 -75.72
C LEU B 535 -27.57 -13.12 -75.51
N PRO B 536 -28.06 -13.19 -74.28
CA PRO B 536 -29.49 -12.95 -74.04
C PRO B 536 -29.91 -11.53 -74.40
N ASP B 537 -31.13 -11.42 -74.95
CA ASP B 537 -31.62 -10.15 -75.47
C ASP B 537 -31.79 -9.09 -74.38
N SER B 538 -32.00 -9.50 -73.13
CA SER B 538 -32.00 -8.54 -72.03
C SER B 538 -30.66 -7.84 -71.90
N LEU B 539 -29.57 -8.60 -72.00
CA LEU B 539 -28.23 -8.02 -71.92
C LEU B 539 -27.96 -7.07 -73.09
N LEU B 540 -28.36 -7.44 -74.30
CA LEU B 540 -28.20 -6.53 -75.43
C LEU B 540 -29.04 -5.28 -75.28
N SER B 541 -30.23 -5.40 -74.71
CA SER B 541 -31.05 -4.22 -74.47
C SER B 541 -30.42 -3.31 -73.41
N ARG B 542 -29.68 -3.89 -72.47
CA ARG B 542 -28.96 -3.06 -71.49
C ARG B 542 -27.91 -2.19 -72.18
N PHE B 543 -27.19 -2.75 -73.15
CA PHE B 543 -26.12 -2.02 -73.80
C PHE B 543 -26.69 -1.05 -74.81
N ASP B 544 -26.28 0.22 -74.70
CA ASP B 544 -26.82 1.26 -75.57
C ASP B 544 -26.28 1.13 -76.98
N LEU B 545 -24.98 0.85 -77.12
CA LEU B 545 -24.36 0.73 -78.43
C LEU B 545 -23.58 -0.57 -78.51
N LEU B 546 -23.92 -1.39 -79.49
CA LEU B 546 -23.26 -2.66 -79.75
C LEU B 546 -22.52 -2.54 -81.08
N PHE B 547 -21.22 -2.80 -81.06
CA PHE B 547 -20.36 -2.65 -82.22
C PHE B 547 -19.76 -4.00 -82.58
N VAL B 548 -20.03 -4.44 -83.81
CA VAL B 548 -19.43 -5.66 -84.35
C VAL B 548 -18.23 -5.24 -85.18
N VAL B 549 -17.04 -5.60 -84.73
CA VAL B 549 -15.80 -5.23 -85.39
C VAL B 549 -15.32 -6.43 -86.21
N THR B 550 -15.18 -6.24 -87.51
CA THR B 550 -14.82 -7.32 -88.41
C THR B 550 -13.44 -7.07 -89.00
N ASP B 551 -12.60 -8.11 -88.98
CA ASP B 551 -11.26 -8.04 -89.56
C ASP B 551 -11.30 -8.44 -91.02
N ASP B 552 -12.07 -7.68 -91.79
CA ASP B 552 -12.14 -7.89 -93.23
C ASP B 552 -10.81 -7.53 -93.88
N ILE B 553 -10.38 -8.36 -94.83
CA ILE B 553 -9.06 -8.24 -95.44
C ILE B 553 -9.19 -7.49 -96.75
N ASN B 554 -8.58 -6.31 -96.83
CA ASN B 554 -8.47 -5.55 -98.06
C ASN B 554 -7.04 -5.08 -98.21
N GLU B 555 -6.59 -4.96 -99.46
CA GLU B 555 -5.18 -4.63 -99.70
C GLU B 555 -4.84 -3.22 -99.25
N ILE B 556 -5.64 -2.24 -99.66
CA ILE B 556 -5.35 -0.85 -99.29
C ILE B 556 -5.59 -0.63 -97.79
N ARG B 557 -6.59 -1.32 -97.22
CA ARG B 557 -6.81 -1.23 -95.79
C ARG B 557 -5.64 -1.83 -95.01
N ASP B 558 -5.12 -2.97 -95.48
CA ASP B 558 -3.99 -3.60 -94.82
C ASP B 558 -2.73 -2.74 -94.94
N ARG B 559 -2.58 -2.06 -96.08
CA ARG B 559 -1.46 -1.13 -96.24
C ARG B 559 -1.57 0.03 -95.27
N SER B 560 -2.78 0.56 -95.08
CA SER B 560 -2.99 1.63 -94.11
C SER B 560 -2.67 1.15 -92.69
N ILE B 561 -3.13 -0.06 -92.34
CA ILE B 561 -2.78 -0.68 -91.06
C ILE B 561 -1.28 -0.78 -90.88
N SER B 562 -0.57 -1.29 -91.89
CA SER B 562 0.87 -1.48 -91.77
C SER B 562 1.59 -0.15 -91.63
N GLU B 563 1.24 0.84 -92.44
CA GLU B 563 1.90 2.14 -92.36
C GLU B 563 1.64 2.82 -91.02
N HIS B 564 0.40 2.74 -90.54
CA HIS B 564 0.07 3.34 -89.25
C HIS B 564 0.83 2.68 -88.11
N VAL B 565 0.91 1.35 -88.12
CA VAL B 565 1.59 0.65 -87.03
C VAL B 565 3.09 0.88 -87.08
N LEU B 566 3.67 0.86 -88.29
CA LEU B 566 5.12 1.03 -88.40
C LEU B 566 5.54 2.46 -88.10
N ARG B 567 4.68 3.44 -88.39
CA ARG B 567 4.95 4.79 -87.94
C ARG B 567 4.70 4.95 -86.45
N THR B 568 3.83 4.11 -85.88
CA THR B 568 3.57 4.14 -84.45
C THR B 568 4.71 3.50 -83.64
N HIS B 569 5.43 2.55 -84.23
CA HIS B 569 6.50 1.85 -83.53
C HIS B 569 7.84 2.57 -83.64
N ARG B 570 7.88 3.75 -84.26
CA ARG B 570 9.09 4.55 -84.48
C ARG B 570 9.10 5.82 -83.63
N TYR B 571 8.63 5.74 -82.39
CA TYR B 571 8.46 6.91 -81.54
C TYR B 571 9.52 6.92 -80.43
N LEU B 572 9.99 8.12 -80.08
CA LEU B 572 10.76 8.33 -78.87
C LEU B 572 10.13 9.44 -78.04
N PRO B 573 10.09 9.32 -76.71
CA PRO B 573 9.70 10.45 -75.89
C PRO B 573 10.76 11.54 -75.93
N PRO B 574 10.38 12.79 -75.69
CA PRO B 574 11.38 13.87 -75.62
C PRO B 574 12.35 13.63 -74.47
N GLY B 575 13.61 14.00 -74.70
CA GLY B 575 14.65 13.78 -73.72
C GLY B 575 15.18 12.37 -73.67
N TYR B 576 14.86 11.54 -74.65
CA TYR B 576 15.33 10.16 -74.71
C TYR B 576 16.24 9.98 -75.92
N LEU B 577 17.26 9.15 -75.76
CA LEU B 577 18.22 8.87 -76.81
C LEU B 577 17.63 7.83 -77.76
N GLU B 578 18.36 7.55 -78.85
CA GLU B 578 17.89 6.62 -79.88
C GLU B 578 17.80 5.19 -79.35
N GLY B 579 18.82 4.73 -78.64
CA GLY B 579 18.86 3.36 -78.19
C GLY B 579 18.47 3.16 -76.74
N GLU B 580 18.21 4.25 -76.02
CA GLU B 580 17.88 4.16 -74.61
C GLU B 580 16.49 3.57 -74.42
N PRO B 581 16.34 2.57 -73.56
CA PRO B 581 15.00 2.00 -73.31
C PRO B 581 14.17 2.90 -72.41
N VAL B 582 12.87 2.91 -72.67
CA VAL B 582 11.96 3.77 -71.93
C VAL B 582 11.74 3.20 -70.54
N ARG B 583 11.78 4.07 -69.53
CA ARG B 583 11.56 3.67 -68.15
C ARG B 583 10.09 3.85 -67.78
N GLU B 584 9.57 2.90 -67.00
CA GLU B 584 8.19 2.90 -66.55
C GLU B 584 8.13 3.50 -65.15
N ARG B 585 7.35 4.57 -65.00
CA ARG B 585 7.09 5.17 -63.70
C ARG B 585 5.61 4.99 -63.37
N LEU B 586 5.34 4.54 -62.15
CA LEU B 586 3.96 4.28 -61.74
C LEU B 586 3.21 5.59 -61.59
N ASN B 587 1.98 5.63 -62.10
CA ASN B 587 1.20 6.87 -62.19
C ASN B 587 0.35 7.03 -60.93
N LEU B 588 0.71 8.00 -60.10
CA LEU B 588 -0.11 8.43 -58.98
C LEU B 588 -0.36 9.93 -59.11
N SER B 589 -1.63 10.31 -59.13
CA SER B 589 -2.03 11.70 -59.30
C SER B 589 -2.84 12.15 -58.08
N LEU B 590 -2.52 13.34 -57.59
CA LEU B 590 -3.25 13.91 -56.47
C LEU B 590 -4.68 14.28 -56.89
N ALA B 591 -5.64 13.94 -56.05
CA ALA B 591 -7.05 14.22 -56.29
C ALA B 591 -7.45 15.45 -55.46
N VAL B 592 -7.70 16.56 -56.13
CA VAL B 592 -8.08 17.79 -55.47
C VAL B 592 -9.58 17.82 -55.27
N GLY B 593 -10.03 18.58 -54.27
CA GLY B 593 -11.44 18.70 -53.98
C GLY B 593 -12.04 17.46 -53.35
N GLY B 640 -1.72 9.57 -87.46
CA GLY B 640 -0.89 9.33 -86.29
C GLY B 640 0.21 10.38 -86.16
N ASN B 641 -0.14 11.54 -85.60
CA ASN B 641 0.81 12.61 -85.38
C ASN B 641 1.13 12.75 -83.90
N TYR B 642 2.41 12.66 -83.56
CA TYR B 642 2.83 12.75 -82.17
C TYR B 642 2.75 14.17 -81.64
N ASN B 643 3.11 15.15 -82.47
CA ASN B 643 3.27 16.54 -82.03
C ASN B 643 1.90 17.17 -81.84
N GLY B 644 1.20 16.72 -80.81
CA GLY B 644 0.00 17.38 -80.31
C GLY B 644 0.36 18.12 -79.04
N THR B 645 0.40 19.45 -79.13
CA THR B 645 0.73 20.33 -78.01
C THR B 645 -0.23 21.52 -78.08
N GLU B 646 -1.24 21.52 -77.20
CA GLU B 646 -2.18 22.63 -77.04
C GLU B 646 -2.93 22.91 -78.35
N ILE B 647 -3.77 21.95 -78.71
CA ILE B 647 -4.71 21.92 -79.84
C ILE B 647 -4.16 22.38 -81.19
N PRO B 648 -3.01 21.87 -81.68
CA PRO B 648 -2.62 22.23 -83.05
C PRO B 648 -3.56 21.62 -84.10
N LYS B 649 -3.70 20.29 -84.08
CA LYS B 649 -4.74 19.58 -84.80
C LYS B 649 -5.43 18.54 -83.93
N LEU B 650 -4.67 17.87 -83.05
CA LEU B 650 -5.17 16.80 -82.23
C LEU B 650 -4.97 17.17 -80.76
N VAL B 651 -5.97 16.86 -79.95
CA VAL B 651 -6.03 17.26 -78.55
C VAL B 651 -5.23 16.27 -77.71
N THR B 652 -4.42 16.80 -76.79
CA THR B 652 -3.67 15.95 -75.87
C THR B 652 -4.63 15.23 -74.92
N ILE B 653 -4.19 14.06 -74.46
CA ILE B 653 -4.95 13.33 -73.44
C ILE B 653 -5.07 14.10 -72.13
N PRO B 654 -4.01 14.73 -71.58
CA PRO B 654 -4.22 15.55 -70.37
C PRO B 654 -5.21 16.70 -70.53
N PHE B 655 -5.30 17.32 -71.71
CA PHE B 655 -6.32 18.35 -71.91
C PHE B 655 -7.68 17.76 -72.21
N LEU B 656 -7.72 16.57 -72.82
CA LEU B 656 -8.98 15.84 -72.97
C LEU B 656 -9.61 15.54 -71.62
N ARG B 657 -8.79 15.11 -70.65
CA ARG B 657 -9.27 14.89 -69.29
C ARG B 657 -9.87 16.16 -68.68
N LYS B 658 -9.23 17.31 -68.87
CA LYS B 658 -9.76 18.55 -68.32
C LYS B 658 -11.03 18.97 -69.01
N TYR B 659 -11.11 18.78 -70.33
CA TYR B 659 -12.35 19.07 -71.05
C TYR B 659 -13.49 18.20 -70.54
N VAL B 660 -13.23 16.91 -70.33
CA VAL B 660 -14.26 16.00 -69.84
C VAL B 660 -14.68 16.39 -68.42
N GLN B 661 -13.72 16.74 -67.57
CA GLN B 661 -14.05 17.15 -66.21
C GLN B 661 -14.88 18.43 -66.19
N TYR B 662 -14.50 19.42 -67.00
CA TYR B 662 -15.24 20.68 -67.05
C TYR B 662 -16.64 20.46 -67.60
N ALA B 663 -16.78 19.61 -68.62
CA ALA B 663 -18.11 19.34 -69.17
C ALA B 663 -19.00 18.60 -68.18
N LYS B 664 -18.45 17.62 -67.46
CA LYS B 664 -19.26 16.88 -66.50
C LYS B 664 -19.66 17.76 -65.31
N GLU B 665 -18.74 18.61 -64.84
CA GLU B 665 -19.05 19.44 -63.68
C GLU B 665 -19.95 20.62 -64.01
N ARG B 666 -19.82 21.20 -65.20
CA ARG B 666 -20.48 22.48 -65.47
C ARG B 666 -21.86 22.31 -66.11
N VAL B 667 -21.93 21.69 -67.27
CA VAL B 667 -23.14 21.73 -68.07
C VAL B 667 -24.03 20.52 -67.79
N ILE B 668 -25.31 20.81 -67.56
CA ILE B 668 -26.34 19.79 -67.41
C ILE B 668 -27.43 20.12 -68.42
N PRO B 669 -27.31 19.65 -69.65
CA PRO B 669 -28.23 20.08 -70.70
C PRO B 669 -29.64 19.53 -70.53
N GLN B 670 -30.60 20.27 -71.08
CA GLN B 670 -32.01 19.91 -71.04
C GLN B 670 -32.54 19.77 -72.46
N LEU B 671 -33.51 18.88 -72.64
CA LEU B 671 -34.11 18.67 -73.95
C LEU B 671 -35.04 19.82 -74.33
N THR B 672 -35.18 20.05 -75.63
CA THR B 672 -36.20 20.93 -76.18
C THR B 672 -36.90 20.23 -77.33
N GLN B 673 -37.94 20.87 -77.85
CA GLN B 673 -38.87 20.22 -78.76
C GLN B 673 -38.23 19.86 -80.10
N GLU B 674 -37.26 20.66 -80.57
CA GLU B 674 -36.65 20.38 -81.86
C GLU B 674 -35.80 19.10 -81.81
N ALA B 675 -35.19 18.79 -80.66
CA ALA B 675 -34.51 17.51 -80.51
C ALA B 675 -35.48 16.37 -80.29
N ILE B 676 -36.57 16.63 -79.56
CA ILE B 676 -37.55 15.61 -79.24
C ILE B 676 -38.25 15.11 -80.49
N ASN B 677 -38.56 16.02 -81.42
CA ASN B 677 -39.21 15.60 -82.66
C ASN B 677 -38.32 14.65 -83.45
N VAL B 678 -37.03 14.97 -83.54
CA VAL B 678 -36.09 14.12 -84.26
C VAL B 678 -35.94 12.76 -83.57
N ILE B 679 -35.82 12.77 -82.24
CA ILE B 679 -35.67 11.54 -81.48
C ILE B 679 -36.89 10.65 -81.63
N VAL B 680 -38.08 11.25 -81.56
CA VAL B 680 -39.33 10.50 -81.70
C VAL B 680 -39.44 9.91 -83.10
N LYS B 681 -39.13 10.70 -84.13
CA LYS B 681 -39.26 10.21 -85.50
C LYS B 681 -38.29 9.08 -85.78
N ASN B 682 -37.04 9.20 -85.33
CA ASN B 682 -36.08 8.13 -85.57
C ASN B 682 -36.39 6.89 -84.75
N TYR B 683 -36.90 7.05 -83.52
CA TYR B 683 -37.25 5.87 -82.73
C TYR B 683 -38.44 5.15 -83.35
N THR B 684 -39.42 5.89 -83.86
CA THR B 684 -40.56 5.27 -84.53
C THR B 684 -40.14 4.57 -85.80
N ASP B 685 -39.22 5.17 -86.57
CA ASP B 685 -38.73 4.52 -87.77
C ASP B 685 -37.91 3.27 -87.45
N LEU B 686 -37.11 3.32 -86.39
CA LEU B 686 -36.27 2.18 -86.03
C LEU B 686 -37.11 1.04 -85.46
N ARG B 687 -38.21 1.36 -84.79
CA ARG B 687 -39.06 0.33 -84.22
C ARG B 687 -39.81 -0.44 -85.30
N ASN B 688 -40.14 0.23 -86.41
CA ASN B 688 -40.98 -0.36 -87.44
C ASN B 688 -40.24 -0.57 -88.75
N ASP B 689 -38.92 -0.54 -88.73
CA ASP B 689 -38.15 -0.80 -89.94
C ASP B 689 -38.14 -2.28 -90.27
N ASP B 690 -37.97 -2.60 -91.55
CA ASP B 690 -37.93 -3.97 -92.01
C ASP B 690 -36.53 -4.54 -92.08
N ASN B 691 -35.51 -3.74 -91.77
CA ASN B 691 -34.13 -4.20 -91.89
C ASN B 691 -33.72 -5.01 -90.66
N THR B 692 -32.98 -6.10 -90.91
CA THR B 692 -32.43 -6.88 -89.83
C THR B 692 -31.32 -6.12 -89.13
N LYS B 693 -31.28 -6.20 -87.80
CA LYS B 693 -30.37 -5.42 -86.99
C LYS B 693 -29.68 -6.33 -85.98
N LYS B 694 -28.48 -5.90 -85.57
CA LYS B 694 -27.68 -6.71 -84.64
C LYS B 694 -28.33 -6.78 -83.26
N SER B 695 -28.86 -5.66 -82.79
CA SER B 695 -29.49 -5.60 -81.48
C SER B 695 -31.00 -5.40 -81.62
N PRO B 696 -31.81 -6.05 -80.79
CA PRO B 696 -33.25 -5.81 -80.85
C PRO B 696 -33.59 -4.40 -80.39
N ILE B 697 -34.64 -3.85 -80.96
CA ILE B 697 -35.08 -2.49 -80.66
C ILE B 697 -36.19 -2.58 -79.62
N THR B 698 -35.86 -2.20 -78.40
CA THR B 698 -36.80 -2.16 -77.29
C THR B 698 -37.00 -0.71 -76.89
N ALA B 699 -37.72 -0.49 -75.79
CA ALA B 699 -37.94 0.86 -75.32
C ALA B 699 -36.64 1.54 -74.87
N ARG B 700 -35.69 0.77 -74.30
CA ARG B 700 -34.42 1.30 -73.83
C ARG B 700 -33.70 2.13 -74.89
N THR B 701 -33.74 1.66 -76.14
CA THR B 701 -33.10 2.36 -77.26
C THR B 701 -33.53 3.81 -77.33
N LEU B 702 -34.81 4.09 -77.08
CA LEU B 702 -35.31 5.45 -77.04
C LEU B 702 -34.54 6.31 -76.06
N GLU B 703 -34.46 5.86 -74.79
CA GLU B 703 -33.68 6.62 -73.81
C GLU B 703 -32.21 6.67 -74.20
N THR B 704 -31.72 5.61 -74.86
CA THR B 704 -30.37 5.61 -75.39
C THR B 704 -30.13 6.83 -76.26
N LEU B 705 -31.06 7.07 -77.20
CA LEU B 705 -30.98 8.25 -78.06
C LEU B 705 -30.88 9.52 -77.23
N ILE B 706 -31.76 9.65 -76.23
CA ILE B 706 -31.76 10.82 -75.37
C ILE B 706 -30.40 10.98 -74.71
N ARG B 707 -29.89 9.91 -74.11
CA ARG B 707 -28.60 9.99 -73.42
C ARG B 707 -27.51 10.37 -74.41
N LEU B 708 -27.53 9.75 -75.59
CA LEU B 708 -26.52 10.03 -76.58
C LEU B 708 -26.59 11.49 -77.01
N ALA B 709 -27.82 11.98 -77.24
CA ALA B 709 -27.99 13.37 -77.61
C ALA B 709 -27.51 14.27 -76.49
N THR B 710 -27.88 13.92 -75.25
CA THR B 710 -27.44 14.70 -74.11
C THR B 710 -25.93 14.69 -74.00
N ALA B 711 -25.31 13.54 -74.29
CA ALA B 711 -23.87 13.45 -74.23
C ALA B 711 -23.22 14.40 -75.24
N HIS B 712 -23.80 14.50 -76.44
CA HIS B 712 -23.24 15.40 -77.43
C HIS B 712 -23.38 16.85 -76.99
N ALA B 713 -24.44 17.16 -76.24
CA ALA B 713 -24.60 18.52 -75.75
C ALA B 713 -23.55 18.85 -74.69
N LYS B 714 -23.00 17.83 -74.04
CA LYS B 714 -21.88 18.08 -73.14
C LYS B 714 -20.60 18.34 -73.91
N VAL B 715 -20.51 17.81 -75.14
CA VAL B 715 -19.31 18.05 -75.95
C VAL B 715 -19.26 19.50 -76.39
N ARG B 716 -20.40 20.08 -76.73
CA ARG B 716 -20.49 21.46 -77.18
C ARG B 716 -20.59 22.46 -76.04
N LEU B 717 -20.69 21.98 -74.79
CA LEU B 717 -20.92 22.83 -73.61
C LEU B 717 -22.17 23.70 -73.77
N SER B 718 -23.25 23.09 -74.22
CA SER B 718 -24.51 23.79 -74.43
C SER B 718 -25.52 23.34 -73.39
N LYS B 719 -26.18 24.31 -72.76
CA LYS B 719 -27.26 24.02 -71.80
C LYS B 719 -28.50 23.48 -72.48
N THR B 720 -28.55 23.51 -73.82
CA THR B 720 -29.70 23.09 -74.60
C THR B 720 -29.30 21.93 -75.50
N VAL B 721 -30.19 20.95 -75.62
CA VAL B 721 -30.02 19.84 -76.56
C VAL B 721 -30.75 20.19 -77.83
N ASN B 722 -30.01 20.37 -78.92
CA ASN B 722 -30.53 20.92 -80.16
C ASN B 722 -30.83 19.79 -81.16
N LYS B 723 -31.21 20.20 -82.36
CA LYS B 723 -31.52 19.24 -83.42
C LYS B 723 -30.28 18.49 -83.88
N VAL B 724 -29.13 19.18 -83.94
CA VAL B 724 -27.90 18.56 -84.40
C VAL B 724 -27.43 17.48 -83.43
N ASP B 725 -27.65 17.67 -82.12
CA ASP B 725 -27.33 16.65 -81.14
C ASP B 725 -28.20 15.40 -81.34
N ALA B 726 -29.49 15.60 -81.61
CA ALA B 726 -30.38 14.48 -81.87
C ALA B 726 -29.98 13.74 -83.14
N LYS B 727 -29.57 14.49 -84.18
CA LYS B 727 -29.19 13.85 -85.43
C LYS B 727 -27.89 13.07 -85.30
N VAL B 728 -26.91 13.61 -84.56
CA VAL B 728 -25.66 12.87 -84.41
C VAL B 728 -25.85 11.66 -83.51
N ALA B 729 -26.74 11.75 -82.51
CA ALA B 729 -27.10 10.58 -81.74
C ALA B 729 -27.77 9.53 -82.63
N ALA B 730 -28.67 9.98 -83.51
CA ALA B 730 -29.38 9.05 -84.38
C ALA B 730 -28.45 8.34 -85.34
N ASN B 731 -27.53 9.06 -85.99
CA ASN B 731 -26.68 8.39 -86.95
C ASN B 731 -25.49 7.68 -86.31
N LEU B 732 -25.19 7.95 -85.04
CA LEU B 732 -24.27 7.06 -84.33
C LEU B 732 -24.97 5.76 -83.94
N LEU B 733 -26.25 5.84 -83.57
CA LEU B 733 -27.01 4.62 -83.29
C LEU B 733 -27.23 3.78 -84.54
N ARG B 734 -27.50 4.43 -85.68
CA ARG B 734 -27.77 3.70 -86.91
C ARG B 734 -26.57 2.91 -87.39
N PHE B 735 -25.36 3.47 -87.27
CA PHE B 735 -24.16 2.73 -87.68
C PHE B 735 -23.96 1.50 -86.81
N ALA B 736 -24.20 1.62 -85.50
CA ALA B 736 -24.08 0.47 -84.62
C ALA B 736 -25.15 -0.58 -84.88
N LEU B 737 -26.35 -0.16 -85.27
CA LEU B 737 -27.41 -1.10 -85.58
C LEU B 737 -27.34 -1.65 -87.00
N LEU B 738 -26.94 -0.85 -87.98
CA LEU B 738 -26.89 -1.29 -89.37
C LEU B 738 -25.46 -1.34 -89.87
N PRO C 176 -57.20 -1.28 11.96
CA PRO C 176 -58.19 -1.59 10.91
C PRO C 176 -57.83 -2.86 10.15
N LEU C 177 -57.42 -2.70 8.90
CA LEU C 177 -57.07 -3.82 8.04
C LEU C 177 -55.66 -3.63 7.53
N ARG C 178 -54.88 -4.71 7.49
CA ARG C 178 -53.48 -4.67 7.14
C ARG C 178 -53.28 -5.09 5.68
N ILE C 179 -52.31 -4.45 5.01
CA ILE C 179 -52.02 -4.68 3.60
C ILE C 179 -50.52 -4.95 3.47
N ILE C 180 -50.17 -5.98 2.71
CA ILE C 180 -48.76 -6.28 2.44
C ILE C 180 -48.15 -5.14 1.63
N TRP C 181 -46.97 -4.69 2.04
CA TRP C 181 -46.29 -3.55 1.41
C TRP C 181 -45.94 -3.87 -0.04
N GLY C 182 -46.25 -2.93 -0.93
CA GLY C 182 -46.05 -3.10 -2.35
C GLY C 182 -47.23 -3.68 -3.08
N THR C 183 -48.22 -4.22 -2.37
CA THR C 183 -49.39 -4.86 -2.93
C THR C 183 -50.65 -4.18 -2.40
N ASN C 184 -51.80 -4.76 -2.75
CA ASN C 184 -53.08 -4.40 -2.15
C ASN C 184 -53.77 -5.63 -1.57
N VAL C 185 -52.99 -6.54 -0.99
CA VAL C 185 -53.47 -7.87 -0.62
C VAL C 185 -53.51 -7.99 0.90
N SER C 186 -54.66 -8.43 1.41
CA SER C 186 -54.85 -8.73 2.81
C SER C 186 -54.95 -10.24 2.97
N ILE C 187 -54.20 -10.80 3.92
CA ILE C 187 -54.23 -12.24 4.14
C ILE C 187 -55.59 -12.68 4.65
N GLN C 188 -56.17 -11.93 5.58
CA GLN C 188 -57.46 -12.27 6.14
C GLN C 188 -58.58 -12.15 5.10
N GLU C 189 -58.58 -11.06 4.33
CA GLU C 189 -59.63 -10.86 3.34
C GLU C 189 -59.55 -11.88 2.21
N CYS C 190 -58.35 -12.11 1.69
CA CYS C 190 -58.17 -13.11 0.63
C CYS C 190 -58.49 -14.51 1.14
N THR C 191 -58.10 -14.82 2.38
CA THR C 191 -58.41 -16.11 2.97
C THR C 191 -59.91 -16.33 3.08
N THR C 192 -60.64 -15.33 3.60
CA THR C 192 -62.08 -15.46 3.75
C THR C 192 -62.77 -15.56 2.39
N ASN C 193 -62.34 -14.75 1.42
CA ASN C 193 -62.95 -14.78 0.10
C ASN C 193 -62.72 -16.12 -0.60
N PHE C 194 -61.50 -16.65 -0.53
CA PHE C 194 -61.23 -17.92 -1.19
C PHE C 194 -61.87 -19.08 -0.45
N ARG C 195 -61.99 -19.00 0.88
CA ARG C 195 -62.70 -20.02 1.62
C ARG C 195 -64.18 -20.05 1.24
N ASN C 196 -64.80 -18.87 1.13
CA ASN C 196 -66.19 -18.79 0.68
C ASN C 196 -66.34 -19.30 -0.74
N PHE C 197 -65.36 -18.99 -1.60
CA PHE C 197 -65.39 -19.48 -2.98
C PHE C 197 -65.31 -20.99 -3.03
N LEU C 198 -64.41 -21.59 -2.25
CA LEU C 198 -64.27 -23.04 -2.26
C LEU C 198 -65.50 -23.72 -1.66
N MET C 199 -66.11 -23.12 -0.65
CA MET C 199 -67.29 -23.72 -0.04
C MET C 199 -68.55 -23.55 -0.89
N SER C 200 -68.61 -22.50 -1.72
CA SER C 200 -69.87 -22.14 -2.37
C SER C 200 -69.72 -21.93 -3.88
N PHE C 201 -68.91 -22.72 -4.57
CA PHE C 201 -68.84 -22.60 -6.03
C PHE C 201 -69.60 -23.72 -6.72
N LYS C 202 -70.27 -23.37 -7.80
CA LYS C 202 -70.97 -24.32 -8.66
C LYS C 202 -70.58 -24.01 -10.10
N TYR C 203 -70.48 -25.05 -10.92
CA TYR C 203 -69.99 -24.85 -12.28
C TYR C 203 -71.05 -24.19 -13.16
N LYS C 204 -72.29 -24.11 -12.70
CA LYS C 204 -73.30 -23.31 -13.38
C LYS C 204 -72.94 -21.83 -13.36
N PHE C 205 -72.17 -21.36 -12.36
CA PHE C 205 -71.65 -20.00 -12.39
C PHE C 205 -70.74 -19.80 -13.58
N ARG C 206 -69.90 -20.80 -13.87
CA ARG C 206 -69.04 -20.74 -15.05
C ARG C 206 -69.87 -20.77 -16.32
N LYS C 207 -70.99 -21.51 -16.31
CA LYS C 207 -71.90 -21.50 -17.47
C LYS C 207 -72.51 -20.11 -17.69
N ILE C 208 -72.96 -19.43 -16.62
CA ILE C 208 -73.53 -18.10 -16.77
C ILE C 208 -72.46 -17.10 -17.20
N LEU C 209 -71.24 -17.22 -16.68
CA LEU C 209 -70.18 -16.27 -17.01
C LEU C 209 -69.79 -16.38 -18.47
N ASP C 210 -69.73 -17.60 -19.01
CA ASP C 210 -69.38 -17.80 -20.42
C ASP C 210 -70.56 -17.62 -21.36
N GLU C 211 -71.69 -17.08 -20.86
CA GLU C 211 -72.90 -16.85 -21.64
C GLU C 211 -73.41 -18.16 -22.26
N ARG C 212 -73.53 -19.18 -21.43
CA ARG C 212 -74.03 -20.49 -21.83
C ARG C 212 -75.14 -20.88 -20.85
N GLU C 213 -76.35 -20.41 -21.12
CA GLU C 213 -77.49 -20.71 -20.28
C GLU C 213 -78.16 -22.04 -20.64
N GLU C 214 -78.23 -22.37 -21.93
CA GLU C 214 -78.95 -23.55 -22.37
C GLU C 214 -78.23 -24.85 -22.02
N PHE C 215 -76.95 -24.79 -21.66
CA PHE C 215 -76.17 -25.96 -21.35
C PHE C 215 -76.13 -26.30 -19.87
N ILE C 216 -76.89 -25.59 -19.04
CA ILE C 216 -76.89 -25.84 -17.60
C ILE C 216 -77.71 -27.09 -17.32
N ASN C 217 -77.11 -28.04 -16.61
CA ASN C 217 -77.78 -29.28 -16.24
C ASN C 217 -77.82 -29.41 -14.72
N ASN C 218 -78.82 -30.13 -14.22
CA ASN C 218 -79.06 -30.18 -12.79
C ASN C 218 -78.04 -31.04 -12.06
N THR C 219 -77.69 -32.20 -12.63
CA THR C 219 -76.96 -33.21 -11.88
C THR C 219 -75.49 -32.87 -11.65
N THR C 220 -74.88 -32.05 -12.52
CA THR C 220 -73.46 -31.77 -12.42
C THR C 220 -73.18 -30.32 -12.02
N ASP C 221 -73.86 -29.36 -12.64
CA ASP C 221 -73.58 -27.95 -12.37
C ASP C 221 -73.99 -27.54 -10.96
N GLU C 222 -75.12 -28.03 -10.47
CA GLU C 222 -75.62 -27.64 -9.16
C GLU C 222 -74.91 -28.33 -8.00
N GLU C 223 -74.01 -29.26 -8.28
CA GLU C 223 -73.22 -29.88 -7.24
C GLU C 223 -72.04 -28.97 -6.90
N LEU C 224 -71.67 -28.94 -5.61
CA LEU C 224 -70.53 -28.17 -5.15
C LEU C 224 -69.25 -28.73 -5.76
N TYR C 225 -68.61 -27.93 -6.60
CA TYR C 225 -67.48 -28.38 -7.42
C TYR C 225 -66.24 -28.65 -6.57
N TYR C 226 -65.76 -27.63 -5.86
CA TYR C 226 -64.53 -27.78 -5.11
C TYR C 226 -64.71 -28.58 -3.84
N ILE C 227 -65.94 -28.70 -3.31
CA ILE C 227 -66.18 -29.57 -2.17
C ILE C 227 -65.90 -31.02 -2.55
N LYS C 228 -66.49 -31.49 -3.65
CA LYS C 228 -66.26 -32.87 -4.07
C LYS C 228 -64.85 -33.06 -4.59
N GLN C 229 -64.25 -32.01 -5.19
CA GLN C 229 -62.88 -32.14 -5.65
C GLN C 229 -61.91 -32.25 -4.48
N LEU C 230 -62.15 -31.52 -3.39
CA LEU C 230 -61.33 -31.67 -2.19
C LEU C 230 -61.60 -32.98 -1.48
N ASN C 231 -62.83 -33.48 -1.54
CA ASN C 231 -63.14 -34.79 -0.97
C ASN C 231 -62.35 -35.89 -1.68
N GLU C 232 -62.43 -35.94 -3.01
CA GLU C 232 -61.68 -36.94 -3.76
C GLU C 232 -60.17 -36.68 -3.69
N MET C 233 -59.78 -35.44 -3.41
CA MET C 233 -58.40 -35.13 -3.07
C MET C 233 -57.99 -35.79 -1.76
N ARG C 234 -58.91 -35.84 -0.79
CA ARG C 234 -58.63 -36.51 0.48
C ARG C 234 -58.58 -38.04 0.32
N GLU C 235 -59.52 -38.62 -0.45
CA GLU C 235 -59.52 -40.07 -0.60
C GLU C 235 -58.30 -40.57 -1.34
N LEU C 236 -57.88 -39.88 -2.40
CA LEU C 236 -56.78 -40.37 -3.24
C LEU C 236 -55.41 -40.04 -2.68
N GLY C 237 -55.31 -39.22 -1.64
CA GLY C 237 -54.02 -38.76 -1.18
C GLY C 237 -53.42 -37.66 -2.03
N THR C 238 -54.21 -37.07 -2.93
CA THR C 238 -53.76 -35.97 -3.75
C THR C 238 -53.49 -34.74 -2.90
N SER C 239 -52.39 -34.04 -3.18
CA SER C 239 -52.05 -32.81 -2.47
C SER C 239 -52.12 -31.57 -3.35
N ASN C 240 -52.76 -31.65 -4.52
CA ASN C 240 -52.77 -30.55 -5.46
C ASN C 240 -54.18 -30.23 -5.89
N LEU C 241 -54.48 -28.93 -5.95
CA LEU C 241 -55.75 -28.44 -6.48
C LEU C 241 -55.46 -27.66 -7.75
N ASN C 242 -56.11 -28.07 -8.85
CA ASN C 242 -56.04 -27.33 -10.10
C ASN C 242 -57.19 -26.34 -10.11
N LEU C 243 -56.86 -25.06 -10.07
CA LEU C 243 -57.84 -23.99 -9.95
C LEU C 243 -57.93 -23.23 -11.26
N ASP C 244 -59.14 -23.09 -11.78
CA ASP C 244 -59.37 -22.29 -12.96
C ASP C 244 -59.59 -20.84 -12.53
N ALA C 245 -58.78 -19.92 -13.08
CA ALA C 245 -58.89 -18.52 -12.71
C ALA C 245 -60.16 -17.89 -13.25
N ARG C 246 -60.71 -18.41 -14.35
CA ARG C 246 -61.98 -17.92 -14.87
C ARG C 246 -63.12 -18.19 -13.89
N ASN C 247 -63.00 -19.27 -13.11
CA ASN C 247 -64.00 -19.56 -12.07
C ASN C 247 -64.02 -18.50 -10.99
N LEU C 248 -62.87 -17.86 -10.71
CA LEU C 248 -62.86 -16.74 -9.79
C LEU C 248 -63.66 -15.56 -10.34
N LEU C 249 -63.60 -15.34 -11.65
CA LEU C 249 -64.44 -14.32 -12.26
C LEU C 249 -65.91 -14.73 -12.28
N ALA C 250 -66.19 -16.03 -12.29
CA ALA C 250 -67.57 -16.50 -12.24
C ALA C 250 -68.22 -16.14 -10.90
N TYR C 251 -67.47 -16.23 -9.81
CA TYR C 251 -67.97 -15.87 -8.50
C TYR C 251 -67.86 -14.37 -8.29
N LYS C 252 -68.86 -13.80 -7.60
CA LYS C 252 -68.92 -12.36 -7.43
C LYS C 252 -67.87 -11.85 -6.45
N GLN C 253 -67.69 -12.56 -5.33
CA GLN C 253 -66.84 -12.05 -4.26
C GLN C 253 -65.36 -12.16 -4.58
N THR C 254 -64.98 -13.04 -5.51
CA THR C 254 -63.57 -13.27 -5.81
C THR C 254 -63.11 -12.56 -7.07
N GLU C 255 -63.94 -11.69 -7.65
CA GLU C 255 -63.54 -10.97 -8.85
C GLU C 255 -62.36 -10.04 -8.57
N ASP C 256 -62.29 -9.48 -7.36
CA ASP C 256 -61.07 -8.78 -6.96
C ASP C 256 -59.91 -9.76 -6.81
N LEU C 257 -60.16 -10.92 -6.17
CA LEU C 257 -59.12 -11.89 -5.90
C LEU C 257 -58.46 -12.39 -7.17
N TYR C 258 -59.26 -12.55 -8.24
CA TYR C 258 -58.74 -12.92 -9.55
C TYR C 258 -57.61 -11.98 -9.97
N HIS C 259 -57.85 -10.67 -9.88
CA HIS C 259 -56.80 -9.71 -10.22
C HIS C 259 -55.62 -9.84 -9.27
N GLN C 260 -55.90 -10.09 -7.98
CA GLN C 260 -54.82 -10.26 -7.03
C GLN C 260 -54.05 -11.55 -7.29
N LEU C 261 -54.68 -12.53 -7.95
CA LEU C 261 -53.92 -13.71 -8.33
C LEU C 261 -53.03 -13.41 -9.54
N LEU C 262 -53.48 -12.52 -10.42
CA LEU C 262 -52.70 -12.22 -11.61
C LEU C 262 -51.56 -11.27 -11.29
N ASN C 263 -51.79 -10.31 -10.38
CA ASN C 263 -50.79 -9.29 -10.11
C ASN C 263 -49.77 -9.75 -9.08
N TYR C 264 -50.21 -10.52 -8.09
CA TYR C 264 -49.36 -10.96 -6.98
C TYR C 264 -49.50 -12.46 -6.75
N PRO C 265 -48.98 -13.29 -7.65
CA PRO C 265 -49.08 -14.75 -7.46
C PRO C 265 -48.32 -15.24 -6.25
N GLN C 266 -47.21 -14.59 -5.90
CA GLN C 266 -46.28 -15.16 -4.92
C GLN C 266 -46.92 -15.31 -3.55
N GLU C 267 -47.70 -14.33 -3.11
CA GLU C 267 -48.30 -14.47 -1.78
C GLU C 267 -49.74 -14.94 -1.85
N VAL C 268 -50.45 -14.62 -2.92
CA VAL C 268 -51.84 -15.07 -3.03
C VAL C 268 -51.91 -16.58 -3.21
N ILE C 269 -50.96 -17.17 -3.93
CA ILE C 269 -50.91 -18.62 -4.02
C ILE C 269 -50.65 -19.24 -2.66
N SER C 270 -49.77 -18.63 -1.85
CA SER C 270 -49.54 -19.13 -0.49
C SER C 270 -50.79 -19.01 0.37
N ILE C 271 -51.54 -17.92 0.22
CA ILE C 271 -52.82 -17.76 0.92
C ILE C 271 -53.78 -18.86 0.51
N MET C 272 -53.81 -19.17 -0.79
CA MET C 272 -54.69 -20.22 -1.29
C MET C 272 -54.29 -21.59 -0.75
N ASP C 273 -52.98 -21.87 -0.67
CA ASP C 273 -52.54 -23.14 -0.11
C ASP C 273 -52.91 -23.27 1.36
N GLN C 274 -52.72 -22.18 2.12
CA GLN C 274 -53.06 -22.21 3.54
C GLN C 274 -54.55 -22.43 3.75
N THR C 275 -55.39 -21.74 2.98
CA THR C 275 -56.82 -21.94 3.17
C THR C 275 -57.32 -23.26 2.59
N ILE C 276 -56.62 -23.84 1.61
CA ILE C 276 -56.93 -25.20 1.18
C ILE C 276 -56.64 -26.18 2.31
N LYS C 277 -55.51 -26.00 3.01
CA LYS C 277 -55.22 -26.83 4.18
C LYS C 277 -56.29 -26.66 5.26
N ASP C 278 -56.71 -25.41 5.49
CA ASP C 278 -57.80 -25.17 6.44
C ASP C 278 -59.08 -25.87 6.02
N CYS C 279 -59.39 -25.87 4.73
CA CYS C 279 -60.61 -26.51 4.23
C CYS C 279 -60.51 -28.03 4.37
N MET C 280 -59.33 -28.59 4.14
CA MET C 280 -59.13 -30.03 4.32
C MET C 280 -59.32 -30.42 5.78
N VAL C 281 -58.86 -29.58 6.71
CA VAL C 281 -59.13 -29.83 8.12
C VAL C 281 -60.62 -29.72 8.41
N SER C 282 -61.27 -28.69 7.87
CA SER C 282 -62.67 -28.40 8.17
C SER C 282 -63.62 -29.47 7.66
N LEU C 283 -63.31 -30.07 6.51
CA LEU C 283 -64.24 -31.04 5.93
C LEU C 283 -64.34 -32.32 6.75
N ILE C 284 -63.40 -32.57 7.66
CA ILE C 284 -63.51 -33.75 8.50
C ILE C 284 -63.72 -33.35 9.95
N VAL C 285 -63.40 -32.10 10.31
CA VAL C 285 -63.74 -31.62 11.63
C VAL C 285 -65.23 -31.39 11.75
N ASP C 286 -65.83 -30.74 10.75
CA ASP C 286 -67.25 -30.43 10.81
C ASP C 286 -68.11 -31.68 10.59
N ASN C 287 -67.73 -32.50 9.60
CA ASN C 287 -68.53 -33.66 9.22
C ASN C 287 -68.18 -34.92 10.01
N ASN C 288 -67.15 -34.86 10.85
CA ASN C 288 -66.75 -35.96 11.74
C ASN C 288 -66.43 -37.24 10.97
N LEU C 289 -65.44 -37.14 10.07
CA LEU C 289 -64.99 -38.32 9.34
C LEU C 289 -63.97 -39.11 10.17
N ASP C 290 -63.66 -40.31 9.68
CA ASP C 290 -62.75 -41.20 10.37
C ASP C 290 -61.29 -40.99 9.97
N TYR C 291 -61.02 -40.09 9.02
CA TYR C 291 -59.65 -39.78 8.64
C TYR C 291 -58.93 -39.09 9.79
N ASP C 292 -57.67 -39.45 9.99
CA ASP C 292 -56.86 -38.78 11.00
C ASP C 292 -56.42 -37.40 10.53
N LEU C 293 -56.38 -36.46 11.47
CA LEU C 293 -55.94 -35.11 11.16
C LEU C 293 -54.44 -35.01 11.01
N ASP C 294 -53.68 -35.93 11.58
CA ASP C 294 -52.22 -35.85 11.55
C ASP C 294 -51.67 -35.97 10.15
N GLU C 295 -52.22 -36.90 9.35
CA GLU C 295 -51.73 -37.08 7.98
C GLU C 295 -52.04 -35.88 7.10
N ILE C 296 -53.22 -35.29 7.28
CA ILE C 296 -53.61 -34.12 6.48
C ILE C 296 -52.80 -32.89 6.87
N GLU C 297 -52.64 -32.66 8.18
CA GLU C 297 -51.89 -31.47 8.61
C GLU C 297 -50.38 -31.65 8.47
N THR C 298 -49.92 -32.89 8.28
CA THR C 298 -48.53 -33.09 7.91
C THR C 298 -48.29 -32.76 6.44
N LYS C 299 -49.29 -33.02 5.60
CA LYS C 299 -49.17 -32.77 4.17
C LYS C 299 -49.11 -31.28 3.87
N PHE C 300 -48.36 -30.92 2.84
CA PHE C 300 -48.26 -29.54 2.38
C PHE C 300 -49.03 -29.41 1.07
N TYR C 301 -50.27 -28.93 1.17
CA TYR C 301 -51.14 -28.76 0.02
C TYR C 301 -50.73 -27.52 -0.74
N LYS C 302 -50.67 -27.62 -2.07
CA LYS C 302 -50.41 -26.45 -2.90
C LYS C 302 -51.34 -26.43 -4.09
N VAL C 303 -51.61 -25.22 -4.58
CA VAL C 303 -52.60 -24.98 -5.62
C VAL C 303 -51.88 -24.72 -6.94
N ARG C 304 -52.52 -25.07 -8.05
CA ARG C 304 -52.02 -24.77 -9.38
C ARG C 304 -53.06 -23.98 -10.15
N PRO C 305 -53.03 -22.65 -10.11
CA PRO C 305 -53.93 -21.87 -10.95
C PRO C 305 -53.60 -22.06 -12.41
N TYR C 306 -54.62 -22.04 -13.25
CA TYR C 306 -54.45 -22.11 -14.69
C TYR C 306 -55.58 -21.37 -15.37
N ASN C 307 -55.44 -21.17 -16.68
CA ASN C 307 -56.33 -20.34 -17.50
C ASN C 307 -56.44 -18.94 -16.89
N VAL C 308 -55.29 -18.26 -16.83
CA VAL C 308 -55.20 -16.97 -16.15
C VAL C 308 -55.55 -15.79 -17.03
N GLY C 309 -55.74 -16.00 -18.33
CA GLY C 309 -56.13 -14.92 -19.20
C GLY C 309 -55.72 -15.20 -20.64
N SER C 310 -55.70 -14.13 -21.42
CA SER C 310 -55.33 -14.22 -22.82
C SER C 310 -53.84 -14.52 -22.97
N CYS C 311 -53.51 -15.29 -24.01
CA CYS C 311 -52.14 -15.70 -24.26
C CYS C 311 -51.42 -14.65 -25.11
N LYS C 312 -51.13 -13.52 -24.47
CA LYS C 312 -50.29 -12.51 -25.07
C LYS C 312 -48.85 -13.00 -25.13
N GLY C 313 -48.10 -12.51 -26.11
CA GLY C 313 -46.78 -13.04 -26.36
C GLY C 313 -45.74 -12.62 -25.33
N MET C 314 -44.64 -13.38 -25.34
CA MET C 314 -43.47 -13.06 -24.52
C MET C 314 -42.87 -11.72 -24.90
N ARG C 315 -42.75 -11.45 -26.20
CA ARG C 315 -42.09 -10.25 -26.67
C ARG C 315 -43.00 -9.03 -26.63
N GLU C 316 -44.29 -9.21 -26.34
CA GLU C 316 -45.21 -8.10 -26.11
C GLU C 316 -45.36 -7.76 -24.64
N LEU C 317 -44.69 -8.50 -23.76
CA LEU C 317 -44.69 -8.21 -22.34
C LEU C 317 -43.70 -7.09 -22.02
N ASN C 318 -43.86 -6.50 -20.85
CA ASN C 318 -43.12 -5.33 -20.40
C ASN C 318 -42.54 -5.57 -19.02
N PRO C 319 -41.55 -4.76 -18.61
CA PRO C 319 -41.01 -4.89 -17.24
C PRO C 319 -42.02 -4.65 -16.14
N ASN C 320 -43.15 -3.99 -16.41
CA ASN C 320 -44.18 -3.89 -15.39
C ASN C 320 -44.95 -5.20 -15.21
N ASP C 321 -44.75 -6.19 -16.07
CA ASP C 321 -45.37 -7.49 -15.95
C ASP C 321 -44.54 -8.49 -15.15
N ILE C 322 -43.42 -8.04 -14.57
CA ILE C 322 -42.58 -8.93 -13.76
C ILE C 322 -43.34 -9.37 -12.52
N ASP C 323 -43.24 -10.66 -12.20
CA ASP C 323 -43.95 -11.31 -11.09
C ASP C 323 -45.46 -11.20 -11.24
N LYS C 324 -45.93 -11.41 -12.46
CA LYS C 324 -47.35 -11.59 -12.76
C LYS C 324 -47.58 -12.99 -13.29
N LEU C 325 -48.83 -13.45 -13.19
CA LEU C 325 -49.19 -14.75 -13.76
C LEU C 325 -49.42 -14.61 -15.26
N ILE C 326 -48.74 -15.45 -16.04
CA ILE C 326 -48.83 -15.42 -17.49
C ILE C 326 -49.09 -16.82 -18.02
N ASN C 327 -49.89 -16.89 -19.09
CA ASN C 327 -50.24 -18.13 -19.76
C ASN C 327 -49.65 -18.11 -21.16
N LEU C 328 -49.06 -19.24 -21.56
CA LEU C 328 -48.27 -19.31 -22.78
C LEU C 328 -48.52 -20.63 -23.49
N LYS C 329 -48.49 -20.59 -24.83
CA LYS C 329 -48.53 -21.76 -25.68
C LYS C 329 -47.09 -22.17 -25.95
N GLY C 330 -46.86 -23.46 -26.21
CA GLY C 330 -45.52 -23.70 -26.72
C GLY C 330 -45.27 -25.15 -27.11
N LEU C 331 -44.12 -25.35 -27.73
CA LEU C 331 -43.56 -26.65 -28.04
C LEU C 331 -42.23 -26.82 -27.33
N VAL C 332 -42.06 -27.93 -26.63
CA VAL C 332 -40.84 -28.22 -25.89
C VAL C 332 -39.79 -28.73 -26.87
N LEU C 333 -38.62 -28.08 -26.88
CA LEU C 333 -37.52 -28.50 -27.73
C LEU C 333 -36.54 -29.41 -26.99
N ARG C 334 -36.14 -29.04 -25.77
CA ARG C 334 -35.26 -29.87 -24.97
C ARG C 334 -35.40 -29.48 -23.50
N SER C 335 -34.81 -30.30 -22.64
CA SER C 335 -34.79 -30.05 -21.22
C SER C 335 -33.43 -30.43 -20.66
N THR C 336 -32.94 -29.62 -19.74
CA THR C 336 -31.71 -29.92 -19.03
C THR C 336 -31.94 -31.10 -18.07
N PRO C 337 -30.88 -31.79 -17.66
CA PRO C 337 -31.03 -32.84 -16.64
C PRO C 337 -31.50 -32.26 -15.30
N VAL C 338 -31.78 -33.17 -14.38
CA VAL C 338 -32.24 -32.80 -13.05
C VAL C 338 -31.11 -32.06 -12.34
N ILE C 339 -31.38 -30.83 -11.92
CA ILE C 339 -30.41 -29.97 -11.27
C ILE C 339 -30.75 -29.90 -9.79
N PRO C 340 -29.79 -30.16 -8.89
CA PRO C 340 -30.07 -30.02 -7.46
C PRO C 340 -29.86 -28.58 -7.01
N ASP C 341 -30.94 -27.94 -6.55
CA ASP C 341 -30.83 -26.62 -5.94
C ASP C 341 -30.94 -26.76 -4.42
N MET C 342 -30.04 -26.10 -3.72
CA MET C 342 -29.74 -26.46 -2.34
C MET C 342 -30.64 -25.68 -1.39
N LYS C 343 -31.46 -26.40 -0.64
CA LYS C 343 -32.46 -25.82 0.26
C LYS C 343 -31.98 -25.71 1.70
N VAL C 344 -31.42 -26.78 2.27
CA VAL C 344 -30.85 -26.76 3.60
C VAL C 344 -29.36 -27.03 3.48
N ALA C 345 -28.56 -26.31 4.24
CA ALA C 345 -27.10 -26.43 4.23
C ALA C 345 -26.63 -27.08 5.52
N PHE C 346 -25.64 -27.96 5.38
CA PHE C 346 -25.13 -28.77 6.48
C PHE C 346 -23.68 -28.40 6.69
N PHE C 347 -23.37 -27.81 7.85
CA PHE C 347 -22.01 -27.39 8.19
C PHE C 347 -21.51 -28.22 9.36
N LYS C 348 -20.24 -28.64 9.28
CA LYS C 348 -19.61 -29.48 10.30
C LYS C 348 -18.36 -28.80 10.83
N CYS C 349 -18.17 -28.87 12.14
CA CYS C 349 -16.93 -28.38 12.73
C CYS C 349 -15.79 -29.37 12.47
N ASN C 350 -14.60 -28.83 12.19
CA ASN C 350 -13.47 -29.68 11.88
C ASN C 350 -12.88 -30.33 13.13
N VAL C 351 -12.94 -29.65 14.27
CA VAL C 351 -12.22 -30.09 15.46
C VAL C 351 -13.11 -30.86 16.43
N CYS C 352 -14.37 -30.46 16.59
CA CYS C 352 -15.25 -31.12 17.55
C CYS C 352 -16.40 -31.85 16.88
N ASP C 353 -16.50 -31.81 15.55
CA ASP C 353 -17.52 -32.51 14.76
C ASP C 353 -18.93 -32.10 15.15
N HIS C 354 -19.10 -30.84 15.55
CA HIS C 354 -20.43 -30.28 15.80
C HIS C 354 -20.98 -29.73 14.51
N THR C 355 -22.22 -30.06 14.20
CA THR C 355 -22.86 -29.71 12.95
C THR C 355 -24.09 -28.84 13.19
N MET C 356 -24.36 -27.98 12.22
CA MET C 356 -25.60 -27.19 12.20
C MET C 356 -26.20 -27.26 10.81
N ALA C 357 -27.51 -27.06 10.75
CA ALA C 357 -28.24 -27.00 9.50
C ALA C 357 -28.90 -25.63 9.40
N VAL C 358 -28.67 -24.93 8.30
CA VAL C 358 -29.22 -23.60 8.07
C VAL C 358 -30.10 -23.62 6.83
N GLU C 359 -31.27 -23.00 6.94
CA GLU C 359 -32.21 -22.95 5.82
C GLU C 359 -31.80 -21.85 4.84
N ILE C 360 -32.14 -22.06 3.58
CA ILE C 360 -31.91 -21.02 2.58
C ILE C 360 -32.95 -19.93 2.75
N ASP C 361 -32.52 -18.68 2.54
CA ASP C 361 -33.38 -17.52 2.74
C ASP C 361 -33.19 -16.65 1.50
N ARG C 362 -34.15 -16.75 0.58
CA ARG C 362 -34.18 -15.97 -0.65
C ARG C 362 -32.91 -16.15 -1.48
N GLY C 363 -32.45 -17.40 -1.58
CA GLY C 363 -31.30 -17.72 -2.40
C GLY C 363 -29.96 -17.53 -1.74
N VAL C 364 -29.92 -17.23 -0.44
CA VAL C 364 -28.67 -16.93 0.27
C VAL C 364 -28.60 -17.82 1.50
N ILE C 365 -27.45 -18.47 1.70
CA ILE C 365 -27.19 -19.29 2.88
C ILE C 365 -26.11 -18.62 3.71
N GLN C 366 -26.37 -18.47 5.02
CA GLN C 366 -25.45 -17.84 5.94
C GLN C 366 -24.51 -18.90 6.51
N GLU C 367 -23.26 -18.89 6.05
CA GLU C 367 -22.29 -19.84 6.60
C GLU C 367 -21.80 -19.33 7.95
N PRO C 368 -21.63 -20.21 8.94
CA PRO C 368 -21.24 -19.75 10.28
C PRO C 368 -19.76 -19.38 10.35
N ALA C 369 -19.49 -18.22 10.94
CA ALA C 369 -18.10 -17.80 11.14
C ALA C 369 -17.48 -18.54 12.33
N ARG C 370 -18.26 -18.77 13.38
CA ARG C 370 -17.77 -19.40 14.60
C ARG C 370 -18.58 -20.65 14.87
N CYS C 371 -17.97 -21.60 15.57
CA CYS C 371 -18.67 -22.79 16.00
C CYS C 371 -19.74 -22.44 17.02
N GLU C 372 -20.90 -23.10 16.91
CA GLU C 372 -22.03 -22.79 17.76
C GLU C 372 -21.87 -23.33 19.18
N ARG C 373 -20.96 -24.27 19.37
CA ARG C 373 -20.78 -24.90 20.69
C ARG C 373 -20.25 -23.90 21.70
N ILE C 374 -20.68 -24.07 22.95
CA ILE C 374 -20.12 -23.26 24.02
C ILE C 374 -18.68 -23.66 24.32
N ASP C 375 -18.38 -24.96 24.29
CA ASP C 375 -17.03 -25.43 24.56
C ASP C 375 -16.08 -25.14 23.42
N CYS C 376 -16.51 -25.38 22.17
CA CYS C 376 -15.71 -25.11 20.98
C CYS C 376 -16.23 -23.86 20.30
N ASN C 377 -15.40 -22.83 20.23
CA ASN C 377 -15.76 -21.59 19.55
C ASN C 377 -14.65 -21.19 18.59
N GLU C 378 -14.08 -22.17 17.90
CA GLU C 378 -12.94 -21.93 17.02
C GLU C 378 -13.39 -21.19 15.76
N PRO C 379 -12.67 -20.16 15.33
CA PRO C 379 -13.07 -19.43 14.13
C PRO C 379 -12.71 -20.18 12.85
N ASN C 380 -13.60 -20.06 11.86
CA ASN C 380 -13.44 -20.69 10.54
C ASN C 380 -13.24 -22.19 10.62
N SER C 381 -13.88 -22.82 11.61
CA SER C 381 -13.82 -24.26 11.78
C SER C 381 -14.99 -24.99 11.16
N MET C 382 -15.93 -24.28 10.55
CA MET C 382 -17.11 -24.89 9.96
C MET C 382 -16.91 -25.07 8.47
N SER C 383 -17.03 -26.31 8.00
CA SER C 383 -16.89 -26.65 6.59
C SER C 383 -18.18 -27.25 6.08
N LEU C 384 -18.50 -26.96 4.82
CA LEU C 384 -19.74 -27.41 4.21
C LEU C 384 -19.58 -28.81 3.65
N ILE C 385 -20.42 -29.73 4.10
CA ILE C 385 -20.45 -31.09 3.60
C ILE C 385 -21.57 -31.18 2.56
N HIS C 386 -21.20 -31.30 1.29
CA HIS C 386 -22.13 -31.14 0.19
C HIS C 386 -23.13 -32.29 0.06
N ASN C 387 -22.82 -33.46 0.59
CA ASN C 387 -23.71 -34.61 0.41
C ASN C 387 -24.66 -34.82 1.57
N ARG C 388 -24.41 -34.20 2.72
CA ARG C 388 -25.34 -34.28 3.85
C ARG C 388 -26.44 -33.26 3.74
N CYS C 389 -26.21 -32.15 3.04
CA CYS C 389 -27.19 -31.10 2.92
C CYS C 389 -28.26 -31.47 1.91
N SER C 390 -29.49 -31.01 2.17
CA SER C 390 -30.64 -31.45 1.41
C SER C 390 -30.87 -30.58 0.19
N PHE C 391 -31.30 -31.22 -0.90
CA PHE C 391 -31.47 -30.56 -2.19
C PHE C 391 -32.91 -30.73 -2.67
N ALA C 392 -33.25 -29.96 -3.69
CA ALA C 392 -34.54 -30.06 -4.36
C ALA C 392 -34.33 -30.09 -5.86
N ASP C 393 -35.36 -30.53 -6.58
CA ASP C 393 -35.26 -30.71 -8.02
C ASP C 393 -35.56 -29.41 -8.75
N LYS C 394 -34.74 -29.10 -9.75
CA LYS C 394 -34.93 -27.94 -10.60
C LYS C 394 -34.56 -28.32 -12.01
N GLN C 395 -35.44 -28.06 -12.97
CA GLN C 395 -35.19 -28.40 -14.35
C GLN C 395 -35.48 -27.18 -15.22
N VAL C 396 -34.72 -27.06 -16.31
CA VAL C 396 -34.84 -25.96 -17.25
C VAL C 396 -35.26 -26.54 -18.59
N ILE C 397 -36.36 -26.04 -19.14
CA ILE C 397 -36.94 -26.53 -20.38
C ILE C 397 -36.94 -25.38 -21.38
N LYS C 398 -36.43 -25.65 -22.58
CA LYS C 398 -36.45 -24.68 -23.66
C LYS C 398 -37.75 -24.87 -24.44
N LEU C 399 -38.59 -23.83 -24.47
CA LEU C 399 -39.91 -23.91 -25.06
C LEU C 399 -40.00 -22.99 -26.26
N GLN C 400 -40.41 -23.55 -27.39
CA GLN C 400 -40.61 -22.76 -28.61
C GLN C 400 -42.06 -22.27 -28.63
N GLU C 401 -42.24 -20.97 -28.49
CA GLU C 401 -43.55 -20.39 -28.28
C GLU C 401 -44.31 -20.24 -29.60
N THR C 402 -45.61 -20.54 -29.56
CA THR C 402 -46.50 -20.34 -30.71
C THR C 402 -47.63 -19.41 -30.29
N PRO C 403 -47.43 -18.10 -30.42
CA PRO C 403 -48.47 -17.14 -30.00
C PRO C 403 -49.69 -17.21 -30.90
N ASP C 404 -50.83 -16.85 -30.32
CA ASP C 404 -52.04 -16.72 -31.12
C ASP C 404 -51.94 -15.56 -32.10
N PHE C 405 -51.43 -14.42 -31.63
CA PHE C 405 -51.19 -13.25 -32.48
C PHE C 405 -49.69 -13.07 -32.64
N VAL C 406 -49.25 -12.89 -33.87
CA VAL C 406 -47.85 -12.66 -34.21
C VAL C 406 -47.76 -11.31 -34.91
N PRO C 407 -46.97 -10.36 -34.41
CA PRO C 407 -46.83 -9.07 -35.09
C PRO C 407 -46.15 -9.15 -36.45
N ASP C 408 -46.02 -8.01 -37.10
CA ASP C 408 -45.50 -7.96 -38.46
C ASP C 408 -44.01 -8.32 -38.47
N GLY C 409 -43.68 -9.41 -39.13
CA GLY C 409 -42.29 -9.83 -39.26
C GLY C 409 -41.66 -10.28 -37.97
N GLN C 410 -42.43 -10.86 -37.06
CA GLN C 410 -41.87 -11.41 -35.83
C GLN C 410 -41.43 -12.84 -36.10
N THR C 411 -40.20 -13.12 -35.81
CA THR C 411 -39.59 -14.42 -36.06
C THR C 411 -39.59 -15.22 -34.76
N PRO C 412 -40.05 -16.47 -34.74
CA PRO C 412 -40.27 -17.18 -33.47
C PRO C 412 -38.99 -17.40 -32.69
N HIS C 413 -39.13 -17.41 -31.36
CA HIS C 413 -38.03 -17.49 -30.43
C HIS C 413 -38.25 -18.64 -29.46
N SER C 414 -37.25 -18.87 -28.61
CA SER C 414 -37.34 -19.88 -27.57
C SER C 414 -37.21 -19.22 -26.21
N ILE C 415 -38.07 -19.60 -25.29
CA ILE C 415 -37.98 -19.14 -23.92
C ILE C 415 -37.35 -20.24 -23.08
N SER C 416 -36.90 -19.86 -21.89
CA SER C 416 -36.43 -20.80 -20.89
C SER C 416 -37.41 -20.79 -19.73
N LEU C 417 -37.95 -21.96 -19.39
CA LEU C 417 -38.89 -22.07 -18.29
C LEU C 417 -38.37 -23.05 -17.25
N CYS C 418 -38.45 -22.64 -15.98
CA CYS C 418 -37.90 -23.42 -14.87
C CYS C 418 -39.05 -24.11 -14.14
N VAL C 419 -38.98 -25.44 -14.08
CA VAL C 419 -39.93 -26.24 -13.32
C VAL C 419 -39.23 -26.77 -12.08
N TYR C 420 -40.00 -26.96 -11.02
CA TYR C 420 -39.46 -27.28 -9.71
C TYR C 420 -40.22 -28.45 -9.11
N ASP C 421 -39.50 -29.24 -8.30
CA ASP C 421 -40.05 -30.31 -7.47
C ASP C 421 -40.79 -31.36 -8.31
N GLU C 422 -42.11 -31.42 -8.16
CA GLU C 422 -42.89 -32.47 -8.81
C GLU C 422 -42.94 -32.30 -10.32
N LEU C 423 -42.93 -31.07 -10.82
CA LEU C 423 -43.09 -30.81 -12.24
C LEU C 423 -41.86 -31.20 -13.07
N VAL C 424 -40.78 -31.64 -12.42
CA VAL C 424 -39.58 -32.04 -13.13
C VAL C 424 -39.85 -33.29 -13.94
N ASP C 425 -39.40 -33.30 -15.20
CA ASP C 425 -39.55 -34.39 -16.15
C ASP C 425 -41.02 -34.71 -16.44
N SER C 426 -41.89 -33.71 -16.34
CA SER C 426 -43.28 -33.89 -16.74
C SER C 426 -43.52 -33.45 -18.18
N CYS C 427 -42.59 -32.70 -18.76
CA CYS C 427 -42.66 -32.27 -20.15
C CYS C 427 -41.54 -32.93 -20.93
N ARG C 428 -41.90 -33.60 -22.02
CA ARG C 428 -40.94 -34.26 -22.90
C ARG C 428 -40.71 -33.43 -24.15
N ALA C 429 -39.60 -33.71 -24.83
CA ALA C 429 -39.24 -32.93 -26.00
C ALA C 429 -40.20 -33.24 -27.15
N GLY C 430 -40.87 -32.20 -27.64
CA GLY C 430 -41.76 -32.32 -28.78
C GLY C 430 -43.23 -32.25 -28.50
N ASP C 431 -43.64 -31.96 -27.27
CA ASP C 431 -45.05 -31.89 -26.95
C ASP C 431 -45.55 -30.45 -26.91
N ARG C 432 -46.80 -30.27 -27.33
CA ARG C 432 -47.44 -28.96 -27.32
C ARG C 432 -48.15 -28.78 -26.00
N ILE C 433 -47.72 -27.78 -25.22
CA ILE C 433 -48.18 -27.63 -23.86
C ILE C 433 -48.65 -26.21 -23.60
N GLU C 434 -49.40 -26.08 -22.49
CA GLU C 434 -50.03 -24.86 -22.02
C GLU C 434 -49.37 -24.53 -20.69
N VAL C 435 -48.42 -23.62 -20.68
CA VAL C 435 -47.67 -23.29 -19.47
C VAL C 435 -48.27 -22.04 -18.84
N THR C 436 -48.71 -22.15 -17.59
CA THR C 436 -49.02 -20.97 -16.80
C THR C 436 -48.02 -20.86 -15.66
N GLY C 437 -47.47 -19.67 -15.50
CA GLY C 437 -46.36 -19.50 -14.58
C GLY C 437 -46.15 -18.04 -14.24
N THR C 438 -45.04 -17.78 -13.58
CA THR C 438 -44.72 -16.44 -13.12
C THR C 438 -43.59 -15.85 -13.96
N PHE C 439 -43.81 -14.63 -14.44
CA PHE C 439 -42.83 -13.90 -15.23
C PHE C 439 -41.74 -13.42 -14.29
N ARG C 440 -40.52 -13.91 -14.47
CA ARG C 440 -39.41 -13.59 -13.59
C ARG C 440 -38.26 -12.95 -14.35
N SER C 441 -37.44 -12.19 -13.63
CA SER C 441 -36.25 -11.56 -14.18
C SER C 441 -35.13 -11.61 -13.14
N ILE C 442 -33.94 -12.01 -13.56
CA ILE C 442 -32.77 -12.06 -12.68
C ILE C 442 -31.59 -11.39 -13.37
N PRO C 443 -30.67 -10.77 -12.63
CA PRO C 443 -29.42 -10.32 -13.22
C PRO C 443 -28.41 -11.44 -13.34
N ILE C 444 -27.64 -11.39 -14.43
CA ILE C 444 -26.67 -12.43 -14.77
C ILE C 444 -25.28 -11.87 -14.59
N ARG C 445 -24.42 -12.66 -13.94
CA ARG C 445 -23.03 -12.26 -13.71
C ARG C 445 -22.27 -12.17 -15.03
N ALA C 446 -21.48 -11.11 -15.18
CA ALA C 446 -20.72 -10.94 -16.41
C ALA C 446 -19.55 -11.91 -16.50
N ASN C 447 -18.89 -12.19 -15.37
CA ASN C 447 -17.75 -13.09 -15.34
C ASN C 447 -17.93 -14.07 -14.20
N SER C 448 -17.26 -15.22 -14.32
CA SER C 448 -17.37 -16.25 -13.29
C SER C 448 -16.65 -15.84 -12.01
N ARG C 449 -15.49 -15.21 -12.13
CA ARG C 449 -14.69 -14.86 -10.96
C ARG C 449 -15.24 -13.64 -10.22
N GLN C 450 -15.98 -12.78 -10.90
CA GLN C 450 -16.45 -11.52 -10.33
C GLN C 450 -17.93 -11.60 -9.99
N ARG C 451 -18.32 -10.84 -8.98
CA ARG C 451 -19.71 -10.73 -8.56
C ARG C 451 -20.44 -9.60 -9.26
N VAL C 452 -19.84 -9.03 -10.31
CA VAL C 452 -20.43 -7.92 -11.05
C VAL C 452 -21.57 -8.45 -11.91
N LEU C 453 -22.72 -7.81 -11.83
CA LEU C 453 -23.92 -8.23 -12.54
C LEU C 453 -24.20 -7.31 -13.72
N LYS C 454 -25.00 -7.80 -14.66
CA LYS C 454 -25.35 -7.00 -15.83
C LYS C 454 -26.64 -6.22 -15.57
N SER C 455 -26.66 -4.98 -16.07
CA SER C 455 -27.83 -4.11 -15.87
C SER C 455 -29.03 -4.60 -16.65
N LEU C 456 -28.81 -5.22 -17.81
CA LEU C 456 -29.90 -5.80 -18.58
C LEU C 456 -30.24 -7.17 -18.01
N TYR C 457 -31.51 -7.39 -17.71
CA TYR C 457 -31.94 -8.57 -16.98
C TYR C 457 -32.35 -9.69 -17.93
N LYS C 458 -32.27 -10.91 -17.42
CA LYS C 458 -32.66 -12.11 -18.15
C LYS C 458 -34.02 -12.58 -17.67
N THR C 459 -34.95 -12.74 -18.60
CA THR C 459 -36.33 -13.09 -18.27
C THR C 459 -36.57 -14.59 -18.47
N TYR C 460 -37.41 -15.14 -17.60
CA TYR C 460 -37.78 -16.55 -17.67
C TYR C 460 -39.13 -16.71 -16.99
N VAL C 461 -39.70 -17.91 -17.12
CA VAL C 461 -41.01 -18.22 -16.56
C VAL C 461 -40.84 -19.25 -15.46
N ASP C 462 -41.29 -18.91 -14.26
CA ASP C 462 -41.31 -19.84 -13.13
C ASP C 462 -42.65 -20.56 -13.18
N VAL C 463 -42.62 -21.83 -13.57
CA VAL C 463 -43.82 -22.54 -13.99
C VAL C 463 -44.62 -22.99 -12.79
N VAL C 464 -45.92 -22.70 -12.83
CA VAL C 464 -46.86 -23.10 -11.80
C VAL C 464 -47.65 -24.32 -12.22
N HIS C 465 -48.18 -24.32 -13.44
CA HIS C 465 -49.02 -25.42 -13.89
C HIS C 465 -48.79 -25.65 -15.38
N VAL C 466 -48.84 -26.93 -15.76
CA VAL C 466 -48.64 -27.38 -17.14
C VAL C 466 -49.88 -28.15 -17.56
N LYS C 467 -50.47 -27.76 -18.68
CA LYS C 467 -51.60 -28.47 -19.26
C LYS C 467 -51.18 -29.09 -20.58
N LYS C 468 -51.17 -30.42 -20.63
CA LYS C 468 -50.68 -31.14 -21.79
C LYS C 468 -51.80 -31.67 -22.67
N VAL C 469 -53.04 -31.25 -22.43
CA VAL C 469 -54.21 -31.80 -23.10
C VAL C 469 -55.04 -30.66 -23.66
N SER C 470 -55.36 -30.75 -24.95
CA SER C 470 -56.27 -29.82 -25.61
C SER C 470 -57.46 -30.62 -26.14
N ASP C 471 -58.65 -30.06 -25.99
CA ASP C 471 -59.84 -30.69 -26.55
C ASP C 471 -59.91 -30.56 -28.06
N LYS C 472 -59.09 -29.69 -28.66
CA LYS C 472 -59.06 -29.53 -30.11
C LYS C 472 -58.31 -30.66 -30.79
N ARG C 473 -57.36 -31.29 -30.10
CA ARG C 473 -56.49 -32.28 -30.71
C ARG C 473 -56.50 -33.59 -29.93
N LEU C 474 -55.91 -34.61 -30.54
CA LEU C 474 -55.89 -35.95 -29.96
C LEU C 474 -54.96 -36.00 -28.75
N ASP C 475 -55.26 -36.93 -27.85
CA ASP C 475 -54.40 -37.19 -26.70
C ASP C 475 -53.20 -38.01 -27.14
N VAL C 476 -52.16 -37.99 -26.31
CA VAL C 476 -50.92 -38.70 -26.63
C VAL C 476 -51.15 -40.20 -26.56
N ASP C 477 -50.36 -40.94 -27.34
CA ASP C 477 -50.48 -42.39 -27.35
C ASP C 477 -49.96 -42.97 -26.05
N THR C 478 -50.78 -43.81 -25.42
CA THR C 478 -50.41 -44.37 -24.13
C THR C 478 -49.32 -45.43 -24.26
N SER C 479 -49.18 -46.05 -25.43
CA SER C 479 -48.16 -47.08 -25.62
C SER C 479 -46.76 -46.50 -25.68
N THR C 480 -46.62 -45.19 -25.88
CA THR C 480 -45.30 -44.58 -25.94
C THR C 480 -44.81 -44.07 -24.59
N ILE C 481 -45.70 -43.95 -23.60
CA ILE C 481 -45.35 -43.30 -22.34
C ILE C 481 -45.70 -44.17 -21.13
N GLU C 482 -45.67 -45.49 -21.29
CA GLU C 482 -46.10 -46.39 -20.21
C GLU C 482 -45.22 -46.24 -18.98
N GLN C 483 -43.90 -46.34 -19.16
CA GLN C 483 -42.99 -46.17 -18.02
C GLN C 483 -42.99 -44.72 -17.55
N GLU C 484 -43.29 -43.78 -18.44
CA GLU C 484 -43.44 -42.38 -18.04
C GLU C 484 -44.69 -42.18 -17.18
N LEU C 485 -45.78 -42.87 -17.50
CA LEU C 485 -46.95 -42.82 -16.62
C LEU C 485 -46.66 -43.47 -15.27
N MET C 486 -45.89 -44.56 -15.26
CA MET C 486 -45.51 -45.17 -13.98
C MET C 486 -44.62 -44.23 -13.16
N GLN C 487 -43.70 -43.53 -13.81
CA GLN C 487 -42.87 -42.56 -13.11
C GLN C 487 -43.68 -41.35 -12.66
N ASN C 488 -44.71 -40.98 -13.41
CA ASN C 488 -45.63 -39.94 -12.97
C ASN C 488 -46.36 -40.36 -11.70
N LYS C 489 -46.78 -41.62 -11.64
CA LYS C 489 -47.40 -42.13 -10.42
C LYS C 489 -46.42 -42.16 -9.25
N VAL C 490 -45.16 -42.53 -9.53
CA VAL C 490 -44.17 -42.65 -8.46
C VAL C 490 -43.80 -41.28 -7.90
N ASP C 491 -43.53 -40.31 -8.78
CA ASP C 491 -43.13 -38.98 -8.35
C ASP C 491 -44.27 -38.16 -7.77
N HIS C 492 -45.52 -38.62 -7.93
CA HIS C 492 -46.72 -37.87 -7.54
C HIS C 492 -46.75 -36.48 -8.17
N ASN C 493 -46.25 -36.40 -9.41
CA ASN C 493 -46.35 -35.15 -10.16
C ASN C 493 -47.78 -34.82 -10.52
N GLU C 494 -48.57 -35.85 -10.85
CA GLU C 494 -50.02 -35.80 -11.08
C GLU C 494 -50.44 -34.66 -12.00
N VAL C 495 -49.70 -34.48 -13.08
CA VAL C 495 -50.15 -33.70 -14.22
C VAL C 495 -50.76 -34.67 -15.21
N GLU C 496 -52.01 -34.42 -15.60
CA GLU C 496 -52.80 -35.36 -16.38
C GLU C 496 -52.34 -35.40 -17.82
N GLU C 497 -52.23 -36.61 -18.36
CA GLU C 497 -51.75 -36.83 -19.73
C GLU C 497 -52.88 -37.09 -20.71
N VAL C 498 -53.98 -37.65 -20.25
CA VAL C 498 -55.11 -37.98 -21.12
C VAL C 498 -56.39 -37.44 -20.49
N ARG C 499 -57.39 -37.22 -21.34
CA ARG C 499 -58.69 -36.72 -20.88
C ARG C 499 -59.40 -37.75 -20.01
N GLN C 500 -60.02 -37.26 -18.95
CA GLN C 500 -60.86 -38.12 -18.13
C GLN C 500 -62.22 -38.28 -18.80
N ILE C 501 -62.56 -39.53 -19.14
CA ILE C 501 -63.81 -39.84 -19.80
C ILE C 501 -64.84 -40.17 -18.72
N THR C 502 -65.96 -39.45 -18.76
CA THR C 502 -67.02 -39.64 -17.77
C THR C 502 -67.87 -40.85 -18.17
N ASP C 503 -69.05 -40.97 -17.56
CA ASP C 503 -69.95 -42.05 -17.95
C ASP C 503 -70.89 -41.62 -19.08
N GLN C 504 -71.35 -40.38 -19.04
CA GLN C 504 -72.29 -39.90 -20.05
C GLN C 504 -71.64 -39.83 -21.42
N ASP C 505 -70.43 -39.26 -21.50
CA ASP C 505 -69.75 -39.18 -22.78
C ASP C 505 -69.25 -40.55 -23.25
N LEU C 506 -68.98 -41.46 -22.32
CA LEU C 506 -68.66 -42.83 -22.71
C LEU C 506 -69.86 -43.51 -23.35
N ALA C 507 -71.05 -43.34 -22.75
CA ALA C 507 -72.27 -43.88 -23.36
C ALA C 507 -72.54 -43.21 -24.71
N LYS C 508 -72.22 -41.92 -24.84
CA LYS C 508 -72.36 -41.25 -26.13
C LYS C 508 -71.38 -41.83 -27.15
N ILE C 509 -70.17 -42.18 -26.72
CA ILE C 509 -69.19 -42.80 -27.61
C ILE C 509 -69.71 -44.14 -28.12
N ARG C 510 -70.25 -44.97 -27.22
CA ARG C 510 -70.84 -46.23 -27.67
C ARG C 510 -72.04 -46.04 -28.60
N GLU C 511 -72.92 -45.07 -28.33
CA GLU C 511 -74.10 -44.97 -29.18
C GLU C 511 -73.73 -44.38 -30.55
N VAL C 512 -72.68 -43.57 -30.61
CA VAL C 512 -72.16 -43.18 -31.94
C VAL C 512 -71.51 -44.36 -32.63
N ALA C 513 -70.79 -45.21 -31.88
CA ALA C 513 -70.11 -46.36 -32.48
C ALA C 513 -71.07 -47.40 -33.02
N ALA C 514 -72.32 -47.42 -32.56
CA ALA C 514 -73.31 -48.38 -33.04
C ALA C 514 -74.08 -47.89 -34.26
N ARG C 515 -73.79 -46.69 -34.73
CA ARG C 515 -74.49 -46.14 -35.88
C ARG C 515 -74.03 -46.82 -37.16
N GLU C 516 -74.98 -47.04 -38.09
CA GLU C 516 -74.70 -47.84 -39.28
C GLU C 516 -73.73 -47.16 -40.23
N ASP C 517 -73.85 -45.84 -40.40
CA ASP C 517 -72.97 -45.09 -41.28
C ASP C 517 -71.84 -44.40 -40.52
N LEU C 518 -71.28 -45.08 -39.52
CA LEU C 518 -70.25 -44.48 -38.66
C LEU C 518 -68.98 -44.17 -39.44
N TYR C 519 -68.64 -45.02 -40.42
CA TYR C 519 -67.42 -44.83 -41.21
C TYR C 519 -67.49 -43.55 -42.04
N SER C 520 -68.59 -43.39 -42.78
CA SER C 520 -68.79 -42.15 -43.54
C SER C 520 -68.99 -40.95 -42.64
N LEU C 521 -69.60 -41.14 -41.48
CA LEU C 521 -69.79 -40.04 -40.54
C LEU C 521 -68.46 -39.52 -40.01
N LEU C 522 -67.57 -40.42 -39.60
CA LEU C 522 -66.29 -40.00 -39.05
C LEU C 522 -65.38 -39.46 -40.13
N ALA C 523 -65.41 -40.05 -41.33
CA ALA C 523 -64.60 -39.51 -42.42
C ALA C 523 -65.10 -38.15 -42.88
N ARG C 524 -66.43 -37.94 -42.84
CA ARG C 524 -67.00 -36.67 -43.22
C ARG C 524 -66.68 -35.57 -42.22
N SER C 525 -66.49 -35.94 -40.96
CA SER C 525 -66.24 -34.99 -39.90
C SER C 525 -64.77 -34.64 -39.74
N ILE C 526 -63.90 -35.19 -40.59
CA ILE C 526 -62.48 -34.86 -40.51
C ILE C 526 -62.25 -33.41 -40.94
N ALA C 527 -62.49 -33.11 -42.21
CA ALA C 527 -62.25 -31.77 -42.75
C ALA C 527 -63.53 -31.27 -43.39
N PRO C 528 -64.42 -30.64 -42.61
CA PRO C 528 -65.67 -30.13 -43.18
C PRO C 528 -65.47 -29.07 -44.24
N SER C 529 -64.39 -28.29 -44.16
CA SER C 529 -64.13 -27.27 -45.17
C SER C 529 -63.55 -27.85 -46.44
N ILE C 530 -63.18 -29.12 -46.44
CA ILE C 530 -62.65 -29.79 -47.63
C ILE C 530 -63.75 -30.66 -48.22
N TYR C 531 -64.06 -30.43 -49.49
CA TYR C 531 -65.23 -31.05 -50.12
C TYR C 531 -64.83 -32.37 -50.78
N GLU C 532 -65.65 -33.39 -50.57
CA GLU C 532 -65.47 -34.76 -51.08
C GLU C 532 -64.12 -35.28 -50.59
N LEU C 533 -63.30 -35.89 -51.45
CA LEU C 533 -62.11 -36.64 -51.05
C LEU C 533 -62.46 -37.64 -49.94
N GLU C 534 -63.53 -38.41 -50.18
CA GLU C 534 -64.06 -39.30 -49.16
C GLU C 534 -63.07 -40.43 -48.84
N ASP C 535 -62.50 -41.07 -49.87
CA ASP C 535 -61.53 -42.12 -49.62
C ASP C 535 -60.25 -41.58 -48.99
N VAL C 536 -59.84 -40.38 -49.38
CA VAL C 536 -58.70 -39.73 -48.76
C VAL C 536 -58.96 -39.48 -47.28
N LYS C 537 -60.15 -38.99 -46.95
CA LYS C 537 -60.51 -38.75 -45.57
C LYS C 537 -60.64 -40.05 -44.77
N LYS C 538 -61.11 -41.11 -45.43
CA LYS C 538 -61.19 -42.43 -44.79
C LYS C 538 -59.79 -42.94 -44.44
N GLY C 539 -58.84 -42.78 -45.37
CA GLY C 539 -57.47 -43.15 -45.09
C GLY C 539 -56.84 -42.31 -44.00
N ILE C 540 -57.14 -41.01 -43.99
CA ILE C 540 -56.64 -40.12 -42.93
C ILE C 540 -57.21 -40.56 -41.58
N LEU C 541 -58.48 -40.93 -41.55
CA LEU C 541 -59.12 -41.43 -40.34
C LEU C 541 -58.45 -42.70 -39.85
N LEU C 542 -58.16 -43.63 -40.76
CA LEU C 542 -57.53 -44.88 -40.37
C LEU C 542 -56.09 -44.67 -39.92
N GLN C 543 -55.39 -43.69 -40.50
CA GLN C 543 -54.07 -43.33 -40.02
C GLN C 543 -54.13 -42.70 -38.63
N LEU C 544 -55.17 -41.90 -38.36
CA LEU C 544 -55.38 -41.35 -37.03
C LEU C 544 -55.64 -42.45 -36.00
N PHE C 545 -56.45 -43.45 -36.37
CA PHE C 545 -56.71 -44.56 -35.45
C PHE C 545 -55.47 -45.42 -35.25
N GLY C 546 -54.81 -45.80 -36.33
CA GLY C 546 -53.61 -46.60 -36.25
C GLY C 546 -53.91 -48.08 -36.10
N GLY C 547 -52.92 -48.88 -36.48
CA GLY C 547 -53.00 -50.30 -36.25
C GLY C 547 -52.61 -50.66 -34.83
N THR C 548 -52.70 -51.95 -34.52
CA THR C 548 -52.37 -52.39 -33.16
C THR C 548 -50.87 -52.51 -32.99
N ASN C 549 -50.42 -52.23 -31.78
CA ASN C 549 -49.01 -52.31 -31.42
C ASN C 549 -48.78 -53.59 -30.63
N LYS C 550 -47.92 -54.45 -31.14
CA LYS C 550 -47.66 -55.76 -30.56
C LYS C 550 -46.22 -55.80 -30.06
N THR C 551 -46.04 -56.13 -28.80
CA THR C 551 -44.72 -56.24 -28.19
C THR C 551 -44.41 -57.72 -27.97
N PHE C 552 -43.42 -58.22 -28.70
CA PHE C 552 -42.99 -59.60 -28.55
C PHE C 552 -42.32 -59.79 -27.20
N THR C 553 -42.58 -60.95 -26.58
CA THR C 553 -41.92 -61.28 -25.32
C THR C 553 -40.43 -61.56 -25.53
N LYS C 554 -40.08 -62.06 -26.72
CA LYS C 554 -38.67 -62.27 -27.05
C LYS C 554 -37.92 -60.94 -27.14
N GLY C 555 -38.55 -59.92 -27.68
CA GLY C 555 -37.91 -58.61 -27.79
C GLY C 555 -38.28 -57.83 -29.04
N GLY C 556 -38.99 -58.46 -29.96
CA GLY C 556 -39.42 -57.77 -31.16
C GLY C 556 -40.55 -56.80 -30.88
N ARG C 557 -40.84 -55.96 -31.88
CA ARG C 557 -41.87 -54.94 -31.74
C ARG C 557 -42.46 -54.63 -33.10
N TYR C 558 -43.79 -54.60 -33.17
CA TYR C 558 -44.51 -54.22 -34.36
C TYR C 558 -45.39 -53.02 -34.05
N ARG C 559 -45.26 -51.96 -34.83
CA ARG C 559 -45.99 -50.72 -34.62
C ARG C 559 -46.99 -50.52 -35.74
N GLY C 560 -48.25 -50.29 -35.38
CA GLY C 560 -49.28 -50.05 -36.37
C GLY C 560 -49.35 -48.60 -36.81
N ASP C 561 -48.32 -48.14 -37.51
CA ASP C 561 -48.27 -46.78 -38.04
C ASP C 561 -48.53 -46.83 -39.54
N ILE C 562 -49.58 -46.15 -39.98
CA ILE C 562 -49.96 -46.09 -41.39
C ILE C 562 -49.30 -44.87 -42.01
N ASN C 563 -48.59 -45.09 -43.12
CA ASN C 563 -47.96 -44.03 -43.89
C ASN C 563 -48.77 -43.80 -45.15
N ILE C 564 -49.09 -42.53 -45.42
CA ILE C 564 -49.92 -42.16 -46.56
C ILE C 564 -49.14 -41.16 -47.41
N LEU C 565 -49.06 -41.45 -48.71
CA LEU C 565 -48.57 -40.50 -49.70
C LEU C 565 -49.76 -39.99 -50.51
N LEU C 566 -49.83 -38.69 -50.71
CA LEU C 566 -50.88 -38.06 -51.50
C LEU C 566 -50.20 -37.40 -52.69
N CYS C 567 -50.17 -38.09 -53.83
CA CYS C 567 -49.62 -37.52 -55.05
C CYS C 567 -50.77 -37.06 -55.93
N GLY C 568 -50.66 -35.85 -56.46
CA GLY C 568 -51.78 -35.39 -57.25
C GLY C 568 -51.53 -34.09 -57.97
N ASP C 569 -52.58 -33.67 -58.69
CA ASP C 569 -52.57 -32.41 -59.39
C ASP C 569 -52.56 -31.25 -58.38
N PRO C 570 -52.10 -30.08 -58.79
CA PRO C 570 -52.16 -28.91 -57.89
C PRO C 570 -53.58 -28.53 -57.54
N SER C 571 -53.74 -27.96 -56.36
CA SER C 571 -55.02 -27.50 -55.81
C SER C 571 -56.02 -28.65 -55.70
N THR C 572 -55.68 -29.63 -54.86
CA THR C 572 -56.56 -30.74 -54.56
C THR C 572 -56.86 -30.84 -53.07
N SER C 573 -56.71 -29.73 -52.34
CA SER C 573 -56.92 -29.64 -50.89
C SER C 573 -56.06 -30.61 -50.10
N LYS C 574 -54.90 -31.01 -50.64
CA LYS C 574 -54.07 -31.97 -49.92
C LYS C 574 -53.18 -31.27 -48.90
N SER C 575 -52.64 -30.09 -49.24
CA SER C 575 -51.91 -29.31 -48.25
C SER C 575 -52.80 -28.92 -47.08
N GLN C 576 -54.07 -28.63 -47.35
CA GLN C 576 -55.02 -28.37 -46.27
C GLN C 576 -55.27 -29.62 -45.44
N ILE C 577 -55.23 -30.80 -46.05
CA ILE C 577 -55.33 -32.04 -45.29
C ILE C 577 -54.13 -32.19 -44.36
N LEU C 578 -52.92 -31.87 -44.86
CA LEU C 578 -51.75 -31.87 -43.99
C LEU C 578 -51.88 -30.88 -42.84
N GLN C 579 -52.40 -29.68 -43.12
CA GLN C 579 -52.57 -28.70 -42.05
C GLN C 579 -53.57 -29.17 -41.01
N TYR C 580 -54.69 -29.77 -41.43
CA TYR C 580 -55.64 -30.30 -40.47
C TYR C 580 -55.05 -31.43 -39.64
N VAL C 581 -54.30 -32.34 -40.27
CA VAL C 581 -53.71 -33.45 -39.52
C VAL C 581 -52.66 -32.94 -38.54
N HIS C 582 -51.88 -31.93 -38.96
CA HIS C 582 -50.89 -31.34 -38.06
C HIS C 582 -51.55 -30.67 -36.87
N LYS C 583 -52.70 -30.03 -37.09
CA LYS C 583 -53.42 -29.43 -35.97
C LYS C 583 -54.12 -30.48 -35.09
N ILE C 584 -54.47 -31.64 -35.65
CA ILE C 584 -55.27 -32.60 -34.91
C ILE C 584 -54.40 -33.59 -34.14
N THR C 585 -53.14 -33.77 -34.52
CA THR C 585 -52.28 -34.75 -33.87
C THR C 585 -51.68 -34.18 -32.59
N PRO C 586 -51.35 -35.06 -31.63
CA PRO C 586 -50.75 -34.55 -30.38
C PRO C 586 -49.37 -33.95 -30.53
N ARG C 587 -48.43 -34.65 -31.16
CA ARG C 587 -47.05 -34.15 -31.18
C ARG C 587 -46.36 -34.39 -32.53
N GLY C 588 -47.03 -34.02 -33.62
CA GLY C 588 -46.40 -34.06 -34.92
C GLY C 588 -45.58 -32.82 -35.23
N VAL C 589 -44.89 -32.87 -36.37
CA VAL C 589 -44.08 -31.76 -36.87
C VAL C 589 -44.35 -31.61 -38.36
N TYR C 590 -44.67 -30.38 -38.79
CA TYR C 590 -44.93 -30.07 -40.18
C TYR C 590 -43.65 -29.57 -40.85
N THR C 591 -43.26 -30.22 -41.94
CA THR C 591 -42.04 -29.89 -42.66
C THR C 591 -42.36 -29.76 -44.14
N SER C 592 -41.45 -29.10 -44.86
CA SER C 592 -41.58 -28.89 -46.29
C SER C 592 -40.46 -29.63 -47.01
N GLY C 593 -40.68 -29.89 -48.30
CA GLY C 593 -39.67 -30.56 -49.11
C GLY C 593 -38.47 -29.65 -49.34
N LYS C 594 -37.29 -30.17 -49.02
CA LYS C 594 -35.97 -29.56 -49.20
C LYS C 594 -35.75 -28.35 -48.30
N GLY C 595 -36.78 -27.90 -47.59
CA GLY C 595 -36.64 -27.03 -46.44
C GLY C 595 -36.25 -27.80 -45.20
N SER C 596 -36.05 -29.10 -45.32
CA SER C 596 -35.60 -29.96 -44.25
C SER C 596 -34.32 -30.67 -44.69
N SER C 597 -33.47 -30.98 -43.72
CA SER C 597 -32.23 -31.70 -43.97
C SER C 597 -32.23 -33.00 -43.18
N ALA C 598 -31.27 -33.85 -43.51
CA ALA C 598 -31.15 -35.15 -42.84
C ALA C 598 -30.76 -34.99 -41.38
N VAL C 599 -29.86 -34.04 -41.10
CA VAL C 599 -29.48 -33.79 -39.71
C VAL C 599 -30.64 -33.15 -38.95
N GLY C 600 -31.38 -32.24 -39.61
CA GLY C 600 -32.49 -31.58 -38.98
C GLY C 600 -33.70 -32.46 -38.77
N LEU C 601 -33.74 -33.63 -39.38
CA LEU C 601 -34.83 -34.57 -39.16
C LEU C 601 -34.55 -35.52 -38.00
N THR C 602 -33.29 -35.86 -37.76
CA THR C 602 -32.93 -36.85 -36.74
C THR C 602 -32.53 -36.24 -35.41
N ALA C 603 -31.41 -35.51 -35.38
CA ALA C 603 -30.73 -35.12 -34.16
C ALA C 603 -29.57 -34.21 -34.54
N TYR C 604 -29.18 -33.33 -33.63
CA TYR C 604 -28.03 -32.49 -33.89
C TYR C 604 -27.43 -32.00 -32.57
N ILE C 605 -26.22 -31.44 -32.68
CA ILE C 605 -25.49 -30.84 -31.58
C ILE C 605 -25.67 -29.34 -31.68
N THR C 606 -26.09 -28.71 -30.58
CA THR C 606 -26.24 -27.27 -30.55
C THR C 606 -25.46 -26.68 -29.38
N ARG C 607 -25.36 -25.35 -29.38
CA ARG C 607 -24.74 -24.61 -28.31
C ARG C 607 -25.83 -23.99 -27.43
N ASP C 608 -25.79 -24.29 -26.14
CA ASP C 608 -26.73 -23.67 -25.21
C ASP C 608 -26.30 -22.24 -24.95
N VAL C 609 -27.28 -21.33 -24.91
CA VAL C 609 -26.96 -19.93 -24.59
C VAL C 609 -26.68 -19.74 -23.11
N ASP C 610 -27.21 -20.61 -22.25
CA ASP C 610 -27.10 -20.42 -20.81
C ASP C 610 -25.83 -21.05 -20.26
N THR C 611 -25.62 -22.33 -20.53
CA THR C 611 -24.48 -23.06 -20.01
C THR C 611 -23.26 -22.96 -20.91
N LYS C 612 -23.42 -22.46 -22.14
CA LYS C 612 -22.36 -22.41 -23.15
C LYS C 612 -21.77 -23.79 -23.41
N GLN C 613 -22.62 -24.81 -23.44
CA GLN C 613 -22.21 -26.19 -23.56
C GLN C 613 -22.83 -26.84 -24.79
N LEU C 614 -22.18 -27.91 -25.26
CA LEU C 614 -22.70 -28.71 -26.36
C LEU C 614 -23.85 -29.56 -25.83
N VAL C 615 -25.02 -29.43 -26.45
CA VAL C 615 -26.20 -30.14 -26.00
C VAL C 615 -26.82 -30.87 -27.18
N LEU C 616 -27.55 -31.94 -26.87
CA LEU C 616 -28.29 -32.73 -27.85
C LEU C 616 -29.63 -32.07 -28.11
N GLU C 617 -30.05 -31.99 -29.37
CA GLU C 617 -31.38 -31.50 -29.67
C GLU C 617 -32.02 -32.35 -30.76
N SER C 618 -33.30 -32.68 -30.56
CA SER C 618 -34.01 -33.62 -31.39
C SER C 618 -34.45 -32.99 -32.71
N GLY C 619 -34.34 -33.79 -33.77
CA GLY C 619 -34.80 -33.39 -35.08
C GLY C 619 -36.28 -33.62 -35.23
N ALA C 620 -36.77 -33.37 -36.46
CA ALA C 620 -38.21 -33.36 -36.71
C ALA C 620 -38.83 -34.75 -36.54
N LEU C 621 -38.15 -35.80 -36.98
CA LEU C 621 -38.74 -37.13 -36.90
C LEU C 621 -38.77 -37.65 -35.47
N VAL C 622 -37.74 -37.36 -34.68
CA VAL C 622 -37.74 -37.76 -33.28
C VAL C 622 -38.75 -36.94 -32.49
N LEU C 623 -38.87 -35.65 -32.81
CA LEU C 623 -39.88 -34.81 -32.17
C LEU C 623 -41.29 -35.26 -32.52
N SER C 624 -41.46 -35.99 -33.61
CA SER C 624 -42.75 -36.45 -34.09
C SER C 624 -43.14 -37.82 -33.55
N ASP C 625 -42.34 -38.39 -32.64
CA ASP C 625 -42.62 -39.71 -32.12
C ASP C 625 -43.93 -39.70 -31.33
N GLY C 626 -44.78 -40.68 -31.60
CA GLY C 626 -46.11 -40.70 -31.06
C GLY C 626 -47.13 -39.92 -31.86
N GLY C 627 -46.72 -39.30 -32.96
CA GLY C 627 -47.63 -38.50 -33.76
C GLY C 627 -47.44 -38.71 -35.26
N VAL C 628 -47.81 -37.71 -36.04
CA VAL C 628 -47.77 -37.79 -37.50
C VAL C 628 -46.82 -36.72 -38.01
N CYS C 629 -45.81 -37.13 -38.77
CA CYS C 629 -44.92 -36.20 -39.44
C CYS C 629 -45.48 -35.89 -40.81
N CYS C 630 -45.87 -34.64 -41.02
CA CYS C 630 -46.42 -34.17 -42.27
C CYS C 630 -45.29 -33.57 -43.10
N ILE C 631 -45.12 -34.08 -44.32
CA ILE C 631 -44.06 -33.63 -45.22
C ILE C 631 -44.71 -33.13 -46.50
N ASP C 632 -44.75 -31.82 -46.67
CA ASP C 632 -45.29 -31.22 -47.87
C ASP C 632 -44.20 -31.11 -48.93
N GLU C 633 -44.62 -31.24 -50.18
CA GLU C 633 -43.74 -31.26 -51.36
C GLU C 633 -42.65 -32.34 -51.21
N PHE C 634 -43.11 -33.57 -51.04
CA PHE C 634 -42.20 -34.70 -50.84
C PHE C 634 -41.34 -34.95 -52.05
N ASP C 635 -41.81 -34.56 -53.24
CA ASP C 635 -41.01 -34.71 -54.45
C ASP C 635 -39.86 -33.71 -54.53
N LYS C 636 -39.98 -32.55 -53.88
CA LYS C 636 -38.92 -31.56 -53.93
C LYS C 636 -37.79 -31.87 -52.95
N MET C 637 -37.99 -32.81 -52.04
CA MET C 637 -36.95 -33.20 -51.11
C MET C 637 -35.82 -33.93 -51.83
N SER C 638 -34.58 -33.61 -51.47
CA SER C 638 -33.44 -34.27 -52.07
C SER C 638 -33.34 -35.72 -51.58
N ASP C 639 -32.65 -36.54 -52.36
CA ASP C 639 -32.59 -37.98 -52.10
C ASP C 639 -31.80 -38.28 -50.83
N SER C 640 -30.78 -37.48 -50.54
CA SER C 640 -30.01 -37.68 -49.31
C SER C 640 -30.86 -37.43 -48.07
N THR C 641 -31.66 -36.36 -48.09
CA THR C 641 -32.62 -36.12 -47.01
C THR C 641 -33.71 -37.18 -47.02
N ARG C 642 -34.09 -37.63 -48.21
CA ARG C 642 -35.18 -38.59 -48.36
C ARG C 642 -34.77 -39.98 -47.85
N SER C 643 -33.46 -40.23 -47.74
CA SER C 643 -32.96 -41.52 -47.30
C SER C 643 -33.15 -41.77 -45.82
N VAL C 644 -33.43 -40.74 -45.01
CA VAL C 644 -33.64 -40.93 -43.59
C VAL C 644 -34.95 -41.65 -43.32
N LEU C 645 -35.99 -41.34 -44.09
CA LEU C 645 -37.34 -41.83 -43.83
C LEU C 645 -37.48 -43.34 -43.94
N HIS C 646 -36.52 -44.03 -44.57
CA HIS C 646 -36.64 -45.47 -44.78
C HIS C 646 -36.70 -46.22 -43.47
N GLU C 647 -35.75 -45.96 -42.58
CA GLU C 647 -35.71 -46.64 -41.30
C GLU C 647 -36.90 -46.27 -40.43
N VAL C 648 -37.39 -45.04 -40.54
CA VAL C 648 -38.57 -44.61 -39.81
C VAL C 648 -39.81 -45.39 -40.26
N MET C 649 -39.97 -45.57 -41.57
CA MET C 649 -41.16 -46.29 -42.05
C MET C 649 -41.00 -47.80 -41.94
N GLU C 650 -39.78 -48.31 -41.73
CA GLU C 650 -39.70 -49.76 -41.61
C GLU C 650 -39.61 -50.26 -40.16
N GLN C 651 -38.81 -49.61 -39.31
CA GLN C 651 -38.61 -50.08 -37.95
C GLN C 651 -39.07 -49.07 -36.89
N GLN C 652 -39.55 -47.90 -37.32
CA GLN C 652 -39.97 -46.81 -36.42
C GLN C 652 -38.85 -46.37 -35.48
N THR C 653 -37.62 -46.41 -35.96
CA THR C 653 -36.45 -46.01 -35.20
C THR C 653 -35.48 -45.26 -36.09
N ILE C 654 -34.52 -44.57 -35.47
CA ILE C 654 -33.39 -43.97 -36.15
C ILE C 654 -32.14 -44.36 -35.38
N SER C 655 -31.19 -44.99 -36.05
CA SER C 655 -29.98 -45.49 -35.39
C SER C 655 -28.83 -44.53 -35.72
N ILE C 656 -28.52 -43.66 -34.78
CA ILE C 656 -27.49 -42.64 -34.97
C ILE C 656 -26.16 -43.19 -34.48
N ALA C 657 -25.13 -43.07 -35.33
CA ALA C 657 -23.74 -43.30 -34.95
C ALA C 657 -22.97 -42.07 -35.42
N LYS C 658 -22.94 -41.04 -34.59
CA LYS C 658 -22.25 -39.79 -34.87
C LYS C 658 -21.22 -39.53 -33.78
N ALA C 659 -20.65 -38.32 -33.80
CA ALA C 659 -19.49 -38.00 -32.97
C ALA C 659 -19.78 -38.14 -31.48
N GLY C 660 -20.96 -37.70 -31.04
CA GLY C 660 -21.31 -37.83 -29.65
C GLY C 660 -22.47 -38.77 -29.38
N ILE C 661 -23.08 -39.29 -30.43
CA ILE C 661 -24.30 -40.08 -30.33
C ILE C 661 -24.07 -41.43 -30.99
N ILE C 662 -24.20 -42.51 -30.23
CA ILE C 662 -24.32 -43.87 -30.76
C ILE C 662 -25.48 -44.51 -30.01
N THR C 663 -26.68 -44.42 -30.58
CA THR C 663 -27.86 -44.95 -29.92
C THR C 663 -28.98 -45.12 -30.95
N THR C 664 -30.00 -45.88 -30.56
CA THR C 664 -31.21 -46.05 -31.35
C THR C 664 -32.33 -45.26 -30.69
N LEU C 665 -32.88 -44.30 -31.44
CA LEU C 665 -33.94 -43.43 -30.95
C LEU C 665 -35.27 -43.87 -31.53
N ASN C 666 -36.28 -44.01 -30.68
CA ASN C 666 -37.60 -44.39 -31.15
C ASN C 666 -38.26 -43.23 -31.86
N ALA C 667 -38.64 -43.44 -33.12
CA ALA C 667 -39.43 -42.50 -33.89
C ALA C 667 -40.62 -43.27 -34.46
N ARG C 668 -41.64 -43.46 -33.63
CA ARG C 668 -42.85 -44.17 -34.04
C ARG C 668 -43.85 -43.17 -34.58
N SER C 669 -43.48 -42.57 -35.71
CA SER C 669 -44.23 -41.49 -36.32
C SER C 669 -44.82 -41.97 -37.63
N SER C 670 -46.08 -41.61 -37.87
CA SER C 670 -46.74 -41.92 -39.14
C SER C 670 -46.42 -40.84 -40.14
N ILE C 671 -45.92 -41.23 -41.31
CA ILE C 671 -45.50 -40.30 -42.35
C ILE C 671 -46.70 -39.99 -43.21
N LEU C 672 -47.03 -38.70 -43.34
CA LEU C 672 -48.11 -38.25 -44.21
C LEU C 672 -47.47 -37.25 -45.17
N ALA C 673 -47.28 -37.66 -46.41
CA ALA C 673 -46.52 -36.88 -47.37
C ALA C 673 -47.41 -36.41 -48.51
N SER C 674 -47.03 -35.29 -49.12
CA SER C 674 -47.73 -34.72 -50.26
C SER C 674 -46.76 -34.53 -51.42
N ALA C 675 -47.21 -34.82 -52.63
CA ALA C 675 -46.32 -34.76 -53.78
C ALA C 675 -47.10 -34.42 -55.05
N ASN C 676 -46.35 -33.92 -56.02
CA ASN C 676 -46.81 -33.60 -57.36
C ASN C 676 -46.10 -34.50 -58.37
N PRO C 677 -46.66 -34.68 -59.57
CA PRO C 677 -45.95 -35.41 -60.62
C PRO C 677 -44.74 -34.64 -61.15
N ILE C 678 -44.02 -35.24 -62.11
CA ILE C 678 -42.83 -34.59 -62.67
C ILE C 678 -43.21 -33.33 -63.42
N GLY C 679 -44.25 -33.40 -64.25
CA GLY C 679 -44.67 -32.27 -65.04
C GLY C 679 -45.56 -31.30 -64.32
N SER C 680 -45.64 -31.38 -62.99
CA SER C 680 -46.51 -30.59 -62.12
C SER C 680 -47.99 -30.82 -62.42
N ARG C 681 -48.33 -31.85 -63.18
CA ARG C 681 -49.70 -32.25 -63.46
C ARG C 681 -49.66 -33.68 -63.96
N TYR C 682 -50.64 -34.47 -63.52
CA TYR C 682 -50.65 -35.89 -63.87
C TYR C 682 -50.84 -36.07 -65.37
N ASN C 683 -50.05 -36.97 -65.95
CA ASN C 683 -50.05 -37.22 -67.38
C ASN C 683 -50.58 -38.62 -67.64
N PRO C 684 -51.80 -38.77 -68.15
CA PRO C 684 -52.29 -40.11 -68.50
C PRO C 684 -51.44 -40.87 -69.50
N ASN C 685 -50.71 -40.17 -70.38
CA ASN C 685 -49.85 -40.85 -71.34
C ASN C 685 -48.68 -41.54 -70.65
N LEU C 686 -48.22 -41.00 -69.53
CA LEU C 686 -47.20 -41.63 -68.71
C LEU C 686 -47.84 -42.62 -67.75
N PRO C 687 -47.13 -43.68 -67.34
CA PRO C 687 -47.70 -44.63 -66.38
C PRO C 687 -47.74 -44.07 -64.97
N VAL C 688 -48.21 -44.88 -64.01
CA VAL C 688 -48.34 -44.43 -62.64
C VAL C 688 -46.97 -44.20 -62.01
N THR C 689 -46.07 -45.19 -62.14
CA THR C 689 -44.78 -45.14 -61.46
C THR C 689 -43.92 -44.00 -61.95
N GLU C 690 -43.92 -43.76 -63.26
CA GLU C 690 -43.19 -42.63 -63.82
C GLU C 690 -43.76 -41.30 -63.33
N ASN C 691 -45.08 -41.22 -63.20
CA ASN C 691 -45.71 -40.00 -62.69
C ASN C 691 -45.33 -39.73 -61.24
N ILE C 692 -45.33 -40.77 -60.40
CA ILE C 692 -45.07 -40.59 -58.98
C ILE C 692 -43.65 -40.10 -58.74
N ASP C 693 -42.67 -40.72 -59.40
CA ASP C 693 -41.24 -40.35 -59.34
C ASP C 693 -40.67 -40.48 -57.93
N LEU C 694 -40.87 -41.66 -57.35
CA LEU C 694 -40.23 -42.11 -56.13
C LEU C 694 -39.62 -43.48 -56.34
N PRO C 695 -38.46 -43.74 -55.74
CA PRO C 695 -37.80 -45.02 -55.95
C PRO C 695 -38.58 -46.15 -55.32
N PRO C 696 -38.45 -47.37 -55.86
CA PRO C 696 -39.21 -48.54 -55.33
C PRO C 696 -38.95 -48.85 -53.86
N PRO C 697 -37.73 -48.78 -53.31
CA PRO C 697 -37.62 -49.08 -51.86
C PRO C 697 -38.23 -48.01 -50.97
N LEU C 698 -38.56 -46.85 -51.54
CA LEU C 698 -39.24 -45.81 -50.78
C LEU C 698 -40.76 -45.92 -50.89
N LEU C 699 -41.28 -46.10 -52.10
CA LEU C 699 -42.73 -46.10 -52.31
C LEU C 699 -43.40 -47.32 -51.68
N SER C 700 -42.69 -48.43 -51.55
CA SER C 700 -43.29 -49.64 -50.98
C SER C 700 -43.54 -49.51 -49.49
N ARG C 701 -42.89 -48.58 -48.82
CA ARG C 701 -43.11 -48.39 -47.39
C ARG C 701 -44.39 -47.65 -47.08
N PHE C 702 -44.98 -46.99 -48.07
CA PHE C 702 -46.23 -46.27 -47.88
C PHE C 702 -47.39 -47.26 -47.85
N ASP C 703 -48.21 -47.19 -46.81
CA ASP C 703 -49.36 -48.08 -46.71
C ASP C 703 -50.44 -47.71 -47.72
N LEU C 704 -50.57 -46.43 -48.02
CA LEU C 704 -51.56 -45.94 -48.98
C LEU C 704 -50.91 -44.91 -49.87
N VAL C 705 -51.11 -45.05 -51.18
CA VAL C 705 -50.67 -44.06 -52.16
C VAL C 705 -51.91 -43.57 -52.89
N TYR C 706 -52.26 -42.31 -52.68
CA TYR C 706 -53.47 -41.71 -53.22
C TYR C 706 -53.11 -40.90 -54.45
N LEU C 707 -53.69 -41.29 -55.59
CA LEU C 707 -53.58 -40.51 -56.82
C LEU C 707 -54.78 -39.58 -56.90
N VAL C 708 -54.64 -38.38 -56.39
CA VAL C 708 -55.75 -37.43 -56.28
C VAL C 708 -55.73 -36.51 -57.49
N LEU C 709 -56.61 -36.76 -58.45
CA LEU C 709 -56.57 -36.11 -59.75
C LEU C 709 -57.72 -35.12 -59.89
N ASP C 710 -57.50 -34.08 -60.68
CA ASP C 710 -58.49 -33.04 -60.92
C ASP C 710 -59.16 -33.32 -62.27
N LYS C 711 -60.35 -33.91 -62.20
CA LYS C 711 -61.14 -34.21 -63.38
C LYS C 711 -62.19 -33.12 -63.58
N VAL C 712 -62.31 -32.63 -64.80
CA VAL C 712 -63.24 -31.55 -65.11
C VAL C 712 -64.62 -32.13 -65.41
N ASP C 713 -65.61 -31.73 -64.60
CA ASP C 713 -66.98 -32.18 -64.74
C ASP C 713 -67.92 -30.97 -64.68
N GLU C 714 -69.19 -31.22 -64.98
CA GLU C 714 -70.21 -30.21 -64.73
C GLU C 714 -70.59 -30.17 -63.26
N LYS C 715 -71.15 -31.29 -62.76
CA LYS C 715 -71.72 -31.30 -61.42
C LYS C 715 -70.65 -31.22 -60.34
N ASN C 716 -69.51 -31.87 -60.55
CA ASN C 716 -68.43 -31.81 -59.56
C ASN C 716 -67.87 -30.40 -59.42
N ASP C 717 -67.64 -29.73 -60.55
CA ASP C 717 -67.17 -28.35 -60.50
C ASP C 717 -68.21 -27.42 -59.90
N ARG C 718 -69.49 -27.66 -60.21
CA ARG C 718 -70.57 -26.86 -59.63
C ARG C 718 -70.61 -26.99 -58.12
N GLU C 719 -70.57 -28.22 -57.62
CA GLU C 719 -70.66 -28.44 -56.18
C GLU C 719 -69.41 -27.98 -55.46
N LEU C 720 -68.23 -28.14 -56.09
CA LEU C 720 -66.99 -27.64 -55.52
C LEU C 720 -67.00 -26.12 -55.41
N ALA C 721 -67.49 -25.46 -56.47
CA ALA C 721 -67.60 -24.00 -56.44
C ALA C 721 -68.58 -23.55 -55.37
N LYS C 722 -69.72 -24.24 -55.24
CA LYS C 722 -70.66 -23.89 -54.19
C LYS C 722 -70.06 -24.08 -52.80
N HIS C 723 -69.30 -25.17 -52.61
CA HIS C 723 -68.71 -25.44 -51.30
C HIS C 723 -67.69 -24.39 -50.92
N LEU C 724 -66.78 -24.03 -51.84
CA LEU C 724 -65.82 -22.97 -51.53
C LEU C 724 -66.43 -21.59 -51.56
N THR C 725 -67.65 -21.43 -52.08
CA THR C 725 -68.23 -20.10 -52.16
C THR C 725 -69.18 -19.82 -51.00
N ASN C 726 -69.78 -20.84 -50.39
CA ASN C 726 -70.55 -20.62 -49.17
C ASN C 726 -69.66 -20.29 -47.97
N LEU C 727 -68.34 -20.47 -48.08
CA LEU C 727 -67.45 -20.11 -46.98
C LEU C 727 -67.39 -18.59 -46.80
N TYR C 728 -67.67 -17.83 -47.85
CA TYR C 728 -67.56 -16.38 -47.82
C TYR C 728 -68.90 -15.67 -47.58
N LEU C 729 -69.96 -16.41 -47.26
CA LEU C 729 -71.23 -15.77 -46.93
C LEU C 729 -71.14 -14.95 -45.66
N GLU C 730 -70.47 -15.47 -44.64
CA GLU C 730 -70.39 -14.81 -43.34
C GLU C 730 -68.95 -14.70 -42.89
N ASP C 731 -68.71 -13.77 -41.98
CA ASP C 731 -67.36 -13.50 -41.48
C ASP C 731 -66.80 -14.70 -40.71
N LYS C 732 -67.64 -15.36 -39.91
CA LYS C 732 -67.21 -16.50 -39.11
C LYS C 732 -68.03 -17.72 -39.49
N PRO C 733 -67.58 -18.52 -40.47
CA PRO C 733 -68.27 -19.74 -40.87
C PRO C 733 -67.77 -20.98 -40.11
N ASP C 739 -74.77 -32.48 -44.47
CA ASP C 739 -75.24 -33.53 -43.56
C ASP C 739 -74.88 -33.19 -42.12
N ASP C 740 -74.62 -34.22 -41.32
CA ASP C 740 -74.28 -34.06 -39.90
C ASP C 740 -72.84 -34.47 -39.67
N VAL C 741 -72.07 -33.58 -39.06
CA VAL C 741 -70.67 -33.85 -38.75
C VAL C 741 -70.46 -33.68 -37.25
N LEU C 742 -69.63 -34.54 -36.68
CA LEU C 742 -69.32 -34.49 -35.26
C LEU C 742 -68.45 -33.28 -34.95
N PRO C 743 -68.61 -32.70 -33.76
CA PRO C 743 -67.68 -31.65 -33.32
C PRO C 743 -66.28 -32.21 -33.14
N VAL C 744 -65.30 -31.32 -33.24
CA VAL C 744 -63.90 -31.74 -33.21
C VAL C 744 -63.55 -32.33 -31.85
N GLU C 745 -64.15 -31.83 -30.78
CA GLU C 745 -63.87 -32.35 -29.44
C GLU C 745 -64.34 -33.79 -29.30
N PHE C 746 -65.56 -34.08 -29.79
CA PHE C 746 -66.07 -35.44 -29.67
C PHE C 746 -65.31 -36.39 -30.58
N LEU C 747 -64.91 -35.93 -31.76
CA LEU C 747 -64.12 -36.76 -32.66
C LEU C 747 -62.76 -37.11 -32.05
N THR C 748 -62.10 -36.12 -31.43
CA THR C 748 -60.83 -36.38 -30.78
C THR C 748 -60.97 -37.33 -29.61
N MET C 749 -62.00 -37.17 -28.78
CA MET C 749 -62.13 -38.07 -27.64
C MET C 749 -62.56 -39.47 -28.07
N TYR C 750 -63.33 -39.58 -29.16
CA TYR C 750 -63.66 -40.90 -29.71
C TYR C 750 -62.40 -41.63 -30.19
N ILE C 751 -61.56 -40.93 -30.97
CA ILE C 751 -60.34 -41.56 -31.46
C ILE C 751 -59.38 -41.87 -30.33
N SER C 752 -59.34 -41.01 -29.31
CA SER C 752 -58.47 -41.25 -28.16
C SER C 752 -58.92 -42.48 -27.37
N TYR C 753 -60.23 -42.63 -27.16
CA TYR C 753 -60.75 -43.81 -26.48
C TYR C 753 -60.47 -45.07 -27.28
N ALA C 754 -60.67 -45.02 -28.60
CA ALA C 754 -60.44 -46.20 -29.43
C ALA C 754 -58.97 -46.58 -29.47
N LYS C 755 -58.08 -45.58 -29.46
CA LYS C 755 -56.64 -45.88 -29.44
C LYS C 755 -56.21 -46.43 -28.09
N GLU C 756 -56.83 -45.97 -27.01
CA GLU C 756 -56.39 -46.35 -25.69
C GLU C 756 -56.91 -47.72 -25.27
N HIS C 757 -58.18 -48.02 -25.52
CA HIS C 757 -58.80 -49.21 -24.93
C HIS C 757 -59.13 -50.31 -25.91
N ILE C 758 -58.90 -50.13 -27.21
CA ILE C 758 -59.28 -51.13 -28.21
C ILE C 758 -58.02 -51.63 -28.91
N HIS C 759 -57.79 -52.93 -28.83
CA HIS C 759 -56.64 -53.59 -29.48
C HIS C 759 -57.15 -54.81 -30.24
N PRO C 760 -57.63 -54.61 -31.47
CA PRO C 760 -58.18 -55.75 -32.23
C PRO C 760 -57.14 -56.77 -32.62
N ILE C 761 -57.60 -58.01 -32.81
CA ILE C 761 -56.73 -59.13 -33.16
C ILE C 761 -57.25 -59.78 -34.42
N ILE C 762 -56.34 -60.43 -35.14
CA ILE C 762 -56.67 -61.10 -36.39
C ILE C 762 -57.23 -62.48 -36.10
N THR C 763 -58.35 -62.82 -36.74
CA THR C 763 -58.93 -64.15 -36.67
C THR C 763 -58.56 -64.93 -37.93
N GLU C 764 -58.95 -66.21 -37.94
CA GLU C 764 -58.61 -67.08 -39.07
C GLU C 764 -59.38 -66.68 -40.32
N ALA C 765 -60.62 -66.21 -40.16
CA ALA C 765 -61.39 -65.73 -41.30
C ALA C 765 -60.74 -64.50 -41.92
N ALA C 766 -60.20 -63.60 -41.09
CA ALA C 766 -59.43 -62.48 -41.62
C ALA C 766 -58.12 -62.94 -42.25
N LYS C 767 -57.51 -63.99 -41.69
CA LYS C 767 -56.26 -64.52 -42.24
C LYS C 767 -56.45 -65.06 -43.65
N THR C 768 -57.54 -65.78 -43.88
CA THR C 768 -57.81 -66.33 -45.21
C THR C 768 -58.01 -65.23 -46.23
N GLU C 769 -58.78 -64.19 -45.85
CA GLU C 769 -58.99 -63.04 -46.73
C GLU C 769 -57.69 -62.31 -47.03
N LEU C 770 -56.86 -62.11 -46.00
CA LEU C 770 -55.59 -61.40 -46.18
C LEU C 770 -54.66 -62.17 -47.12
N VAL C 771 -54.54 -63.48 -46.91
CA VAL C 771 -53.68 -64.30 -47.75
C VAL C 771 -54.19 -64.34 -49.18
N ARG C 772 -55.50 -64.51 -49.36
CA ARG C 772 -56.06 -64.58 -50.71
C ARG C 772 -55.88 -63.26 -51.45
N ALA C 773 -56.06 -62.14 -50.75
CA ALA C 773 -55.85 -60.83 -51.36
C ALA C 773 -54.39 -60.62 -51.76
N TYR C 774 -53.45 -61.04 -50.90
CA TYR C 774 -52.03 -60.87 -51.22
C TYR C 774 -51.65 -61.72 -52.44
N VAL C 775 -52.09 -62.98 -52.49
CA VAL C 775 -51.78 -63.81 -53.63
C VAL C 775 -52.46 -63.30 -54.89
N GLY C 776 -53.67 -62.75 -54.76
CA GLY C 776 -54.33 -62.16 -55.91
C GLY C 776 -53.58 -60.96 -56.48
N MET C 777 -53.08 -60.08 -55.59
CA MET C 777 -52.29 -58.95 -56.07
C MET C 777 -50.96 -59.39 -56.66
N ARG C 778 -50.32 -60.41 -56.09
CA ARG C 778 -49.07 -60.90 -56.66
C ARG C 778 -49.30 -61.54 -58.03
N LYS C 779 -50.43 -62.23 -58.21
CA LYS C 779 -50.76 -62.78 -59.52
C LYS C 779 -51.10 -61.68 -60.52
N MET C 780 -51.77 -60.62 -60.08
CA MET C 780 -52.03 -59.48 -60.96
C MET C 780 -50.73 -58.79 -61.36
N GLY C 781 -49.74 -58.77 -60.47
CA GLY C 781 -48.45 -58.19 -60.80
C GLY C 781 -47.59 -59.00 -61.74
N ASP C 782 -48.04 -60.20 -62.12
CA ASP C 782 -47.27 -61.03 -63.04
C ASP C 782 -47.23 -60.44 -64.44
N ASP C 783 -48.27 -59.69 -64.84
CA ASP C 783 -48.32 -59.12 -66.17
C ASP C 783 -47.29 -58.01 -66.33
N SER C 784 -46.64 -57.99 -67.50
CA SER C 784 -45.62 -56.99 -67.79
C SER C 784 -46.25 -55.66 -68.15
N GLU C 788 -40.99 -50.30 -62.73
CA GLU C 788 -41.40 -50.50 -64.11
C GLU C 788 -42.62 -49.64 -64.45
N LYS C 789 -43.48 -50.16 -65.31
CA LYS C 789 -44.68 -49.43 -65.71
C LYS C 789 -45.76 -49.46 -64.65
N ARG C 790 -45.80 -50.51 -63.83
CA ARG C 790 -46.85 -50.69 -62.83
C ARG C 790 -46.24 -50.86 -61.44
N ILE C 791 -47.07 -50.63 -60.43
CA ILE C 791 -46.67 -50.82 -59.04
C ILE C 791 -46.82 -52.31 -58.71
N THR C 792 -45.70 -52.98 -58.47
CA THR C 792 -45.74 -54.39 -58.12
C THR C 792 -46.20 -54.57 -56.67
N ALA C 793 -46.82 -55.71 -56.40
CA ALA C 793 -47.24 -56.04 -55.05
C ALA C 793 -46.02 -56.31 -54.17
N THR C 794 -46.21 -56.15 -52.87
CA THR C 794 -45.11 -56.14 -51.92
C THR C 794 -45.55 -56.86 -50.65
N THR C 795 -44.57 -57.43 -49.94
CA THR C 795 -44.84 -57.94 -48.60
C THR C 795 -45.32 -56.83 -47.67
N ARG C 796 -44.75 -55.63 -47.83
CA ARG C 796 -45.22 -54.47 -47.09
C ARG C 796 -46.66 -54.12 -47.44
N GLN C 797 -47.14 -54.51 -48.62
CA GLN C 797 -48.56 -54.32 -48.91
C GLN C 797 -49.43 -55.26 -48.09
N LEU C 798 -48.96 -56.49 -47.84
CA LEU C 798 -49.64 -57.37 -46.89
C LEU C 798 -49.66 -56.78 -45.49
N GLU C 799 -48.52 -56.24 -45.03
CA GLU C 799 -48.49 -55.62 -43.71
C GLU C 799 -49.37 -54.38 -43.65
N SER C 800 -49.44 -53.62 -44.75
CA SER C 800 -50.32 -52.46 -44.81
C SER C 800 -51.79 -52.87 -44.76
N MET C 801 -52.14 -53.99 -45.43
CA MET C 801 -53.49 -54.52 -45.32
C MET C 801 -53.82 -54.90 -43.90
N ILE C 802 -52.87 -55.54 -43.20
CA ILE C 802 -53.09 -55.93 -41.81
C ILE C 802 -53.32 -54.68 -40.94
N ARG C 803 -52.47 -53.67 -41.11
CA ARG C 803 -52.59 -52.45 -40.30
C ARG C 803 -53.89 -51.71 -40.60
N LEU C 804 -54.29 -51.64 -41.86
CA LEU C 804 -55.52 -50.95 -42.22
C LEU C 804 -56.75 -51.69 -41.69
N ALA C 805 -56.74 -53.02 -41.76
CA ALA C 805 -57.85 -53.80 -41.20
C ALA C 805 -57.92 -53.62 -39.69
N GLU C 806 -56.76 -53.59 -39.02
CA GLU C 806 -56.74 -53.36 -37.57
C GLU C 806 -57.26 -51.96 -37.22
N ALA C 807 -56.91 -50.95 -38.01
CA ALA C 807 -57.42 -49.60 -37.76
C ALA C 807 -58.93 -49.54 -37.99
N HIS C 808 -59.43 -50.22 -39.02
CA HIS C 808 -60.86 -50.28 -39.27
C HIS C 808 -61.61 -50.97 -38.14
N ALA C 809 -61.02 -52.04 -37.60
CA ALA C 809 -61.65 -52.73 -36.47
C ALA C 809 -61.58 -51.88 -35.21
N LYS C 810 -60.49 -51.14 -35.02
CA LYS C 810 -60.36 -50.24 -33.88
C LYS C 810 -61.37 -49.11 -33.95
N MET C 811 -61.76 -48.71 -35.17
CA MET C 811 -62.76 -47.65 -35.31
C MET C 811 -64.09 -48.05 -34.70
N LYS C 812 -64.57 -49.26 -35.02
CA LYS C 812 -65.89 -49.71 -34.62
C LYS C 812 -65.88 -50.34 -33.23
N LEU C 813 -64.81 -50.14 -32.46
CA LEU C 813 -64.64 -50.63 -31.10
C LEU C 813 -64.73 -52.15 -31.00
N LYS C 814 -64.28 -52.86 -32.03
CA LYS C 814 -64.21 -54.32 -31.98
C LYS C 814 -62.84 -54.76 -31.51
N ASN C 815 -62.81 -55.77 -30.65
CA ASN C 815 -61.56 -56.33 -30.15
C ASN C 815 -61.00 -57.42 -31.06
N VAL C 816 -61.61 -57.63 -32.23
CA VAL C 816 -61.17 -58.65 -33.18
C VAL C 816 -61.38 -58.10 -34.59
N VAL C 817 -60.51 -58.53 -35.50
CA VAL C 817 -60.55 -58.10 -36.89
C VAL C 817 -61.32 -59.17 -37.66
N GLU C 818 -62.46 -58.78 -38.23
CA GLU C 818 -63.29 -59.69 -38.99
C GLU C 818 -62.90 -59.64 -40.47
N LEU C 819 -63.69 -60.32 -41.30
CA LEU C 819 -63.39 -60.42 -42.72
C LEU C 819 -63.70 -59.11 -43.44
N GLU C 820 -64.80 -58.45 -43.07
CA GLU C 820 -65.18 -57.21 -43.72
C GLU C 820 -64.17 -56.09 -43.47
N ASP C 821 -63.45 -56.14 -42.35
CA ASP C 821 -62.34 -55.21 -42.14
C ASP C 821 -61.26 -55.40 -43.19
N VAL C 822 -60.94 -56.65 -43.52
CA VAL C 822 -59.94 -56.93 -44.55
C VAL C 822 -60.45 -56.49 -45.92
N GLN C 823 -61.73 -56.72 -46.20
CA GLN C 823 -62.28 -56.27 -47.48
C GLN C 823 -62.25 -54.75 -47.59
N GLU C 824 -62.53 -54.04 -46.50
CA GLU C 824 -62.49 -52.58 -46.56
C GLU C 824 -61.05 -52.08 -46.70
N ALA C 825 -60.09 -52.76 -46.07
CA ALA C 825 -58.68 -52.41 -46.25
C ALA C 825 -58.25 -52.60 -47.70
N VAL C 826 -58.64 -53.73 -48.31
CA VAL C 826 -58.31 -53.99 -49.71
C VAL C 826 -58.98 -52.97 -50.62
N ARG C 827 -60.24 -52.64 -50.34
CA ARG C 827 -60.97 -51.65 -51.13
C ARG C 827 -60.30 -50.27 -51.05
N LEU C 828 -59.87 -49.87 -49.85
CA LEU C 828 -59.22 -48.58 -49.69
C LEU C 828 -57.87 -48.55 -50.40
N ILE C 829 -57.11 -49.65 -50.33
CA ILE C 829 -55.82 -49.70 -51.01
C ILE C 829 -56.00 -49.65 -52.52
N ARG C 830 -56.98 -50.39 -53.05
CA ARG C 830 -57.20 -50.42 -54.49
C ARG C 830 -57.77 -49.09 -54.99
N SER C 831 -58.66 -48.46 -54.22
CA SER C 831 -59.24 -47.20 -54.65
C SER C 831 -58.31 -46.01 -54.46
N ALA C 832 -57.32 -46.12 -53.57
CA ALA C 832 -56.36 -45.04 -53.39
C ALA C 832 -55.50 -44.87 -54.64
N ILE C 833 -54.96 -45.98 -55.16
CA ILE C 833 -54.13 -45.94 -56.36
C ILE C 833 -54.96 -45.96 -57.63
N LYS C 834 -56.29 -46.04 -57.51
CA LYS C 834 -57.22 -46.11 -58.64
C LYS C 834 -56.90 -47.30 -59.54
N ASP C 835 -56.85 -48.49 -58.92
CA ASP C 835 -56.58 -49.72 -59.65
C ASP C 835 -57.72 -50.10 -60.59
N TYR C 836 -58.94 -49.67 -60.29
CA TYR C 836 -60.06 -49.95 -61.18
C TYR C 836 -59.95 -49.15 -62.47
N ALA C 837 -59.41 -47.93 -62.41
CA ALA C 837 -59.28 -47.10 -63.60
C ALA C 837 -58.12 -47.55 -64.49
N THR C 838 -57.03 -48.00 -63.89
CA THR C 838 -55.82 -48.25 -64.66
C THR C 838 -55.94 -49.55 -65.48
N ASP C 839 -55.14 -49.61 -66.53
CA ASP C 839 -55.04 -50.80 -67.37
C ASP C 839 -53.92 -51.67 -66.83
N PRO C 840 -54.20 -52.93 -66.44
CA PRO C 840 -53.13 -53.78 -65.89
C PRO C 840 -51.98 -54.04 -66.83
N LYS C 841 -52.23 -54.02 -68.15
CA LYS C 841 -51.16 -54.28 -69.11
C LYS C 841 -50.29 -53.03 -69.32
N THR C 842 -50.89 -51.94 -69.77
CA THR C 842 -50.12 -50.75 -70.11
C THR C 842 -49.68 -49.97 -68.88
N GLY C 843 -50.48 -49.97 -67.82
CA GLY C 843 -50.19 -49.20 -66.64
C GLY C 843 -50.70 -47.78 -66.65
N LYS C 844 -51.31 -47.34 -67.75
CA LYS C 844 -51.86 -46.00 -67.85
C LYS C 844 -53.26 -45.93 -67.24
N ILE C 845 -53.69 -44.71 -66.93
CA ILE C 845 -54.98 -44.45 -66.31
C ILE C 845 -55.80 -43.58 -67.25
N ASP C 846 -57.02 -44.04 -67.57
CA ASP C 846 -57.95 -43.27 -68.38
C ASP C 846 -58.74 -42.31 -67.49
N MET C 847 -59.30 -41.27 -68.12
CA MET C 847 -60.03 -40.25 -67.36
C MET C 847 -61.53 -40.35 -67.57
N ASN C 848 -61.98 -40.30 -68.82
CA ASN C 848 -63.42 -40.24 -69.09
C ASN C 848 -64.08 -41.61 -68.98
N LEU C 849 -63.29 -42.69 -69.02
CA LEU C 849 -63.87 -44.03 -69.15
C LEU C 849 -64.38 -44.56 -67.82
N VAL C 850 -63.50 -44.69 -66.83
CA VAL C 850 -63.82 -45.43 -65.62
C VAL C 850 -63.97 -44.49 -64.44
N GLN C 851 -63.26 -43.36 -64.45
CA GLN C 851 -63.22 -42.48 -63.30
C GLN C 851 -64.56 -41.77 -63.11
N THR C 852 -64.99 -41.67 -61.86
CA THR C 852 -66.25 -41.02 -61.49
C THR C 852 -65.94 -39.92 -60.47
N GLY C 853 -66.11 -38.67 -60.87
CA GLY C 853 -65.84 -37.55 -59.99
C GLY C 853 -66.97 -37.28 -59.02
N SER D 2 24.30 26.56 -3.36
CA SER D 2 23.78 26.29 -4.70
C SER D 2 24.90 25.84 -5.63
N PHE D 3 25.70 24.90 -5.16
CA PHE D 3 26.90 24.47 -5.86
C PHE D 3 26.55 23.46 -6.96
N ASP D 4 27.57 23.09 -7.74
CA ASP D 4 27.41 22.17 -8.85
C ASP D 4 27.88 20.77 -8.48
N ARG D 5 27.82 19.85 -9.45
CA ARG D 5 28.41 18.54 -9.25
C ARG D 5 29.94 18.64 -9.28
N PRO D 6 30.61 18.10 -8.27
CA PRO D 6 32.04 17.82 -8.42
C PRO D 6 32.24 16.67 -9.39
N GLU D 7 33.20 16.84 -10.29
CA GLU D 7 33.44 15.84 -11.32
C GLU D 7 34.64 14.98 -10.96
N ILE D 8 34.60 13.73 -11.41
CA ILE D 8 35.64 12.75 -11.16
C ILE D 8 36.33 12.45 -12.48
N TYR D 9 37.63 12.74 -12.54
CA TYR D 9 38.42 12.48 -13.73
C TYR D 9 39.70 11.76 -13.34
N SER D 10 40.33 11.13 -14.32
CA SER D 10 41.50 10.31 -14.09
C SER D 10 42.58 10.61 -15.13
N ALA D 11 43.80 10.19 -14.81
CA ALA D 11 44.95 10.34 -15.68
C ALA D 11 45.94 9.21 -15.42
N PRO D 12 46.42 8.52 -16.45
CA PRO D 12 47.34 7.40 -16.22
C PRO D 12 48.74 7.90 -15.85
N VAL D 13 49.33 7.26 -14.85
CA VAL D 13 50.67 7.64 -14.40
C VAL D 13 51.61 6.44 -14.44
N LEU D 14 51.28 5.40 -13.68
CA LEU D 14 52.17 4.27 -13.47
C LEU D 14 51.74 3.08 -14.31
N GLN D 15 52.61 2.07 -14.35
CA GLN D 15 52.35 0.87 -15.14
C GLN D 15 51.22 0.04 -14.54
N GLY D 16 51.16 -0.04 -13.22
CA GLY D 16 50.18 -0.89 -12.58
C GLY D 16 50.60 -2.36 -12.60
N GLU D 17 49.63 -3.21 -12.29
CA GLU D 17 49.88 -4.65 -12.31
C GLU D 17 50.05 -5.15 -13.74
N SER D 18 50.72 -6.29 -13.86
CA SER D 18 50.96 -6.87 -15.17
C SER D 18 49.66 -7.37 -15.79
N PRO D 19 49.39 -7.03 -17.05
CA PRO D 19 48.13 -7.46 -17.67
C PRO D 19 48.15 -8.94 -17.99
N ASN D 20 47.01 -9.59 -17.76
CA ASN D 20 46.83 -10.99 -18.10
C ASN D 20 45.72 -11.14 -19.14
N ASP D 21 45.69 -12.30 -19.79
CA ASP D 21 44.97 -12.45 -21.04
C ASP D 21 43.46 -12.30 -20.86
N ASP D 22 42.92 -12.73 -19.72
CA ASP D 22 41.48 -12.77 -19.53
C ASP D 22 40.88 -11.42 -19.16
N ASP D 23 41.69 -10.37 -19.05
CA ASP D 23 41.18 -9.02 -18.87
C ASP D 23 40.38 -8.57 -20.09
N ASN D 24 39.34 -7.78 -19.83
CA ASN D 24 38.54 -7.22 -20.93
C ASN D 24 39.35 -6.26 -21.78
N THR D 25 40.20 -5.44 -21.14
CA THR D 25 40.99 -4.46 -21.87
C THR D 25 41.98 -5.14 -22.82
N GLU D 26 42.61 -6.23 -22.37
CA GLU D 26 43.55 -6.95 -23.22
C GLU D 26 42.82 -7.65 -24.37
N ILE D 27 41.62 -8.16 -24.14
CA ILE D 27 40.83 -8.76 -25.21
C ILE D 27 40.45 -7.70 -26.24
N ILE D 28 40.07 -6.50 -25.78
CA ILE D 28 39.74 -5.40 -26.68
C ILE D 28 40.95 -4.98 -27.50
N LYS D 29 42.12 -4.90 -26.86
CA LYS D 29 43.35 -4.56 -27.58
C LYS D 29 43.71 -5.62 -28.61
N SER D 30 43.57 -6.90 -28.25
CA SER D 30 43.88 -7.97 -29.19
C SER D 30 42.94 -7.95 -30.38
N PHE D 31 41.66 -7.67 -30.15
CA PHE D 31 40.70 -7.54 -31.24
C PHE D 31 40.99 -6.34 -32.12
N LYS D 32 41.41 -5.22 -31.50
CA LYS D 32 41.81 -4.03 -32.25
C LYS D 32 43.00 -4.32 -33.16
N ASN D 33 44.02 -5.00 -32.64
CA ASN D 33 45.16 -5.36 -33.46
C ASN D 33 44.80 -6.41 -34.50
N PHE D 34 43.81 -7.26 -34.22
CA PHE D 34 43.34 -8.19 -35.23
C PHE D 34 42.70 -7.45 -36.40
N ILE D 35 41.88 -6.45 -36.11
CA ILE D 35 41.23 -5.68 -37.17
C ILE D 35 42.28 -4.90 -37.96
N LEU D 36 43.22 -4.27 -37.26
CA LEU D 36 44.18 -3.39 -37.93
C LEU D 36 45.26 -4.16 -38.67
N GLU D 37 45.65 -5.33 -38.18
CA GLU D 37 46.87 -5.99 -38.63
C GLU D 37 46.66 -7.33 -39.31
N PHE D 38 45.45 -7.63 -39.79
CA PHE D 38 45.22 -8.90 -40.46
C PHE D 38 45.44 -8.77 -41.97
N ARG D 39 46.16 -9.72 -42.54
CA ARG D 39 46.44 -9.77 -43.97
C ARG D 39 45.90 -11.07 -44.53
N LEU D 40 45.00 -10.98 -45.51
CA LEU D 40 44.48 -12.18 -46.17
C LEU D 40 45.46 -12.69 -47.21
N ASP D 41 45.71 -11.88 -48.25
CA ASP D 41 46.77 -12.17 -49.20
C ASP D 41 47.83 -11.07 -49.21
N SER D 42 47.44 -9.84 -49.54
CA SER D 42 48.37 -8.72 -49.46
C SER D 42 47.72 -7.45 -48.93
N GLN D 43 46.46 -7.51 -48.49
CA GLN D 43 45.69 -6.32 -48.15
C GLN D 43 45.17 -6.40 -46.73
N PHE D 44 45.07 -5.24 -46.08
CA PHE D 44 44.44 -5.11 -44.77
C PHE D 44 42.94 -5.11 -44.99
N ILE D 45 42.34 -6.30 -45.08
CA ILE D 45 40.97 -6.42 -45.56
C ILE D 45 39.97 -5.84 -44.56
N TYR D 46 40.31 -5.87 -43.27
CA TYR D 46 39.33 -5.47 -42.26
C TYR D 46 39.27 -3.96 -42.07
N ARG D 47 40.41 -3.26 -42.09
CA ARG D 47 40.32 -1.80 -42.04
C ARG D 47 39.73 -1.25 -43.34
N ASP D 48 40.00 -1.92 -44.47
CA ASP D 48 39.42 -1.48 -45.73
C ASP D 48 37.91 -1.68 -45.73
N GLN D 49 37.44 -2.83 -45.24
CA GLN D 49 36.01 -3.06 -45.11
C GLN D 49 35.37 -2.05 -44.15
N LEU D 50 36.05 -1.76 -43.03
CA LEU D 50 35.51 -0.79 -42.08
C LEU D 50 35.44 0.61 -42.68
N ARG D 51 36.47 1.02 -43.42
CA ARG D 51 36.46 2.34 -44.05
C ARG D 51 35.38 2.45 -45.10
N ASN D 52 35.22 1.42 -45.94
CA ASN D 52 34.17 1.43 -46.93
C ASN D 52 32.79 1.40 -46.29
N ASN D 53 32.66 0.75 -45.14
CA ASN D 53 31.38 0.70 -44.44
C ASN D 53 31.03 2.06 -43.84
N ILE D 54 32.01 2.77 -43.28
CA ILE D 54 31.77 4.11 -42.77
C ILE D 54 31.45 5.07 -43.91
N LEU D 55 32.06 4.85 -45.09
CA LEU D 55 31.76 5.69 -46.24
C LEU D 55 30.31 5.56 -46.68
N VAL D 56 29.73 4.36 -46.57
CA VAL D 56 28.34 4.16 -46.96
C VAL D 56 27.38 4.20 -45.79
N LYS D 57 27.83 4.70 -44.63
CA LYS D 57 27.02 4.82 -43.41
C LYS D 57 26.49 3.46 -42.95
N ASN D 58 27.25 2.40 -43.20
CA ASN D 58 26.98 1.08 -42.66
C ASN D 58 27.87 0.90 -41.45
N TYR D 59 27.25 0.86 -40.27
CA TYR D 59 28.01 0.83 -39.01
C TYR D 59 28.11 -0.61 -38.51
N SER D 60 28.81 -1.43 -39.29
CA SER D 60 29.04 -2.82 -38.93
C SER D 60 30.32 -3.31 -39.61
N LEU D 61 30.82 -4.43 -39.10
CA LEU D 61 31.97 -5.11 -39.68
C LEU D 61 31.65 -6.59 -39.78
N THR D 62 31.97 -7.20 -40.91
CA THR D 62 31.74 -8.62 -41.13
C THR D 62 33.08 -9.35 -41.10
N VAL D 63 33.20 -10.33 -40.20
CA VAL D 63 34.45 -11.00 -39.91
C VAL D 63 34.26 -12.50 -40.04
N ASN D 64 35.15 -13.17 -40.78
CA ASN D 64 35.15 -14.62 -40.83
C ASN D 64 35.94 -15.18 -39.64
N MET D 65 35.36 -16.17 -38.96
CA MET D 65 36.03 -16.69 -37.76
C MET D 65 37.19 -17.62 -38.07
N GLU D 66 37.33 -18.09 -39.31
CA GLU D 66 38.55 -18.79 -39.69
C GLU D 66 39.76 -17.87 -39.64
N HIS D 67 39.55 -16.57 -39.86
CA HIS D 67 40.60 -15.59 -39.67
C HIS D 67 41.03 -15.49 -38.21
N LEU D 68 40.11 -15.77 -37.28
CA LEU D 68 40.49 -15.82 -35.87
C LEU D 68 41.33 -17.05 -35.56
N ILE D 69 41.06 -18.18 -36.21
CA ILE D 69 41.98 -19.33 -36.15
C ILE D 69 43.35 -18.93 -36.67
N GLY D 70 43.38 -18.23 -37.80
CA GLY D 70 44.64 -17.83 -38.38
C GLY D 70 45.43 -16.84 -37.53
N TYR D 71 44.73 -15.98 -36.80
CA TYR D 71 45.39 -14.90 -36.07
C TYR D 71 45.68 -15.27 -34.61
N ASN D 72 44.66 -15.58 -33.83
CA ASN D 72 44.83 -15.82 -32.40
C ASN D 72 43.76 -16.81 -31.95
N GLU D 73 44.19 -18.02 -31.59
CA GLU D 73 43.23 -19.05 -31.21
C GLU D 73 42.60 -18.79 -29.84
N ASP D 74 43.28 -18.01 -28.99
CA ASP D 74 42.78 -17.79 -27.63
C ASP D 74 41.52 -16.94 -27.65
N ILE D 75 41.53 -15.84 -28.39
CA ILE D 75 40.33 -15.01 -28.49
C ILE D 75 39.24 -15.74 -29.26
N TYR D 76 39.62 -16.63 -30.18
CA TYR D 76 38.62 -17.45 -30.88
C TYR D 76 37.90 -18.38 -29.90
N LYS D 77 38.64 -19.07 -29.05
CA LYS D 77 37.98 -20.00 -28.14
C LYS D 77 37.23 -19.26 -27.03
N LYS D 78 37.70 -18.07 -26.64
CA LYS D 78 36.91 -17.25 -25.72
C LYS D 78 35.61 -16.79 -26.36
N LEU D 79 35.65 -16.46 -27.65
CA LEU D 79 34.43 -16.08 -28.36
C LEU D 79 33.50 -17.27 -28.52
N SER D 80 34.05 -18.45 -28.74
CA SER D 80 33.22 -19.62 -28.97
C SER D 80 32.55 -20.11 -27.69
N ASP D 81 33.30 -20.19 -26.59
CA ASP D 81 32.72 -20.72 -25.36
C ASP D 81 31.82 -19.69 -24.68
N GLU D 82 32.21 -18.42 -24.70
CA GLU D 82 31.47 -17.35 -24.02
C GLU D 82 31.21 -16.21 -24.99
N PRO D 83 30.25 -16.36 -25.90
CA PRO D 83 30.01 -15.30 -26.89
C PRO D 83 29.38 -14.05 -26.31
N SER D 84 28.52 -14.19 -25.30
CA SER D 84 27.78 -13.02 -24.79
C SER D 84 28.67 -12.05 -24.02
N ASP D 85 29.85 -12.49 -23.58
CA ASP D 85 30.80 -11.60 -22.92
C ASP D 85 31.87 -11.08 -23.86
N ILE D 86 32.26 -11.87 -24.86
CA ILE D 86 33.34 -11.48 -25.76
C ILE D 86 32.83 -10.62 -26.93
N ILE D 87 31.58 -10.84 -27.35
CA ILE D 87 31.02 -10.04 -28.46
C ILE D 87 30.96 -8.56 -28.16
N PRO D 88 30.51 -8.09 -26.98
CA PRO D 88 30.64 -6.64 -26.71
C PRO D 88 32.06 -6.11 -26.71
N LEU D 89 33.06 -6.94 -26.42
CA LEU D 89 34.44 -6.47 -26.45
C LEU D 89 34.93 -6.24 -27.87
N PHE D 90 34.65 -7.17 -28.79
CA PHE D 90 35.01 -6.97 -30.18
C PHE D 90 34.19 -5.84 -30.79
N GLU D 91 32.95 -5.69 -30.31
CA GLU D 91 32.11 -4.55 -30.67
C GLU D 91 32.77 -3.23 -30.27
N THR D 92 33.28 -3.15 -29.04
CA THR D 92 33.97 -1.96 -28.56
C THR D 92 35.25 -1.72 -29.35
N ALA D 93 35.95 -2.78 -29.72
CA ALA D 93 37.15 -2.63 -30.54
C ALA D 93 36.83 -2.04 -31.91
N ILE D 94 35.76 -2.53 -32.56
CA ILE D 94 35.35 -1.97 -33.85
C ILE D 94 34.97 -0.51 -33.68
N THR D 95 34.22 -0.18 -32.62
CA THR D 95 33.81 1.20 -32.40
C THR D 95 35.00 2.12 -32.14
N GLN D 96 36.00 1.68 -31.39
CA GLN D 96 37.20 2.47 -31.13
C GLN D 96 38.04 2.67 -32.38
N VAL D 97 38.13 1.66 -33.25
CA VAL D 97 38.84 1.85 -34.51
C VAL D 97 38.06 2.80 -35.44
N ALA D 98 36.74 2.64 -35.49
CA ALA D 98 35.93 3.44 -36.38
C ALA D 98 35.86 4.90 -35.95
N LYS D 99 35.96 5.16 -34.64
CA LYS D 99 35.95 6.53 -34.16
C LYS D 99 37.17 7.30 -34.65
N ARG D 100 38.34 6.68 -34.63
CA ARG D 100 39.54 7.34 -35.12
C ARG D 100 39.67 7.28 -36.64
N ILE D 101 38.98 6.36 -37.31
CA ILE D 101 38.87 6.44 -38.76
C ILE D 101 37.93 7.56 -39.19
N SER D 102 36.79 7.73 -38.52
CA SER D 102 35.81 8.73 -38.88
C SER D 102 36.28 10.16 -38.65
N ILE D 103 37.07 10.42 -37.61
CA ILE D 103 37.62 11.74 -37.35
C ILE D 103 38.61 12.16 -38.44
N LEU D 104 39.45 11.22 -38.88
CA LEU D 104 40.37 11.46 -39.99
C LEU D 104 39.69 11.42 -41.36
N SER D 105 38.36 11.32 -41.41
CA SER D 105 37.64 11.20 -42.67
C SER D 105 36.97 12.50 -43.09
N ARG D 106 36.11 13.07 -42.24
CA ARG D 106 35.33 14.23 -42.64
C ARG D 106 36.11 15.54 -42.56
N ALA D 107 37.25 15.54 -41.88
CA ALA D 107 38.09 16.74 -41.79
C ALA D 107 39.16 16.79 -42.86
N GLN D 108 39.20 15.80 -43.76
CA GLN D 108 40.23 15.74 -44.79
C GLN D 108 39.69 15.69 -46.21
N SER D 109 38.50 15.16 -46.43
CA SER D 109 37.92 15.02 -47.76
C SER D 109 36.84 16.08 -48.02
N ALA D 110 37.04 17.28 -47.48
CA ALA D 110 36.11 18.37 -47.67
C ALA D 110 36.29 19.03 -49.04
N LEU D 129 27.20 18.43 -35.49
CA LEU D 129 28.08 17.42 -34.92
C LEU D 129 27.75 16.04 -35.47
N ASN D 130 28.70 15.11 -35.37
CA ASN D 130 28.54 13.75 -35.86
C ASN D 130 28.62 12.79 -34.68
N SER D 131 27.64 11.88 -34.62
CA SER D 131 27.59 10.86 -33.58
C SER D 131 27.72 9.50 -34.22
N LEU D 132 28.67 8.69 -33.73
CA LEU D 132 28.92 7.37 -34.27
C LEU D 132 28.36 6.32 -33.33
N PRO D 133 27.35 5.56 -33.74
CA PRO D 133 26.77 4.56 -32.85
C PRO D 133 27.68 3.35 -32.70
N THR D 134 27.32 2.48 -31.77
CA THR D 134 28.12 1.30 -31.50
C THR D 134 27.95 0.30 -32.64
N PHE D 135 29.07 -0.08 -33.26
CA PHE D 135 29.07 -0.88 -34.48
C PHE D 135 28.57 -2.29 -34.21
N GLN D 136 27.88 -2.86 -35.20
CA GLN D 136 27.30 -4.18 -35.06
C GLN D 136 28.33 -5.24 -35.43
N LEU D 137 28.47 -6.25 -34.58
CA LEU D 137 29.29 -7.43 -34.87
C LEU D 137 28.48 -8.37 -35.76
N ILE D 138 28.95 -8.56 -36.98
CA ILE D 138 28.41 -9.57 -37.90
C ILE D 138 29.55 -10.51 -38.21
N LEU D 139 29.30 -11.82 -38.13
CA LEU D 139 30.34 -12.79 -38.41
C LEU D 139 29.80 -13.96 -39.21
N ASN D 140 30.58 -14.41 -40.20
CA ASN D 140 30.30 -15.59 -40.99
C ASN D 140 31.37 -16.65 -40.77
N SER D 141 31.07 -17.85 -41.24
CA SER D 141 32.00 -18.97 -41.12
C SER D 141 31.66 -20.02 -42.17
N ASN D 142 32.63 -20.88 -42.46
CA ASN D 142 32.44 -22.02 -43.34
C ASN D 142 32.74 -23.34 -42.64
N ALA D 143 32.59 -23.37 -41.32
CA ALA D 143 32.89 -24.56 -40.54
C ALA D 143 31.70 -25.53 -40.59
N ASN D 144 31.74 -26.55 -39.75
CA ASN D 144 30.74 -27.60 -39.80
C ASN D 144 29.38 -27.11 -39.32
N GLN D 145 28.36 -27.38 -40.13
CA GLN D 145 26.98 -27.01 -39.81
C GLN D 145 26.31 -28.19 -39.12
N ILE D 146 26.13 -28.08 -37.81
CA ILE D 146 25.44 -29.14 -37.08
C ILE D 146 23.97 -29.14 -37.47
N PRO D 147 23.33 -30.30 -37.59
CA PRO D 147 21.91 -30.33 -37.92
C PRO D 147 21.05 -29.77 -36.79
N LEU D 148 19.81 -29.43 -37.16
CA LEU D 148 18.88 -28.85 -36.20
C LEU D 148 18.47 -29.85 -35.13
N ARG D 149 18.49 -31.14 -35.44
CA ARG D 149 18.09 -32.16 -34.48
C ARG D 149 19.20 -32.54 -33.51
N ASP D 150 20.45 -32.17 -33.79
CA ASP D 150 21.56 -32.48 -32.91
C ASP D 150 21.87 -31.34 -31.93
N LEU D 151 21.03 -30.31 -31.89
CA LEU D 151 21.21 -29.27 -30.89
C LEU D 151 20.84 -29.81 -29.51
N ASP D 152 21.82 -29.84 -28.62
CA ASP D 152 21.66 -30.40 -27.29
C ASP D 152 21.88 -29.31 -26.26
N SER D 153 21.93 -29.72 -24.99
CA SER D 153 22.17 -28.77 -23.92
C SER D 153 23.64 -28.41 -23.78
N GLU D 154 24.52 -29.06 -24.55
CA GLU D 154 25.93 -28.70 -24.54
C GLU D 154 26.21 -27.48 -25.41
N HIS D 155 25.27 -27.09 -26.26
CA HIS D 155 25.42 -25.93 -27.13
C HIS D 155 24.83 -24.67 -26.54
N VAL D 156 24.27 -24.73 -25.33
CA VAL D 156 23.60 -23.57 -24.75
C VAL D 156 24.59 -22.48 -24.44
N SER D 157 24.24 -21.24 -24.82
CA SER D 157 25.10 -20.06 -24.75
C SER D 157 26.43 -20.28 -25.46
N LYS D 158 26.39 -20.91 -26.63
CA LYS D 158 27.56 -21.09 -27.46
C LYS D 158 27.21 -20.76 -28.90
N ILE D 159 28.26 -20.47 -29.67
CA ILE D 159 28.14 -20.17 -31.09
C ILE D 159 27.95 -21.48 -31.84
N VAL D 160 26.85 -21.58 -32.58
CA VAL D 160 26.54 -22.74 -33.40
C VAL D 160 26.24 -22.27 -34.82
N ARG D 161 26.66 -23.09 -35.78
CA ARG D 161 26.41 -22.86 -37.20
C ARG D 161 25.45 -23.93 -37.66
N LEU D 162 24.33 -23.51 -38.27
CA LEU D 162 23.27 -24.46 -38.55
C LEU D 162 22.42 -23.97 -39.72
N SER D 163 21.93 -24.92 -40.51
CA SER D 163 21.28 -24.62 -41.79
C SER D 163 19.81 -25.04 -41.75
N GLY D 164 19.04 -24.45 -42.66
CA GLY D 164 17.63 -24.76 -42.76
C GLY D 164 16.95 -23.84 -43.74
N ILE D 165 15.62 -23.82 -43.66
CA ILE D 165 14.76 -22.98 -44.49
C ILE D 165 13.90 -22.10 -43.58
N ILE D 166 13.47 -20.95 -44.11
CA ILE D 166 12.82 -19.93 -43.31
C ILE D 166 11.32 -19.96 -43.57
N ILE D 167 10.53 -20.05 -42.51
CA ILE D 167 9.08 -20.04 -42.64
C ILE D 167 8.57 -18.61 -42.74
N SER D 168 8.95 -17.77 -41.79
CA SER D 168 8.33 -16.48 -41.62
C SER D 168 9.35 -15.47 -41.11
N THR D 169 9.19 -14.22 -41.53
CA THR D 169 9.93 -13.09 -41.01
C THR D 169 8.92 -12.13 -40.39
N SER D 170 9.07 -11.86 -39.10
CA SER D 170 8.12 -11.02 -38.39
C SER D 170 8.33 -9.55 -38.77
N VAL D 171 7.37 -8.71 -38.37
CA VAL D 171 7.53 -7.28 -38.55
C VAL D 171 8.65 -6.76 -37.64
N LEU D 172 9.20 -5.61 -38.03
CA LEU D 172 10.30 -5.03 -37.28
C LEU D 172 9.77 -4.36 -36.01
N SER D 173 10.18 -4.89 -34.86
CA SER D 173 9.92 -4.24 -33.58
C SER D 173 10.99 -3.20 -33.30
N SER D 174 10.61 -2.18 -32.54
CA SER D 174 11.50 -1.07 -32.20
C SER D 174 12.05 -1.30 -30.80
N ARG D 175 13.34 -1.62 -30.72
CA ARG D 175 14.03 -1.73 -29.44
C ARG D 175 14.78 -0.43 -29.16
N ALA D 176 15.08 -0.20 -27.89
CA ALA D 176 15.69 1.05 -27.45
C ALA D 176 17.18 0.84 -27.24
N THR D 177 17.99 1.68 -27.89
CA THR D 177 19.43 1.68 -27.65
C THR D 177 19.82 2.75 -26.64
N TYR D 178 19.51 4.01 -26.94
CA TYR D 178 19.71 5.12 -26.04
C TYR D 178 18.35 5.69 -25.70
N LEU D 179 18.01 5.74 -24.42
CA LEU D 179 16.75 6.33 -23.99
C LEU D 179 16.98 7.32 -22.87
N SER D 180 16.38 8.49 -23.00
CA SER D 180 16.44 9.53 -22.00
C SER D 180 15.19 9.43 -21.13
N ILE D 181 15.37 9.48 -19.82
CA ILE D 181 14.28 9.36 -18.85
C ILE D 181 14.27 10.59 -17.98
N MET D 182 13.09 10.90 -17.47
CA MET D 182 12.90 12.02 -16.56
C MET D 182 11.92 11.62 -15.47
N CYS D 183 12.25 11.97 -14.23
CA CYS D 183 11.41 11.65 -13.09
C CYS D 183 10.09 12.41 -13.17
N ARG D 184 9.03 11.78 -12.63
CA ARG D 184 7.68 12.34 -12.75
C ARG D 184 7.56 13.68 -12.03
N ASN D 185 7.94 13.72 -10.76
CA ASN D 185 7.85 14.94 -9.95
C ASN D 185 9.20 15.49 -9.54
N CYS D 186 10.20 14.63 -9.40
CA CYS D 186 11.56 15.05 -9.08
C CYS D 186 12.23 15.76 -10.24
N ARG D 187 11.82 15.43 -11.48
CA ARG D 187 12.39 15.98 -12.72
C ARG D 187 13.90 15.74 -12.83
N HIS D 188 14.35 14.57 -12.38
CA HIS D 188 15.75 14.18 -12.56
C HIS D 188 15.93 13.53 -13.92
N THR D 189 16.81 14.09 -14.74
CA THR D 189 17.04 13.60 -16.09
C THR D 189 18.23 12.64 -16.10
N THR D 190 18.04 11.50 -16.76
CA THR D 190 19.04 10.45 -16.79
C THR D 190 19.01 9.83 -18.19
N SER D 191 20.09 9.15 -18.56
CA SER D 191 20.16 8.46 -19.84
C SER D 191 20.59 7.02 -19.62
N ILE D 192 19.88 6.08 -20.24
CA ILE D 192 20.26 4.67 -20.24
C ILE D 192 20.68 4.31 -21.66
N THR D 193 21.91 3.85 -21.81
CA THR D 193 22.39 3.31 -23.07
C THR D 193 22.39 1.78 -22.99
N ILE D 194 21.93 1.14 -24.07
CA ILE D 194 21.84 -0.31 -24.15
C ILE D 194 22.65 -0.77 -25.35
N ASN D 195 23.56 -1.72 -25.12
CA ASN D 195 24.34 -2.31 -26.21
C ASN D 195 24.16 -3.82 -26.28
N ASN D 196 23.11 -4.37 -25.67
CA ASN D 196 22.83 -5.79 -25.72
C ASN D 196 21.34 -5.97 -26.03
N PHE D 197 21.04 -6.62 -27.16
CA PHE D 197 19.67 -6.82 -27.60
C PHE D 197 19.35 -8.29 -27.88
N ASN D 198 20.02 -9.22 -27.22
CA ASN D 198 19.82 -10.64 -27.44
C ASN D 198 18.70 -11.23 -26.60
N SER D 199 18.09 -10.45 -25.71
CA SER D 199 17.09 -10.99 -24.81
C SER D 199 15.74 -11.12 -25.49
N ILE D 200 15.06 -12.24 -25.22
CA ILE D 200 13.69 -12.48 -25.65
C ILE D 200 12.88 -12.93 -24.44
N THR D 201 11.64 -12.45 -24.35
CA THR D 201 10.71 -12.72 -23.25
C THR D 201 11.34 -12.32 -21.91
N GLY D 202 11.56 -11.01 -21.76
CA GLY D 202 12.18 -10.48 -20.57
C GLY D 202 12.93 -9.19 -20.84
N ASN D 203 12.98 -8.31 -19.84
CA ASN D 203 13.67 -7.03 -19.96
C ASN D 203 14.97 -7.12 -19.17
N THR D 204 16.07 -7.37 -19.89
CA THR D 204 17.37 -7.45 -19.22
C THR D 204 17.86 -6.07 -18.76
N VAL D 205 17.41 -5.01 -19.42
CA VAL D 205 17.66 -3.64 -18.99
C VAL D 205 16.33 -2.91 -18.97
N SER D 206 15.94 -2.41 -17.80
CA SER D 206 14.67 -1.73 -17.62
C SER D 206 14.91 -0.39 -16.94
N LEU D 207 13.82 0.35 -16.76
CA LEU D 207 13.89 1.61 -16.04
C LEU D 207 14.21 1.35 -14.57
N PRO D 208 14.96 2.24 -13.92
CA PRO D 208 15.25 2.05 -12.50
C PRO D 208 14.00 2.06 -11.64
N ARG D 209 14.01 1.20 -10.63
CA ARG D 209 12.85 1.06 -9.75
C ARG D 209 12.62 2.28 -8.88
N SER D 210 13.67 3.02 -8.55
CA SER D 210 13.54 4.20 -7.71
C SER D 210 14.33 5.34 -8.36
N CYS D 211 14.06 6.55 -7.88
CA CYS D 211 14.74 7.73 -8.40
C CYS D 211 16.22 7.69 -8.04
N LEU D 212 17.06 8.08 -8.99
CA LEU D 212 18.50 8.08 -8.80
C LEU D 212 19.05 9.40 -8.26
N SER D 213 18.18 10.34 -7.93
CA SER D 213 18.66 11.64 -7.45
C SER D 213 19.24 11.52 -6.04
N THR D 214 18.67 10.66 -5.21
CA THR D 214 19.14 10.55 -3.83
C THR D 214 20.49 9.85 -3.73
N ILE D 215 20.68 8.77 -4.50
CA ILE D 215 21.92 8.00 -4.40
C ILE D 215 23.09 8.77 -4.99
N GLU D 216 22.85 9.58 -6.04
CA GLU D 216 23.94 10.30 -6.68
C GLU D 216 24.45 11.43 -5.80
N SER D 217 23.55 12.09 -5.07
CA SER D 217 23.85 13.29 -4.26
C SER D 217 24.54 14.35 -5.10
N GLU D 218 23.96 14.62 -6.27
CA GLU D 218 24.58 15.52 -7.24
C GLU D 218 24.55 16.97 -6.77
N SER D 219 23.52 17.35 -6.02
CA SER D 219 23.35 18.73 -5.58
C SER D 219 23.81 18.87 -4.13
N SER D 220 24.58 19.93 -3.86
CA SER D 220 25.02 20.21 -2.50
C SER D 220 23.86 20.66 -1.61
N MET D 221 22.84 21.29 -2.22
CA MET D 221 21.68 21.72 -1.43
C MET D 221 20.86 20.53 -0.97
N ALA D 222 20.68 19.53 -1.84
CA ALA D 222 19.98 18.28 -1.54
C ALA D 222 18.55 18.54 -1.06
N ASN D 223 17.75 19.13 -1.94
CA ASN D 223 16.36 19.42 -1.64
C ASN D 223 15.49 18.17 -1.80
N LYS D 233 11.20 13.66 4.86
CA LYS D 233 11.58 12.64 3.88
C LYS D 233 10.74 12.77 2.61
N LYS D 234 11.42 12.84 1.47
CA LYS D 234 10.77 12.98 0.17
C LYS D 234 11.12 11.77 -0.69
N ASN D 235 10.09 11.11 -1.22
CA ASN D 235 10.26 9.95 -2.09
C ASN D 235 9.49 10.18 -3.39
N CYS D 236 10.12 9.80 -4.50
CA CYS D 236 9.51 10.03 -5.80
C CYS D 236 8.52 8.91 -6.17
N GLY D 237 8.61 7.76 -5.50
CA GLY D 237 7.68 6.68 -5.74
C GLY D 237 8.28 5.55 -6.55
N PRO D 238 7.61 4.39 -6.54
CA PRO D 238 8.11 3.26 -7.32
C PRO D 238 7.88 3.46 -8.82
N ASP D 239 8.91 3.16 -9.61
CA ASP D 239 8.98 3.36 -11.05
C ASP D 239 8.59 4.79 -11.42
N PRO D 240 9.41 5.79 -11.09
CA PRO D 240 9.02 7.19 -11.31
C PRO D 240 9.51 7.81 -12.61
N TYR D 241 10.07 7.03 -13.52
CA TYR D 241 10.71 7.60 -14.70
C TYR D 241 9.82 7.48 -15.93
N ILE D 242 9.83 8.51 -16.75
CA ILE D 242 9.08 8.59 -17.99
C ILE D 242 10.07 8.79 -19.13
N ILE D 243 9.90 8.01 -20.19
CA ILE D 243 10.79 8.08 -21.34
C ILE D 243 10.45 9.30 -22.19
N ILE D 244 11.43 10.15 -22.44
CA ILE D 244 11.29 11.27 -23.37
C ILE D 244 11.61 10.70 -24.75
N HIS D 245 10.57 10.53 -25.57
CA HIS D 245 10.70 9.78 -26.81
C HIS D 245 11.38 10.55 -27.92
N GLU D 246 11.28 11.88 -27.92
CA GLU D 246 11.90 12.67 -28.98
C GLU D 246 13.38 12.90 -28.75
N SER D 247 13.94 12.37 -27.66
CA SER D 247 15.38 12.37 -27.44
C SER D 247 15.94 10.97 -27.23
N SER D 248 15.19 9.93 -27.60
CA SER D 248 15.61 8.55 -27.46
C SER D 248 15.90 7.93 -28.83
N LYS D 249 16.78 6.93 -28.83
CA LYS D 249 17.23 6.29 -30.06
C LYS D 249 16.84 4.82 -30.08
N PHE D 250 16.47 4.33 -31.26
CA PHE D 250 15.88 3.01 -31.41
C PHE D 250 16.57 2.27 -32.54
N ILE D 251 16.44 0.95 -32.51
CA ILE D 251 16.91 0.04 -33.54
C ILE D 251 15.78 -0.92 -33.90
N ASP D 252 15.97 -1.63 -35.00
CA ASP D 252 15.01 -2.62 -35.44
C ASP D 252 15.42 -4.02 -35.00
N GLN D 253 14.41 -4.84 -34.71
CA GLN D 253 14.58 -6.21 -34.28
C GLN D 253 13.57 -7.06 -35.01
N GLN D 254 13.95 -8.29 -35.35
CA GLN D 254 13.11 -9.16 -36.14
C GLN D 254 13.17 -10.58 -35.61
N PHE D 255 12.01 -11.24 -35.62
CA PHE D 255 11.88 -12.65 -35.31
C PHE D 255 11.79 -13.44 -36.60
N LEU D 256 12.70 -14.39 -36.77
CA LEU D 256 12.71 -15.31 -37.89
C LEU D 256 12.39 -16.70 -37.36
N LYS D 257 11.90 -17.57 -38.24
CA LYS D 257 11.51 -18.91 -37.84
C LYS D 257 12.19 -19.88 -38.80
N LEU D 258 12.98 -20.80 -38.26
CA LEU D 258 13.82 -21.67 -39.07
C LEU D 258 13.42 -23.12 -38.87
N GLN D 259 13.17 -23.82 -39.98
CA GLN D 259 12.86 -25.23 -39.98
C GLN D 259 14.01 -26.01 -40.59
N GLU D 260 14.13 -27.27 -40.20
CA GLU D 260 14.97 -28.18 -40.96
C GLU D 260 14.36 -28.39 -42.35
N ILE D 261 15.22 -28.68 -43.32
CA ILE D 261 14.76 -28.80 -44.70
C ILE D 261 13.81 -29.99 -44.82
N PRO D 262 12.69 -29.86 -45.55
CA PRO D 262 11.71 -30.96 -45.60
C PRO D 262 12.17 -32.16 -46.39
N GLU D 263 13.29 -32.09 -47.09
CA GLU D 263 13.83 -33.27 -47.76
C GLU D 263 14.33 -34.30 -46.76
N LEU D 264 14.96 -33.86 -45.66
CA LEU D 264 15.52 -34.77 -44.66
C LEU D 264 14.72 -34.58 -43.37
N VAL D 265 13.59 -35.27 -43.29
CA VAL D 265 12.70 -35.26 -42.13
C VAL D 265 12.27 -36.71 -41.93
N PRO D 266 12.12 -37.19 -40.69
CA PRO D 266 11.51 -38.52 -40.50
C PRO D 266 10.10 -38.56 -41.06
N VAL D 267 9.71 -39.75 -41.53
CA VAL D 267 8.56 -39.89 -42.43
C VAL D 267 7.27 -39.50 -41.74
N GLY D 268 7.05 -39.97 -40.51
CA GLY D 268 5.82 -39.71 -39.79
C GLY D 268 5.90 -38.63 -38.74
N GLU D 269 6.91 -37.77 -38.77
CA GLU D 269 7.16 -36.83 -37.69
C GLU D 269 7.03 -35.39 -38.16
N MET D 270 6.74 -34.50 -37.21
CA MET D 270 6.66 -33.08 -37.48
C MET D 270 8.07 -32.50 -37.64
N PRO D 271 8.30 -31.68 -38.67
CA PRO D 271 9.58 -31.00 -38.78
C PRO D 271 9.73 -29.95 -37.68
N ARG D 272 10.83 -30.05 -36.94
CA ARG D 272 11.06 -29.15 -35.83
C ARG D 272 11.63 -27.82 -36.30
N ASN D 273 11.41 -26.79 -35.49
CA ASN D 273 11.72 -25.42 -35.86
C ASN D 273 12.20 -24.66 -34.63
N LEU D 274 12.95 -23.59 -34.88
CA LEU D 274 13.42 -22.70 -33.82
C LEU D 274 13.15 -21.25 -34.18
N THR D 275 12.91 -20.44 -33.16
CA THR D 275 12.82 -19.00 -33.37
C THR D 275 14.20 -18.36 -33.21
N MET D 276 14.42 -17.32 -34.01
CA MET D 276 15.68 -16.61 -34.06
C MET D 276 15.39 -15.12 -33.98
N THR D 277 16.30 -14.38 -33.37
CA THR D 277 16.19 -12.94 -33.28
C THR D 277 17.40 -12.28 -33.91
N CYS D 278 17.15 -11.29 -34.76
CA CYS D 278 18.20 -10.52 -35.40
C CYS D 278 17.92 -9.03 -35.20
N ASP D 279 18.98 -8.22 -35.30
CA ASP D 279 18.87 -6.79 -35.04
C ASP D 279 19.83 -6.02 -35.94
N ARG D 280 19.58 -4.70 -36.00
CA ARG D 280 20.41 -3.72 -36.73
C ARG D 280 20.45 -4.10 -38.20
N TYR D 281 21.61 -4.37 -38.78
CA TYR D 281 21.73 -4.67 -40.21
C TYR D 281 21.50 -6.13 -40.54
N LEU D 282 21.18 -6.97 -39.56
CA LEU D 282 20.79 -8.33 -39.85
C LEU D 282 19.30 -8.46 -40.16
N THR D 283 18.52 -7.40 -39.95
CA THR D 283 17.10 -7.44 -40.25
C THR D 283 16.85 -7.17 -41.72
N ASN D 284 15.76 -7.77 -42.23
CA ASN D 284 15.30 -7.59 -43.62
C ASN D 284 16.36 -8.01 -44.64
N LYS D 285 17.15 -9.02 -44.31
CA LYS D 285 18.18 -9.51 -45.23
C LYS D 285 17.76 -10.76 -45.96
N VAL D 286 16.81 -11.51 -45.42
CA VAL D 286 16.34 -12.75 -46.00
C VAL D 286 14.82 -12.75 -46.07
N ILE D 287 14.28 -13.33 -47.14
CA ILE D 287 12.85 -13.44 -47.32
C ILE D 287 12.43 -14.83 -46.84
N PRO D 288 11.17 -15.03 -46.47
CA PRO D 288 10.72 -16.39 -46.14
C PRO D 288 10.84 -17.32 -47.34
N GLY D 289 11.28 -18.54 -47.08
CA GLY D 289 11.44 -19.56 -48.10
C GLY D 289 12.87 -19.78 -48.53
N THR D 290 13.78 -18.87 -48.23
CA THR D 290 15.17 -19.05 -48.64
C THR D 290 15.87 -20.06 -47.73
N ARG D 291 16.88 -20.72 -48.28
CA ARG D 291 17.67 -21.69 -47.55
C ARG D 291 18.94 -21.01 -47.05
N VAL D 292 19.12 -21.01 -45.74
CA VAL D 292 20.20 -20.25 -45.12
C VAL D 292 20.96 -21.14 -44.14
N THR D 293 22.26 -20.93 -44.07
CA THR D 293 23.06 -21.34 -42.93
C THR D 293 23.32 -20.10 -42.08
N ILE D 294 23.16 -20.24 -40.77
CA ILE D 294 23.16 -19.12 -39.84
C ILE D 294 24.08 -19.46 -38.69
N VAL D 295 24.94 -18.51 -38.34
CA VAL D 295 25.79 -18.61 -37.16
C VAL D 295 25.14 -17.78 -36.06
N GLY D 296 25.04 -18.35 -34.86
CA GLY D 296 24.38 -17.61 -33.80
C GLY D 296 24.53 -18.30 -32.47
N ILE D 297 24.15 -17.57 -31.43
CA ILE D 297 24.24 -18.06 -30.06
C ILE D 297 22.98 -18.85 -29.74
N TYR D 298 23.17 -20.08 -29.28
CA TYR D 298 22.04 -20.92 -28.85
C TYR D 298 21.67 -20.57 -27.41
N SER D 299 20.54 -19.88 -27.24
CA SER D 299 20.22 -19.26 -25.96
C SER D 299 18.83 -19.70 -25.52
N ILE D 300 18.38 -19.12 -24.40
CA ILE D 300 17.29 -19.63 -23.57
C ILE D 300 16.30 -18.50 -23.27
N TYR D 301 15.01 -18.82 -23.33
CA TYR D 301 14.02 -17.95 -22.69
C TYR D 301 12.97 -18.79 -21.99
N ASN D 302 12.36 -18.21 -20.95
CA ASN D 302 11.33 -18.85 -20.16
C ASN D 302 9.98 -18.29 -20.58
N SER D 303 9.08 -19.18 -21.00
CA SER D 303 7.75 -18.80 -21.47
C SER D 303 6.70 -19.26 -20.46
N LYS D 304 5.86 -18.33 -20.04
CA LYS D 304 4.81 -18.64 -19.08
C LYS D 304 3.42 -18.45 -19.69
N SER D 319 4.08 -28.21 -18.23
CA SER D 319 4.93 -29.03 -19.07
C SER D 319 6.36 -29.03 -18.56
N GLY D 320 6.57 -29.61 -17.39
CA GLY D 320 7.89 -29.70 -16.80
C GLY D 320 8.10 -28.61 -15.77
N VAL D 321 8.75 -28.95 -14.66
CA VAL D 321 8.94 -27.99 -13.58
C VAL D 321 9.96 -26.91 -13.98
N ALA D 322 11.03 -27.30 -14.68
CA ALA D 322 12.05 -26.37 -15.16
C ALA D 322 12.31 -26.67 -16.63
N ILE D 323 11.49 -26.11 -17.50
CA ILE D 323 11.60 -26.33 -18.94
C ILE D 323 11.71 -24.98 -19.63
N ARG D 324 12.72 -24.85 -20.48
CA ARG D 324 13.04 -23.58 -21.13
C ARG D 324 12.93 -23.74 -22.64
N THR D 325 12.48 -22.67 -23.29
CA THR D 325 12.38 -22.67 -24.74
C THR D 325 13.68 -22.16 -25.36
N PRO D 326 14.32 -22.94 -26.22
CA PRO D 326 15.55 -22.48 -26.88
C PRO D 326 15.25 -21.57 -28.06
N TYR D 327 16.23 -20.72 -28.36
CA TYR D 327 16.15 -19.82 -29.50
C TYR D 327 17.57 -19.51 -29.96
N ILE D 328 17.68 -18.81 -31.08
CA ILE D 328 18.96 -18.46 -31.67
C ILE D 328 19.07 -16.95 -31.78
N LYS D 329 20.11 -16.38 -31.18
CA LYS D 329 20.47 -14.98 -31.42
C LYS D 329 21.41 -14.96 -32.61
N ILE D 330 20.95 -14.38 -33.73
CA ILE D 330 21.69 -14.45 -34.97
C ILE D 330 22.88 -13.51 -34.94
N LEU D 331 24.06 -14.02 -35.29
CA LEU D 331 25.25 -13.20 -35.50
C LEU D 331 25.61 -13.05 -36.96
N GLY D 332 25.06 -13.87 -37.83
CA GLY D 332 25.33 -13.77 -39.25
C GLY D 332 24.41 -14.68 -40.04
N ILE D 333 24.07 -14.24 -41.25
CA ILE D 333 23.23 -15.02 -42.15
C ILE D 333 23.95 -15.16 -43.48
N GLN D 334 24.05 -16.39 -43.98
CA GLN D 334 24.54 -16.68 -45.32
C GLN D 334 23.41 -17.26 -46.15
N SER D 335 23.18 -16.69 -47.33
CA SER D 335 22.19 -17.20 -48.26
C SER D 335 22.90 -18.15 -49.22
N ASP D 336 22.49 -19.43 -49.21
CA ASP D 336 23.08 -20.41 -50.10
C ASP D 336 22.73 -20.12 -51.56
N VAL D 337 21.45 -19.89 -51.83
CA VAL D 337 20.98 -19.54 -53.15
C VAL D 337 20.11 -18.29 -53.05
N GLU D 338 20.26 -17.41 -54.02
CA GLU D 338 19.55 -16.14 -54.05
C GLU D 338 18.40 -16.22 -55.06
N THR D 339 17.20 -15.90 -54.61
CA THR D 339 16.04 -15.94 -55.47
C THR D 339 16.08 -14.82 -56.50
N SER D 340 15.45 -15.06 -57.64
CA SER D 340 15.41 -14.12 -58.74
C SER D 340 14.09 -13.37 -58.73
N SER D 341 14.16 -12.04 -58.63
CA SER D 341 12.99 -11.18 -58.59
C SER D 341 13.39 -9.80 -59.06
N ILE D 342 12.41 -8.89 -59.10
CA ILE D 342 12.68 -7.52 -59.52
C ILE D 342 13.52 -6.80 -58.48
N TRP D 343 13.15 -6.94 -57.21
CA TRP D 343 13.85 -6.23 -56.15
C TRP D 343 15.22 -6.85 -55.88
N ASN D 344 15.37 -8.15 -56.09
CA ASN D 344 16.64 -8.84 -55.90
C ASN D 344 17.54 -8.74 -57.13
N SER D 345 17.03 -8.25 -58.26
CA SER D 345 17.87 -8.06 -59.44
C SER D 345 18.82 -6.89 -59.22
N VAL D 346 20.04 -7.03 -59.76
CA VAL D 346 21.06 -6.01 -59.63
C VAL D 346 21.30 -5.39 -61.01
N THR D 347 21.35 -4.06 -61.04
CA THR D 347 21.62 -3.31 -62.26
C THR D 347 23.03 -2.77 -62.34
N MET D 348 23.82 -2.91 -61.28
CA MET D 348 25.18 -2.40 -61.28
C MET D 348 26.11 -3.33 -62.05
N PHE D 349 26.99 -2.75 -62.84
CA PHE D 349 27.94 -3.49 -63.65
C PHE D 349 29.35 -2.98 -63.36
N THR D 350 30.33 -3.89 -63.38
CA THR D 350 31.71 -3.48 -63.30
C THR D 350 32.26 -3.24 -64.71
N GLU D 351 33.39 -2.54 -64.77
CA GLU D 351 33.93 -2.13 -66.07
C GLU D 351 34.45 -3.33 -66.85
N GLU D 352 34.87 -4.40 -66.18
CA GLU D 352 35.36 -5.57 -66.89
C GLU D 352 34.22 -6.31 -67.60
N GLU D 353 33.06 -6.43 -66.95
CA GLU D 353 31.91 -7.04 -67.61
C GLU D 353 31.39 -6.17 -68.75
N GLU D 354 31.42 -4.84 -68.57
CA GLU D 354 31.07 -3.94 -69.65
C GLU D 354 31.99 -4.12 -70.85
N GLU D 355 33.29 -4.21 -70.60
CA GLU D 355 34.26 -4.39 -71.68
C GLU D 355 34.08 -5.74 -72.36
N GLU D 356 33.81 -6.80 -71.58
CA GLU D 356 33.59 -8.12 -72.17
C GLU D 356 32.33 -8.15 -73.02
N PHE D 357 31.25 -7.50 -72.58
CA PHE D 357 30.03 -7.48 -73.37
C PHE D 357 30.17 -6.64 -74.64
N LEU D 358 30.87 -5.51 -74.55
CA LEU D 358 31.16 -4.74 -75.75
C LEU D 358 32.03 -5.53 -76.73
N GLN D 359 33.06 -6.22 -76.24
CA GLN D 359 33.88 -7.04 -77.12
C GLN D 359 33.09 -8.19 -77.72
N LEU D 360 32.13 -8.74 -76.97
CA LEU D 360 31.28 -9.80 -77.49
C LEU D 360 30.37 -9.29 -78.59
N SER D 361 29.87 -8.05 -78.47
CA SER D 361 28.88 -7.55 -79.41
C SER D 361 29.42 -7.33 -80.82
N ARG D 362 30.74 -7.17 -80.98
CA ARG D 362 31.30 -6.98 -82.32
C ARG D 362 31.62 -8.28 -83.05
N ASN D 363 31.33 -9.43 -82.46
CA ASN D 363 31.58 -10.69 -83.16
C ASN D 363 30.60 -10.83 -84.32
N PRO D 364 31.08 -11.03 -85.55
CA PRO D 364 30.16 -11.18 -86.68
C PRO D 364 29.35 -12.45 -86.64
N LYS D 365 29.82 -13.49 -85.96
CA LYS D 365 29.09 -14.73 -85.79
C LYS D 365 28.41 -14.80 -84.42
N LEU D 366 27.95 -13.64 -83.93
CA LEU D 366 27.32 -13.58 -82.61
C LEU D 366 26.00 -14.33 -82.59
N TYR D 367 25.21 -14.19 -83.66
CA TYR D 367 23.94 -14.89 -83.74
C TYR D 367 24.15 -16.41 -83.74
N GLU D 368 25.16 -16.87 -84.48
CA GLU D 368 25.45 -18.30 -84.53
C GLU D 368 25.88 -18.84 -83.18
N ILE D 369 26.70 -18.10 -82.43
CA ILE D 369 27.18 -18.62 -81.16
C ILE D 369 26.10 -18.54 -80.08
N LEU D 370 25.23 -17.54 -80.12
CA LEU D 370 24.10 -17.53 -79.18
C LEU D 370 23.07 -18.61 -79.51
N THR D 371 22.93 -18.96 -80.79
CA THR D 371 22.04 -20.07 -81.11
C THR D 371 22.67 -21.42 -80.75
N ASN D 372 23.98 -21.55 -80.89
CA ASN D 372 24.65 -22.78 -80.50
C ASN D 372 24.70 -22.94 -78.98
N SER D 373 24.74 -21.83 -78.26
CA SER D 373 24.74 -21.91 -76.80
C SER D 373 23.37 -22.30 -76.23
N ILE D 374 22.30 -22.12 -76.98
CA ILE D 374 20.97 -22.51 -76.52
C ILE D 374 20.86 -24.03 -76.65
N ALA D 375 20.84 -24.71 -75.50
CA ALA D 375 20.66 -26.15 -75.35
C ALA D 375 21.59 -26.93 -76.28
N PRO D 376 22.90 -26.98 -75.99
CA PRO D 376 23.82 -27.69 -76.90
C PRO D 376 23.58 -29.19 -76.94
N SER D 377 22.86 -29.73 -75.97
CA SER D 377 22.57 -31.15 -75.87
C SER D 377 21.35 -31.56 -76.70
N ILE D 378 20.70 -30.61 -77.36
CA ILE D 378 19.50 -30.88 -78.16
C ILE D 378 19.91 -30.89 -79.62
N PHE D 379 19.70 -32.03 -80.28
CA PHE D 379 19.96 -32.17 -81.70
C PHE D 379 18.86 -31.50 -82.49
N GLY D 380 19.24 -30.77 -83.53
CA GLY D 380 18.27 -30.15 -84.41
C GLY D 380 17.59 -28.95 -83.79
N ASN D 381 16.44 -28.59 -84.39
CA ASN D 381 15.59 -27.48 -83.94
C ASN D 381 16.36 -26.16 -83.90
N GLU D 382 17.10 -25.86 -84.97
CA GLU D 382 17.86 -24.63 -85.02
C GLU D 382 16.96 -23.41 -85.10
N ASP D 383 15.85 -23.50 -85.84
CA ASP D 383 14.90 -22.40 -85.91
C ASP D 383 14.24 -22.14 -84.55
N ILE D 384 13.97 -23.21 -83.80
CA ILE D 384 13.43 -23.08 -82.47
C ILE D 384 14.42 -22.38 -81.54
N LYS D 385 15.71 -22.69 -81.69
CA LYS D 385 16.72 -22.07 -80.86
C LYS D 385 16.91 -20.60 -81.23
N LYS D 386 16.80 -20.27 -82.52
CA LYS D 386 16.78 -18.87 -82.94
C LYS D 386 15.60 -18.13 -82.33
N ALA D 387 14.43 -18.78 -82.33
CA ALA D 387 13.24 -18.21 -81.70
C ALA D 387 13.45 -17.99 -80.22
N ILE D 388 14.14 -18.93 -79.56
CA ILE D 388 14.37 -18.82 -78.12
C ILE D 388 15.33 -17.68 -77.82
N VAL D 389 16.35 -17.48 -78.66
CA VAL D 389 17.24 -16.32 -78.51
C VAL D 389 16.46 -15.02 -78.67
N CYS D 390 15.59 -14.95 -79.68
CA CYS D 390 14.77 -13.75 -79.87
C CYS D 390 13.82 -13.52 -78.70
N LEU D 391 13.27 -14.59 -78.13
CA LEU D 391 12.41 -14.47 -76.96
C LEU D 391 13.19 -13.96 -75.75
N LEU D 392 14.43 -14.43 -75.59
CA LEU D 392 15.27 -13.98 -74.48
C LEU D 392 15.61 -12.51 -74.62
N MET D 393 15.90 -12.05 -75.84
CA MET D 393 16.12 -10.62 -76.03
C MET D 393 14.83 -9.81 -75.91
N GLY D 394 13.77 -10.24 -76.59
CA GLY D 394 12.56 -9.44 -76.61
C GLY D 394 12.71 -8.21 -77.50
N GLY D 395 11.61 -7.50 -77.70
CA GLY D 395 11.61 -6.33 -78.54
C GLY D 395 11.56 -5.07 -77.70
N SER D 396 11.58 -3.93 -78.39
CA SER D 396 11.50 -2.65 -77.70
C SER D 396 10.06 -2.37 -77.30
N LYS D 397 9.86 -2.01 -76.04
CA LYS D 397 8.56 -1.56 -75.56
C LYS D 397 8.44 -0.05 -75.81
N LYS D 398 7.23 0.39 -76.15
CA LYS D 398 6.97 1.79 -76.45
C LYS D 398 5.84 2.29 -75.57
N ILE D 399 6.01 3.50 -75.04
CA ILE D 399 4.95 4.23 -74.34
C ILE D 399 4.68 5.48 -75.15
N LEU D 400 3.44 5.66 -75.55
CA LEU D 400 3.01 6.68 -76.48
C LEU D 400 2.28 7.79 -75.75
N PRO D 401 2.21 9.01 -76.34
CA PRO D 401 1.58 10.13 -75.62
C PRO D 401 0.12 9.93 -75.28
N ASP D 402 -0.59 9.07 -76.00
CA ASP D 402 -1.97 8.75 -75.66
C ASP D 402 -2.11 7.80 -74.48
N GLY D 403 -1.00 7.23 -73.99
CA GLY D 403 -0.98 6.45 -72.78
C GLY D 403 -0.97 4.94 -73.00
N MET D 404 -1.44 4.48 -74.15
CA MET D 404 -1.43 3.05 -74.45
C MET D 404 -0.02 2.60 -74.81
N ARG D 405 0.32 1.38 -74.42
CA ARG D 405 1.69 0.88 -74.53
C ARG D 405 1.76 -0.28 -75.50
N LEU D 406 2.89 -0.38 -76.20
CA LEU D 406 3.18 -1.49 -77.10
C LEU D 406 4.19 -2.40 -76.43
N ARG D 407 3.91 -3.69 -76.39
CA ARG D 407 4.75 -4.60 -75.65
C ARG D 407 5.97 -5.02 -76.48
N GLY D 408 7.01 -5.43 -75.77
CA GLY D 408 8.24 -5.86 -76.42
C GLY D 408 8.51 -7.33 -76.23
N ASP D 409 7.82 -7.95 -75.27
CA ASP D 409 8.02 -9.37 -75.01
C ASP D 409 7.41 -10.22 -76.12
N ILE D 410 8.08 -11.33 -76.41
CA ILE D 410 7.69 -12.25 -77.48
C ILE D 410 7.23 -13.55 -76.84
N ASN D 411 6.06 -14.03 -77.26
CA ASN D 411 5.50 -15.27 -76.74
C ASN D 411 5.51 -16.32 -77.83
N VAL D 412 6.21 -17.43 -77.56
CA VAL D 412 6.43 -18.48 -78.56
C VAL D 412 5.77 -19.77 -78.07
N LEU D 413 4.98 -20.39 -78.93
CA LEU D 413 4.38 -21.68 -78.67
C LEU D 413 5.14 -22.77 -79.43
N LEU D 414 5.46 -23.86 -78.74
CA LEU D 414 6.07 -25.04 -79.34
C LEU D 414 5.10 -26.19 -79.11
N LEU D 415 4.40 -26.61 -80.14
CA LEU D 415 3.52 -27.76 -80.02
C LEU D 415 3.92 -28.84 -81.02
N GLY D 416 3.86 -30.08 -80.56
CA GLY D 416 4.33 -31.17 -81.40
C GLY D 416 4.23 -32.50 -80.69
N ASP D 417 4.82 -33.50 -81.34
CA ASP D 417 4.74 -34.87 -80.86
C ASP D 417 5.49 -35.02 -79.54
N PRO D 418 5.12 -36.00 -78.71
CA PRO D 418 5.90 -36.26 -77.50
C PRO D 418 7.29 -36.76 -77.83
N GLY D 419 8.22 -36.49 -76.92
CA GLY D 419 9.60 -36.92 -77.12
C GLY D 419 10.37 -36.11 -78.13
N THR D 420 10.06 -34.82 -78.28
CA THR D 420 10.77 -33.96 -79.21
C THR D 420 11.52 -32.84 -78.49
N ALA D 421 11.80 -33.04 -77.19
CA ALA D 421 12.67 -32.17 -76.38
C ALA D 421 12.15 -30.74 -76.27
N LYS D 422 10.83 -30.55 -76.27
CA LYS D 422 10.29 -29.22 -76.01
C LYS D 422 10.32 -28.88 -74.52
N SER D 423 10.09 -29.89 -73.66
CA SER D 423 10.19 -29.66 -72.22
C SER D 423 11.62 -29.35 -71.80
N GLN D 424 12.60 -30.00 -72.43
CA GLN D 424 14.00 -29.68 -72.14
C GLN D 424 14.35 -28.28 -72.61
N LEU D 425 13.77 -27.84 -73.72
CA LEU D 425 13.97 -26.45 -74.15
C LEU D 425 13.38 -25.48 -73.12
N LEU D 426 12.21 -25.79 -72.59
CA LEU D 426 11.62 -24.98 -71.54
C LEU D 426 12.50 -24.95 -70.29
N LYS D 427 13.03 -26.11 -69.90
CA LYS D 427 13.90 -26.18 -68.73
C LYS D 427 15.17 -25.38 -68.94
N PHE D 428 15.75 -25.45 -70.13
CA PHE D 428 16.97 -24.69 -70.38
C PHE D 428 16.69 -23.19 -70.40
N VAL D 429 15.53 -22.78 -70.91
CA VAL D 429 15.15 -21.37 -70.88
C VAL D 429 14.98 -20.92 -69.43
N GLU D 430 14.39 -21.77 -68.59
CA GLU D 430 14.27 -21.44 -67.17
C GLU D 430 15.64 -21.30 -66.51
N LYS D 431 16.60 -22.14 -66.92
CA LYS D 431 17.94 -22.03 -66.37
C LYS D 431 18.71 -20.80 -66.87
N VAL D 432 18.53 -20.42 -68.14
CA VAL D 432 19.38 -19.38 -68.71
C VAL D 432 18.80 -17.97 -68.47
N SER D 433 17.49 -17.87 -68.21
CA SER D 433 16.90 -16.56 -68.01
C SER D 433 17.28 -15.99 -66.65
N PRO D 434 17.56 -14.68 -66.58
CA PRO D 434 17.81 -14.06 -65.26
C PRO D 434 16.63 -14.16 -64.33
N ILE D 435 15.41 -14.03 -64.85
CA ILE D 435 14.19 -14.26 -64.10
C ILE D 435 13.33 -15.24 -64.91
N ALA D 436 12.92 -16.33 -64.29
CA ALA D 436 12.14 -17.33 -64.99
C ALA D 436 11.40 -18.19 -63.98
N VAL D 437 10.27 -18.75 -64.43
CA VAL D 437 9.59 -19.80 -63.67
C VAL D 437 9.05 -20.82 -64.66
N TYR D 438 9.22 -22.10 -64.35
CA TYR D 438 8.69 -23.19 -65.15
C TYR D 438 7.48 -23.75 -64.40
N THR D 439 6.30 -23.66 -65.01
CA THR D 439 5.10 -24.21 -64.41
C THR D 439 4.35 -25.02 -65.45
N SER D 440 3.32 -25.71 -65.00
CA SER D 440 2.42 -26.42 -65.88
C SER D 440 1.27 -25.49 -66.29
N GLY D 441 0.39 -26.00 -67.16
CA GLY D 441 -0.79 -25.24 -67.53
C GLY D 441 -1.74 -25.06 -66.36
N LYS D 442 -1.79 -26.04 -65.47
CA LYS D 442 -2.61 -25.97 -64.26
C LYS D 442 -1.83 -25.47 -63.06
N GLY D 443 -0.71 -24.78 -63.29
CA GLY D 443 0.07 -24.23 -62.20
C GLY D 443 1.12 -25.20 -61.68
N SER D 444 1.38 -25.13 -60.39
CA SER D 444 2.37 -25.98 -59.74
C SER D 444 1.69 -26.85 -58.69
N SER D 445 2.51 -27.57 -57.91
CA SER D 445 1.98 -28.39 -56.84
C SER D 445 1.28 -27.54 -55.78
N ALA D 446 1.92 -26.45 -55.38
CA ALA D 446 1.29 -25.51 -54.45
C ALA D 446 1.57 -24.06 -54.82
N ALA D 447 2.02 -23.79 -56.03
CA ALA D 447 2.20 -22.42 -56.53
C ALA D 447 1.21 -22.23 -57.67
N GLY D 448 0.41 -21.17 -57.59
CA GLY D 448 -0.57 -20.92 -58.62
C GLY D 448 0.05 -20.36 -59.89
N LEU D 449 -0.75 -20.38 -60.94
CA LEU D 449 -0.43 -19.69 -62.17
C LEU D 449 -1.08 -18.31 -62.14
N THR D 450 -0.57 -17.40 -62.99
CA THR D 450 -1.08 -16.04 -63.16
C THR D 450 -0.94 -15.29 -61.84
N ALA D 451 -2.03 -14.99 -61.13
CA ALA D 451 -1.96 -14.23 -59.90
C ALA D 451 -3.03 -14.69 -58.94
N SER D 452 -2.65 -14.90 -57.68
CA SER D 452 -3.56 -15.32 -56.63
C SER D 452 -3.59 -14.24 -55.56
N VAL D 453 -4.79 -13.81 -55.19
CA VAL D 453 -4.98 -12.84 -54.10
C VAL D 453 -5.69 -13.58 -52.98
N GLN D 454 -5.00 -13.71 -51.84
CA GLN D 454 -5.50 -14.43 -50.69
C GLN D 454 -5.43 -13.53 -49.45
N ARG D 455 -6.22 -13.89 -48.45
CA ARG D 455 -6.21 -13.18 -47.18
C ARG D 455 -4.92 -13.46 -46.42
N ASP D 456 -4.44 -12.45 -45.71
CA ASP D 456 -3.24 -12.59 -44.91
C ASP D 456 -3.50 -13.53 -43.73
N PRO D 457 -2.49 -14.33 -43.33
CA PRO D 457 -2.68 -15.29 -42.23
C PRO D 457 -3.09 -14.70 -40.89
N MET D 458 -2.30 -13.80 -40.32
CA MET D 458 -2.55 -13.37 -38.95
C MET D 458 -3.27 -12.03 -38.83
N THR D 459 -3.49 -11.32 -39.94
CA THR D 459 -4.24 -10.07 -39.88
C THR D 459 -5.46 -10.03 -40.80
N ARG D 460 -5.65 -11.06 -41.64
CA ARG D 460 -6.82 -11.22 -42.51
C ARG D 460 -6.98 -10.01 -43.44
N GLU D 461 -5.94 -9.73 -44.22
CA GLU D 461 -5.93 -8.65 -45.18
C GLU D 461 -5.58 -9.18 -46.56
N PHE D 462 -6.14 -8.53 -47.58
CA PHE D 462 -5.89 -8.95 -48.96
C PHE D 462 -4.45 -8.66 -49.35
N TYR D 463 -3.79 -9.66 -49.94
CA TYR D 463 -2.46 -9.47 -50.49
C TYR D 463 -2.25 -10.49 -51.60
N LEU D 464 -1.24 -10.24 -52.43
CA LEU D 464 -0.97 -11.05 -53.61
C LEU D 464 -0.24 -12.31 -53.18
N GLU D 465 -0.96 -13.44 -53.22
CA GLU D 465 -0.44 -14.69 -52.68
C GLU D 465 0.75 -15.18 -53.49
N GLY D 466 0.66 -15.11 -54.81
CA GLY D 466 1.74 -15.55 -55.67
C GLY D 466 1.24 -15.69 -57.09
N GLY D 467 1.95 -16.52 -57.85
CA GLY D 467 1.56 -16.77 -59.22
C GLY D 467 2.71 -16.65 -60.20
N ALA D 468 2.74 -17.54 -61.20
CA ALA D 468 3.88 -17.64 -62.10
C ALA D 468 4.09 -16.37 -62.92
N MET D 469 3.01 -15.75 -63.42
CA MET D 469 3.13 -14.61 -64.30
C MET D 469 3.56 -13.34 -63.59
N VAL D 470 3.58 -13.35 -62.26
CA VAL D 470 3.81 -12.11 -61.53
C VAL D 470 5.16 -12.20 -60.82
N LEU D 471 5.48 -13.37 -60.26
CA LEU D 471 6.82 -13.60 -59.73
C LEU D 471 7.88 -13.52 -60.82
N ALA D 472 7.52 -13.85 -62.06
CA ALA D 472 8.44 -13.78 -63.19
C ALA D 472 8.29 -12.50 -63.98
N ASP D 473 7.96 -11.40 -63.30
CA ASP D 473 7.93 -10.09 -63.94
C ASP D 473 9.30 -9.71 -64.45
N GLY D 474 9.36 -9.25 -65.69
CA GLY D 474 10.64 -8.97 -66.31
C GLY D 474 11.41 -10.21 -66.72
N GLY D 475 10.73 -11.34 -66.88
CA GLY D 475 11.38 -12.60 -67.19
C GLY D 475 10.56 -13.46 -68.11
N VAL D 476 10.67 -14.78 -67.93
CA VAL D 476 10.03 -15.77 -68.80
C VAL D 476 9.26 -16.76 -67.93
N VAL D 477 8.01 -17.02 -68.32
CA VAL D 477 7.24 -18.14 -67.77
C VAL D 477 7.21 -19.24 -68.82
N CYS D 478 7.71 -20.40 -68.46
CA CYS D 478 7.68 -21.58 -69.32
C CYS D 478 6.48 -22.43 -68.90
N ILE D 479 5.43 -22.40 -69.71
CA ILE D 479 4.20 -23.12 -69.41
C ILE D 479 4.21 -24.43 -70.20
N ASP D 480 4.52 -25.52 -69.51
CA ASP D 480 4.41 -26.85 -70.08
C ASP D 480 2.96 -27.31 -69.97
N GLU D 481 2.56 -28.15 -70.92
CA GLU D 481 1.17 -28.64 -71.04
C GLU D 481 0.19 -27.47 -71.07
N PHE D 482 0.45 -26.54 -71.99
CA PHE D 482 -0.29 -25.30 -72.09
C PHE D 482 -1.75 -25.50 -72.47
N ASP D 483 -2.09 -26.64 -73.08
CA ASP D 483 -3.46 -26.87 -73.52
C ASP D 483 -4.40 -27.20 -72.36
N LYS D 484 -3.90 -27.86 -71.33
CA LYS D 484 -4.70 -28.15 -70.14
C LYS D 484 -4.59 -26.97 -69.18
N MET D 485 -5.67 -26.21 -69.04
CA MET D 485 -5.62 -24.98 -68.27
C MET D 485 -7.04 -24.60 -67.85
N ARG D 486 -7.17 -24.00 -66.67
CA ARG D 486 -8.44 -23.58 -66.13
C ARG D 486 -8.91 -22.29 -66.81
N ASP D 487 -10.21 -22.00 -66.66
CA ASP D 487 -10.80 -20.83 -67.28
C ASP D 487 -10.35 -19.52 -66.62
N GLU D 488 -10.14 -19.54 -65.31
CA GLU D 488 -9.49 -18.41 -64.62
C GLU D 488 -8.14 -18.10 -65.25
N ASP D 489 -7.30 -19.12 -65.37
CA ASP D 489 -5.96 -18.94 -65.88
C ASP D 489 -5.98 -18.57 -67.35
N ARG D 490 -6.98 -19.02 -68.11
CA ARG D 490 -7.07 -18.68 -69.52
C ARG D 490 -7.22 -17.17 -69.72
N VAL D 491 -8.20 -16.56 -69.05
CA VAL D 491 -8.42 -15.13 -69.22
C VAL D 491 -7.29 -14.32 -68.62
N ALA D 492 -6.71 -14.78 -67.50
CA ALA D 492 -5.59 -14.05 -66.93
C ALA D 492 -4.35 -14.13 -67.82
N ILE D 493 -4.09 -15.29 -68.43
CA ILE D 493 -2.98 -15.44 -69.36
C ILE D 493 -3.20 -14.60 -70.59
N HIS D 494 -4.43 -14.53 -71.10
CA HIS D 494 -4.72 -13.66 -72.24
C HIS D 494 -4.38 -12.20 -71.93
N GLU D 495 -4.90 -11.69 -70.81
CA GLU D 495 -4.63 -10.31 -70.42
C GLU D 495 -3.14 -10.07 -70.17
N ALA D 496 -2.44 -11.10 -69.70
CA ALA D 496 -1.00 -10.94 -69.47
C ALA D 496 -0.17 -11.06 -70.73
N MET D 497 -0.66 -11.75 -71.76
CA MET D 497 0.10 -11.86 -73.00
C MET D 497 -0.05 -10.62 -73.88
N GLU D 498 -1.26 -10.07 -74.04
CA GLU D 498 -1.18 -8.77 -74.71
C GLU D 498 -0.84 -7.63 -73.77
N GLN D 499 -1.61 -7.44 -72.71
CA GLN D 499 -1.53 -6.17 -72.00
C GLN D 499 -0.35 -6.11 -71.04
N GLN D 500 0.27 -7.25 -70.75
CA GLN D 500 1.31 -7.39 -69.72
C GLN D 500 0.85 -6.86 -68.36
N THR D 501 -0.44 -6.94 -68.10
CA THR D 501 -1.03 -6.58 -66.82
C THR D 501 -2.08 -7.61 -66.45
N ILE D 502 -2.26 -7.81 -65.15
CA ILE D 502 -3.32 -8.65 -64.62
C ILE D 502 -4.22 -7.75 -63.79
N SER D 503 -5.51 -7.75 -64.12
CA SER D 503 -6.48 -6.92 -63.43
C SER D 503 -7.23 -7.78 -62.42
N ILE D 504 -7.12 -7.43 -61.14
CA ILE D 504 -7.76 -8.16 -60.05
C ILE D 504 -8.85 -7.27 -59.49
N ALA D 505 -10.08 -7.78 -59.47
CA ALA D 505 -11.23 -7.06 -58.92
C ALA D 505 -11.96 -8.01 -57.99
N LYS D 506 -11.50 -8.09 -56.75
CA LYS D 506 -12.14 -8.94 -55.75
C LYS D 506 -13.19 -8.13 -55.01
N ALA D 507 -13.72 -8.72 -53.92
CA ALA D 507 -14.73 -8.02 -53.14
C ALA D 507 -14.14 -6.91 -52.29
N GLY D 508 -12.83 -6.94 -52.05
CA GLY D 508 -12.21 -5.92 -51.24
C GLY D 508 -11.06 -5.21 -51.92
N ILE D 509 -10.42 -5.86 -52.89
CA ILE D 509 -9.22 -5.34 -53.53
C ILE D 509 -9.50 -5.13 -55.02
N THR D 510 -8.97 -4.04 -55.56
CA THR D 510 -9.03 -3.73 -56.98
C THR D 510 -7.69 -3.14 -57.39
N THR D 511 -7.00 -3.82 -58.32
CA THR D 511 -5.71 -3.36 -58.77
C THR D 511 -5.46 -3.85 -60.18
N VAL D 512 -4.52 -3.19 -60.85
CA VAL D 512 -3.96 -3.64 -62.11
C VAL D 512 -2.47 -3.75 -61.89
N LEU D 513 -1.94 -4.96 -61.96
CA LEU D 513 -0.58 -5.23 -61.55
C LEU D 513 0.24 -5.74 -62.73
N ASN D 514 1.54 -5.42 -62.70
CA ASN D 514 2.40 -5.67 -63.84
C ASN D 514 2.63 -7.16 -64.05
N SER D 515 2.61 -7.57 -65.32
CA SER D 515 2.94 -8.93 -65.72
C SER D 515 3.82 -8.88 -66.97
N ARG D 516 4.86 -8.05 -66.93
CA ARG D 516 5.76 -7.89 -68.07
C ARG D 516 6.60 -9.15 -68.24
N THR D 517 6.04 -10.16 -68.90
CA THR D 517 6.68 -11.46 -69.00
C THR D 517 6.49 -12.04 -70.39
N SER D 518 7.57 -12.58 -70.94
CA SER D 518 7.51 -13.37 -72.16
C SER D 518 7.00 -14.77 -71.81
N VAL D 519 6.13 -15.30 -72.66
CA VAL D 519 5.55 -16.62 -72.45
C VAL D 519 6.10 -17.58 -73.49
N LEU D 520 6.77 -18.63 -73.02
CA LEU D 520 7.19 -19.74 -73.86
C LEU D 520 6.37 -20.96 -73.45
N ALA D 521 5.45 -21.36 -74.32
CA ALA D 521 4.51 -22.43 -73.98
C ALA D 521 4.79 -23.66 -74.81
N ALA D 522 4.39 -24.82 -74.28
CA ALA D 522 4.56 -26.10 -74.96
C ALA D 522 3.23 -26.84 -74.96
N ALA D 523 2.94 -27.53 -76.07
CA ALA D 523 1.68 -28.22 -76.20
C ALA D 523 1.86 -29.53 -76.96
N ASN D 524 1.07 -30.52 -76.58
CA ASN D 524 1.01 -31.81 -77.23
C ASN D 524 -0.39 -31.96 -77.83
N PRO D 525 -0.53 -32.12 -79.14
CA PRO D 525 -1.87 -32.16 -79.75
C PRO D 525 -2.62 -33.42 -79.35
N ILE D 526 -3.93 -33.40 -79.66
CA ILE D 526 -4.84 -34.47 -79.31
C ILE D 526 -4.55 -35.71 -80.14
N TYR D 527 -5.11 -36.86 -79.71
CA TYR D 527 -4.94 -38.16 -80.37
C TYR D 527 -3.48 -38.54 -80.49
N GLY D 528 -2.70 -38.23 -79.46
CA GLY D 528 -1.29 -38.59 -79.43
C GLY D 528 -0.46 -37.80 -80.41
N ARG D 529 -0.02 -38.47 -81.48
CA ARG D 529 0.79 -37.82 -82.50
C ARG D 529 -0.04 -36.84 -83.33
N TYR D 530 0.65 -35.95 -84.02
CA TYR D 530 0.00 -35.02 -84.94
C TYR D 530 -0.51 -35.75 -86.17
N ASP D 531 -1.68 -35.33 -86.64
CA ASP D 531 -2.27 -35.88 -87.86
C ASP D 531 -2.12 -34.86 -88.98
N ASP D 532 -1.47 -35.28 -90.07
CA ASP D 532 -1.27 -34.40 -91.20
C ASP D 532 -2.58 -34.12 -91.93
N LEU D 533 -3.53 -35.07 -91.87
CA LEU D 533 -4.83 -34.85 -92.48
C LEU D 533 -5.61 -33.78 -91.74
N LYS D 534 -5.49 -33.73 -90.41
CA LYS D 534 -6.24 -32.79 -89.60
C LYS D 534 -5.65 -31.38 -89.70
N SER D 535 -6.49 -30.40 -89.45
CA SER D 535 -6.07 -29.01 -89.45
C SER D 535 -5.25 -28.70 -88.19
N PRO D 536 -4.35 -27.72 -88.25
CA PRO D 536 -3.62 -27.31 -87.03
C PRO D 536 -4.52 -26.84 -85.91
N GLY D 537 -5.64 -26.18 -86.22
CA GLY D 537 -6.62 -25.89 -85.19
C GLY D 537 -7.50 -27.05 -84.82
N ASP D 538 -7.42 -28.15 -85.58
CA ASP D 538 -8.17 -29.36 -85.22
C ASP D 538 -7.37 -30.25 -84.28
N ASN D 539 -6.05 -30.04 -84.20
CA ASN D 539 -5.24 -30.85 -83.29
C ASN D 539 -5.08 -30.21 -81.92
N ILE D 540 -5.32 -28.91 -81.79
CA ILE D 540 -5.20 -28.24 -80.51
C ILE D 540 -6.43 -28.53 -79.66
N ASP D 541 -6.23 -28.70 -78.36
CA ASP D 541 -7.34 -28.84 -77.42
C ASP D 541 -7.71 -27.51 -76.80
N PHE D 542 -7.89 -26.50 -77.64
CA PHE D 542 -8.31 -25.16 -77.21
C PHE D 542 -8.77 -24.41 -78.45
N GLN D 543 -9.25 -23.19 -78.24
CA GLN D 543 -9.78 -22.37 -79.33
C GLN D 543 -8.66 -21.91 -80.26
N THR D 544 -9.05 -21.50 -81.47
CA THR D 544 -8.07 -21.06 -82.45
C THR D 544 -7.58 -19.64 -82.20
N THR D 545 -8.22 -18.90 -81.29
CA THR D 545 -7.80 -17.54 -81.00
C THR D 545 -6.47 -17.49 -80.25
N ILE D 546 -6.18 -18.49 -79.41
CA ILE D 546 -4.91 -18.53 -78.70
C ILE D 546 -3.75 -18.70 -79.67
N LEU D 547 -3.97 -19.41 -80.78
CA LEU D 547 -2.94 -19.54 -81.80
C LEU D 547 -2.60 -18.19 -82.42
N SER D 548 -3.63 -17.39 -82.74
CA SER D 548 -3.38 -16.03 -83.21
C SER D 548 -2.79 -15.14 -82.12
N ARG D 549 -3.01 -15.49 -80.87
CA ARG D 549 -2.55 -14.70 -79.74
C ARG D 549 -1.04 -14.82 -79.53
N PHE D 550 -0.45 -15.96 -79.90
CA PHE D 550 0.98 -16.18 -79.80
C PHE D 550 1.72 -15.49 -80.93
N ASP D 551 3.02 -15.25 -80.71
CA ASP D 551 3.80 -14.49 -81.68
C ASP D 551 4.38 -15.43 -82.74
N MET D 552 5.03 -16.50 -82.31
CA MET D 552 5.59 -17.51 -83.20
C MET D 552 5.18 -18.90 -82.74
N ILE D 553 4.60 -19.66 -83.66
CA ILE D 553 4.14 -21.03 -83.42
C ILE D 553 5.14 -21.97 -84.07
N PHE D 554 5.39 -23.12 -83.44
CA PHE D 554 6.28 -24.13 -83.99
C PHE D 554 5.62 -25.48 -83.94
N ILE D 555 5.34 -26.05 -85.11
CA ILE D 555 4.78 -27.40 -85.23
C ILE D 555 5.96 -28.34 -85.35
N VAL D 556 6.21 -29.11 -84.30
CA VAL D 556 7.43 -29.93 -84.20
C VAL D 556 7.10 -31.36 -84.63
N LYS D 557 7.93 -31.91 -85.52
CA LYS D 557 7.67 -33.16 -86.21
C LYS D 557 8.51 -34.31 -85.70
N ASP D 558 7.97 -35.52 -85.86
CA ASP D 558 8.73 -36.76 -85.89
C ASP D 558 8.94 -37.13 -87.35
N ASP D 559 10.18 -36.98 -87.84
CA ASP D 559 10.46 -37.17 -89.26
C ASP D 559 10.36 -38.63 -89.68
N HIS D 560 10.61 -39.56 -88.75
CA HIS D 560 10.34 -40.99 -88.92
C HIS D 560 11.18 -41.59 -90.05
N ASN D 561 12.49 -41.46 -89.94
CA ASN D 561 13.40 -42.11 -90.88
C ASN D 561 14.71 -42.47 -90.17
N GLU D 562 15.46 -43.39 -90.78
CA GLU D 562 16.67 -43.91 -90.15
C GLU D 562 17.79 -42.88 -90.07
N GLU D 563 17.96 -42.06 -91.11
CA GLU D 563 19.09 -41.14 -91.18
C GLU D 563 19.04 -40.07 -90.09
N ARG D 564 17.87 -39.84 -89.49
CA ARG D 564 17.78 -38.85 -88.42
C ARG D 564 17.85 -39.51 -87.04
N ASP D 565 17.16 -40.63 -86.85
CA ASP D 565 17.14 -41.21 -85.51
C ASP D 565 18.44 -41.94 -85.17
N ILE D 566 19.23 -42.37 -86.16
CA ILE D 566 20.59 -42.82 -85.85
C ILE D 566 21.41 -41.66 -85.27
N SER D 567 21.31 -40.47 -85.87
CA SER D 567 22.04 -39.31 -85.37
C SER D 567 21.57 -38.91 -83.98
N ILE D 568 20.25 -38.94 -83.75
CA ILE D 568 19.72 -38.61 -82.43
C ILE D 568 20.18 -39.62 -81.39
N ALA D 569 20.15 -40.92 -81.75
CA ALA D 569 20.60 -41.95 -80.82
C ALA D 569 22.07 -41.78 -80.47
N ASN D 570 22.92 -41.49 -81.46
CA ASN D 570 24.32 -41.27 -81.17
C ASN D 570 24.53 -40.03 -80.31
N HIS D 571 23.76 -38.97 -80.56
CA HIS D 571 23.86 -37.77 -79.72
C HIS D 571 23.51 -38.07 -78.27
N VAL D 572 22.45 -38.83 -78.05
CA VAL D 572 22.02 -39.14 -76.68
C VAL D 572 23.03 -40.08 -76.01
N ILE D 573 23.60 -41.02 -76.77
CA ILE D 573 24.62 -41.90 -76.18
C ILE D 573 25.88 -41.13 -75.82
N ASN D 574 26.28 -40.14 -76.64
CA ASN D 574 27.42 -39.31 -76.26
C ASN D 574 27.08 -38.42 -75.07
N ILE D 575 25.83 -38.03 -74.92
CA ILE D 575 25.41 -37.29 -73.73
C ILE D 575 25.58 -38.15 -72.48
N HIS D 576 25.12 -39.41 -72.55
CA HIS D 576 25.22 -40.29 -71.41
C HIS D 576 26.66 -40.73 -71.14
N THR D 577 27.49 -40.78 -72.19
CA THR D 577 28.86 -41.26 -72.03
C THR D 577 29.74 -40.23 -71.34
N GLY D 578 29.65 -38.96 -71.76
CA GLY D 578 30.53 -37.92 -71.28
C GLY D 578 31.39 -37.30 -72.35
N ASN D 579 31.34 -37.80 -73.59
CA ASN D 579 32.07 -37.17 -74.68
C ASN D 579 31.51 -35.79 -74.98
N ALA D 580 30.19 -35.63 -74.89
CA ALA D 580 29.58 -34.35 -75.21
C ALA D 580 29.93 -33.28 -74.17
N ASN D 581 30.18 -33.69 -72.92
CA ASN D 581 30.62 -32.73 -71.92
C ASN D 581 31.99 -32.17 -72.28
N ALA D 582 32.91 -33.04 -72.69
CA ALA D 582 34.23 -32.58 -73.13
C ALA D 582 34.13 -31.74 -74.38
N MET D 583 33.23 -32.10 -75.31
CA MET D 583 33.05 -31.33 -76.53
C MET D 583 32.50 -29.93 -76.22
N GLN D 584 31.54 -29.84 -75.30
CA GLN D 584 30.98 -28.54 -74.95
C GLN D 584 31.98 -27.69 -74.20
N ASN D 585 32.80 -28.30 -73.33
CA ASN D 585 33.87 -27.55 -72.68
C ASN D 585 34.89 -27.05 -73.69
N GLN D 586 35.23 -27.88 -74.69
CA GLN D 586 36.15 -27.45 -75.74
C GLN D 586 35.57 -26.30 -76.54
N GLN D 587 34.29 -26.37 -76.89
CA GLN D 587 33.68 -25.30 -77.68
C GLN D 587 33.51 -24.02 -76.86
N GLU D 588 33.38 -24.16 -75.54
CA GLU D 588 33.40 -22.96 -74.68
C GLU D 588 34.81 -22.37 -74.64
N GLU D 589 35.84 -23.22 -74.65
CA GLU D 589 37.21 -22.71 -74.65
C GLU D 589 37.56 -22.03 -75.96
N ASN D 590 37.11 -22.58 -77.09
CA ASN D 590 37.33 -21.92 -78.37
C ASN D 590 36.52 -20.63 -78.48
N GLY D 591 35.31 -20.63 -77.93
CA GLY D 591 34.44 -19.47 -77.97
C GLY D 591 33.20 -19.64 -78.81
N SER D 592 32.96 -20.83 -79.36
CA SER D 592 31.77 -21.07 -80.16
C SER D 592 30.50 -21.17 -79.32
N GLU D 593 30.62 -21.43 -78.02
CA GLU D 593 29.47 -21.47 -77.13
C GLU D 593 29.78 -20.64 -75.89
N ILE D 594 28.74 -20.00 -75.35
CA ILE D 594 28.87 -19.14 -74.19
C ILE D 594 28.24 -19.83 -72.99
N SER D 595 28.92 -19.75 -71.85
CA SER D 595 28.46 -20.38 -70.63
C SER D 595 27.14 -19.77 -70.15
N ILE D 596 26.43 -20.53 -69.32
CA ILE D 596 25.05 -20.18 -68.99
C ILE D 596 24.99 -18.93 -68.10
N GLU D 597 25.98 -18.72 -67.24
CA GLU D 597 25.97 -17.53 -66.39
C GLU D 597 26.39 -16.29 -67.16
N LYS D 598 27.37 -16.42 -68.06
CA LYS D 598 27.73 -15.32 -68.94
C LYS D 598 26.58 -14.97 -69.87
N MET D 599 25.88 -16.00 -70.37
CA MET D 599 24.70 -15.78 -71.20
C MET D 599 23.61 -15.07 -70.42
N LYS D 600 23.39 -15.47 -69.16
CA LYS D 600 22.40 -14.84 -68.30
C LYS D 600 22.70 -13.35 -68.12
N ARG D 601 23.95 -13.04 -67.74
CA ARG D 601 24.31 -11.66 -67.48
C ARG D 601 24.32 -10.83 -68.77
N TYR D 602 24.62 -11.47 -69.91
CA TYR D 602 24.58 -10.77 -71.18
C TYR D 602 23.14 -10.45 -71.61
N ILE D 603 22.20 -11.37 -71.37
CA ILE D 603 20.80 -11.07 -71.64
C ILE D 603 20.32 -9.91 -70.76
N THR D 604 20.71 -9.92 -69.48
CA THR D 604 20.36 -8.82 -68.60
C THR D 604 20.94 -7.49 -69.09
N TYR D 605 22.20 -7.51 -69.52
CA TYR D 605 22.86 -6.30 -70.02
C TYR D 605 22.17 -5.77 -71.27
N CYS D 606 21.86 -6.66 -72.22
CA CYS D 606 21.24 -6.23 -73.46
C CYS D 606 19.83 -5.69 -73.22
N ARG D 607 19.09 -6.29 -72.29
CA ARG D 607 17.76 -5.77 -72.00
C ARG D 607 17.82 -4.45 -71.25
N LEU D 608 18.83 -4.25 -70.39
CA LEU D 608 18.92 -2.97 -69.67
C LEU D 608 19.45 -1.84 -70.54
N LYS D 609 20.28 -2.12 -71.54
CA LYS D 609 20.96 -1.04 -72.26
C LYS D 609 20.33 -0.69 -73.60
N CYS D 610 20.03 -1.67 -74.45
CA CYS D 610 19.64 -1.40 -75.83
C CYS D 610 18.15 -1.58 -76.03
N ALA D 611 17.56 -0.71 -76.83
CA ALA D 611 16.17 -0.84 -77.25
C ALA D 611 16.07 -0.29 -78.67
N PRO D 612 16.25 -1.15 -79.67
CA PRO D 612 16.37 -0.66 -81.05
C PRO D 612 15.07 -0.14 -81.62
N ARG D 613 15.22 0.74 -82.62
CA ARG D 613 14.12 1.23 -83.43
C ARG D 613 14.28 0.74 -84.86
N LEU D 614 13.16 0.52 -85.53
CA LEU D 614 13.19 0.19 -86.95
C LEU D 614 13.63 1.40 -87.75
N SER D 615 14.57 1.20 -88.67
CA SER D 615 14.98 2.27 -89.55
C SER D 615 13.86 2.56 -90.56
N PRO D 616 13.81 3.79 -91.08
CA PRO D 616 12.76 4.11 -92.08
C PRO D 616 12.84 3.25 -93.32
N GLN D 617 14.04 2.85 -93.75
CA GLN D 617 14.18 1.97 -94.91
C GLN D 617 13.83 0.53 -94.60
N ALA D 618 13.68 0.18 -93.33
CA ALA D 618 13.28 -1.17 -92.94
C ALA D 618 11.78 -1.31 -92.78
N ALA D 619 11.02 -0.25 -93.01
CA ALA D 619 9.57 -0.31 -92.82
C ALA D 619 8.83 -0.73 -94.09
N GLU D 620 9.32 -0.30 -95.26
CA GLU D 620 8.61 -0.61 -96.51
C GLU D 620 8.63 -2.10 -96.79
N LYS D 621 9.76 -2.77 -96.54
CA LYS D 621 9.85 -4.21 -96.73
C LYS D 621 8.88 -4.95 -95.81
N LEU D 622 8.83 -4.54 -94.54
CA LEU D 622 7.95 -5.20 -93.58
C LEU D 622 6.49 -4.99 -93.92
N SER D 623 6.12 -3.76 -94.32
CA SER D 623 4.75 -3.49 -94.71
C SER D 623 4.35 -4.27 -95.96
N SER D 624 5.24 -4.34 -96.95
CA SER D 624 4.95 -5.08 -98.18
C SER D 624 4.80 -6.57 -97.90
N ASN D 625 5.70 -7.14 -97.09
CA ASN D 625 5.59 -8.55 -96.74
C ASN D 625 4.37 -8.86 -95.90
N PHE D 626 3.91 -7.94 -95.05
CA PHE D 626 2.69 -8.20 -94.30
C PHE D 626 1.43 -8.03 -95.13
N VAL D 627 1.45 -7.14 -96.13
CA VAL D 627 0.34 -7.07 -97.07
C VAL D 627 0.26 -8.31 -97.96
N THR D 628 1.39 -8.84 -98.43
CA THR D 628 1.37 -9.99 -99.31
C THR D 628 0.82 -11.24 -98.62
N ILE D 629 1.18 -11.44 -97.34
CA ILE D 629 0.72 -12.62 -96.61
C ILE D 629 -0.80 -12.57 -96.44
N ARG D 630 -1.33 -11.42 -96.04
CA ARG D 630 -2.79 -11.29 -95.90
C ARG D 630 -3.49 -11.37 -97.24
N LYS D 631 -2.84 -10.91 -98.32
CA LYS D 631 -3.42 -11.11 -99.65
C LYS D 631 -3.50 -12.59 -99.99
N GLN D 632 -2.48 -13.37 -99.63
CA GLN D 632 -2.51 -14.80 -99.91
C GLN D 632 -3.62 -15.50 -99.13
N LEU D 633 -3.72 -15.22 -97.83
CA LEU D 633 -4.84 -15.78 -97.07
C LEU D 633 -6.19 -15.29 -97.58
N LEU D 634 -6.27 -14.05 -98.07
CA LEU D 634 -7.52 -13.54 -98.62
C LEU D 634 -7.93 -14.29 -99.87
N ILE D 635 -6.99 -14.53 -100.79
CA ILE D 635 -7.36 -15.20 -102.03
C ILE D 635 -7.68 -16.67 -101.78
N ASN D 636 -6.97 -17.33 -100.86
CA ASN D 636 -7.31 -18.72 -100.55
C ASN D 636 -8.65 -18.82 -99.82
N GLU D 637 -8.97 -17.85 -98.96
CA GLU D 637 -10.27 -17.87 -98.28
C GLU D 637 -11.41 -17.54 -99.26
N LEU D 638 -11.15 -16.69 -100.24
CA LEU D 638 -12.17 -16.40 -101.24
C LEU D 638 -12.40 -17.59 -102.17
N GLU D 639 -11.34 -18.30 -102.54
CA GLU D 639 -11.50 -19.46 -103.40
C GLU D 639 -12.15 -20.63 -102.66
N SER D 640 -11.70 -20.90 -101.44
CA SER D 640 -12.21 -22.05 -100.69
C SER D 640 -13.59 -21.78 -100.09
N THR D 641 -13.97 -20.51 -99.93
CA THR D 641 -15.19 -20.05 -99.27
C THR D 641 -15.33 -20.57 -97.85
N GLU D 642 -14.22 -20.88 -97.18
CA GLU D 642 -14.21 -21.33 -95.80
C GLU D 642 -13.06 -20.62 -95.09
N ARG D 643 -13.31 -20.16 -93.86
CA ARG D 643 -12.31 -19.40 -93.12
C ARG D 643 -11.16 -20.30 -92.69
N SER D 644 -9.95 -19.74 -92.71
CA SER D 644 -8.77 -20.49 -92.29
C SER D 644 -8.77 -20.72 -90.80
N SER D 645 -8.26 -21.87 -90.38
CA SER D 645 -8.27 -22.24 -88.97
C SER D 645 -7.23 -21.48 -88.15
N ILE D 646 -6.11 -21.09 -88.75
CA ILE D 646 -5.08 -20.30 -88.09
C ILE D 646 -5.09 -18.89 -88.68
N PRO D 647 -5.63 -17.91 -87.96
CA PRO D 647 -5.66 -16.54 -88.49
C PRO D 647 -4.32 -15.83 -88.35
N ILE D 648 -4.05 -14.94 -89.29
CA ILE D 648 -2.87 -14.09 -89.27
C ILE D 648 -3.34 -12.65 -89.21
N THR D 649 -2.95 -11.94 -88.16
CA THR D 649 -3.50 -10.63 -87.88
C THR D 649 -2.42 -9.57 -87.71
N ILE D 650 -2.83 -8.38 -87.26
CA ILE D 650 -1.91 -7.31 -86.91
C ILE D 650 -0.95 -7.73 -85.80
N ARG D 651 -1.39 -8.63 -84.92
CA ARG D 651 -0.52 -9.18 -83.88
C ARG D 651 0.68 -9.86 -84.49
N GLN D 652 0.53 -10.49 -85.66
CA GLN D 652 1.67 -11.11 -86.33
C GLN D 652 2.62 -10.05 -86.90
N LEU D 653 2.08 -8.93 -87.39
CA LEU D 653 2.94 -7.83 -87.83
C LEU D 653 3.78 -7.30 -86.68
N GLU D 654 3.14 -7.04 -85.53
CA GLU D 654 3.90 -6.59 -84.36
C GLU D 654 4.81 -7.68 -83.83
N ALA D 655 4.47 -8.95 -84.06
CA ALA D 655 5.37 -10.04 -83.72
C ALA D 655 6.65 -9.94 -84.53
N ILE D 656 6.53 -9.71 -85.84
CA ILE D 656 7.73 -9.58 -86.67
C ILE D 656 8.52 -8.33 -86.28
N ILE D 657 7.82 -7.26 -85.89
CA ILE D 657 8.49 -6.06 -85.39
C ILE D 657 9.36 -6.39 -84.17
N ARG D 658 8.78 -7.15 -83.23
CA ARG D 658 9.50 -7.51 -82.01
C ARG D 658 10.66 -8.46 -82.32
N ILE D 659 10.48 -9.36 -83.29
CA ILE D 659 11.57 -10.25 -83.70
C ILE D 659 12.72 -9.45 -84.28
N THR D 660 12.41 -8.48 -85.14
CA THR D 660 13.44 -7.62 -85.72
C THR D 660 14.17 -6.83 -84.64
N GLU D 661 13.43 -6.27 -83.68
CA GLU D 661 14.05 -5.53 -82.61
C GLU D 661 14.89 -6.43 -81.70
N SER D 662 14.50 -7.69 -81.50
CA SER D 662 15.31 -8.62 -80.75
C SER D 662 16.61 -8.95 -81.47
N LEU D 663 16.54 -9.18 -82.78
CA LEU D 663 17.75 -9.44 -83.55
C LEU D 663 18.68 -8.23 -83.56
N ALA D 664 18.14 -7.01 -83.57
CA ALA D 664 18.98 -5.84 -83.45
C ALA D 664 19.51 -5.65 -82.04
N LYS D 665 18.75 -6.06 -81.02
CA LYS D 665 19.19 -5.96 -79.63
C LYS D 665 20.28 -6.98 -79.31
N LEU D 666 20.38 -8.05 -80.10
CA LEU D 666 21.47 -9.00 -79.93
C LEU D 666 22.83 -8.34 -80.14
N GLU D 667 22.93 -7.48 -81.16
CA GLU D 667 24.17 -6.80 -81.50
C GLU D 667 24.35 -5.47 -80.77
N LEU D 668 23.42 -5.13 -79.86
CA LEU D 668 23.41 -3.86 -79.14
C LEU D 668 23.36 -2.67 -80.11
N SER D 669 22.67 -2.86 -81.23
CA SER D 669 22.55 -1.83 -82.25
C SER D 669 21.30 -1.00 -81.99
N PRO D 670 21.40 0.31 -81.87
CA PRO D 670 20.19 1.13 -81.66
C PRO D 670 19.30 1.23 -82.88
N ILE D 671 19.74 0.78 -84.05
CA ILE D 671 18.96 0.85 -85.28
C ILE D 671 18.77 -0.56 -85.82
N ALA D 672 17.54 -0.88 -86.18
CA ALA D 672 17.21 -2.14 -86.83
C ALA D 672 17.32 -1.96 -88.34
N GLN D 673 18.22 -2.73 -88.96
CA GLN D 673 18.49 -2.59 -90.38
C GLN D 673 17.71 -3.61 -91.21
N GLU D 674 18.01 -3.65 -92.50
CA GLU D 674 17.29 -4.52 -93.43
C GLU D 674 17.64 -5.98 -93.20
N ARG D 675 18.88 -6.28 -92.82
CA ARG D 675 19.27 -7.66 -92.57
C ARG D 675 18.54 -8.27 -91.38
N HIS D 676 18.15 -7.44 -90.40
CA HIS D 676 17.33 -7.94 -89.30
C HIS D 676 15.91 -8.23 -89.76
N VAL D 677 15.35 -7.37 -90.63
CA VAL D 677 14.00 -7.59 -91.15
C VAL D 677 13.95 -8.86 -91.99
N ASP D 678 14.99 -9.09 -92.80
CA ASP D 678 15.01 -10.28 -93.65
C ASP D 678 15.05 -11.55 -92.81
N GLU D 679 15.87 -11.57 -91.76
CA GLU D 679 15.94 -12.76 -90.92
C GLU D 679 14.68 -12.93 -90.09
N ALA D 680 14.06 -11.82 -89.68
CA ALA D 680 12.78 -11.90 -88.99
C ALA D 680 11.70 -12.50 -89.88
N ILE D 681 11.67 -12.09 -91.15
CA ILE D 681 10.72 -12.66 -92.11
C ILE D 681 11.02 -14.13 -92.33
N ARG D 682 12.30 -14.50 -92.43
CA ARG D 682 12.66 -15.90 -92.61
C ARG D 682 12.23 -16.76 -91.42
N LEU D 683 12.45 -16.26 -90.20
CA LEU D 683 12.04 -16.98 -89.01
C LEU D 683 10.52 -17.08 -88.92
N PHE D 684 9.81 -16.03 -89.33
CA PHE D 684 8.35 -16.06 -89.38
C PHE D 684 7.85 -17.08 -90.39
N GLN D 685 8.50 -17.16 -91.56
CA GLN D 685 8.15 -18.19 -92.54
C GLN D 685 8.40 -19.59 -91.97
N ALA D 686 9.51 -19.76 -91.28
CA ALA D 686 9.86 -21.07 -90.72
C ALA D 686 9.00 -21.43 -89.51
N SER D 687 8.30 -20.47 -88.92
CA SER D 687 7.51 -20.76 -87.73
C SER D 687 6.01 -20.75 -87.98
N THR D 688 5.44 -19.64 -88.43
CA THR D 688 3.99 -19.53 -88.50
C THR D 688 3.44 -19.80 -89.88
N MET D 689 4.18 -19.42 -90.93
CA MET D 689 3.69 -19.64 -92.29
C MET D 689 3.70 -21.10 -92.69
N ASP D 690 4.66 -21.91 -92.23
CA ASP D 690 4.59 -23.33 -92.53
C ASP D 690 3.50 -24.02 -91.71
N ALA D 691 3.23 -23.52 -90.50
CA ALA D 691 2.09 -24.00 -89.74
C ALA D 691 0.78 -23.69 -90.45
N ALA D 692 0.69 -22.50 -91.05
CA ALA D 692 -0.50 -22.15 -91.83
C ALA D 692 -0.57 -22.93 -93.13
N SER D 693 0.58 -23.27 -93.73
CA SER D 693 0.59 -24.08 -94.94
C SER D 693 0.23 -25.52 -94.65
N GLN D 694 0.41 -25.98 -93.41
CA GLN D 694 -0.11 -27.29 -93.02
C GLN D 694 -1.65 -27.30 -93.04
N ASP D 695 -2.27 -26.15 -92.80
CA ASP D 695 -3.71 -26.02 -92.96
C ASP D 695 -4.04 -26.02 -94.45
N PRO D 696 -4.91 -26.92 -94.93
CA PRO D 696 -5.27 -26.90 -96.36
C PRO D 696 -5.93 -25.60 -96.82
N ILE D 697 -6.63 -24.90 -95.93
CA ILE D 697 -7.20 -23.61 -96.31
C ILE D 697 -6.10 -22.57 -96.50
N GLY D 698 -5.07 -22.60 -95.64
CA GLY D 698 -3.97 -21.68 -95.77
C GLY D 698 -3.00 -21.98 -96.90
N GLY D 699 -3.09 -23.17 -97.49
CA GLY D 699 -2.24 -23.52 -98.61
C GLY D 699 -2.89 -23.18 -99.94
N LEU D 700 -3.12 -24.19 -100.78
CA LEU D 700 -3.81 -24.07 -102.07
C LEU D 700 -3.12 -23.06 -102.98
N ASN D 701 -1.79 -23.04 -102.95
CA ASN D 701 -1.01 -22.12 -103.77
C ASN D 701 0.35 -22.71 -104.11
N LYS E 101 -13.87 -32.00 23.65
CA LYS E 101 -14.10 -33.36 23.20
C LYS E 101 -15.00 -33.40 21.98
N LYS E 102 -14.73 -34.34 21.08
CA LYS E 102 -15.60 -34.57 19.94
C LYS E 102 -16.94 -35.11 20.39
N VAL E 103 -17.98 -34.79 19.63
CA VAL E 103 -19.32 -35.27 19.92
C VAL E 103 -19.57 -36.56 19.14
N ASP E 104 -20.12 -37.56 19.82
CA ASP E 104 -20.36 -38.86 19.23
C ASP E 104 -21.76 -38.93 18.61
N ASP E 105 -21.93 -39.90 17.73
CA ASP E 105 -23.17 -40.04 16.96
C ASP E 105 -23.85 -41.32 17.41
N VAL E 106 -24.83 -41.18 18.33
CA VAL E 106 -25.40 -42.35 19.01
C VAL E 106 -26.05 -43.29 18.02
N THR E 107 -26.83 -42.76 17.08
CA THR E 107 -27.40 -43.60 16.04
C THR E 107 -26.31 -44.17 15.13
N GLY E 108 -25.23 -43.41 14.92
CA GLY E 108 -24.12 -43.92 14.12
C GLY E 108 -23.40 -45.06 14.82
N GLU E 109 -23.17 -44.94 16.13
CA GLU E 109 -22.54 -46.03 16.87
C GLU E 109 -23.44 -47.25 16.92
N LYS E 110 -24.76 -47.07 16.99
CA LYS E 110 -25.61 -48.26 17.04
C LYS E 110 -25.74 -48.90 15.66
N VAL E 111 -25.65 -48.11 14.59
CA VAL E 111 -25.51 -48.70 13.26
C VAL E 111 -24.22 -49.49 13.14
N ARG E 112 -23.13 -48.96 13.71
CA ARG E 112 -21.87 -49.69 13.72
C ARG E 112 -21.98 -51.00 14.50
N GLU E 113 -22.64 -50.97 15.67
CA GLU E 113 -22.85 -52.17 16.46
C GLU E 113 -23.69 -53.19 15.70
N ALA E 114 -24.77 -52.75 15.06
CA ALA E 114 -25.64 -53.66 14.32
C ALA E 114 -24.90 -54.26 13.12
N PHE E 115 -24.08 -53.46 12.45
CA PHE E 115 -23.32 -53.97 11.31
C PHE E 115 -22.25 -54.96 11.74
N GLU E 116 -21.56 -54.70 12.85
CA GLU E 116 -20.55 -55.64 13.30
C GLU E 116 -21.15 -56.91 13.88
N GLN E 117 -22.38 -56.84 14.40
CA GLN E 117 -23.08 -58.07 14.75
C GLN E 117 -23.56 -58.82 13.51
N PHE E 118 -23.96 -58.10 12.47
CA PHE E 118 -24.37 -58.73 11.22
C PHE E 118 -23.20 -59.46 10.55
N LEU E 119 -22.00 -58.88 10.66
CA LEU E 119 -20.84 -59.48 10.00
C LEU E 119 -20.42 -60.80 10.65
N GLU E 120 -20.86 -61.07 11.88
CA GLU E 120 -20.48 -62.29 12.57
C GLU E 120 -21.63 -63.21 12.92
N ASP E 121 -22.88 -62.77 12.76
CA ASP E 121 -24.04 -63.52 13.22
C ASP E 121 -24.78 -64.18 12.07
N PHE E 122 -24.84 -63.51 10.91
CA PHE E 122 -25.70 -63.94 9.81
C PHE E 122 -25.24 -65.28 9.24
N SER E 123 -26.20 -66.14 8.93
CA SER E 123 -25.92 -67.46 8.40
C SER E 123 -27.08 -67.94 7.55
N VAL E 124 -26.78 -68.88 6.63
CA VAL E 124 -27.77 -69.51 5.78
C VAL E 124 -27.60 -71.02 5.85
N GLN E 125 -28.65 -71.73 5.44
CA GLN E 125 -28.60 -73.18 5.39
C GLN E 125 -27.97 -73.65 4.09
N SER E 126 -27.16 -74.71 4.17
CA SER E 126 -26.49 -75.23 2.99
C SER E 126 -27.48 -75.91 2.06
N THR E 127 -27.30 -75.71 0.75
CA THR E 127 -28.19 -76.33 -0.22
C THR E 127 -27.91 -77.81 -0.36
N ASP E 128 -26.63 -78.20 -0.44
CA ASP E 128 -26.29 -79.59 -0.68
C ASP E 128 -26.51 -80.46 0.56
N THR E 129 -26.13 -79.96 1.72
CA THR E 129 -26.16 -80.74 2.97
C THR E 129 -27.19 -80.23 3.97
N GLY E 130 -27.23 -78.93 4.22
CA GLY E 130 -28.08 -78.37 5.24
C GLY E 130 -27.35 -77.80 6.43
N GLU E 131 -26.03 -77.68 6.35
CA GLU E 131 -25.25 -77.12 7.45
C GLU E 131 -25.47 -75.61 7.54
N VAL E 132 -25.11 -75.04 8.69
CA VAL E 132 -25.30 -73.63 8.97
C VAL E 132 -23.94 -72.95 8.85
N GLU E 133 -23.72 -72.27 7.73
CA GLU E 133 -22.46 -71.55 7.52
C GLU E 133 -22.71 -70.05 7.61
N LYS E 134 -21.83 -69.37 8.35
CA LYS E 134 -21.89 -67.92 8.48
C LYS E 134 -21.07 -67.30 7.35
N VAL E 135 -21.77 -66.73 6.36
CA VAL E 135 -21.16 -66.44 5.06
C VAL E 135 -20.19 -65.27 5.11
N TYR E 136 -20.34 -64.34 6.04
CA TYR E 136 -19.45 -63.18 6.05
C TYR E 136 -18.17 -63.44 6.80
N ARG E 137 -18.19 -64.28 7.84
CA ARG E 137 -16.95 -64.76 8.42
C ARG E 137 -16.16 -65.57 7.41
N ALA E 138 -16.87 -66.38 6.61
CA ALA E 138 -16.23 -67.11 5.52
C ALA E 138 -15.67 -66.15 4.47
N GLN E 139 -16.36 -65.04 4.21
CA GLN E 139 -15.85 -64.04 3.28
C GLN E 139 -14.56 -63.41 3.79
N ILE E 140 -14.52 -63.10 5.09
CA ILE E 140 -13.32 -62.55 5.69
C ILE E 140 -12.17 -63.56 5.64
N GLU E 141 -12.48 -64.83 5.91
CA GLU E 141 -11.47 -65.88 5.81
C GLU E 141 -10.95 -66.03 4.39
N PHE E 142 -11.84 -65.90 3.40
CA PHE E 142 -11.44 -65.95 2.00
C PHE E 142 -10.54 -64.77 1.64
N MET E 143 -10.84 -63.59 2.18
CA MET E 143 -9.98 -62.43 1.95
C MET E 143 -8.64 -62.59 2.66
N LYS E 144 -8.62 -63.34 3.76
CA LYS E 144 -7.39 -63.53 4.53
C LYS E 144 -6.31 -64.26 3.76
N ILE E 145 -6.66 -65.17 2.86
CA ILE E 145 -5.65 -65.99 2.23
C ILE E 145 -5.30 -65.50 0.84
N TYR E 146 -6.11 -64.59 0.28
CA TYR E 146 -5.79 -63.97 -1.00
C TYR E 146 -5.47 -62.50 -0.89
N ASP E 147 -5.48 -61.93 0.32
CA ASP E 147 -5.17 -60.51 0.58
C ASP E 147 -6.08 -59.58 -0.24
N LEU E 148 -7.37 -59.91 -0.30
CA LEU E 148 -8.31 -59.08 -1.02
C LEU E 148 -8.63 -57.81 -0.24
N ASN E 149 -9.22 -56.84 -0.93
CA ASN E 149 -9.52 -55.53 -0.36
C ASN E 149 -11.00 -55.24 -0.23
N THR E 150 -11.86 -55.97 -0.93
CA THR E 150 -13.26 -55.62 -1.07
C THR E 150 -14.15 -56.75 -0.54
N ILE E 151 -15.10 -56.40 0.33
CA ILE E 151 -16.06 -57.34 0.88
C ILE E 151 -17.40 -57.09 0.21
N TYR E 152 -18.03 -58.16 -0.29
CA TYR E 152 -19.28 -58.07 -1.01
C TYR E 152 -20.42 -58.51 -0.10
N ILE E 153 -21.40 -57.63 0.07
CA ILE E 153 -22.52 -57.85 0.99
C ILE E 153 -23.80 -57.79 0.18
N ASP E 154 -24.59 -58.86 0.24
CA ASP E 154 -25.87 -58.88 -0.44
C ASP E 154 -26.85 -58.05 0.37
N TYR E 155 -27.64 -57.23 -0.31
CA TYR E 155 -28.60 -56.36 0.37
C TYR E 155 -29.79 -57.13 0.94
N GLN E 156 -30.19 -58.22 0.28
CA GLN E 156 -31.29 -59.03 0.80
C GLN E 156 -30.91 -59.69 2.12
N HIS E 157 -29.62 -60.01 2.31
CA HIS E 157 -29.15 -60.51 3.59
C HIS E 157 -29.28 -59.45 4.67
N LEU E 158 -28.98 -58.19 4.33
CA LEU E 158 -29.06 -57.10 5.29
C LEU E 158 -30.50 -56.76 5.63
N SER E 159 -31.42 -56.92 4.67
CA SER E 159 -32.82 -56.62 4.89
C SER E 159 -33.51 -57.60 5.84
N MET E 160 -32.95 -58.81 6.00
CA MET E 160 -33.57 -59.81 6.87
C MET E 160 -33.38 -59.47 8.34
N ARG E 161 -32.39 -58.66 8.69
CA ARG E 161 -32.13 -58.33 10.08
C ARG E 161 -33.19 -57.40 10.63
N GLU E 162 -33.60 -57.66 11.88
CA GLU E 162 -34.59 -56.88 12.64
C GLU E 162 -35.90 -56.89 11.84
N ASN E 163 -36.62 -55.77 11.78
CA ASN E 163 -37.74 -55.61 10.88
C ASN E 163 -37.36 -54.82 9.62
N GLY E 164 -36.07 -54.61 9.39
CA GLY E 164 -35.60 -53.83 8.27
C GLY E 164 -35.05 -52.47 8.62
N ALA E 165 -34.79 -52.19 9.91
CA ALA E 165 -34.33 -50.87 10.31
C ALA E 165 -32.88 -50.61 9.88
N LEU E 166 -32.02 -51.62 9.99
CA LEU E 166 -30.60 -51.42 9.66
C LEU E 166 -30.41 -51.24 8.16
N ALA E 167 -31.08 -52.05 7.34
CA ALA E 167 -30.96 -51.91 5.89
C ALA E 167 -31.51 -50.57 5.43
N MET E 168 -32.61 -50.11 6.02
CA MET E 168 -33.17 -48.81 5.65
C MET E 168 -32.27 -47.67 6.10
N ALA E 169 -31.62 -47.82 7.26
CA ALA E 169 -30.66 -46.82 7.72
C ALA E 169 -29.46 -46.73 6.78
N ILE E 170 -28.98 -47.89 6.31
CA ILE E 170 -27.87 -47.89 5.36
C ILE E 170 -28.31 -47.32 4.01
N SER E 171 -29.54 -47.61 3.60
CA SER E 171 -30.01 -47.15 2.29
C SER E 171 -30.19 -45.64 2.26
N GLU E 172 -30.86 -45.07 3.26
CA GLU E 172 -31.18 -43.64 3.15
C GLU E 172 -30.00 -42.74 3.45
N GLN E 173 -29.09 -43.16 4.32
CA GLN E 173 -27.99 -42.33 4.79
C GLN E 173 -26.66 -43.07 4.64
N TYR E 174 -26.40 -43.60 3.45
CA TYR E 174 -25.17 -44.34 3.19
C TYR E 174 -23.94 -43.46 3.33
N TYR E 175 -24.03 -42.21 2.86
CA TYR E 175 -22.89 -41.31 2.95
C TYR E 175 -22.54 -40.99 4.40
N ARG E 176 -23.56 -40.84 5.25
CA ARG E 176 -23.32 -40.50 6.64
C ARG E 176 -22.77 -41.70 7.41
N PHE E 177 -23.27 -42.90 7.11
CA PHE E 177 -22.94 -44.09 7.89
C PHE E 177 -21.78 -44.89 7.32
N LEU E 178 -21.24 -44.52 6.16
CA LEU E 178 -20.17 -45.30 5.54
C LEU E 178 -18.89 -45.39 6.38
N PRO E 179 -18.34 -44.31 6.96
CA PRO E 179 -17.16 -44.50 7.82
C PRO E 179 -17.44 -45.35 9.05
N PHE E 180 -18.66 -45.29 9.58
CA PHE E 180 -19.02 -46.14 10.71
C PHE E 180 -19.04 -47.62 10.31
N LEU E 181 -19.55 -47.91 9.10
CA LEU E 181 -19.47 -49.27 8.59
C LEU E 181 -18.04 -49.70 8.38
N GLN E 182 -17.19 -48.79 7.89
CA GLN E 182 -15.78 -49.12 7.65
C GLN E 182 -15.07 -49.47 8.96
N LYS E 183 -15.32 -48.69 10.02
CA LYS E 183 -14.66 -49.00 11.29
C LYS E 183 -15.28 -50.22 11.97
N GLY E 184 -16.57 -50.49 11.73
CA GLY E 184 -17.14 -51.74 12.21
C GLY E 184 -16.53 -52.97 11.54
N LEU E 185 -16.35 -52.91 10.23
CA LEU E 185 -15.66 -53.97 9.51
C LEU E 185 -14.22 -54.09 9.96
N ARG E 186 -13.58 -52.95 10.27
CA ARG E 186 -12.24 -52.94 10.83
C ARG E 186 -12.19 -53.70 12.15
N ARG E 187 -13.16 -53.46 13.03
CA ARG E 187 -13.19 -54.16 14.31
C ARG E 187 -13.44 -55.64 14.14
N VAL E 188 -14.33 -56.02 13.22
CA VAL E 188 -14.62 -57.43 12.99
C VAL E 188 -13.39 -58.15 12.45
N VAL E 189 -12.71 -57.55 11.48
CA VAL E 189 -11.53 -58.20 10.92
C VAL E 189 -10.38 -58.20 11.93
N ARG E 190 -10.33 -57.21 12.83
CA ARG E 190 -9.35 -57.25 13.90
C ARG E 190 -9.61 -58.42 14.85
N LYS E 191 -10.88 -58.65 15.16
CA LYS E 191 -11.23 -59.77 16.04
C LYS E 191 -11.01 -61.12 15.37
N TYR E 192 -11.18 -61.22 14.05
CA TYR E 192 -11.11 -62.50 13.36
C TYR E 192 -9.80 -62.71 12.60
N ALA E 193 -9.43 -61.80 11.71
CA ALA E 193 -8.28 -61.98 10.82
C ALA E 193 -7.35 -60.77 10.90
N PRO E 194 -6.53 -60.68 11.94
CA PRO E 194 -5.72 -59.46 12.15
C PRO E 194 -4.67 -59.19 11.09
N GLU E 195 -4.32 -60.18 10.26
CA GLU E 195 -3.29 -59.98 9.25
C GLU E 195 -3.70 -58.99 8.17
N LEU E 196 -5.00 -58.71 8.04
CA LEU E 196 -5.46 -57.70 7.10
C LEU E 196 -5.30 -56.29 7.65
N LEU E 197 -5.02 -56.15 8.95
CA LEU E 197 -4.78 -54.84 9.54
C LEU E 197 -3.50 -54.20 9.01
N ASN E 198 -2.44 -54.99 8.85
CA ASN E 198 -1.10 -54.43 8.65
C ASN E 198 -0.91 -53.85 7.26
N THR E 199 -1.34 -54.57 6.22
CA THR E 199 -1.02 -54.18 4.85
C THR E 199 -1.81 -52.96 4.41
N GLU E 260 -1.87 -49.25 7.02
CA GLU E 260 -3.21 -49.80 7.16
C GLU E 260 -3.86 -50.04 5.80
N ARG E 261 -4.40 -51.24 5.63
CA ARG E 261 -5.10 -51.58 4.39
C ARG E 261 -6.45 -50.87 4.34
N VAL E 262 -6.78 -50.30 3.19
CA VAL E 262 -8.08 -49.70 2.97
C VAL E 262 -9.06 -50.79 2.57
N PHE E 263 -10.27 -50.73 3.12
CA PHE E 263 -11.32 -51.69 2.83
C PHE E 263 -12.46 -51.00 2.09
N GLN E 264 -13.10 -51.74 1.21
CA GLN E 264 -14.25 -51.24 0.46
C GLN E 264 -15.42 -52.20 0.61
N ILE E 265 -16.56 -51.67 0.99
CA ILE E 265 -17.79 -52.45 1.12
C ILE E 265 -18.58 -52.28 -0.16
N SER E 266 -18.89 -53.40 -0.82
CA SER E 266 -19.67 -53.39 -2.05
C SER E 266 -21.02 -54.04 -1.78
N PHE E 267 -22.09 -53.30 -2.00
CA PHE E 267 -23.45 -53.80 -1.85
C PHE E 267 -23.98 -54.23 -3.21
N PHE E 268 -24.76 -55.30 -3.22
CA PHE E 268 -25.39 -55.75 -4.45
C PHE E 268 -26.73 -56.37 -4.12
N ASN E 269 -27.46 -56.75 -5.17
CA ASN E 269 -28.82 -57.29 -5.09
C ASN E 269 -29.77 -56.31 -4.39
N LEU E 270 -29.74 -55.07 -4.85
CA LEU E 270 -30.72 -54.08 -4.39
C LEU E 270 -32.09 -54.40 -4.98
N PRO E 271 -33.17 -54.12 -4.24
CA PRO E 271 -34.51 -54.54 -4.72
C PRO E 271 -34.94 -53.89 -6.03
N THR E 272 -34.57 -52.63 -6.27
CA THR E 272 -35.03 -51.90 -7.45
C THR E 272 -33.83 -51.37 -8.22
N VAL E 273 -34.00 -51.26 -9.54
CA VAL E 273 -32.99 -50.68 -10.41
C VAL E 273 -33.59 -49.45 -11.06
N HIS E 274 -32.92 -48.31 -10.91
CA HIS E 274 -33.46 -47.03 -11.35
C HIS E 274 -32.92 -46.65 -12.72
N ARG E 275 -33.74 -45.95 -13.49
CA ARG E 275 -33.27 -45.36 -14.73
C ARG E 275 -32.39 -44.15 -14.44
N ILE E 276 -31.70 -43.68 -15.49
CA ILE E 276 -30.90 -42.47 -15.35
C ILE E 276 -31.77 -41.24 -15.14
N ARG E 277 -32.93 -41.16 -15.80
CA ARG E 277 -33.83 -40.03 -15.66
C ARG E 277 -34.66 -40.07 -14.38
N ASP E 278 -34.71 -41.20 -13.69
CA ASP E 278 -35.41 -41.26 -12.41
C ASP E 278 -34.57 -40.75 -11.25
N ILE E 279 -33.35 -40.32 -11.52
CA ILE E 279 -32.49 -39.80 -10.46
C ILE E 279 -32.98 -38.42 -10.03
N ARG E 280 -33.32 -38.28 -8.76
CA ARG E 280 -33.84 -37.05 -8.19
C ARG E 280 -32.94 -36.61 -7.04
N SER E 281 -33.09 -35.36 -6.65
CA SER E 281 -32.23 -34.78 -5.62
C SER E 281 -32.55 -35.27 -4.22
N GLU E 282 -33.68 -35.95 -4.02
CA GLU E 282 -34.02 -36.48 -2.70
C GLU E 282 -33.18 -37.68 -2.32
N LYS E 283 -32.49 -38.30 -3.28
CA LYS E 283 -31.72 -39.51 -3.04
C LYS E 283 -30.23 -39.24 -2.95
N ILE E 284 -29.82 -37.98 -2.77
CA ILE E 284 -28.41 -37.64 -2.68
C ILE E 284 -27.87 -38.09 -1.33
N GLY E 285 -26.76 -38.83 -1.36
CA GLY E 285 -26.23 -39.43 -0.15
C GLY E 285 -26.94 -40.70 0.26
N SER E 286 -27.55 -41.40 -0.68
CA SER E 286 -28.32 -42.60 -0.40
C SER E 286 -27.85 -43.74 -1.29
N LEU E 287 -28.01 -44.97 -0.80
CA LEU E 287 -27.65 -46.14 -1.57
C LEU E 287 -28.64 -46.35 -2.71
N LEU E 288 -28.11 -46.69 -3.89
CA LEU E 288 -28.93 -46.74 -5.10
C LEU E 288 -28.34 -47.76 -6.06
N SER E 289 -29.18 -48.22 -6.97
CA SER E 289 -28.76 -49.08 -8.07
C SER E 289 -29.34 -48.54 -9.36
N ILE E 290 -28.47 -48.17 -10.30
CA ILE E 290 -28.87 -47.65 -11.60
C ILE E 290 -28.31 -48.57 -12.67
N SER E 291 -28.76 -48.36 -13.91
CA SER E 291 -28.27 -49.12 -15.04
C SER E 291 -27.98 -48.15 -16.19
N GLY E 292 -27.03 -48.53 -17.04
CA GLY E 292 -26.70 -47.67 -18.16
C GLY E 292 -25.68 -48.31 -19.07
N THR E 293 -25.50 -47.70 -20.23
CA THR E 293 -24.54 -48.17 -21.23
C THR E 293 -23.29 -47.32 -21.18
N VAL E 294 -22.14 -47.95 -21.00
CA VAL E 294 -20.88 -47.24 -20.83
C VAL E 294 -20.40 -46.75 -22.20
N THR E 295 -20.08 -45.46 -22.29
CA THR E 295 -19.56 -44.87 -23.52
C THR E 295 -18.08 -44.52 -23.44
N ARG E 296 -17.65 -43.83 -22.39
CA ARG E 296 -16.26 -43.43 -22.22
C ARG E 296 -15.73 -44.05 -20.94
N THR E 297 -14.51 -44.56 -21.02
CA THR E 297 -13.76 -44.96 -19.83
C THR E 297 -12.46 -44.16 -19.79
N SER E 298 -12.19 -43.55 -18.64
CA SER E 298 -10.93 -42.86 -18.41
C SER E 298 -9.89 -43.88 -17.96
N GLU E 299 -8.62 -43.45 -17.99
CA GLU E 299 -7.58 -44.30 -17.46
C GLU E 299 -7.53 -44.22 -15.93
N VAL E 300 -6.88 -45.21 -15.33
CA VAL E 300 -6.81 -45.29 -13.88
C VAL E 300 -5.90 -44.19 -13.36
N ARG E 301 -6.41 -43.39 -12.43
CA ARG E 301 -5.62 -42.30 -11.90
C ARG E 301 -5.59 -42.38 -10.39
N PRO E 302 -4.51 -41.91 -9.76
CA PRO E 302 -4.47 -41.86 -8.29
C PRO E 302 -5.29 -40.72 -7.72
N GLU E 303 -5.97 -41.01 -6.62
CA GLU E 303 -6.74 -40.05 -5.86
C GLU E 303 -6.17 -39.93 -4.46
N LEU E 304 -5.99 -38.69 -4.01
CA LEU E 304 -5.44 -38.40 -2.69
C LEU E 304 -6.41 -38.87 -1.61
N TYR E 305 -6.05 -39.96 -0.93
CA TYR E 305 -6.89 -40.48 0.15
C TYR E 305 -6.41 -39.99 1.51
N LYS E 306 -5.18 -40.34 1.87
CA LYS E 306 -4.56 -39.96 3.15
C LYS E 306 -3.42 -39.00 2.82
N ALA E 307 -3.70 -37.70 2.91
CA ALA E 307 -2.70 -36.71 2.59
C ALA E 307 -1.76 -36.48 3.77
N SER E 308 -0.48 -36.30 3.46
CA SER E 308 0.54 -35.99 4.45
C SER E 308 1.11 -34.62 4.15
N PHE E 309 0.98 -33.70 5.11
CA PHE E 309 1.39 -32.31 4.92
C PHE E 309 2.60 -31.97 5.78
N THR E 310 3.29 -30.91 5.37
CA THR E 310 4.32 -30.27 6.16
C THR E 310 3.99 -28.79 6.27
N CYS E 311 4.06 -28.24 7.48
CA CYS E 311 3.80 -26.82 7.64
C CYS E 311 4.96 -26.01 7.08
N ASP E 312 4.66 -24.79 6.64
CA ASP E 312 5.65 -23.99 5.93
C ASP E 312 6.72 -23.46 6.87
N MET E 313 6.33 -23.08 8.10
CA MET E 313 7.30 -22.40 8.97
C MET E 313 7.72 -23.26 10.17
N CYS E 314 6.86 -24.15 10.67
CA CYS E 314 7.32 -25.08 11.69
C CYS E 314 8.10 -26.23 11.06
N ARG E 315 7.70 -26.63 9.85
CA ARG E 315 8.38 -27.66 9.04
C ARG E 315 8.48 -29.00 9.76
N ALA E 316 7.35 -29.46 10.31
CA ALA E 316 7.21 -30.82 10.80
C ALA E 316 6.13 -31.52 10.00
N ILE E 317 6.30 -32.82 9.79
CA ILE E 317 5.39 -33.57 8.93
C ILE E 317 4.27 -34.15 9.76
N VAL E 318 3.05 -34.08 9.21
CA VAL E 318 1.86 -34.69 9.79
C VAL E 318 1.20 -35.52 8.70
N ASP E 319 0.58 -36.62 9.10
CA ASP E 319 0.08 -37.60 8.14
C ASP E 319 -1.34 -38.02 8.54
N ASN E 320 -1.95 -38.82 7.65
CA ASN E 320 -3.27 -39.41 7.83
C ASN E 320 -4.35 -38.33 7.99
N VAL E 321 -4.44 -37.47 6.98
CA VAL E 321 -5.43 -36.40 6.94
C VAL E 321 -6.59 -36.87 6.06
N GLU E 322 -7.81 -36.74 6.59
CA GLU E 322 -9.01 -37.13 5.85
C GLU E 322 -9.16 -36.26 4.60
N GLN E 323 -9.50 -36.91 3.49
CA GLN E 323 -9.78 -36.22 2.23
C GLN E 323 -11.18 -36.57 1.77
N SER E 324 -12.04 -35.55 1.73
CA SER E 324 -13.43 -35.71 1.30
C SER E 324 -13.64 -34.80 0.09
N PHE E 325 -13.65 -35.41 -1.10
CA PHE E 325 -13.95 -34.74 -2.36
C PHE E 325 -13.00 -33.57 -2.64
N LYS E 326 -13.43 -32.35 -2.35
CA LYS E 326 -12.59 -31.19 -2.61
C LYS E 326 -11.33 -31.22 -1.73
N TYR E 327 -10.26 -30.65 -2.26
CA TYR E 327 -8.96 -30.71 -1.61
C TYR E 327 -8.94 -29.90 -0.33
N THR E 328 -8.55 -30.53 0.78
CA THR E 328 -8.59 -29.90 2.10
C THR E 328 -7.21 -29.95 2.74
N GLU E 329 -6.91 -28.90 3.52
CA GLU E 329 -5.67 -28.81 4.28
C GLU E 329 -6.03 -28.69 5.75
N PRO E 330 -5.30 -29.38 6.65
CA PRO E 330 -5.63 -29.30 8.07
C PRO E 330 -5.31 -27.94 8.66
N THR E 331 -6.12 -27.53 9.63
CA THR E 331 -5.91 -26.29 10.35
C THR E 331 -5.56 -26.51 11.83
N PHE E 332 -5.33 -27.76 12.23
CA PHE E 332 -5.04 -28.03 13.63
C PHE E 332 -3.59 -27.68 13.96
N CYS E 333 -2.64 -28.18 13.16
CA CYS E 333 -1.20 -28.00 13.30
C CYS E 333 -0.77 -28.39 14.71
N PRO E 334 -0.72 -29.69 15.02
CA PRO E 334 -0.64 -30.12 16.43
C PRO E 334 0.66 -29.76 17.13
N ASN E 335 1.74 -29.49 16.40
CA ASN E 335 2.95 -29.02 17.06
C ASN E 335 2.76 -27.60 17.59
N PRO E 336 3.27 -27.30 18.78
CA PRO E 336 3.00 -25.98 19.38
C PRO E 336 4.06 -24.95 19.05
N SER E 337 4.93 -25.26 18.08
CA SER E 337 6.04 -24.37 17.77
C SER E 337 5.56 -23.11 17.05
N CYS E 338 4.67 -23.27 16.08
CA CYS E 338 4.17 -22.14 15.32
C CYS E 338 2.72 -21.84 15.71
N GLU E 339 2.16 -20.75 15.18
CA GLU E 339 0.89 -20.24 15.66
C GLU E 339 -0.13 -19.98 14.54
N ASN E 340 0.14 -20.39 13.31
CA ASN E 340 -0.80 -20.20 12.21
C ASN E 340 -1.22 -21.54 11.62
N ARG E 341 -2.36 -21.53 10.93
CA ARG E 341 -3.05 -22.74 10.53
C ARG E 341 -3.19 -22.93 9.04
N ALA E 342 -3.30 -21.85 8.27
CA ALA E 342 -3.72 -21.94 6.88
C ALA E 342 -2.61 -22.45 5.95
N PHE E 343 -1.36 -22.15 6.25
CA PHE E 343 -0.27 -22.39 5.31
C PHE E 343 0.27 -23.80 5.49
N TRP E 344 0.25 -24.59 4.41
CA TRP E 344 0.73 -25.95 4.41
C TRP E 344 1.32 -26.29 3.05
N THR E 345 2.03 -27.41 2.98
CA THR E 345 2.59 -27.91 1.73
C THR E 345 2.43 -29.43 1.68
N LEU E 346 1.88 -29.90 0.55
CA LEU E 346 1.56 -31.31 0.38
C LEU E 346 2.81 -32.09 0.01
N ASN E 347 2.95 -33.29 0.58
CA ASN E 347 4.03 -34.21 0.24
C ASN E 347 3.41 -35.36 -0.55
N VAL E 348 3.59 -35.35 -1.87
CA VAL E 348 2.92 -36.32 -2.72
C VAL E 348 3.57 -37.70 -2.62
N THR E 349 4.84 -37.76 -2.25
CA THR E 349 5.50 -39.05 -2.09
C THR E 349 5.01 -39.78 -0.85
N ARG E 350 4.90 -39.07 0.27
CA ARG E 350 4.50 -39.68 1.53
C ARG E 350 3.01 -39.97 1.60
N SER E 351 2.18 -39.19 0.89
CA SER E 351 0.74 -39.34 0.97
C SER E 351 0.25 -40.61 0.29
N ARG E 352 -0.97 -41.00 0.62
CA ARG E 352 -1.57 -42.24 0.13
C ARG E 352 -2.62 -41.96 -0.93
N PHE E 353 -2.78 -42.89 -1.85
CA PHE E 353 -3.67 -42.73 -3.00
C PHE E 353 -4.48 -44.00 -3.21
N LEU E 354 -5.64 -43.83 -3.85
CA LEU E 354 -6.46 -44.96 -4.29
C LEU E 354 -6.72 -44.85 -5.79
N ASP E 355 -7.11 -45.98 -6.38
CA ASP E 355 -7.46 -45.98 -7.79
C ASP E 355 -8.74 -45.20 -8.04
N TRP E 356 -8.81 -44.54 -9.18
CA TRP E 356 -9.93 -43.67 -9.50
C TRP E 356 -10.18 -43.72 -11.00
N GLN E 357 -11.46 -43.88 -11.37
CA GLN E 357 -11.85 -43.87 -12.77
C GLN E 357 -13.19 -43.15 -12.91
N LYS E 358 -13.30 -42.32 -13.94
CA LYS E 358 -14.54 -41.64 -14.27
C LYS E 358 -15.08 -42.23 -15.57
N VAL E 359 -16.09 -43.07 -15.46
CA VAL E 359 -16.69 -43.72 -16.61
C VAL E 359 -18.04 -43.06 -16.87
N ARG E 360 -18.28 -42.70 -18.13
CA ARG E 360 -19.50 -42.00 -18.53
C ARG E 360 -20.50 -43.00 -19.05
N ILE E 361 -21.73 -42.92 -18.56
CA ILE E 361 -22.78 -43.85 -18.95
C ILE E 361 -23.95 -43.07 -19.53
N GLN E 362 -24.71 -43.76 -20.36
CA GLN E 362 -25.77 -43.19 -21.17
C GLN E 362 -27.03 -44.01 -20.94
N GLU E 363 -28.17 -43.36 -21.09
CA GLU E 363 -29.46 -44.04 -20.94
C GLU E 363 -29.58 -45.15 -21.98
N ASN E 364 -30.13 -46.28 -21.53
CA ASN E 364 -30.36 -47.40 -22.43
C ASN E 364 -31.43 -47.04 -23.44
N ALA E 365 -31.31 -47.64 -24.64
CA ALA E 365 -32.16 -47.24 -25.77
C ALA E 365 -33.63 -47.57 -25.54
N ASN E 366 -33.91 -48.60 -24.75
CA ASN E 366 -35.30 -48.91 -24.41
C ASN E 366 -35.85 -48.02 -23.31
N GLU E 367 -34.99 -47.27 -22.61
CA GLU E 367 -35.43 -46.44 -21.51
C GLU E 367 -35.61 -44.97 -21.89
N ILE E 368 -35.22 -44.58 -23.09
CA ILE E 368 -35.31 -43.18 -23.49
C ILE E 368 -36.78 -42.82 -23.75
N PRO E 369 -37.26 -41.68 -23.25
CA PRO E 369 -38.64 -41.26 -23.54
C PRO E 369 -38.91 -40.93 -24.99
N THR E 370 -40.15 -40.50 -25.29
CA THR E 370 -40.65 -40.53 -26.66
C THR E 370 -39.92 -39.56 -27.57
N GLY E 371 -39.69 -38.32 -27.15
CA GLY E 371 -39.07 -37.38 -28.06
C GLY E 371 -37.73 -36.87 -27.60
N SER E 372 -37.33 -37.28 -26.40
CA SER E 372 -36.13 -36.74 -25.78
C SER E 372 -34.90 -37.49 -26.22
N MET E 373 -33.77 -36.80 -26.17
CA MET E 373 -32.47 -37.40 -26.40
C MET E 373 -31.94 -38.05 -25.13
N PRO E 374 -31.07 -39.06 -25.26
CA PRO E 374 -30.47 -39.66 -24.07
C PRO E 374 -29.60 -38.67 -23.32
N ARG E 375 -29.59 -38.79 -22.01
CA ARG E 375 -28.77 -37.94 -21.17
C ARG E 375 -27.78 -38.78 -20.38
N THR E 376 -26.61 -38.22 -20.18
CA THR E 376 -25.46 -38.96 -19.66
C THR E 376 -25.28 -38.71 -18.17
N LEU E 377 -24.39 -39.51 -17.59
CA LEU E 377 -24.07 -39.42 -16.18
C LEU E 377 -22.65 -39.94 -15.97
N ASP E 378 -21.86 -39.20 -15.20
CA ASP E 378 -20.49 -39.58 -14.90
C ASP E 378 -20.47 -40.34 -13.59
N VAL E 379 -20.26 -41.65 -13.66
CA VAL E 379 -20.16 -42.49 -12.47
C VAL E 379 -18.68 -42.82 -12.24
N ILE E 380 -18.27 -42.75 -10.98
CA ILE E 380 -16.86 -42.85 -10.60
C ILE E 380 -16.65 -44.14 -9.84
N LEU E 381 -15.66 -44.91 -10.27
CA LEU E 381 -15.31 -46.19 -9.66
C LEU E 381 -13.97 -46.04 -8.96
N ARG E 382 -13.85 -46.66 -7.79
CA ARG E 382 -12.69 -46.49 -6.93
C ARG E 382 -12.20 -47.85 -6.46
N GLY E 383 -10.88 -48.02 -6.43
CA GLY E 383 -10.31 -49.24 -5.89
C GLY E 383 -10.46 -50.42 -6.83
N ASP E 384 -11.04 -51.51 -6.32
CA ASP E 384 -11.15 -52.73 -7.08
C ASP E 384 -12.21 -52.67 -8.17
N SER E 385 -13.14 -51.72 -8.09
CA SER E 385 -14.17 -51.58 -9.10
C SER E 385 -13.66 -50.97 -10.39
N VAL E 386 -12.44 -50.43 -10.40
CA VAL E 386 -11.90 -49.75 -11.56
C VAL E 386 -11.63 -50.76 -12.67
N GLU E 387 -11.95 -50.36 -13.91
CA GLU E 387 -11.75 -51.12 -15.14
C GLU E 387 -12.60 -52.38 -15.21
N ARG E 388 -13.72 -52.41 -14.49
CA ARG E 388 -14.69 -53.50 -14.63
C ARG E 388 -15.76 -53.20 -15.68
N ALA E 389 -15.74 -52.01 -16.28
CA ALA E 389 -16.69 -51.61 -17.30
C ALA E 389 -15.96 -51.32 -18.59
N LYS E 390 -16.55 -51.73 -19.71
CA LYS E 390 -15.94 -51.64 -21.03
C LYS E 390 -16.74 -50.68 -21.89
N PRO E 391 -16.12 -49.99 -22.84
CA PRO E 391 -16.87 -49.16 -23.78
C PRO E 391 -17.91 -49.95 -24.55
N GLY E 392 -19.18 -49.67 -24.30
CA GLY E 392 -20.25 -50.19 -25.11
C GLY E 392 -21.10 -51.27 -24.48
N ASP E 393 -20.92 -51.57 -23.20
CA ASP E 393 -21.69 -52.62 -22.55
C ASP E 393 -22.64 -52.05 -21.50
N ARG E 394 -23.64 -52.85 -21.17
CA ARG E 394 -24.68 -52.46 -20.23
C ARG E 394 -24.28 -52.88 -18.83
N CYS E 395 -24.13 -51.92 -17.94
CA CYS E 395 -23.69 -52.17 -16.58
C CYS E 395 -24.71 -51.66 -15.58
N LYS E 396 -24.84 -52.43 -14.49
CA LYS E 396 -25.67 -52.09 -13.36
C LYS E 396 -24.76 -51.62 -12.23
N PHE E 397 -24.81 -50.33 -11.93
CA PHE E 397 -23.96 -49.71 -10.93
C PHE E 397 -24.73 -49.57 -9.63
N THR E 398 -24.16 -50.10 -8.55
CA THR E 398 -24.67 -49.89 -7.21
C THR E 398 -23.73 -48.96 -6.48
N GLY E 399 -24.27 -47.89 -5.90
CA GLY E 399 -23.43 -46.94 -5.20
C GLY E 399 -24.22 -45.88 -4.46
N VAL E 400 -23.66 -44.68 -4.42
CA VAL E 400 -24.27 -43.55 -3.73
C VAL E 400 -24.40 -42.40 -4.71
N GLU E 401 -25.56 -41.75 -4.71
CA GLU E 401 -25.76 -40.54 -5.50
C GLU E 401 -25.08 -39.39 -4.78
N ILE E 402 -24.04 -38.85 -5.38
CA ILE E 402 -23.27 -37.77 -4.80
C ILE E 402 -23.51 -36.51 -5.63
N VAL E 403 -22.93 -35.41 -5.18
CA VAL E 403 -23.16 -34.13 -5.83
C VAL E 403 -21.80 -33.45 -6.01
N VAL E 404 -21.62 -32.82 -7.17
CA VAL E 404 -20.31 -32.35 -7.61
C VAL E 404 -20.43 -30.92 -8.08
N PRO E 405 -19.49 -30.03 -7.74
CA PRO E 405 -19.63 -28.61 -8.15
C PRO E 405 -19.62 -28.44 -9.66
N ASP E 406 -20.55 -27.61 -10.13
CA ASP E 406 -20.70 -27.30 -11.56
C ASP E 406 -20.70 -25.78 -11.71
N VAL E 407 -19.89 -25.29 -12.63
CA VAL E 407 -19.75 -23.85 -12.82
C VAL E 407 -20.63 -23.33 -13.96
N THR E 408 -21.07 -24.22 -14.85
CA THR E 408 -21.83 -23.81 -16.03
C THR E 408 -23.24 -23.35 -15.71
N GLN E 409 -23.71 -23.53 -14.48
CA GLN E 409 -25.04 -23.10 -14.08
C GLN E 409 -25.14 -21.61 -13.78
N LEU E 410 -24.08 -20.84 -14.06
CA LEU E 410 -24.11 -19.42 -13.78
C LEU E 410 -25.09 -18.69 -14.69
N GLY E 411 -25.11 -19.04 -15.97
CA GLY E 411 -26.02 -18.42 -16.91
C GLY E 411 -27.41 -18.99 -16.92
N LEU E 412 -27.67 -20.05 -16.17
CA LEU E 412 -28.99 -20.66 -16.15
C LEU E 412 -30.00 -19.75 -15.45
N PRO E 413 -31.24 -19.75 -15.88
CA PRO E 413 -32.27 -18.95 -15.20
C PRO E 413 -32.62 -19.54 -13.85
N GLY E 414 -33.19 -18.69 -13.01
CA GLY E 414 -33.54 -19.07 -11.66
C GLY E 414 -32.54 -18.53 -10.64
N VAL E 415 -32.95 -18.55 -9.38
CA VAL E 415 -32.11 -18.07 -8.30
C VAL E 415 -31.08 -19.13 -7.95
N LYS E 416 -29.82 -18.82 -8.19
CA LYS E 416 -28.75 -19.75 -7.83
C LYS E 416 -28.36 -19.51 -6.38
N PRO E 417 -28.40 -20.54 -5.53
CA PRO E 417 -28.03 -20.34 -4.13
C PRO E 417 -26.57 -19.94 -3.97
N SER E 418 -26.32 -19.10 -2.97
CA SER E 418 -24.98 -18.59 -2.71
C SER E 418 -24.75 -18.57 -1.20
N SER E 419 -23.49 -18.52 -0.80
CA SER E 419 -23.10 -18.57 0.60
C SER E 419 -22.20 -17.38 0.91
N THR E 420 -22.62 -16.57 1.87
CA THR E 420 -21.82 -15.47 2.40
C THR E 420 -21.59 -15.66 3.89
N LEU E 421 -20.55 -15.02 4.40
CA LEU E 421 -20.14 -15.22 5.77
C LEU E 421 -21.04 -14.43 6.73
N ASP E 422 -21.61 -15.12 7.70
CA ASP E 422 -22.46 -14.48 8.69
C ASP E 422 -21.60 -13.74 9.71
N THR E 423 -21.91 -12.47 9.93
CA THR E 423 -21.15 -11.60 10.84
C THR E 423 -22.12 -11.01 11.85
N ARG E 424 -22.32 -11.71 12.97
CA ARG E 424 -23.19 -11.22 14.03
C ARG E 424 -22.47 -11.20 15.36
N GLY E 425 -21.63 -12.19 15.62
CA GLY E 425 -20.91 -12.28 16.87
C GLY E 425 -19.48 -11.82 16.79
N ILE E 426 -19.15 -11.05 15.75
CA ILE E 426 -17.80 -10.57 15.51
C ILE E 426 -17.75 -9.08 15.82
N SER E 427 -16.89 -8.70 16.76
CA SER E 427 -16.73 -7.31 17.14
C SER E 427 -15.87 -6.58 16.12
N LYS E 428 -16.27 -5.36 15.77
CA LYS E 428 -15.58 -4.56 14.78
C LYS E 428 -15.51 -3.11 15.24
N THR E 429 -14.49 -2.40 14.78
CA THR E 429 -14.32 -0.98 15.05
C THR E 429 -14.05 -0.24 13.75
N THR E 430 -14.54 0.99 13.66
CA THR E 430 -14.38 1.83 12.47
C THR E 430 -13.11 2.67 12.53
N GLU E 431 -11.99 2.01 12.82
CA GLU E 431 -10.70 2.70 12.87
C GLU E 431 -10.25 3.17 11.49
N GLY E 432 -10.45 2.32 10.47
CA GLY E 432 -10.08 2.68 9.12
C GLY E 432 -8.62 2.42 8.82
N LEU E 433 -8.25 2.69 7.57
CA LEU E 433 -6.89 2.50 7.11
C LEU E 433 -6.48 3.58 6.11
N ARG E 441 -13.57 -3.62 4.29
CA ARG E 441 -14.93 -4.15 4.23
C ARG E 441 -15.08 -5.15 3.08
N SER E 442 -14.40 -6.29 3.21
CA SER E 442 -14.42 -7.35 2.20
C SER E 442 -14.86 -8.65 2.84
N LEU E 443 -15.69 -9.40 2.12
CA LEU E 443 -16.22 -10.67 2.59
C LEU E 443 -16.14 -11.70 1.47
N GLY E 444 -16.13 -12.97 1.88
CA GLY E 444 -16.04 -14.07 0.94
C GLY E 444 -17.40 -14.67 0.66
N VAL E 445 -17.85 -14.52 -0.58
CA VAL E 445 -19.12 -15.08 -1.05
C VAL E 445 -18.82 -16.07 -2.16
N ARG E 446 -19.48 -17.22 -2.13
CA ARG E 446 -19.16 -18.29 -3.05
C ARG E 446 -20.43 -19.02 -3.45
N ASP E 447 -20.48 -19.43 -4.71
CA ASP E 447 -21.71 -19.96 -5.31
C ASP E 447 -21.96 -21.41 -4.91
N LEU E 448 -23.23 -21.77 -4.86
CA LEU E 448 -23.65 -23.13 -4.56
C LEU E 448 -24.38 -23.67 -5.78
N THR E 449 -23.60 -24.14 -6.75
CA THR E 449 -24.13 -24.68 -7.99
C THR E 449 -23.51 -26.06 -8.21
N TYR E 450 -24.36 -27.03 -8.50
CA TYR E 450 -23.96 -28.42 -8.42
C TYR E 450 -24.65 -29.24 -9.51
N LYS E 451 -24.07 -30.41 -9.79
CA LYS E 451 -24.66 -31.41 -10.65
C LYS E 451 -24.59 -32.76 -9.97
N ILE E 452 -25.55 -33.63 -10.30
CA ILE E 452 -25.64 -34.94 -9.67
C ILE E 452 -24.68 -35.89 -10.34
N SER E 453 -23.84 -36.56 -9.54
CA SER E 453 -22.95 -37.60 -10.03
C SER E 453 -23.19 -38.87 -9.20
N PHE E 454 -22.48 -39.93 -9.56
CA PHE E 454 -22.65 -41.21 -8.89
C PHE E 454 -21.29 -41.77 -8.51
N LEU E 455 -21.23 -42.45 -7.36
CA LEU E 455 -20.01 -43.10 -6.90
C LEU E 455 -20.37 -44.55 -6.60
N ALA E 456 -19.89 -45.47 -7.43
CA ALA E 456 -20.31 -46.86 -7.36
C ALA E 456 -19.28 -47.69 -6.60
N CYS E 457 -19.78 -48.61 -5.77
CA CYS E 457 -18.94 -49.59 -5.11
C CYS E 457 -19.04 -50.97 -5.73
N HIS E 458 -20.08 -51.22 -6.52
CA HIS E 458 -20.27 -52.49 -7.19
C HIS E 458 -20.62 -52.24 -8.65
N VAL E 459 -19.91 -52.92 -9.55
CA VAL E 459 -20.18 -52.87 -10.98
C VAL E 459 -20.35 -54.29 -11.48
N ILE E 460 -21.51 -54.58 -12.04
CA ILE E 460 -21.78 -55.85 -12.69
C ILE E 460 -22.25 -55.56 -14.11
N SER E 461 -21.83 -56.39 -15.05
CA SER E 461 -22.11 -56.17 -16.47
C SER E 461 -23.16 -57.18 -16.92
N ILE E 462 -24.42 -56.76 -16.89
CA ILE E 462 -25.47 -57.55 -17.50
C ILE E 462 -25.30 -57.55 -19.02
N GLY E 463 -25.81 -58.60 -19.66
CA GLY E 463 -25.57 -58.78 -21.08
C GLY E 463 -26.21 -57.68 -21.93
N SER E 464 -25.44 -57.20 -22.90
CA SER E 464 -25.96 -56.24 -23.87
C SER E 464 -27.02 -56.85 -24.76
N ASN E 465 -27.06 -58.18 -24.87
CA ASN E 465 -28.11 -58.88 -25.55
C ASN E 465 -29.44 -58.77 -24.79
N ILE E 466 -30.53 -59.15 -25.46
CA ILE E 466 -31.84 -59.11 -24.82
C ILE E 466 -31.91 -60.17 -23.72
N GLY E 467 -31.43 -61.39 -24.01
CA GLY E 467 -31.45 -62.45 -23.02
C GLY E 467 -30.15 -62.57 -22.25
N GLU E 498 -10.58 -65.49 -21.88
CA GLU E 498 -11.76 -66.31 -22.13
C GLU E 498 -11.63 -67.05 -23.45
N ARG E 499 -10.48 -66.89 -24.12
CA ARG E 499 -10.26 -67.56 -25.39
C ARG E 499 -10.05 -69.06 -25.19
N ASP E 500 -9.37 -69.44 -24.12
CA ASP E 500 -9.15 -70.85 -23.82
C ASP E 500 -10.45 -71.52 -23.42
N GLN E 501 -10.61 -72.78 -23.84
CA GLN E 501 -11.86 -73.50 -23.59
C GLN E 501 -11.97 -73.97 -22.14
N GLU E 502 -10.83 -74.19 -21.46
CA GLU E 502 -10.87 -74.74 -20.11
C GLU E 502 -11.55 -73.79 -19.13
N VAL E 503 -11.25 -72.48 -19.22
CA VAL E 503 -11.89 -71.51 -18.35
C VAL E 503 -13.38 -71.39 -18.67
N PHE E 504 -13.79 -71.64 -19.92
CA PHE E 504 -15.21 -71.59 -20.24
C PHE E 504 -15.96 -72.79 -19.69
N LEU E 505 -15.42 -74.00 -19.87
CA LEU E 505 -16.07 -75.18 -19.31
C LEU E 505 -15.96 -75.25 -17.79
N ASN E 506 -15.03 -74.52 -17.18
CA ASN E 506 -15.04 -74.41 -15.73
C ASN E 506 -16.18 -73.52 -15.24
N SER E 507 -16.59 -72.53 -16.05
CA SER E 507 -17.65 -71.62 -15.64
C SER E 507 -19.01 -72.31 -15.64
N LEU E 508 -19.25 -73.20 -16.60
CA LEU E 508 -20.54 -73.86 -16.71
C LEU E 508 -20.69 -74.94 -15.63
N SER E 509 -21.92 -75.13 -15.17
CA SER E 509 -22.24 -76.16 -14.21
C SER E 509 -22.52 -77.49 -14.93
N SER E 510 -22.93 -78.49 -14.15
CA SER E 510 -23.05 -79.84 -14.71
C SER E 510 -24.23 -79.95 -15.67
N ASP E 511 -25.35 -79.30 -15.36
CA ASP E 511 -26.54 -79.45 -16.18
C ASP E 511 -26.36 -78.84 -17.56
N GLU E 512 -25.88 -77.60 -17.63
CA GLU E 512 -25.73 -76.97 -18.93
C GLU E 512 -24.53 -77.52 -19.70
N ILE E 513 -23.50 -78.04 -19.02
CA ILE E 513 -22.43 -78.70 -19.77
C ILE E 513 -22.92 -80.03 -20.31
N ASN E 514 -23.85 -80.70 -19.61
CA ASN E 514 -24.45 -81.92 -20.16
C ASN E 514 -25.33 -81.58 -21.36
N GLU E 515 -26.06 -80.46 -21.29
CA GLU E 515 -26.86 -80.02 -22.43
C GLU E 515 -25.97 -79.66 -23.62
N LEU E 516 -24.84 -79.00 -23.37
CA LEU E 516 -23.90 -78.67 -24.43
C LEU E 516 -23.30 -79.92 -25.05
N LYS E 517 -22.97 -80.92 -24.22
CA LYS E 517 -22.47 -82.18 -24.76
C LYS E 517 -23.53 -82.90 -25.59
N GLU E 518 -24.79 -82.81 -25.16
CA GLU E 518 -25.88 -83.39 -25.94
C GLU E 518 -26.03 -82.69 -27.29
N MET E 519 -25.89 -81.36 -27.30
CA MET E 519 -25.92 -80.62 -28.57
C MET E 519 -24.75 -80.99 -29.46
N VAL E 520 -23.56 -81.16 -28.88
CA VAL E 520 -22.39 -81.54 -29.67
C VAL E 520 -22.57 -82.93 -30.26
N LYS E 521 -23.14 -83.86 -29.49
CA LYS E 521 -23.25 -85.25 -29.92
C LYS E 521 -24.19 -85.45 -31.11
N ASP E 522 -25.13 -84.52 -31.32
CA ASP E 522 -26.15 -84.70 -32.35
C ASP E 522 -25.52 -84.68 -33.75
N GLU E 523 -25.97 -85.59 -34.61
CA GLU E 523 -25.37 -85.74 -35.93
C GLU E 523 -25.97 -84.76 -36.95
N HIS E 524 -27.19 -84.28 -36.72
CA HIS E 524 -27.82 -83.30 -37.59
C HIS E 524 -27.74 -81.90 -37.01
N ILE E 525 -26.63 -81.58 -36.35
CA ILE E 525 -26.54 -80.32 -35.59
C ILE E 525 -26.45 -79.12 -36.53
N TYR E 526 -25.82 -79.27 -37.69
CA TYR E 526 -25.63 -78.13 -38.59
C TYR E 526 -26.95 -77.62 -39.13
N ASP E 527 -27.85 -78.53 -39.53
CA ASP E 527 -29.16 -78.12 -40.02
C ASP E 527 -29.96 -77.42 -38.93
N LYS E 528 -29.84 -77.88 -37.69
CA LYS E 528 -30.54 -77.24 -36.58
C LYS E 528 -29.98 -75.85 -36.30
N LEU E 529 -28.65 -75.69 -36.40
CA LEU E 529 -28.04 -74.36 -36.29
C LEU E 529 -28.51 -73.41 -37.38
N VAL E 530 -28.63 -73.88 -38.62
CA VAL E 530 -29.15 -73.02 -39.68
C VAL E 530 -30.61 -72.67 -39.44
N ARG E 531 -31.42 -73.65 -39.02
CA ARG E 531 -32.84 -73.39 -38.82
C ARG E 531 -33.10 -72.51 -37.60
N SER E 532 -32.19 -72.50 -36.63
CA SER E 532 -32.39 -71.69 -35.44
C SER E 532 -32.04 -70.22 -35.64
N ILE E 533 -31.36 -69.88 -36.73
CA ILE E 533 -30.97 -68.50 -36.98
C ILE E 533 -32.12 -67.76 -37.64
N ALA E 534 -32.51 -66.61 -37.05
CA ALA E 534 -33.54 -65.70 -37.52
C ALA E 534 -34.85 -66.40 -37.79
N PRO E 535 -35.56 -66.86 -36.75
CA PRO E 535 -36.81 -67.63 -36.99
C PRO E 535 -37.94 -66.79 -37.57
N ALA E 536 -37.92 -65.47 -37.38
CA ALA E 536 -38.97 -64.63 -37.94
C ALA E 536 -38.87 -64.52 -39.45
N VAL E 537 -37.70 -64.81 -40.00
CA VAL E 537 -37.51 -64.78 -41.45
C VAL E 537 -37.83 -66.15 -42.02
N PHE E 538 -38.62 -66.17 -43.09
CA PHE E 538 -38.93 -67.41 -43.80
C PHE E 538 -37.99 -67.57 -44.98
N GLY E 539 -37.45 -68.78 -45.14
CA GLY E 539 -36.56 -69.03 -46.24
C GLY E 539 -35.19 -68.39 -46.03
N HIS E 540 -34.49 -68.20 -47.14
CA HIS E 540 -33.14 -67.64 -47.20
C HIS E 540 -32.17 -68.41 -46.29
N GLU E 541 -32.05 -69.70 -46.58
CA GLU E 541 -31.19 -70.56 -45.78
C GLU E 541 -29.71 -70.25 -46.02
N ALA E 542 -29.35 -69.81 -47.22
CA ALA E 542 -27.97 -69.45 -47.50
C ALA E 542 -27.52 -68.25 -46.67
N VAL E 543 -28.40 -67.26 -46.52
CA VAL E 543 -28.08 -66.09 -45.72
C VAL E 543 -27.95 -66.48 -44.25
N LYS E 544 -28.80 -67.41 -43.78
CA LYS E 544 -28.71 -67.89 -42.40
C LYS E 544 -27.41 -68.66 -42.17
N LYS E 545 -27.00 -69.48 -43.14
CA LYS E 545 -25.71 -70.15 -43.05
C LYS E 545 -24.57 -69.15 -42.96
N GLY E 546 -24.62 -68.12 -43.82
CA GLY E 546 -23.60 -67.09 -43.78
C GLY E 546 -23.55 -66.36 -42.46
N ILE E 547 -24.72 -66.04 -41.90
CA ILE E 547 -24.79 -65.34 -40.62
C ILE E 547 -24.22 -66.21 -39.50
N LEU E 548 -24.54 -67.50 -39.51
CA LEU E 548 -23.99 -68.42 -38.52
C LEU E 548 -22.46 -68.49 -38.63
N LEU E 549 -21.94 -68.61 -39.84
CA LEU E 549 -20.49 -68.69 -40.02
C LEU E 549 -19.81 -67.38 -39.66
N GLN E 550 -20.46 -66.24 -39.91
CA GLN E 550 -19.95 -64.96 -39.48
C GLN E 550 -19.90 -64.86 -37.96
N MET E 551 -20.93 -65.34 -37.28
CA MET E 551 -20.94 -65.34 -35.83
C MET E 551 -19.90 -66.30 -35.27
N LEU E 552 -19.51 -67.31 -36.03
CA LEU E 552 -18.43 -68.20 -35.60
C LEU E 552 -17.06 -67.64 -35.96
N GLY E 553 -16.83 -67.41 -37.24
CA GLY E 553 -15.59 -66.80 -37.69
C GLY E 553 -14.43 -67.79 -37.79
N GLY E 554 -13.39 -67.35 -38.49
CA GLY E 554 -12.20 -68.15 -38.69
C GLY E 554 -11.11 -67.77 -37.69
N VAL E 555 -10.00 -68.50 -37.75
CA VAL E 555 -8.90 -68.26 -36.84
C VAL E 555 -8.08 -67.08 -37.36
N HIS E 556 -7.39 -66.41 -36.45
CA HIS E 556 -6.53 -65.28 -36.78
C HIS E 556 -5.09 -65.76 -36.83
N LYS E 557 -4.42 -65.52 -37.95
CA LYS E 557 -3.09 -66.05 -38.19
C LYS E 557 -2.13 -64.91 -38.55
N SER E 558 -0.90 -65.01 -38.04
CA SER E 558 0.15 -64.04 -38.32
C SER E 558 1.34 -64.76 -38.93
N THR E 559 1.81 -64.27 -40.07
CA THR E 559 2.93 -64.90 -40.75
C THR E 559 4.25 -64.47 -40.11
N VAL E 560 5.33 -65.16 -40.53
CA VAL E 560 6.66 -64.85 -40.02
C VAL E 560 7.15 -63.50 -40.50
N GLU E 561 6.69 -63.05 -41.67
CA GLU E 561 7.06 -61.72 -42.15
C GLU E 561 6.42 -60.63 -41.29
N GLY E 562 5.21 -60.86 -40.80
CA GLY E 562 4.51 -59.93 -39.95
C GLY E 562 3.11 -59.58 -40.37
N ILE E 563 2.67 -59.98 -41.57
CA ILE E 563 1.34 -59.63 -42.03
C ILE E 563 0.30 -60.50 -41.34
N LYS E 564 -0.92 -59.99 -41.24
CA LYS E 564 -2.01 -60.63 -40.51
C LYS E 564 -3.03 -61.15 -41.50
N LEU E 565 -3.51 -62.37 -41.27
CA LEU E 565 -4.52 -62.97 -42.12
C LEU E 565 -5.87 -62.94 -41.39
N ARG E 566 -6.85 -62.30 -42.03
CA ARG E 566 -8.11 -61.99 -41.36
C ARG E 566 -8.97 -63.25 -41.22
N GLY E 567 -9.48 -63.47 -40.02
CA GLY E 567 -10.41 -64.56 -39.77
C GLY E 567 -11.85 -64.09 -39.70
N ASP E 568 -12.06 -62.79 -39.80
CA ASP E 568 -13.41 -62.23 -39.73
C ASP E 568 -14.09 -62.33 -41.09
N ILE E 569 -15.36 -62.74 -41.07
CA ILE E 569 -16.15 -62.92 -42.27
C ILE E 569 -17.05 -61.70 -42.43
N ASN E 570 -16.91 -61.01 -43.56
CA ASN E 570 -17.70 -59.82 -43.86
C ASN E 570 -18.69 -60.16 -44.97
N ILE E 571 -19.97 -59.91 -44.70
CA ILE E 571 -21.05 -60.35 -45.57
C ILE E 571 -21.90 -59.14 -45.94
N CYS E 572 -22.20 -59.01 -47.22
CA CYS E 572 -23.10 -57.97 -47.71
C CYS E 572 -24.34 -58.63 -48.31
N VAL E 573 -25.50 -58.14 -47.90
CA VAL E 573 -26.78 -58.63 -48.41
C VAL E 573 -27.36 -57.56 -49.31
N VAL E 574 -27.51 -57.88 -50.58
CA VAL E 574 -28.07 -56.98 -51.58
C VAL E 574 -29.30 -57.67 -52.16
N GLY E 575 -30.28 -56.88 -52.60
CA GLY E 575 -31.40 -57.47 -53.31
C GLY E 575 -32.55 -56.51 -53.45
N ASP E 576 -33.67 -57.06 -53.89
CA ASP E 576 -34.88 -56.28 -54.16
C ASP E 576 -35.45 -55.73 -52.86
N PRO E 577 -36.25 -54.67 -52.94
CA PRO E 577 -36.93 -54.16 -51.74
C PRO E 577 -37.86 -55.19 -51.14
N SER E 578 -37.98 -55.14 -49.80
CA SER E 578 -38.84 -56.02 -49.02
C SER E 578 -38.47 -57.49 -49.21
N THR E 579 -37.20 -57.80 -48.96
CA THR E 579 -36.70 -59.16 -49.00
C THR E 579 -36.16 -59.62 -47.65
N SER E 580 -36.58 -58.96 -46.56
CA SER E 580 -36.16 -59.24 -45.18
C SER E 580 -34.66 -59.10 -44.99
N LYS E 581 -34.01 -58.20 -45.74
CA LYS E 581 -32.57 -58.05 -45.61
C LYS E 581 -32.21 -57.27 -44.34
N SER E 582 -33.13 -56.46 -43.83
CA SER E 582 -32.87 -55.77 -42.57
C SER E 582 -33.32 -56.59 -41.36
N GLN E 583 -34.19 -57.58 -41.55
CA GLN E 583 -34.57 -58.46 -40.46
C GLN E 583 -33.38 -59.27 -39.98
N PHE E 584 -32.48 -59.63 -40.90
CA PHE E 584 -31.25 -60.32 -40.52
C PHE E 584 -30.38 -59.45 -39.63
N LEU E 585 -30.25 -58.16 -39.98
CA LEU E 585 -29.48 -57.24 -39.16
C LEU E 585 -30.11 -57.04 -37.79
N LYS E 586 -31.44 -56.93 -37.74
CA LYS E 586 -32.14 -56.87 -36.46
C LYS E 586 -31.88 -58.11 -35.61
N TYR E 587 -31.91 -59.29 -36.23
CA TYR E 587 -31.66 -60.51 -35.47
C TYR E 587 -30.23 -60.56 -34.94
N VAL E 588 -29.26 -60.13 -35.76
CA VAL E 588 -27.87 -60.19 -35.33
C VAL E 588 -27.61 -59.20 -34.20
N VAL E 589 -28.20 -58.00 -34.27
CA VAL E 589 -28.00 -57.04 -33.19
C VAL E 589 -28.72 -57.48 -31.93
N GLY E 590 -29.94 -58.02 -32.04
CA GLY E 590 -30.64 -58.48 -30.86
C GLY E 590 -30.12 -59.78 -30.28
N PHE E 591 -29.27 -60.50 -31.02
CA PHE E 591 -28.77 -61.79 -30.58
C PHE E 591 -27.28 -61.79 -30.27
N ALA E 592 -26.46 -61.39 -31.24
CA ALA E 592 -25.03 -61.60 -31.13
C ALA E 592 -24.42 -60.63 -30.11
N PRO E 593 -23.55 -61.11 -29.22
CA PRO E 593 -22.86 -60.21 -28.30
C PRO E 593 -21.88 -59.31 -29.04
N ARG E 594 -21.68 -58.13 -28.48
CA ARG E 594 -20.82 -57.08 -29.05
C ARG E 594 -21.25 -56.73 -30.47
N SER E 595 -22.53 -56.44 -30.63
CA SER E 595 -23.11 -56.10 -31.92
C SER E 595 -23.70 -54.70 -31.84
N VAL E 596 -23.50 -53.92 -32.90
CA VAL E 596 -24.05 -52.57 -32.99
C VAL E 596 -24.75 -52.44 -34.33
N TYR E 597 -25.77 -51.59 -34.36
CA TYR E 597 -26.57 -51.36 -35.56
C TYR E 597 -26.42 -49.90 -35.99
N THR E 598 -26.19 -49.69 -37.27
CA THR E 598 -26.00 -48.36 -37.83
C THR E 598 -26.75 -48.24 -39.14
N SER E 599 -27.36 -47.09 -39.37
CA SER E 599 -27.95 -46.76 -40.64
C SER E 599 -26.93 -46.03 -41.52
N GLY E 600 -27.14 -46.09 -42.83
CA GLY E 600 -26.17 -45.51 -43.74
C GLY E 600 -26.13 -44.00 -43.72
N LYS E 601 -27.29 -43.34 -43.80
CA LYS E 601 -27.28 -41.89 -43.90
C LYS E 601 -27.06 -41.26 -42.52
N ALA E 602 -27.52 -41.93 -41.47
CA ALA E 602 -27.31 -41.46 -40.10
C ALA E 602 -25.90 -41.72 -39.60
N SER E 603 -25.00 -42.19 -40.46
CA SER E 603 -23.63 -42.51 -40.11
C SER E 603 -22.76 -41.25 -40.10
N SER E 604 -21.52 -41.43 -39.69
CA SER E 604 -20.48 -40.41 -39.81
C SER E 604 -19.14 -41.11 -39.77
N ALA E 605 -18.10 -40.38 -40.21
CA ALA E 605 -16.74 -40.92 -40.16
C ALA E 605 -16.28 -41.11 -38.73
N ALA E 606 -16.58 -40.14 -37.86
CA ALA E 606 -16.15 -40.24 -36.47
C ALA E 606 -17.03 -41.19 -35.67
N GLY E 607 -18.32 -41.25 -35.99
CA GLY E 607 -19.23 -42.07 -35.22
C GLY E 607 -19.07 -43.56 -35.49
N LEU E 608 -18.53 -43.91 -36.65
CA LEU E 608 -18.31 -45.31 -36.97
C LEU E 608 -16.94 -45.79 -36.51
N THR E 609 -15.94 -44.92 -36.50
CA THR E 609 -14.60 -45.36 -36.16
C THR E 609 -14.14 -44.87 -34.79
N ALA E 610 -14.04 -43.55 -34.60
CA ALA E 610 -13.58 -42.94 -33.36
C ALA E 610 -13.71 -41.43 -33.45
N ALA E 611 -13.96 -40.76 -32.32
CA ALA E 611 -14.14 -39.31 -32.33
C ALA E 611 -13.16 -38.66 -31.36
N VAL E 612 -12.61 -37.52 -31.76
CA VAL E 612 -11.83 -36.67 -30.86
C VAL E 612 -12.74 -35.52 -30.45
N VAL E 613 -13.07 -35.47 -29.16
CA VAL E 613 -14.11 -34.56 -28.68
C VAL E 613 -13.57 -33.67 -27.58
N ARG E 614 -14.23 -32.54 -27.38
CA ARG E 614 -13.85 -31.53 -26.41
C ARG E 614 -14.96 -31.37 -25.39
N ASP E 615 -14.59 -31.35 -24.12
CA ASP E 615 -15.54 -31.27 -23.02
C ASP E 615 -15.45 -29.92 -22.31
N GLU E 616 -16.60 -29.25 -22.19
CA GLU E 616 -16.74 -27.99 -21.44
C GLU E 616 -15.86 -26.88 -21.99
N GLU E 617 -15.58 -26.92 -23.30
CA GLU E 617 -14.77 -25.92 -24.01
C GLU E 617 -13.38 -25.74 -23.37
N GLY E 618 -12.80 -26.86 -22.93
CA GLY E 618 -11.49 -26.84 -22.29
C GLY E 618 -10.38 -27.25 -23.24
N GLY E 619 -9.17 -27.27 -22.68
CA GLY E 619 -8.00 -27.67 -23.45
C GLY E 619 -7.85 -29.18 -23.59
N ASP E 620 -8.66 -29.95 -22.85
CA ASP E 620 -8.53 -31.40 -22.88
C ASP E 620 -9.38 -32.00 -23.98
N TYR E 621 -8.78 -32.92 -24.74
CA TYR E 621 -9.45 -33.67 -25.79
C TYR E 621 -9.50 -35.13 -25.41
N THR E 622 -10.67 -35.74 -25.59
CA THR E 622 -10.87 -37.14 -25.23
C THR E 622 -11.33 -37.92 -26.45
N ILE E 623 -11.37 -39.24 -26.31
CA ILE E 623 -11.66 -40.15 -27.41
C ILE E 623 -13.01 -40.82 -27.13
N GLU E 624 -13.94 -40.66 -28.06
CA GLU E 624 -15.17 -41.45 -28.13
C GLU E 624 -14.91 -42.71 -28.94
N ALA E 625 -15.22 -43.85 -28.35
CA ALA E 625 -15.16 -45.11 -29.08
C ALA E 625 -16.28 -45.18 -30.10
N GLY E 626 -15.91 -45.44 -31.35
CA GLY E 626 -16.87 -45.47 -32.43
C GLY E 626 -17.58 -46.81 -32.52
N ALA E 627 -18.46 -46.92 -33.52
CA ALA E 627 -19.29 -48.11 -33.67
C ALA E 627 -18.46 -49.33 -34.02
N LEU E 628 -17.33 -49.13 -34.72
CA LEU E 628 -16.47 -50.27 -35.05
C LEU E 628 -15.78 -50.83 -33.81
N MET E 629 -15.42 -49.98 -32.86
CA MET E 629 -14.81 -50.49 -31.64
C MET E 629 -15.85 -50.92 -30.61
N LEU E 630 -17.09 -50.45 -30.73
CA LEU E 630 -18.14 -50.97 -29.85
C LEU E 630 -18.60 -52.35 -30.29
N ALA E 631 -18.22 -52.78 -31.50
CA ALA E 631 -18.51 -54.11 -32.00
C ALA E 631 -17.22 -54.92 -32.20
N ASP E 632 -16.19 -54.61 -31.43
CA ASP E 632 -14.90 -55.25 -31.61
C ASP E 632 -15.00 -56.70 -31.13
N ASN E 633 -14.47 -57.61 -31.96
CA ASN E 633 -14.74 -59.05 -31.87
C ASN E 633 -16.24 -59.33 -31.80
N GLY E 634 -16.97 -58.63 -32.65
CA GLY E 634 -18.40 -58.81 -32.82
C GLY E 634 -18.79 -58.46 -34.24
N ILE E 635 -20.03 -58.05 -34.44
CA ILE E 635 -20.54 -57.75 -35.78
C ILE E 635 -21.08 -56.33 -35.79
N CYS E 636 -20.57 -55.52 -36.72
CA CYS E 636 -21.11 -54.20 -37.01
C CYS E 636 -22.11 -54.35 -38.15
N CYS E 637 -23.38 -54.07 -37.85
CA CYS E 637 -24.46 -54.23 -38.81
C CYS E 637 -24.84 -52.87 -39.38
N ILE E 638 -24.55 -52.66 -40.66
CA ILE E 638 -24.74 -51.38 -41.30
C ILE E 638 -25.80 -51.53 -42.38
N ASP E 639 -27.01 -51.05 -42.09
CA ASP E 639 -28.07 -51.03 -43.07
C ASP E 639 -27.89 -49.84 -44.00
N GLU E 640 -28.32 -50.02 -45.26
CA GLU E 640 -28.19 -49.02 -46.31
C GLU E 640 -26.74 -48.56 -46.47
N PHE E 641 -25.88 -49.53 -46.76
CA PHE E 641 -24.47 -49.25 -47.01
C PHE E 641 -24.31 -48.40 -48.27
N ASP E 642 -25.28 -48.46 -49.19
CA ASP E 642 -25.23 -47.64 -50.40
C ASP E 642 -25.42 -46.16 -50.10
N LYS E 643 -26.30 -45.82 -49.16
CA LYS E 643 -26.57 -44.42 -48.84
C LYS E 643 -25.45 -43.76 -48.05
N MET E 644 -24.48 -44.53 -47.57
CA MET E 644 -23.32 -43.97 -46.91
C MET E 644 -22.48 -43.18 -47.91
N ASP E 645 -22.01 -42.00 -47.50
CA ASP E 645 -21.24 -41.15 -48.38
C ASP E 645 -19.82 -41.72 -48.56
N ILE E 646 -19.09 -41.13 -49.50
CA ILE E 646 -17.81 -41.69 -49.92
C ILE E 646 -16.75 -41.57 -48.82
N SER E 647 -16.78 -40.48 -48.05
CA SER E 647 -15.77 -40.28 -47.01
C SER E 647 -15.88 -41.34 -45.92
N ASP E 648 -17.10 -41.67 -45.49
CA ASP E 648 -17.26 -42.71 -44.48
C ASP E 648 -16.91 -44.08 -45.04
N GLN E 649 -17.20 -44.33 -46.32
CA GLN E 649 -16.78 -45.59 -46.94
C GLN E 649 -15.27 -45.69 -47.00
N VAL E 650 -14.58 -44.57 -47.23
CA VAL E 650 -13.12 -44.57 -47.21
C VAL E 650 -12.61 -44.87 -45.82
N ALA E 651 -13.17 -44.18 -44.81
CA ALA E 651 -12.74 -44.36 -43.44
C ALA E 651 -13.07 -45.75 -42.90
N ILE E 652 -14.02 -46.46 -43.50
CA ILE E 652 -14.30 -47.81 -43.03
C ILE E 652 -13.52 -48.86 -43.82
N HIS E 653 -13.22 -48.64 -45.10
CA HIS E 653 -12.38 -49.66 -45.73
C HIS E 653 -10.94 -49.55 -45.29
N GLU E 654 -10.52 -48.39 -44.77
CA GLU E 654 -9.21 -48.35 -44.13
C GLU E 654 -9.15 -49.29 -42.92
N ALA E 655 -10.21 -49.28 -42.10
CA ALA E 655 -10.27 -50.19 -40.96
C ALA E 655 -10.59 -51.61 -41.37
N MET E 656 -10.98 -51.82 -42.63
CA MET E 656 -11.07 -53.19 -43.13
C MET E 656 -9.71 -53.66 -43.66
N GLU E 657 -8.93 -52.75 -44.26
CA GLU E 657 -7.58 -53.04 -44.73
C GLU E 657 -6.65 -53.41 -43.59
N GLN E 658 -6.39 -52.46 -42.68
CA GLN E 658 -5.41 -52.73 -41.65
C GLN E 658 -6.01 -53.30 -40.38
N GLN E 659 -7.35 -53.43 -40.30
CA GLN E 659 -8.09 -53.90 -39.14
C GLN E 659 -7.82 -53.03 -37.90
N THR E 660 -7.43 -51.78 -38.12
CA THR E 660 -7.11 -50.84 -37.06
C THR E 660 -7.66 -49.46 -37.44
N ILE E 661 -7.59 -48.53 -36.48
CA ILE E 661 -8.06 -47.17 -36.65
C ILE E 661 -6.92 -46.23 -36.29
N SER E 662 -6.64 -45.25 -37.13
CA SER E 662 -5.59 -44.28 -36.88
C SER E 662 -6.21 -42.92 -36.56
N ILE E 663 -5.68 -42.27 -35.53
CA ILE E 663 -6.15 -40.94 -35.11
C ILE E 663 -4.96 -40.00 -35.11
N ALA E 664 -5.09 -38.86 -35.80
CA ALA E 664 -4.10 -37.80 -35.78
C ALA E 664 -4.73 -36.44 -35.51
N LYS E 665 -5.99 -36.39 -35.11
CA LYS E 665 -6.67 -35.12 -34.93
C LYS E 665 -6.25 -34.46 -33.63
N ALA E 666 -6.08 -33.14 -33.67
CA ALA E 666 -5.67 -32.28 -32.56
C ALA E 666 -4.30 -32.76 -32.07
N GLY E 667 -4.07 -32.83 -30.76
CA GLY E 667 -2.84 -33.35 -30.23
C GLY E 667 -2.84 -34.82 -29.93
N ILE E 668 -3.83 -35.56 -30.41
CA ILE E 668 -3.98 -36.98 -30.09
C ILE E 668 -3.58 -37.80 -31.31
N HIS E 669 -2.60 -38.68 -31.13
CA HIS E 669 -2.18 -39.63 -32.14
C HIS E 669 -2.37 -41.01 -31.52
N ALA E 670 -3.20 -41.84 -32.13
CA ALA E 670 -3.53 -43.12 -31.51
C ALA E 670 -3.75 -44.19 -32.57
N THR E 671 -3.40 -45.42 -32.21
CA THR E 671 -3.74 -46.61 -32.97
C THR E 671 -4.73 -47.42 -32.16
N LEU E 672 -5.85 -47.78 -32.78
CA LEU E 672 -6.99 -48.33 -32.10
C LEU E 672 -7.37 -49.67 -32.72
N ASN E 673 -7.84 -50.59 -31.89
CA ASN E 673 -8.19 -51.92 -32.33
C ASN E 673 -9.64 -51.96 -32.80
N ALA E 674 -9.85 -52.38 -34.04
CA ALA E 674 -11.18 -52.49 -34.61
C ALA E 674 -11.32 -53.76 -35.44
N ARG E 675 -10.80 -54.88 -34.93
CA ARG E 675 -11.01 -56.16 -35.62
C ARG E 675 -12.46 -56.57 -35.41
N THR E 676 -13.25 -56.47 -36.48
CA THR E 676 -14.69 -56.51 -36.41
C THR E 676 -15.25 -57.06 -37.72
N SER E 677 -16.15 -58.03 -37.60
CA SER E 677 -16.89 -58.51 -38.76
C SER E 677 -17.98 -57.51 -39.13
N ILE E 678 -18.22 -57.38 -40.43
CA ILE E 678 -19.16 -56.40 -40.96
C ILE E 678 -20.30 -57.14 -41.64
N LEU E 679 -21.53 -56.86 -41.21
CA LEU E 679 -22.73 -57.31 -41.88
C LEU E 679 -23.40 -56.09 -42.50
N ALA E 680 -23.25 -55.93 -43.80
CA ALA E 680 -23.77 -54.78 -44.51
C ALA E 680 -25.03 -55.16 -45.26
N ALA E 681 -25.95 -54.21 -45.38
CA ALA E 681 -27.15 -54.36 -46.18
C ALA E 681 -27.18 -53.23 -47.19
N ALA E 682 -27.33 -53.56 -48.46
CA ALA E 682 -27.26 -52.58 -49.54
C ALA E 682 -28.41 -52.78 -50.50
N ASN E 683 -28.92 -51.66 -51.01
CA ASN E 683 -29.92 -51.67 -52.06
C ASN E 683 -29.25 -51.38 -53.40
N PRO E 684 -29.72 -51.96 -54.49
CA PRO E 684 -29.11 -51.70 -55.80
C PRO E 684 -29.39 -50.28 -56.26
N VAL E 685 -28.55 -49.83 -57.20
CA VAL E 685 -28.79 -48.54 -57.84
C VAL E 685 -30.06 -48.63 -58.69
N GLY E 686 -30.84 -47.56 -58.69
CA GLY E 686 -32.12 -47.56 -59.36
C GLY E 686 -33.23 -48.26 -58.61
N GLY E 687 -32.98 -48.67 -57.37
CA GLY E 687 -33.99 -49.38 -56.60
C GLY E 687 -33.98 -50.88 -56.80
N ARG E 688 -34.40 -51.32 -57.97
CA ARG E 688 -34.48 -52.75 -58.26
C ARG E 688 -33.13 -53.31 -58.68
N TYR E 689 -33.00 -54.62 -58.57
CA TYR E 689 -31.78 -55.31 -58.99
C TYR E 689 -31.88 -55.67 -60.47
N ASN E 690 -30.90 -55.23 -61.25
CA ASN E 690 -30.84 -55.54 -62.68
C ASN E 690 -30.08 -56.85 -62.86
N ARG E 691 -30.76 -57.86 -63.41
CA ARG E 691 -30.08 -59.14 -63.64
C ARG E 691 -29.06 -59.02 -64.75
N LYS E 692 -29.28 -58.10 -65.70
CA LYS E 692 -28.41 -57.94 -66.85
C LYS E 692 -27.08 -57.29 -66.49
N LEU E 693 -27.00 -56.59 -65.36
CA LEU E 693 -25.78 -55.93 -64.96
C LEU E 693 -25.04 -56.78 -63.92
N SER E 694 -23.73 -56.56 -63.84
CA SER E 694 -22.91 -57.28 -62.88
C SER E 694 -23.16 -56.75 -61.47
N LEU E 695 -22.50 -57.36 -60.48
CA LEU E 695 -22.63 -56.90 -59.11
C LEU E 695 -21.98 -55.53 -58.92
N ARG E 696 -20.92 -55.26 -59.67
CA ARG E 696 -20.26 -53.96 -59.58
C ARG E 696 -21.15 -52.86 -60.14
N GLY E 697 -21.91 -53.16 -61.20
CA GLY E 697 -22.78 -52.16 -61.78
C GLY E 697 -24.03 -51.89 -60.97
N ASN E 698 -24.49 -52.88 -60.20
CA ASN E 698 -25.69 -52.70 -59.40
C ASN E 698 -25.42 -51.89 -58.14
N LEU E 699 -24.16 -51.74 -57.75
CA LEU E 699 -23.80 -51.18 -56.46
C LEU E 699 -22.82 -50.03 -56.62
N ASN E 700 -23.10 -48.92 -55.94
CA ASN E 700 -22.22 -47.77 -55.92
C ASN E 700 -21.08 -47.93 -54.91
N MET E 701 -21.14 -48.96 -54.07
CA MET E 701 -20.05 -49.29 -53.15
C MET E 701 -18.76 -49.55 -53.91
N THR E 702 -17.66 -48.97 -53.41
CA THR E 702 -16.43 -48.91 -54.18
C THR E 702 -15.71 -50.25 -54.19
N ALA E 703 -14.72 -50.36 -55.08
CA ALA E 703 -13.96 -51.60 -55.21
C ALA E 703 -13.18 -52.00 -53.96
N PRO E 704 -12.51 -51.09 -53.22
CA PRO E 704 -11.95 -51.52 -51.92
C PRO E 704 -13.00 -52.01 -50.93
N ILE E 705 -14.22 -51.46 -50.98
CA ILE E 705 -15.30 -52.00 -50.15
C ILE E 705 -15.66 -53.41 -50.59
N MET E 706 -15.81 -53.60 -51.91
CA MET E 706 -16.28 -54.88 -52.44
C MET E 706 -15.25 -55.99 -52.28
N SER E 707 -13.96 -55.65 -52.33
CA SER E 707 -12.91 -56.66 -52.34
C SER E 707 -12.78 -57.40 -51.02
N ARG E 708 -13.22 -56.80 -49.91
CA ARG E 708 -13.10 -57.44 -48.61
C ARG E 708 -14.39 -58.05 -48.09
N PHE E 709 -15.43 -58.15 -48.92
CA PHE E 709 -16.63 -58.88 -48.52
C PHE E 709 -16.55 -60.31 -49.04
N ASP E 710 -16.56 -61.28 -48.12
CA ASP E 710 -16.44 -62.68 -48.50
C ASP E 710 -17.72 -63.21 -49.16
N LEU E 711 -18.87 -62.85 -48.62
CA LEU E 711 -20.15 -63.33 -49.13
C LEU E 711 -21.00 -62.16 -49.61
N PHE E 712 -21.52 -62.26 -50.82
CA PHE E 712 -22.44 -61.30 -51.40
C PHE E 712 -23.74 -62.04 -51.68
N PHE E 713 -24.70 -61.92 -50.77
CA PHE E 713 -25.97 -62.63 -50.90
C PHE E 713 -26.95 -61.72 -51.63
N VAL E 714 -27.23 -62.03 -52.89
CA VAL E 714 -28.22 -61.31 -53.67
C VAL E 714 -29.53 -62.08 -53.55
N ILE E 715 -30.44 -61.54 -52.76
CA ILE E 715 -31.71 -62.18 -52.46
C ILE E 715 -32.81 -61.50 -53.27
N LEU E 716 -33.60 -62.28 -53.99
CA LEU E 716 -34.44 -61.74 -55.04
C LEU E 716 -35.89 -62.15 -54.83
N ASP E 717 -36.79 -61.36 -55.42
CA ASP E 717 -38.22 -61.62 -55.36
C ASP E 717 -38.66 -62.25 -56.67
N ASP E 718 -39.24 -63.45 -56.59
CA ASP E 718 -39.85 -64.10 -57.74
C ASP E 718 -41.31 -64.38 -57.40
N CYS E 719 -42.19 -64.15 -58.37
CA CYS E 719 -43.63 -64.17 -58.12
C CYS E 719 -44.19 -65.52 -58.57
N ASN E 720 -44.34 -66.44 -57.63
CA ASN E 720 -45.07 -67.68 -57.84
C ASN E 720 -46.00 -67.90 -56.66
N GLU E 721 -47.10 -68.59 -56.91
CA GLU E 721 -48.21 -68.63 -55.96
C GLU E 721 -47.86 -69.38 -54.68
N LYS E 722 -47.08 -70.46 -54.79
CA LYS E 722 -46.87 -71.35 -53.66
C LYS E 722 -46.07 -70.69 -52.54
N ILE E 723 -44.90 -70.13 -52.87
CA ILE E 723 -44.07 -69.58 -51.81
C ILE E 723 -44.61 -68.24 -51.34
N ASP E 724 -45.31 -67.49 -52.21
CA ASP E 724 -45.98 -66.29 -51.77
C ASP E 724 -47.10 -66.61 -50.80
N THR E 725 -47.87 -67.67 -51.07
CA THR E 725 -48.93 -68.08 -50.15
C THR E 725 -48.34 -68.53 -48.81
N GLU E 726 -47.27 -69.32 -48.85
CA GLU E 726 -46.66 -69.79 -47.61
C GLU E 726 -46.05 -68.64 -46.82
N LEU E 727 -45.41 -67.69 -47.51
CA LEU E 727 -44.84 -66.52 -46.84
C LEU E 727 -45.92 -65.65 -46.22
N ALA E 728 -47.03 -65.43 -46.93
CA ALA E 728 -48.14 -64.67 -46.39
C ALA E 728 -48.73 -65.35 -45.16
N SER E 729 -48.87 -66.69 -45.22
CA SER E 729 -49.35 -67.43 -44.07
C SER E 729 -48.40 -67.28 -42.89
N HIS E 730 -47.09 -67.31 -43.15
CA HIS E 730 -46.10 -67.15 -42.10
C HIS E 730 -46.19 -65.77 -41.45
N ILE E 731 -46.36 -64.73 -42.26
CA ILE E 731 -46.42 -63.37 -41.72
C ILE E 731 -47.69 -63.14 -40.93
N VAL E 732 -48.83 -63.63 -41.42
CA VAL E 732 -50.07 -63.46 -40.67
C VAL E 732 -50.05 -64.30 -39.39
N ASP E 733 -49.43 -65.48 -39.43
CA ASP E 733 -49.26 -66.26 -38.20
C ASP E 733 -48.38 -65.52 -37.20
N LEU E 734 -47.33 -64.84 -37.69
CA LEU E 734 -46.52 -64.01 -36.80
C LEU E 734 -47.35 -62.92 -36.15
N HIS E 735 -48.16 -62.20 -36.94
CA HIS E 735 -48.96 -61.12 -36.39
C HIS E 735 -50.02 -61.65 -35.41
N MET E 736 -50.54 -62.84 -35.66
CA MET E 736 -51.55 -63.40 -34.77
C MET E 736 -50.94 -63.90 -33.46
N LYS E 737 -49.77 -64.54 -33.52
CA LYS E 737 -49.32 -65.37 -32.42
C LYS E 737 -48.07 -64.86 -31.69
N ARG E 738 -47.36 -63.87 -32.24
CA ARG E 738 -46.15 -63.31 -31.64
C ARG E 738 -45.09 -64.39 -31.40
N ASP E 739 -44.85 -64.73 -30.13
CA ASP E 739 -43.83 -65.74 -29.83
C ASP E 739 -44.34 -67.15 -30.06
N GLU E 740 -45.65 -67.34 -30.16
CA GLU E 740 -46.18 -68.68 -30.41
C GLU E 740 -45.94 -69.12 -31.84
N ALA E 741 -45.79 -68.17 -32.78
CA ALA E 741 -45.52 -68.50 -34.17
C ALA E 741 -44.04 -68.81 -34.41
N ILE E 742 -43.18 -68.62 -33.43
CA ILE E 742 -41.75 -68.85 -33.56
C ILE E 742 -41.42 -70.13 -32.79
N GLU E 743 -40.97 -71.16 -33.52
CA GLU E 743 -40.60 -72.44 -32.93
C GLU E 743 -39.25 -72.88 -33.50
N PRO E 744 -38.15 -72.32 -33.01
CA PRO E 744 -36.84 -72.69 -33.52
C PRO E 744 -36.36 -73.99 -32.88
N PRO E 745 -35.42 -74.70 -33.52
CA PRO E 745 -34.85 -75.90 -32.89
C PRO E 745 -34.14 -75.61 -31.58
N PHE E 746 -33.47 -74.46 -31.46
CA PHE E 746 -32.80 -74.08 -30.22
C PHE E 746 -33.23 -72.67 -29.82
N SER E 747 -33.30 -72.45 -28.51
CA SER E 747 -33.58 -71.11 -28.01
C SER E 747 -32.33 -70.24 -28.13
N ALA E 748 -32.49 -68.95 -27.81
CA ALA E 748 -31.41 -68.00 -28.00
C ALA E 748 -30.27 -68.25 -27.02
N GLU E 749 -30.58 -68.59 -25.77
CA GLU E 749 -29.53 -68.72 -24.76
C GLU E 749 -28.66 -69.96 -25.01
N GLN E 750 -29.28 -71.08 -25.41
CA GLN E 750 -28.49 -72.27 -25.72
C GLN E 750 -27.74 -72.11 -27.04
N LEU E 751 -28.31 -71.34 -27.97
CA LEU E 751 -27.60 -71.00 -29.19
C LEU E 751 -26.35 -70.18 -28.87
N ARG E 752 -26.47 -69.20 -27.98
CA ARG E 752 -25.34 -68.38 -27.60
C ARG E 752 -24.27 -69.18 -26.86
N ARG E 753 -24.70 -70.09 -25.98
CA ARG E 753 -23.73 -70.94 -25.30
C ARG E 753 -23.00 -71.85 -26.27
N TYR E 754 -23.72 -72.39 -27.26
CA TYR E 754 -23.07 -73.23 -28.27
C TYR E 754 -22.09 -72.42 -29.11
N ILE E 755 -22.45 -71.18 -29.48
CA ILE E 755 -21.56 -70.34 -30.27
C ILE E 755 -20.31 -69.99 -29.48
N LYS E 756 -20.47 -69.63 -28.21
CA LYS E 756 -19.33 -69.26 -27.39
C LYS E 756 -18.44 -70.46 -27.08
N TYR E 757 -19.03 -71.66 -27.00
CA TYR E 757 -18.21 -72.86 -26.90
C TYR E 757 -17.45 -73.13 -28.18
N ALA E 758 -18.12 -73.01 -29.33
CA ALA E 758 -17.51 -73.34 -30.61
C ALA E 758 -16.45 -72.35 -31.04
N ARG E 759 -16.52 -71.11 -30.56
CA ARG E 759 -15.46 -70.14 -30.86
C ARG E 759 -14.14 -70.45 -30.18
N THR E 760 -14.14 -71.35 -29.18
CA THR E 760 -12.89 -71.72 -28.53
C THR E 760 -12.04 -72.62 -29.41
N PHE E 761 -12.65 -73.33 -30.36
CA PHE E 761 -11.92 -74.23 -31.23
C PHE E 761 -11.10 -73.45 -32.25
N LYS E 762 -9.94 -74.01 -32.60
CA LYS E 762 -9.09 -73.47 -33.66
C LYS E 762 -8.83 -74.56 -34.68
N PRO E 763 -9.69 -74.72 -35.69
CA PRO E 763 -9.54 -75.83 -36.63
C PRO E 763 -8.30 -75.69 -37.49
N ILE E 764 -7.71 -76.83 -37.83
CA ILE E 764 -6.45 -76.91 -38.56
C ILE E 764 -6.69 -77.73 -39.82
N LEU E 765 -6.24 -77.22 -40.96
CA LEU E 765 -6.38 -77.94 -42.21
C LEU E 765 -5.52 -79.21 -42.21
N THR E 766 -6.10 -80.28 -42.73
CA THR E 766 -5.45 -81.58 -42.80
C THR E 766 -4.67 -81.70 -44.11
N LYS E 767 -4.04 -82.86 -44.30
CA LYS E 767 -3.25 -83.07 -45.51
C LYS E 767 -4.12 -83.20 -46.75
N GLU E 768 -5.24 -83.93 -46.64
CA GLU E 768 -6.12 -84.09 -47.79
C GLU E 768 -6.95 -82.85 -48.06
N ALA E 769 -7.24 -82.08 -47.00
CA ALA E 769 -8.03 -80.87 -47.15
C ALA E 769 -7.31 -79.84 -48.00
N ARG E 770 -5.98 -79.80 -47.91
CA ARG E 770 -5.16 -78.90 -48.73
C ARG E 770 -5.38 -79.17 -50.21
N SER E 771 -5.23 -80.43 -50.63
CA SER E 771 -5.36 -80.77 -52.04
C SER E 771 -6.80 -80.62 -52.52
N TYR E 772 -7.77 -80.98 -51.68
CA TYR E 772 -9.16 -80.86 -52.11
C TYR E 772 -9.56 -79.39 -52.23
N LEU E 773 -9.03 -78.54 -51.35
CA LEU E 773 -9.21 -77.09 -51.42
C LEU E 773 -8.63 -76.52 -52.71
N VAL E 774 -7.40 -76.91 -53.05
CA VAL E 774 -6.82 -76.34 -54.27
C VAL E 774 -7.53 -76.86 -55.51
N GLU E 775 -8.06 -78.10 -55.46
CA GLU E 775 -8.87 -78.57 -56.59
C GLU E 775 -10.16 -77.78 -56.72
N LYS E 776 -10.81 -77.44 -55.60
CA LYS E 776 -12.00 -76.62 -55.68
C LYS E 776 -11.70 -75.21 -56.20
N TYR E 777 -10.57 -74.64 -55.79
CA TYR E 777 -10.18 -73.34 -56.34
C TYR E 777 -9.94 -73.42 -57.84
N LYS E 778 -9.27 -74.50 -58.29
CA LYS E 778 -9.04 -74.69 -59.71
C LYS E 778 -10.35 -74.81 -60.49
N GLU E 779 -11.29 -75.60 -59.98
CA GLU E 779 -12.53 -75.80 -60.73
C GLU E 779 -13.42 -74.57 -60.67
N LEU E 780 -13.31 -73.77 -59.60
CA LEU E 780 -14.08 -72.53 -59.51
C LEU E 780 -13.56 -71.50 -60.52
N ARG E 781 -12.24 -71.35 -60.62
CA ARG E 781 -11.69 -70.45 -61.62
C ARG E 781 -11.91 -70.99 -63.03
N LYS E 782 -11.96 -72.31 -63.20
CA LYS E 782 -12.31 -72.89 -64.49
C LYS E 782 -13.76 -72.57 -64.86
N ASP E 783 -14.65 -72.59 -63.86
CA ASP E 783 -16.03 -72.17 -64.09
C ASP E 783 -16.09 -70.71 -64.50
N ASP E 784 -15.25 -69.85 -63.88
CA ASP E 784 -15.14 -68.47 -64.34
C ASP E 784 -14.70 -68.38 -65.79
N ALA E 785 -13.68 -69.15 -66.16
CA ALA E 785 -13.15 -69.08 -67.53
C ALA E 785 -14.19 -69.54 -68.54
N GLN E 786 -14.95 -70.58 -68.21
CA GLN E 786 -16.01 -71.05 -69.09
C GLN E 786 -17.19 -70.09 -69.15
N GLY E 787 -17.50 -69.41 -68.04
CA GLY E 787 -18.64 -68.51 -68.00
C GLY E 787 -18.40 -67.16 -68.63
N PHE E 788 -17.14 -66.70 -68.62
CA PHE E 788 -16.72 -65.40 -69.16
C PHE E 788 -17.48 -64.30 -68.43
N SER E 789 -18.33 -63.53 -69.09
CA SER E 789 -19.04 -62.41 -68.46
C SER E 789 -20.33 -62.83 -67.78
N ARG E 790 -20.67 -64.12 -67.80
CA ARG E 790 -21.94 -64.55 -67.19
C ARG E 790 -21.89 -64.50 -65.67
N SER E 791 -20.68 -64.54 -65.09
CA SER E 791 -20.55 -64.47 -63.64
C SER E 791 -20.78 -63.05 -63.14
N SER E 792 -21.35 -62.95 -61.93
CA SER E 792 -21.60 -61.63 -61.34
C SER E 792 -20.30 -60.95 -60.94
N TYR E 793 -19.43 -61.67 -60.23
CA TYR E 793 -18.09 -61.17 -59.95
C TYR E 793 -17.14 -62.37 -59.99
N ARG E 794 -15.96 -62.15 -60.56
CA ARG E 794 -15.03 -63.24 -60.80
C ARG E 794 -14.31 -63.63 -59.52
N ILE E 795 -13.96 -64.91 -59.45
CA ILE E 795 -13.20 -65.45 -58.32
C ILE E 795 -11.71 -65.18 -58.53
N THR E 796 -11.11 -64.57 -57.51
CA THR E 796 -9.68 -64.32 -57.40
C THR E 796 -9.16 -65.07 -56.17
N VAL E 797 -7.93 -64.76 -55.77
CA VAL E 797 -7.33 -65.37 -54.59
C VAL E 797 -8.16 -65.05 -53.34
N ARG E 798 -8.70 -63.83 -53.25
CA ARG E 798 -9.46 -63.40 -52.08
C ARG E 798 -10.63 -64.34 -51.80
N GLN E 799 -11.21 -64.91 -52.85
CA GLN E 799 -12.21 -65.94 -52.64
C GLN E 799 -11.60 -67.23 -52.11
N LEU E 800 -10.30 -67.48 -52.33
CA LEU E 800 -9.69 -68.64 -51.71
C LEU E 800 -9.46 -68.43 -50.22
N GLU E 801 -9.01 -67.22 -49.81
CA GLU E 801 -8.97 -66.98 -48.36
C GLU E 801 -10.36 -66.99 -47.75
N SER E 802 -11.37 -66.52 -48.48
CA SER E 802 -12.73 -66.59 -47.94
C SER E 802 -13.21 -68.03 -47.84
N MET E 803 -12.79 -68.89 -48.77
CA MET E 803 -13.13 -70.31 -48.71
C MET E 803 -12.50 -70.98 -47.50
N ILE E 804 -11.23 -70.66 -47.23
CA ILE E 804 -10.57 -71.18 -46.03
C ILE E 804 -11.26 -70.68 -44.77
N ARG E 805 -11.63 -69.39 -44.76
CA ARG E 805 -12.31 -68.80 -43.61
C ARG E 805 -13.66 -69.46 -43.37
N LEU E 806 -14.43 -69.69 -44.43
CA LEU E 806 -15.73 -70.33 -44.29
C LEU E 806 -15.59 -71.79 -43.86
N SER E 807 -14.54 -72.47 -44.36
CA SER E 807 -14.29 -73.85 -43.94
C SER E 807 -13.95 -73.93 -42.47
N GLU E 808 -13.14 -72.99 -41.99
CA GLU E 808 -12.84 -72.91 -40.55
C GLU E 808 -14.10 -72.64 -39.75
N ALA E 809 -14.97 -71.76 -40.26
CA ALA E 809 -16.22 -71.46 -39.57
C ALA E 809 -17.14 -72.68 -39.51
N ILE E 810 -17.22 -73.45 -40.59
CA ILE E 810 -18.03 -74.67 -40.59
C ILE E 810 -17.44 -75.71 -39.64
N ALA E 811 -16.12 -75.83 -39.63
CA ALA E 811 -15.47 -76.76 -38.69
C ALA E 811 -15.71 -76.34 -37.25
N ARG E 812 -15.77 -75.03 -36.98
CA ARG E 812 -16.19 -74.56 -35.68
C ARG E 812 -17.65 -74.91 -35.39
N ALA E 813 -18.51 -74.85 -36.42
CA ALA E 813 -19.93 -75.11 -36.22
C ALA E 813 -20.19 -76.54 -35.75
N ASN E 814 -19.36 -77.48 -36.18
CA ASN E 814 -19.49 -78.88 -35.78
C ASN E 814 -18.60 -79.24 -34.60
N CYS E 815 -17.87 -78.26 -34.04
CA CYS E 815 -17.00 -78.44 -32.87
C CYS E 815 -15.95 -79.53 -33.11
N VAL E 816 -15.10 -79.31 -34.11
CA VAL E 816 -13.99 -80.21 -34.40
C VAL E 816 -12.70 -79.39 -34.40
N ASP E 817 -11.58 -80.11 -34.31
CA ASP E 817 -10.27 -79.48 -34.30
C ASP E 817 -9.55 -79.55 -35.63
N GLU E 818 -10.03 -80.36 -36.57
CA GLU E 818 -9.40 -80.50 -37.87
C GLU E 818 -10.45 -80.38 -38.96
N ILE E 819 -10.08 -79.74 -40.07
CA ILE E 819 -11.01 -79.45 -41.15
C ILE E 819 -11.05 -80.65 -42.09
N THR E 820 -12.17 -81.29 -42.13
CA THR E 820 -12.62 -82.39 -42.96
C THR E 820 -12.96 -81.87 -44.36
N PRO E 821 -12.62 -82.61 -45.42
CA PRO E 821 -12.93 -82.15 -46.79
C PRO E 821 -14.42 -81.92 -47.06
N SER E 822 -15.32 -82.54 -46.30
CA SER E 822 -16.74 -82.22 -46.45
C SER E 822 -17.02 -80.77 -46.06
N PHE E 823 -16.31 -80.26 -45.06
CA PHE E 823 -16.45 -78.86 -44.69
C PHE E 823 -15.95 -77.95 -45.80
N ILE E 824 -14.86 -78.36 -46.45
CA ILE E 824 -14.37 -77.66 -47.64
C ILE E 824 -15.45 -77.63 -48.71
N ALA E 825 -16.10 -78.77 -48.93
CA ALA E 825 -17.14 -78.85 -49.97
C ALA E 825 -18.34 -77.97 -49.62
N GLU E 826 -18.72 -77.93 -48.34
CA GLU E 826 -19.83 -77.08 -47.91
C GLU E 826 -19.50 -75.61 -48.08
N ALA E 827 -18.29 -75.19 -47.70
CA ALA E 827 -17.89 -73.80 -47.90
C ALA E 827 -17.86 -73.44 -49.37
N TYR E 828 -17.34 -74.34 -50.21
CA TYR E 828 -17.27 -74.08 -51.64
C TYR E 828 -18.66 -74.03 -52.25
N ASP E 829 -19.57 -74.88 -51.78
CA ASP E 829 -20.95 -74.87 -52.28
C ASP E 829 -21.65 -73.57 -51.91
N LEU E 830 -21.48 -73.11 -50.68
CA LEU E 830 -22.07 -71.85 -50.25
C LEU E 830 -21.50 -70.68 -51.05
N LEU E 831 -20.19 -70.68 -51.29
CA LEU E 831 -19.59 -69.60 -52.06
C LEU E 831 -20.03 -69.64 -53.51
N ARG E 832 -20.19 -70.84 -54.10
CA ARG E 832 -20.70 -70.92 -55.47
C ARG E 832 -22.12 -70.39 -55.56
N GLN E 833 -22.97 -70.75 -54.60
CA GLN E 833 -24.34 -70.26 -54.58
C GLN E 833 -24.43 -68.76 -54.27
N SER E 834 -23.37 -68.17 -53.71
CA SER E 834 -23.36 -66.73 -53.54
C SER E 834 -23.36 -65.99 -54.88
N ILE E 835 -22.54 -66.42 -55.82
CA ILE E 835 -22.49 -65.82 -57.15
C ILE E 835 -23.69 -66.30 -57.98
N ILE E 836 -24.42 -65.35 -58.55
CA ILE E 836 -25.53 -65.66 -59.44
C ILE E 836 -25.11 -65.33 -60.86
N ARG E 837 -25.72 -66.04 -61.81
CA ARG E 837 -25.39 -65.85 -63.23
C ARG E 837 -26.08 -64.61 -63.79
N VAL E 838 -25.36 -63.87 -64.61
CA VAL E 838 -25.88 -62.66 -65.23
C VAL E 838 -26.69 -63.05 -66.46
N ASP E 839 -27.94 -62.59 -66.53
CA ASP E 839 -28.79 -62.87 -67.67
C ASP E 839 -28.32 -62.08 -68.88
N VAL E 840 -28.28 -62.74 -70.04
CA VAL E 840 -27.81 -62.15 -71.29
C VAL E 840 -28.95 -62.14 -72.29
N ASP E 841 -29.17 -60.99 -72.92
CA ASP E 841 -30.20 -60.87 -73.94
C ASP E 841 -29.82 -61.68 -75.18
N ASP E 842 -30.83 -62.25 -75.82
CA ASP E 842 -30.62 -63.06 -77.02
C ASP E 842 -30.26 -62.18 -78.21
N VAL E 843 -29.36 -62.70 -79.05
CA VAL E 843 -28.92 -61.98 -80.23
C VAL E 843 -29.61 -62.53 -81.47
N SER F 2 -11.20 25.64 -5.14
CA SER F 2 -9.79 25.49 -5.47
C SER F 2 -9.57 25.56 -6.97
N ALA F 3 -8.31 25.77 -7.36
CA ALA F 3 -7.96 25.86 -8.78
C ALA F 3 -7.81 24.50 -9.43
N ALA F 4 -7.89 23.41 -8.67
CA ALA F 4 -7.81 22.08 -9.25
C ALA F 4 -9.07 21.73 -10.03
N LEU F 5 -10.20 22.33 -9.68
CA LEU F 5 -11.45 22.21 -10.42
C LEU F 5 -11.90 23.62 -10.75
N PRO F 6 -11.33 24.22 -11.80
CA PRO F 6 -11.61 25.63 -12.10
C PRO F 6 -13.01 25.80 -12.67
N SER F 7 -13.47 27.05 -12.65
CA SER F 7 -14.82 27.40 -13.03
C SER F 7 -14.83 28.32 -14.24
N ILE F 8 -15.86 28.17 -15.09
CA ILE F 8 -16.11 29.06 -16.21
C ILE F 8 -17.54 29.60 -16.11
N GLN F 9 -17.74 30.74 -16.76
CA GLN F 9 -19.03 31.41 -16.79
C GLN F 9 -19.74 31.08 -18.09
N LEU F 10 -20.94 30.53 -18.00
CA LEU F 10 -21.73 30.20 -19.16
C LEU F 10 -22.95 31.11 -19.24
N PRO F 11 -23.43 31.41 -20.46
CA PRO F 11 -24.64 32.23 -20.58
C PRO F 11 -25.89 31.57 -20.02
N VAL F 12 -25.89 30.26 -19.86
CA VAL F 12 -27.06 29.54 -19.37
C VAL F 12 -27.20 29.75 -17.86
N ASP F 13 -28.43 29.99 -17.43
CA ASP F 13 -28.78 30.08 -16.00
C ASP F 13 -29.97 29.18 -15.77
N TYR F 14 -29.87 28.26 -14.81
CA TYR F 14 -30.88 27.23 -14.65
C TYR F 14 -31.99 27.63 -13.68
N ASN F 15 -31.97 28.85 -13.15
CA ASN F 15 -33.06 29.30 -12.29
C ASN F 15 -34.16 29.99 -13.10
N ASN F 16 -33.80 30.98 -13.90
CA ASN F 16 -34.77 31.66 -14.74
C ASN F 16 -35.34 30.76 -15.85
N LEU F 17 -34.53 29.84 -16.38
CA LEU F 17 -35.08 28.84 -17.29
C LEU F 17 -36.06 27.90 -16.59
N PHE F 18 -35.80 27.50 -15.34
CA PHE F 18 -36.75 26.65 -14.64
C PHE F 18 -38.05 27.40 -14.35
N ASN F 19 -37.96 28.68 -13.99
CA ASN F 19 -39.17 29.49 -13.83
C ASN F 19 -39.93 29.64 -15.14
N GLU F 20 -39.20 29.81 -16.24
CA GLU F 20 -39.82 29.84 -17.56
C GLU F 20 -40.52 28.52 -17.89
N ILE F 21 -39.90 27.41 -17.48
CA ILE F 21 -40.49 26.09 -17.71
C ILE F 21 -41.80 25.96 -16.95
N THR F 22 -41.81 26.36 -15.67
CA THR F 22 -43.03 26.29 -14.88
C THR F 22 -44.12 27.18 -15.47
N ASP F 23 -43.75 28.40 -15.86
CA ASP F 23 -44.72 29.32 -16.45
C ASP F 23 -45.28 28.77 -17.77
N PHE F 24 -44.43 28.16 -18.59
CA PHE F 24 -44.87 27.53 -19.83
C PHE F 24 -45.82 26.38 -19.57
N LEU F 25 -45.52 25.56 -18.56
CA LEU F 25 -46.41 24.43 -18.25
C LEU F 25 -47.77 24.89 -17.77
N VAL F 26 -47.84 25.91 -16.91
CA VAL F 26 -49.13 26.40 -16.43
C VAL F 26 -49.90 27.15 -17.50
N THR F 27 -49.26 28.05 -18.24
CA THR F 27 -49.99 29.09 -18.97
C THR F 27 -50.07 28.86 -20.47
N PHE F 28 -49.64 27.71 -20.98
CA PHE F 28 -49.70 27.49 -22.43
C PHE F 28 -51.11 27.03 -22.80
N LYS F 29 -51.68 27.66 -23.83
CA LYS F 29 -52.99 27.30 -24.36
C LYS F 29 -52.88 27.28 -25.88
N GLN F 30 -52.99 26.10 -26.48
CA GLN F 30 -52.92 25.99 -27.93
C GLN F 30 -54.19 26.56 -28.56
N ASP F 31 -54.01 27.26 -29.68
CA ASP F 31 -55.14 27.85 -30.39
C ASP F 31 -54.81 28.02 -31.87
N LYS F 59 -59.67 21.27 -22.78
CA LYS F 59 -60.17 21.99 -21.61
C LYS F 59 -59.04 22.69 -20.87
N GLY F 60 -58.97 24.01 -21.01
CA GLY F 60 -57.95 24.80 -20.35
C GLY F 60 -56.58 24.62 -20.97
N PRO F 61 -55.54 24.74 -20.15
CA PRO F 61 -54.18 24.56 -20.66
C PRO F 61 -53.92 23.13 -21.10
N LYS F 62 -53.01 23.00 -22.08
CA LYS F 62 -52.72 21.69 -22.67
C LYS F 62 -51.98 20.80 -21.70
N TYR F 63 -50.95 21.34 -21.07
CA TYR F 63 -50.08 20.55 -20.19
C TYR F 63 -50.61 20.47 -18.75
N MET F 64 -51.80 21.00 -18.47
CA MET F 64 -52.50 20.62 -17.25
C MET F 64 -53.62 19.62 -17.50
N ALA F 65 -54.14 19.56 -18.72
CA ALA F 65 -54.95 18.41 -19.10
C ALA F 65 -54.11 17.16 -19.24
N MET F 66 -52.90 17.30 -19.79
CA MET F 66 -52.01 16.15 -19.97
C MET F 66 -51.56 15.56 -18.64
N LEU F 67 -51.12 16.41 -17.71
CA LEU F 67 -50.80 15.94 -16.37
C LEU F 67 -52.01 15.47 -15.58
N GLN F 68 -53.21 15.98 -15.88
CA GLN F 68 -54.40 15.42 -15.25
C GLN F 68 -54.66 14.01 -15.73
N LYS F 69 -54.48 13.76 -17.02
CA LYS F 69 -54.62 12.41 -17.54
C LYS F 69 -53.51 11.49 -17.03
N VAL F 70 -52.31 12.03 -16.82
CA VAL F 70 -51.22 11.24 -16.24
C VAL F 70 -51.55 10.87 -14.80
N ALA F 71 -52.06 11.82 -14.02
CA ALA F 71 -52.38 11.56 -12.62
C ALA F 71 -53.53 10.58 -12.46
N ASN F 72 -54.47 10.58 -13.40
CA ASN F 72 -55.59 9.64 -13.38
C ASN F 72 -55.22 8.28 -13.95
N ARG F 73 -53.94 8.04 -14.20
CA ARG F 73 -53.39 6.79 -14.74
C ARG F 73 -53.98 6.45 -16.11
N GLU F 74 -54.35 7.47 -16.89
CA GLU F 74 -54.86 7.27 -18.24
C GLU F 74 -53.84 7.62 -19.31
N LEU F 75 -52.64 8.07 -18.92
CA LEU F 75 -51.61 8.43 -19.88
C LEU F 75 -50.26 8.13 -19.27
N ASN F 76 -49.39 7.50 -20.05
CA ASN F 76 -48.10 7.02 -19.57
C ASN F 76 -46.92 7.86 -20.01
N SER F 77 -47.09 8.76 -20.97
CA SER F 77 -45.98 9.53 -21.50
C SER F 77 -46.36 11.00 -21.62
N VAL F 78 -45.41 11.87 -21.31
CA VAL F 78 -45.57 13.31 -21.49
C VAL F 78 -44.66 13.72 -22.64
N ILE F 79 -45.25 14.22 -23.72
CA ILE F 79 -44.50 14.64 -24.90
C ILE F 79 -44.48 16.16 -24.91
N ILE F 80 -43.28 16.73 -24.77
CA ILE F 80 -43.10 18.17 -24.79
C ILE F 80 -42.78 18.59 -26.21
N ASP F 81 -43.52 19.58 -26.72
CA ASP F 81 -43.38 20.04 -28.09
C ASP F 81 -42.51 21.29 -28.09
N LEU F 82 -41.42 21.27 -28.85
CA LEU F 82 -40.62 22.47 -29.02
C LEU F 82 -41.34 23.53 -29.83
N ASP F 83 -42.31 23.13 -30.67
CA ASP F 83 -43.20 24.08 -31.30
C ASP F 83 -43.99 24.87 -30.26
N ASP F 84 -44.46 24.18 -29.22
CA ASP F 84 -45.21 24.84 -28.15
C ASP F 84 -44.33 25.85 -27.41
N ILE F 85 -43.08 25.47 -27.12
CA ILE F 85 -42.19 26.37 -26.39
C ILE F 85 -41.81 27.58 -27.24
N LEU F 86 -41.56 27.35 -28.54
CA LEU F 86 -41.29 28.45 -29.45
C LEU F 86 -42.48 29.39 -29.56
N GLN F 87 -43.69 28.83 -29.65
CA GLN F 87 -44.89 29.66 -29.68
C GLN F 87 -45.06 30.45 -28.40
N TYR F 88 -44.78 29.82 -27.25
CA TYR F 88 -44.88 30.48 -25.96
C TYR F 88 -43.93 31.67 -25.86
N GLN F 89 -42.66 31.46 -26.25
CA GLN F 89 -41.72 32.57 -26.34
C GLN F 89 -42.20 33.63 -27.33
N ASN F 90 -42.95 33.22 -28.35
CA ASN F 90 -43.45 34.20 -29.31
C ASN F 90 -44.53 35.10 -28.71
N GLU F 91 -45.48 34.55 -27.94
CA GLU F 91 -46.43 35.52 -27.39
C GLU F 91 -45.81 36.30 -26.23
N LYS F 92 -44.81 35.75 -25.55
CA LYS F 92 -44.09 36.59 -24.59
C LYS F 92 -43.32 37.73 -25.26
N PHE F 93 -42.76 37.47 -26.44
CA PHE F 93 -42.10 38.55 -27.18
C PHE F 93 -43.12 39.56 -27.70
N LEU F 94 -44.30 39.10 -28.10
CA LEU F 94 -45.33 40.02 -28.56
C LEU F 94 -45.89 40.86 -27.42
N GLN F 95 -46.00 40.28 -26.21
CA GLN F 95 -46.45 41.06 -25.06
C GLN F 95 -45.42 42.07 -24.60
N GLY F 96 -44.16 41.91 -25.00
CA GLY F 96 -43.10 42.84 -24.66
C GLY F 96 -42.18 42.39 -23.54
N THR F 97 -42.57 41.37 -22.77
CA THR F 97 -41.73 40.88 -21.70
C THR F 97 -40.54 40.11 -22.27
N GLN F 98 -39.47 40.06 -21.49
CA GLN F 98 -38.23 39.41 -21.89
C GLN F 98 -38.29 37.93 -21.53
N ALA F 99 -38.05 37.07 -22.51
CA ALA F 99 -38.06 35.63 -22.32
C ALA F 99 -36.77 35.03 -22.88
N ASP F 100 -36.21 34.08 -22.14
CA ASP F 100 -34.99 33.42 -22.57
C ASP F 100 -35.29 32.45 -23.71
N ASP F 101 -34.25 32.10 -24.45
CA ASP F 101 -34.37 31.15 -25.57
C ASP F 101 -34.28 29.74 -24.99
N LEU F 102 -35.43 29.23 -24.54
CA LEU F 102 -35.47 27.90 -23.93
C LEU F 102 -35.30 26.81 -24.98
N VAL F 103 -35.72 27.07 -26.21
CA VAL F 103 -35.67 26.03 -27.26
C VAL F 103 -34.23 25.71 -27.63
N SER F 104 -33.39 26.74 -27.80
CA SER F 104 -31.99 26.50 -28.11
C SER F 104 -31.26 25.85 -26.94
N ALA F 105 -31.62 26.24 -25.71
CA ALA F 105 -31.04 25.62 -24.53
C ALA F 105 -31.39 24.14 -24.45
N ILE F 106 -32.62 23.78 -24.84
CA ILE F 106 -32.99 22.37 -24.91
C ILE F 106 -32.21 21.68 -26.02
N GLN F 107 -32.10 22.32 -27.18
CA GLN F 107 -31.45 21.69 -28.33
C GLN F 107 -29.95 21.49 -28.10
N GLN F 108 -29.38 22.24 -27.17
CA GLN F 108 -27.96 22.08 -26.90
C GLN F 108 -27.68 21.11 -25.76
N ASN F 109 -28.55 21.09 -24.76
CA ASN F 109 -28.30 20.35 -23.51
C ASN F 109 -29.55 19.63 -23.01
N ALA F 110 -30.18 18.83 -23.90
CA ALA F 110 -31.48 18.25 -23.61
C ALA F 110 -31.46 17.29 -22.42
N ASN F 111 -30.30 16.69 -22.13
CA ASN F 111 -30.22 15.67 -21.08
C ASN F 111 -30.52 16.28 -19.71
N HIS F 112 -30.02 17.48 -19.44
CA HIS F 112 -30.34 18.17 -18.18
C HIS F 112 -31.79 18.64 -18.17
N PHE F 113 -32.30 19.07 -19.31
CA PHE F 113 -33.64 19.59 -19.36
C PHE F 113 -34.69 18.50 -19.20
N THR F 114 -34.31 17.24 -19.39
CA THR F 114 -35.21 16.15 -19.06
C THR F 114 -35.59 16.17 -17.58
N GLU F 115 -34.60 16.18 -16.68
CA GLU F 115 -34.95 16.23 -15.27
C GLU F 115 -35.40 17.60 -14.82
N LEU F 116 -35.04 18.68 -15.54
CA LEU F 116 -35.63 19.98 -15.23
C LEU F 116 -37.13 19.98 -15.47
N PHE F 117 -37.57 19.48 -16.64
CA PHE F 117 -39.00 19.31 -16.86
C PHE F 117 -39.64 18.35 -15.89
N CYS F 118 -38.94 17.27 -15.53
CA CYS F 118 -39.53 16.29 -14.62
C CYS F 118 -39.76 16.90 -13.23
N ARG F 119 -38.80 17.70 -12.76
CA ARG F 119 -38.95 18.40 -11.49
C ARG F 119 -40.08 19.42 -11.56
N ALA F 120 -40.19 20.15 -12.67
CA ALA F 120 -41.28 21.13 -12.81
C ALA F 120 -42.63 20.44 -12.86
N ILE F 121 -42.72 19.31 -13.55
CA ILE F 121 -43.98 18.56 -13.64
C ILE F 121 -44.38 18.02 -12.28
N ASP F 122 -43.41 17.48 -11.53
CA ASP F 122 -43.72 16.99 -10.20
C ASP F 122 -44.03 18.11 -9.22
N ASN F 123 -43.59 19.35 -9.51
CA ASN F 123 -43.91 20.47 -8.63
C ASN F 123 -45.40 20.78 -8.64
N ASN F 124 -46.02 20.79 -9.82
CA ASN F 124 -47.46 21.05 -9.94
C ASN F 124 -48.12 19.84 -10.61
N MET F 125 -48.39 18.82 -9.79
CA MET F 125 -48.99 17.58 -10.24
C MET F 125 -50.41 17.51 -9.71
N PRO F 126 -51.43 17.45 -10.58
CA PRO F 126 -52.81 17.43 -10.10
C PRO F 126 -53.12 16.16 -9.32
N LEU F 127 -54.05 16.29 -8.38
CA LEU F 127 -54.48 15.13 -7.61
C LEU F 127 -55.38 14.25 -8.47
N PRO F 128 -55.31 12.93 -8.32
CA PRO F 128 -56.14 12.05 -9.15
C PRO F 128 -57.61 12.12 -8.75
N THR F 129 -58.48 12.25 -9.75
CA THR F 129 -59.92 12.26 -9.47
C THR F 129 -60.42 10.87 -9.10
N LYS F 130 -59.99 9.87 -9.84
CA LYS F 130 -60.44 8.50 -9.59
C LYS F 130 -59.59 7.83 -8.52
N GLU F 131 -60.26 7.13 -7.62
CA GLU F 131 -59.58 6.39 -6.56
C GLU F 131 -58.93 5.14 -7.14
N ILE F 132 -57.93 4.64 -6.42
CA ILE F 132 -57.20 3.46 -6.86
C ILE F 132 -58.05 2.23 -6.57
N ASP F 133 -57.89 1.19 -7.38
CA ASP F 133 -58.75 0.02 -7.31
C ASP F 133 -57.93 -1.24 -7.58
N TYR F 134 -58.63 -2.36 -7.70
CA TYR F 134 -58.01 -3.66 -7.93
C TYR F 134 -57.70 -3.91 -9.40
N LYS F 135 -58.26 -3.11 -10.31
CA LYS F 135 -57.94 -3.20 -11.73
C LYS F 135 -56.82 -2.23 -12.12
N ASP F 136 -55.91 -1.95 -11.20
CA ASP F 136 -54.86 -0.95 -11.34
C ASP F 136 -53.49 -1.62 -11.32
N ASP F 137 -52.53 -0.96 -11.96
CA ASP F 137 -51.20 -1.54 -12.17
C ASP F 137 -50.43 -1.66 -10.86
N VAL F 138 -49.49 -2.60 -10.83
CA VAL F 138 -48.69 -2.86 -9.63
C VAL F 138 -47.72 -1.72 -9.35
N LEU F 139 -47.13 -1.15 -10.41
CA LEU F 139 -46.24 0.00 -10.22
C LEU F 139 -47.01 1.19 -9.68
N ASP F 140 -48.27 1.33 -10.09
CA ASP F 140 -49.09 2.45 -9.64
C ASP F 140 -49.46 2.32 -8.17
N VAL F 141 -49.78 1.11 -7.71
CA VAL F 141 -50.10 0.94 -6.29
C VAL F 141 -48.83 1.08 -5.45
N ILE F 142 -47.67 0.66 -5.98
CA ILE F 142 -46.42 0.89 -5.27
C ILE F 142 -46.15 2.38 -5.12
N LEU F 143 -46.38 3.15 -6.19
CA LEU F 143 -46.14 4.59 -6.14
C LEU F 143 -47.11 5.27 -5.18
N ASN F 144 -48.37 4.84 -5.17
CA ASN F 144 -49.34 5.38 -4.23
C ASN F 144 -48.95 5.09 -2.79
N GLN F 145 -48.48 3.87 -2.53
CA GLN F 145 -48.03 3.51 -1.18
C GLN F 145 -46.81 4.32 -0.78
N ARG F 146 -45.90 4.59 -1.73
CA ARG F 146 -44.73 5.40 -1.42
C ARG F 146 -45.11 6.84 -1.08
N ARG F 147 -46.04 7.43 -1.83
CA ARG F 147 -46.48 8.79 -1.53
C ARG F 147 -47.19 8.86 -0.17
N LEU F 148 -48.07 7.90 0.11
CA LEU F 148 -48.75 7.88 1.40
C LEU F 148 -47.77 7.67 2.54
N ARG F 149 -46.74 6.83 2.32
CA ARG F 149 -45.78 6.54 3.37
C ARG F 149 -44.93 7.78 3.65
N ASN F 150 -44.57 8.52 2.60
CA ASN F 150 -43.86 9.79 2.77
C ASN F 150 -44.69 10.80 3.55
N GLU F 151 -45.99 10.89 3.23
CA GLU F 151 -46.87 11.78 3.97
C GLU F 151 -46.95 11.38 5.44
N ARG F 152 -46.97 10.08 5.71
CA ARG F 152 -47.01 9.61 7.09
C ARG F 152 -45.71 9.93 7.84
N MET F 153 -44.57 9.81 7.17
CA MET F 153 -43.30 10.23 7.79
C MET F 153 -43.32 11.71 8.14
N LEU F 154 -43.77 12.54 7.19
CA LEU F 154 -43.79 13.98 7.43
C LEU F 154 -44.72 14.33 8.60
N SER F 155 -45.92 13.74 8.62
CA SER F 155 -46.86 14.02 9.71
C SER F 155 -46.34 13.53 11.05
N ASP F 156 -45.76 12.33 11.09
CA ASP F 156 -45.26 11.78 12.36
C ASP F 156 -44.10 12.59 12.90
N ARG F 157 -43.17 13.01 12.03
CA ARG F 157 -42.04 13.80 12.49
C ARG F 157 -42.48 15.20 12.93
N THR F 158 -43.47 15.78 12.23
CA THR F 158 -44.04 17.04 12.67
C THR F 158 -44.67 16.91 14.06
N ASN F 159 -45.41 15.83 14.29
CA ASN F 159 -46.04 15.61 15.59
C ASN F 159 -44.99 15.42 16.69
N GLU F 160 -43.93 14.65 16.42
CA GLU F 160 -42.91 14.44 17.44
C GLU F 160 -42.15 15.73 17.77
N ILE F 161 -41.78 16.50 16.75
CA ILE F 161 -41.04 17.73 16.99
C ILE F 161 -41.92 18.76 17.71
N ARG F 162 -43.21 18.84 17.34
CA ARG F 162 -44.11 19.75 18.02
C ARG F 162 -44.38 19.31 19.45
N SER F 163 -44.47 18.00 19.70
CA SER F 163 -44.68 17.50 21.04
C SER F 163 -43.44 17.62 21.93
N GLU F 164 -42.26 17.76 21.33
CA GLU F 164 -41.07 17.98 22.14
C GLU F 164 -41.10 19.33 22.85
N ASN F 165 -41.56 20.38 22.15
CA ASN F 165 -41.77 21.72 22.70
C ASN F 165 -40.46 22.29 23.27
N LEU F 166 -39.53 22.57 22.36
CA LEU F 166 -38.19 22.99 22.76
C LEU F 166 -38.17 24.37 23.39
N MET F 167 -38.88 25.34 22.78
CA MET F 167 -38.80 26.72 23.21
C MET F 167 -40.01 27.21 24.01
N ASP F 168 -41.16 26.53 23.89
CA ASP F 168 -42.40 26.90 24.58
C ASP F 168 -42.82 28.35 24.31
N THR F 169 -42.72 28.77 23.04
CA THR F 169 -43.24 30.08 22.66
C THR F 169 -44.48 29.91 21.77
N PRO F 173 -45.19 34.36 16.92
CA PRO F 173 -44.97 34.08 15.50
C PRO F 173 -45.32 32.65 15.11
N PRO F 174 -46.61 32.37 14.87
CA PRO F 174 -46.99 30.99 14.52
C PRO F 174 -46.55 30.59 13.13
N SER F 175 -46.67 31.49 12.14
CA SER F 175 -46.34 31.13 10.77
C SER F 175 -44.85 30.86 10.59
N SER F 176 -43.99 31.69 11.19
CA SER F 176 -42.56 31.46 11.13
C SER F 176 -42.17 30.18 11.85
N MET F 177 -42.83 29.88 12.98
CA MET F 177 -42.58 28.63 13.69
C MET F 177 -42.96 27.43 12.84
N ASN F 178 -44.11 27.51 12.16
CA ASN F 178 -44.52 26.41 11.27
C ASN F 178 -43.55 26.25 10.10
N ASP F 179 -43.06 27.37 9.55
CA ASP F 179 -42.11 27.29 8.44
C ASP F 179 -40.79 26.66 8.87
N ALA F 180 -40.27 27.07 10.04
CA ALA F 180 -39.03 26.49 10.54
C ALA F 180 -39.20 25.02 10.90
N LEU F 181 -40.35 24.66 11.48
CA LEU F 181 -40.61 23.27 11.81
C LEU F 181 -40.72 22.42 10.54
N ARG F 182 -41.36 22.95 9.50
CA ARG F 182 -41.43 22.25 8.22
C ARG F 182 -40.05 22.05 7.62
N GLU F 183 -39.20 23.07 7.71
CA GLU F 183 -37.86 22.97 7.12
C GLU F 183 -37.01 21.96 7.88
N VAL F 184 -37.09 21.94 9.22
CA VAL F 184 -36.32 20.95 9.98
C VAL F 184 -36.88 19.54 9.78
N VAL F 185 -38.20 19.38 9.60
CA VAL F 185 -38.76 18.07 9.30
C VAL F 185 -38.30 17.58 7.94
N GLU F 186 -38.35 18.46 6.93
CA GLU F 186 -37.97 18.06 5.58
C GLU F 186 -36.47 17.86 5.44
N ASP F 187 -35.66 18.42 6.33
CA ASP F 187 -34.23 18.10 6.31
C ASP F 187 -33.84 16.93 7.20
N GLU F 188 -34.66 16.55 8.18
CA GLU F 188 -34.26 15.44 9.04
C GLU F 188 -34.82 14.11 8.56
N THR F 189 -36.02 14.12 7.97
CA THR F 189 -36.61 12.89 7.45
C THR F 189 -35.94 12.44 6.17
N GLU F 190 -35.94 11.13 5.94
CA GLU F 190 -35.62 10.55 4.64
C GLU F 190 -36.89 10.06 3.97
N LEU F 191 -37.30 10.75 2.91
CA LEU F 191 -38.48 10.40 2.15
C LEU F 191 -38.08 9.57 0.95
N PHE F 192 -39.07 8.95 0.31
CA PHE F 192 -38.87 8.41 -1.01
C PHE F 192 -38.62 9.57 -1.96
N PRO F 193 -37.58 9.53 -2.77
CA PRO F 193 -37.27 10.67 -3.65
C PRO F 193 -38.32 10.79 -4.75
N PRO F 194 -38.39 11.93 -5.42
CA PRO F 194 -39.35 12.06 -6.54
C PRO F 194 -39.14 11.04 -7.63
N ASN F 195 -37.88 10.65 -7.91
CA ASN F 195 -37.57 9.72 -9.00
C ASN F 195 -38.27 8.38 -8.81
N LEU F 196 -38.41 7.95 -7.56
CA LEU F 196 -39.13 6.71 -7.26
C LEU F 196 -40.64 6.88 -7.26
N THR F 197 -41.16 8.02 -7.71
CA THR F 197 -42.60 8.26 -7.71
C THR F 197 -43.13 8.73 -9.07
N ARG F 198 -42.33 8.67 -10.13
CA ARG F 198 -42.81 8.98 -11.47
C ARG F 198 -43.49 7.77 -12.08
N ARG F 199 -44.70 7.98 -12.60
CA ARG F 199 -45.40 7.00 -13.41
C ARG F 199 -45.41 7.37 -14.87
N TYR F 200 -44.62 8.36 -15.28
CA TYR F 200 -44.66 8.89 -16.62
C TYR F 200 -43.25 8.95 -17.20
N PHE F 201 -43.17 8.88 -18.52
CA PHE F 201 -41.92 9.00 -19.26
C PHE F 201 -41.97 10.25 -20.11
N LEU F 202 -40.91 11.03 -20.06
CA LEU F 202 -40.88 12.35 -20.68
C LEU F 202 -39.99 12.33 -21.91
N TYR F 203 -40.52 12.84 -23.02
CA TYR F 203 -39.82 12.81 -24.29
C TYR F 203 -39.93 14.18 -24.97
N PHE F 204 -39.04 14.39 -25.93
CA PHE F 204 -38.91 15.66 -26.65
C PHE F 204 -39.40 15.46 -28.07
N LYS F 205 -40.39 16.25 -28.48
CA LYS F 205 -40.72 16.30 -29.90
C LYS F 205 -39.97 17.47 -30.54
N PRO F 206 -39.22 17.23 -31.61
CA PRO F 206 -38.48 18.31 -32.25
C PRO F 206 -39.41 19.31 -32.91
N LEU F 207 -38.92 20.54 -33.06
CA LEU F 207 -39.72 21.56 -33.71
C LEU F 207 -39.84 21.27 -35.20
N SER F 208 -41.05 21.47 -35.73
CA SER F 208 -41.29 21.24 -37.14
C SER F 208 -40.60 22.31 -37.98
N GLN F 209 -40.25 21.94 -39.22
CA GLN F 209 -39.57 22.87 -40.11
C GLN F 209 -40.50 24.00 -40.55
N ASN F 210 -41.79 23.71 -40.73
CA ASN F 210 -42.73 24.74 -41.15
C ASN F 210 -42.91 25.81 -40.07
N CYS F 211 -43.05 25.38 -38.81
CA CYS F 211 -43.19 26.34 -37.72
C CYS F 211 -41.92 27.16 -37.52
N ALA F 212 -40.76 26.57 -37.84
CA ALA F 212 -39.53 27.35 -37.87
C ALA F 212 -39.53 28.35 -39.02
N ARG F 213 -40.12 27.98 -40.16
CA ARG F 213 -40.19 28.89 -41.29
C ARG F 213 -41.13 30.07 -41.02
N ARG F 214 -42.21 29.84 -40.27
CA ARG F 214 -43.13 30.93 -39.94
C ARG F 214 -42.46 32.00 -39.08
N TYR F 215 -41.64 31.56 -38.12
CA TYR F 215 -41.18 32.42 -37.03
C TYR F 215 -39.69 32.73 -37.10
N ARG F 216 -39.07 32.52 -38.27
CA ARG F 216 -37.67 32.90 -38.53
C ARG F 216 -36.69 32.25 -37.57
N LYS F 217 -36.96 31.00 -37.21
CA LYS F 217 -36.08 30.22 -36.35
C LYS F 217 -35.33 29.18 -37.17
N LYS F 218 -34.04 29.03 -36.89
CA LYS F 218 -33.19 28.06 -37.58
C LYS F 218 -32.63 27.12 -36.53
N ALA F 219 -33.09 25.87 -36.54
CA ALA F 219 -32.77 24.90 -35.51
C ALA F 219 -32.05 23.71 -36.12
N ILE F 220 -31.02 23.21 -35.43
CA ILE F 220 -30.31 22.02 -35.90
C ILE F 220 -31.12 20.76 -35.62
N SER F 221 -32.09 20.83 -34.71
CA SER F 221 -32.85 19.63 -34.33
C SER F 221 -33.80 19.20 -35.43
N SER F 222 -34.34 20.16 -36.19
CA SER F 222 -35.36 19.83 -37.18
C SER F 222 -34.77 19.13 -38.39
N LYS F 223 -33.57 19.49 -38.81
CA LYS F 223 -33.03 19.00 -40.08
C LYS F 223 -32.56 17.56 -39.96
N PRO F 224 -32.97 16.67 -40.86
CA PRO F 224 -32.51 15.27 -40.79
C PRO F 224 -31.04 15.18 -41.20
N LEU F 225 -30.25 14.56 -40.34
CA LEU F 225 -28.86 14.26 -40.65
C LEU F 225 -28.70 12.80 -41.04
N SER F 226 -27.56 12.50 -41.62
CA SER F 226 -27.13 11.12 -41.84
C SER F 226 -26.15 10.73 -40.74
N VAL F 227 -25.75 9.46 -40.74
CA VAL F 227 -24.81 8.99 -39.72
C VAL F 227 -23.45 9.65 -39.89
N ARG F 228 -23.03 9.86 -41.14
CA ARG F 228 -21.78 10.55 -41.42
C ARG F 228 -21.80 11.99 -40.92
N GLN F 229 -22.94 12.66 -41.04
CA GLN F 229 -23.05 14.06 -40.64
C GLN F 229 -23.13 14.24 -39.14
N ILE F 230 -23.36 13.17 -38.37
CA ILE F 230 -23.44 13.24 -36.92
C ILE F 230 -22.02 13.03 -36.38
N LYS F 231 -21.39 14.13 -35.97
CA LYS F 231 -20.02 14.13 -35.53
C LYS F 231 -19.95 14.30 -34.01
N GLY F 232 -18.73 14.45 -33.50
CA GLY F 232 -18.54 14.59 -32.06
C GLY F 232 -18.96 15.94 -31.51
N ASP F 233 -19.18 16.92 -32.37
CA ASP F 233 -19.65 18.23 -31.94
C ASP F 233 -21.15 18.26 -31.66
N PHE F 234 -21.89 17.19 -31.98
CA PHE F 234 -23.31 17.11 -31.71
C PHE F 234 -23.64 16.36 -30.43
N LEU F 235 -22.64 15.98 -29.64
CA LEU F 235 -22.89 15.22 -28.43
C LEU F 235 -23.58 16.07 -27.38
N GLY F 236 -24.62 15.50 -26.76
CA GLY F 236 -25.43 16.22 -25.81
C GLY F 236 -26.56 17.01 -26.42
N GLN F 237 -26.64 17.06 -27.74
CA GLN F 237 -27.65 17.83 -28.44
C GLN F 237 -28.81 16.95 -28.87
N LEU F 238 -29.99 17.55 -28.95
CA LEU F 238 -31.17 16.89 -29.49
C LEU F 238 -31.11 17.00 -31.01
N ILE F 239 -30.88 15.87 -31.69
CA ILE F 239 -30.68 15.85 -33.13
C ILE F 239 -31.59 14.79 -33.74
N THR F 240 -31.83 14.94 -35.04
CA THR F 240 -32.69 14.03 -35.80
C THR F 240 -31.87 13.34 -36.87
N VAL F 241 -31.99 12.01 -36.94
CA VAL F 241 -31.30 11.19 -37.93
C VAL F 241 -32.34 10.50 -38.80
N ARG F 242 -32.08 10.46 -40.10
CA ARG F 242 -32.94 9.81 -41.07
C ARG F 242 -32.27 8.55 -41.61
N GLY F 243 -32.99 7.44 -41.60
CA GLY F 243 -32.41 6.24 -42.16
C GLY F 243 -33.30 5.02 -42.03
N ILE F 244 -32.75 3.89 -42.45
CA ILE F 244 -33.40 2.60 -42.38
C ILE F 244 -33.02 1.91 -41.08
N ILE F 245 -33.98 1.22 -40.47
CA ILE F 245 -33.70 0.39 -39.30
C ILE F 245 -33.31 -1.00 -39.79
N THR F 246 -32.14 -1.46 -39.37
CA THR F 246 -31.64 -2.75 -39.82
C THR F 246 -31.75 -3.83 -38.75
N ARG F 247 -31.68 -3.46 -37.48
CA ARG F 247 -31.69 -4.40 -36.38
C ARG F 247 -32.50 -3.82 -35.23
N VAL F 248 -33.37 -4.65 -34.64
CA VAL F 248 -34.11 -4.28 -33.43
C VAL F 248 -33.96 -5.40 -32.43
N SER F 249 -33.46 -5.07 -31.24
CA SER F 249 -33.33 -6.05 -30.18
C SER F 249 -34.68 -6.29 -29.51
N ASP F 250 -34.75 -7.37 -28.74
CA ASP F 250 -35.96 -7.66 -27.98
C ASP F 250 -36.03 -6.74 -26.76
N VAL F 251 -37.26 -6.47 -26.32
CA VAL F 251 -37.46 -5.59 -25.17
C VAL F 251 -37.01 -6.29 -23.91
N LYS F 252 -36.11 -5.65 -23.17
CA LYS F 252 -35.59 -6.27 -21.96
C LYS F 252 -35.65 -5.29 -20.80
N PRO F 253 -35.78 -5.78 -19.57
CA PRO F 253 -35.79 -4.88 -18.41
C PRO F 253 -34.39 -4.44 -18.03
N ALA F 254 -34.10 -3.16 -18.25
CA ALA F 254 -32.85 -2.55 -17.82
C ALA F 254 -33.11 -1.83 -16.50
N VAL F 255 -32.40 -2.23 -15.46
CA VAL F 255 -32.64 -1.66 -14.14
C VAL F 255 -32.01 -0.28 -14.07
N GLU F 256 -32.78 0.69 -13.60
CA GLU F 256 -32.27 2.03 -13.37
C GLU F 256 -31.84 2.24 -11.92
N VAL F 257 -32.65 1.80 -10.97
CA VAL F 257 -32.30 1.81 -9.56
C VAL F 257 -32.73 0.48 -8.95
N ILE F 258 -31.86 -0.09 -8.12
CA ILE F 258 -32.07 -1.39 -7.51
C ILE F 258 -32.59 -1.16 -6.11
N ALA F 259 -33.62 -1.90 -5.73
CA ALA F 259 -34.21 -1.82 -4.40
C ALA F 259 -33.80 -3.03 -3.57
N TYR F 260 -33.39 -2.77 -2.33
CA TYR F 260 -33.00 -3.80 -1.38
C TYR F 260 -33.81 -3.64 -0.12
N THR F 261 -34.11 -4.77 0.52
CA THR F 261 -34.76 -4.79 1.81
C THR F 261 -33.77 -5.27 2.86
N CYS F 262 -33.84 -4.66 4.03
CA CYS F 262 -33.04 -5.06 5.18
C CYS F 262 -33.96 -5.56 6.28
N ASP F 263 -33.76 -6.82 6.70
CA ASP F 263 -34.57 -7.37 7.77
C ASP F 263 -34.16 -6.82 9.14
N GLN F 264 -32.95 -6.28 9.24
CA GLN F 264 -32.46 -5.79 10.52
C GLN F 264 -33.13 -4.49 10.92
N CYS F 265 -33.30 -3.57 9.97
CA CYS F 265 -33.81 -2.24 10.27
C CYS F 265 -35.13 -1.91 9.60
N GLY F 266 -35.51 -2.63 8.54
CA GLY F 266 -36.75 -2.37 7.85
C GLY F 266 -36.68 -1.32 6.76
N TYR F 267 -35.52 -0.72 6.52
CA TYR F 267 -35.37 0.27 5.49
C TYR F 267 -35.33 -0.39 4.11
N GLU F 268 -35.61 0.41 3.09
CA GLU F 268 -35.40 0.03 1.70
C GLU F 268 -34.28 0.87 1.14
N VAL F 269 -33.23 0.20 0.66
CA VAL F 269 -32.03 0.87 0.17
C VAL F 269 -32.01 0.80 -1.35
N PHE F 270 -31.91 1.96 -1.99
CA PHE F 270 -31.96 2.06 -3.44
C PHE F 270 -30.62 2.54 -3.96
N GLN F 271 -30.02 1.79 -4.87
CA GLN F 271 -28.77 2.19 -5.51
C GLN F 271 -29.00 2.41 -6.99
N GLU F 272 -28.60 3.58 -7.49
CA GLU F 272 -28.82 3.90 -8.89
C GLU F 272 -27.85 3.14 -9.78
N VAL F 273 -28.26 2.92 -11.02
CA VAL F 273 -27.42 2.26 -12.02
C VAL F 273 -27.45 3.11 -13.28
N ASN F 274 -26.28 3.56 -13.71
CA ASN F 274 -26.15 4.33 -14.95
C ASN F 274 -25.12 3.70 -15.88
N SER F 275 -24.79 2.43 -15.69
CA SER F 275 -23.81 1.73 -16.50
C SER F 275 -24.37 0.39 -16.96
N ARG F 276 -23.62 -0.27 -17.84
CA ARG F 276 -24.04 -1.57 -18.36
C ARG F 276 -23.88 -2.67 -17.32
N THR F 277 -22.98 -2.49 -16.35
CA THR F 277 -22.77 -3.47 -15.29
C THR F 277 -22.82 -2.75 -13.94
N PHE F 278 -23.14 -3.52 -12.90
CA PHE F 278 -23.17 -2.99 -11.54
C PHE F 278 -22.67 -4.04 -10.57
N THR F 279 -22.28 -3.57 -9.38
CA THR F 279 -21.94 -4.43 -8.27
C THR F 279 -23.04 -4.37 -7.23
N PRO F 280 -23.63 -5.50 -6.86
CA PRO F 280 -24.72 -5.48 -5.87
C PRO F 280 -24.22 -5.11 -4.49
N LEU F 281 -25.13 -4.57 -3.69
CA LEU F 281 -24.80 -4.19 -2.32
C LEU F 281 -25.08 -5.34 -1.36
N SER F 282 -24.17 -5.53 -0.42
CA SER F 282 -24.27 -6.61 0.57
C SER F 282 -24.66 -6.11 1.94
N GLU F 283 -23.96 -5.12 2.48
CA GLU F 283 -24.24 -4.59 3.80
C GLU F 283 -25.14 -3.35 3.71
N CYS F 284 -26.00 -3.19 4.71
CA CYS F 284 -27.01 -2.14 4.66
C CYS F 284 -26.38 -0.78 4.92
N THR F 285 -26.75 0.20 4.09
CA THR F 285 -26.21 1.54 4.17
C THR F 285 -27.22 2.55 4.71
N SER F 286 -28.30 2.08 5.32
CA SER F 286 -29.24 2.98 5.96
C SER F 286 -28.64 3.55 7.24
N GLU F 287 -29.23 4.64 7.73
CA GLU F 287 -28.67 5.32 8.90
C GLU F 287 -28.70 4.44 10.14
N GLU F 288 -29.79 3.68 10.32
CA GLU F 288 -29.89 2.80 11.48
C GLU F 288 -28.80 1.74 11.49
N CYS F 289 -28.54 1.13 10.33
CA CYS F 289 -27.46 0.15 10.25
C CYS F 289 -26.08 0.81 10.20
N SER F 290 -25.98 2.01 9.64
CA SER F 290 -24.69 2.70 9.61
C SER F 290 -24.23 3.06 11.02
N GLN F 291 -25.16 3.48 11.87
CA GLN F 291 -24.80 3.78 13.25
C GLN F 291 -24.57 2.53 14.08
N ASN F 292 -25.36 1.48 13.85
CA ASN F 292 -25.32 0.29 14.69
C ASN F 292 -24.07 -0.54 14.41
N GLN F 293 -23.62 -1.24 15.45
CA GLN F 293 -22.46 -2.12 15.30
C GLN F 293 -22.77 -3.30 14.39
N THR F 294 -23.95 -3.89 14.54
CA THR F 294 -24.38 -5.01 13.69
C THR F 294 -24.97 -4.47 12.40
N LYS F 295 -24.48 -4.97 11.27
CA LYS F 295 -24.96 -4.55 9.97
C LYS F 295 -25.93 -5.58 9.42
N GLY F 296 -27.04 -5.11 8.87
CA GLY F 296 -27.98 -5.99 8.23
C GLY F 296 -27.53 -6.40 6.84
N GLN F 297 -28.24 -7.38 6.28
CA GLN F 297 -27.95 -7.90 4.95
C GLN F 297 -29.06 -7.49 3.99
N LEU F 298 -28.68 -6.93 2.86
CA LEU F 298 -29.63 -6.46 1.86
C LEU F 298 -30.04 -7.60 0.94
N PHE F 299 -31.34 -7.66 0.64
CA PHE F 299 -31.88 -8.62 -0.32
C PHE F 299 -32.57 -7.87 -1.44
N MET F 300 -32.33 -8.26 -2.69
CA MET F 300 -32.94 -7.60 -3.82
C MET F 300 -34.45 -7.82 -3.84
N SER F 301 -35.19 -6.75 -4.13
CA SER F 301 -36.64 -6.80 -4.29
C SER F 301 -36.98 -6.28 -5.67
N THR F 302 -37.30 -7.20 -6.58
CA THR F 302 -37.47 -6.83 -7.99
C THR F 302 -38.76 -6.06 -8.24
N ARG F 303 -39.79 -6.28 -7.41
CA ARG F 303 -41.01 -5.50 -7.56
C ARG F 303 -40.83 -4.06 -7.10
N ALA F 304 -40.01 -3.84 -6.07
CA ALA F 304 -39.77 -2.48 -5.58
C ALA F 304 -38.71 -1.74 -6.39
N SER F 305 -37.96 -2.42 -7.25
CA SER F 305 -36.93 -1.77 -8.04
C SER F 305 -37.52 -1.21 -9.33
N LYS F 306 -36.80 -0.27 -9.92
CA LYS F 306 -37.26 0.45 -11.09
C LYS F 306 -36.57 -0.07 -12.34
N PHE F 307 -37.37 -0.47 -13.32
CA PHE F 307 -36.89 -0.98 -14.60
C PHE F 307 -37.40 -0.10 -15.72
N SER F 308 -36.66 -0.12 -16.82
CA SER F 308 -37.10 0.49 -18.06
C SER F 308 -37.13 -0.57 -19.14
N ALA F 309 -38.17 -0.51 -19.97
CA ALA F 309 -38.20 -1.32 -21.18
C ALA F 309 -37.13 -0.80 -22.12
N PHE F 310 -36.14 -1.63 -22.43
CA PHE F 310 -34.95 -1.21 -23.15
C PHE F 310 -34.86 -1.98 -24.46
N GLN F 311 -34.58 -1.25 -25.54
CA GLN F 311 -34.29 -1.81 -26.84
C GLN F 311 -33.09 -1.09 -27.44
N GLU F 312 -32.25 -1.83 -28.15
CA GLU F 312 -31.17 -1.26 -28.93
C GLU F 312 -31.46 -1.50 -30.40
N CYS F 313 -31.40 -0.45 -31.21
CA CYS F 313 -31.68 -0.53 -32.62
C CYS F 313 -30.48 -0.04 -33.41
N LYS F 314 -30.37 -0.51 -34.65
CA LYS F 314 -29.34 -0.09 -35.57
C LYS F 314 -29.99 0.70 -36.70
N ILE F 315 -29.48 1.90 -36.95
CA ILE F 315 -29.97 2.72 -38.05
C ILE F 315 -28.84 2.90 -39.05
N GLN F 316 -29.19 2.84 -40.33
CA GLN F 316 -28.26 2.94 -41.43
C GLN F 316 -28.74 4.01 -42.39
N GLU F 317 -27.80 4.80 -42.92
CA GLU F 317 -28.20 5.90 -43.79
C GLU F 317 -28.63 5.38 -45.15
N LEU F 318 -29.59 6.09 -45.75
CA LEU F 318 -30.16 5.68 -47.01
C LEU F 318 -29.14 5.81 -48.13
N SER F 319 -29.42 5.12 -49.24
CA SER F 319 -28.53 5.15 -50.39
C SER F 319 -28.42 6.55 -50.98
N GLN F 320 -29.42 7.40 -50.76
CA GLN F 320 -29.32 8.79 -51.21
C GLN F 320 -28.36 9.60 -50.34
N GLN F 321 -28.05 9.11 -49.14
CA GLN F 321 -27.14 9.81 -48.24
C GLN F 321 -25.71 9.29 -48.31
N VAL F 322 -25.51 8.09 -48.84
CA VAL F 322 -24.16 7.53 -48.96
C VAL F 322 -23.43 8.25 -50.09
N PRO F 323 -22.22 8.76 -49.86
CA PRO F 323 -21.48 9.44 -50.94
C PRO F 323 -20.98 8.46 -51.98
N VAL F 324 -20.23 9.00 -52.94
CA VAL F 324 -19.77 8.21 -54.07
C VAL F 324 -18.71 7.21 -53.63
N GLY F 325 -18.96 5.93 -53.91
CA GLY F 325 -17.99 4.89 -53.66
C GLY F 325 -17.85 4.46 -52.22
N HIS F 326 -18.84 4.74 -51.37
CA HIS F 326 -18.74 4.47 -49.95
C HIS F 326 -19.71 3.37 -49.54
N ILE F 327 -19.39 2.74 -48.40
CA ILE F 327 -20.21 1.71 -47.79
C ILE F 327 -21.03 2.36 -46.68
N PRO F 328 -22.32 2.07 -46.57
CA PRO F 328 -23.12 2.66 -45.48
C PRO F 328 -22.65 2.19 -44.12
N ARG F 329 -22.70 3.10 -43.16
CA ARG F 329 -22.37 2.83 -41.77
C ARG F 329 -23.64 2.86 -40.91
N SER F 330 -23.45 2.61 -39.62
CA SER F 330 -24.58 2.41 -38.72
C SER F 330 -24.41 3.25 -37.46
N LEU F 331 -25.54 3.50 -36.81
CA LEU F 331 -25.60 4.22 -35.54
C LEU F 331 -26.52 3.47 -34.58
N ASN F 332 -26.18 3.51 -33.30
CA ASN F 332 -26.93 2.82 -32.27
C ASN F 332 -27.99 3.74 -31.67
N ILE F 333 -29.22 3.26 -31.61
CA ILE F 333 -30.34 3.99 -31.04
C ILE F 333 -30.80 3.25 -29.79
N HIS F 334 -30.85 3.98 -28.67
CA HIS F 334 -31.34 3.44 -27.41
C HIS F 334 -32.77 3.88 -27.22
N VAL F 335 -33.68 2.91 -27.09
CA VAL F 335 -35.09 3.19 -26.88
C VAL F 335 -35.44 2.73 -25.47
N ASN F 336 -35.98 3.64 -24.67
CA ASN F 336 -36.33 3.37 -23.29
C ASN F 336 -37.75 3.85 -23.01
N GLY F 337 -38.47 3.09 -22.20
CA GLY F 337 -39.78 3.52 -21.74
C GLY F 337 -40.88 3.16 -22.72
N THR F 338 -41.79 4.12 -22.93
CA THR F 338 -42.99 3.89 -23.73
C THR F 338 -42.67 3.68 -25.21
N LEU F 339 -41.62 4.32 -25.72
CA LEU F 339 -41.30 4.31 -27.13
C LEU F 339 -40.83 2.96 -27.66
N VAL F 340 -40.76 1.93 -26.83
CA VAL F 340 -40.35 0.61 -27.30
C VAL F 340 -41.38 0.05 -28.26
N ARG F 341 -40.93 -0.83 -29.15
CA ARG F 341 -41.70 -1.48 -30.21
C ARG F 341 -42.25 -0.48 -31.23
N SER F 342 -41.70 0.72 -31.29
CA SER F 342 -42.04 1.68 -32.34
C SER F 342 -41.06 1.65 -33.49
N LEU F 343 -39.99 0.85 -33.40
CA LEU F 343 -39.02 0.68 -34.46
C LEU F 343 -38.96 -0.79 -34.85
N SER F 344 -39.04 -1.06 -36.14
CA SER F 344 -38.93 -2.40 -36.67
C SER F 344 -37.97 -2.40 -37.85
N PRO F 345 -37.31 -3.52 -38.11
CA PRO F 345 -36.39 -3.58 -39.26
C PRO F 345 -37.11 -3.35 -40.58
N GLY F 346 -36.45 -2.63 -41.47
CA GLY F 346 -37.03 -2.27 -42.75
C GLY F 346 -37.90 -1.03 -42.75
N ASP F 347 -37.70 -0.11 -41.81
CA ASP F 347 -38.50 1.11 -41.73
C ASP F 347 -37.65 2.33 -42.05
N ILE F 348 -38.11 3.13 -43.00
CA ILE F 348 -37.57 4.48 -43.20
C ILE F 348 -38.10 5.34 -42.06
N VAL F 349 -37.21 5.96 -41.31
CA VAL F 349 -37.62 6.63 -40.08
C VAL F 349 -36.74 7.85 -39.82
N ASP F 350 -37.37 8.91 -39.30
CA ASP F 350 -36.68 10.03 -38.67
C ASP F 350 -36.75 9.82 -37.17
N VAL F 351 -35.61 9.59 -36.55
CA VAL F 351 -35.53 9.41 -35.09
C VAL F 351 -34.86 10.64 -34.51
N THR F 352 -35.56 11.30 -33.60
CA THR F 352 -35.03 12.45 -32.87
C THR F 352 -34.67 12.02 -31.47
N GLY F 353 -33.43 12.29 -31.07
CA GLY F 353 -32.99 11.90 -29.75
C GLY F 353 -31.76 12.68 -29.33
N ILE F 354 -31.33 12.42 -28.10
CA ILE F 354 -30.18 13.09 -27.52
C ILE F 354 -28.94 12.28 -27.85
N PHE F 355 -27.96 12.93 -28.48
CA PHE F 355 -26.72 12.27 -28.86
C PHE F 355 -25.80 12.23 -27.64
N LEU F 356 -25.60 11.05 -27.08
CA LEU F 356 -24.89 10.92 -25.82
C LEU F 356 -23.73 9.95 -25.94
N PRO F 357 -22.64 10.20 -25.22
CA PRO F 357 -21.51 9.28 -25.25
C PRO F 357 -21.63 8.17 -24.21
N ALA F 358 -20.92 7.08 -24.48
CA ALA F 358 -20.87 5.90 -23.64
C ALA F 358 -19.43 5.52 -23.40
N PRO F 359 -19.15 4.75 -22.34
CA PRO F 359 -17.79 4.24 -22.12
C PRO F 359 -17.28 3.43 -23.31
N TYR F 360 -15.96 3.47 -23.49
CA TYR F 360 -15.32 2.88 -24.65
C TYR F 360 -15.49 1.37 -24.70
N THR F 361 -15.87 0.85 -25.86
CA THR F 361 -15.96 -0.58 -26.11
C THR F 361 -14.97 -0.92 -27.22
N GLY F 362 -14.05 -1.81 -26.93
CA GLY F 362 -13.04 -2.20 -27.89
C GLY F 362 -11.78 -2.63 -27.18
N PHE F 363 -10.71 -2.76 -27.96
CA PHE F 363 -9.43 -3.19 -27.42
C PHE F 363 -8.79 -2.07 -26.60
N LYS F 364 -8.16 -2.45 -25.49
CA LYS F 364 -7.51 -1.46 -24.64
C LYS F 364 -6.23 -0.94 -25.26
N ALA F 365 -5.61 -1.71 -26.17
CA ALA F 365 -4.37 -1.27 -26.78
C ALA F 365 -4.60 -0.19 -27.82
N LEU F 366 -5.78 -0.15 -28.45
CA LEU F 366 -6.05 0.78 -29.54
C LEU F 366 -6.56 2.13 -29.06
N LYS F 367 -6.92 2.28 -27.80
CA LYS F 367 -7.39 3.57 -27.32
C LYS F 367 -6.22 4.52 -27.10
N ALA F 368 -6.45 5.80 -27.37
CA ALA F 368 -5.44 6.84 -27.20
C ALA F 368 -5.69 7.64 -25.92
N GLY F 369 -6.88 8.20 -25.76
CA GLY F 369 -7.22 8.94 -24.57
C GLY F 369 -8.57 8.54 -24.03
N LEU F 370 -9.45 9.51 -23.84
CA LEU F 370 -10.81 9.24 -23.37
C LEU F 370 -11.74 9.03 -24.57
N LEU F 371 -11.47 7.95 -25.30
CA LEU F 371 -12.35 7.55 -26.39
C LEU F 371 -13.70 7.11 -25.85
N THR F 372 -14.76 7.45 -26.56
CA THR F 372 -16.11 7.14 -26.14
C THR F 372 -16.91 6.58 -27.31
N GLU F 373 -17.75 5.59 -27.03
CA GLU F 373 -18.75 5.17 -27.98
C GLU F 373 -19.91 6.15 -27.98
N THR F 374 -20.78 6.04 -28.98
CA THR F 374 -21.88 6.96 -29.15
C THR F 374 -23.20 6.21 -29.32
N TYR F 375 -24.28 6.86 -28.93
CA TYR F 375 -25.62 6.32 -29.11
C TYR F 375 -26.61 7.48 -29.13
N LEU F 376 -27.84 7.16 -29.53
CA LEU F 376 -28.92 8.14 -29.63
C LEU F 376 -30.05 7.70 -28.72
N GLU F 377 -30.22 8.40 -27.59
CA GLU F 377 -31.33 8.13 -26.67
C GLU F 377 -32.61 8.67 -27.31
N ALA F 378 -33.43 7.75 -27.82
CA ALA F 378 -34.55 8.13 -28.68
C ALA F 378 -35.62 8.89 -27.90
N GLN F 379 -36.09 9.98 -28.50
CA GLN F 379 -37.17 10.79 -27.95
C GLN F 379 -38.42 10.81 -28.82
N PHE F 380 -38.27 10.81 -30.14
CA PHE F 380 -39.40 10.84 -31.04
C PHE F 380 -39.10 10.01 -32.27
N VAL F 381 -40.13 9.37 -32.81
CA VAL F 381 -40.02 8.51 -33.98
C VAL F 381 -41.07 8.94 -34.99
N ARG F 382 -40.64 9.22 -36.22
CA ARG F 382 -41.53 9.56 -37.32
C ARG F 382 -41.31 8.58 -38.46
N GLN F 383 -42.35 7.83 -38.81
CA GLN F 383 -42.27 6.86 -39.89
C GLN F 383 -42.56 7.57 -41.22
N HIS F 384 -41.68 7.35 -42.20
CA HIS F 384 -41.94 7.87 -43.55
C HIS F 384 -43.16 7.20 -44.17
N LYS F 385 -43.26 5.89 -44.04
CA LYS F 385 -44.43 5.14 -44.48
C LYS F 385 -45.18 4.66 -43.26
N LYS F 386 -46.44 5.06 -43.14
CA LYS F 386 -47.25 4.66 -42.00
C LYS F 386 -47.79 3.26 -42.22
N LYS F 387 -47.75 2.46 -41.16
CA LYS F 387 -48.21 1.07 -41.24
C LYS F 387 -49.73 1.02 -41.40
N PHE F 388 -50.19 0.00 -42.14
CA PHE F 388 -51.62 -0.17 -42.36
C PHE F 388 -52.36 -0.51 -41.07
N ALA F 389 -51.72 -1.26 -40.17
CA ALA F 389 -52.35 -1.58 -38.90
C ALA F 389 -52.36 -0.37 -37.97
N SER F 390 -51.50 0.61 -38.22
CA SER F 390 -51.46 1.83 -37.41
C SER F 390 -52.45 2.88 -37.88
N PHE F 391 -53.25 2.59 -38.90
CA PHE F 391 -54.22 3.54 -39.41
C PHE F 391 -55.37 3.71 -38.42
N SER F 392 -55.73 4.96 -38.15
CA SER F 392 -56.87 5.29 -37.31
C SER F 392 -57.71 6.35 -38.00
N LEU F 393 -59.03 6.24 -37.86
CA LEU F 393 -59.97 7.15 -38.52
C LEU F 393 -60.07 8.44 -37.70
N THR F 394 -59.01 9.24 -37.79
CA THR F 394 -58.98 10.53 -37.12
C THR F 394 -59.80 11.54 -37.91
N SER F 395 -59.96 12.74 -37.32
CA SER F 395 -60.76 13.78 -37.96
C SER F 395 -60.13 14.27 -39.25
N ASP F 396 -58.82 14.49 -39.26
CA ASP F 396 -58.16 15.07 -40.43
C ASP F 396 -58.08 14.11 -41.60
N VAL F 397 -58.07 12.80 -41.33
CA VAL F 397 -58.03 11.81 -42.40
C VAL F 397 -59.35 11.80 -43.18
N GLU F 398 -60.46 12.06 -42.47
CA GLU F 398 -61.78 11.89 -43.04
C GLU F 398 -62.05 12.85 -44.20
N GLU F 399 -61.62 14.11 -44.07
CA GLU F 399 -61.90 15.05 -45.17
C GLU F 399 -61.07 14.74 -46.40
N ARG F 400 -59.83 14.25 -46.23
CA ARG F 400 -59.03 13.84 -47.38
C ARG F 400 -59.64 12.62 -48.07
N VAL F 401 -60.08 11.65 -47.26
CA VAL F 401 -60.71 10.45 -47.82
C VAL F 401 -61.99 10.81 -48.56
N MET F 402 -62.82 11.67 -47.95
CA MET F 402 -64.08 12.06 -48.57
C MET F 402 -63.86 12.93 -49.80
N GLU F 403 -62.79 13.72 -49.82
CA GLU F 403 -62.44 14.48 -51.03
C GLU F 403 -62.06 13.53 -52.16
N LEU F 404 -61.28 12.50 -51.86
CA LEU F 404 -60.91 11.53 -52.90
C LEU F 404 -62.12 10.72 -53.36
N ILE F 405 -63.08 10.45 -52.46
CA ILE F 405 -64.30 9.77 -52.87
C ILE F 405 -65.15 10.65 -53.77
N THR F 406 -65.36 11.91 -53.36
CA THR F 406 -66.19 12.84 -54.12
C THR F 406 -65.54 13.28 -55.43
N SER F 407 -64.23 13.08 -55.58
CA SER F 407 -63.61 13.34 -56.88
C SER F 407 -64.03 12.31 -57.92
N GLY F 408 -64.57 11.18 -57.49
CA GLY F 408 -65.05 10.16 -58.40
C GLY F 408 -63.96 9.20 -58.83
N ASP F 409 -64.39 8.15 -59.54
CA ASP F 409 -63.58 7.14 -60.26
C ASP F 409 -62.25 6.81 -59.57
N VAL F 410 -62.35 6.47 -58.28
CA VAL F 410 -61.16 6.31 -57.45
C VAL F 410 -60.37 5.07 -57.88
N TYR F 411 -61.03 4.09 -58.49
CA TYR F 411 -60.33 2.92 -58.99
C TYR F 411 -59.39 3.28 -60.14
N ASN F 412 -59.90 4.00 -61.13
CA ASN F 412 -59.06 4.42 -62.24
C ASN F 412 -58.09 5.51 -61.82
N ARG F 413 -58.49 6.37 -60.89
CA ARG F 413 -57.61 7.45 -60.44
C ARG F 413 -56.42 6.91 -59.65
N LEU F 414 -56.65 5.91 -58.79
CA LEU F 414 -55.54 5.31 -58.06
C LEU F 414 -54.74 4.37 -58.93
N ALA F 415 -55.37 3.75 -59.93
CA ALA F 415 -54.63 2.84 -60.80
C ALA F 415 -53.60 3.57 -61.63
N LYS F 416 -53.99 4.64 -62.31
CA LYS F 416 -53.10 5.26 -63.27
C LYS F 416 -52.06 6.14 -62.59
N SER F 417 -52.24 6.43 -61.30
CA SER F 417 -51.32 7.25 -60.54
C SER F 417 -50.28 6.44 -59.78
N ILE F 418 -50.23 5.13 -59.99
CA ILE F 418 -49.24 4.30 -59.31
C ILE F 418 -47.84 4.61 -59.84
N ALA F 419 -47.68 4.58 -61.16
CA ALA F 419 -46.44 4.95 -61.82
C ALA F 419 -46.80 5.94 -62.92
N PRO F 420 -46.99 7.22 -62.58
CA PRO F 420 -47.48 8.18 -63.56
C PRO F 420 -46.54 8.42 -64.72
N GLU F 421 -45.26 8.14 -64.56
CA GLU F 421 -44.29 8.33 -65.63
C GLU F 421 -44.04 7.06 -66.44
N ILE F 422 -44.77 5.99 -66.14
CA ILE F 422 -44.75 4.79 -66.98
C ILE F 422 -46.02 4.79 -67.82
N TYR F 423 -45.85 4.96 -69.13
CA TYR F 423 -46.97 5.07 -70.05
C TYR F 423 -47.71 3.75 -70.19
N GLY F 424 -49.03 3.84 -70.32
CA GLY F 424 -49.85 2.68 -70.62
C GLY F 424 -49.93 1.73 -69.45
N ASN F 425 -50.17 0.46 -69.78
CA ASN F 425 -50.28 -0.64 -68.80
C ASN F 425 -51.35 -0.34 -67.75
N LEU F 426 -52.53 0.07 -68.21
CA LEU F 426 -53.60 0.44 -67.28
C LEU F 426 -54.10 -0.77 -66.49
N ASP F 427 -54.31 -1.91 -67.16
CA ASP F 427 -54.77 -3.10 -66.46
C ASP F 427 -53.69 -3.67 -65.55
N VAL F 428 -52.42 -3.55 -65.95
CA VAL F 428 -51.32 -3.95 -65.09
C VAL F 428 -51.33 -3.14 -63.80
N LYS F 429 -51.48 -1.82 -63.92
CA LYS F 429 -51.52 -0.96 -62.75
C LYS F 429 -52.78 -1.20 -61.92
N LYS F 430 -53.88 -1.59 -62.56
CA LYS F 430 -55.10 -1.95 -61.83
C LYS F 430 -54.88 -3.18 -60.97
N ALA F 431 -54.26 -4.21 -61.54
CA ALA F 431 -54.00 -5.40 -60.74
C ALA F 431 -52.90 -5.16 -59.71
N LEU F 432 -52.00 -4.22 -59.96
CA LEU F 432 -51.03 -3.84 -58.94
C LEU F 432 -51.70 -3.11 -57.78
N LEU F 433 -52.72 -2.28 -58.08
CA LEU F 433 -53.50 -1.66 -57.02
C LEU F 433 -54.25 -2.72 -56.22
N LEU F 434 -54.81 -3.73 -56.89
CA LEU F 434 -55.46 -4.83 -56.19
C LEU F 434 -54.46 -5.64 -55.37
N LEU F 435 -53.23 -5.78 -55.86
CA LEU F 435 -52.13 -6.35 -55.08
C LEU F 435 -51.89 -5.56 -53.80
N LEU F 436 -51.88 -4.22 -53.91
CA LEU F 436 -51.67 -3.37 -52.75
C LEU F 436 -52.80 -3.50 -51.74
N VAL F 437 -54.04 -3.59 -52.22
CA VAL F 437 -55.17 -3.66 -51.30
C VAL F 437 -55.37 -5.08 -50.78
N GLY F 438 -55.52 -6.04 -51.69
CA GLY F 438 -55.71 -7.42 -51.30
C GLY F 438 -57.15 -7.75 -50.94
N GLY F 439 -57.40 -9.04 -50.75
CA GLY F 439 -58.71 -9.53 -50.41
C GLY F 439 -58.88 -9.73 -48.92
N VAL F 440 -59.85 -10.58 -48.57
CA VAL F 440 -60.21 -10.83 -47.18
C VAL F 440 -59.63 -12.16 -46.74
N ASP F 441 -58.84 -12.14 -45.66
CA ASP F 441 -58.32 -13.36 -45.08
C ASP F 441 -59.50 -14.08 -44.42
N LYS F 442 -59.62 -15.38 -44.68
CA LYS F 442 -60.76 -16.16 -44.22
C LYS F 442 -60.31 -17.22 -43.23
N ARG F 443 -61.00 -17.31 -42.10
CA ARG F 443 -60.77 -18.35 -41.11
C ARG F 443 -62.06 -19.14 -40.92
N VAL F 444 -61.92 -20.45 -40.82
CA VAL F 444 -63.04 -21.34 -40.57
C VAL F 444 -62.82 -21.97 -39.19
N GLY F 445 -63.93 -22.26 -38.50
CA GLY F 445 -63.85 -22.85 -37.17
C GLY F 445 -63.22 -24.23 -37.14
N ASP F 446 -63.11 -24.89 -38.30
CA ASP F 446 -62.36 -26.13 -38.39
C ASP F 446 -60.87 -25.92 -38.21
N GLY F 447 -60.38 -24.69 -38.38
CA GLY F 447 -58.98 -24.37 -38.18
C GLY F 447 -58.22 -24.03 -39.44
N MET F 448 -58.71 -24.44 -40.61
CA MET F 448 -58.02 -24.16 -41.85
C MET F 448 -58.24 -22.71 -42.26
N LYS F 449 -57.23 -22.13 -42.91
CA LYS F 449 -57.26 -20.73 -43.32
C LYS F 449 -57.10 -20.65 -44.83
N ILE F 450 -57.82 -19.71 -45.43
CA ILE F 450 -57.62 -19.34 -46.82
C ILE F 450 -57.01 -17.94 -46.83
N ARG F 451 -55.89 -17.79 -47.52
CA ARG F 451 -55.21 -16.51 -47.57
C ARG F 451 -56.04 -15.49 -48.38
N GLY F 452 -55.91 -14.23 -48.00
CA GLY F 452 -56.54 -13.15 -48.70
C GLY F 452 -55.63 -12.34 -49.58
N ASP F 453 -54.33 -12.58 -49.51
CA ASP F 453 -53.36 -11.82 -50.31
C ASP F 453 -53.40 -12.29 -51.76
N ILE F 454 -53.01 -11.40 -52.65
CA ILE F 454 -52.98 -11.67 -54.09
C ILE F 454 -51.54 -11.72 -54.55
N ASN F 455 -51.21 -12.70 -55.37
CA ASN F 455 -49.88 -12.83 -55.98
C ASN F 455 -49.97 -12.50 -57.45
N VAL F 456 -49.13 -11.59 -57.92
CA VAL F 456 -49.18 -11.09 -59.29
C VAL F 456 -47.82 -11.33 -59.95
N CYS F 457 -47.83 -11.94 -61.12
CA CYS F 457 -46.64 -12.12 -61.92
C CYS F 457 -46.73 -11.26 -63.17
N LEU F 458 -45.61 -10.65 -63.54
CA LEU F 458 -45.47 -9.85 -64.76
C LEU F 458 -44.37 -10.51 -65.59
N MET F 459 -44.75 -11.31 -66.57
CA MET F 459 -43.76 -11.91 -67.46
C MET F 459 -43.86 -11.23 -68.81
N GLY F 460 -42.73 -10.76 -69.32
CA GLY F 460 -42.79 -9.96 -70.53
C GLY F 460 -41.45 -9.80 -71.20
N ASP F 461 -41.51 -9.17 -72.37
CA ASP F 461 -40.33 -8.87 -73.15
C ASP F 461 -39.48 -7.83 -72.43
N PRO F 462 -38.17 -7.79 -72.70
CA PRO F 462 -37.33 -6.77 -72.08
C PRO F 462 -37.72 -5.37 -72.54
N GLY F 463 -37.64 -4.43 -71.60
CA GLY F 463 -37.97 -3.06 -71.90
C GLY F 463 -39.45 -2.72 -71.86
N VAL F 464 -40.21 -3.40 -71.01
CA VAL F 464 -41.62 -3.06 -70.79
C VAL F 464 -41.82 -2.40 -69.43
N ALA F 465 -40.74 -1.99 -68.77
CA ALA F 465 -40.76 -1.27 -67.50
C ALA F 465 -41.47 -2.04 -66.40
N LYS F 466 -41.17 -3.33 -66.26
CA LYS F 466 -41.75 -4.08 -65.16
C LYS F 466 -40.92 -3.95 -63.90
N SER F 467 -39.60 -3.73 -64.03
CA SER F 467 -38.79 -3.44 -62.85
C SER F 467 -39.13 -2.08 -62.26
N GLN F 468 -39.45 -1.10 -63.11
CA GLN F 468 -39.94 0.17 -62.62
C GLN F 468 -41.26 0.01 -61.88
N LEU F 469 -42.13 -0.88 -62.37
CA LEU F 469 -43.38 -1.16 -61.67
C LEU F 469 -43.13 -1.83 -60.32
N LEU F 470 -42.17 -2.75 -60.26
CA LEU F 470 -41.83 -3.37 -58.98
C LEU F 470 -41.30 -2.36 -57.98
N LYS F 471 -40.39 -1.48 -58.44
CA LYS F 471 -39.87 -0.41 -57.59
C LYS F 471 -40.98 0.51 -57.11
N ALA F 472 -41.90 0.88 -58.00
CA ALA F 472 -43.01 1.76 -57.62
C ALA F 472 -43.92 1.09 -56.61
N ILE F 473 -44.26 -0.19 -56.82
CA ILE F 473 -45.21 -0.87 -55.95
C ILE F 473 -44.64 -1.05 -54.55
N CYS F 474 -43.42 -1.58 -54.45
CA CYS F 474 -42.88 -1.71 -53.10
C CYS F 474 -42.00 -0.53 -52.70
N LYS F 475 -42.21 0.64 -53.30
CA LYS F 475 -41.94 1.91 -52.63
C LYS F 475 -43.22 2.55 -52.13
N ILE F 476 -44.35 2.28 -52.77
CA ILE F 476 -45.65 2.74 -52.28
C ILE F 476 -46.03 1.99 -51.01
N SER F 477 -45.86 0.67 -51.02
CA SER F 477 -46.28 -0.16 -49.90
C SER F 477 -45.40 0.11 -48.67
N PRO F 478 -45.99 0.18 -47.48
CA PRO F 478 -45.20 0.49 -46.28
C PRO F 478 -44.21 -0.61 -45.90
N ARG F 479 -44.48 -1.85 -46.28
CA ARG F 479 -43.61 -2.96 -45.88
C ARG F 479 -43.15 -3.74 -47.10
N GLY F 480 -42.64 -3.03 -48.11
CA GLY F 480 -42.24 -3.65 -49.35
C GLY F 480 -40.76 -4.01 -49.37
N VAL F 481 -40.43 -5.08 -50.08
CA VAL F 481 -39.06 -5.55 -50.22
C VAL F 481 -38.80 -5.85 -51.69
N TYR F 482 -37.76 -5.23 -52.24
CA TYR F 482 -37.31 -5.49 -53.61
C TYR F 482 -36.18 -6.49 -53.57
N THR F 483 -36.28 -7.52 -54.41
CA THR F 483 -35.33 -8.62 -54.41
C THR F 483 -35.02 -9.04 -55.83
N THR F 484 -33.73 -9.13 -56.13
CA THR F 484 -33.23 -9.69 -57.38
C THR F 484 -33.04 -11.19 -57.17
N GLY F 485 -33.29 -11.96 -58.23
CA GLY F 485 -33.42 -13.41 -58.09
C GLY F 485 -32.16 -14.09 -57.58
N LYS F 486 -31.01 -13.75 -58.15
CA LYS F 486 -29.74 -14.28 -57.66
C LYS F 486 -29.10 -13.39 -56.60
N GLY F 487 -29.70 -12.23 -56.31
CA GLY F 487 -29.14 -11.38 -55.26
C GLY F 487 -29.44 -11.90 -53.86
N SER F 488 -30.45 -12.75 -53.74
CA SER F 488 -30.82 -13.36 -52.47
C SER F 488 -30.66 -14.87 -52.61
N SER F 489 -29.97 -15.48 -51.65
CA SER F 489 -29.77 -16.92 -51.64
C SER F 489 -30.89 -17.58 -50.83
N GLY F 490 -30.74 -18.88 -50.55
CA GLY F 490 -31.74 -19.57 -49.75
C GLY F 490 -31.77 -19.10 -48.32
N VAL F 491 -30.59 -18.85 -47.72
CA VAL F 491 -30.53 -18.31 -46.37
C VAL F 491 -30.96 -16.86 -46.34
N GLY F 492 -30.84 -16.16 -47.47
CA GLY F 492 -31.25 -14.76 -47.54
C GLY F 492 -32.72 -14.52 -47.73
N LEU F 493 -33.52 -15.57 -47.88
CA LEU F 493 -34.96 -15.45 -48.00
C LEU F 493 -35.73 -15.98 -46.81
N THR F 494 -35.30 -17.11 -46.23
CA THR F 494 -36.10 -17.76 -45.21
C THR F 494 -35.69 -17.38 -43.80
N ALA F 495 -34.47 -17.73 -43.39
CA ALA F 495 -34.09 -17.63 -41.98
C ALA F 495 -32.60 -17.88 -41.83
N ALA F 496 -32.06 -17.42 -40.69
CA ALA F 496 -30.67 -17.68 -40.30
C ALA F 496 -30.58 -17.57 -38.78
N VAL F 497 -29.84 -18.49 -38.18
CA VAL F 497 -29.70 -18.54 -36.72
C VAL F 497 -28.41 -17.83 -36.33
N MET F 498 -28.52 -16.74 -35.56
CA MET F 498 -27.35 -15.96 -35.17
C MET F 498 -27.57 -15.28 -33.83
N LYS F 499 -26.46 -14.88 -33.19
CA LYS F 499 -26.46 -14.47 -31.80
C LYS F 499 -26.69 -12.98 -31.66
N ASP F 500 -27.61 -12.60 -30.75
CA ASP F 500 -27.77 -11.21 -30.34
C ASP F 500 -26.99 -10.97 -29.06
N PRO F 501 -25.99 -10.08 -29.04
CA PRO F 501 -25.14 -9.92 -27.86
C PRO F 501 -25.73 -9.04 -26.77
N VAL F 502 -26.59 -8.09 -27.16
CA VAL F 502 -27.17 -7.18 -26.17
C VAL F 502 -28.13 -7.93 -25.23
N THR F 503 -28.94 -8.83 -25.78
CA THR F 503 -29.75 -9.72 -24.96
C THR F 503 -29.10 -11.07 -24.77
N ASP F 504 -27.97 -11.31 -25.45
CA ASP F 504 -27.12 -12.49 -25.25
C ASP F 504 -27.89 -13.79 -25.46
N GLU F 505 -28.57 -13.88 -26.60
CA GLU F 505 -29.32 -15.10 -26.88
C GLU F 505 -29.36 -15.37 -28.37
N MET F 506 -29.51 -16.65 -28.72
CA MET F 506 -29.24 -17.13 -30.07
C MET F 506 -30.59 -17.08 -30.80
N ILE F 507 -30.77 -16.10 -31.69
CA ILE F 507 -32.10 -15.80 -32.22
C ILE F 507 -32.14 -16.07 -33.72
N LEU F 508 -33.36 -16.23 -34.22
CA LEU F 508 -33.60 -16.43 -35.64
C LEU F 508 -33.89 -15.09 -36.31
N GLU F 509 -33.15 -14.79 -37.36
CA GLU F 509 -33.37 -13.59 -38.16
C GLU F 509 -33.84 -13.99 -39.56
N GLY F 510 -34.98 -13.42 -39.98
CA GLY F 510 -35.56 -13.82 -41.23
C GLY F 510 -34.95 -13.11 -42.43
N GLY F 511 -35.30 -13.60 -43.60
CA GLY F 511 -34.85 -13.02 -44.86
C GLY F 511 -35.81 -11.99 -45.40
N ALA F 512 -35.87 -11.91 -46.73
CA ALA F 512 -36.72 -10.91 -47.37
C ALA F 512 -38.20 -11.26 -47.22
N LEU F 513 -38.53 -12.55 -47.14
CA LEU F 513 -39.92 -12.95 -46.95
C LEU F 513 -40.38 -12.71 -45.52
N VAL F 514 -39.46 -12.40 -44.60
CA VAL F 514 -39.85 -12.00 -43.26
C VAL F 514 -39.94 -10.49 -43.15
N LEU F 515 -39.02 -9.78 -43.80
CA LEU F 515 -39.07 -8.31 -43.82
C LEU F 515 -40.27 -7.79 -44.59
N ALA F 516 -40.86 -8.60 -45.48
CA ALA F 516 -42.03 -8.20 -46.24
C ALA F 516 -43.32 -8.80 -45.67
N ASP F 517 -43.26 -9.31 -44.44
CA ASP F 517 -44.45 -9.85 -43.78
C ASP F 517 -45.50 -8.76 -43.60
N ASN F 518 -46.75 -9.09 -43.94
CA ASN F 518 -47.83 -8.11 -44.09
C ASN F 518 -47.43 -6.97 -45.01
N GLY F 519 -46.77 -7.32 -46.11
CA GLY F 519 -46.35 -6.37 -47.11
C GLY F 519 -46.25 -7.04 -48.47
N ILE F 520 -45.45 -6.46 -49.38
CA ILE F 520 -45.28 -6.98 -50.72
C ILE F 520 -43.82 -7.29 -50.95
N CYS F 521 -43.54 -8.52 -51.38
CA CYS F 521 -42.19 -8.91 -51.78
C CYS F 521 -42.08 -8.78 -53.29
N CYS F 522 -41.22 -7.86 -53.73
CA CYS F 522 -40.90 -7.68 -55.14
C CYS F 522 -39.77 -8.63 -55.49
N ILE F 523 -40.05 -9.59 -56.37
CA ILE F 523 -39.05 -10.57 -56.80
C ILE F 523 -38.79 -10.31 -58.28
N ASP F 524 -37.74 -9.54 -58.55
CA ASP F 524 -37.32 -9.25 -59.91
C ASP F 524 -36.45 -10.38 -60.45
N GLU F 525 -36.51 -10.54 -61.78
CA GLU F 525 -35.81 -11.60 -62.50
C GLU F 525 -36.16 -12.97 -61.92
N PHE F 526 -37.45 -13.30 -62.03
CA PHE F 526 -37.98 -14.48 -61.37
C PHE F 526 -37.51 -15.77 -62.05
N ASP F 527 -37.30 -15.75 -63.36
CA ASP F 527 -37.00 -16.96 -64.09
C ASP F 527 -35.56 -17.43 -63.94
N LYS F 528 -34.66 -16.58 -63.44
CA LYS F 528 -33.26 -16.93 -63.28
C LYS F 528 -32.89 -17.26 -61.84
N MET F 529 -33.78 -17.93 -61.12
CA MET F 529 -33.58 -18.23 -59.72
C MET F 529 -33.17 -19.70 -59.53
N ASP F 530 -32.76 -20.02 -58.31
CA ASP F 530 -32.42 -21.40 -57.99
C ASP F 530 -33.65 -22.13 -57.46
N GLU F 531 -33.52 -23.45 -57.31
CA GLU F 531 -34.67 -24.25 -56.88
C GLU F 531 -35.00 -24.03 -55.40
N SER F 532 -34.03 -23.61 -54.60
CA SER F 532 -34.28 -23.41 -53.17
C SER F 532 -35.24 -22.25 -52.94
N ASP F 533 -34.96 -21.10 -53.54
CA ASP F 533 -35.85 -19.96 -53.43
C ASP F 533 -37.21 -20.24 -54.08
N ARG F 534 -37.21 -21.01 -55.18
CA ARG F 534 -38.48 -21.38 -55.80
C ARG F 534 -39.34 -22.22 -54.87
N THR F 535 -38.74 -23.18 -54.16
CA THR F 535 -39.50 -23.98 -53.21
C THR F 535 -39.97 -23.15 -52.02
N ALA F 536 -39.13 -22.22 -51.53
CA ALA F 536 -39.54 -21.36 -50.42
C ALA F 536 -40.73 -20.49 -50.80
N ILE F 537 -40.65 -19.84 -51.96
CA ILE F 537 -41.75 -19.01 -52.46
C ILE F 537 -42.96 -19.88 -52.79
N HIS F 538 -42.72 -21.14 -53.19
CA HIS F 538 -43.79 -22.08 -53.50
C HIS F 538 -44.61 -22.39 -52.26
N GLU F 539 -43.94 -22.55 -51.11
CA GLU F 539 -44.67 -22.72 -49.85
C GLU F 539 -45.28 -21.42 -49.35
N VAL F 540 -44.61 -20.29 -49.59
CA VAL F 540 -45.08 -18.99 -49.11
C VAL F 540 -46.40 -18.60 -49.77
N MET F 541 -46.52 -18.78 -51.09
CA MET F 541 -47.71 -18.29 -51.79
C MET F 541 -48.98 -19.04 -51.43
N GLU F 542 -48.88 -20.18 -50.75
CA GLU F 542 -50.06 -20.93 -50.36
C GLU F 542 -50.25 -20.96 -48.84
N GLN F 543 -49.26 -21.41 -48.08
CA GLN F 543 -49.46 -21.58 -46.65
C GLN F 543 -49.07 -20.35 -45.85
N GLN F 544 -48.40 -19.38 -46.48
CA GLN F 544 -47.94 -18.15 -45.84
C GLN F 544 -47.03 -18.40 -44.64
N THR F 545 -46.26 -19.50 -44.70
CA THR F 545 -45.28 -19.84 -43.68
C THR F 545 -44.04 -20.40 -44.38
N ILE F 546 -42.92 -20.38 -43.66
CA ILE F 546 -41.74 -21.14 -44.05
C ILE F 546 -41.45 -22.13 -42.93
N SER F 547 -41.30 -23.40 -43.30
CA SER F 547 -40.92 -24.45 -42.37
C SER F 547 -39.43 -24.74 -42.55
N ILE F 548 -38.66 -24.64 -41.47
CA ILE F 548 -37.23 -24.93 -41.48
C ILE F 548 -36.99 -26.08 -40.53
N SER F 549 -36.37 -27.16 -41.04
CA SER F 549 -35.98 -28.31 -40.25
C SER F 549 -34.51 -28.61 -40.55
N LYS F 550 -33.61 -27.90 -39.88
CA LYS F 550 -32.18 -27.97 -40.16
C LYS F 550 -31.42 -28.31 -38.89
N ALA F 551 -30.08 -28.29 -39.00
CA ALA F 551 -29.21 -28.64 -37.89
C ALA F 551 -29.24 -27.60 -36.77
N GLY F 552 -29.83 -26.44 -37.01
CA GLY F 552 -29.95 -25.44 -35.96
C GLY F 552 -31.32 -25.39 -35.33
N ILE F 553 -32.37 -25.39 -36.15
CA ILE F 553 -33.71 -25.11 -35.67
C ILE F 553 -34.72 -26.06 -36.33
N ASN F 554 -35.84 -26.27 -35.66
CA ASN F 554 -37.00 -27.00 -36.17
C ASN F 554 -38.21 -26.12 -35.86
N THR F 555 -38.61 -25.30 -36.83
CA THR F 555 -39.62 -24.28 -36.56
C THR F 555 -40.40 -23.96 -37.83
N THR F 556 -41.50 -23.26 -37.63
CA THR F 556 -42.24 -22.62 -38.70
C THR F 556 -42.37 -21.14 -38.38
N LEU F 557 -42.31 -20.31 -39.42
CA LEU F 557 -42.34 -18.87 -39.24
C LEU F 557 -43.31 -18.24 -40.22
N ASN F 558 -44.07 -17.27 -39.70
CA ASN F 558 -45.14 -16.63 -40.46
C ASN F 558 -44.56 -15.69 -41.49
N ALA F 559 -45.06 -15.78 -42.72
CA ALA F 559 -44.74 -14.84 -43.79
C ALA F 559 -46.00 -14.64 -44.61
N ARG F 560 -46.74 -13.58 -44.30
CA ARG F 560 -48.01 -13.27 -44.94
C ARG F 560 -47.83 -12.33 -46.11
N THR F 561 -46.73 -12.50 -46.82
CA THR F 561 -46.34 -11.61 -47.91
C THR F 561 -47.26 -11.75 -49.10
N SER F 562 -47.52 -10.64 -49.78
CA SER F 562 -48.09 -10.65 -51.12
C SER F 562 -46.95 -10.51 -52.11
N ILE F 563 -46.92 -11.41 -53.09
CA ILE F 563 -45.72 -11.60 -53.91
C ILE F 563 -45.97 -11.02 -55.28
N LEU F 564 -45.08 -10.12 -55.71
CA LEU F 564 -45.12 -9.53 -57.05
C LEU F 564 -43.83 -9.94 -57.75
N ALA F 565 -43.95 -10.82 -58.74
CA ALA F 565 -42.81 -11.36 -59.45
C ALA F 565 -42.69 -10.71 -60.82
N ALA F 566 -41.46 -10.56 -61.30
CA ALA F 566 -41.18 -10.07 -62.64
C ALA F 566 -40.27 -11.06 -63.35
N ALA F 567 -40.62 -11.40 -64.59
CA ALA F 567 -39.91 -12.48 -65.27
C ALA F 567 -39.90 -12.25 -66.78
N ASN F 568 -38.97 -12.93 -67.43
CA ASN F 568 -38.83 -13.01 -68.86
C ASN F 568 -39.29 -14.39 -69.35
N PRO F 569 -39.63 -14.52 -70.63
CA PRO F 569 -39.93 -15.85 -71.19
C PRO F 569 -38.68 -16.72 -71.28
N LEU F 570 -38.87 -17.90 -71.87
CA LEU F 570 -37.79 -18.90 -71.93
C LEU F 570 -36.59 -18.41 -72.72
N TYR F 571 -36.81 -17.90 -73.92
CA TYR F 571 -35.70 -17.42 -74.74
C TYR F 571 -35.38 -15.96 -74.51
N GLY F 572 -35.99 -15.33 -73.50
CA GLY F 572 -35.86 -13.92 -73.28
C GLY F 572 -36.83 -13.08 -74.09
N ARG F 573 -37.49 -13.67 -75.07
CA ARG F 573 -38.44 -12.98 -75.93
C ARG F 573 -39.59 -13.92 -76.24
N TYR F 574 -40.81 -13.39 -76.25
CA TYR F 574 -41.97 -14.19 -76.60
C TYR F 574 -41.99 -14.45 -78.11
N ASN F 575 -42.18 -15.70 -78.50
CA ASN F 575 -42.36 -16.05 -79.88
C ASN F 575 -43.68 -16.79 -80.07
N PRO F 576 -44.52 -16.37 -81.02
CA PRO F 576 -45.84 -17.00 -81.18
C PRO F 576 -45.81 -18.41 -81.74
N ARG F 577 -44.64 -18.93 -82.13
CA ARG F 577 -44.57 -20.27 -82.68
C ARG F 577 -44.93 -21.33 -81.63
N LEU F 578 -44.45 -21.14 -80.40
CA LEU F 578 -44.75 -22.11 -79.36
C LEU F 578 -45.93 -21.66 -78.51
N SER F 579 -46.43 -22.57 -77.69
CA SER F 579 -47.58 -22.32 -76.85
C SER F 579 -47.22 -21.33 -75.74
N PRO F 580 -48.22 -20.61 -75.21
CA PRO F 580 -47.97 -19.78 -74.02
C PRO F 580 -47.40 -20.56 -72.84
N LEU F 581 -47.84 -21.80 -72.64
CA LEU F 581 -47.26 -22.61 -71.56
C LEU F 581 -45.81 -22.96 -71.85
N ASP F 582 -45.43 -23.05 -73.13
CA ASP F 582 -44.09 -23.50 -73.48
C ASP F 582 -43.03 -22.44 -73.15
N ASN F 583 -43.27 -21.19 -73.53
CA ASN F 583 -42.30 -20.15 -73.31
C ASN F 583 -42.47 -19.43 -71.97
N ILE F 584 -43.56 -19.69 -71.26
CA ILE F 584 -43.64 -19.41 -69.82
C ILE F 584 -43.10 -20.65 -69.14
N ASN F 585 -41.77 -20.74 -69.01
CA ASN F 585 -41.12 -21.91 -68.42
C ASN F 585 -41.39 -21.88 -66.92
N LEU F 586 -42.58 -22.37 -66.55
CA LEU F 586 -43.02 -22.18 -65.22
C LEU F 586 -43.88 -23.38 -64.86
N PRO F 587 -43.62 -24.05 -63.75
CA PRO F 587 -44.38 -25.25 -63.41
C PRO F 587 -45.84 -24.94 -63.12
N ALA F 588 -46.68 -25.95 -63.34
CA ALA F 588 -48.12 -25.76 -63.27
C ALA F 588 -48.59 -25.42 -61.87
N ALA F 589 -47.92 -25.93 -60.84
CA ALA F 589 -48.31 -25.61 -59.46
C ALA F 589 -48.02 -24.16 -59.13
N LEU F 590 -46.80 -23.69 -59.43
CA LEU F 590 -46.44 -22.33 -59.10
C LEU F 590 -47.14 -21.34 -60.01
N LEU F 591 -47.44 -21.76 -61.24
CA LEU F 591 -48.35 -21.00 -62.11
C LEU F 591 -49.74 -20.90 -61.51
N SER F 592 -50.25 -21.99 -60.94
CA SER F 592 -51.59 -21.97 -60.35
C SER F 592 -51.62 -21.14 -59.08
N ARG F 593 -50.46 -20.93 -58.44
CA ARG F 593 -50.45 -20.13 -57.23
C ARG F 593 -50.59 -18.64 -57.53
N PHE F 594 -50.20 -18.20 -58.72
CA PHE F 594 -50.35 -16.81 -59.10
C PHE F 594 -51.80 -16.56 -59.53
N ASP F 595 -52.44 -15.59 -58.90
CA ASP F 595 -53.81 -15.25 -59.26
C ASP F 595 -53.87 -14.58 -60.62
N ILE F 596 -53.00 -13.60 -60.86
CA ILE F 596 -52.91 -12.90 -62.14
C ILE F 596 -51.49 -13.00 -62.65
N LEU F 597 -51.34 -13.47 -63.88
CA LEU F 597 -50.07 -13.38 -64.59
C LEU F 597 -50.30 -12.59 -65.86
N PHE F 598 -49.52 -11.52 -66.03
CA PHE F 598 -49.61 -10.64 -67.18
C PHE F 598 -48.53 -10.99 -68.19
N LEU F 599 -48.95 -11.30 -69.41
CA LEU F 599 -48.04 -11.29 -70.54
C LEU F 599 -47.89 -9.85 -70.99
N MET F 600 -46.69 -9.30 -70.86
CA MET F 600 -46.42 -7.91 -71.21
C MET F 600 -45.58 -7.94 -72.49
N LEU F 601 -46.27 -8.03 -73.62
CA LEU F 601 -45.61 -8.18 -74.91
C LEU F 601 -45.21 -6.82 -75.47
N ASP F 602 -44.04 -6.77 -76.09
CA ASP F 602 -43.53 -5.55 -76.71
C ASP F 602 -43.78 -5.70 -78.21
N ILE F 603 -45.01 -5.41 -78.63
CA ILE F 603 -45.44 -5.53 -80.01
C ILE F 603 -45.24 -4.18 -80.69
N PRO F 604 -44.42 -4.09 -81.74
CA PRO F 604 -44.18 -2.79 -82.38
C PRO F 604 -45.40 -2.32 -83.16
N SER F 605 -45.59 -1.00 -83.21
CA SER F 605 -46.63 -0.39 -84.01
C SER F 605 -46.26 1.07 -84.26
N ARG F 606 -46.81 1.63 -85.34
CA ARG F 606 -46.52 3.02 -85.69
C ARG F 606 -47.15 3.99 -84.70
N ASP F 607 -48.34 3.68 -84.19
CA ASP F 607 -49.10 4.63 -83.38
C ASP F 607 -48.73 4.59 -81.91
N ASP F 608 -48.61 3.40 -81.32
CA ASP F 608 -48.32 3.31 -79.89
C ASP F 608 -46.89 3.75 -79.57
N ASP F 609 -45.94 3.48 -80.48
CA ASP F 609 -44.56 3.90 -80.25
C ASP F 609 -44.44 5.41 -80.29
N GLU F 610 -45.23 6.08 -81.12
CA GLU F 610 -45.31 7.54 -81.13
C GLU F 610 -45.70 8.07 -79.76
N LYS F 611 -46.78 7.54 -79.18
CA LYS F 611 -47.28 8.05 -77.90
C LYS F 611 -46.33 7.69 -76.77
N LEU F 612 -45.73 6.49 -76.82
CA LEU F 612 -44.74 6.11 -75.82
C LEU F 612 -43.52 7.02 -75.86
N ALA F 613 -43.04 7.34 -77.07
CA ALA F 613 -41.89 8.22 -77.22
C ALA F 613 -42.22 9.63 -76.73
N GLU F 614 -43.42 10.12 -77.04
CA GLU F 614 -43.82 11.44 -76.56
C GLU F 614 -43.90 11.47 -75.03
N HIS F 615 -44.45 10.42 -74.43
CA HIS F 615 -44.51 10.33 -72.97
C HIS F 615 -43.13 10.31 -72.34
N VAL F 616 -42.23 9.48 -72.87
CA VAL F 616 -40.90 9.33 -72.28
C VAL F 616 -40.08 10.62 -72.45
N THR F 617 -40.17 11.25 -73.62
CA THR F 617 -39.46 12.49 -73.84
C THR F 617 -40.01 13.63 -72.99
N TYR F 618 -41.33 13.66 -72.77
CA TYR F 618 -41.89 14.67 -71.87
C TYR F 618 -41.41 14.46 -70.45
N VAL F 619 -41.37 13.21 -69.99
CA VAL F 619 -40.88 12.92 -68.64
C VAL F 619 -39.41 13.32 -68.52
N HIS F 620 -38.63 13.08 -69.58
CA HIS F 620 -37.21 13.43 -69.54
C HIS F 620 -36.99 14.94 -69.59
N MET F 621 -37.86 15.68 -70.28
CA MET F 621 -37.63 17.12 -70.41
C MET F 621 -38.15 17.88 -69.18
N HIS F 622 -39.33 17.51 -68.70
CA HIS F 622 -40.01 18.31 -67.69
C HIS F 622 -39.95 17.70 -66.30
N ASN F 623 -39.41 16.49 -66.14
CA ASN F 623 -39.25 15.82 -64.86
C ASN F 623 -40.63 15.63 -64.19
N LYS F 624 -41.64 15.33 -65.01
CA LYS F 624 -43.03 15.27 -64.56
C LYS F 624 -43.82 14.56 -65.66
N GLN F 625 -45.00 14.03 -65.29
CA GLN F 625 -45.89 13.32 -66.18
C GLN F 625 -46.44 14.24 -67.27
N PRO F 626 -46.71 13.70 -68.46
CA PRO F 626 -47.20 14.53 -69.57
C PRO F 626 -48.62 15.06 -69.40
N ASP F 627 -49.56 14.18 -69.07
CA ASP F 627 -50.98 14.52 -69.09
C ASP F 627 -51.32 15.49 -67.97
N LEU F 628 -51.87 16.64 -68.32
CA LEU F 628 -52.31 17.64 -67.36
C LEU F 628 -53.81 17.56 -67.09
N ASP F 629 -54.49 16.57 -67.66
CA ASP F 629 -55.93 16.42 -67.48
C ASP F 629 -56.31 15.78 -66.15
N PHE F 630 -55.35 15.21 -65.42
CA PHE F 630 -55.62 14.60 -64.13
C PHE F 630 -54.48 14.94 -63.17
N THR F 631 -54.82 15.04 -61.89
CA THR F 631 -53.81 15.20 -60.86
C THR F 631 -53.48 13.84 -60.27
N PRO F 632 -52.26 13.34 -60.42
CA PRO F 632 -51.91 12.06 -59.81
C PRO F 632 -51.93 12.16 -58.29
N VAL F 633 -52.30 11.04 -57.66
CA VAL F 633 -52.50 11.04 -56.22
C VAL F 633 -51.18 10.80 -55.51
N GLU F 634 -50.92 11.58 -54.47
CA GLU F 634 -49.68 11.50 -53.72
C GLU F 634 -49.55 10.13 -53.04
N PRO F 635 -48.33 9.61 -52.92
CA PRO F 635 -48.13 8.31 -52.25
C PRO F 635 -48.68 8.23 -50.83
N SER F 636 -48.60 9.31 -50.05
CA SER F 636 -49.20 9.28 -48.72
C SER F 636 -50.72 9.19 -48.80
N LYS F 637 -51.32 9.92 -49.75
CA LYS F 637 -52.76 9.88 -49.95
C LYS F 637 -53.22 8.48 -50.39
N MET F 638 -52.50 7.88 -51.34
CA MET F 638 -52.81 6.51 -51.74
C MET F 638 -52.63 5.55 -50.58
N ARG F 639 -51.59 5.74 -49.76
CA ARG F 639 -51.35 4.83 -48.65
C ARG F 639 -52.46 4.89 -47.62
N GLU F 640 -52.91 6.09 -47.26
CA GLU F 640 -53.99 6.19 -46.28
C GLU F 640 -55.32 5.71 -46.85
N TYR F 641 -55.57 5.94 -48.14
CA TYR F 641 -56.81 5.43 -48.74
C TYR F 641 -56.78 3.90 -48.81
N ILE F 642 -55.62 3.32 -49.12
CA ILE F 642 -55.51 1.87 -49.19
C ILE F 642 -55.64 1.25 -47.80
N ALA F 643 -55.12 1.93 -46.77
CA ALA F 643 -55.32 1.46 -45.40
C ALA F 643 -56.80 1.46 -45.03
N TYR F 644 -57.50 2.55 -45.34
CA TYR F 644 -58.92 2.63 -45.01
C TYR F 644 -59.72 1.62 -45.81
N ALA F 645 -59.30 1.33 -47.05
CA ALA F 645 -59.93 0.27 -47.83
C ALA F 645 -59.67 -1.10 -47.23
N LYS F 646 -58.45 -1.32 -46.70
CA LYS F 646 -58.10 -2.58 -46.08
C LYS F 646 -58.82 -2.80 -44.76
N THR F 647 -59.31 -1.73 -44.13
CA THR F 647 -60.14 -1.91 -42.94
C THR F 647 -61.45 -2.62 -43.26
N LYS F 648 -61.92 -2.55 -44.50
CA LYS F 648 -63.19 -3.16 -44.89
C LYS F 648 -63.05 -4.67 -45.04
N ARG F 649 -64.15 -5.38 -44.76
CA ARG F 649 -64.23 -6.83 -44.95
C ARG F 649 -65.52 -7.14 -45.70
N PRO F 650 -65.52 -7.02 -47.02
CA PRO F 650 -66.76 -7.25 -47.79
C PRO F 650 -67.16 -8.71 -47.81
N VAL F 651 -68.47 -8.94 -47.99
CA VAL F 651 -69.04 -10.26 -48.08
C VAL F 651 -69.85 -10.37 -49.36
N MET F 652 -70.32 -11.58 -49.66
CA MET F 652 -71.00 -11.89 -50.90
C MET F 652 -72.39 -12.45 -50.63
N SER F 653 -73.36 -12.02 -51.42
CA SER F 653 -74.73 -12.53 -51.33
C SER F 653 -74.93 -13.67 -52.34
N GLU F 654 -76.09 -14.30 -52.28
CA GLU F 654 -76.33 -15.53 -53.03
C GLU F 654 -76.27 -15.32 -54.54
N ALA F 655 -76.78 -14.20 -55.04
CA ALA F 655 -76.79 -13.95 -56.48
C ALA F 655 -75.37 -13.82 -57.04
N VAL F 656 -74.51 -13.08 -56.33
CA VAL F 656 -73.15 -12.90 -56.83
C VAL F 656 -72.35 -14.19 -56.66
N ASN F 657 -72.67 -15.00 -55.64
CA ASN F 657 -72.06 -16.33 -55.54
C ASN F 657 -72.45 -17.19 -56.73
N ASP F 658 -73.72 -17.14 -57.12
CA ASP F 658 -74.18 -17.93 -58.27
C ASP F 658 -73.50 -17.47 -59.55
N TYR F 659 -73.33 -16.16 -59.72
CA TYR F 659 -72.62 -15.66 -60.91
C TYR F 659 -71.17 -16.11 -60.92
N VAL F 660 -70.52 -16.10 -59.76
CA VAL F 660 -69.12 -16.56 -59.66
C VAL F 660 -69.03 -18.05 -59.99
N VAL F 661 -70.00 -18.84 -59.51
CA VAL F 661 -70.02 -20.28 -59.79
C VAL F 661 -70.19 -20.55 -61.28
N GLN F 662 -71.11 -19.83 -61.92
CA GLN F 662 -71.31 -20.01 -63.36
C GLN F 662 -70.07 -19.61 -64.15
N ALA F 663 -69.42 -18.51 -63.76
CA ALA F 663 -68.19 -18.09 -64.44
C ALA F 663 -67.10 -19.14 -64.27
N TYR F 664 -66.99 -19.72 -63.07
CA TYR F 664 -66.01 -20.78 -62.82
C TYR F 664 -66.28 -22.01 -63.68
N ILE F 665 -67.55 -22.40 -63.80
CA ILE F 665 -67.91 -23.55 -64.61
C ILE F 665 -67.55 -23.33 -66.07
N ARG F 666 -67.88 -22.16 -66.60
CA ARG F 666 -67.58 -21.87 -68.00
C ARG F 666 -66.08 -21.75 -68.22
N LEU F 667 -65.34 -21.24 -67.23
CA LEU F 667 -63.88 -21.17 -67.34
C LEU F 667 -63.27 -22.56 -67.38
N ARG F 668 -63.76 -23.48 -66.56
CA ARG F 668 -63.19 -24.83 -66.57
C ARG F 668 -63.52 -25.56 -67.87
N GLN F 669 -64.73 -25.36 -68.41
CA GLN F 669 -65.05 -25.97 -69.69
C GLN F 669 -64.22 -25.38 -70.82
N ASP F 670 -63.96 -24.07 -70.78
CA ASP F 670 -63.11 -23.45 -71.79
C ASP F 670 -61.67 -23.97 -71.69
N SER F 671 -61.17 -24.17 -70.48
CA SER F 671 -59.81 -24.68 -70.31
C SER F 671 -59.72 -26.14 -70.73
N LYS F 672 -60.81 -26.91 -70.56
CA LYS F 672 -60.85 -28.26 -71.11
C LYS F 672 -60.82 -28.22 -72.64
N ARG F 673 -61.59 -27.32 -73.24
CA ARG F 673 -61.68 -27.25 -74.69
C ARG F 673 -60.37 -26.80 -75.33
N GLU F 674 -59.67 -25.86 -74.71
CA GLU F 674 -58.44 -25.32 -75.27
C GLU F 674 -57.19 -26.07 -74.83
N MET F 675 -57.33 -27.18 -74.11
CA MET F 675 -56.16 -27.90 -73.62
C MET F 675 -55.36 -28.53 -74.75
N ASP F 676 -56.04 -29.12 -75.73
CA ASP F 676 -55.34 -29.74 -76.84
C ASP F 676 -54.76 -28.71 -77.80
N SER F 677 -55.38 -27.53 -77.87
CA SER F 677 -54.95 -26.50 -78.81
C SER F 677 -53.66 -25.83 -78.33
N LYS F 678 -53.06 -25.03 -79.22
CA LYS F 678 -51.82 -24.33 -78.90
C LYS F 678 -52.06 -23.06 -78.11
N PHE F 679 -53.31 -22.63 -77.96
CA PHE F 679 -53.63 -21.38 -77.28
C PHE F 679 -53.81 -21.54 -75.78
N SER F 680 -53.41 -22.67 -75.21
CA SER F 680 -53.65 -22.92 -73.80
C SER F 680 -52.69 -22.12 -72.92
N PHE F 681 -53.26 -21.45 -71.91
CA PHE F 681 -52.48 -20.80 -70.88
C PHE F 681 -52.36 -21.66 -69.63
N GLY F 682 -52.89 -22.88 -69.67
CA GLY F 682 -52.91 -23.77 -68.55
C GLY F 682 -54.25 -24.47 -68.46
N GLN F 683 -54.56 -24.97 -67.27
CA GLN F 683 -55.79 -25.68 -67.01
C GLN F 683 -56.46 -25.03 -65.80
N ALA F 684 -57.78 -24.84 -65.88
CA ALA F 684 -58.50 -24.07 -64.88
C ALA F 684 -58.49 -24.80 -63.53
N THR F 685 -58.54 -24.01 -62.46
CA THR F 685 -58.11 -24.46 -61.16
C THR F 685 -59.06 -23.89 -60.11
N PRO F 686 -59.31 -24.61 -59.01
CA PRO F 686 -60.01 -23.97 -57.88
C PRO F 686 -59.29 -22.76 -57.32
N ARG F 687 -57.96 -22.70 -57.46
CA ARG F 687 -57.23 -21.49 -57.12
C ARG F 687 -57.62 -20.33 -58.01
N THR F 688 -58.03 -20.59 -59.25
CA THR F 688 -58.56 -19.52 -60.09
C THR F 688 -59.88 -18.98 -59.53
N LEU F 689 -60.73 -19.88 -59.02
CA LEU F 689 -61.95 -19.47 -58.34
C LEU F 689 -61.65 -18.60 -57.14
N LEU F 690 -60.68 -19.02 -56.33
CA LEU F 690 -60.32 -18.23 -55.15
C LEU F 690 -59.68 -16.90 -55.53
N GLY F 691 -58.93 -16.88 -56.64
CA GLY F 691 -58.38 -15.62 -57.12
C GLY F 691 -59.45 -14.66 -57.60
N ILE F 692 -60.48 -15.19 -58.27
CA ILE F 692 -61.62 -14.37 -58.66
C ILE F 692 -62.31 -13.79 -57.43
N ILE F 693 -62.51 -14.62 -56.41
CA ILE F 693 -63.13 -14.17 -55.16
C ILE F 693 -62.29 -13.08 -54.49
N ARG F 694 -60.96 -13.26 -54.46
CA ARG F 694 -60.10 -12.28 -53.80
C ARG F 694 -60.01 -10.98 -54.59
N LEU F 695 -59.96 -11.05 -55.92
CA LEU F 695 -59.97 -9.83 -56.72
C LEU F 695 -61.29 -9.08 -56.57
N SER F 696 -62.41 -9.81 -56.51
CA SER F 696 -63.70 -9.18 -56.28
C SER F 696 -63.76 -8.52 -54.91
N GLN F 697 -63.20 -9.17 -53.89
CA GLN F 697 -63.19 -8.59 -52.55
C GLN F 697 -62.30 -7.36 -52.49
N ALA F 698 -61.17 -7.37 -53.20
CA ALA F 698 -60.32 -6.19 -53.27
C ALA F 698 -61.03 -5.03 -53.98
N LEU F 699 -61.72 -5.32 -55.07
CA LEU F 699 -62.47 -4.29 -55.78
C LEU F 699 -63.61 -3.73 -54.94
N ALA F 700 -64.26 -4.58 -54.14
CA ALA F 700 -65.27 -4.09 -53.20
C ALA F 700 -64.63 -3.26 -52.09
N LYS F 701 -63.41 -3.60 -51.69
CA LYS F 701 -62.68 -2.80 -50.70
C LYS F 701 -62.36 -1.42 -51.22
N LEU F 702 -62.01 -1.31 -52.51
CA LEU F 702 -61.74 -0.01 -53.10
C LEU F 702 -62.99 0.86 -53.14
N ARG F 703 -64.18 0.25 -53.26
CA ARG F 703 -65.41 1.01 -53.23
C ARG F 703 -65.88 1.33 -51.82
N LEU F 704 -65.17 0.82 -50.80
CA LEU F 704 -65.53 1.02 -49.39
C LEU F 704 -66.93 0.49 -49.09
N ALA F 705 -67.21 -0.73 -49.52
CA ALA F 705 -68.50 -1.36 -49.32
C ALA F 705 -68.31 -2.67 -48.57
N ASP F 706 -69.31 -3.01 -47.75
CA ASP F 706 -69.33 -4.27 -47.03
C ASP F 706 -69.94 -5.39 -47.86
N MET F 707 -70.29 -5.12 -49.11
CA MET F 707 -70.89 -6.10 -50.00
C MET F 707 -70.12 -6.11 -51.32
N VAL F 708 -69.99 -7.31 -51.90
CA VAL F 708 -69.38 -7.49 -53.20
C VAL F 708 -70.48 -7.48 -54.25
N ASP F 709 -70.38 -6.58 -55.22
CA ASP F 709 -71.41 -6.39 -56.23
C ASP F 709 -71.10 -7.20 -57.49
N ILE F 710 -72.05 -7.18 -58.43
CA ILE F 710 -71.89 -7.90 -59.68
C ILE F 710 -70.80 -7.26 -60.53
N ASP F 711 -70.72 -5.93 -60.50
CA ASP F 711 -69.73 -5.23 -61.30
C ASP F 711 -68.30 -5.51 -60.82
N ASP F 712 -68.13 -5.82 -59.53
CA ASP F 712 -66.82 -6.19 -59.03
C ASP F 712 -66.35 -7.51 -59.65
N VAL F 713 -67.24 -8.49 -59.72
CA VAL F 713 -66.93 -9.77 -60.35
C VAL F 713 -66.74 -9.58 -61.86
N GLU F 714 -67.53 -8.68 -62.46
CA GLU F 714 -67.32 -8.31 -63.86
C GLU F 714 -65.90 -7.81 -64.11
N GLU F 715 -65.44 -6.89 -63.26
CA GLU F 715 -64.09 -6.35 -63.41
C GLU F 715 -63.04 -7.42 -63.13
N ALA F 716 -63.31 -8.32 -62.20
CA ALA F 716 -62.36 -9.39 -61.87
C ALA F 716 -62.18 -10.35 -63.04
N LEU F 717 -63.30 -10.83 -63.61
CA LEU F 717 -63.21 -11.69 -64.79
C LEU F 717 -62.60 -10.97 -65.99
N ARG F 718 -62.94 -9.69 -66.17
CA ARG F 718 -62.34 -8.93 -67.26
C ARG F 718 -60.83 -8.82 -67.09
N LEU F 719 -60.38 -8.60 -65.85
CA LEU F 719 -58.96 -8.49 -65.57
C LEU F 719 -58.23 -9.82 -65.82
N VAL F 720 -58.85 -10.93 -65.39
CA VAL F 720 -58.28 -12.25 -65.65
C VAL F 720 -58.17 -12.51 -67.15
N ARG F 721 -59.20 -12.13 -67.91
CA ARG F 721 -59.18 -12.35 -69.35
C ARG F 721 -58.14 -11.47 -70.05
N VAL F 722 -58.03 -10.20 -69.65
CA VAL F 722 -57.13 -9.31 -70.35
C VAL F 722 -55.69 -9.57 -69.93
N SER F 723 -55.49 -10.24 -68.79
CA SER F 723 -54.15 -10.59 -68.36
C SER F 723 -53.47 -11.52 -69.35
N LYS F 724 -54.20 -12.49 -69.88
CA LYS F 724 -53.60 -13.51 -70.74
C LYS F 724 -54.13 -13.51 -72.16
N GLU F 725 -55.46 -13.54 -72.37
CA GLU F 725 -55.98 -13.82 -73.70
C GLU F 725 -55.91 -12.60 -74.61
N SER F 726 -56.15 -11.40 -74.07
CA SER F 726 -56.37 -10.23 -74.91
C SER F 726 -55.10 -9.81 -75.67
N LEU F 727 -53.96 -9.75 -74.98
CA LEU F 727 -52.75 -9.30 -75.66
C LEU F 727 -52.15 -10.39 -76.54
N TYR F 728 -52.31 -11.66 -76.16
CA TYR F 728 -51.79 -12.74 -76.99
C TYR F 728 -52.60 -12.93 -78.25
N GLN F 729 -53.93 -12.78 -78.18
CA GLN F 729 -54.76 -12.98 -79.36
C GLN F 729 -54.55 -11.86 -80.39
N GLU F 730 -54.19 -10.67 -79.93
CA GLU F 730 -53.95 -9.55 -80.84
C GLU F 730 -52.59 -9.69 -81.52
N LEU G 181 0.96 -40.52 37.34
CA LEU G 181 2.25 -41.04 37.76
C LEU G 181 2.40 -40.94 39.28
N THR G 182 3.59 -41.23 39.78
CA THR G 182 3.87 -41.25 41.20
C THR G 182 4.93 -40.21 41.56
N LEU G 183 5.08 -39.98 42.86
CA LEU G 183 6.18 -39.15 43.34
C LEU G 183 7.53 -39.81 43.09
N GLU G 184 7.59 -41.14 43.26
CA GLU G 184 8.82 -41.86 42.96
C GLU G 184 9.16 -41.82 41.47
N SER G 185 8.14 -41.75 40.61
CA SER G 185 8.39 -41.53 39.20
C SER G 185 8.97 -40.15 38.93
N LEU G 186 8.48 -39.13 39.64
CA LEU G 186 9.03 -37.78 39.50
C LEU G 186 10.41 -37.64 40.12
N SER G 187 10.79 -38.55 41.01
CA SER G 187 12.14 -38.51 41.58
C SER G 187 13.20 -38.78 40.52
N ASN G 188 12.90 -39.68 39.58
CA ASN G 188 13.83 -40.00 38.49
C ASN G 188 13.38 -39.26 37.24
N VAL G 189 14.24 -38.37 36.73
CA VAL G 189 13.91 -37.57 35.56
C VAL G 189 14.42 -38.27 34.31
N LYS G 190 13.55 -38.38 33.30
CA LYS G 190 13.96 -38.95 32.02
C LYS G 190 14.76 -37.95 31.20
N ALA G 191 14.38 -36.67 31.25
CA ALA G 191 15.07 -35.63 30.50
C ALA G 191 16.39 -35.28 31.18
N ASN G 192 17.31 -34.72 30.39
CA ASN G 192 18.60 -34.33 30.92
C ASN G 192 18.50 -33.12 31.83
N SER G 193 17.55 -32.23 31.54
CA SER G 193 17.39 -30.98 32.28
C SER G 193 16.02 -30.93 32.94
N TYR G 194 15.92 -30.09 33.97
CA TYR G 194 14.66 -29.94 34.70
C TYR G 194 13.67 -29.10 33.92
N SER G 195 14.17 -28.22 33.03
CA SER G 195 13.29 -27.26 32.36
C SER G 195 12.35 -27.94 31.38
N GLU G 196 12.83 -28.89 30.59
CA GLU G 196 11.96 -29.60 29.67
C GLU G 196 11.29 -30.81 30.30
N TRP G 197 11.73 -31.21 31.50
CA TRP G 197 11.07 -32.29 32.21
C TRP G 197 9.72 -31.86 32.76
N ILE G 198 9.67 -30.68 33.38
CA ILE G 198 8.41 -30.14 33.89
C ILE G 198 7.52 -29.71 32.74
N THR G 199 8.10 -29.24 31.64
CA THR G 199 7.34 -28.78 30.49
C THR G 199 6.57 -29.92 29.82
N GLN G 200 6.97 -31.17 30.03
CA GLN G 200 6.30 -32.31 29.42
C GLN G 200 4.86 -32.40 29.91
N PRO G 201 3.90 -32.75 29.03
CA PRO G 201 2.48 -32.66 29.38
C PRO G 201 2.03 -33.60 30.50
N ASN G 202 2.46 -34.86 30.44
CA ASN G 202 2.08 -35.81 31.48
C ASN G 202 2.71 -35.45 32.83
N VAL G 203 3.98 -35.02 32.80
CA VAL G 203 4.66 -34.62 34.03
C VAL G 203 3.99 -33.38 34.61
N SER G 204 3.63 -32.42 33.76
CA SER G 204 2.92 -31.24 34.23
C SER G 204 1.56 -31.60 34.83
N ARG G 205 0.85 -32.54 34.20
CA ARG G 205 -0.46 -32.96 34.72
C ARG G 205 -0.33 -33.64 36.07
N THR G 206 0.64 -34.54 36.23
CA THR G 206 0.78 -35.21 37.52
C THR G 206 1.33 -34.26 38.58
N ILE G 207 2.13 -33.26 38.19
CA ILE G 207 2.58 -32.24 39.14
C ILE G 207 1.40 -31.41 39.60
N ALA G 208 0.50 -31.06 38.68
CA ALA G 208 -0.70 -30.33 39.06
C ALA G 208 -1.58 -31.15 40.00
N ARG G 209 -1.71 -32.45 39.73
CA ARG G 209 -2.48 -33.32 40.62
C ARG G 209 -1.84 -33.40 42.01
N GLU G 210 -0.51 -33.52 42.07
CA GLU G 210 0.15 -33.58 43.37
C GLU G 210 0.04 -32.27 44.14
N LEU G 211 0.09 -31.13 43.43
CA LEU G 211 -0.06 -29.85 44.11
C LEU G 211 -1.48 -29.63 44.62
N LYS G 212 -2.48 -30.06 43.83
CA LYS G 212 -3.86 -30.01 44.30
C LYS G 212 -4.06 -30.92 45.50
N SER G 213 -3.43 -32.09 45.50
CA SER G 213 -3.47 -32.97 46.67
C SER G 213 -2.78 -32.31 47.86
N PHE G 214 -1.69 -31.58 47.62
CA PHE G 214 -1.01 -30.89 48.71
C PHE G 214 -1.91 -29.84 49.35
N LEU G 215 -2.65 -29.10 48.53
CA LEU G 215 -3.55 -28.09 49.08
C LEU G 215 -4.74 -28.72 49.79
N LEU G 216 -5.25 -29.84 49.25
CA LEU G 216 -6.43 -30.45 49.86
C LEU G 216 -6.09 -31.19 51.15
N GLU G 217 -5.00 -31.96 51.16
CA GLU G 217 -4.67 -32.86 52.26
C GLU G 217 -4.10 -32.17 53.50
N TYR G 218 -3.26 -31.15 53.33
CA TYR G 218 -2.35 -30.75 54.40
C TYR G 218 -3.09 -30.16 55.59
N THR G 219 -2.61 -30.51 56.79
CA THR G 219 -3.19 -30.07 58.04
C THR G 219 -2.07 -29.86 59.06
N ASP G 220 -2.39 -29.09 60.10
CA ASP G 220 -1.41 -28.74 61.11
C ASP G 220 -1.44 -29.74 62.28
N GLU G 221 -0.67 -29.43 63.31
CA GLU G 221 -0.71 -30.26 64.53
C GLU G 221 -2.01 -30.08 65.28
N THR G 222 -2.64 -28.91 65.17
CA THR G 222 -3.94 -28.68 65.81
C THR G 222 -5.01 -29.54 65.16
N GLY G 223 -4.94 -29.73 63.85
CA GLY G 223 -5.88 -30.55 63.12
C GLY G 223 -6.66 -29.81 62.04
N ARG G 224 -6.74 -28.49 62.12
CA ARG G 224 -7.42 -27.72 61.10
C ARG G 224 -6.56 -27.60 59.85
N SER G 225 -7.21 -27.62 58.69
CA SER G 225 -6.52 -27.43 57.43
C SER G 225 -6.12 -25.98 57.28
N VAL G 226 -4.82 -25.71 57.29
CA VAL G 226 -4.35 -24.33 57.21
C VAL G 226 -4.62 -23.75 55.82
N TYR G 227 -4.47 -24.56 54.77
CA TYR G 227 -4.69 -24.07 53.42
C TYR G 227 -6.16 -23.83 53.12
N GLY G 228 -7.06 -24.66 53.66
CA GLY G 228 -8.47 -24.37 53.53
C GLY G 228 -8.87 -23.07 54.20
N ALA G 229 -8.32 -22.81 55.39
CA ALA G 229 -8.58 -21.56 56.08
C ALA G 229 -8.03 -20.37 55.29
N ARG G 230 -6.82 -20.53 54.71
CA ARG G 230 -6.24 -19.47 53.89
C ARG G 230 -7.10 -19.19 52.66
N ILE G 231 -7.59 -20.23 52.00
CA ILE G 231 -8.42 -20.04 50.81
C ILE G 231 -9.74 -19.38 51.18
N ARG G 232 -10.35 -19.82 52.30
CA ARG G 232 -11.59 -19.21 52.76
C ARG G 232 -11.41 -17.75 53.09
N THR G 233 -10.33 -17.40 53.77
CA THR G 233 -10.15 -15.99 54.15
C THR G 233 -9.76 -15.13 52.96
N LEU G 234 -9.01 -15.65 51.98
CA LEU G 234 -8.68 -14.82 50.82
C LEU G 234 -9.90 -14.63 49.94
N GLY G 235 -10.79 -15.61 49.91
CA GLY G 235 -12.10 -15.38 49.32
C GLY G 235 -12.92 -14.37 50.09
N GLU G 236 -12.75 -14.34 51.42
CA GLU G 236 -13.46 -13.36 52.23
C GLU G 236 -13.02 -11.93 51.94
N MET G 237 -11.70 -11.70 51.81
CA MET G 237 -11.26 -10.34 51.48
C MET G 237 -11.23 -10.08 49.98
N ASN G 238 -11.63 -11.05 49.15
CA ASN G 238 -11.64 -10.92 47.69
C ASN G 238 -10.24 -10.57 47.15
N SER G 239 -9.22 -11.17 47.75
CA SER G 239 -7.84 -10.96 47.36
C SER G 239 -7.33 -12.18 46.62
N GLU G 240 -6.43 -11.95 45.67
CA GLU G 240 -5.93 -13.01 44.79
C GLU G 240 -4.58 -13.57 45.23
N SER G 241 -4.11 -13.24 46.42
CA SER G 241 -2.82 -13.72 46.90
C SER G 241 -3.00 -14.94 47.80
N LEU G 242 -2.26 -16.00 47.49
CA LEU G 242 -2.20 -17.20 48.32
C LEU G 242 -0.80 -17.32 48.92
N GLU G 243 -0.75 -17.46 50.25
CA GLU G 243 0.51 -17.60 50.95
C GLU G 243 0.74 -19.09 51.24
N VAL G 244 1.68 -19.69 50.53
CA VAL G 244 2.00 -21.10 50.67
C VAL G 244 3.37 -21.20 51.32
N ASN G 245 3.42 -21.83 52.49
CA ASN G 245 4.69 -21.99 53.19
C ASN G 245 5.52 -23.07 52.53
N TYR G 246 6.78 -22.75 52.25
CA TYR G 246 7.65 -23.70 51.58
C TYR G 246 8.06 -24.86 52.50
N ARG G 247 8.13 -24.62 53.81
CA ARG G 247 8.51 -25.68 54.74
C ARG G 247 7.46 -26.79 54.77
N HIS G 248 6.17 -26.40 54.71
CA HIS G 248 5.10 -27.38 54.68
C HIS G 248 5.19 -28.26 53.44
N LEU G 249 5.43 -27.65 52.28
CA LEU G 249 5.53 -28.42 51.05
C LEU G 249 6.80 -29.26 51.01
N ALA G 250 7.88 -28.79 51.63
CA ALA G 250 9.10 -29.57 51.71
C ALA G 250 8.94 -30.80 52.58
N GLU G 251 8.32 -30.64 53.76
CA GLU G 251 8.10 -31.79 54.62
C GLU G 251 6.98 -32.69 54.12
N SER G 252 6.12 -32.19 53.23
CA SER G 252 5.06 -33.02 52.67
C SER G 252 5.53 -33.75 51.41
N LYS G 253 5.95 -33.02 50.39
CA LYS G 253 6.39 -33.57 49.10
C LYS G 253 7.68 -32.86 48.71
N ALA G 254 8.82 -33.49 49.00
CA ALA G 254 10.11 -32.82 48.86
C ALA G 254 10.52 -32.65 47.41
N ILE G 255 10.13 -33.56 46.53
CA ILE G 255 10.53 -33.47 45.13
C ILE G 255 9.89 -32.25 44.47
N LEU G 256 8.66 -31.92 44.86
CA LEU G 256 8.04 -30.69 44.37
C LEU G 256 8.75 -29.45 44.92
N ALA G 257 9.29 -29.53 46.14
CA ALA G 257 10.05 -28.42 46.68
C ALA G 257 11.34 -28.20 45.90
N LEU G 258 12.04 -29.28 45.56
CA LEU G 258 13.25 -29.14 44.75
C LEU G 258 12.92 -28.63 43.36
N PHE G 259 11.80 -29.09 42.78
CA PHE G 259 11.38 -28.63 41.46
C PHE G 259 11.02 -27.14 41.48
N LEU G 260 10.35 -26.69 42.53
CA LEU G 260 10.00 -25.27 42.65
C LEU G 260 11.24 -24.41 42.90
N ALA G 261 12.19 -24.91 43.69
CA ALA G 261 13.41 -24.16 43.93
C ALA G 261 14.27 -24.04 42.68
N LYS G 262 14.30 -25.09 41.86
CA LYS G 262 15.22 -25.08 40.72
C LYS G 262 14.59 -24.44 39.48
N CYS G 263 13.31 -24.69 39.22
CA CYS G 263 12.60 -24.09 38.06
C CYS G 263 11.35 -23.40 38.57
N PRO G 264 11.48 -22.17 39.06
CA PRO G 264 10.32 -21.52 39.71
C PRO G 264 9.22 -21.12 38.75
N GLU G 265 9.57 -20.66 37.54
CA GLU G 265 8.55 -20.12 36.63
C GLU G 265 7.57 -21.20 36.18
N GLU G 266 8.09 -22.34 35.76
CA GLU G 266 7.23 -23.41 35.27
C GLU G 266 6.39 -24.03 36.38
N MET G 267 6.96 -24.15 37.59
CA MET G 267 6.19 -24.67 38.71
C MET G 267 5.11 -23.70 39.15
N LEU G 268 5.42 -22.41 39.18
CA LEU G 268 4.43 -21.42 39.62
C LEU G 268 3.31 -21.26 38.59
N LYS G 269 3.62 -21.43 37.30
CA LYS G 269 2.57 -21.36 36.28
C LYS G 269 1.55 -22.48 36.46
N ILE G 270 2.02 -23.69 36.77
CA ILE G 270 1.11 -24.80 37.03
C ILE G 270 0.38 -24.60 38.36
N PHE G 271 1.10 -24.13 39.37
CA PHE G 271 0.54 -24.06 40.71
C PHE G 271 -0.47 -22.91 40.83
N ASP G 272 -0.40 -21.92 39.94
CA ASP G 272 -1.47 -20.93 39.79
C ASP G 272 -2.79 -21.60 39.43
N LEU G 273 -2.76 -22.45 38.40
CA LEU G 273 -3.97 -23.19 38.01
C LEU G 273 -4.41 -24.14 39.12
N VAL G 274 -3.45 -24.72 39.84
CA VAL G 274 -3.78 -25.58 40.98
C VAL G 274 -4.53 -24.80 42.04
N ALA G 275 -4.05 -23.60 42.37
CA ALA G 275 -4.71 -22.78 43.38
C ALA G 275 -6.09 -22.31 42.92
N MET G 276 -6.23 -22.00 41.63
CA MET G 276 -7.54 -21.62 41.11
C MET G 276 -8.53 -22.78 41.16
N GLU G 277 -8.06 -23.99 40.84
CA GLU G 277 -8.93 -25.15 40.98
C GLU G 277 -9.27 -25.44 42.44
N ALA G 278 -8.35 -25.13 43.36
CA ALA G 278 -8.62 -25.31 44.78
C ALA G 278 -9.68 -24.32 45.27
N THR G 279 -9.58 -23.06 44.84
CA THR G 279 -10.56 -22.06 45.27
C THR G 279 -11.86 -22.15 44.48
N GLU G 280 -11.87 -22.89 43.37
CA GLU G 280 -13.10 -23.14 42.64
C GLU G 280 -13.99 -24.12 43.39
N LEU G 281 -13.42 -24.88 44.32
CA LEU G 281 -14.18 -25.87 45.08
C LEU G 281 -15.14 -25.21 46.06
N HIS G 282 -14.86 -23.97 46.46
CA HIS G 282 -15.76 -23.21 47.32
C HIS G 282 -16.53 -22.13 46.58
N TYR G 283 -15.85 -21.28 45.82
CA TYR G 283 -16.49 -20.12 45.19
C TYR G 283 -16.50 -20.30 43.68
N PRO G 284 -17.62 -20.71 43.08
CA PRO G 284 -17.67 -20.83 41.61
C PRO G 284 -17.50 -19.50 40.87
N ASP G 285 -17.97 -18.40 41.45
CA ASP G 285 -17.93 -17.12 40.78
C ASP G 285 -16.59 -16.39 40.95
N TYR G 286 -15.69 -16.95 41.77
CA TYR G 286 -14.41 -16.29 42.02
C TYR G 286 -13.54 -16.21 40.76
N ALA G 287 -13.68 -17.19 39.86
CA ALA G 287 -12.97 -17.13 38.59
C ALA G 287 -13.53 -16.06 37.67
N ARG G 288 -14.75 -15.59 37.92
CA ARG G 288 -15.35 -14.58 37.05
C ARG G 288 -14.77 -13.19 37.32
N ILE G 289 -14.52 -12.84 38.58
CA ILE G 289 -14.08 -11.50 38.95
C ILE G 289 -12.57 -11.36 38.88
N HIS G 290 -11.82 -12.38 39.29
CA HIS G 290 -10.37 -12.28 39.40
C HIS G 290 -9.64 -13.04 38.30
N SER G 291 -9.95 -14.34 38.13
CA SER G 291 -9.49 -15.21 37.05
C SER G 291 -7.98 -15.53 37.12
N GLU G 292 -7.26 -14.94 38.07
CA GLU G 292 -5.87 -15.28 38.32
C GLU G 292 -5.61 -15.23 39.82
N ILE G 293 -4.81 -16.17 40.31
CA ILE G 293 -4.37 -16.18 41.71
C ILE G 293 -2.86 -16.36 41.72
N HIS G 294 -2.15 -15.29 42.02
CA HIS G 294 -0.71 -15.37 42.20
C HIS G 294 -0.40 -15.82 43.61
N VAL G 295 0.44 -16.85 43.72
CA VAL G 295 0.76 -17.47 45.00
C VAL G 295 2.05 -16.86 45.52
N ARG G 296 2.18 -16.83 46.85
CA ARG G 296 3.30 -16.20 47.53
C ARG G 296 4.00 -17.25 48.38
N ILE G 297 5.12 -17.78 47.87
CA ILE G 297 5.89 -18.77 48.60
C ILE G 297 6.60 -18.09 49.76
N SER G 298 6.44 -18.65 50.96
CA SER G 298 6.96 -18.06 52.18
C SER G 298 7.87 -19.07 52.88
N ASP G 299 8.69 -18.56 53.79
CA ASP G 299 9.62 -19.34 54.60
C ASP G 299 10.58 -20.16 53.75
N PHE G 300 11.13 -19.54 52.71
CA PHE G 300 12.18 -20.18 51.94
C PHE G 300 13.46 -20.27 52.78
N PRO G 301 14.12 -21.43 52.79
CA PRO G 301 15.19 -21.64 53.78
C PRO G 301 16.49 -20.87 53.53
N THR G 302 16.93 -20.80 52.28
CA THR G 302 18.24 -20.23 51.97
C THR G 302 18.16 -18.72 51.99
N ILE G 303 19.16 -18.09 52.61
CA ILE G 303 19.25 -16.64 52.73
C ILE G 303 20.51 -16.21 51.99
N TYR G 304 20.34 -15.37 50.97
CA TYR G 304 21.45 -14.88 50.18
C TYR G 304 21.56 -13.37 50.32
N SER G 305 22.76 -12.91 50.63
CA SER G 305 23.05 -11.48 50.51
C SER G 305 23.19 -11.13 49.04
N LEU G 306 22.89 -9.86 48.71
CA LEU G 306 22.91 -9.43 47.31
C LEU G 306 24.29 -9.48 46.69
N ARG G 307 25.35 -9.49 47.49
CA ARG G 307 26.71 -9.51 46.98
C ARG G 307 27.18 -10.90 46.57
N GLU G 308 26.46 -11.96 46.95
CA GLU G 308 26.90 -13.32 46.65
C GLU G 308 26.02 -14.02 45.63
N LEU G 309 25.17 -13.28 44.93
CA LEU G 309 24.42 -13.86 43.82
C LEU G 309 25.36 -14.12 42.64
N ARG G 310 25.24 -15.30 42.04
CA ARG G 310 26.21 -15.75 41.05
C ARG G 310 25.54 -16.36 39.83
N GLU G 311 26.34 -17.05 39.00
CA GLU G 311 25.84 -17.73 37.81
C GLU G 311 24.86 -18.84 38.15
N SER G 312 25.00 -19.50 39.30
CA SER G 312 24.22 -20.68 39.62
C SER G 312 22.78 -20.33 39.99
N ASN G 313 22.51 -19.09 40.36
CA ASN G 313 21.21 -18.68 40.83
C ASN G 313 20.31 -18.16 39.71
N LEU G 314 20.77 -18.20 38.46
CA LEU G 314 19.94 -17.76 37.34
C LEU G 314 18.77 -18.72 37.14
N SER G 315 17.60 -18.14 36.90
CA SER G 315 16.34 -18.88 36.74
C SER G 315 16.06 -19.78 37.95
N SER G 316 16.33 -19.26 39.15
CA SER G 316 16.10 -19.99 40.38
C SER G 316 15.48 -19.05 41.40
N LEU G 317 14.86 -19.65 42.41
CA LEU G 317 14.18 -18.91 43.46
C LEU G 317 15.19 -18.56 44.54
N VAL G 318 15.33 -17.27 44.82
CA VAL G 318 16.27 -16.77 45.82
C VAL G 318 15.53 -15.89 46.80
N ARG G 319 16.02 -15.87 48.03
CA ARG G 319 15.48 -15.03 49.10
C ARG G 319 16.60 -14.10 49.56
N VAL G 320 16.44 -12.81 49.30
CA VAL G 320 17.48 -11.81 49.55
C VAL G 320 16.94 -10.73 50.46
N THR G 321 17.83 -10.11 51.22
CA THR G 321 17.48 -9.06 52.16
C THR G 321 18.06 -7.75 51.69
N GLY G 322 17.37 -6.64 51.97
CA GLY G 322 17.95 -5.36 51.64
C GLY G 322 17.04 -4.20 51.94
N VAL G 323 17.62 -3.02 51.82
CA VAL G 323 16.89 -1.76 51.99
C VAL G 323 16.31 -1.36 50.64
N VAL G 324 15.00 -1.12 50.61
CA VAL G 324 14.37 -0.53 49.44
C VAL G 324 14.85 0.91 49.32
N THR G 325 15.49 1.23 48.20
CA THR G 325 16.12 2.53 48.04
C THR G 325 15.27 3.50 47.23
N ARG G 326 14.82 3.09 46.06
CA ARG G 326 13.91 3.89 45.26
C ARG G 326 12.89 2.98 44.59
N ARG G 327 11.72 3.54 44.31
CA ARG G 327 10.68 2.84 43.59
C ARG G 327 10.09 3.76 42.53
N THR G 328 9.73 3.18 41.39
CA THR G 328 9.14 3.94 40.30
C THR G 328 7.63 3.89 40.42
N GLY G 329 6.95 4.58 39.50
CA GLY G 329 5.50 4.58 39.51
C GLY G 329 4.93 3.24 39.09
N VAL G 330 3.65 3.06 39.40
CA VAL G 330 2.94 1.84 39.01
C VAL G 330 2.48 1.99 37.56
N PHE G 331 2.97 1.12 36.70
CA PHE G 331 2.66 1.18 35.29
C PHE G 331 1.78 0.02 34.87
N PRO G 332 0.92 0.21 33.87
CA PRO G 332 0.13 -0.91 33.34
C PRO G 332 0.94 -1.73 32.34
N GLN G 333 1.11 -3.01 32.64
CA GLN G 333 1.79 -3.96 31.77
C GLN G 333 0.75 -4.86 31.11
N LEU G 334 0.94 -5.14 29.82
CA LEU G 334 -0.02 -5.93 29.07
C LEU G 334 -0.09 -7.36 29.61
N LYS G 335 -1.31 -7.84 29.88
CA LYS G 335 -1.51 -9.19 30.37
C LYS G 335 -2.32 -10.04 29.40
N TYR G 336 -3.51 -9.59 29.01
CA TYR G 336 -4.34 -10.25 28.00
C TYR G 336 -4.39 -9.32 26.80
N VAL G 337 -3.50 -9.51 25.85
CA VAL G 337 -3.38 -8.60 24.71
C VAL G 337 -4.45 -8.93 23.69
N LYS G 338 -5.22 -7.92 23.33
CA LYS G 338 -6.23 -8.03 22.29
C LYS G 338 -5.81 -7.13 21.13
N PHE G 339 -5.83 -7.68 19.92
CA PHE G 339 -5.38 -6.97 18.73
C PHE G 339 -6.56 -6.62 17.84
N ASN G 340 -6.30 -5.78 16.85
CA ASN G 340 -7.25 -5.53 15.77
C ASN G 340 -6.52 -5.42 14.43
N CYS G 341 -7.22 -5.80 13.37
CA CYS G 341 -6.66 -5.82 12.02
C CYS G 341 -7.09 -4.55 11.28
N LEU G 342 -6.13 -3.90 10.63
CA LEU G 342 -6.42 -2.67 9.92
C LEU G 342 -7.08 -2.91 8.57
N LYS G 343 -7.00 -4.13 8.03
CA LYS G 343 -7.60 -4.41 6.74
C LYS G 343 -9.13 -4.50 6.82
N CYS G 344 -9.64 -5.18 7.86
CA CYS G 344 -11.06 -5.46 7.96
C CYS G 344 -11.71 -4.92 9.23
N GLY G 345 -10.94 -4.52 10.23
CA GLY G 345 -11.50 -4.05 11.48
C GLY G 345 -11.83 -5.13 12.48
N SER G 346 -11.46 -6.38 12.20
CA SER G 346 -11.75 -7.47 13.12
C SER G 346 -10.93 -7.36 14.39
N ILE G 347 -11.56 -7.59 15.53
CA ILE G 347 -10.92 -7.51 16.83
C ILE G 347 -10.67 -8.93 17.32
N LEU G 348 -9.40 -9.24 17.58
CA LEU G 348 -8.97 -10.61 17.77
C LEU G 348 -9.16 -11.06 19.21
N GLY G 349 -8.89 -12.35 19.45
CA GLY G 349 -9.06 -12.94 20.75
C GLY G 349 -7.97 -12.54 21.72
N PRO G 350 -8.17 -12.81 23.00
CA PRO G 350 -7.14 -12.49 23.99
C PRO G 350 -5.97 -13.46 23.90
N PHE G 351 -4.76 -12.91 23.98
CA PHE G 351 -3.53 -13.68 24.00
C PHE G 351 -2.75 -13.33 25.25
N PHE G 352 -2.34 -14.36 25.99
CA PHE G 352 -1.64 -14.14 27.25
C PHE G 352 -0.24 -13.60 26.99
N GLN G 353 0.07 -12.46 27.59
CA GLN G 353 1.39 -11.85 27.48
C GLN G 353 2.26 -12.36 28.62
N ASP G 354 3.28 -13.14 28.28
CA ASP G 354 4.28 -13.54 29.26
C ASP G 354 5.11 -12.33 29.64
N SER G 355 5.57 -12.31 30.90
CA SER G 355 6.41 -11.21 31.36
C SER G 355 7.82 -11.29 30.79
N ASN G 356 8.21 -12.43 30.21
CA ASN G 356 9.57 -12.58 29.73
C ASN G 356 9.81 -11.82 28.44
N GLU G 357 8.88 -11.89 27.49
CA GLU G 357 9.08 -11.31 26.17
C GLU G 357 7.76 -10.80 25.60
N GLU G 358 7.86 -9.93 24.61
CA GLU G 358 6.70 -9.43 23.88
C GLU G 358 6.11 -10.52 23.00
N ILE G 359 4.79 -10.49 22.83
CA ILE G 359 4.09 -11.41 21.96
C ILE G 359 3.60 -10.66 20.73
N ARG G 360 3.42 -11.41 19.63
CA ARG G 360 2.99 -10.85 18.36
C ARG G 360 2.17 -11.88 17.60
N ILE G 361 1.25 -11.41 16.77
CA ILE G 361 0.38 -12.26 15.97
C ILE G 361 0.54 -11.88 14.51
N SER G 362 0.57 -12.90 13.63
CA SER G 362 0.78 -12.68 12.21
C SER G 362 -0.39 -13.07 11.32
N PHE G 363 -1.49 -13.59 11.89
CA PHE G 363 -2.62 -14.04 11.09
C PHE G 363 -3.91 -13.54 11.70
N CYS G 364 -4.87 -13.18 10.85
CA CYS G 364 -6.06 -12.45 11.27
C CYS G 364 -7.22 -13.33 11.70
N THR G 365 -7.37 -14.52 11.11
CA THR G 365 -8.47 -15.46 11.32
C THR G 365 -9.84 -14.91 10.95
N ASN G 366 -9.91 -13.74 10.29
CA ASN G 366 -11.15 -13.29 9.67
C ASN G 366 -10.99 -13.05 8.19
N CYS G 367 -10.03 -12.22 7.79
CA CYS G 367 -9.76 -11.91 6.39
C CYS G 367 -8.58 -12.68 5.83
N LYS G 368 -7.87 -13.45 6.68
CA LYS G 368 -6.72 -14.27 6.30
C LYS G 368 -5.63 -13.43 5.65
N SER G 369 -5.13 -12.47 6.42
CA SER G 369 -4.09 -11.56 5.97
C SER G 369 -3.05 -11.35 7.07
N LYS G 370 -1.82 -11.04 6.65
CA LYS G 370 -0.73 -10.73 7.57
C LYS G 370 -0.49 -9.24 7.67
N GLY G 371 -1.55 -8.42 7.63
CA GLY G 371 -1.39 -7.00 7.62
C GLY G 371 -1.00 -6.44 8.98
N PRO G 372 -0.91 -5.12 9.06
CA PRO G 372 -0.54 -4.47 10.33
C PRO G 372 -1.60 -4.67 11.39
N PHE G 373 -1.21 -5.28 12.50
CA PHE G 373 -2.09 -5.55 13.63
C PHE G 373 -1.75 -4.60 14.76
N ARG G 374 -2.77 -3.97 15.33
CA ARG G 374 -2.58 -2.91 16.33
C ARG G 374 -3.20 -3.31 17.65
N VAL G 375 -2.52 -2.99 18.75
CA VAL G 375 -3.05 -3.24 20.07
C VAL G 375 -4.00 -2.10 20.46
N ASN G 376 -5.24 -2.44 20.78
CA ASN G 376 -6.20 -1.45 21.28
C ASN G 376 -6.33 -1.61 22.79
N GLY G 377 -6.10 -0.51 23.51
CA GLY G 377 -6.08 -0.55 24.96
C GLY G 377 -7.43 -0.54 25.63
N GLU G 378 -8.52 -0.41 24.87
CA GLU G 378 -9.83 -0.32 25.50
C GLU G 378 -10.31 -1.67 26.01
N LYS G 379 -9.99 -2.75 25.29
CA LYS G 379 -10.28 -4.09 25.76
C LYS G 379 -9.03 -4.95 25.93
N THR G 380 -7.86 -4.35 26.01
CA THR G 380 -6.67 -5.05 26.48
C THR G 380 -6.61 -4.96 28.00
N VAL G 381 -6.30 -6.08 28.64
CA VAL G 381 -6.26 -6.19 30.09
C VAL G 381 -4.82 -6.03 30.55
N TYR G 382 -4.61 -5.34 31.66
CA TYR G 382 -3.28 -5.04 32.16
C TYR G 382 -3.13 -5.56 33.59
N ARG G 383 -1.87 -5.58 34.03
CA ARG G 383 -1.50 -5.85 35.41
C ARG G 383 -0.66 -4.68 35.90
N ASN G 384 -0.59 -4.52 37.21
CA ASN G 384 0.25 -3.49 37.79
C ASN G 384 1.72 -3.90 37.69
N TYR G 385 2.59 -2.90 37.56
CA TYR G 385 4.02 -3.12 37.42
C TYR G 385 4.77 -2.08 38.22
N GLN G 386 5.83 -2.52 38.91
CA GLN G 386 6.69 -1.58 39.62
C GLN G 386 8.13 -2.09 39.59
N ARG G 387 9.06 -1.15 39.66
CA ARG G 387 10.49 -1.46 39.78
C ARG G 387 11.00 -0.87 41.07
N VAL G 388 11.72 -1.68 41.85
CA VAL G 388 12.28 -1.27 43.13
C VAL G 388 13.76 -1.57 43.12
N THR G 389 14.58 -0.55 43.41
CA THR G 389 15.99 -0.79 43.63
C THR G 389 16.18 -1.29 45.05
N LEU G 390 16.82 -2.44 45.18
CA LEU G 390 17.11 -3.04 46.48
C LEU G 390 18.61 -2.97 46.69
N GLN G 391 19.01 -2.30 47.76
CA GLN G 391 20.41 -2.16 48.13
C GLN G 391 20.71 -3.11 49.27
N GLU G 392 21.96 -3.61 49.30
CA GLU G 392 22.42 -4.37 50.45
C GLU G 392 22.31 -3.53 51.71
N ALA G 393 21.86 -4.15 52.79
CA ALA G 393 21.73 -3.46 54.06
C ALA G 393 23.12 -3.02 54.53
N PRO G 394 23.31 -1.75 54.88
CA PRO G 394 24.67 -1.25 55.14
C PRO G 394 25.38 -1.94 56.29
N GLY G 395 24.66 -2.37 57.33
CA GLY G 395 25.30 -3.01 58.46
C GLY G 395 25.99 -4.32 58.15
N THR G 396 25.44 -5.12 57.22
CA THR G 396 25.99 -6.43 56.95
C THR G 396 27.06 -6.42 55.86
N VAL G 397 27.40 -5.26 55.32
CA VAL G 397 28.42 -5.20 54.27
C VAL G 397 29.79 -5.47 54.88
N PRO G 398 30.64 -6.25 54.22
CA PRO G 398 32.04 -6.38 54.66
C PRO G 398 32.76 -5.05 54.61
N PRO G 399 33.83 -4.85 55.41
CA PRO G 399 34.37 -3.51 55.67
C PRO G 399 34.75 -2.66 54.47
N GLY G 400 35.68 -3.14 53.63
CA GLY G 400 36.18 -2.30 52.56
C GLY G 400 35.31 -2.28 51.32
N ARG G 401 34.19 -2.99 51.34
CA ARG G 401 33.41 -3.20 50.13
C ARG G 401 32.21 -2.26 50.09
N LEU G 402 31.82 -1.89 48.87
CA LEU G 402 30.61 -1.15 48.57
C LEU G 402 29.41 -2.09 48.53
N PRO G 403 28.24 -1.64 48.98
CA PRO G 403 27.05 -2.49 48.89
C PRO G 403 26.60 -2.67 47.44
N ARG G 404 26.05 -3.85 47.16
CA ARG G 404 25.52 -4.13 45.85
C ARG G 404 24.03 -3.76 45.80
N HIS G 405 23.51 -3.71 44.58
CA HIS G 405 22.10 -3.37 44.36
C HIS G 405 21.55 -4.21 43.23
N ARG G 406 20.23 -4.42 43.28
CA ARG G 406 19.52 -5.16 42.26
C ARG G 406 18.21 -4.44 41.94
N GLU G 407 17.62 -4.80 40.81
CA GLU G 407 16.31 -4.30 40.43
C GLU G 407 15.29 -5.42 40.62
N VAL G 408 14.20 -5.10 41.32
CA VAL G 408 13.17 -6.05 41.67
C VAL G 408 11.88 -5.64 40.96
N ILE G 409 11.27 -6.59 40.26
CA ILE G 409 10.06 -6.36 39.48
C ILE G 409 8.88 -6.82 40.32
N LEU G 410 7.94 -5.91 40.59
CA LEU G 410 6.77 -6.19 41.39
C LEU G 410 5.54 -6.25 40.48
N LEU G 411 4.81 -7.35 40.59
CA LEU G 411 3.62 -7.64 39.80
C LEU G 411 2.39 -7.02 40.48
N ALA G 412 1.20 -7.48 40.09
CA ALA G 412 -0.05 -6.74 40.31
C ALA G 412 -0.31 -6.43 41.78
N ASP G 413 -0.29 -7.45 42.64
CA ASP G 413 -0.62 -7.23 44.04
C ASP G 413 0.57 -6.76 44.87
N LEU G 414 1.78 -6.80 44.32
CA LEU G 414 2.97 -6.47 45.07
C LEU G 414 3.39 -5.01 44.92
N VAL G 415 2.62 -4.19 44.21
CA VAL G 415 3.00 -2.80 44.03
C VAL G 415 2.67 -2.01 45.29
N ASP G 416 3.53 -1.03 45.60
CA ASP G 416 3.37 -0.11 46.72
C ASP G 416 3.29 -0.83 48.07
N VAL G 417 3.99 -1.95 48.20
CA VAL G 417 4.05 -2.65 49.48
C VAL G 417 5.33 -2.33 50.25
N SER G 418 6.30 -1.67 49.63
CA SER G 418 7.57 -1.36 50.27
C SER G 418 7.96 0.07 49.93
N LYS G 419 7.87 0.96 50.92
CA LYS G 419 8.32 2.32 50.77
C LYS G 419 9.85 2.38 50.83
N PRO G 420 10.45 3.39 50.21
CA PRO G 420 11.91 3.54 50.33
C PRO G 420 12.35 3.78 51.76
N GLY G 421 13.50 3.19 52.11
CA GLY G 421 14.09 3.38 53.42
C GLY G 421 13.77 2.33 54.45
N GLU G 422 13.11 1.24 54.08
CA GLU G 422 12.80 0.18 55.02
C GLU G 422 13.39 -1.15 54.55
N GLU G 423 13.82 -1.95 55.53
CA GLU G 423 14.46 -3.23 55.25
C GLU G 423 13.39 -4.28 54.96
N VAL G 424 13.56 -5.00 53.85
CA VAL G 424 12.62 -6.02 53.42
C VAL G 424 13.41 -7.28 53.08
N GLU G 425 12.66 -8.38 52.95
CA GLU G 425 13.17 -9.68 52.53
C GLU G 425 12.29 -10.14 51.37
N VAL G 426 12.85 -10.16 50.18
CA VAL G 426 12.11 -10.52 48.97
C VAL G 426 12.60 -11.86 48.45
N THR G 427 11.66 -12.76 48.18
CA THR G 427 11.95 -14.00 47.47
C THR G 427 11.42 -13.86 46.05
N GLY G 428 12.08 -14.51 45.11
CA GLY G 428 11.66 -14.37 43.74
C GLY G 428 12.63 -15.01 42.78
N ILE G 429 12.27 -14.94 41.51
CA ILE G 429 13.06 -15.57 40.45
C ILE G 429 14.18 -14.64 40.06
N TYR G 430 15.42 -15.11 40.18
CA TYR G 430 16.59 -14.33 39.79
C TYR G 430 16.88 -14.62 38.33
N LYS G 431 16.40 -13.77 37.44
CA LYS G 431 16.58 -14.04 36.02
C LYS G 431 17.32 -12.90 35.32
N ASN G 432 17.39 -13.04 34.00
CA ASN G 432 18.30 -12.29 33.16
C ASN G 432 17.49 -11.41 32.22
N ASN G 433 17.69 -10.10 32.32
CA ASN G 433 17.01 -9.15 31.45
C ASN G 433 17.65 -9.16 30.06
N TYR G 434 16.83 -9.02 29.04
CA TYR G 434 17.27 -9.04 27.65
C TYR G 434 17.27 -7.63 27.09
N ASP G 435 18.37 -7.24 26.47
CA ASP G 435 18.52 -5.92 25.89
C ASP G 435 19.06 -6.03 24.47
N GLY G 436 18.77 -5.00 23.67
CA GLY G 436 19.17 -5.01 22.27
C GLY G 436 20.66 -4.74 22.11
N ASN G 437 21.33 -5.63 21.38
CA ASN G 437 22.75 -5.52 21.01
C ASN G 437 23.69 -5.50 22.22
N LEU G 438 23.22 -5.96 23.37
CA LEU G 438 23.99 -6.14 24.61
C LEU G 438 24.58 -4.78 25.03
N ASN G 439 25.81 -4.74 25.51
CA ASN G 439 26.46 -3.50 25.92
C ASN G 439 27.69 -3.28 25.05
N ALA G 440 27.72 -2.14 24.34
CA ALA G 440 28.85 -1.83 23.48
C ALA G 440 30.06 -1.34 24.26
N LYS G 441 29.84 -0.79 25.46
CA LYS G 441 30.95 -0.25 26.24
C LYS G 441 31.85 -1.35 26.77
N ASN G 442 31.26 -2.48 27.18
CA ASN G 442 32.05 -3.56 27.76
C ASN G 442 32.84 -4.32 26.70
N GLY G 443 32.24 -4.53 25.52
CA GLY G 443 32.87 -5.36 24.52
C GLY G 443 32.77 -6.85 24.76
N PHE G 444 31.94 -7.25 25.73
CA PHE G 444 31.75 -8.63 26.15
C PHE G 444 30.26 -8.92 26.17
N PRO G 445 29.85 -10.19 26.04
CA PRO G 445 28.40 -10.47 26.09
C PRO G 445 27.89 -10.50 27.53
N VAL G 446 27.85 -9.32 28.15
CA VAL G 446 27.53 -9.17 29.56
C VAL G 446 26.05 -8.80 29.68
N PHE G 447 25.35 -9.48 30.58
CA PHE G 447 23.92 -9.38 30.72
C PHE G 447 23.55 -8.75 32.05
N ALA G 448 22.44 -8.02 32.08
CA ALA G 448 21.91 -7.41 33.29
C ALA G 448 20.91 -8.36 33.93
N THR G 449 20.80 -8.29 35.25
CA THR G 449 19.99 -9.23 36.00
C THR G 449 18.90 -8.53 36.80
N ILE G 450 17.73 -9.16 36.87
CA ILE G 450 16.60 -8.68 37.64
C ILE G 450 16.10 -9.80 38.53
N ILE G 451 15.38 -9.41 39.58
CA ILE G 451 14.69 -10.35 40.44
C ILE G 451 13.20 -10.06 40.33
N GLU G 452 12.46 -11.00 39.75
CA GLU G 452 11.01 -10.88 39.69
C GLU G 452 10.43 -11.38 41.01
N ALA G 453 9.84 -10.48 41.77
CA ALA G 453 9.41 -10.78 43.13
C ALA G 453 8.21 -11.72 43.11
N ASN G 454 8.28 -12.78 43.92
CA ASN G 454 7.13 -13.64 44.12
C ASN G 454 6.48 -13.36 45.46
N SER G 455 7.27 -12.99 46.47
CA SER G 455 6.73 -12.55 47.75
C SER G 455 7.68 -11.54 48.37
N ILE G 456 7.11 -10.59 49.11
CA ILE G 456 7.86 -9.57 49.84
C ILE G 456 7.45 -9.61 51.30
N LYS G 457 8.42 -9.71 52.19
CA LYS G 457 8.20 -9.63 53.63
C LYS G 457 8.99 -8.47 54.20
N ARG G 458 8.36 -7.73 55.11
CA ARG G 458 9.00 -6.61 55.78
C ARG G 458 9.63 -7.08 57.09
N ARG G 459 10.89 -6.73 57.30
CA ARG G 459 11.59 -7.09 58.53
C ARG G 459 11.33 -6.04 59.62
N VAL G 473 2.13 1.24 61.95
CA VAL G 473 0.73 1.35 61.58
C VAL G 473 -0.08 1.91 62.74
N PHE G 474 -0.79 3.01 62.49
CA PHE G 474 -1.59 3.67 63.52
C PHE G 474 -3.08 3.31 63.36
N SER G 475 -3.35 2.02 63.52
CA SER G 475 -4.71 1.50 63.44
C SER G 475 -5.13 0.99 64.82
N TRP G 476 -6.27 1.46 65.30
CA TRP G 476 -6.80 1.04 66.58
C TRP G 476 -8.07 0.22 66.38
N THR G 477 -8.23 -0.82 67.20
CA THR G 477 -9.43 -1.64 67.17
C THR G 477 -10.39 -1.18 68.26
N GLU G 478 -11.53 -1.86 68.36
CA GLU G 478 -12.47 -1.57 69.44
C GLU G 478 -11.87 -1.90 70.80
N GLU G 479 -11.13 -3.01 70.88
CA GLU G 479 -10.41 -3.33 72.11
C GLU G 479 -9.33 -2.31 72.41
N GLU G 480 -8.66 -1.79 71.39
CA GLU G 480 -7.69 -0.72 71.59
C GLU G 480 -8.38 0.55 72.10
N GLU G 481 -9.58 0.84 71.57
CA GLU G 481 -10.34 1.99 72.05
C GLU G 481 -10.72 1.84 73.51
N ARG G 482 -11.20 0.66 73.90
CA ARG G 482 -11.59 0.49 75.30
C ARG G 482 -10.37 0.45 76.22
N GLU G 483 -9.22 0.00 75.72
CA GLU G 483 -7.99 0.08 76.52
C GLU G 483 -7.54 1.52 76.70
N PHE G 484 -7.65 2.33 75.64
CA PHE G 484 -7.33 3.75 75.75
C PHE G 484 -8.24 4.45 76.73
N ARG G 485 -9.54 4.15 76.67
CA ARG G 485 -10.47 4.72 77.64
C ARG G 485 -10.14 4.26 79.06
N LYS G 486 -9.80 2.97 79.22
CA LYS G 486 -9.47 2.44 80.54
C LYS G 486 -8.25 3.13 81.12
N ILE G 487 -7.22 3.36 80.31
CA ILE G 487 -6.02 4.05 80.80
C ILE G 487 -6.27 5.55 80.90
N SER G 488 -7.39 6.06 80.38
CA SER G 488 -7.66 7.48 80.51
C SER G 488 -8.15 7.86 81.91
N ARG G 489 -8.94 7.00 82.58
CA ARG G 489 -9.60 7.40 83.82
C ARG G 489 -8.68 7.62 85.01
N ASP G 490 -7.44 7.12 84.98
CA ASP G 490 -6.60 7.29 86.16
C ASP G 490 -6.17 8.74 86.32
N ARG G 491 -5.95 9.14 87.57
CA ARG G 491 -5.72 10.53 87.89
C ARG G 491 -4.38 11.02 87.37
N GLY G 492 -3.33 10.23 87.54
CA GLY G 492 -2.00 10.67 87.18
C GLY G 492 -1.53 10.21 85.82
N ILE G 493 -2.41 10.25 84.81
CA ILE G 493 -2.03 9.81 83.48
C ILE G 493 -1.00 10.74 82.85
N ILE G 494 -1.15 12.06 83.06
CA ILE G 494 -0.31 13.04 82.39
C ILE G 494 1.15 12.83 82.77
N ASP G 495 1.42 12.70 84.07
CA ASP G 495 2.77 12.41 84.53
C ASP G 495 3.30 11.12 83.93
N LYS G 496 2.44 10.09 83.84
CA LYS G 496 2.84 8.85 83.18
C LYS G 496 3.22 9.11 81.73
N ILE G 497 2.42 9.91 81.02
CA ILE G 497 2.78 10.33 79.67
C ILE G 497 4.12 11.06 79.70
N ILE G 498 4.31 11.95 80.67
CA ILE G 498 5.56 12.68 80.76
C ILE G 498 6.70 11.73 81.11
N SER G 499 6.40 10.65 81.84
CA SER G 499 7.41 9.68 82.15
C SER G 499 7.77 8.81 80.95
N SER G 500 6.91 8.77 79.93
CA SER G 500 7.15 7.89 78.79
C SER G 500 7.73 8.61 77.59
N MET G 501 7.91 9.92 77.67
CA MET G 501 8.49 10.68 76.56
C MET G 501 10.00 10.53 76.61
N ALA G 502 10.58 9.95 75.55
CA ALA G 502 12.03 9.75 75.38
C ALA G 502 12.65 9.04 76.59
N PRO G 503 12.40 7.74 76.75
CA PRO G 503 12.95 7.03 77.92
C PRO G 503 14.46 6.97 77.97
N SER G 504 15.14 7.14 76.82
CA SER G 504 16.60 7.16 76.80
C SER G 504 17.18 8.48 77.31
N ILE G 505 16.36 9.46 77.62
CA ILE G 505 16.81 10.76 78.08
C ILE G 505 16.43 10.89 79.56
N TYR G 506 17.38 11.32 80.38
CA TYR G 506 17.20 11.33 81.82
C TYR G 506 17.06 12.76 82.35
N GLY G 507 16.08 12.96 83.21
CA GLY G 507 16.04 14.08 84.12
C GLY G 507 15.59 15.41 83.56
N HIS G 508 15.30 15.49 82.27
CA HIS G 508 14.88 16.75 81.65
C HIS G 508 13.36 16.74 81.54
N ARG G 509 12.70 16.99 82.67
CA ARG G 509 11.26 16.78 82.75
C ARG G 509 10.48 17.90 82.07
N ASP G 510 10.98 19.14 82.17
CA ASP G 510 10.24 20.28 81.61
C ASP G 510 10.22 20.24 80.09
N ILE G 511 11.34 19.91 79.46
CA ILE G 511 11.37 19.85 78.01
C ILE G 511 10.61 18.64 77.51
N LYS G 512 10.55 17.57 78.31
CA LYS G 512 9.69 16.44 77.98
C LYS G 512 8.22 16.83 78.07
N THR G 513 7.86 17.67 79.04
CA THR G 513 6.50 18.18 79.11
C THR G 513 6.17 19.01 77.88
N ALA G 514 7.10 19.86 77.45
CA ALA G 514 6.90 20.65 76.25
C ALA G 514 6.75 19.76 75.02
N VAL G 515 7.56 18.71 74.92
CA VAL G 515 7.50 17.80 73.78
C VAL G 515 6.16 17.07 73.75
N ALA G 516 5.72 16.56 74.91
CA ALA G 516 4.45 15.85 74.98
C ALA G 516 3.28 16.77 74.63
N CYS G 517 3.34 18.03 75.08
CA CYS G 517 2.32 18.99 74.69
C CYS G 517 2.33 19.25 73.20
N SER G 518 3.52 19.26 72.59
CA SER G 518 3.61 19.53 71.15
C SER G 518 3.06 18.36 70.33
N LEU G 519 3.37 17.12 70.72
CA LEU G 519 2.79 15.99 70.01
C LEU G 519 1.28 15.90 70.20
N PHE G 520 0.78 16.13 71.41
CA PHE G 520 -0.66 16.07 71.58
C PHE G 520 -1.33 17.28 70.94
N GLY G 521 -0.80 18.48 71.18
CA GLY G 521 -1.29 19.68 70.53
C GLY G 521 -2.65 20.11 71.03
N GLY G 522 -3.03 21.33 70.65
CA GLY G 522 -4.37 21.84 70.87
C GLY G 522 -5.28 21.51 69.72
N VAL G 523 -6.25 22.39 69.49
CA VAL G 523 -7.08 22.36 68.29
C VAL G 523 -7.07 23.75 67.66
N PRO G 524 -7.02 23.85 66.34
CA PRO G 524 -7.17 25.16 65.69
C PRO G 524 -8.63 25.56 65.62
N LYS G 525 -8.86 26.87 65.59
CA LYS G 525 -10.24 27.34 65.51
C LYS G 525 -10.30 28.56 64.62
N ASN G 526 -11.51 28.87 64.15
CA ASN G 526 -11.72 29.97 63.21
C ASN G 526 -13.11 30.53 63.50
N VAL G 527 -13.16 31.69 64.16
CA VAL G 527 -14.44 32.28 64.55
C VAL G 527 -15.02 33.03 63.36
N ASN G 528 -16.20 32.56 62.89
CA ASN G 528 -16.98 33.20 61.82
C ASN G 528 -16.21 33.30 60.51
N GLY G 529 -15.16 32.49 60.38
CA GLY G 529 -14.34 32.50 59.17
C GLY G 529 -13.30 33.59 59.11
N LYS G 530 -13.54 34.70 59.81
CA LYS G 530 -12.68 35.87 59.68
C LYS G 530 -11.38 35.74 60.46
N HIS G 531 -11.44 35.29 61.71
CA HIS G 531 -10.28 35.28 62.60
C HIS G 531 -9.91 33.83 62.90
N SER G 532 -8.69 33.46 62.57
CA SER G 532 -8.18 32.11 62.78
C SER G 532 -7.19 32.11 63.93
N ILE G 533 -7.43 31.25 64.91
CA ILE G 533 -6.53 31.03 66.04
C ILE G 533 -5.82 29.71 65.81
N ARG G 534 -4.48 29.78 65.82
CA ARG G 534 -3.63 28.62 65.62
C ARG G 534 -3.78 27.63 66.78
N GLY G 535 -3.60 26.35 66.47
CA GLY G 535 -3.90 25.32 67.45
C GLY G 535 -2.86 24.24 67.70
N ASP G 536 -1.59 24.50 67.40
CA ASP G 536 -0.54 23.55 67.69
C ASP G 536 0.69 24.23 68.30
N ILE G 537 1.29 23.59 69.30
CA ILE G 537 2.30 24.20 70.13
C ILE G 537 3.66 24.11 69.45
N ASN G 538 4.34 25.25 69.37
CA ASN G 538 5.71 25.33 68.91
C ASN G 538 6.65 25.33 70.11
N VAL G 539 7.67 24.49 70.07
CA VAL G 539 8.62 24.33 71.17
C VAL G 539 10.00 24.66 70.65
N LEU G 540 10.76 25.45 71.43
CA LEU G 540 12.13 25.79 71.09
C LEU G 540 13.04 25.34 72.22
N LEU G 541 13.95 24.40 71.93
CA LEU G 541 14.89 23.86 72.90
C LEU G 541 16.23 24.54 72.69
N LEU G 542 16.52 25.54 73.52
CA LEU G 542 17.84 26.17 73.52
C LEU G 542 18.72 25.41 74.49
N GLY G 543 19.77 24.77 73.97
CA GLY G 543 20.57 23.91 74.83
C GLY G 543 22.04 24.01 74.56
N ASP G 544 22.81 23.85 75.62
CA ASP G 544 24.25 23.72 75.52
C ASP G 544 24.60 22.40 74.85
N PRO G 545 25.79 22.29 74.26
CA PRO G 545 26.18 21.01 73.63
C PRO G 545 26.24 19.88 74.65
N GLY G 546 25.77 18.71 74.23
CA GLY G 546 25.74 17.55 75.10
C GLY G 546 24.54 17.45 76.00
N THR G 547 23.43 18.12 75.66
CA THR G 547 22.19 18.02 76.41
C THR G 547 21.16 17.12 75.75
N ALA G 548 21.59 16.34 74.74
CA ALA G 548 20.78 15.30 74.10
C ALA G 548 19.49 15.85 73.50
N LYS G 549 19.61 16.97 72.81
CA LYS G 549 18.47 17.56 72.10
C LYS G 549 18.15 16.77 70.83
N SER G 550 19.19 16.37 70.08
CA SER G 550 18.99 15.66 68.84
C SER G 550 18.38 14.28 69.07
N GLN G 551 18.69 13.66 70.21
CA GLN G 551 18.07 12.38 70.55
C GLN G 551 16.58 12.56 70.79
N ILE G 552 16.18 13.68 71.41
CA ILE G 552 14.76 13.96 71.61
C ILE G 552 14.08 14.21 70.27
N LEU G 553 14.75 14.92 69.36
CA LEU G 553 14.20 15.14 68.03
C LEU G 553 14.03 13.81 67.27
N LYS G 554 15.01 12.92 67.39
CA LYS G 554 14.90 11.60 66.77
C LYS G 554 13.78 10.78 67.39
N TYR G 555 13.58 10.90 68.71
CA TYR G 555 12.48 10.20 69.36
C TYR G 555 11.14 10.71 68.85
N VAL G 556 10.99 12.02 68.69
CA VAL G 556 9.75 12.57 68.16
C VAL G 556 9.54 12.14 66.72
N GLU G 557 10.62 12.05 65.94
CA GLU G 557 10.53 11.54 64.58
C GLU G 557 10.05 10.10 64.57
N LYS G 558 10.53 9.28 65.51
CA LYS G 558 10.05 7.90 65.63
C LYS G 558 8.60 7.84 66.08
N THR G 559 8.17 8.78 66.92
CA THR G 559 6.92 8.62 67.64
C THR G 559 5.72 9.20 66.87
N ALA G 560 5.85 10.41 66.34
CA ALA G 560 4.70 11.10 65.77
C ALA G 560 4.24 10.44 64.47
N HIS G 561 2.96 10.67 64.15
CA HIS G 561 2.37 10.08 62.95
C HIS G 561 3.00 10.63 61.68
N ARG G 562 3.05 11.95 61.57
CA ARG G 562 3.66 12.62 60.42
C ARG G 562 4.69 13.61 60.95
N ALA G 563 5.92 13.11 61.12
CA ALA G 563 7.05 13.91 61.58
C ALA G 563 8.03 14.04 60.43
N VAL G 564 8.44 15.27 60.14
CA VAL G 564 9.38 15.54 59.06
C VAL G 564 10.64 16.16 59.66
N PHE G 565 11.79 15.53 59.42
CA PHE G 565 13.06 16.02 59.96
C PHE G 565 13.75 16.90 58.92
N ALA G 566 14.17 18.09 59.36
CA ALA G 566 14.95 18.99 58.55
C ALA G 566 16.06 19.59 59.40
N THR G 567 17.13 20.02 58.74
CA THR G 567 18.26 20.63 59.43
C THR G 567 18.74 21.83 58.63
N GLY G 568 19.38 22.77 59.32
CA GLY G 568 19.87 23.98 58.69
C GLY G 568 21.22 23.83 58.01
N GLN G 569 22.23 23.40 58.77
CA GLN G 569 23.57 23.27 58.23
C GLN G 569 23.73 22.03 57.36
N GLY G 570 22.96 20.98 57.63
CA GLY G 570 23.08 19.75 56.88
C GLY G 570 22.59 19.87 55.45
N ALA G 571 22.95 18.88 54.64
CA ALA G 571 22.67 18.89 53.21
C ALA G 571 21.72 17.79 52.77
N SER G 572 21.99 16.54 53.15
CA SER G 572 21.21 15.39 52.68
C SER G 572 19.94 15.24 53.52
N ALA G 573 19.03 16.18 53.32
CA ALA G 573 17.74 16.17 53.99
C ALA G 573 16.76 17.01 53.17
N VAL G 574 15.48 16.83 53.46
CA VAL G 574 14.45 17.63 52.79
C VAL G 574 14.50 19.06 53.30
N GLY G 575 14.52 20.02 52.38
CA GLY G 575 14.65 21.40 52.76
C GLY G 575 13.36 21.99 53.30
N LEU G 576 13.51 23.15 53.93
CA LEU G 576 12.35 23.86 54.48
C LEU G 576 11.72 24.83 53.50
N THR G 577 12.35 25.07 52.35
CA THR G 577 11.87 26.03 51.38
C THR G 577 11.16 25.31 50.24
N ALA G 578 9.97 25.80 49.88
CA ALA G 578 9.26 25.29 48.73
C ALA G 578 10.03 25.59 47.45
N SER G 579 9.96 24.66 46.50
CA SER G 579 10.74 24.80 45.28
C SER G 579 10.02 24.09 44.14
N VAL G 580 10.42 24.44 42.92
CA VAL G 580 9.99 23.77 41.71
C VAL G 580 11.26 23.32 41.00
N ARG G 581 11.51 22.02 40.95
CA ARG G 581 12.75 21.53 40.37
C ARG G 581 12.50 20.57 39.22
N LYS G 582 13.37 20.65 38.22
CA LYS G 582 13.34 19.78 37.06
C LYS G 582 14.44 18.73 37.22
N ASP G 583 14.08 17.47 37.03
CA ASP G 583 15.08 16.39 37.12
C ASP G 583 16.04 16.50 35.96
N PRO G 584 17.36 16.40 36.20
CA PRO G 584 18.33 16.51 35.08
C PRO G 584 18.19 15.40 34.06
N ILE G 585 17.79 14.20 34.48
CA ILE G 585 17.66 13.07 33.57
C ILE G 585 16.22 12.91 33.09
N THR G 586 15.26 12.92 34.03
CA THR G 586 13.86 12.67 33.68
C THR G 586 13.25 13.86 32.94
N LYS G 587 13.82 15.06 33.14
CA LYS G 587 13.29 16.31 32.58
C LYS G 587 11.84 16.54 33.00
N GLU G 588 11.55 16.24 34.27
CA GLU G 588 10.20 16.32 34.81
C GLU G 588 10.17 17.34 35.94
N TRP G 589 9.24 18.29 35.86
CA TRP G 589 9.11 19.29 36.90
C TRP G 589 8.28 18.78 38.06
N THR G 590 8.77 19.01 39.28
CA THR G 590 8.10 18.63 40.50
C THR G 590 8.01 19.83 41.43
N LEU G 591 6.86 19.98 42.08
CA LEU G 591 6.62 21.02 43.05
C LEU G 591 6.79 20.42 44.44
N GLU G 592 7.83 20.85 45.15
CA GLU G 592 8.11 20.38 46.50
C GLU G 592 7.68 21.46 47.48
N GLY G 593 6.81 21.09 48.41
CA GLY G 593 6.36 22.04 49.41
C GLY G 593 7.37 22.30 50.51
N GLY G 594 8.36 21.43 50.65
CA GLY G 594 9.31 21.54 51.73
C GLY G 594 8.85 20.80 52.98
N ALA G 595 9.73 20.81 53.98
CA ALA G 595 9.47 20.08 55.22
C ALA G 595 8.29 20.67 55.98
N LEU G 596 8.02 21.96 55.80
CA LEU G 596 6.90 22.59 56.50
C LEU G 596 5.57 22.19 55.89
N VAL G 597 5.47 22.17 54.56
CA VAL G 597 4.24 21.73 53.90
C VAL G 597 4.03 20.23 54.07
N LEU G 598 5.10 19.45 53.99
CA LEU G 598 5.00 18.01 54.16
C LEU G 598 4.60 17.63 55.59
N ALA G 599 4.81 18.51 56.56
CA ALA G 599 4.42 18.26 57.93
C ALA G 599 3.06 18.83 58.27
N ASP G 600 2.24 19.15 57.26
CA ASP G 600 0.89 19.65 57.49
C ASP G 600 0.07 18.62 58.26
N LYS G 601 -0.65 19.09 59.28
CA LYS G 601 -1.32 18.24 60.26
C LYS G 601 -0.35 17.26 60.91
N GLY G 602 0.84 17.76 61.22
CA GLY G 602 1.88 16.95 61.81
C GLY G 602 2.87 17.81 62.55
N VAL G 603 4.13 17.40 62.54
CA VAL G 603 5.20 18.09 63.25
C VAL G 603 6.44 18.16 62.37
N CYS G 604 7.08 19.33 62.37
CA CYS G 604 8.36 19.53 61.68
C CYS G 604 9.45 19.69 62.73
N LEU G 605 10.42 18.79 62.72
CA LEU G 605 11.53 18.78 63.66
C LEU G 605 12.74 19.39 62.98
N ILE G 606 13.17 20.53 63.46
CA ILE G 606 14.21 21.32 62.81
C ILE G 606 15.43 21.33 63.71
N ASP G 607 16.44 20.55 63.35
CA ASP G 607 17.69 20.50 64.09
C ASP G 607 18.56 21.66 63.60
N GLU G 608 19.39 22.18 64.50
CA GLU G 608 20.40 23.21 64.21
C GLU G 608 19.73 24.49 63.68
N PHE G 609 18.87 25.04 64.54
CA PHE G 609 17.98 26.14 64.18
C PHE G 609 18.69 27.49 64.03
N ASP G 610 19.77 27.72 64.79
CA ASP G 610 20.34 29.07 64.85
C ASP G 610 21.07 29.46 63.58
N LYS G 611 21.67 28.49 62.88
CA LYS G 611 22.43 28.79 61.66
C LYS G 611 21.70 28.41 60.38
N MET G 612 20.39 28.62 60.36
CA MET G 612 19.62 28.56 59.12
C MET G 612 19.99 29.73 58.21
N ASN G 613 19.84 29.52 56.90
CA ASN G 613 20.10 30.60 55.95
C ASN G 613 18.84 31.48 55.79
N ASP G 614 18.94 32.45 54.89
CA ASP G 614 17.94 33.51 54.81
C ASP G 614 16.61 32.99 54.26
N GLN G 615 16.65 32.18 53.19
CA GLN G 615 15.42 31.70 52.59
C GLN G 615 14.68 30.75 53.52
N ASP G 616 15.42 29.94 54.29
CA ASP G 616 14.77 29.09 55.29
C ASP G 616 14.16 29.92 56.41
N ARG G 617 14.81 31.02 56.80
CA ARG G 617 14.22 31.89 57.82
C ARG G 617 12.93 32.51 57.34
N THR G 618 12.89 32.97 56.09
CA THR G 618 11.66 33.52 55.53
C THR G 618 10.57 32.44 55.43
N SER G 619 10.95 31.23 55.01
CA SER G 619 10.00 30.14 54.93
C SER G 619 9.42 29.79 56.30
N ILE G 620 10.27 29.78 57.32
CA ILE G 620 9.83 29.47 58.67
C ILE G 620 8.89 30.54 59.19
N HIS G 621 9.23 31.82 58.94
CA HIS G 621 8.38 32.92 59.38
C HIS G 621 7.01 32.86 58.72
N GLU G 622 6.97 32.57 57.42
CA GLU G 622 5.67 32.48 56.75
C GLU G 622 4.90 31.24 57.18
N ALA G 623 5.61 30.12 57.41
CA ALA G 623 4.94 28.90 57.84
C ALA G 623 4.38 29.01 59.25
N MET G 624 4.93 29.88 60.09
CA MET G 624 4.23 30.15 61.33
C MET G 624 3.31 31.36 61.28
N GLU G 625 3.35 32.17 60.23
CA GLU G 625 2.49 33.34 60.18
C GLU G 625 1.04 32.97 59.88
N GLN G 626 0.78 32.42 58.70
CA GLN G 626 -0.55 31.96 58.34
C GLN G 626 -0.66 30.45 58.18
N GLN G 627 0.34 29.71 58.68
CA GLN G 627 0.42 28.26 58.50
C GLN G 627 0.32 27.89 57.02
N SER G 628 1.04 28.65 56.19
CA SER G 628 0.92 28.59 54.75
C SER G 628 2.26 28.91 54.13
N ILE G 629 2.40 28.56 52.85
CA ILE G 629 3.60 28.86 52.08
C ILE G 629 3.16 29.28 50.68
N SER G 630 3.62 30.44 50.23
CA SER G 630 3.24 30.98 48.93
C SER G 630 4.40 30.82 47.96
N ILE G 631 4.12 30.29 46.77
CA ILE G 631 5.13 30.08 45.75
C ILE G 631 4.70 30.74 44.45
N SER G 632 5.65 31.41 43.80
CA SER G 632 5.50 31.93 42.43
C SER G 632 6.79 31.60 41.69
N LYS G 633 6.84 30.41 41.11
CA LYS G 633 7.99 29.98 40.32
C LYS G 633 7.53 29.14 39.15
N ALA G 634 8.20 29.34 38.00
CA ALA G 634 8.00 28.54 36.78
C ALA G 634 6.56 28.56 36.30
N GLY G 635 5.91 29.71 36.44
CA GLY G 635 4.51 29.85 36.06
C GLY G 635 3.53 29.34 37.08
N ILE G 636 4.00 28.72 38.16
CA ILE G 636 3.15 28.18 39.21
C ILE G 636 3.04 29.26 40.29
N VAL G 637 1.84 29.77 40.48
CA VAL G 637 1.54 30.74 41.53
C VAL G 637 0.46 30.11 42.39
N THR G 638 0.83 29.67 43.59
CA THR G 638 -0.14 28.99 44.44
C THR G 638 0.24 29.10 45.90
N THR G 639 -0.63 28.56 46.74
CA THR G 639 -0.56 28.63 48.19
C THR G 639 -0.75 27.23 48.76
N LEU G 640 0.23 26.76 49.53
CA LEU G 640 0.22 25.43 50.10
C LEU G 640 0.00 25.52 51.61
N GLN G 641 -0.79 24.59 52.14
CA GLN G 641 -1.08 24.57 53.56
C GLN G 641 0.09 23.99 54.34
N ALA G 642 0.48 24.68 55.40
CA ALA G 642 1.65 24.31 56.21
C ALA G 642 1.30 24.36 57.69
N ARG G 643 0.16 23.79 58.05
CA ARG G 643 -0.29 23.76 59.45
C ARG G 643 0.50 22.69 60.18
N CYS G 644 1.71 23.07 60.60
CA CYS G 644 2.65 22.15 61.23
C CYS G 644 3.11 22.72 62.56
N SER G 645 3.19 21.86 63.57
CA SER G 645 3.85 22.23 64.81
C SER G 645 5.36 22.14 64.63
N ILE G 646 6.07 23.16 65.13
CA ILE G 646 7.50 23.25 64.97
C ILE G 646 8.17 22.99 66.31
N ILE G 647 9.00 21.95 66.35
CA ILE G 647 9.89 21.71 67.47
C ILE G 647 11.30 21.92 66.96
N ALA G 648 11.95 22.98 67.45
CA ALA G 648 13.28 23.35 66.97
C ALA G 648 14.29 23.21 68.08
N ALA G 649 15.52 22.88 67.71
CA ALA G 649 16.63 22.77 68.65
C ALA G 649 17.72 23.75 68.23
N ALA G 650 18.23 24.52 69.19
CA ALA G 650 19.20 25.55 68.88
C ALA G 650 20.25 25.61 69.97
N ASN G 651 21.40 26.18 69.63
CA ASN G 651 22.52 26.37 70.53
C ASN G 651 22.75 27.85 70.79
N PRO G 652 23.08 28.23 72.02
CA PRO G 652 23.36 29.64 72.32
C PRO G 652 24.62 30.10 71.61
N ASN G 653 24.67 31.40 71.31
CA ASN G 653 25.83 31.94 70.63
C ASN G 653 27.05 31.93 71.54
N GLY G 654 28.21 31.66 70.95
CA GLY G 654 29.41 31.45 71.74
C GLY G 654 29.54 30.07 72.33
N GLY G 655 28.57 29.19 72.09
CA GLY G 655 28.63 27.82 72.58
C GLY G 655 28.23 27.63 74.02
N ARG G 656 27.78 28.67 74.72
CA ARG G 656 27.45 28.55 76.12
C ARG G 656 26.33 29.52 76.46
N TYR G 657 25.40 29.07 77.32
CA TYR G 657 24.34 29.95 77.80
C TYR G 657 24.86 30.89 78.87
N ASN G 658 24.56 32.17 78.73
CA ASN G 658 24.98 33.19 79.68
C ASN G 658 23.71 33.69 80.35
N SER G 659 23.54 33.40 81.64
CA SER G 659 22.30 33.71 82.33
C SER G 659 22.16 35.20 82.61
N THR G 660 23.27 35.94 82.60
CA THR G 660 23.21 37.37 82.89
C THR G 660 22.54 38.14 81.75
N LEU G 661 22.75 37.71 80.51
CA LEU G 661 22.06 38.35 79.41
C LEU G 661 20.72 37.66 79.17
N PRO G 662 19.69 38.38 78.70
CA PRO G 662 18.40 37.73 78.42
C PRO G 662 18.47 36.82 77.20
N LEU G 663 17.33 36.19 76.87
CA LEU G 663 17.31 35.17 75.84
C LEU G 663 17.54 35.76 74.44
N ALA G 664 16.98 36.94 74.19
CA ALA G 664 17.05 37.53 72.85
C ALA G 664 18.47 37.88 72.43
N GLN G 665 19.27 38.41 73.36
CA GLN G 665 20.65 38.75 73.06
C GLN G 665 21.57 37.55 73.07
N ASN G 666 21.06 36.36 73.38
CA ASN G 666 21.89 35.19 73.60
C ASN G 666 21.67 34.17 72.48
N VAL G 667 20.64 34.36 71.65
CA VAL G 667 20.47 33.57 70.44
C VAL G 667 20.60 34.47 69.23
N SER G 668 20.87 33.86 68.08
CA SER G 668 20.91 34.58 66.82
C SER G 668 19.52 34.80 66.24
N LEU G 669 18.50 34.18 66.81
CA LEU G 669 17.14 34.38 66.35
C LEU G 669 16.65 35.77 66.71
N THR G 670 15.90 36.38 65.80
CA THR G 670 15.34 37.70 66.04
C THR G 670 14.14 37.59 66.98
N GLU G 671 13.70 38.74 67.48
CA GLU G 671 12.53 38.78 68.36
C GLU G 671 11.25 38.29 67.71
N PRO G 672 10.88 38.69 66.47
CA PRO G 672 9.65 38.12 65.89
C PRO G 672 9.69 36.61 65.68
N ILE G 673 10.87 36.05 65.39
CA ILE G 673 10.93 34.61 65.17
C ILE G 673 11.08 33.86 66.49
N LEU G 674 11.57 34.53 67.55
CA LEU G 674 11.63 33.92 68.87
C LEU G 674 10.29 33.95 69.58
N SER G 675 9.47 34.96 69.28
CA SER G 675 8.23 35.17 70.03
C SER G 675 7.09 34.28 69.55
N ARG G 676 7.26 33.53 68.45
CA ARG G 676 6.14 32.72 67.99
C ARG G 676 6.10 31.34 68.64
N PHE G 677 7.15 30.96 69.35
CA PHE G 677 7.15 29.68 70.05
C PHE G 677 6.29 29.79 71.31
N ASP G 678 5.47 28.76 71.55
CA ASP G 678 4.65 28.75 72.76
C ASP G 678 5.49 28.41 73.99
N ILE G 679 6.42 27.47 73.86
CA ILE G 679 7.27 27.05 74.97
C ILE G 679 8.73 27.26 74.57
N LEU G 680 9.48 27.92 75.45
CA LEU G 680 10.86 28.31 75.20
C LEU G 680 11.72 27.64 76.28
N CYS G 681 12.08 26.39 76.03
CA CYS G 681 12.78 25.57 77.01
C CYS G 681 14.28 25.78 76.90
N VAL G 682 14.87 26.42 77.90
CA VAL G 682 16.31 26.62 77.98
C VAL G 682 16.86 25.55 78.92
N VAL G 683 17.75 24.71 78.41
CA VAL G 683 18.44 23.72 79.22
C VAL G 683 19.92 24.07 79.22
N ARG G 684 20.52 24.05 80.41
CA ARG G 684 21.92 24.38 80.59
C ARG G 684 22.58 23.33 81.47
N ASP G 685 23.78 22.90 81.09
CA ASP G 685 24.48 21.85 81.83
C ASP G 685 25.33 22.48 82.93
N LEU G 686 24.63 23.05 83.90
CA LEU G 686 25.29 23.59 85.08
C LEU G 686 25.90 22.45 85.90
N VAL G 687 27.06 22.70 86.48
CA VAL G 687 27.81 21.66 87.17
C VAL G 687 27.15 21.40 88.53
N ASP G 688 26.42 20.30 88.64
CA ASP G 688 25.79 19.88 89.88
C ASP G 688 26.25 18.46 90.20
N GLU G 689 26.57 18.23 91.47
CA GLU G 689 27.25 17.00 91.87
C GLU G 689 26.37 15.77 91.68
N GLU G 690 25.12 15.85 92.14
CA GLU G 690 24.26 14.67 92.16
C GLU G 690 23.54 14.48 90.83
N ALA G 691 23.33 15.57 90.09
CA ALA G 691 22.89 15.45 88.71
C ALA G 691 23.95 14.71 87.89
N ASP G 692 25.22 15.04 88.12
CA ASP G 692 26.31 14.28 87.51
C ASP G 692 26.32 12.83 87.97
N GLU G 693 25.98 12.58 89.25
CA GLU G 693 25.87 11.21 89.75
C GLU G 693 24.90 10.39 88.90
N ARG G 694 23.63 10.78 88.88
CA ARG G 694 22.65 10.01 88.11
C ARG G 694 22.95 9.99 86.61
N LEU G 695 23.41 11.11 86.04
CA LEU G 695 23.66 11.13 84.61
C LEU G 695 24.79 10.18 84.22
N ALA G 696 25.89 10.21 84.97
CA ALA G 696 27.01 9.32 84.67
C ALA G 696 26.64 7.87 84.88
N THR G 697 25.92 7.56 85.96
CA THR G 697 25.50 6.17 86.16
C THR G 697 24.56 5.70 85.07
N PHE G 698 23.63 6.56 84.64
CA PHE G 698 22.70 6.18 83.58
C PHE G 698 23.43 5.91 82.27
N VAL G 699 24.38 6.79 81.91
CA VAL G 699 25.08 6.62 80.64
C VAL G 699 25.97 5.37 80.66
N VAL G 700 26.71 5.15 81.75
CA VAL G 700 27.58 3.99 81.82
C VAL G 700 26.77 2.69 81.85
N ASP G 701 25.63 2.69 82.56
CA ASP G 701 24.81 1.49 82.62
C ASP G 701 24.16 1.20 81.26
N SER G 702 23.77 2.26 80.54
CA SER G 702 23.26 2.07 79.18
C SER G 702 24.36 1.54 78.25
N HIS G 703 25.59 1.99 78.45
CA HIS G 703 26.71 1.45 77.68
C HIS G 703 26.94 -0.01 77.99
N VAL G 704 26.80 -0.41 79.26
CA VAL G 704 27.03 -1.79 79.64
C VAL G 704 25.92 -2.69 79.08
N ARG G 705 24.67 -2.22 79.10
CA ARG G 705 23.58 -3.05 78.60
C ARG G 705 23.70 -3.33 77.11
N SER G 706 24.32 -2.42 76.36
CA SER G 706 24.38 -2.53 74.90
C SER G 706 25.61 -3.25 74.39
N HIS G 707 26.41 -3.84 75.28
CA HIS G 707 27.61 -4.55 74.85
C HIS G 707 27.23 -5.78 74.04
N PRO G 708 27.91 -6.03 72.91
CA PRO G 708 27.60 -7.24 72.13
C PRO G 708 27.83 -8.54 72.87
N GLU G 709 28.84 -8.59 73.75
CA GLU G 709 29.11 -9.80 74.51
C GLU G 709 28.13 -10.00 75.66
N ASN G 710 27.43 -8.94 76.08
CA ASN G 710 26.48 -9.04 77.17
C ASN G 710 25.17 -9.66 76.71
N SER G 756 5.66 1.78 85.02
CA SER G 756 4.80 2.95 84.91
C SER G 756 4.91 3.73 83.58
N PRO G 757 6.07 3.76 82.93
CA PRO G 757 6.10 4.18 81.52
C PRO G 757 5.16 3.34 80.66
N ILE G 758 4.24 4.04 80.01
CA ILE G 758 3.36 3.42 79.00
C ILE G 758 4.22 2.96 77.83
N PRO G 759 4.07 1.71 77.36
CA PRO G 759 4.94 1.24 76.26
C PRO G 759 4.63 1.97 74.96
N GLN G 760 5.64 2.00 74.08
CA GLN G 760 5.61 2.86 72.91
C GLN G 760 4.54 2.43 71.92
N GLU G 761 4.37 1.12 71.72
CA GLU G 761 3.40 0.63 70.73
C GLU G 761 1.97 0.99 71.10
N LEU G 762 1.70 1.21 72.39
CA LEU G 762 0.40 1.72 72.78
C LEU G 762 0.38 3.24 72.78
N LEU G 763 1.51 3.86 73.13
CA LEU G 763 1.57 5.32 73.25
C LEU G 763 1.39 6.01 71.90
N MET G 764 1.97 5.45 70.84
CA MET G 764 1.88 6.05 69.52
C MET G 764 0.43 6.09 69.04
N LYS G 765 -0.28 4.97 69.16
CA LYS G 765 -1.69 4.92 68.81
C LYS G 765 -2.53 5.77 69.74
N TYR G 766 -2.11 5.91 71.00
CA TYR G 766 -2.83 6.77 71.94
C TYR G 766 -2.77 8.23 71.50
N ILE G 767 -1.58 8.70 71.12
CA ILE G 767 -1.46 10.08 70.65
C ILE G 767 -2.25 10.28 69.36
N HIS G 768 -2.22 9.30 68.45
CA HIS G 768 -3.01 9.45 67.22
C HIS G 768 -4.51 9.52 67.50
N TYR G 769 -5.01 8.64 68.39
CA TYR G 769 -6.42 8.64 68.73
C TYR G 769 -6.83 9.94 69.42
N ALA G 770 -5.99 10.42 70.34
CA ALA G 770 -6.27 11.68 71.03
C ALA G 770 -6.27 12.86 70.07
N ARG G 771 -5.33 12.88 69.12
CA ARG G 771 -5.27 13.94 68.14
C ARG G 771 -6.44 13.93 67.19
N THR G 772 -6.96 12.76 66.83
CA THR G 772 -8.02 12.68 65.84
C THR G 772 -9.43 12.63 66.40
N LYS G 773 -9.62 12.45 67.71
CA LYS G 773 -10.97 12.20 68.21
C LYS G 773 -11.44 13.07 69.39
N ILE G 774 -10.58 13.89 69.99
CA ILE G 774 -10.97 14.52 71.26
C ILE G 774 -11.63 15.87 71.03
N TYR G 775 -10.87 16.85 70.51
CA TYR G 775 -11.31 18.24 70.28
C TYR G 775 -11.91 18.88 71.53
N PRO G 776 -11.09 19.25 72.52
CA PRO G 776 -11.64 19.82 73.76
C PRO G 776 -12.16 21.23 73.57
N LYS G 777 -12.97 21.65 74.55
CA LYS G 777 -13.57 22.97 74.57
C LYS G 777 -13.56 23.50 76.00
N LEU G 778 -13.47 24.82 76.13
CA LEU G 778 -13.51 25.48 77.43
C LEU G 778 -14.81 26.27 77.56
N HIS G 779 -15.37 26.29 78.77
CA HIS G 779 -16.68 26.88 79.01
C HIS G 779 -16.56 28.29 79.56
N GLN G 780 -17.71 28.95 79.67
CA GLN G 780 -17.79 30.35 80.10
C GLN G 780 -17.58 30.54 81.59
N MET G 781 -17.65 29.47 82.39
CA MET G 781 -17.59 29.61 83.84
C MET G 781 -16.17 29.64 84.39
N ASP G 782 -15.16 29.40 83.56
CA ASP G 782 -13.78 29.43 84.01
C ASP G 782 -13.05 30.69 83.54
N MET G 783 -13.81 31.74 83.15
CA MET G 783 -13.19 32.93 82.58
C MET G 783 -12.61 33.87 83.64
N ASP G 784 -13.00 33.72 84.90
CA ASP G 784 -12.63 34.71 85.91
C ASP G 784 -11.23 34.50 86.45
N LYS G 785 -10.60 33.35 86.22
CA LYS G 785 -9.28 33.06 86.74
C LYS G 785 -8.16 33.39 85.76
N VAL G 786 -8.35 33.08 84.48
CA VAL G 786 -7.34 33.39 83.47
C VAL G 786 -7.17 34.89 83.34
N SER G 787 -8.28 35.63 83.32
CA SER G 787 -8.22 37.08 83.22
C SER G 787 -7.56 37.69 84.45
N ARG G 788 -7.74 37.06 85.61
CA ARG G 788 -7.09 37.56 86.83
C ARG G 788 -5.59 37.31 86.80
N VAL G 789 -5.18 36.09 86.42
CA VAL G 789 -3.76 35.76 86.47
C VAL G 789 -2.99 36.52 85.38
N TYR G 790 -3.61 36.73 84.22
CA TYR G 790 -2.95 37.46 83.14
C TYR G 790 -2.67 38.90 83.56
N ALA G 791 -3.64 39.55 84.20
CA ALA G 791 -3.42 40.90 84.71
C ALA G 791 -2.42 40.92 85.85
N ASP G 792 -2.46 39.91 86.72
CA ASP G 792 -1.52 39.87 87.85
C ASP G 792 -0.09 39.61 87.41
N LEU G 793 0.13 39.00 86.25
CA LEU G 793 1.49 38.80 85.77
C LEU G 793 1.96 39.86 84.79
N ARG G 794 1.03 40.51 84.07
CA ARG G 794 1.41 41.66 83.26
C ARG G 794 1.98 42.79 84.10
N ARG G 795 1.37 43.06 85.25
CA ARG G 795 1.89 44.14 86.11
C ARG G 795 3.24 43.79 86.70
N GLU G 796 3.50 42.50 86.95
CA GLU G 796 4.82 42.10 87.42
C GLU G 796 5.86 42.24 86.31
N SER G 797 5.47 41.91 85.07
CA SER G 797 6.36 42.15 83.93
C SER G 797 6.63 43.65 83.73
N ILE G 798 5.64 44.50 84.01
CA ILE G 798 5.85 45.94 83.95
C ILE G 798 6.83 46.38 85.02
N SER G 799 6.61 45.94 86.26
CA SER G 799 7.40 46.43 87.38
C SER G 799 8.85 45.94 87.30
N THR G 800 9.06 44.71 86.84
CA THR G 800 10.41 44.18 86.74
C THR G 800 11.20 44.78 85.57
N GLY G 801 10.54 45.08 84.45
CA GLY G 801 11.22 45.72 83.34
C GLY G 801 11.75 44.80 82.28
N SER G 802 11.27 43.57 82.21
CA SER G 802 11.68 42.65 81.17
C SER G 802 10.94 42.95 79.86
N PHE G 803 11.20 42.12 78.85
CA PHE G 803 10.42 42.22 77.63
C PHE G 803 8.98 41.78 77.90
N PRO G 804 7.99 42.43 77.29
CA PRO G 804 6.62 42.35 77.81
C PRO G 804 5.97 41.00 77.61
N ILE G 805 4.96 40.74 78.44
CA ILE G 805 4.05 39.63 78.24
C ILE G 805 2.88 40.15 77.42
N THR G 806 2.56 39.48 76.33
CA THR G 806 1.50 39.92 75.43
C THR G 806 0.37 38.89 75.42
N VAL G 807 -0.61 39.12 74.53
CA VAL G 807 -1.83 38.32 74.49
C VAL G 807 -1.55 36.89 74.05
N ARG G 808 -0.54 36.71 73.19
CA ARG G 808 -0.20 35.38 72.71
C ARG G 808 0.32 34.49 73.83
N HIS G 809 0.78 35.07 74.94
CA HIS G 809 1.09 34.26 76.12
C HIS G 809 -0.18 33.65 76.73
N LEU G 810 -1.25 34.43 76.80
CA LEU G 810 -2.54 33.88 77.23
C LEU G 810 -3.04 32.83 76.24
N GLU G 811 -2.84 33.09 74.95
CA GLU G 811 -3.23 32.10 73.94
C GLU G 811 -2.44 30.81 74.08
N SER G 812 -1.14 30.91 74.39
CA SER G 812 -0.33 29.73 74.65
C SER G 812 -0.79 29.00 75.90
N ILE G 813 -1.17 29.74 76.95
CA ILE G 813 -1.76 29.12 78.14
C ILE G 813 -2.98 28.29 77.77
N LEU G 814 -3.88 28.89 76.99
CA LEU G 814 -5.13 28.21 76.61
C LEU G 814 -4.86 27.01 75.72
N ARG G 815 -3.93 27.13 74.78
CA ARG G 815 -3.57 26.03 73.88
C ARG G 815 -2.94 24.87 74.64
N ILE G 816 -2.05 25.16 75.59
CA ILE G 816 -1.42 24.11 76.38
C ILE G 816 -2.46 23.44 77.27
N ALA G 817 -3.40 24.22 77.80
CA ALA G 817 -4.51 23.66 78.57
C ALA G 817 -5.39 22.75 77.72
N GLU G 818 -5.58 23.08 76.45
CA GLU G 818 -6.34 22.21 75.57
C GLU G 818 -5.55 20.99 75.14
N SER G 819 -4.22 21.02 75.22
CA SER G 819 -3.42 19.83 74.96
C SER G 819 -3.39 18.85 76.12
N PHE G 820 -3.24 19.35 77.36
CA PHE G 820 -3.28 18.46 78.52
C PHE G 820 -4.62 17.76 78.65
N ALA G 821 -5.70 18.39 78.19
CA ALA G 821 -7.00 17.72 78.17
C ALA G 821 -7.02 16.59 77.16
N LYS G 822 -6.36 16.77 76.00
CA LYS G 822 -6.23 15.67 75.05
C LYS G 822 -5.38 14.55 75.60
N MET G 823 -4.48 14.85 76.54
CA MET G 823 -3.78 13.77 77.23
C MET G 823 -4.75 12.97 78.10
N ARG G 824 -5.74 13.65 78.69
CA ARG G 824 -6.74 13.00 79.53
C ARG G 824 -7.91 12.44 78.73
N LEU G 825 -7.93 12.62 77.41
CA LEU G 825 -9.01 12.19 76.52
C LEU G 825 -10.35 12.77 76.97
N SER G 826 -10.33 14.03 77.39
CA SER G 826 -11.51 14.68 77.97
C SER G 826 -12.10 15.69 77.00
N GLU G 827 -13.43 15.73 76.94
CA GLU G 827 -14.14 16.67 76.09
C GLU G 827 -14.02 18.10 76.60
N PHE G 828 -13.80 18.28 77.90
CA PHE G 828 -13.70 19.61 78.50
C PHE G 828 -12.38 19.71 79.26
N VAL G 829 -12.00 20.96 79.55
CA VAL G 829 -10.77 21.25 80.28
C VAL G 829 -11.10 21.47 81.74
N SER G 830 -10.22 21.01 82.63
CA SER G 830 -10.40 21.18 84.07
C SER G 830 -9.64 22.40 84.57
N SER G 831 -9.94 22.81 85.79
CA SER G 831 -9.21 23.91 86.41
C SER G 831 -7.78 23.53 86.75
N TYR G 832 -7.55 22.27 87.14
CA TYR G 832 -6.20 21.78 87.34
C TYR G 832 -5.42 21.79 86.02
N ASP G 833 -6.12 21.55 84.91
CA ASP G 833 -5.50 21.64 83.59
C ASP G 833 -5.02 23.05 83.29
N LEU G 834 -5.87 24.06 83.55
CA LEU G 834 -5.45 25.44 83.38
C LEU G 834 -4.31 25.81 84.31
N ASP G 835 -4.33 25.28 85.54
CA ASP G 835 -3.23 25.55 86.47
C ASP G 835 -1.92 24.97 85.96
N ARG G 836 -1.96 23.74 85.43
CA ARG G 836 -0.76 23.13 84.88
C ARG G 836 -0.26 23.89 83.66
N ALA G 837 -1.17 24.34 82.80
CA ALA G 837 -0.79 25.13 81.63
C ALA G 837 -0.14 26.46 82.03
N ILE G 838 -0.72 27.11 83.04
CA ILE G 838 -0.14 28.35 83.56
C ILE G 838 1.25 28.08 84.13
N LYS G 839 1.42 26.95 84.82
CA LYS G 839 2.73 26.59 85.33
C LYS G 839 3.75 26.43 84.22
N VAL G 840 3.36 25.73 83.14
CA VAL G 840 4.28 25.51 82.02
C VAL G 840 4.66 26.84 81.36
N VAL G 841 3.68 27.70 81.13
CA VAL G 841 3.96 28.97 80.43
C VAL G 841 4.80 29.90 81.30
N VAL G 842 4.48 29.98 82.60
CA VAL G 842 5.26 30.83 83.50
C VAL G 842 6.69 30.30 83.64
N ASP G 843 6.84 28.97 83.75
CA ASP G 843 8.18 28.40 83.85
C ASP G 843 8.98 28.63 82.58
N SER G 844 8.32 28.56 81.41
CA SER G 844 9.01 28.84 80.15
C SER G 844 9.27 30.33 79.96
N PHE G 845 8.59 31.19 80.71
CA PHE G 845 8.87 32.62 80.60
C PHE G 845 9.99 33.07 81.53
N VAL G 846 10.00 32.57 82.77
CA VAL G 846 11.02 33.00 83.74
C VAL G 846 12.40 32.44 83.38
N ASP G 847 12.48 31.20 82.91
CA ASP G 847 13.79 30.59 82.68
C ASP G 847 14.56 31.23 81.53
N ALA G 848 13.89 32.06 80.72
CA ALA G 848 14.54 32.78 79.64
C ALA G 848 14.98 34.17 80.04
N GLN G 849 14.94 34.51 81.32
CA GLN G 849 15.17 35.88 81.77
C GLN G 849 16.59 36.07 82.26
N LYS G 850 16.94 37.35 82.45
CA LYS G 850 18.15 37.72 83.18
C LYS G 850 17.98 37.37 84.66
N VAL G 851 19.10 37.06 85.33
CA VAL G 851 19.06 36.62 86.72
C VAL G 851 18.45 37.67 87.64
N SER G 852 18.70 38.95 87.37
CA SER G 852 18.06 40.01 88.15
C SER G 852 16.55 40.00 87.96
N VAL G 853 16.09 39.72 86.74
CA VAL G 853 14.67 39.51 86.50
C VAL G 853 14.18 38.24 87.16
N ARG G 854 14.99 37.17 87.12
CA ARG G 854 14.57 35.87 87.63
C ARG G 854 14.34 35.89 89.14
N ARG G 855 15.25 36.53 89.88
CA ARG G 855 15.15 36.48 91.35
C ARG G 855 13.93 37.23 91.86
N GLN G 856 13.39 38.17 91.06
CA GLN G 856 12.16 38.84 91.46
C GLN G 856 10.94 38.13 90.92
N LEU G 857 11.02 37.61 89.69
CA LEU G 857 9.86 36.98 89.08
C LEU G 857 9.52 35.63 89.70
N ARG G 858 10.53 34.91 90.22
CA ARG G 858 10.25 33.65 90.91
C ARG G 858 9.49 33.91 92.21
N ARG G 859 9.88 34.97 92.94
CA ARG G 859 9.18 35.29 94.18
C ARG G 859 7.79 35.86 93.90
N SER G 860 7.64 36.62 92.81
CA SER G 860 6.33 37.18 92.48
C SER G 860 5.36 36.10 92.00
N PHE G 861 5.86 35.11 91.26
CA PHE G 861 5.00 34.08 90.68
C PHE G 861 5.06 32.77 91.45
N ALA G 862 5.33 32.82 92.75
CA ALA G 862 5.37 31.60 93.55
C ALA G 862 3.99 30.97 93.73
N ILE G 863 2.92 31.76 93.61
CA ILE G 863 1.58 31.22 93.80
C ILE G 863 1.18 30.32 92.64
N TYR G 864 1.67 30.59 91.42
CA TYR G 864 1.27 29.82 90.26
C TYR G 864 2.19 28.64 89.97
N THR G 865 3.49 28.79 90.24
CA THR G 865 4.41 27.68 90.02
C THR G 865 4.21 26.57 91.04
N LEU G 866 3.80 26.91 92.25
CA LEU G 866 3.54 25.97 93.36
C LEU G 866 4.75 25.09 93.68
N PRO H 17 -7.68 29.13 -15.75
CA PRO H 17 -8.55 30.25 -15.40
C PRO H 17 -9.75 29.83 -14.56
N ASP H 18 -10.07 30.62 -13.55
CA ASP H 18 -11.20 30.36 -12.67
C ASP H 18 -12.13 31.57 -12.73
N ALA H 19 -13.43 31.30 -12.80
CA ALA H 19 -14.41 32.37 -12.95
C ALA H 19 -14.50 33.23 -11.70
N VAL H 20 -14.52 32.61 -10.52
CA VAL H 20 -14.66 33.37 -9.29
C VAL H 20 -13.41 34.19 -9.00
N PHE H 21 -12.24 33.69 -9.39
CA PHE H 21 -11.01 34.47 -9.27
C PHE H 21 -11.09 35.74 -10.11
N GLY H 22 -11.58 35.62 -11.35
CA GLY H 22 -11.73 36.78 -12.21
C GLY H 22 -12.80 37.74 -11.71
N ASP H 23 -13.89 37.21 -11.15
CA ASP H 23 -14.92 38.07 -10.60
C ASP H 23 -14.41 38.87 -9.40
N ARG H 24 -13.62 38.22 -8.54
CA ARG H 24 -13.04 38.93 -7.41
C ARG H 24 -11.98 39.93 -7.85
N VAL H 25 -11.26 39.61 -8.94
CA VAL H 25 -10.32 40.56 -9.52
C VAL H 25 -11.05 41.81 -10.02
N ARG H 26 -12.18 41.60 -10.72
CA ARG H 26 -12.97 42.73 -11.22
C ARG H 26 -13.57 43.54 -10.08
N ARG H 27 -13.99 42.87 -9.00
CA ARG H 27 -14.55 43.59 -7.86
C ARG H 27 -13.50 44.44 -7.17
N PHE H 28 -12.28 43.90 -7.00
CA PHE H 28 -11.21 44.72 -6.44
C PHE H 28 -10.78 45.82 -7.39
N GLN H 29 -10.92 45.60 -8.71
CA GLN H 29 -10.65 46.66 -9.67
C GLN H 29 -11.66 47.80 -9.52
N GLU H 30 -12.93 47.46 -9.30
CA GLU H 30 -13.93 48.50 -9.02
C GLU H 30 -13.63 49.20 -7.70
N PHE H 31 -13.18 48.46 -6.69
CA PHE H 31 -12.81 49.07 -5.41
C PHE H 31 -11.65 50.04 -5.58
N LEU H 32 -10.64 49.68 -6.36
CA LEU H 32 -9.52 50.58 -6.61
C LEU H 32 -9.92 51.72 -7.53
N ASP H 33 -10.99 51.55 -8.30
CA ASP H 33 -11.51 52.65 -9.11
C ASP H 33 -12.22 53.69 -8.27
N THR H 34 -13.02 53.27 -7.29
CA THR H 34 -13.82 54.22 -6.54
C THR H 34 -13.02 55.00 -5.52
N PHE H 35 -11.88 54.47 -5.06
CA PHE H 35 -10.96 55.20 -4.19
C PHE H 35 -9.65 55.41 -4.95
N THR H 36 -9.31 56.68 -5.20
CA THR H 36 -8.15 57.02 -6.01
C THR H 36 -6.88 57.20 -5.19
N SER H 37 -6.96 57.08 -3.86
CA SER H 37 -5.77 57.21 -3.03
C SER H 37 -4.79 56.08 -3.29
N TYR H 38 -5.30 54.88 -3.53
CA TYR H 38 -4.43 53.77 -3.90
C TYR H 38 -3.83 53.98 -5.28
N ARG H 39 -4.61 54.57 -6.19
CA ARG H 39 -4.09 54.85 -7.53
C ARG H 39 -2.93 55.84 -7.50
N ASP H 40 -3.08 56.97 -6.81
CA ASP H 40 -1.96 57.89 -6.83
C ASP H 40 -0.86 57.51 -5.84
N SER H 41 -1.11 56.61 -4.89
CA SER H 41 0.00 56.00 -4.15
C SER H 41 0.83 55.11 -5.05
N VAL H 42 0.17 54.33 -5.92
CA VAL H 42 0.89 53.53 -6.92
C VAL H 42 1.66 54.43 -7.88
N ARG H 43 1.03 55.54 -8.29
CA ARG H 43 1.75 56.57 -9.07
C ARG H 43 2.99 57.06 -8.35
N SER H 44 2.87 57.35 -7.05
CA SER H 44 4.00 57.89 -6.29
C SER H 44 5.14 56.89 -6.24
N ILE H 45 4.84 55.62 -5.99
CA ILE H 45 5.88 54.59 -5.93
C ILE H 45 6.55 54.44 -7.29
N GLN H 46 5.75 54.39 -8.36
CA GLN H 46 6.31 54.22 -9.70
C GLN H 46 7.15 55.40 -10.13
N VAL H 47 6.71 56.64 -9.85
CA VAL H 47 7.49 57.79 -10.27
C VAL H 47 8.75 57.92 -9.42
N TYR H 48 8.70 57.51 -8.15
CA TYR H 48 9.90 57.52 -7.33
C TYR H 48 10.94 56.53 -7.89
N ASN H 49 10.49 55.33 -8.24
CA ASN H 49 11.41 54.34 -8.80
C ASN H 49 11.95 54.79 -10.16
N SER H 50 11.10 55.38 -11.00
CA SER H 50 11.53 55.83 -12.32
C SER H 50 12.49 57.01 -12.23
N ASN H 51 12.24 57.94 -11.30
CA ASN H 51 13.14 59.07 -11.13
C ASN H 51 14.48 58.62 -10.57
N ASN H 52 14.48 57.66 -9.64
CA ASN H 52 15.75 57.13 -9.15
C ASN H 52 16.51 56.40 -10.25
N ALA H 53 15.79 55.64 -11.10
CA ALA H 53 16.44 54.96 -12.21
C ALA H 53 17.02 55.96 -13.22
N ALA H 54 16.28 57.04 -13.50
CA ALA H 54 16.77 58.07 -14.41
C ALA H 54 17.97 58.80 -13.83
N ASN H 55 17.98 59.06 -12.52
CA ASN H 55 19.13 59.69 -11.88
C ASN H 55 20.34 58.76 -11.90
N TYR H 56 20.11 57.46 -11.75
CA TYR H 56 21.21 56.50 -11.86
C TYR H 56 21.73 56.41 -13.30
N ASN H 57 20.84 56.53 -14.28
CA ASN H 57 21.27 56.51 -15.67
C ASN H 57 22.05 57.77 -16.04
N ASP H 58 21.61 58.92 -15.55
CA ASP H 58 22.30 60.18 -15.86
C ASP H 58 23.53 60.35 -14.97
N ASP H 59 23.33 60.41 -13.67
CA ASP H 59 24.44 60.56 -12.72
C ASP H 59 24.89 59.19 -12.21
N LEU H 89 20.60 56.43 -3.35
CA LEU H 89 19.46 55.92 -4.09
C LEU H 89 18.68 54.89 -3.27
N ASN H 90 17.39 54.77 -3.56
CA ASN H 90 16.51 53.86 -2.84
C ASN H 90 15.38 53.44 -3.75
N ILE H 91 14.88 52.22 -3.55
CA ILE H 91 13.78 51.67 -4.33
C ILE H 91 12.67 51.29 -3.37
N LEU H 92 11.50 51.92 -3.52
CA LEU H 92 10.36 51.62 -2.69
C LEU H 92 9.78 50.25 -3.06
N PRO H 93 9.30 49.50 -2.06
CA PRO H 93 8.68 48.20 -2.36
C PRO H 93 7.36 48.36 -3.09
N HIS H 94 7.02 47.32 -3.85
CA HIS H 94 5.78 47.29 -4.62
C HIS H 94 4.67 46.72 -3.75
N ARG H 95 4.21 47.53 -2.79
CA ARG H 95 3.10 47.14 -1.95
C ARG H 95 2.35 48.38 -1.49
N ILE H 96 1.06 48.19 -1.20
CA ILE H 96 0.12 49.28 -0.95
C ILE H 96 -0.64 48.97 0.33
N ILE H 97 -0.72 49.95 1.22
CA ILE H 97 -1.57 49.83 2.41
C ILE H 97 -3.03 49.97 1.98
N ILE H 98 -3.84 49.00 2.36
CA ILE H 98 -5.26 48.97 2.04
C ILE H 98 -6.04 49.10 3.34
N SER H 99 -6.96 50.07 3.39
CA SER H 99 -7.79 50.29 4.57
C SER H 99 -8.98 49.34 4.54
N LEU H 100 -9.14 48.57 5.63
CA LEU H 100 -10.24 47.61 5.69
C LEU H 100 -11.57 48.30 5.92
N ASP H 101 -11.56 49.49 6.55
CA ASP H 101 -12.80 50.22 6.78
C ASP H 101 -13.41 50.72 5.48
N ASP H 102 -12.57 51.24 4.58
CA ASP H 102 -13.05 51.68 3.27
C ASP H 102 -13.59 50.50 2.46
N LEU H 103 -12.93 49.35 2.58
CA LEU H 103 -13.39 48.15 1.89
C LEU H 103 -14.74 47.67 2.44
N ARG H 104 -14.92 47.76 3.77
CA ARG H 104 -16.21 47.42 4.35
C ARG H 104 -17.29 48.39 3.90
N GLU H 105 -16.94 49.66 3.75
CA GLU H 105 -17.89 50.63 3.21
C GLU H 105 -18.25 50.32 1.77
N PHE H 106 -17.28 49.83 0.98
CA PHE H 106 -17.55 49.54 -0.42
C PHE H 106 -18.28 48.22 -0.60
N ASP H 107 -17.65 47.12 -0.22
CA ASP H 107 -18.20 45.78 -0.42
C ASP H 107 -18.03 45.01 0.89
N ARG H 108 -19.13 44.75 1.58
CA ARG H 108 -19.06 44.01 2.83
C ARG H 108 -18.73 42.53 2.59
N SER H 109 -19.22 41.96 1.49
CA SER H 109 -18.94 40.57 1.19
C SER H 109 -17.46 40.34 0.91
N PHE H 110 -16.83 41.24 0.15
CA PHE H 110 -15.42 41.08 -0.17
C PHE H 110 -14.53 41.36 1.04
N TRP H 111 -14.94 42.31 1.88
CA TRP H 111 -14.24 42.59 3.15
C TRP H 111 -14.31 41.39 4.09
N SER H 112 -15.49 40.81 4.25
CA SER H 112 -15.63 39.60 5.04
C SER H 112 -14.89 38.43 4.41
N GLY H 113 -14.76 38.42 3.08
CA GLY H 113 -13.97 37.39 2.44
C GLY H 113 -12.50 37.49 2.77
N ILE H 114 -11.95 38.71 2.76
CA ILE H 114 -10.55 38.88 3.16
C ILE H 114 -10.35 38.53 4.63
N LEU H 115 -11.29 38.93 5.50
CA LEU H 115 -11.11 38.64 6.92
C LEU H 115 -11.24 37.16 7.21
N VAL H 116 -12.20 36.47 6.60
CA VAL H 116 -12.50 35.09 6.96
C VAL H 116 -11.74 34.09 6.10
N GLU H 117 -11.71 34.28 4.78
CA GLU H 117 -11.05 33.35 3.86
C GLU H 117 -10.05 34.12 3.00
N PRO H 118 -8.93 34.57 3.59
CA PRO H 118 -8.00 35.40 2.84
C PRO H 118 -7.30 34.69 1.70
N ALA H 119 -7.23 33.35 1.73
CA ALA H 119 -6.56 32.62 0.67
C ALA H 119 -7.33 32.68 -0.64
N TYR H 120 -8.63 32.94 -0.59
CA TYR H 120 -9.44 33.03 -1.79
C TYR H 120 -9.64 34.47 -2.26
N PHE H 121 -9.31 35.46 -1.43
CA PHE H 121 -9.65 36.84 -1.73
C PHE H 121 -8.44 37.76 -1.86
N ILE H 122 -7.37 37.52 -1.09
CA ILE H 122 -6.14 38.29 -1.21
C ILE H 122 -5.45 38.09 -2.56
N PRO H 123 -5.24 36.87 -3.08
CA PRO H 123 -4.58 36.76 -4.41
C PRO H 123 -5.33 37.41 -5.56
N PRO H 124 -6.68 37.35 -5.64
CA PRO H 124 -7.34 38.16 -6.69
C PRO H 124 -7.12 39.65 -6.53
N ALA H 125 -7.10 40.16 -5.30
CA ALA H 125 -6.85 41.57 -5.07
C ALA H 125 -5.44 41.96 -5.48
N GLU H 126 -4.47 41.10 -5.19
CA GLU H 126 -3.10 41.36 -5.59
C GLU H 126 -2.95 41.33 -7.11
N LYS H 127 -3.65 40.41 -7.78
CA LYS H 127 -3.63 40.40 -9.24
C LYS H 127 -4.27 41.65 -9.82
N ALA H 128 -5.36 42.13 -9.20
CA ALA H 128 -5.99 43.36 -9.66
C ALA H 128 -5.05 44.55 -9.49
N LEU H 129 -4.35 44.63 -8.36
CA LEU H 129 -3.40 45.72 -8.14
C LEU H 129 -2.23 45.63 -9.13
N THR H 130 -1.75 44.42 -9.41
CA THR H 130 -0.67 44.26 -10.39
C THR H 130 -1.12 44.65 -11.79
N ASP H 131 -2.35 44.29 -12.17
CA ASP H 131 -2.88 44.67 -13.47
C ASP H 131 -3.04 46.18 -13.58
N LEU H 132 -3.52 46.83 -12.51
CA LEU H 132 -3.63 48.28 -12.51
C LEU H 132 -2.27 48.95 -12.64
N ALA H 133 -1.27 48.45 -11.90
CA ALA H 133 0.08 49.02 -11.98
C ALA H 133 0.68 48.82 -13.37
N ASP H 134 0.47 47.65 -13.98
CA ASP H 134 1.00 47.40 -15.31
C ASP H 134 0.25 48.20 -16.37
N SER H 135 -1.03 48.48 -16.14
CA SER H 135 -1.79 49.30 -17.08
C SER H 135 -1.33 50.75 -17.03
N MET H 136 -0.88 51.21 -15.87
CA MET H 136 -0.34 52.56 -15.77
C MET H 136 1.18 52.63 -15.85
N ASP H 137 1.86 51.54 -16.14
CA ASP H 137 3.30 51.57 -16.40
C ASP H 137 3.64 51.29 -17.86
N ASP H 138 2.65 51.41 -18.76
CA ASP H 138 2.90 51.12 -20.17
C ASP H 138 3.79 52.17 -20.81
N VAL H 139 3.64 53.43 -20.43
CA VAL H 139 4.45 54.52 -20.98
C VAL H 139 5.85 54.48 -20.38
N PRO H 140 6.04 54.35 -19.05
CA PRO H 140 7.46 54.22 -18.67
C PRO H 140 8.00 52.81 -18.91
N ARG H 150 8.01 44.82 -12.95
CA ARG H 150 7.90 43.41 -13.33
C ARG H 150 7.55 42.55 -12.13
N HIS H 151 8.02 42.96 -10.96
CA HIS H 151 7.72 42.24 -9.73
C HIS H 151 6.25 42.44 -9.37
N PRO H 152 5.52 41.37 -9.00
CA PRO H 152 4.10 41.52 -8.68
C PRO H 152 3.87 42.34 -7.42
N TRP H 153 2.74 43.03 -7.40
CA TRP H 153 2.42 43.94 -6.31
C TRP H 153 1.73 43.22 -5.16
N LYS H 154 2.13 43.57 -3.95
CA LYS H 154 1.61 42.96 -2.73
C LYS H 154 0.65 43.90 -2.03
N LEU H 155 -0.05 43.37 -1.03
CA LEU H 155 -1.04 44.11 -0.27
C LEU H 155 -0.65 44.20 1.20
N SER H 156 -1.06 45.28 1.83
CA SER H 156 -0.93 45.46 3.27
C SER H 156 -2.23 46.05 3.79
N PHE H 157 -2.56 45.75 5.05
CA PHE H 157 -3.88 46.04 5.59
C PHE H 157 -3.79 46.87 6.86
N LYS H 158 -4.54 47.97 6.90
CA LYS H 158 -4.77 48.74 8.11
C LYS H 158 -6.26 48.76 8.38
N GLY H 159 -6.61 49.24 9.57
CA GLY H 159 -8.00 49.41 9.95
C GLY H 159 -8.40 48.51 11.10
N SER H 160 -9.69 48.56 11.40
CA SER H 160 -10.25 47.77 12.51
C SER H 160 -10.42 46.32 12.08
N PHE H 161 -10.03 45.40 12.95
CA PHE H 161 -10.15 43.98 12.68
C PHE H 161 -11.23 43.30 13.49
N GLY H 162 -11.70 43.94 14.56
CA GLY H 162 -12.77 43.40 15.37
C GLY H 162 -12.37 42.17 16.17
N ALA H 163 -13.00 41.04 15.86
CA ALA H 163 -12.67 39.80 16.55
C ALA H 163 -11.34 39.22 16.11
N HIS H 164 -10.72 39.77 15.08
CA HIS H 164 -9.44 39.29 14.57
C HIS H 164 -8.25 40.09 15.10
N ALA H 165 -8.48 41.07 15.97
CA ALA H 165 -7.42 41.79 16.64
C ALA H 165 -7.09 41.03 17.93
N LEU H 166 -6.08 40.17 17.86
CA LEU H 166 -5.86 39.18 18.89
C LEU H 166 -4.46 39.35 19.49
N SER H 167 -4.14 38.44 20.40
CA SER H 167 -2.92 38.35 21.16
C SER H 167 -2.40 36.92 21.05
N PRO H 168 -1.09 36.69 21.22
CA PRO H 168 -0.57 35.31 21.14
C PRO H 168 -1.20 34.34 22.13
N ARG H 169 -1.75 34.82 23.24
CA ARG H 169 -2.52 33.95 24.11
C ARG H 169 -3.88 33.64 23.49
N THR H 170 -4.51 34.62 22.86
CA THR H 170 -5.88 34.50 22.38
C THR H 170 -5.95 33.78 21.03
N LEU H 171 -4.84 33.74 20.29
CA LEU H 171 -4.77 32.98 19.04
C LEU H 171 -5.02 31.50 19.28
N THR H 172 -6.10 31.00 18.70
CA THR H 172 -6.47 29.60 18.82
C THR H 172 -6.62 28.96 17.44
N ALA H 173 -7.12 27.73 17.39
CA ALA H 173 -7.31 27.05 16.12
C ALA H 173 -8.57 27.47 15.39
N GLN H 174 -9.45 28.25 16.04
CA GLN H 174 -10.60 28.79 15.32
C GLN H 174 -10.22 29.94 14.41
N HIS H 175 -9.04 30.53 14.60
CA HIS H 175 -8.56 31.62 13.78
C HIS H 175 -7.63 31.16 12.66
N LEU H 176 -7.48 29.86 12.47
CA LEU H 176 -6.64 29.35 11.41
C LEU H 176 -7.26 29.63 10.05
N ASN H 177 -6.40 29.87 9.06
CA ASN H 177 -6.78 30.29 7.71
C ASN H 177 -7.62 31.57 7.74
N LYS H 178 -7.25 32.48 8.63
CA LYS H 178 -7.93 33.77 8.76
C LYS H 178 -6.89 34.87 8.88
N LEU H 179 -7.29 36.07 8.49
CA LEU H 179 -6.44 37.25 8.61
C LEU H 179 -6.54 37.80 10.01
N VAL H 180 -5.42 37.87 10.71
CA VAL H 180 -5.39 38.27 12.11
C VAL H 180 -4.40 39.42 12.29
N SER H 181 -4.73 40.29 13.23
CA SER H 181 -3.84 41.35 13.68
C SER H 181 -3.42 41.03 15.11
N VAL H 182 -2.14 40.74 15.30
CA VAL H 182 -1.61 40.23 16.56
C VAL H 182 -0.62 41.24 17.11
N GLU H 183 -0.88 41.72 18.33
CA GLU H 183 0.03 42.64 19.00
C GLU H 183 0.83 41.90 20.06
N GLY H 184 2.08 42.30 20.23
CA GLY H 184 2.93 41.65 21.19
C GLY H 184 4.29 42.29 21.27
N ILE H 185 5.26 41.51 21.77
CA ILE H 185 6.64 41.95 21.87
C ILE H 185 7.51 40.96 21.13
N VAL H 186 8.46 41.47 20.34
CA VAL H 186 9.36 40.62 19.57
C VAL H 186 10.45 40.10 20.51
N THR H 187 10.59 38.77 20.58
CA THR H 187 11.57 38.13 21.45
C THR H 187 12.75 37.55 20.69
N LYS H 188 12.48 36.69 19.70
CA LYS H 188 13.53 36.08 18.90
C LYS H 188 13.42 36.59 17.48
N THR H 189 14.54 36.98 16.90
CA THR H 189 14.60 37.52 15.55
C THR H 189 15.67 36.76 14.78
N SER H 190 15.25 35.95 13.82
CA SER H 190 16.18 35.10 13.10
C SER H 190 17.01 35.93 12.13
N LEU H 191 18.18 35.37 11.78
CA LEU H 191 19.05 35.99 10.79
C LEU H 191 18.36 36.01 9.44
N VAL H 192 18.51 37.12 8.72
CA VAL H 192 17.87 37.27 7.41
C VAL H 192 18.60 36.36 6.42
N ARG H 193 17.88 35.40 5.86
CA ARG H 193 18.51 34.46 4.97
C ARG H 193 17.92 34.56 3.57
N PRO H 194 18.76 34.58 2.53
CA PRO H 194 18.21 34.54 1.17
C PRO H 194 17.66 33.15 0.84
N LYS H 195 16.50 33.14 0.20
CA LYS H 195 15.85 31.92 -0.26
C LYS H 195 15.85 31.95 -1.78
N LEU H 196 16.36 30.87 -2.39
CA LEU H 196 16.48 30.80 -3.83
C LEU H 196 15.10 30.66 -4.46
N ILE H 197 14.78 31.55 -5.39
CA ILE H 197 13.50 31.51 -6.09
C ILE H 197 13.65 30.93 -7.48
N ARG H 198 14.56 31.48 -8.27
CA ARG H 198 14.87 30.97 -9.60
C ARG H 198 16.38 30.85 -9.74
N SER H 199 16.84 29.68 -10.16
CA SER H 199 18.25 29.42 -10.38
C SER H 199 18.54 29.47 -11.87
N VAL H 200 19.63 30.14 -12.24
CA VAL H 200 20.05 30.29 -13.63
C VAL H 200 21.36 29.55 -13.81
N HIS H 201 21.45 28.76 -14.88
CA HIS H 201 22.58 27.90 -15.16
C HIS H 201 23.06 28.13 -16.58
N TYR H 202 24.31 27.79 -16.83
CA TYR H 202 24.94 27.97 -18.13
C TYR H 202 25.48 26.64 -18.62
N ALA H 203 25.15 26.29 -19.85
CA ALA H 203 25.71 25.13 -20.52
C ALA H 203 26.76 25.63 -21.51
N ALA H 204 28.03 25.32 -21.24
CA ALA H 204 29.11 25.80 -22.07
C ALA H 204 29.20 25.05 -23.39
N LYS H 205 28.81 23.77 -23.41
CA LYS H 205 28.85 23.00 -24.65
C LYS H 205 27.85 23.55 -25.66
N THR H 206 26.64 23.90 -25.20
CA THR H 206 25.67 24.55 -26.06
C THR H 206 25.71 26.06 -25.97
N GLY H 207 26.37 26.62 -24.95
CA GLY H 207 26.39 28.05 -24.75
C GLY H 207 25.02 28.62 -24.47
N ARG H 208 24.22 27.95 -23.64
CA ARG H 208 22.84 28.32 -23.44
C ARG H 208 22.54 28.46 -21.95
N PHE H 209 21.71 29.44 -21.61
CA PHE H 209 21.32 29.68 -20.24
C PHE H 209 19.97 29.05 -19.97
N HIS H 210 19.88 28.28 -18.89
CA HIS H 210 18.66 27.64 -18.44
C HIS H 210 18.25 28.19 -17.09
N TYR H 211 17.02 27.91 -16.68
CA TYR H 211 16.55 28.38 -15.39
C TYR H 211 15.53 27.40 -14.83
N ARG H 212 15.40 27.43 -13.50
CA ARG H 212 14.40 26.64 -12.80
C ARG H 212 13.81 27.47 -11.67
N ASP H 213 12.49 27.45 -11.55
CA ASP H 213 11.80 28.16 -10.49
C ASP H 213 11.49 27.21 -9.34
N TYR H 214 11.53 27.75 -8.13
CA TYR H 214 11.26 26.98 -6.92
C TYR H 214 10.21 27.69 -6.07
N THR H 215 9.24 26.92 -5.60
CA THR H 215 8.22 27.43 -4.71
C THR H 215 8.12 26.51 -3.50
N ASP H 216 7.68 27.08 -2.39
CA ASP H 216 7.42 26.33 -1.17
C ASP H 216 6.04 26.71 -0.64
N ALA H 217 5.66 26.10 0.48
CA ALA H 217 4.30 26.27 0.98
C ALA H 217 4.07 27.64 1.61
N THR H 218 5.12 28.33 2.03
CA THR H 218 4.96 29.63 2.67
C THR H 218 4.82 30.77 1.67
N THR H 219 5.15 30.55 0.40
CA THR H 219 5.05 31.63 -0.57
C THR H 219 3.60 31.92 -0.94
N THR H 220 2.77 30.89 -1.01
CA THR H 220 1.41 31.01 -1.52
C THR H 220 0.39 30.79 -0.42
N LEU H 221 -0.68 31.59 -0.43
CA LEU H 221 -1.76 31.39 0.51
C LEU H 221 -2.54 30.12 0.22
N THR H 222 -2.74 29.82 -1.07
CA THR H 222 -3.47 28.63 -1.49
C THR H 222 -2.50 27.48 -1.68
N THR H 223 -2.78 26.34 -1.06
CA THR H 223 -1.91 25.19 -1.20
C THR H 223 -2.04 24.57 -2.57
N ARG H 224 -0.89 24.27 -3.18
CA ARG H 224 -0.83 23.60 -4.47
C ARG H 224 -0.10 22.27 -4.31
N ILE H 225 -0.04 21.52 -5.40
CA ILE H 225 0.61 20.20 -5.39
C ILE H 225 2.10 20.38 -5.17
N PRO H 226 2.68 19.76 -4.15
CA PRO H 226 4.12 19.91 -3.94
C PRO H 226 4.92 19.14 -4.97
N THR H 227 5.51 19.86 -5.92
CA THR H 227 6.33 19.26 -6.96
C THR H 227 7.78 19.64 -6.71
N PRO H 228 8.56 18.81 -6.02
CA PRO H 228 9.95 19.18 -5.72
C PRO H 228 10.86 19.04 -6.93
N ALA H 229 11.21 20.16 -7.54
CA ALA H 229 12.14 20.17 -8.66
C ALA H 229 13.55 20.32 -8.11
N ILE H 230 14.38 19.30 -8.32
CA ILE H 230 15.74 19.28 -7.76
C ILE H 230 16.61 20.28 -8.49
N TYR H 231 17.78 20.57 -7.92
CA TYR H 231 18.68 21.54 -8.52
C TYR H 231 19.30 20.95 -9.77
N PRO H 232 19.13 21.58 -10.93
CA PRO H 232 19.63 20.97 -12.18
C PRO H 232 21.13 21.17 -12.32
N THR H 233 21.85 20.07 -12.52
CA THR H 233 23.27 20.11 -12.79
C THR H 233 23.64 19.59 -14.17
N GLU H 234 22.74 18.87 -14.84
CA GLU H 234 22.90 18.50 -16.24
C GLU H 234 21.63 18.90 -16.99
N ASP H 235 21.80 19.31 -18.24
CA ASP H 235 20.65 19.64 -19.08
C ASP H 235 20.01 18.36 -19.61
N THR H 236 19.02 18.51 -20.49
CA THR H 236 18.34 17.36 -21.05
C THR H 236 19.23 16.56 -21.99
N GLU H 237 20.29 17.18 -22.53
CA GLU H 237 21.25 16.49 -23.37
C GLU H 237 22.42 15.89 -22.59
N GLY H 238 22.47 16.13 -21.28
CA GLY H 238 23.52 15.57 -20.45
C GLY H 238 24.72 16.46 -20.22
N ASN H 239 24.73 17.68 -20.76
CA ASN H 239 25.88 18.57 -20.59
C ASN H 239 25.89 19.18 -19.19
N LYS H 240 27.09 19.32 -18.63
CA LYS H 240 27.24 19.87 -17.29
C LYS H 240 26.83 21.33 -17.26
N LEU H 241 26.12 21.71 -16.20
CA LEU H 241 25.65 23.08 -16.01
C LEU H 241 26.50 23.78 -14.96
N THR H 242 26.82 25.04 -15.21
CA THR H 242 27.53 25.88 -14.26
C THR H 242 26.54 26.87 -13.66
N THR H 243 26.48 26.92 -12.34
CA THR H 243 25.56 27.81 -11.67
C THR H 243 25.98 29.26 -11.86
N GLU H 244 25.04 30.10 -12.29
CA GLU H 244 25.31 31.51 -12.54
C GLU H 244 24.79 32.31 -11.35
N TYR H 245 25.62 32.42 -10.31
CA TYR H 245 25.35 33.32 -9.21
C TYR H 245 25.38 34.76 -9.72
N GLY H 246 24.36 35.53 -9.36
CA GLY H 246 24.20 36.88 -9.85
C GLY H 246 23.14 37.01 -10.91
N TYR H 247 22.81 35.91 -11.60
CA TYR H 247 21.66 35.86 -12.47
C TYR H 247 20.49 35.13 -11.82
N SER H 248 20.78 34.27 -10.85
CA SER H 248 19.74 33.68 -10.01
C SER H 248 19.14 34.74 -9.10
N THR H 249 17.91 34.51 -8.66
CA THR H 249 17.22 35.46 -7.79
C THR H 249 17.00 34.84 -6.42
N PHE H 250 17.24 35.66 -5.39
CA PHE H 250 17.12 35.26 -3.99
C PHE H 250 16.26 36.29 -3.28
N ILE H 251 15.34 35.81 -2.45
CA ILE H 251 14.40 36.66 -1.73
C ILE H 251 14.71 36.55 -0.25
N ASP H 252 14.83 37.69 0.42
CA ASP H 252 15.11 37.70 1.86
C ASP H 252 13.98 37.07 2.63
N HIS H 253 14.33 36.25 3.62
CA HIS H 253 13.38 35.52 4.44
C HIS H 253 13.79 35.69 5.90
N GLN H 254 12.80 35.96 6.75
CA GLN H 254 13.05 36.09 8.17
C GLN H 254 11.94 35.38 8.94
N ARG H 255 12.25 34.96 10.16
CA ARG H 255 11.24 34.41 11.04
C ARG H 255 11.39 35.04 12.42
N ILE H 256 10.35 35.72 12.88
CA ILE H 256 10.38 36.37 14.18
C ILE H 256 9.43 35.64 15.11
N THR H 257 9.62 35.85 16.41
CA THR H 257 8.77 35.27 17.44
C THR H 257 8.13 36.41 18.22
N VAL H 258 6.81 36.44 18.24
CA VAL H 258 6.04 37.49 18.89
C VAL H 258 5.33 36.86 20.08
N GLN H 259 5.63 37.34 21.27
CA GLN H 259 4.95 36.88 22.48
C GLN H 259 4.16 38.02 23.10
N GLU H 260 3.25 37.67 24.00
CA GLU H 260 2.32 38.64 24.55
C GLU H 260 3.05 39.69 25.38
N MET H 261 2.51 40.90 25.35
CA MET H 261 3.13 42.04 26.01
C MET H 261 3.18 41.80 27.51
N PRO H 262 4.31 42.10 28.17
CA PRO H 262 4.36 42.01 29.63
C PRO H 262 3.43 43.00 30.33
N GLU H 263 3.01 44.06 29.65
CA GLU H 263 2.02 44.98 30.20
C GLU H 263 0.60 44.43 30.09
N MET H 264 0.37 43.45 29.22
CA MET H 264 -0.92 42.81 29.06
C MET H 264 -0.88 41.32 29.35
N ALA H 265 0.27 40.77 29.70
CA ALA H 265 0.22 39.36 30.06
C ALA H 265 -0.23 39.19 31.50
N PRO H 266 -0.86 38.07 31.84
CA PRO H 266 -1.11 37.77 33.25
C PRO H 266 0.19 37.66 34.02
N ALA H 267 0.20 38.20 35.23
CA ALA H 267 1.45 38.44 35.94
C ALA H 267 2.07 37.18 36.53
N GLY H 268 1.36 36.06 36.52
CA GLY H 268 1.89 34.87 37.15
C GLY H 268 2.50 33.84 36.22
N GLN H 269 1.80 33.51 35.14
CA GLN H 269 2.10 32.32 34.36
C GLN H 269 2.96 32.64 33.15
N LEU H 270 3.35 31.59 32.45
CA LEU H 270 4.25 31.68 31.31
C LEU H 270 3.56 32.32 30.12
N PRO H 271 4.30 33.06 29.29
CA PRO H 271 3.67 33.75 28.16
C PRO H 271 3.63 32.88 26.91
N ARG H 272 2.71 33.23 26.03
CA ARG H 272 2.48 32.51 24.79
C ARG H 272 3.11 33.27 23.64
N SER H 273 3.63 32.53 22.66
CA SER H 273 4.35 33.12 21.54
C SER H 273 3.92 32.46 20.24
N ILE H 274 4.14 33.17 19.13
CA ILE H 274 3.86 32.65 17.80
C ILE H 274 4.96 33.10 16.84
N ASP H 275 5.29 32.20 15.91
CA ASP H 275 6.25 32.48 14.85
C ASP H 275 5.57 33.20 13.69
N VAL H 276 6.27 34.16 13.12
CA VAL H 276 5.80 34.95 11.98
C VAL H 276 6.87 34.89 10.90
N ILE H 277 6.49 34.53 9.69
CA ILE H 277 7.38 34.48 8.54
C ILE H 277 7.27 35.78 7.77
N LEU H 278 8.40 36.42 7.51
CA LEU H 278 8.48 37.66 6.77
C LEU H 278 9.29 37.47 5.50
N ASP H 279 8.93 38.25 4.48
CA ASP H 279 9.46 38.16 3.13
C ASP H 279 10.23 39.43 2.79
N ASP H 280 10.57 39.57 1.50
CA ASP H 280 11.69 40.42 1.06
C ASP H 280 11.60 41.86 1.55
N ASP H 281 10.43 42.48 1.46
CA ASP H 281 10.30 43.88 1.87
C ASP H 281 9.97 44.06 3.35
N LEU H 282 9.55 42.99 4.04
CA LEU H 282 9.15 43.08 5.43
C LEU H 282 10.25 42.68 6.41
N VAL H 283 11.45 42.38 5.93
CA VAL H 283 12.53 41.99 6.81
C VAL H 283 13.13 43.21 7.49
N ASP H 284 13.71 42.98 8.67
CA ASP H 284 14.48 43.97 9.44
C ASP H 284 13.66 45.20 9.80
N LYS H 285 12.36 45.04 9.97
CA LYS H 285 11.52 46.12 10.45
C LYS H 285 11.35 46.11 11.96
N THR H 286 11.80 45.05 12.63
CA THR H 286 11.73 44.94 14.08
C THR H 286 13.04 44.39 14.62
N LYS H 287 13.26 44.62 15.89
CA LYS H 287 14.39 44.10 16.66
C LYS H 287 13.85 43.51 17.95
N PRO H 288 14.59 42.60 18.60
CA PRO H 288 14.11 42.05 19.86
C PRO H 288 13.90 43.13 20.91
N GLY H 289 12.74 43.09 21.55
CA GLY H 289 12.34 44.12 22.47
C GLY H 289 11.32 45.11 21.94
N ASP H 290 11.13 45.17 20.62
CA ASP H 290 10.10 46.04 20.07
C ASP H 290 8.72 45.52 20.40
N ARG H 291 7.78 46.44 20.55
CA ARG H 291 6.37 46.10 20.56
C ARG H 291 5.87 46.18 19.12
N VAL H 292 5.10 45.18 18.71
CA VAL H 292 4.78 45.01 17.30
C VAL H 292 3.29 44.69 17.14
N ASN H 293 2.77 45.07 15.99
CA ASN H 293 1.47 44.63 15.50
C ASN H 293 1.69 43.99 14.13
N VAL H 294 1.47 42.68 14.05
CA VAL H 294 1.67 41.92 12.83
C VAL H 294 0.31 41.57 12.27
N VAL H 295 0.04 41.99 11.03
CA VAL H 295 -1.17 41.64 10.30
C VAL H 295 -0.77 40.56 9.30
N GLY H 296 -1.44 39.40 9.39
CA GLY H 296 -1.08 38.32 8.50
C GLY H 296 -2.06 37.18 8.58
N VAL H 297 -1.86 36.21 7.70
CA VAL H 297 -2.75 35.06 7.60
C VAL H 297 -2.21 33.95 8.50
N PHE H 298 -3.07 33.47 9.41
CA PHE H 298 -2.71 32.41 10.34
C PHE H 298 -2.90 31.07 9.64
N LYS H 299 -1.79 30.46 9.23
CA LYS H 299 -1.82 29.26 8.40
C LYS H 299 -1.22 28.07 9.12
N SER H 300 -1.68 26.89 8.74
CA SER H 300 -1.14 25.62 9.20
C SER H 300 -0.44 24.93 8.04
N LEU H 301 0.66 24.25 8.32
CA LEU H 301 1.53 23.72 7.29
C LEU H 301 1.82 22.24 7.55
N GLY H 302 2.03 21.51 6.47
CA GLY H 302 2.41 20.11 6.55
C GLY H 302 1.27 19.21 6.99
N ALA H 303 1.64 17.99 7.32
CA ALA H 303 0.73 17.02 7.90
C ALA H 303 1.19 16.72 9.32
N GLY H 304 0.28 16.86 10.29
CA GLY H 304 0.63 16.68 11.68
C GLY H 304 0.81 15.24 12.07
N GLY H 305 1.80 14.57 11.49
CA GLY H 305 2.04 13.17 11.79
C GLY H 305 1.07 12.21 11.15
N MET H 306 0.23 12.68 10.22
CA MET H 306 -0.77 11.82 9.60
C MET H 306 -0.24 11.04 8.42
N ASN H 307 1.02 11.23 8.04
CA ASN H 307 1.66 10.37 7.06
C ASN H 307 2.35 9.19 7.75
N GLN H 308 2.73 8.21 6.94
CA GLN H 308 3.43 7.05 7.47
C GLN H 308 4.85 7.39 7.93
N SER H 309 5.55 8.23 7.17
CA SER H 309 6.94 8.57 7.48
C SER H 309 7.03 9.39 8.77
N ASN H 310 6.12 10.35 8.94
CA ASN H 310 6.12 11.14 10.18
C ASN H 310 5.64 10.31 11.36
N SER H 311 4.62 9.49 11.16
CA SER H 311 4.04 8.60 12.18
C SER H 311 3.62 9.34 13.46
N THR H 313 4.47 11.19 16.78
CA THR H 313 4.73 12.49 17.39
C THR H 313 3.47 13.35 17.44
N LEU H 314 3.41 14.25 18.41
CA LEU H 314 2.27 15.16 18.58
C LEU H 314 2.71 16.61 18.67
N ILE H 315 3.54 17.05 17.72
CA ILE H 315 3.70 18.49 17.52
C ILE H 315 2.40 19.09 16.98
N GLY H 316 1.52 18.24 16.43
CA GLY H 316 0.33 18.71 15.78
C GLY H 316 0.68 19.32 14.45
N PHE H 317 -0.24 20.13 13.94
CA PHE H 317 0.05 20.89 12.73
C PHE H 317 0.83 22.14 13.12
N LYS H 318 1.96 22.36 12.47
CA LYS H 318 2.75 23.56 12.75
C LYS H 318 2.00 24.79 12.26
N THR H 319 1.89 25.79 13.12
CA THR H 319 1.06 26.95 12.89
C THR H 319 1.91 28.20 13.00
N LEU H 320 1.71 29.13 12.07
CA LEU H 320 2.47 30.36 12.04
C LEU H 320 1.69 31.41 11.27
N ILE H 321 2.21 32.64 11.27
CA ILE H 321 1.53 33.78 10.65
C ILE H 321 2.34 34.21 9.43
N LEU H 322 1.71 34.21 8.27
CA LEU H 322 2.33 34.73 7.06
C LEU H 322 2.19 36.25 7.10
N GLY H 323 3.27 36.93 7.46
CA GLY H 323 3.20 38.36 7.70
C GLY H 323 2.90 39.14 6.45
N ASN H 324 1.86 39.96 6.50
CA ASN H 324 1.54 40.93 5.45
C ASN H 324 1.95 42.35 5.83
N THR H 325 1.82 42.70 7.11
CA THR H 325 2.08 44.05 7.56
C THR H 325 2.75 43.99 8.94
N VAL H 326 3.77 44.82 9.14
CA VAL H 326 4.46 44.92 10.42
C VAL H 326 4.44 46.39 10.85
N TYR H 327 3.72 46.69 11.93
CA TYR H 327 3.72 48.02 12.53
C TYR H 327 4.53 48.00 13.82
N PRO H 328 5.69 48.64 13.88
CA PRO H 328 6.37 48.80 15.17
C PRO H 328 5.65 49.83 16.03
N LEU H 329 4.99 49.35 17.08
CA LEU H 329 4.23 50.20 17.99
C LEU H 329 5.18 50.84 19.00
N HIS H 330 4.85 52.07 19.41
CA HIS H 330 5.56 52.72 20.49
C HIS H 330 4.80 52.51 21.79
N ALA H 331 5.50 51.99 22.80
CA ALA H 331 4.94 51.84 24.13
C ALA H 331 5.83 52.57 25.12
N ARG H 332 5.41 52.58 26.38
CA ARG H 332 6.14 53.31 27.40
C ARG H 332 7.40 52.54 27.78
N SER H 333 8.54 53.25 27.77
CA SER H 333 9.85 52.72 28.15
C SER H 333 10.27 51.52 27.30
N THR H 334 10.13 51.68 25.99
CA THR H 334 10.54 50.66 25.01
C THR H 334 11.52 51.28 24.02
N GLY H 335 12.02 50.44 23.11
CA GLY H 335 13.01 50.86 22.14
C GLY H 335 12.46 51.49 20.87
N VAL H 336 11.15 51.57 20.73
CA VAL H 336 10.55 52.21 19.57
C VAL H 336 10.27 53.67 19.89
N ALA H 337 10.78 54.57 19.06
CA ALA H 337 10.56 56.00 19.24
C ALA H 337 9.21 56.39 18.66
N ALA H 338 8.48 57.23 19.38
CA ALA H 338 7.17 57.69 18.93
C ALA H 338 7.35 58.75 17.86
N ARG H 339 6.97 58.43 16.63
CA ARG H 339 7.00 59.38 15.53
C ARG H 339 5.60 59.51 14.95
N GLN H 340 5.20 60.74 14.69
CA GLN H 340 3.82 61.08 14.34
C GLN H 340 3.79 62.06 13.18
N MET H 341 2.68 62.04 12.44
CA MET H 341 2.56 62.79 11.20
C MET H 341 2.41 64.28 11.47
N LEU H 342 3.16 65.10 10.74
CA LEU H 342 3.07 66.55 10.84
C LEU H 342 2.28 67.07 9.65
N THR H 343 1.00 67.39 9.86
CA THR H 343 0.17 68.01 8.85
C THR H 343 0.61 69.46 8.65
N ASP H 344 0.37 69.98 7.44
CA ASP H 344 0.77 71.35 7.11
C ASP H 344 0.15 72.39 8.05
N PHE H 345 -1.04 72.11 8.58
CA PHE H 345 -1.61 72.98 9.60
C PHE H 345 -0.74 73.04 10.85
N ASP H 346 -0.25 71.88 11.30
CA ASP H 346 0.63 71.85 12.46
C ASP H 346 1.97 72.52 12.17
N ILE H 347 2.50 72.35 10.97
CA ILE H 347 3.74 73.02 10.59
C ILE H 347 3.56 74.53 10.61
N ARG H 348 2.44 75.02 10.07
CA ARG H 348 2.15 76.44 10.10
C ARG H 348 2.00 76.95 11.53
N ASN H 349 1.35 76.17 12.40
CA ASN H 349 1.22 76.57 13.80
C ASN H 349 2.58 76.62 14.49
N ILE H 350 3.44 75.63 14.23
CA ILE H 350 4.77 75.61 14.84
C ILE H 350 5.58 76.82 14.39
N ASN H 351 5.50 77.14 13.09
CA ASN H 351 6.18 78.33 12.60
C ASN H 351 5.58 79.61 13.16
N LYS H 352 4.29 79.63 13.46
CA LYS H 352 3.68 80.83 14.03
C LYS H 352 4.10 81.04 15.47
N LEU H 353 4.14 79.97 16.27
CA LEU H 353 4.63 80.11 17.64
C LEU H 353 6.15 80.31 17.70
N SER H 354 6.86 79.95 16.63
CA SER H 354 8.30 80.20 16.63
C SER H 354 8.61 81.70 16.57
N LYS H 355 7.67 82.50 16.07
CA LYS H 355 7.88 83.92 15.90
C LYS H 355 7.57 84.74 17.16
N LYS H 356 6.97 84.11 18.18
CA LYS H 356 6.65 84.84 19.38
C LYS H 356 7.87 84.93 20.30
N LYS H 357 7.91 86.02 21.09
CA LYS H 357 9.02 86.27 21.99
C LYS H 357 8.88 85.55 23.33
N ASP H 358 7.67 85.11 23.67
CA ASP H 358 7.41 84.48 24.95
C ASP H 358 7.39 82.95 24.85
N ILE H 359 7.79 82.41 23.70
CA ILE H 359 7.61 80.98 23.42
C ILE H 359 8.42 80.11 24.37
N PHE H 360 9.59 80.58 24.80
CA PHE H 360 10.40 79.80 25.72
C PHE H 360 9.72 79.71 27.09
N ASP H 361 8.92 80.72 27.44
CA ASP H 361 8.13 80.69 28.66
C ASP H 361 6.77 80.03 28.47
N ILE H 362 6.32 79.84 27.25
CA ILE H 362 5.04 79.17 26.97
C ILE H 362 5.22 77.65 26.92
N LEU H 363 6.22 77.18 26.17
CA LEU H 363 6.44 75.74 26.07
C LEU H 363 6.88 75.15 27.40
N SER H 364 7.72 75.86 28.14
CA SER H 364 8.21 75.34 29.42
C SER H 364 7.11 75.27 30.46
N GLN H 365 6.30 76.33 30.59
CA GLN H 365 5.21 76.32 31.55
C GLN H 365 4.09 75.36 31.16
N SER H 366 4.03 74.95 29.90
CA SER H 366 3.03 74.01 29.45
C SER H 366 3.52 72.58 29.47
N LEU H 367 4.69 72.32 30.08
CA LEU H 367 5.16 70.95 30.21
C LEU H 367 4.27 70.24 31.22
N ALA H 368 4.39 70.60 32.49
CA ALA H 368 3.66 69.94 33.56
C ALA H 368 2.90 71.01 34.33
N PRO H 369 1.72 71.42 33.85
CA PRO H 369 0.92 72.41 34.57
C PRO H 369 0.35 71.88 35.87
N SER H 370 0.42 70.57 36.13
CA SER H 370 -0.03 69.99 37.37
C SER H 370 1.02 70.07 38.48
N ILE H 371 2.18 70.63 38.20
CA ILE H 371 3.21 70.88 39.20
C ILE H 371 3.37 72.40 39.34
N TYR H 372 3.15 72.91 40.54
CA TYR H 372 3.32 74.34 40.76
C TYR H 372 4.80 74.67 40.92
N GLY H 373 5.22 75.77 40.32
CA GLY H 373 6.62 76.15 40.42
C GLY H 373 7.51 75.24 39.59
N HIS H 374 8.77 75.14 40.03
CA HIS H 374 9.81 74.37 39.36
C HIS H 374 10.00 74.82 37.91
N ASP H 375 9.86 76.13 37.70
CA ASP H 375 9.84 76.69 36.34
C ASP H 375 11.17 76.48 35.62
N HIS H 376 12.30 76.70 36.31
CA HIS H 376 13.61 76.50 35.70
C HIS H 376 13.86 75.04 35.37
N ILE H 377 13.31 74.12 36.16
CA ILE H 377 13.41 72.70 35.82
C ILE H 377 12.61 72.41 34.55
N LYS H 378 11.48 73.10 34.36
CA LYS H 378 10.74 72.97 33.11
C LYS H 378 11.56 73.48 31.93
N LYS H 379 12.25 74.61 32.11
CA LYS H 379 13.14 75.12 31.06
C LYS H 379 14.22 74.10 30.72
N ALA H 380 14.81 73.51 31.76
CA ALA H 380 15.88 72.52 31.55
C ALA H 380 15.36 71.28 30.84
N ILE H 381 14.18 70.81 31.22
CA ILE H 381 13.61 69.61 30.59
C ILE H 381 13.28 69.90 29.12
N LEU H 382 12.76 71.09 28.84
CA LEU H 382 12.49 71.48 27.46
C LEU H 382 13.78 71.55 26.64
N LEU H 383 14.85 72.10 27.21
CA LEU H 383 16.10 72.20 26.47
C LEU H 383 16.75 70.84 26.30
N MET H 384 16.56 69.93 27.26
CA MET H 384 17.04 68.56 27.10
C MET H 384 16.27 67.83 26.01
N LEU H 385 14.96 68.09 25.92
CA LEU H 385 14.16 67.52 24.84
C LEU H 385 14.57 68.10 23.49
N MET H 386 15.02 69.35 23.46
CA MET H 386 15.56 69.90 22.22
C MET H 386 16.83 69.18 21.80
N GLY H 387 17.72 68.91 22.75
CA GLY H 387 18.78 67.94 22.56
C GLY H 387 20.11 68.47 22.09
N GLY H 388 20.20 69.75 21.69
CA GLY H 388 21.47 70.27 21.25
C GLY H 388 21.91 69.70 19.90
N VAL H 389 23.16 69.99 19.55
CA VAL H 389 23.76 69.52 18.30
C VAL H 389 25.12 68.91 18.63
N GLU H 390 25.33 67.67 18.21
CA GLU H 390 26.61 67.01 18.40
C GLU H 390 27.55 67.35 17.25
N LYS H 391 28.84 67.22 17.51
CA LYS H 391 29.87 67.54 16.53
C LYS H 391 30.73 66.31 16.30
N ASN H 392 30.66 65.78 15.08
CA ASN H 392 31.50 64.68 14.64
C ASN H 392 32.55 65.27 13.71
N LEU H 393 33.82 65.11 14.08
CA LEU H 393 34.89 65.82 13.41
C LEU H 393 35.60 64.91 12.41
N GLU H 394 36.39 65.52 11.53
CA GLU H 394 37.09 64.77 10.50
C GLU H 394 38.21 63.91 11.07
N ASN H 395 38.77 64.29 12.22
CA ASN H 395 39.82 63.54 12.88
C ASN H 395 39.26 62.58 13.92
N GLY H 396 37.99 62.23 13.82
CA GLY H 396 37.39 61.21 14.64
C GLY H 396 36.90 61.67 16.00
N SER H 397 37.19 62.90 16.41
CA SER H 397 36.80 63.38 17.72
C SER H 397 35.30 63.61 17.80
N HIS H 398 34.72 63.38 18.97
CA HIS H 398 33.29 63.52 19.18
C HIS H 398 33.01 64.48 20.32
N LEU H 399 32.01 65.33 20.13
CA LEU H 399 31.59 66.29 21.14
C LEU H 399 30.10 66.13 21.39
N ARG H 400 29.72 66.16 22.67
CA ARG H 400 28.34 65.88 23.07
C ARG H 400 27.40 66.98 22.60
N GLY H 401 26.14 66.57 22.37
CA GLY H 401 25.07 67.51 22.14
C GLY H 401 24.02 67.40 23.22
N ASP H 402 23.91 66.21 23.80
CA ASP H 402 22.86 65.89 24.76
C ASP H 402 23.07 66.63 26.07
N ILE H 403 21.96 66.88 26.77
CA ILE H 403 21.94 67.67 27.99
C ILE H 403 21.47 66.78 29.12
N ASN H 404 22.22 66.76 30.22
CA ASN H 404 21.94 65.92 31.37
C ASN H 404 21.45 66.78 32.52
N ILE H 405 20.39 66.34 33.18
CA ILE H 405 19.78 67.06 34.29
C ILE H 405 19.81 66.17 35.52
N LEU H 406 20.28 66.71 36.63
CA LEU H 406 20.19 66.05 37.92
C LEU H 406 19.36 66.92 38.86
N MET H 407 18.37 66.30 39.49
CA MET H 407 17.55 66.95 40.51
C MET H 407 17.85 66.27 41.83
N VAL H 408 17.99 67.05 42.89
CA VAL H 408 18.28 66.50 44.21
C VAL H 408 17.58 67.38 45.25
N GLY H 409 17.05 66.75 46.29
CA GLY H 409 16.47 67.52 47.37
C GLY H 409 15.43 66.73 48.14
N ASP H 410 14.60 67.47 48.85
CA ASP H 410 13.69 66.91 49.83
C ASP H 410 12.61 66.05 49.17
N PRO H 411 12.02 65.12 49.92
CA PRO H 411 10.90 64.34 49.36
C PRO H 411 9.67 65.20 49.15
N SER H 412 8.76 64.67 48.32
CA SER H 412 7.52 65.34 47.92
C SER H 412 7.79 66.70 47.28
N THR H 413 8.74 66.72 46.34
CA THR H 413 9.05 67.91 45.55
C THR H 413 8.91 67.64 44.05
N ALA H 414 7.99 66.73 43.69
CA ALA H 414 7.60 66.44 42.31
C ALA H 414 8.78 66.00 41.44
N LYS H 415 9.69 65.21 42.01
CA LYS H 415 10.83 64.72 41.22
C LYS H 415 10.45 63.49 40.42
N SER H 416 9.86 62.48 41.09
CA SER H 416 9.40 61.29 40.39
C SER H 416 8.28 61.63 39.43
N GLN H 417 7.44 62.61 39.76
CA GLN H 417 6.39 63.06 38.85
C GLN H 417 6.98 63.67 37.58
N LEU H 418 8.02 64.49 37.74
CA LEU H 418 8.69 65.08 36.57
C LEU H 418 9.37 64.01 35.73
N LEU H 419 10.00 63.02 36.38
CA LEU H 419 10.60 61.93 35.64
C LEU H 419 9.57 61.11 34.87
N ARG H 420 8.41 60.87 35.49
CA ARG H 420 7.34 60.17 34.80
C ARG H 420 6.78 60.99 33.64
N PHE H 421 6.73 62.31 33.80
CA PHE H 421 6.32 63.15 32.67
C PHE H 421 7.32 63.05 31.52
N VAL H 422 8.61 63.09 31.83
CA VAL H 422 9.62 62.94 30.77
C VAL H 422 9.51 61.56 30.13
N LEU H 423 9.17 60.54 30.90
CA LEU H 423 8.91 59.22 30.33
C LEU H 423 7.71 59.23 29.38
N ASN H 424 6.65 59.95 29.74
CA ASN H 424 5.43 59.97 28.94
C ASN H 424 5.51 60.88 27.71
N THR H 425 6.29 61.95 27.74
CA THR H 425 6.26 62.94 26.66
C THR H 425 7.37 62.79 25.65
N ALA H 426 8.44 62.08 25.99
CA ALA H 426 9.57 61.96 25.08
C ALA H 426 9.34 60.82 24.10
N SER H 427 9.98 60.92 22.94
CA SER H 427 9.84 59.89 21.91
C SER H 427 10.46 58.58 22.35
N LEU H 428 11.63 58.63 22.98
CA LEU H 428 12.39 57.43 23.31
C LEU H 428 12.92 57.50 24.74
N ALA H 429 12.04 57.76 25.70
CA ALA H 429 12.44 57.75 27.10
C ALA H 429 12.34 56.35 27.68
N ILE H 430 13.35 55.97 28.47
CA ILE H 430 13.39 54.69 29.15
C ILE H 430 13.62 54.95 30.64
N ALA H 431 12.76 54.38 31.48
CA ALA H 431 12.78 54.60 32.92
C ALA H 431 13.50 53.47 33.62
N THR H 432 14.41 53.83 34.52
CA THR H 432 15.15 52.86 35.32
C THR H 432 15.26 53.36 36.75
N THR H 433 15.70 52.47 37.64
CA THR H 433 15.87 52.76 39.05
C THR H 433 17.26 52.28 39.46
N GLY H 434 17.83 52.94 40.47
CA GLY H 434 19.17 52.68 40.94
C GLY H 434 19.48 51.25 41.32
N ARG H 435 18.83 50.75 42.37
CA ARG H 435 19.04 49.36 42.77
C ARG H 435 18.32 48.36 41.88
N GLY H 436 17.27 48.80 41.17
CA GLY H 436 16.55 47.88 40.32
C GLY H 436 17.37 47.39 39.14
N SER H 437 18.13 48.29 38.52
CA SER H 437 19.03 47.94 37.42
C SER H 437 20.44 47.80 37.96
N SER H 438 21.28 47.12 37.18
CA SER H 438 22.66 46.86 37.56
C SER H 438 23.60 47.38 36.47
N GLY H 439 24.88 47.04 36.60
CA GLY H 439 25.85 47.45 35.58
C GLY H 439 25.59 46.80 34.24
N VAL H 440 25.22 45.51 34.24
CA VAL H 440 24.84 44.86 33.00
C VAL H 440 23.43 45.26 32.58
N GLY H 441 22.60 45.68 33.54
CA GLY H 441 21.24 46.07 33.20
C GLY H 441 21.17 47.35 32.38
N LEU H 442 22.01 48.33 32.69
CA LEU H 442 21.94 49.59 31.97
C LEU H 442 22.72 49.57 30.66
N THR H 443 23.89 48.94 30.64
CA THR H 443 24.77 49.06 29.48
C THR H 443 24.51 47.94 28.46
N ALA H 444 24.83 46.71 28.83
CA ALA H 444 24.70 45.55 27.95
C ALA H 444 25.09 44.30 28.73
N ALA H 445 24.81 43.14 28.14
CA ALA H 445 25.23 41.87 28.70
C ALA H 445 25.46 40.88 27.57
N VAL H 446 26.01 39.72 27.93
CA VAL H 446 26.41 38.70 26.98
C VAL H 446 25.52 37.48 27.15
N THR H 447 25.05 36.92 26.04
CA THR H 447 24.24 35.71 26.02
C THR H 447 24.77 34.80 24.92
N THR H 448 24.09 33.68 24.72
CA THR H 448 24.50 32.68 23.73
C THR H 448 23.34 32.38 22.78
N ASP H 449 23.61 32.41 21.48
CA ASP H 449 22.59 32.12 20.48
C ASP H 449 22.44 30.61 20.32
N ARG H 450 21.19 30.17 20.16
CA ARG H 450 20.91 28.74 20.06
C ARG H 450 21.31 28.19 18.69
N GLU H 451 21.03 28.93 17.62
CA GLU H 451 21.27 28.42 16.28
C GLU H 451 22.76 28.45 15.94
N THR H 452 23.36 29.65 15.96
CA THR H 452 24.77 29.79 15.58
C THR H 452 25.71 29.18 16.62
N GLY H 453 25.34 29.23 17.90
CA GLY H 453 26.19 28.72 18.95
C GLY H 453 27.26 29.67 19.44
N GLU H 454 27.29 30.89 18.93
CA GLU H 454 28.29 31.89 19.32
C GLU H 454 27.66 32.91 20.26
N ARG H 455 28.52 33.60 21.01
CA ARG H 455 28.05 34.59 21.96
C ARG H 455 27.53 35.83 21.25
N ARG H 456 26.51 36.45 21.84
CA ARG H 456 25.86 37.63 21.29
C ARG H 456 25.57 38.62 22.41
N LEU H 457 25.10 39.80 22.03
CA LEU H 457 24.90 40.90 22.96
C LEU H 457 23.42 41.17 23.18
N GLU H 458 23.07 41.50 24.42
CA GLU H 458 21.77 42.03 24.77
C GLU H 458 21.95 43.47 25.22
N ALA H 459 21.25 44.39 24.57
CA ALA H 459 21.43 45.82 24.80
C ALA H 459 20.71 46.25 26.07
N GLY H 460 21.43 46.93 26.96
CA GLY H 460 20.85 47.43 28.18
C GLY H 460 20.00 48.67 27.95
N ALA H 461 19.68 49.34 29.05
CA ALA H 461 18.82 50.52 28.98
C ALA H 461 19.48 51.65 28.21
N MET H 462 20.81 51.76 28.30
CA MET H 462 21.49 52.89 27.69
C MET H 462 21.65 52.73 26.18
N VAL H 463 21.88 51.51 25.69
CA VAL H 463 21.96 51.31 24.24
C VAL H 463 20.58 51.42 23.60
N LEU H 464 19.55 50.91 24.27
CA LEU H 464 18.20 51.00 23.73
C LEU H 464 17.66 52.42 23.71
N ALA H 465 18.16 53.29 24.60
CA ALA H 465 17.76 54.69 24.62
C ALA H 465 18.72 55.58 23.85
N ASP H 466 19.41 55.03 22.87
CA ASP H 466 20.23 55.83 21.97
C ASP H 466 19.35 56.84 21.24
N ARG H 467 19.83 58.08 21.15
CA ARG H 467 19.07 59.22 20.63
C ARG H 467 17.77 59.41 21.41
N GLY H 468 17.84 59.15 22.71
CA GLY H 468 16.67 59.26 23.57
C GLY H 468 16.99 59.81 24.94
N VAL H 469 16.11 59.57 25.90
CA VAL H 469 16.25 60.07 27.27
C VAL H 469 16.23 58.88 28.22
N VAL H 470 17.14 58.88 29.18
CA VAL H 470 17.16 57.88 30.25
C VAL H 470 16.73 58.58 31.53
N CYS H 471 15.64 58.11 32.13
CA CYS H 471 15.12 58.68 33.37
C CYS H 471 15.49 57.74 34.52
N ILE H 472 16.46 58.14 35.32
CA ILE H 472 16.96 57.34 36.44
C ILE H 472 16.31 57.87 37.71
N ASP H 473 15.48 57.05 38.34
CA ASP H 473 14.86 57.41 39.61
C ASP H 473 15.68 56.87 40.76
N GLU H 474 15.84 57.69 41.79
CA GLU H 474 16.69 57.42 42.95
C GLU H 474 18.12 57.09 42.50
N PHE H 475 18.75 58.12 41.92
CA PHE H 475 20.09 58.01 41.37
C PHE H 475 21.14 57.73 42.43
N ASP H 476 20.87 58.14 43.67
CA ASP H 476 21.87 58.05 44.73
C ASP H 476 22.12 56.63 45.22
N LYS H 477 21.26 55.68 44.86
CA LYS H 477 21.38 54.31 45.33
C LYS H 477 21.99 53.39 44.30
N MET H 478 22.69 53.93 43.31
CA MET H 478 23.32 53.08 42.30
C MET H 478 24.60 52.46 42.85
N THR H 479 24.93 51.27 42.35
CA THR H 479 26.14 50.59 42.78
C THR H 479 27.37 51.21 42.11
N ASP H 480 28.54 50.88 42.67
CA ASP H 480 29.79 51.51 42.25
C ASP H 480 30.17 51.14 40.82
N VAL H 481 30.05 49.85 40.48
CA VAL H 481 30.36 49.42 39.12
C VAL H 481 29.39 50.02 38.12
N ASP H 482 28.15 50.25 38.55
CA ASP H 482 27.15 50.92 37.71
C ASP H 482 27.57 52.38 37.47
N ARG H 483 28.12 53.02 38.50
CA ARG H 483 28.61 54.39 38.36
C ARG H 483 29.80 54.47 37.41
N VAL H 484 30.73 53.53 37.52
CA VAL H 484 31.85 53.49 36.59
C VAL H 484 31.35 53.24 35.16
N ALA H 485 30.33 52.41 35.00
CA ALA H 485 29.75 52.16 33.69
C ALA H 485 29.12 53.43 33.12
N ILE H 486 28.38 54.17 33.94
CA ILE H 486 27.67 55.35 33.44
C ILE H 486 28.62 56.52 33.24
N HIS H 487 29.81 56.49 33.86
CA HIS H 487 30.82 57.51 33.63
C HIS H 487 31.20 57.61 32.16
N GLU H 488 31.45 56.46 31.53
CA GLU H 488 31.83 56.45 30.12
C GLU H 488 30.66 56.80 29.21
N VAL H 489 29.46 56.34 29.57
CA VAL H 489 28.28 56.56 28.74
C VAL H 489 27.89 58.03 28.72
N MET H 490 27.95 58.69 29.87
CA MET H 490 27.34 60.00 29.99
C MET H 490 28.19 61.11 29.36
N GLU H 491 29.47 60.83 29.08
CA GLU H 491 30.34 61.74 28.35
C GLU H 491 30.79 61.22 27.00
N GLN H 492 31.42 60.04 26.95
CA GLN H 492 31.94 59.51 25.70
C GLN H 492 30.86 58.93 24.81
N GLN H 493 29.62 58.84 25.31
CA GLN H 493 28.43 58.43 24.58
C GLN H 493 28.52 57.00 24.07
N THR H 494 29.39 56.18 24.64
CA THR H 494 29.60 54.82 24.15
C THR H 494 29.64 53.85 25.32
N VAL H 495 29.32 52.60 25.01
CA VAL H 495 29.50 51.48 25.92
C VAL H 495 30.57 50.58 25.32
N THR H 496 31.69 50.46 26.00
CA THR H 496 32.78 49.60 25.55
C THR H 496 32.66 48.25 26.26
N ILE H 497 32.45 47.20 25.48
CA ILE H 497 32.32 45.85 26.02
C ILE H 497 33.59 45.09 25.68
N ALA H 498 34.35 44.75 26.71
CA ALA H 498 35.53 43.89 26.60
C ALA H 498 35.28 42.70 27.52
N LYS H 499 34.52 41.74 27.02
CA LYS H 499 34.21 40.52 27.76
C LYS H 499 35.06 39.39 27.22
N ALA H 500 34.77 38.18 27.67
CA ALA H 500 35.49 36.99 27.21
C ALA H 500 35.17 36.76 25.74
N GLY H 501 36.18 36.96 24.88
CA GLY H 501 36.09 36.62 23.47
C GLY H 501 35.65 37.75 22.55
N ILE H 502 34.67 38.55 22.97
CA ILE H 502 34.11 39.58 22.11
C ILE H 502 34.55 40.96 22.60
N HIS H 503 34.93 41.82 21.67
CA HIS H 503 35.23 43.23 21.95
C HIS H 503 34.41 44.09 21.01
N THR H 504 33.71 45.07 21.56
CA THR H 504 32.83 45.90 20.75
C THR H 504 32.60 47.24 21.44
N THR H 505 32.08 48.18 20.66
CA THR H 505 31.59 49.44 21.18
C THR H 505 30.17 49.65 20.68
N LEU H 506 29.31 50.16 21.56
CA LEU H 506 27.91 50.40 21.24
C LEU H 506 27.58 51.87 21.45
N ASN H 507 26.82 52.43 20.52
CA ASN H 507 26.44 53.83 20.63
C ASN H 507 25.38 53.99 21.71
N ALA H 508 25.63 54.92 22.64
CA ALA H 508 24.73 55.17 23.76
C ALA H 508 24.53 56.67 23.92
N ARG H 509 24.21 57.34 22.83
CA ARG H 509 23.99 58.79 22.83
C ARG H 509 22.67 59.08 23.53
N CYS H 510 22.74 59.44 24.81
CA CYS H 510 21.56 59.56 25.65
C CYS H 510 21.64 60.84 26.46
N SER H 511 20.50 61.54 26.54
CA SER H 511 20.28 62.50 27.60
C SER H 511 19.85 61.75 28.84
N VAL H 512 20.37 62.16 29.99
CA VAL H 512 20.06 61.51 31.25
C VAL H 512 19.42 62.53 32.18
N ILE H 513 18.19 62.26 32.61
CA ILE H 513 17.56 63.01 33.68
C ILE H 513 17.46 62.10 34.89
N ALA H 514 17.92 62.59 36.03
CA ALA H 514 18.05 61.76 37.23
C ALA H 514 17.50 62.49 38.44
N ALA H 515 16.95 61.71 39.37
CA ALA H 515 16.43 62.23 40.63
C ALA H 515 17.18 61.54 41.76
N ALA H 516 17.67 62.32 42.72
CA ALA H 516 18.42 61.79 43.84
C ALA H 516 17.92 62.42 45.14
N ASN H 517 18.40 61.88 46.24
CA ASN H 517 18.08 62.38 47.57
C ASN H 517 19.37 62.70 48.31
N PRO H 518 19.35 63.69 49.19
CA PRO H 518 20.50 63.94 50.05
C PRO H 518 20.67 62.81 51.06
N VAL H 519 21.91 62.65 51.54
CA VAL H 519 22.21 61.56 52.47
C VAL H 519 21.56 61.75 53.83
N PHE H 520 21.18 62.97 54.18
CA PHE H 520 20.51 63.23 55.43
C PHE H 520 18.99 63.21 55.31
N GLY H 521 18.46 62.86 54.13
CA GLY H 521 17.05 62.85 53.87
C GLY H 521 16.46 64.20 53.50
N GLN H 522 16.86 65.26 54.20
CA GLN H 522 16.45 66.61 53.91
C GLN H 522 17.68 67.47 53.71
N TYR H 523 17.64 68.36 52.72
CA TYR H 523 18.77 69.25 52.46
C TYR H 523 18.92 70.26 53.59
N ASP H 524 20.15 70.47 54.03
CA ASP H 524 20.45 71.40 55.12
C ASP H 524 21.14 72.62 54.55
N VAL H 525 20.65 73.81 54.92
CA VAL H 525 21.14 75.04 54.32
C VAL H 525 22.56 75.34 54.79
N ASN H 526 22.81 75.23 56.10
CA ASN H 526 24.11 75.64 56.63
C ASN H 526 25.22 74.67 56.28
N ARG H 527 24.91 73.40 56.08
CA ARG H 527 25.91 72.43 55.67
C ARG H 527 26.34 72.68 54.23
N ASP H 528 27.58 72.31 53.92
CA ASP H 528 28.11 72.49 52.58
C ASP H 528 27.44 71.53 51.60
N PRO H 529 27.30 71.93 50.33
CA PRO H 529 26.70 71.02 49.33
C PRO H 529 27.50 69.75 49.09
N HIS H 530 28.81 69.75 49.35
CA HIS H 530 29.61 68.56 49.13
C HIS H 530 29.18 67.43 50.05
N GLN H 531 28.82 67.75 51.29
CA GLN H 531 28.30 66.73 52.20
C GLN H 531 26.87 66.34 51.88
N ASN H 532 26.09 67.26 51.30
CA ASN H 532 24.70 66.96 51.00
C ASN H 532 24.56 66.04 49.78
N ILE H 533 25.38 66.28 48.75
CA ILE H 533 25.26 65.48 47.53
C ILE H 533 25.85 64.10 47.73
N ALA H 534 27.11 64.03 48.17
CA ALA H 534 27.85 62.78 48.40
C ALA H 534 27.88 61.91 47.14
N LEU H 535 28.17 62.54 46.01
CA LEU H 535 28.43 61.89 44.75
C LEU H 535 29.80 62.34 44.27
N PRO H 536 30.51 61.51 43.49
CA PRO H 536 31.85 61.91 43.04
C PRO H 536 31.82 63.14 42.14
N ASP H 537 32.89 63.94 42.24
CA ASP H 537 32.95 65.23 41.56
C ASP H 537 32.94 65.05 40.05
N SER H 538 33.55 63.98 39.53
CA SER H 538 33.49 63.71 38.10
C SER H 538 32.06 63.46 37.64
N LEU H 539 31.28 62.70 38.42
CA LEU H 539 29.88 62.46 38.08
C LEU H 539 29.06 63.74 38.12
N LEU H 540 29.34 64.62 39.09
CA LEU H 540 28.64 65.90 39.12
C LEU H 540 29.02 66.78 37.95
N SER H 541 30.28 66.72 37.52
CA SER H 541 30.70 67.46 36.34
C SER H 541 30.09 66.88 35.07
N ARG H 542 29.69 65.60 35.10
CA ARG H 542 29.00 65.04 33.95
C ARG H 542 27.66 65.73 33.71
N PHE H 543 26.95 66.06 34.79
CA PHE H 543 25.62 66.64 34.67
C PHE H 543 25.70 68.10 34.26
N ASP H 544 24.89 68.47 33.26
CA ASP H 544 24.91 69.84 32.76
C ASP H 544 24.21 70.81 33.71
N LEU H 545 23.09 70.42 34.29
CA LEU H 545 22.35 71.25 35.23
C LEU H 545 22.02 70.44 36.47
N LEU H 546 22.28 71.03 37.63
CA LEU H 546 22.04 70.39 38.92
C LEU H 546 21.11 71.28 39.72
N PHE H 547 19.90 70.80 39.97
CA PHE H 547 18.87 71.58 40.64
C PHE H 547 18.64 71.02 42.03
N VAL H 548 18.92 71.84 43.04
CA VAL H 548 18.61 71.50 44.43
C VAL H 548 17.25 72.09 44.75
N VAL H 549 16.31 71.24 45.10
CA VAL H 549 14.94 71.64 45.43
C VAL H 549 14.73 71.43 46.92
N THR H 550 14.31 72.48 47.61
CA THR H 550 14.10 72.43 49.05
C THR H 550 12.65 72.77 49.35
N ASP H 551 12.05 71.98 50.25
CA ASP H 551 10.68 72.22 50.67
C ASP H 551 10.65 73.24 51.81
N ASP H 552 10.95 74.48 51.45
CA ASP H 552 10.86 75.58 52.39
C ASP H 552 9.39 75.89 52.70
N ILE H 553 9.11 76.20 53.95
CA ILE H 553 7.75 76.36 54.43
C ILE H 553 7.46 77.85 54.58
N ASN H 554 6.55 78.36 53.75
CA ASN H 554 6.01 79.71 53.86
C ASN H 554 4.50 79.60 53.76
N GLU H 555 3.80 80.52 54.44
CA GLU H 555 2.35 80.44 54.50
C GLU H 555 1.73 80.67 53.13
N ILE H 556 2.18 81.71 52.43
CA ILE H 556 1.60 82.03 51.12
C ILE H 556 1.99 80.96 50.08
N ARG H 557 3.21 80.44 50.18
CA ARG H 557 3.62 79.36 49.28
C ARG H 557 2.82 78.10 49.53
N ASP H 558 2.59 77.78 50.80
CA ASP H 558 1.82 76.59 51.15
C ASP H 558 0.38 76.72 50.69
N ARG H 559 -0.18 77.92 50.83
CA ARG H 559 -1.52 78.21 50.33
C ARG H 559 -1.59 78.03 48.82
N SER H 560 -0.59 78.53 48.09
CA SER H 560 -0.58 78.39 46.65
C SER H 560 -0.47 76.94 46.21
N ILE H 561 0.41 76.16 46.86
CA ILE H 561 0.52 74.73 46.56
C ILE H 561 -0.79 74.03 46.84
N SER H 562 -1.44 74.35 47.96
CA SER H 562 -2.68 73.67 48.33
C SER H 562 -3.80 73.97 47.33
N GLU H 563 -3.97 75.24 46.95
CA GLU H 563 -5.00 75.56 45.97
C GLU H 563 -4.70 74.95 44.61
N HIS H 564 -3.42 74.92 44.21
CA HIS H 564 -3.08 74.30 42.94
C HIS H 564 -3.38 72.81 42.95
N VAL H 565 -3.05 72.13 44.04
CA VAL H 565 -3.32 70.70 44.16
C VAL H 565 -4.81 70.42 44.13
N LEU H 566 -5.61 71.26 44.81
CA LEU H 566 -7.05 71.03 44.85
C LEU H 566 -7.69 71.32 43.50
N ARG H 567 -7.29 72.40 42.82
CA ARG H 567 -7.81 72.66 41.48
C ARG H 567 -7.40 71.56 40.52
N THR H 568 -6.22 70.96 40.70
CA THR H 568 -5.86 69.75 39.97
C THR H 568 -6.77 68.58 40.33
N HIS H 569 -7.16 68.48 41.60
CA HIS H 569 -7.98 67.37 42.09
C HIS H 569 -9.45 67.52 41.77
N ARG H 570 -9.86 68.62 41.16
CA ARG H 570 -11.26 68.81 40.75
C ARG H 570 -11.40 68.81 39.22
N TYR H 571 -10.78 67.84 38.55
CA TYR H 571 -10.76 67.75 37.10
C TYR H 571 -11.68 66.66 36.59
N LEU H 572 -12.30 66.88 35.43
CA LEU H 572 -13.03 65.86 34.68
C LEU H 572 -12.47 65.73 33.28
N PRO H 573 -12.24 64.50 32.80
CA PRO H 573 -12.04 64.31 31.37
C PRO H 573 -13.31 64.62 30.61
N PRO H 574 -13.21 65.06 29.36
CA PRO H 574 -14.41 65.28 28.55
C PRO H 574 -15.18 63.99 28.33
N GLY H 575 -16.50 64.09 28.36
CA GLY H 575 -17.34 62.92 28.19
C GLY H 575 -17.42 61.99 29.38
N TYR H 576 -17.10 62.48 30.58
CA TYR H 576 -17.19 61.66 31.79
C TYR H 576 -18.16 62.30 32.76
N LEU H 577 -18.85 61.45 33.53
CA LEU H 577 -19.89 61.87 34.46
C LEU H 577 -19.24 62.30 35.78
N GLU H 578 -20.06 62.89 36.67
CA GLU H 578 -19.60 63.38 37.96
C GLU H 578 -19.02 62.27 38.81
N GLY H 579 -19.71 61.13 38.90
CA GLY H 579 -19.26 60.05 39.75
C GLY H 579 -18.61 58.89 39.03
N GLU H 580 -18.58 58.97 37.70
CA GLU H 580 -18.05 57.87 36.90
C GLU H 580 -16.53 57.80 37.04
N PRO H 581 -15.97 56.63 37.37
CA PRO H 581 -14.51 56.51 37.43
C PRO H 581 -13.89 56.50 36.05
N VAL H 582 -12.68 57.04 35.96
CA VAL H 582 -12.00 57.12 34.68
C VAL H 582 -11.40 55.76 34.34
N ARG H 583 -11.42 55.42 33.07
CA ARG H 583 -10.92 54.14 32.59
C ARG H 583 -9.50 54.27 32.07
N GLU H 584 -8.79 53.15 32.05
CA GLU H 584 -7.41 53.12 31.60
C GLU H 584 -7.31 52.33 30.30
N ARG H 585 -6.75 52.96 29.28
CA ARG H 585 -6.42 52.31 28.02
C ARG H 585 -4.93 52.45 27.80
N LEU H 586 -4.26 51.35 27.51
CA LEU H 586 -2.81 51.36 27.34
C LEU H 586 -2.46 52.11 26.07
N ASN H 587 -1.50 53.04 26.17
CA ASN H 587 -1.17 53.97 25.10
C ASN H 587 -0.22 53.29 24.12
N LEU H 588 -0.75 52.88 22.97
CA LEU H 588 0.05 52.38 21.86
C LEU H 588 -0.07 53.36 20.71
N SER H 589 1.07 53.89 20.26
CA SER H 589 1.11 54.86 19.19
C SER H 589 1.91 54.28 18.02
N LEU H 590 1.36 54.41 16.82
CA LEU H 590 2.05 53.97 15.63
C LEU H 590 3.26 54.85 15.36
N ALA H 591 4.40 54.23 15.09
CA ALA H 591 5.64 54.95 14.76
C ALA H 591 5.79 54.94 13.24
N VAL H 592 5.50 56.07 12.62
CA VAL H 592 5.60 56.20 11.17
C VAL H 592 7.05 56.45 10.80
N GLY H 593 7.35 56.32 9.50
CA GLY H 593 8.70 56.54 9.01
C GLY H 593 9.68 55.45 9.39
N GLY H 640 -3.03 77.00 36.55
CA GLY H 640 -3.50 75.64 36.32
C GLY H 640 -4.85 75.65 35.62
N ASN H 641 -4.83 75.77 34.30
CA ASN H 641 -6.04 75.78 33.48
C ASN H 641 -6.06 74.56 32.57
N TYR H 642 -7.20 73.87 32.54
CA TYR H 642 -7.33 72.68 31.70
C TYR H 642 -7.55 73.03 30.24
N ASN H 643 -8.22 74.16 29.95
CA ASN H 643 -8.66 74.48 28.60
C ASN H 643 -7.50 75.05 27.79
N GLY H 644 -6.45 74.23 27.62
CA GLY H 644 -5.44 74.48 26.64
C GLY H 644 -5.67 73.57 25.46
N THR H 645 -6.29 74.11 24.41
CA THR H 645 -6.70 73.34 23.23
C THR H 645 -6.41 74.22 22.02
N GLU H 646 -5.54 73.72 21.14
CA GLU H 646 -5.15 74.42 19.90
C GLU H 646 -4.58 75.80 20.21
N ILE H 647 -3.40 75.76 20.83
CA ILE H 647 -2.49 76.88 21.13
C ILE H 647 -3.14 78.15 21.71
N PRO H 648 -4.13 78.06 22.62
CA PRO H 648 -4.78 79.31 23.07
C PRO H 648 -3.90 80.21 23.94
N LYS H 649 -3.43 79.69 25.08
CA LYS H 649 -2.43 80.36 25.90
C LYS H 649 -1.25 79.43 26.15
N LEU H 650 -1.56 78.19 26.58
CA LEU H 650 -0.55 77.19 26.89
C LEU H 650 -0.71 76.01 25.94
N VAL H 651 0.40 75.38 25.65
CA VAL H 651 0.51 74.39 24.60
C VAL H 651 0.11 73.01 25.14
N THR H 652 -0.77 72.33 24.41
CA THR H 652 -1.13 70.96 24.77
C THR H 652 0.04 70.02 24.48
N ILE H 653 0.04 68.89 25.19
CA ILE H 653 1.17 67.95 25.08
C ILE H 653 1.31 67.34 23.68
N PRO H 654 0.24 66.87 23.00
CA PRO H 654 0.43 66.39 21.63
C PRO H 654 0.96 67.42 20.66
N PHE H 655 0.63 68.70 20.82
CA PHE H 655 1.24 69.71 19.96
C PHE H 655 2.66 70.03 20.40
N LEU H 656 2.93 69.95 21.71
CA LEU H 656 4.27 70.23 22.20
C LEU H 656 5.27 69.19 21.70
N ARG H 657 4.88 67.92 21.66
CA ARG H 657 5.76 66.93 21.08
C ARG H 657 5.87 67.06 19.56
N LYS H 658 4.84 67.57 18.89
CA LYS H 658 4.97 67.94 17.47
C LYS H 658 6.03 69.03 17.29
N TYR H 659 6.00 70.05 18.16
CA TYR H 659 6.99 71.12 18.12
C TYR H 659 8.39 70.57 18.36
N VAL H 660 8.52 69.67 19.33
CA VAL H 660 9.82 69.06 19.63
C VAL H 660 10.33 68.26 18.43
N GLN H 661 9.43 67.49 17.82
CA GLN H 661 9.79 66.70 16.63
C GLN H 661 10.25 67.60 15.49
N TYR H 662 9.49 68.67 15.23
CA TYR H 662 9.83 69.57 14.14
C TYR H 662 11.16 70.26 14.38
N ALA H 663 11.41 70.70 15.62
CA ALA H 663 12.66 71.36 15.94
C ALA H 663 13.85 70.41 15.92
N LYS H 664 13.65 69.14 16.27
CA LYS H 664 14.78 68.20 16.22
C LYS H 664 15.09 67.76 14.79
N GLU H 665 14.07 67.64 13.94
CA GLU H 665 14.33 67.16 12.59
C GLU H 665 14.66 68.28 11.61
N ARG H 666 14.22 69.51 11.86
CA ARG H 666 14.34 70.57 10.85
C ARG H 666 15.55 71.46 11.07
N VAL H 667 15.68 72.06 12.24
CA VAL H 667 16.70 73.09 12.45
C VAL H 667 17.93 72.48 13.12
N ILE H 668 19.10 72.84 12.60
CA ILE H 668 20.39 72.54 13.20
C ILE H 668 21.14 73.86 13.29
N PRO H 669 21.03 74.58 14.40
CA PRO H 669 21.64 75.91 14.47
C PRO H 669 23.15 75.88 14.56
N GLN H 670 23.77 76.93 14.03
CA GLN H 670 25.21 77.14 14.06
C GLN H 670 25.53 78.30 14.98
N LEU H 671 26.69 78.23 15.63
CA LEU H 671 27.11 79.29 16.53
C LEU H 671 27.48 80.55 15.77
N THR H 672 27.25 81.69 16.40
CA THR H 672 27.69 82.98 15.89
C THR H 672 28.63 83.62 16.92
N GLN H 673 29.42 84.59 16.46
CA GLN H 673 30.37 85.23 17.34
C GLN H 673 29.69 86.05 18.43
N GLU H 674 28.51 86.60 18.14
CA GLU H 674 27.80 87.43 19.11
C GLU H 674 27.33 86.62 20.32
N ALA H 675 27.05 85.34 20.12
CA ALA H 675 26.78 84.46 21.25
C ALA H 675 28.07 83.95 21.89
N ILE H 676 29.13 83.79 21.08
CA ILE H 676 30.36 83.19 21.57
C ILE H 676 31.08 84.12 22.54
N ASN H 677 31.08 85.43 22.26
CA ASN H 677 31.68 86.37 23.21
C ASN H 677 30.95 86.34 24.55
N VAL H 678 29.62 86.27 24.51
CA VAL H 678 28.84 86.21 25.75
C VAL H 678 29.14 84.94 26.53
N ILE H 679 29.18 83.80 25.83
CA ILE H 679 29.47 82.52 26.48
C ILE H 679 30.88 82.51 27.06
N VAL H 680 31.86 83.04 26.33
CA VAL H 680 33.25 83.04 26.80
C VAL H 680 33.40 83.93 28.04
N LYS H 681 32.81 85.13 27.99
CA LYS H 681 32.87 86.03 29.13
C LYS H 681 32.19 85.44 30.35
N ASN H 682 31.02 84.82 30.17
CA ASN H 682 30.28 84.28 31.30
C ASN H 682 30.97 83.04 31.88
N TYR H 683 31.57 82.21 31.03
CA TYR H 683 32.33 81.07 31.53
C TYR H 683 33.58 81.53 32.27
N THR H 684 34.24 82.58 31.78
CA THR H 684 35.41 83.14 32.47
C THR H 684 35.02 83.70 33.83
N ASP H 685 33.85 84.36 33.91
CA ASP H 685 33.36 84.84 35.19
C ASP H 685 33.02 83.69 36.12
N LEU H 686 32.43 82.62 35.59
CA LEU H 686 32.05 81.49 36.43
C LEU H 686 33.25 80.72 36.97
N ARG H 687 34.33 80.64 36.17
CA ARG H 687 35.52 79.92 36.61
C ARG H 687 36.20 80.62 37.78
N ASN H 688 36.17 81.96 37.80
CA ASN H 688 36.95 82.74 38.74
C ASN H 688 36.08 83.54 39.72
N ASP H 689 34.80 83.20 39.82
CA ASP H 689 33.94 83.84 40.81
C ASP H 689 34.27 83.32 42.21
N ASP H 690 34.05 84.18 43.20
CA ASP H 690 34.30 83.82 44.59
C ASP H 690 33.11 83.16 45.27
N ASN H 691 31.97 83.09 44.59
CA ASN H 691 30.76 82.57 45.21
C ASN H 691 30.78 81.04 45.23
N THR H 692 30.33 80.48 46.35
CA THR H 692 30.26 79.02 46.48
C THR H 692 29.09 78.47 45.67
N LYS H 693 29.36 77.43 44.89
CA LYS H 693 28.38 76.88 43.97
C LYS H 693 28.09 75.42 44.33
N LYS H 694 26.86 75.00 44.02
CA LYS H 694 26.46 73.62 44.29
C LYS H 694 27.25 72.63 43.43
N SER H 695 27.48 72.97 42.16
CA SER H 695 28.21 72.12 41.24
C SER H 695 29.59 72.69 40.95
N PRO H 696 30.60 71.84 40.80
CA PRO H 696 31.93 72.34 40.44
C PRO H 696 31.96 72.91 39.04
N ILE H 697 32.88 73.85 38.83
CA ILE H 697 33.00 74.54 37.54
C ILE H 697 34.23 74.00 36.83
N THR H 698 34.00 73.38 35.68
CA THR H 698 35.07 72.81 34.87
C THR H 698 34.91 73.25 33.42
N ALA H 699 35.66 72.64 32.51
CA ALA H 699 35.47 72.91 31.09
C ALA H 699 34.17 72.33 30.55
N ARG H 700 33.51 71.47 31.31
CA ARG H 700 32.20 70.96 30.90
C ARG H 700 31.12 72.00 31.06
N THR H 701 31.36 73.02 31.88
CA THR H 701 30.43 74.14 32.00
C THR H 701 30.34 74.93 30.70
N LEU H 702 31.47 75.10 30.01
CA LEU H 702 31.49 75.82 28.75
C LEU H 702 30.69 75.09 27.67
N GLU H 703 30.90 73.78 27.55
CA GLU H 703 30.10 73.01 26.59
C GLU H 703 28.65 72.90 27.02
N THR H 704 28.38 72.95 28.33
CA THR H 704 27.01 73.06 28.80
C THR H 704 26.36 74.34 28.30
N LEU H 705 27.09 75.45 28.38
CA LEU H 705 26.59 76.73 27.87
C LEU H 705 26.32 76.66 26.38
N ILE H 706 27.23 76.03 25.63
CA ILE H 706 27.07 75.91 24.18
C ILE H 706 25.85 75.06 23.84
N ARG H 707 25.68 73.93 24.52
CA ARG H 707 24.55 73.05 24.26
C ARG H 707 23.23 73.72 24.64
N LEU H 708 23.21 74.44 25.76
CA LEU H 708 21.99 75.13 26.17
C LEU H 708 21.61 76.23 25.19
N ALA H 709 22.60 76.99 24.71
CA ALA H 709 22.32 78.01 23.70
C ALA H 709 21.82 77.39 22.40
N THR H 710 22.42 76.26 22.00
CA THR H 710 21.96 75.57 20.80
C THR H 710 20.53 75.06 20.95
N ALA H 711 20.20 74.53 22.13
CA ALA H 711 18.84 74.07 22.38
C ALA H 711 17.84 75.22 22.37
N HIS H 712 18.20 76.36 22.94
CA HIS H 712 17.31 77.51 22.89
C HIS H 712 17.16 78.05 21.49
N ALA H 713 18.21 77.94 20.66
CA ALA H 713 18.08 78.27 19.25
C ALA H 713 17.12 77.31 18.55
N LYS H 714 17.16 76.04 18.93
CA LYS H 714 16.19 75.08 18.42
C LYS H 714 14.77 75.43 18.84
N VAL H 715 14.60 76.01 20.03
CA VAL H 715 13.27 76.43 20.47
C VAL H 715 12.72 77.51 19.55
N ARG H 716 13.55 78.48 19.18
CA ARG H 716 13.11 79.56 18.31
C ARG H 716 13.09 79.19 16.83
N LEU H 717 13.48 77.96 16.49
CA LEU H 717 13.56 77.48 15.11
C LEU H 717 14.49 78.35 14.27
N SER H 718 15.60 78.77 14.87
CA SER H 718 16.55 79.69 14.24
C SER H 718 17.80 78.93 13.83
N LYS H 719 18.24 79.13 12.59
CA LYS H 719 19.41 78.45 12.06
C LYS H 719 20.72 78.98 12.62
N THR H 720 20.69 80.08 13.37
CA THR H 720 21.88 80.63 13.99
C THR H 720 21.61 80.88 15.47
N VAL H 721 22.65 80.75 16.28
CA VAL H 721 22.58 80.98 17.72
C VAL H 721 22.81 82.47 17.98
N ASN H 722 21.78 83.14 18.49
CA ASN H 722 21.81 84.59 18.68
C ASN H 722 22.31 84.92 20.08
N LYS H 723 22.40 86.22 20.36
CA LYS H 723 22.94 86.67 21.65
C LYS H 723 21.96 86.42 22.78
N VAL H 724 20.65 86.58 22.53
CA VAL H 724 19.66 86.36 23.58
C VAL H 724 19.62 84.88 23.97
N ASP H 725 19.93 84.00 23.02
CA ASP H 725 20.09 82.59 23.32
C ASP H 725 21.24 82.36 24.31
N ALA H 726 22.35 83.06 24.09
CA ALA H 726 23.49 82.95 25.01
C ALA H 726 23.14 83.50 26.39
N LYS H 727 22.43 84.63 26.45
CA LYS H 727 22.03 85.19 27.74
C LYS H 727 21.10 84.24 28.50
N VAL H 728 20.11 83.66 27.83
CA VAL H 728 19.18 82.80 28.54
C VAL H 728 19.84 81.47 28.91
N ALA H 729 20.76 80.98 28.08
CA ALA H 729 21.51 79.78 28.41
C ALA H 729 22.40 79.99 29.62
N ALA H 730 23.01 81.18 29.73
CA ALA H 730 23.80 81.51 30.91
C ALA H 730 22.94 81.68 32.15
N ASN H 731 21.81 82.38 32.03
CA ASN H 731 20.96 82.66 33.19
C ASN H 731 20.22 81.44 33.70
N LEU H 732 20.00 80.42 32.85
CA LEU H 732 19.48 79.16 33.38
C LEU H 732 20.55 78.43 34.19
N LEU H 733 21.82 78.57 33.79
CA LEU H 733 22.90 77.90 34.51
C LEU H 733 23.22 78.58 35.83
N ARG H 734 23.15 79.91 35.88
CA ARG H 734 23.42 80.61 37.14
C ARG H 734 22.37 80.31 38.20
N PHE H 735 21.13 80.01 37.79
CA PHE H 735 20.12 79.62 38.76
C PHE H 735 20.44 78.26 39.37
N ALA H 736 20.93 77.33 38.54
CA ALA H 736 21.32 76.02 39.04
C ALA H 736 22.56 76.07 39.92
N LEU H 737 23.51 76.95 39.60
CA LEU H 737 24.73 77.06 40.39
C LEU H 737 24.58 77.96 41.60
N LEU H 738 23.90 79.09 41.47
CA LEU H 738 23.78 80.06 42.55
C LEU H 738 22.34 80.18 43.05
N PRO I 176 67.84 6.04 -18.48
CA PRO I 176 68.61 7.17 -17.92
C PRO I 176 68.60 7.18 -16.40
N LEU I 177 67.96 8.18 -15.81
CA LEU I 177 67.87 8.33 -14.36
C LEU I 177 66.41 8.21 -13.94
N ARG I 178 66.16 7.38 -12.93
CA ARG I 178 64.81 7.08 -12.49
C ARG I 178 64.41 7.98 -11.34
N ILE I 179 63.18 8.50 -11.39
CA ILE I 179 62.66 9.44 -10.41
C ILE I 179 61.35 8.90 -9.85
N ILE I 180 61.25 8.86 -8.53
CA ILE I 180 59.99 8.49 -7.89
C ILE I 180 58.95 9.56 -8.17
N TRP I 181 57.76 9.13 -8.58
CA TRP I 181 56.73 10.06 -9.06
C TRP I 181 56.26 10.98 -7.95
N GLY I 182 56.13 12.26 -8.27
CA GLY I 182 55.80 13.27 -7.29
C GLY I 182 57.00 13.86 -6.57
N THR I 183 58.19 13.33 -6.80
CA THR I 183 59.42 13.77 -6.14
C THR I 183 60.45 14.16 -7.19
N ASN I 184 61.64 14.52 -6.70
CA ASN I 184 62.84 14.59 -7.54
C ASN I 184 63.93 13.69 -6.97
N VAL I 185 63.54 12.54 -6.44
CA VAL I 185 64.42 11.67 -5.69
C VAL I 185 64.73 10.43 -6.52
N SER I 186 66.02 10.14 -6.68
CA SER I 186 66.48 8.91 -7.28
C SER I 186 67.05 8.03 -6.19
N ILE I 187 66.61 6.76 -6.15
CA ILE I 187 67.04 5.86 -5.08
C ILE I 187 68.54 5.59 -5.18
N GLN I 188 69.04 5.33 -6.39
CA GLN I 188 70.46 5.05 -6.57
C GLN I 188 71.32 6.27 -6.27
N GLU I 189 70.90 7.45 -6.74
CA GLU I 189 71.69 8.66 -6.52
C GLU I 189 71.74 9.03 -5.05
N CYS I 190 70.59 8.96 -4.36
CA CYS I 190 70.55 9.23 -2.93
C CYS I 190 71.37 8.21 -2.16
N THR I 191 71.29 6.94 -2.55
CA THR I 191 72.07 5.89 -1.88
C THR I 191 73.56 6.13 -2.04
N THR I 192 74.01 6.50 -3.25
CA THR I 192 75.43 6.74 -3.48
C THR I 192 75.92 7.96 -2.72
N ASN I 193 75.14 9.06 -2.77
CA ASN I 193 75.53 10.27 -2.04
C ASN I 193 75.58 10.03 -0.54
N PHE I 194 74.60 9.32 0.00
CA PHE I 194 74.58 9.07 1.44
C PHE I 194 75.68 8.09 1.85
N ARG I 195 76.01 7.12 1.00
CA ARG I 195 77.11 6.22 1.32
C ARG I 195 78.44 6.95 1.35
N ASN I 196 78.68 7.84 0.37
CA ASN I 196 79.90 8.64 0.40
C ASN I 196 79.93 9.57 1.60
N PHE I 197 78.77 10.12 1.97
CA PHE I 197 78.69 10.98 3.14
C PHE I 197 79.04 10.21 4.41
N LEU I 198 78.50 8.99 4.57
CA LEU I 198 78.79 8.20 5.75
C LEU I 198 80.26 7.77 5.78
N MET I 199 80.82 7.41 4.63
CA MET I 199 82.20 6.96 4.61
C MET I 199 83.22 8.08 4.79
N SER I 200 82.88 9.31 4.39
CA SER I 200 83.89 10.36 4.29
C SER I 200 83.57 11.66 5.00
N PHE I 201 82.73 11.66 6.04
CA PHE I 201 82.43 12.90 6.74
C PHE I 201 83.35 13.11 7.93
N LYS I 202 83.84 14.34 8.07
CA LYS I 202 84.60 14.76 9.23
C LYS I 202 83.92 15.97 9.84
N TYR I 203 84.04 16.12 11.15
CA TYR I 203 83.32 17.16 11.86
C TYR I 203 83.96 18.54 11.64
N LYS I 204 85.19 18.57 11.12
CA LYS I 204 85.78 19.84 10.71
C LYS I 204 85.00 20.46 9.56
N PHE I 205 84.31 19.66 8.74
CA PHE I 205 83.40 20.22 7.75
C PHE I 205 82.27 20.97 8.41
N ARG I 206 81.76 20.45 9.52
CA ARG I 206 80.73 21.17 10.28
C ARG I 206 81.29 22.45 10.88
N LYS I 207 82.55 22.43 11.33
CA LYS I 207 83.19 23.69 11.75
C LYS I 207 83.31 24.69 10.61
N ILE I 208 83.70 24.23 9.41
CA ILE I 208 83.87 25.14 8.28
C ILE I 208 82.52 25.72 7.85
N LEU I 209 81.46 24.90 7.87
CA LEU I 209 80.14 25.40 7.49
C LEU I 209 79.64 26.46 8.46
N ASP I 210 79.88 26.28 9.75
CA ASP I 210 79.38 27.19 10.78
C ASP I 210 80.27 28.41 10.98
N GLU I 211 81.27 28.61 10.12
CA GLU I 211 82.24 29.71 10.22
C GLU I 211 82.95 29.70 11.57
N ARG I 212 83.51 28.54 11.91
CA ARG I 212 84.28 28.36 13.14
C ARG I 212 85.61 27.73 12.75
N GLU I 213 86.57 28.57 12.37
CA GLU I 213 87.85 28.09 11.87
C GLU I 213 88.88 27.91 12.98
N GLU I 214 88.94 28.84 13.94
CA GLU I 214 89.93 28.76 14.99
C GLU I 214 89.59 27.75 16.07
N PHE I 215 88.38 27.18 16.03
CA PHE I 215 87.99 26.13 16.96
C PHE I 215 88.38 24.74 16.50
N ILE I 216 88.95 24.60 15.30
CA ILE I 216 89.21 23.29 14.71
C ILE I 216 90.41 22.65 15.41
N ASN I 217 90.22 21.44 15.89
CA ASN I 217 91.28 20.66 16.52
C ASN I 217 91.62 19.45 15.66
N ASN I 218 92.66 18.72 16.09
CA ASN I 218 93.20 17.63 15.27
C ASN I 218 92.58 16.29 15.63
N THR I 219 92.66 15.89 16.90
CA THR I 219 92.30 14.53 17.28
C THR I 219 90.80 14.28 17.27
N THR I 220 89.97 15.32 17.25
CA THR I 220 88.53 15.13 17.29
C THR I 220 87.88 15.36 15.92
N ASP I 221 88.20 16.48 15.26
CA ASP I 221 87.53 16.82 14.02
C ASP I 221 88.00 15.97 12.84
N GLU I 222 89.29 15.65 12.79
CA GLU I 222 89.85 14.95 11.64
C GLU I 222 89.46 13.48 11.57
N GLU I 223 88.93 12.90 12.64
CA GLU I 223 88.50 11.52 12.61
C GLU I 223 87.21 11.37 11.81
N LEU I 224 87.03 10.20 11.21
CA LEU I 224 85.78 9.91 10.52
C LEU I 224 84.65 9.80 11.54
N TYR I 225 83.67 10.69 11.43
CA TYR I 225 82.65 10.82 12.47
C TYR I 225 81.66 9.67 12.41
N TYR I 226 80.98 9.51 11.27
CA TYR I 226 79.93 8.52 11.19
C TYR I 226 80.47 7.10 11.10
N ILE I 227 81.72 6.93 10.69
CA ILE I 227 82.36 5.62 10.79
C ILE I 227 82.50 5.22 12.25
N LYS I 228 82.95 6.14 13.10
CA LYS I 228 83.05 5.87 14.52
C LYS I 228 81.67 5.66 15.15
N GLN I 229 80.68 6.45 14.72
CA GLN I 229 79.32 6.27 15.20
C GLN I 229 78.78 4.89 14.83
N LEU I 230 79.02 4.45 13.60
CA LEU I 230 78.51 3.16 13.17
C LEU I 230 79.24 2.02 13.87
N ASN I 231 80.55 2.20 14.12
CA ASN I 231 81.32 1.19 14.83
C ASN I 231 80.86 1.04 16.28
N GLU I 232 80.65 2.17 16.97
CA GLU I 232 80.17 2.06 18.35
C GLU I 232 78.71 1.61 18.40
N MET I 233 77.94 1.86 17.34
CA MET I 233 76.58 1.36 17.28
C MET I 233 76.57 -0.15 17.09
N ARG I 234 77.51 -0.69 16.32
CA ARG I 234 77.67 -2.13 16.23
C ARG I 234 78.15 -2.71 17.56
N GLU I 235 79.10 -2.05 18.21
CA GLU I 235 79.66 -2.55 19.47
C GLU I 235 78.62 -2.59 20.58
N LEU I 236 77.81 -1.53 20.69
CA LEU I 236 76.78 -1.49 21.72
C LEU I 236 75.53 -2.29 21.35
N GLY I 237 75.39 -2.68 20.08
CA GLY I 237 74.25 -3.46 19.66
C GLY I 237 72.99 -2.66 19.37
N THR I 238 73.06 -1.34 19.40
CA THR I 238 71.90 -0.51 19.14
C THR I 238 71.69 -0.34 17.63
N SER I 239 70.54 0.24 17.27
CA SER I 239 70.16 0.36 15.87
C SER I 239 69.69 1.76 15.49
N ASN I 240 69.92 2.76 16.33
CA ASN I 240 69.44 4.11 16.09
C ASN I 240 70.62 5.04 15.81
N LEU I 241 70.63 5.65 14.64
CA LEU I 241 71.63 6.64 14.27
C LEU I 241 71.01 8.02 14.30
N ASN I 242 71.52 8.89 15.17
CA ASN I 242 71.05 10.26 15.28
C ASN I 242 71.85 11.12 14.30
N LEU I 243 71.18 11.61 13.27
CA LEU I 243 71.81 12.30 12.16
C LEU I 243 71.48 13.78 12.21
N ASP I 244 72.51 14.62 12.23
CA ASP I 244 72.34 16.05 12.12
C ASP I 244 72.33 16.43 10.64
N ALA I 245 71.28 17.15 10.22
CA ALA I 245 71.15 17.53 8.81
C ALA I 245 72.09 18.67 8.44
N ARG I 246 72.55 19.45 9.42
CA ARG I 246 73.54 20.48 9.15
C ARG I 246 74.85 19.85 8.69
N ASN I 247 75.13 18.63 9.15
CA ASN I 247 76.25 17.86 8.63
C ASN I 247 76.07 17.52 7.16
N LEU I 248 74.84 17.22 6.74
CA LEU I 248 74.57 17.02 5.32
C LEU I 248 74.75 18.31 4.55
N LEU I 249 74.41 19.45 5.16
CA LEU I 249 74.69 20.73 4.50
C LEU I 249 76.18 21.01 4.39
N ALA I 250 76.98 20.52 5.34
CA ALA I 250 78.43 20.74 5.29
C ALA I 250 79.07 20.01 4.11
N TYR I 251 78.66 18.77 3.87
CA TYR I 251 79.19 17.98 2.78
C TYR I 251 78.63 18.48 1.45
N LYS I 252 79.50 18.59 0.45
CA LYS I 252 79.13 19.27 -0.79
C LYS I 252 78.21 18.41 -1.65
N GLN I 253 78.48 17.11 -1.73
CA GLN I 253 77.71 16.26 -2.64
C GLN I 253 76.33 15.93 -2.10
N THR I 254 76.09 16.13 -0.81
CA THR I 254 74.80 15.83 -0.21
C THR I 254 73.99 17.08 0.08
N GLU I 255 74.44 18.25 -0.40
CA GLU I 255 73.73 19.50 -0.16
C GLU I 255 72.34 19.46 -0.79
N ASP I 256 72.21 18.85 -1.96
CA ASP I 256 70.87 18.63 -2.52
C ASP I 256 70.09 17.61 -1.70
N LEU I 257 70.76 16.55 -1.22
CA LEU I 257 70.10 15.50 -0.45
C LEU I 257 69.45 16.04 0.81
N TYR I 258 70.10 17.03 1.44
CA TYR I 258 69.51 17.74 2.57
C TYR I 258 68.12 18.26 2.24
N HIS I 259 67.99 18.93 1.10
CA HIS I 259 66.68 19.40 0.66
C HIS I 259 65.73 18.23 0.40
N GLN I 260 66.24 17.17 -0.21
CA GLN I 260 65.42 15.97 -0.41
C GLN I 260 65.03 15.34 0.92
N LEU I 261 65.84 15.54 1.95
CA LEU I 261 65.44 15.07 3.28
C LEU I 261 64.30 15.93 3.84
N LEU I 262 64.35 17.24 3.62
CA LEU I 262 63.31 18.10 4.15
C LEU I 262 62.02 17.97 3.37
N ASN I 263 62.13 17.90 2.04
CA ASN I 263 60.95 17.85 1.19
C ASN I 263 60.30 16.48 1.19
N TYR I 264 61.10 15.41 1.19
CA TYR I 264 60.59 14.04 1.06
C TYR I 264 61.16 13.15 2.14
N PRO I 265 60.73 13.32 3.40
CA PRO I 265 61.26 12.45 4.46
C PRO I 265 60.86 10.99 4.32
N GLN I 266 59.65 10.71 3.81
CA GLN I 266 59.14 9.35 3.77
C GLN I 266 59.99 8.44 2.89
N GLU I 267 60.45 8.94 1.74
CA GLU I 267 61.30 8.13 0.86
C GLU I 267 62.76 8.17 1.30
N VAL I 268 63.26 9.37 1.62
CA VAL I 268 64.68 9.55 1.85
C VAL I 268 65.12 8.87 3.15
N ILE I 269 64.27 8.88 4.17
CA ILE I 269 64.62 8.18 5.41
C ILE I 269 64.70 6.68 5.17
N SER I 270 63.81 6.13 4.35
CA SER I 270 63.88 4.72 4.02
C SER I 270 65.15 4.39 3.23
N ILE I 271 65.52 5.27 2.28
CA ILE I 271 66.75 5.06 1.52
C ILE I 271 67.96 5.10 2.43
N MET I 272 68.00 6.05 3.37
CA MET I 272 69.13 6.14 4.29
C MET I 272 69.18 4.96 5.24
N ASP I 273 68.02 4.42 5.60
CA ASP I 273 67.98 3.24 6.46
C ASP I 273 68.57 2.03 5.75
N GLN I 274 68.20 1.85 4.48
CA GLN I 274 68.79 0.77 3.68
C GLN I 274 70.29 0.98 3.51
N THR I 275 70.71 2.23 3.33
CA THR I 275 72.14 2.52 3.21
C THR I 275 72.88 2.21 4.50
N ILE I 276 72.28 2.50 5.65
CA ILE I 276 72.93 2.22 6.93
C ILE I 276 73.06 0.72 7.15
N LYS I 277 72.04 -0.05 6.74
CA LYS I 277 72.17 -1.51 6.76
C LYS I 277 73.29 -1.98 5.84
N ASP I 278 73.43 -1.35 4.67
CA ASP I 278 74.52 -1.69 3.76
C ASP I 278 75.89 -1.39 4.37
N CYS I 279 76.01 -0.28 5.10
CA CYS I 279 77.30 0.04 5.72
C CYS I 279 77.59 -0.87 6.91
N MET I 280 76.56 -1.32 7.62
CA MET I 280 76.75 -2.41 8.60
C MET I 280 77.27 -3.68 7.94
N VAL I 281 76.77 -4.01 6.76
CA VAL I 281 77.31 -5.16 6.04
C VAL I 281 78.77 -4.91 5.64
N SER I 282 79.05 -3.73 5.12
CA SER I 282 80.36 -3.44 4.54
C SER I 282 81.45 -3.30 5.59
N LEU I 283 81.15 -2.71 6.74
CA LEU I 283 82.18 -2.48 7.75
C LEU I 283 82.66 -3.78 8.37
N ILE I 284 81.84 -4.83 8.33
CA ILE I 284 82.30 -6.13 8.83
C ILE I 284 82.78 -7.04 7.71
N VAL I 285 82.34 -6.82 6.47
CA VAL I 285 82.88 -7.63 5.37
C VAL I 285 84.29 -7.17 5.02
N ASP I 286 84.49 -5.85 4.87
CA ASP I 286 85.77 -5.33 4.41
C ASP I 286 86.86 -5.46 5.46
N ASN I 287 86.54 -5.18 6.71
CA ASN I 287 87.53 -5.19 7.78
C ASN I 287 87.76 -6.58 8.36
N ASN I 288 87.01 -7.58 7.89
CA ASN I 288 87.15 -8.98 8.33
C ASN I 288 86.98 -9.13 9.83
N LEU I 289 86.02 -8.41 10.40
CA LEU I 289 85.73 -8.50 11.81
C LEU I 289 85.00 -9.80 12.13
N ASP I 290 84.94 -10.13 13.42
CA ASP I 290 84.39 -11.39 13.89
C ASP I 290 82.89 -11.35 14.12
N TYR I 291 82.24 -10.22 13.89
CA TYR I 291 80.79 -10.13 14.09
C TYR I 291 80.05 -10.94 13.04
N ASP I 292 79.00 -11.63 13.49
CA ASP I 292 78.21 -12.47 12.60
C ASP I 292 77.36 -11.63 11.65
N LEU I 293 77.23 -12.11 10.41
CA LEU I 293 76.43 -11.41 9.41
C LEU I 293 74.94 -11.59 9.64
N ASP I 294 74.53 -12.71 10.23
CA ASP I 294 73.11 -13.00 10.39
C ASP I 294 72.43 -12.04 11.38
N GLU I 295 73.12 -11.69 12.46
CA GLU I 295 72.58 -10.72 13.41
C GLU I 295 72.42 -9.35 12.78
N ILE I 296 73.37 -8.97 11.92
CA ILE I 296 73.28 -7.69 11.20
C ILE I 296 72.12 -7.72 10.21
N GLU I 297 71.97 -8.82 9.48
CA GLU I 297 70.88 -8.92 8.51
C GLU I 297 69.51 -8.98 9.18
N THR I 298 69.45 -9.52 10.39
CA THR I 298 68.17 -9.61 11.11
C THR I 298 67.71 -8.22 11.59
N LYS I 299 68.64 -7.41 12.08
CA LYS I 299 68.29 -6.13 12.69
C LYS I 299 67.77 -5.14 11.65
N PHE I 300 66.80 -4.33 12.08
CA PHE I 300 66.27 -3.24 11.27
C PHE I 300 66.83 -1.93 11.79
N TYR I 301 67.53 -1.20 10.92
CA TYR I 301 68.18 0.05 11.29
C TYR I 301 67.35 1.23 10.82
N LYS I 302 67.13 2.20 11.71
CA LYS I 302 66.39 3.40 11.37
C LYS I 302 67.20 4.64 11.76
N VAL I 303 67.08 5.68 10.94
CA VAL I 303 67.83 6.92 11.12
C VAL I 303 66.87 7.98 11.65
N ARG I 304 67.41 8.94 12.39
CA ARG I 304 66.62 9.96 13.07
C ARG I 304 67.17 11.34 12.72
N PRO I 305 66.75 11.94 11.60
CA PRO I 305 67.32 13.23 11.23
C PRO I 305 66.77 14.34 12.11
N TYR I 306 67.68 15.12 12.69
CA TYR I 306 67.29 16.24 13.55
C TYR I 306 68.06 17.49 13.14
N ASN I 307 67.76 18.58 13.83
CA ASN I 307 68.30 19.91 13.53
C ASN I 307 68.05 20.28 12.07
N VAL I 308 66.79 20.12 11.65
CA VAL I 308 66.42 20.22 10.24
C VAL I 308 66.23 21.65 9.76
N GLY I 309 66.25 22.63 10.66
CA GLY I 309 66.13 24.01 10.24
C GLY I 309 65.63 24.88 11.37
N SER I 310 65.22 26.09 10.99
CA SER I 310 64.69 27.05 11.95
C SER I 310 63.34 26.61 12.48
N CYS I 311 63.09 26.93 13.75
CA CYS I 311 61.87 26.52 14.43
C CYS I 311 60.76 27.54 14.16
N LYS I 312 60.29 27.54 12.92
CA LYS I 312 59.13 28.33 12.56
C LYS I 312 57.88 27.73 13.21
N GLY I 313 56.96 28.60 13.59
CA GLY I 313 55.76 28.15 14.28
C GLY I 313 54.81 27.41 13.37
N MET I 314 53.89 26.68 14.01
CA MET I 314 52.93 25.87 13.30
C MET I 314 51.91 26.68 12.52
N ARG I 315 51.56 27.88 13.00
CA ARG I 315 50.47 28.60 12.37
C ARG I 315 50.91 29.45 11.19
N GLU I 316 52.20 29.59 10.92
CA GLU I 316 52.63 30.14 9.64
C GLU I 316 53.07 29.05 8.67
N LEU I 317 52.90 27.79 9.03
CA LEU I 317 53.01 26.72 8.06
C LEU I 317 51.78 26.72 7.15
N ASN I 318 51.95 26.17 5.96
CA ASN I 318 50.97 26.23 4.90
C ASN I 318 50.66 24.81 4.41
N PRO I 319 49.54 24.62 3.70
CA PRO I 319 49.24 23.28 3.17
C PRO I 319 50.27 22.74 2.18
N ASN I 320 51.13 23.59 1.62
CA ASN I 320 52.22 23.07 0.81
C ASN I 320 53.36 22.50 1.63
N ASP I 321 53.32 22.63 2.95
CA ASP I 321 54.32 22.05 3.85
C ASP I 321 53.92 20.68 4.37
N ILE I 322 52.84 20.09 3.84
CA ILE I 322 52.42 18.76 4.27
C ILE I 322 53.46 17.73 3.81
N ASP I 323 53.75 16.78 4.71
CA ASP I 323 54.76 15.74 4.52
C ASP I 323 56.15 16.33 4.27
N LYS I 324 56.47 17.36 5.03
CA LYS I 324 57.81 17.94 5.08
C LYS I 324 58.35 17.81 6.50
N LEU I 325 59.67 17.66 6.62
CA LEU I 325 60.28 17.62 7.94
C LEU I 325 60.27 19.01 8.56
N ILE I 326 59.74 19.12 9.77
CA ILE I 326 59.65 20.37 10.50
C ILE I 326 60.22 20.17 11.90
N ASN I 327 60.58 21.27 12.53
CA ASN I 327 61.17 21.30 13.86
C ASN I 327 60.31 22.18 14.77
N LEU I 328 60.11 21.72 16.00
CA LEU I 328 59.17 22.37 16.92
C LEU I 328 59.72 22.27 18.34
N LYS I 329 59.83 23.40 19.03
CA LYS I 329 60.16 23.39 20.44
C LYS I 329 58.88 23.54 21.25
N GLY I 330 58.80 22.86 22.38
CA GLY I 330 57.57 22.98 23.14
C GLY I 330 57.64 22.31 24.50
N LEU I 331 56.50 22.36 25.18
CA LEU I 331 56.31 21.78 26.50
C LEU I 331 55.20 20.74 26.42
N VAL I 332 55.48 19.55 26.93
CA VAL I 332 54.49 18.47 26.96
C VAL I 332 53.52 18.71 28.09
N LEU I 333 52.23 18.79 27.74
CA LEU I 333 51.18 18.97 28.72
C LEU I 333 50.59 17.65 29.22
N ARG I 334 50.27 16.74 28.30
CA ARG I 334 49.78 15.42 28.66
C ARG I 334 50.03 14.47 27.50
N SER I 335 49.75 13.19 27.74
CA SER I 335 49.91 12.16 26.73
C SER I 335 48.85 11.09 26.94
N THR I 336 48.33 10.57 25.83
CA THR I 336 47.37 9.48 25.89
C THR I 336 48.08 8.19 26.32
N PRO I 337 47.33 7.22 26.85
CA PRO I 337 47.91 5.90 27.07
C PRO I 337 48.29 5.23 25.76
N VAL I 338 49.00 4.11 25.90
CA VAL I 338 49.53 3.40 24.74
C VAL I 338 48.37 2.82 23.93
N ILE I 339 48.37 3.09 22.64
CA ILE I 339 47.30 2.72 21.72
C ILE I 339 47.83 1.59 20.83
N PRO I 340 47.16 0.45 20.74
CA PRO I 340 47.60 -0.60 19.83
C PRO I 340 47.09 -0.34 18.42
N ASP I 341 48.01 -0.05 17.51
CA ASP I 341 47.67 0.11 16.09
C ASP I 341 47.99 -1.19 15.37
N MET I 342 47.01 -1.71 14.64
CA MET I 342 47.12 -3.04 14.06
C MET I 342 48.06 -2.99 12.85
N LYS I 343 49.09 -3.82 12.88
CA LYS I 343 50.02 -3.96 11.76
C LYS I 343 49.79 -5.22 10.95
N VAL I 344 49.41 -6.32 11.59
CA VAL I 344 49.08 -7.58 10.93
C VAL I 344 47.70 -8.00 11.40
N ALA I 345 46.90 -8.51 10.48
CA ALA I 345 45.55 -8.99 10.79
C ALA I 345 45.50 -10.51 10.67
N PHE I 346 44.94 -11.15 11.69
CA PHE I 346 44.89 -12.60 11.81
C PHE I 346 43.47 -13.06 11.54
N PHE I 347 43.29 -13.90 10.51
CA PHE I 347 41.98 -14.40 10.14
C PHE I 347 41.96 -15.91 10.27
N LYS I 348 40.86 -16.42 10.83
CA LYS I 348 40.67 -17.86 11.03
C LYS I 348 39.34 -18.28 10.41
N CYS I 349 39.35 -19.43 9.74
CA CYS I 349 38.11 -19.95 9.17
C CYS I 349 37.24 -20.56 10.25
N ASN I 350 35.93 -20.32 10.16
CA ASN I 350 35.02 -20.77 11.20
C ASN I 350 34.76 -22.27 11.13
N VAL I 351 34.97 -22.89 9.97
CA VAL I 351 34.56 -24.28 9.77
C VAL I 351 35.75 -25.22 9.73
N CYS I 352 36.90 -24.76 9.25
CA CYS I 352 38.07 -25.62 9.10
C CYS I 352 39.28 -25.16 9.89
N ASP I 353 39.18 -24.04 10.61
CA ASP I 353 40.25 -23.52 11.47
C ASP I 353 41.55 -23.27 10.70
N HIS I 354 41.43 -22.81 9.46
CA HIS I 354 42.59 -22.40 8.69
C HIS I 354 42.89 -20.94 8.99
N THR I 355 44.11 -20.66 9.41
CA THR I 355 44.51 -19.33 9.85
C THR I 355 45.53 -18.75 8.88
N MET I 356 45.34 -17.47 8.53
CA MET I 356 46.37 -16.76 7.78
C MET I 356 46.40 -15.30 8.20
N ALA I 357 47.55 -14.68 7.99
CA ALA I 357 47.81 -13.31 8.43
C ALA I 357 48.07 -12.44 7.21
N VAL I 358 47.54 -11.22 7.24
CA VAL I 358 47.72 -10.24 6.17
C VAL I 358 48.38 -8.99 6.75
N GLU I 359 49.41 -8.50 6.07
CA GLU I 359 50.07 -7.28 6.48
C GLU I 359 49.20 -6.07 6.12
N ILE I 360 49.30 -5.03 6.93
CA ILE I 360 48.56 -3.81 6.66
C ILE I 360 49.23 -3.07 5.50
N ASP I 361 48.42 -2.42 4.67
CA ASP I 361 48.90 -1.72 3.48
C ASP I 361 48.26 -0.34 3.45
N ARG I 362 49.03 0.67 3.86
CA ARG I 362 48.61 2.07 3.87
C ARG I 362 47.34 2.28 4.69
N GLY I 363 47.26 1.61 5.83
CA GLY I 363 46.13 1.74 6.73
C GLY I 363 44.92 0.92 6.37
N VAL I 364 44.98 0.11 5.33
CA VAL I 364 43.84 -0.67 4.84
C VAL I 364 44.22 -2.14 4.87
N ILE I 365 43.34 -2.96 5.44
CA ILE I 365 43.53 -4.40 5.52
C ILE I 365 42.49 -5.07 4.62
N GLN I 366 42.96 -5.95 3.74
CA GLN I 366 42.07 -6.68 2.83
C GLN I 366 41.60 -7.95 3.54
N GLU I 367 40.38 -7.92 4.07
CA GLU I 367 39.91 -9.15 4.69
C GLU I 367 39.44 -10.13 3.62
N PRO I 368 39.85 -11.40 3.72
CA PRO I 368 39.55 -12.37 2.66
C PRO I 368 38.07 -12.74 2.64
N ALA I 369 37.47 -12.65 1.46
CA ALA I 369 36.06 -13.00 1.33
C ALA I 369 35.84 -14.51 1.40
N ARG I 370 36.82 -15.28 0.94
CA ARG I 370 36.71 -16.73 0.86
C ARG I 370 37.93 -17.39 1.48
N CYS I 371 37.75 -18.63 1.90
CA CYS I 371 38.83 -19.37 2.55
C CYS I 371 39.92 -19.71 1.54
N GLU I 372 41.17 -19.71 2.02
CA GLU I 372 42.31 -19.90 1.15
C GLU I 372 42.50 -21.36 0.72
N ARG I 373 42.06 -22.30 1.54
CA ARG I 373 42.28 -23.72 1.25
C ARG I 373 41.47 -24.18 0.05
N ILE I 374 41.98 -25.21 -0.62
CA ILE I 374 41.24 -25.81 -1.73
C ILE I 374 40.10 -26.67 -1.21
N ASP I 375 40.30 -27.37 -0.09
CA ASP I 375 39.28 -28.26 0.45
C ASP I 375 38.08 -27.47 0.99
N CYS I 376 38.33 -26.37 1.67
CA CYS I 376 37.28 -25.53 2.23
C CYS I 376 37.29 -24.18 1.53
N ASN I 377 36.15 -23.82 0.94
CA ASN I 377 36.01 -22.55 0.23
C ASN I 377 34.68 -21.90 0.57
N GLU I 378 34.30 -21.93 1.84
CA GLU I 378 33.04 -21.35 2.26
C GLU I 378 33.14 -19.83 2.22
N PRO I 379 32.25 -19.14 1.53
CA PRO I 379 32.30 -17.67 1.52
C PRO I 379 31.89 -17.08 2.86
N ASN I 380 32.53 -15.96 3.22
CA ASN I 380 32.31 -15.25 4.48
C ASN I 380 32.51 -16.14 5.69
N SER I 381 33.48 -17.05 5.60
CA SER I 381 33.78 -17.97 6.68
C SER I 381 35.00 -17.58 7.49
N MET I 382 35.65 -16.47 7.15
CA MET I 382 36.87 -16.04 7.82
C MET I 382 36.52 -14.93 8.81
N SER I 383 36.92 -15.11 10.07
CA SER I 383 36.68 -14.15 11.13
C SER I 383 38.01 -13.61 11.65
N LEU I 384 38.00 -12.33 12.02
CA LEU I 384 39.18 -11.67 12.55
C LEU I 384 39.32 -11.99 14.03
N ILE I 385 40.50 -12.44 14.42
CA ILE I 385 40.80 -12.75 15.81
C ILE I 385 41.67 -11.63 16.35
N HIS I 386 41.13 -10.87 17.30
CA HIS I 386 41.77 -9.62 17.72
C HIS I 386 43.00 -9.83 18.59
N ASN I 387 43.09 -10.94 19.31
CA ASN I 387 44.21 -11.15 20.22
C ASN I 387 45.33 -12.02 19.63
N ARG I 388 45.12 -12.60 18.46
CA ARG I 388 46.20 -13.33 17.81
C ARG I 388 46.99 -12.44 16.85
N CYS I 389 46.36 -11.39 16.33
CA CYS I 389 47.02 -10.48 15.42
C CYS I 389 47.95 -9.54 16.17
N SER I 390 49.01 -9.11 15.48
CA SER I 390 50.08 -8.36 16.11
C SER I 390 49.88 -6.86 15.95
N PHE I 391 50.31 -6.13 16.97
CA PHE I 391 50.06 -4.69 17.07
C PHE I 391 51.37 -3.95 17.24
N ALA I 392 51.30 -2.62 17.08
CA ALA I 392 52.40 -1.73 17.35
C ALA I 392 51.92 -0.65 18.32
N ASP I 393 52.87 0.06 18.90
CA ASP I 393 52.58 1.10 19.88
C ASP I 393 52.42 2.46 19.20
N LYS I 394 51.36 3.17 19.55
CA LYS I 394 51.14 4.53 19.10
C LYS I 394 50.72 5.37 20.30
N GLN I 395 51.35 6.54 20.46
CA GLN I 395 50.99 7.43 21.54
C GLN I 395 50.79 8.83 20.99
N VAL I 396 49.83 9.55 21.54
CA VAL I 396 49.52 10.91 21.14
C VAL I 396 49.84 11.82 22.30
N ILE I 397 50.63 12.85 22.04
CA ILE I 397 51.12 13.77 23.06
C ILE I 397 50.59 15.16 22.71
N LYS I 398 50.18 15.90 23.73
CA LYS I 398 49.69 17.27 23.54
C LYS I 398 50.84 18.22 23.87
N LEU I 399 51.28 18.97 22.87
CA LEU I 399 52.44 19.85 23.00
C LEU I 399 51.99 21.30 22.96
N GLN I 400 52.37 22.05 24.00
CA GLN I 400 52.22 23.50 24.00
C GLN I 400 53.51 24.10 23.49
N GLU I 401 53.43 24.79 22.35
CA GLU I 401 54.63 25.24 21.67
C GLU I 401 55.13 26.58 22.19
N THR I 402 56.44 26.77 22.12
CA THR I 402 57.09 28.04 22.42
C THR I 402 57.94 28.41 21.20
N PRO I 403 57.31 28.93 20.15
CA PRO I 403 58.08 29.34 18.97
C PRO I 403 58.94 30.55 19.26
N ASP I 404 60.04 30.67 18.50
CA ASP I 404 60.99 31.76 18.72
C ASP I 404 60.38 33.11 18.34
N PHE I 405 59.54 33.14 17.32
CA PHE I 405 58.86 34.35 16.90
C PHE I 405 57.36 34.18 17.08
N VAL I 406 56.72 35.17 17.70
CA VAL I 406 55.28 35.16 17.92
C VAL I 406 54.70 36.37 17.20
N PRO I 407 53.75 36.20 16.28
CA PRO I 407 53.16 37.35 15.59
C PRO I 407 52.29 38.21 16.49
N ASP I 408 51.73 39.27 15.91
CA ASP I 408 51.01 40.27 16.69
C ASP I 408 49.66 39.71 17.14
N GLY I 409 49.45 39.66 18.45
CA GLY I 409 48.18 39.22 18.99
C GLY I 409 47.94 37.73 18.92
N GLN I 410 49.00 36.95 18.71
CA GLN I 410 48.87 35.51 18.62
C GLN I 410 48.98 34.91 20.02
N THR I 411 48.01 34.05 20.34
CA THR I 411 47.88 33.41 21.65
C THR I 411 48.29 31.95 21.55
N PRO I 412 49.14 31.44 22.44
CA PRO I 412 49.72 30.10 22.26
C PRO I 412 48.68 28.99 22.24
N HIS I 413 49.00 27.92 21.50
CA HIS I 413 48.10 26.81 21.28
C HIS I 413 48.79 25.51 21.67
N SER I 414 48.13 24.41 21.34
CA SER I 414 48.69 23.08 21.52
C SER I 414 48.40 22.25 20.28
N ILE I 415 49.33 21.41 19.91
CA ILE I 415 49.09 20.45 18.83
C ILE I 415 49.17 19.04 19.40
N SER I 416 48.75 18.09 18.58
CA SER I 416 48.89 16.68 18.88
C SER I 416 50.01 16.12 18.03
N LEU I 417 50.95 15.43 18.67
CA LEU I 417 52.06 14.81 17.96
C LEU I 417 52.11 13.33 18.30
N CYS I 418 52.33 12.50 17.28
CA CYS I 418 52.21 11.06 17.40
C CYS I 418 53.58 10.41 17.40
N VAL I 419 53.87 9.62 18.43
CA VAL I 419 55.09 8.84 18.51
C VAL I 419 54.74 7.37 18.36
N TYR I 420 55.68 6.60 17.84
CA TYR I 420 55.45 5.20 17.53
C TYR I 420 56.58 4.34 18.08
N ASP I 421 56.22 3.09 18.41
CA ASP I 421 57.14 2.04 18.77
C ASP I 421 58.00 2.41 19.98
N GLU I 422 59.30 2.57 19.74
CA GLU I 422 60.25 2.88 20.80
C GLU I 422 60.10 4.29 21.35
N LEU I 423 59.53 5.22 20.59
CA LEU I 423 59.37 6.59 21.07
C LEU I 423 58.24 6.74 22.07
N VAL I 424 57.47 5.69 22.34
CA VAL I 424 56.36 5.76 23.28
C VAL I 424 56.88 5.92 24.69
N ASP I 425 56.26 6.83 25.44
CA ASP I 425 56.54 7.09 26.86
C ASP I 425 57.96 7.60 27.07
N SER I 426 58.53 8.26 26.07
CA SER I 426 59.82 8.91 26.23
C SER I 426 59.69 10.35 26.71
N CYS I 427 58.53 10.96 26.49
CA CYS I 427 58.28 12.35 26.89
C CYS I 427 57.25 12.35 28.01
N ARG I 428 57.63 12.90 29.16
CA ARG I 428 56.72 13.05 30.28
C ARG I 428 56.09 14.44 30.28
N ALA I 429 55.01 14.57 31.05
CA ALA I 429 54.29 15.84 31.10
C ALA I 429 55.13 16.90 31.82
N GLY I 430 55.37 18.01 31.13
CA GLY I 430 56.07 19.13 31.72
C GLY I 430 57.51 19.30 31.31
N ASP I 431 58.03 18.48 30.41
CA ASP I 431 59.39 18.65 29.93
C ASP I 431 59.43 19.52 28.69
N ARG I 432 60.50 20.31 28.59
CA ARG I 432 60.73 21.14 27.41
C ARG I 432 61.55 20.32 26.41
N ILE I 433 60.94 20.00 25.28
CA ILE I 433 61.58 19.15 24.29
C ILE I 433 61.64 19.86 22.95
N GLU I 434 62.45 19.33 22.06
CA GLU I 434 62.59 19.80 20.68
C GLU I 434 62.31 18.60 19.77
N VAL I 435 61.16 18.61 19.11
CA VAL I 435 60.71 17.49 18.30
C VAL I 435 60.86 17.84 16.84
N THR I 436 61.52 16.97 16.09
CA THR I 436 61.52 17.05 14.64
C THR I 436 60.75 15.87 14.07
N GLY I 437 59.93 16.16 13.07
CA GLY I 437 59.05 15.15 12.51
C GLY I 437 58.31 15.73 11.33
N THR I 438 57.51 14.89 10.68
CA THR I 438 56.86 15.30 9.44
C THR I 438 55.48 15.90 9.70
N PHE I 439 55.16 16.92 8.91
CA PHE I 439 53.88 17.65 8.98
C PHE I 439 52.82 16.88 8.19
N ARG I 440 51.85 16.33 8.90
CA ARG I 440 50.85 15.44 8.31
C ARG I 440 49.46 16.04 8.41
N SER I 441 48.55 15.53 7.59
CA SER I 441 47.16 15.97 7.59
C SER I 441 46.27 14.79 7.22
N ILE I 442 45.21 14.58 8.00
CA ILE I 442 44.24 13.51 7.72
C ILE I 442 42.84 14.10 7.71
N PRO I 443 41.90 13.52 6.98
CA PRO I 443 40.50 13.91 7.13
C PRO I 443 39.83 13.19 8.28
N ILE I 444 38.90 13.87 8.92
CA ILE I 444 38.22 13.39 10.11
C ILE I 444 36.76 13.11 9.78
N ARG I 445 36.28 11.94 10.20
CA ARG I 445 34.89 11.58 10.00
C ARG I 445 33.96 12.48 10.80
N ALA I 446 32.88 12.92 10.17
CA ALA I 446 31.92 13.78 10.86
C ALA I 446 31.09 13.00 11.88
N ASN I 447 30.72 11.76 11.54
CA ASN I 447 29.94 10.91 12.42
C ASN I 447 30.61 9.54 12.53
N SER I 448 30.30 8.84 13.62
CA SER I 448 30.87 7.51 13.82
C SER I 448 30.20 6.47 12.93
N ARG I 449 28.91 6.63 12.66
CA ARG I 449 28.17 5.64 11.89
C ARG I 449 28.45 5.71 10.39
N GLN I 450 28.82 6.88 9.89
CA GLN I 450 29.02 7.09 8.46
C GLN I 450 30.50 7.22 8.12
N ARG I 451 30.83 6.87 6.88
CA ARG I 451 32.18 7.01 6.35
C ARG I 451 32.44 8.39 5.76
N VAL I 452 31.49 9.31 5.91
CA VAL I 452 31.56 10.63 5.31
C VAL I 452 32.60 11.46 6.06
N LEU I 453 33.52 12.09 5.33
CA LEU I 453 34.66 12.80 5.89
C LEU I 453 34.49 14.31 5.75
N LYS I 454 35.27 15.06 6.53
CA LYS I 454 35.23 16.51 6.48
C LYS I 454 36.26 17.05 5.52
N SER I 455 35.87 18.10 4.78
CA SER I 455 36.76 18.69 3.79
C SER I 455 37.93 19.42 4.44
N LEU I 456 37.72 20.03 5.61
CA LEU I 456 38.80 20.70 6.32
C LEU I 456 39.61 19.65 7.07
N TYR I 457 40.88 19.51 6.70
CA TYR I 457 41.72 18.47 7.24
C TYR I 457 42.27 18.86 8.61
N LYS I 458 42.67 17.85 9.37
CA LYS I 458 43.25 18.03 10.69
C LYS I 458 44.75 17.80 10.61
N THR I 459 45.53 18.77 11.07
CA THR I 459 46.98 18.73 10.98
C THR I 459 47.58 18.17 12.26
N TYR I 460 48.69 17.45 12.12
CA TYR I 460 49.43 16.92 13.24
C TYR I 460 50.86 16.64 12.80
N VAL I 461 51.70 16.22 13.76
CA VAL I 461 53.11 15.96 13.52
C VAL I 461 53.40 14.51 13.84
N ASP I 462 53.98 13.78 12.87
CA ASP I 462 54.46 12.43 13.08
C ASP I 462 55.92 12.50 13.50
N VAL I 463 56.21 12.04 14.70
CA VAL I 463 57.48 12.34 15.35
C VAL I 463 58.57 11.40 14.85
N VAL I 464 59.70 11.96 14.48
CA VAL I 464 60.87 11.19 14.05
C VAL I 464 61.96 11.21 15.11
N HIS I 465 62.26 12.38 15.67
CA HIS I 465 63.31 12.47 16.68
C HIS I 465 62.93 13.49 17.75
N VAL I 466 63.29 13.16 19.00
CA VAL I 466 63.03 14.01 20.15
C VAL I 466 64.36 14.34 20.82
N LYS I 467 64.61 15.63 21.04
CA LYS I 467 65.76 16.11 21.78
C LYS I 467 65.30 16.64 23.12
N LYS I 468 65.77 16.02 24.20
CA LYS I 468 65.36 16.37 25.55
C LYS I 468 66.44 17.12 26.33
N VAL I 469 67.58 17.41 25.70
CA VAL I 469 68.70 18.06 26.35
C VAL I 469 69.04 19.34 25.61
N SER I 470 69.39 20.37 26.37
CA SER I 470 69.81 21.65 25.81
C SER I 470 71.07 22.10 26.54
N ASP I 471 71.98 22.73 25.79
CA ASP I 471 73.17 23.29 26.42
C ASP I 471 72.86 24.56 27.21
N LYS I 472 71.73 25.20 26.94
CA LYS I 472 71.38 26.43 27.63
C LYS I 472 70.90 26.18 29.05
N ARG I 473 70.33 25.02 29.33
CA ARG I 473 69.70 24.76 30.61
C ARG I 473 70.21 23.47 31.21
N LEU I 474 69.91 23.27 32.49
CA LEU I 474 70.27 22.06 33.20
C LEU I 474 69.48 20.87 32.66
N ASP I 475 70.04 19.68 32.83
CA ASP I 475 69.32 18.48 32.47
C ASP I 475 68.40 18.07 33.62
N VAL I 476 67.58 17.05 33.35
CA VAL I 476 66.60 16.60 34.33
C VAL I 476 67.30 15.95 35.51
N ASP I 477 66.64 16.00 36.67
CA ASP I 477 67.20 15.41 37.88
C ASP I 477 67.15 13.89 37.78
N THR I 478 68.33 13.27 37.91
CA THR I 478 68.42 11.81 37.76
C THR I 478 67.87 11.08 38.98
N SER I 479 67.71 11.77 40.11
CA SER I 479 67.12 11.16 41.29
C SER I 479 65.62 10.96 41.13
N THR I 480 65.03 11.53 40.08
CA THR I 480 63.60 11.43 39.85
C THR I 480 63.23 10.27 38.91
N ILE I 481 64.13 9.89 38.00
CA ILE I 481 63.77 9.06 36.87
C ILE I 481 64.53 7.74 36.80
N GLU I 482 64.81 7.12 37.95
CA GLU I 482 65.48 5.82 37.96
C GLU I 482 64.69 4.78 37.17
N GLN I 483 63.40 4.64 37.47
CA GLN I 483 62.58 3.65 36.79
C GLN I 483 62.34 4.04 35.34
N GLU I 484 62.27 5.33 35.06
CA GLU I 484 62.19 5.78 33.67
C GLU I 484 63.45 5.43 32.89
N LEU I 485 64.63 5.56 33.51
CA LEU I 485 65.86 5.14 32.86
C LEU I 485 65.90 3.65 32.63
N MET I 486 65.45 2.86 33.61
CA MET I 486 65.37 1.41 33.44
C MET I 486 64.43 1.03 32.30
N GLN I 487 63.28 1.68 32.21
CA GLN I 487 62.34 1.38 31.14
C GLN I 487 62.86 1.83 29.78
N ASN I 488 63.59 2.95 29.74
CA ASN I 488 64.23 3.37 28.50
C ASN I 488 65.28 2.36 28.04
N LYS I 489 66.03 1.79 28.99
CA LYS I 489 67.03 0.80 28.61
C LYS I 489 66.41 -0.51 28.16
N VAL I 490 65.33 -0.95 28.81
CA VAL I 490 64.74 -2.23 28.42
C VAL I 490 63.96 -2.09 27.11
N ASP I 491 63.38 -0.91 26.87
CA ASP I 491 62.71 -0.68 25.60
C ASP I 491 63.66 -0.41 24.44
N HIS I 492 64.95 -0.18 24.74
CA HIS I 492 65.98 0.15 23.75
C HIS I 492 65.58 1.38 22.93
N ASN I 493 65.05 2.39 23.61
CA ASN I 493 64.58 3.59 22.93
C ASN I 493 65.73 4.49 22.48
N GLU I 494 66.83 4.50 23.22
CA GLU I 494 68.04 5.25 22.88
C GLU I 494 67.77 6.74 22.67
N VAL I 495 66.92 7.31 23.52
CA VAL I 495 66.72 8.74 23.61
C VAL I 495 67.39 9.21 24.90
N GLU I 496 68.32 10.14 24.78
CA GLU I 496 69.13 10.57 25.92
C GLU I 496 68.38 11.59 26.75
N GLU I 497 68.47 11.45 28.07
CA GLU I 497 67.91 12.43 29.00
C GLU I 497 68.98 13.29 29.64
N VAL I 498 70.23 12.85 29.65
CA VAL I 498 71.33 13.62 30.19
C VAL I 498 72.34 13.88 29.08
N ARG I 499 73.07 14.98 29.21
CA ARG I 499 74.11 15.30 28.23
C ARG I 499 75.35 14.45 28.48
N GLN I 500 76.01 14.08 27.38
CA GLN I 500 77.19 13.23 27.48
C GLN I 500 78.38 14.04 27.99
N ILE I 501 79.09 13.47 28.96
CA ILE I 501 80.25 14.12 29.57
C ILE I 501 81.50 13.48 29.01
N THR I 502 82.33 14.28 28.33
CA THR I 502 83.55 13.78 27.74
C THR I 502 84.67 13.75 28.78
N ASP I 503 85.90 13.47 28.35
CA ASP I 503 87.03 13.44 29.28
C ASP I 503 87.70 14.80 29.40
N GLN I 504 87.73 15.58 28.32
CA GLN I 504 88.36 16.90 28.38
C GLN I 504 87.52 17.86 29.22
N ASP I 505 86.21 17.89 28.99
CA ASP I 505 85.34 18.79 29.74
C ASP I 505 85.18 18.36 31.19
N LEU I 506 85.30 17.07 31.49
CA LEU I 506 85.27 16.63 32.87
C LEU I 506 86.54 17.05 33.62
N ALA I 507 87.68 16.98 32.93
CA ALA I 507 88.92 17.52 33.50
C ALA I 507 88.83 19.02 33.69
N LYS I 508 88.17 19.73 32.77
CA LYS I 508 87.96 21.17 32.95
C LYS I 508 87.02 21.45 34.12
N ILE I 509 86.05 20.56 34.34
CA ILE I 509 85.16 20.69 35.49
C ILE I 509 85.94 20.55 36.79
N ARG I 510 86.83 19.56 36.86
CA ARG I 510 87.69 19.44 38.05
C ARG I 510 88.64 20.61 38.18
N GLU I 511 89.12 21.17 37.07
CA GLU I 511 90.04 22.30 37.12
C GLU I 511 89.34 23.54 37.67
N VAL I 512 88.11 23.79 37.24
CA VAL I 512 87.34 24.92 37.77
C VAL I 512 86.96 24.68 39.22
N ALA I 513 86.66 23.43 39.59
CA ALA I 513 86.33 23.11 40.97
C ALA I 513 87.52 23.28 41.93
N ALA I 514 88.74 23.35 41.40
CA ALA I 514 89.92 23.55 42.22
C ALA I 514 90.27 25.02 42.42
N ARG I 515 89.46 25.93 41.89
CA ARG I 515 89.72 27.36 42.04
C ARG I 515 89.47 27.81 43.47
N GLU I 516 90.28 28.77 43.92
CA GLU I 516 90.08 29.33 45.26
C GLU I 516 88.88 30.25 45.32
N ASP I 517 88.52 30.88 44.20
CA ASP I 517 87.36 31.75 44.11
C ASP I 517 86.19 31.10 43.38
N LEU I 518 85.98 29.80 43.59
CA LEU I 518 84.94 29.06 42.88
C LEU I 518 83.55 29.56 43.24
N TYR I 519 83.33 29.90 44.50
CA TYR I 519 82.00 30.26 44.97
C TYR I 519 81.57 31.61 44.41
N SER I 520 82.45 32.61 44.47
CA SER I 520 82.16 33.91 43.87
C SER I 520 82.07 33.83 42.36
N LEU I 521 82.89 32.98 41.73
CA LEU I 521 82.83 32.82 40.28
C LEU I 521 81.51 32.18 39.84
N LEU I 522 81.04 31.19 40.59
CA LEU I 522 79.79 30.53 40.22
C LEU I 522 78.59 31.41 40.50
N ALA I 523 78.60 32.15 41.61
CA ALA I 523 77.50 33.08 41.88
C ALA I 523 77.50 34.23 40.89
N ARG I 524 78.68 34.70 40.48
CA ARG I 524 78.79 35.81 39.55
C ARG I 524 78.36 35.40 38.14
N SER I 525 78.56 34.14 37.78
CA SER I 525 78.26 33.65 36.45
C SER I 525 76.78 33.30 36.27
N ILE I 526 75.96 33.45 37.30
CA ILE I 526 74.54 33.14 37.18
C ILE I 526 73.85 34.18 36.31
N ALA I 527 73.78 35.42 36.78
CA ALA I 527 73.08 36.48 36.07
C ALA I 527 74.08 37.61 35.81
N PRO I 528 74.81 37.54 34.71
CA PRO I 528 75.77 38.62 34.39
C PRO I 528 75.10 39.96 34.13
N SER I 529 73.85 39.96 33.68
CA SER I 529 73.16 41.22 33.40
C SER I 529 72.66 41.88 34.68
N ILE I 530 72.64 41.15 35.79
CA ILE I 530 72.17 41.67 37.06
C ILE I 530 73.37 42.09 37.90
N TYR I 531 73.36 43.32 38.38
CA TYR I 531 74.50 43.90 39.07
C TYR I 531 74.38 43.69 40.58
N GLU I 532 75.48 43.22 41.19
CA GLU I 532 75.58 42.86 42.61
C GLU I 532 74.49 41.86 42.96
N LEU I 533 73.78 42.03 44.08
CA LEU I 533 72.97 40.99 44.70
C LEU I 533 73.77 39.70 44.80
N GLU I 534 74.97 39.82 45.35
CA GLU I 534 75.91 38.71 45.41
C GLU I 534 75.36 37.56 46.23
N ASP I 535 74.92 37.84 47.47
CA ASP I 535 74.38 36.79 48.33
C ASP I 535 73.10 36.18 47.77
N VAL I 536 72.29 36.99 47.07
CA VAL I 536 71.11 36.48 46.38
C VAL I 536 71.52 35.46 45.33
N LYS I 537 72.57 35.77 44.57
CA LYS I 537 73.04 34.84 43.55
C LYS I 537 73.67 33.59 44.14
N LYS I 538 74.33 33.72 45.31
CA LYS I 538 74.82 32.54 46.01
C LYS I 538 73.67 31.64 46.44
N GLY I 539 72.58 32.24 46.95
CA GLY I 539 71.42 31.45 47.32
C GLY I 539 70.77 30.79 46.12
N ILE I 540 70.69 31.49 45.00
CA ILE I 540 70.12 30.92 43.77
C ILE I 540 70.97 29.77 43.28
N LEU I 541 72.30 29.93 43.35
CA LEU I 541 73.21 28.85 42.95
C LEU I 541 73.04 27.63 43.85
N LEU I 542 72.91 27.84 45.16
CA LEU I 542 72.74 26.71 46.08
C LEU I 542 71.39 26.04 45.86
N GLN I 543 70.36 26.81 45.50
CA GLN I 543 69.07 26.23 45.16
C GLN I 543 69.17 25.39 43.88
N LEU I 544 69.95 25.86 42.91
CA LEU I 544 70.19 25.07 41.70
C LEU I 544 70.92 23.77 42.03
N PHE I 545 71.86 23.81 42.97
CA PHE I 545 72.54 22.59 43.38
C PHE I 545 71.63 21.71 44.24
N GLY I 546 71.19 22.24 45.38
CA GLY I 546 70.28 21.53 46.25
C GLY I 546 70.97 20.43 47.06
N GLY I 547 70.35 20.12 48.21
CA GLY I 547 70.87 19.09 49.07
C GLY I 547 70.63 17.70 48.54
N THR I 548 71.21 16.71 49.22
CA THR I 548 71.10 15.34 48.76
C THR I 548 69.70 14.79 49.03
N ASN I 549 69.27 13.90 48.15
CA ASN I 549 68.00 13.21 48.29
C ASN I 549 68.25 11.90 49.02
N LYS I 550 67.88 11.84 50.28
CA LYS I 550 68.12 10.68 51.12
C LYS I 550 66.84 9.85 51.19
N THR I 551 66.90 8.62 50.67
CA THR I 551 65.79 7.70 50.70
C THR I 551 66.03 6.69 51.81
N PHE I 552 64.94 6.24 52.43
CA PHE I 552 65.05 5.27 53.51
C PHE I 552 64.78 3.87 53.00
N THR I 553 65.38 2.88 53.67
CA THR I 553 65.04 1.49 53.38
C THR I 553 63.63 1.16 53.89
N LYS I 554 63.22 1.80 54.99
CA LYS I 554 61.88 1.57 55.52
C LYS I 554 60.80 2.15 54.60
N GLY I 555 61.06 3.29 53.98
CA GLY I 555 60.10 3.89 53.08
C GLY I 555 60.07 5.41 53.11
N GLY I 556 60.79 6.01 54.04
CA GLY I 556 60.85 7.46 54.10
C GLY I 556 61.69 8.05 52.99
N ARG I 557 61.56 9.36 52.82
CA ARG I 557 62.26 10.07 51.76
C ARG I 557 62.48 11.52 52.17
N TYR I 558 63.72 11.96 52.11
CA TYR I 558 64.09 13.35 52.33
C TYR I 558 64.57 13.95 51.01
N ARG I 559 63.99 15.09 50.64
CA ARG I 559 64.30 15.76 49.40
C ARG I 559 65.10 17.02 49.70
N GLY I 560 66.22 17.17 48.99
CA GLY I 560 67.05 18.35 49.14
C GLY I 560 66.62 19.48 48.24
N ASP I 561 65.37 19.91 48.39
CA ASP I 561 64.82 21.01 47.61
C ASP I 561 64.83 22.27 48.45
N ILE I 562 65.57 23.28 48.00
CA ILE I 562 65.73 24.54 48.72
C ILE I 562 64.72 25.54 48.19
N ASN I 563 63.95 26.15 49.08
CA ASN I 563 62.93 27.13 48.72
C ASN I 563 63.35 28.51 49.20
N ILE I 564 63.20 29.50 48.32
CA ILE I 564 63.70 30.85 48.57
C ILE I 564 62.58 31.84 48.35
N LEU I 565 62.40 32.75 49.31
CA LEU I 565 61.52 33.90 49.17
C LEU I 565 62.38 35.15 49.02
N LEU I 566 62.03 36.00 48.06
CA LEU I 566 62.70 37.28 47.82
C LEU I 566 61.68 38.37 48.13
N CYS I 567 61.65 38.84 49.36
CA CYS I 567 60.81 39.97 49.73
C CYS I 567 61.63 41.23 49.56
N GLY I 568 61.15 42.14 48.72
CA GLY I 568 62.03 43.26 48.41
C GLY I 568 61.31 44.48 47.90
N ASP I 569 62.10 45.53 47.74
CA ASP I 569 61.63 46.78 47.19
C ASP I 569 61.38 46.62 45.69
N PRO I 570 60.58 47.50 45.08
CA PRO I 570 60.43 47.47 43.62
C PRO I 570 61.74 47.78 42.91
N SER I 571 61.89 47.17 41.73
CA SER I 571 63.04 47.38 40.83
C SER I 571 64.35 46.98 41.51
N THR I 572 64.44 45.70 41.85
CA THR I 572 65.65 45.14 42.43
C THR I 572 66.16 43.95 41.62
N SER I 573 65.70 43.84 40.37
CA SER I 573 66.02 42.74 39.45
C SER I 573 65.76 41.38 40.05
N LYS I 574 64.68 41.23 40.84
CA LYS I 574 64.34 39.91 41.35
C LYS I 574 63.45 39.15 40.37
N SER I 575 62.52 39.84 39.70
CA SER I 575 61.76 39.20 38.64
C SER I 575 62.66 38.76 37.50
N GLN I 576 63.74 39.50 37.24
CA GLN I 576 64.76 39.04 36.31
C GLN I 576 65.43 37.76 36.80
N ILE I 577 65.60 37.62 38.12
CA ILE I 577 66.15 36.38 38.68
C ILE I 577 65.19 35.21 38.47
N LEU I 578 63.89 35.44 38.68
CA LEU I 578 62.90 34.41 38.38
C LEU I 578 62.93 34.02 36.90
N GLN I 579 63.06 35.02 36.02
CA GLN I 579 63.11 34.73 34.59
C GLN I 579 64.35 33.91 34.23
N TYR I 580 65.50 34.25 34.81
CA TYR I 580 66.72 33.49 34.53
C TYR I 580 66.62 32.05 35.05
N VAL I 581 66.05 31.87 36.25
CA VAL I 581 65.92 30.53 36.79
C VAL I 581 64.92 29.72 35.98
N HIS I 582 63.86 30.38 35.49
CA HIS I 582 62.90 29.71 34.61
C HIS I 582 63.57 29.27 33.31
N LYS I 583 64.49 30.07 32.79
CA LYS I 583 65.20 29.66 31.59
C LYS I 583 66.28 28.61 31.86
N ILE I 584 66.82 28.56 33.07
CA ILE I 584 67.94 27.65 33.36
C ILE I 584 67.49 26.28 33.88
N THR I 585 66.29 26.18 34.44
CA THR I 585 65.85 24.90 34.99
C THR I 585 65.34 23.99 33.88
N PRO I 586 65.47 22.67 34.06
CA PRO I 586 65.01 21.74 33.03
C PRO I 586 63.49 21.75 32.81
N ARG I 587 62.69 21.75 33.87
CA ARG I 587 61.25 21.64 33.70
C ARG I 587 60.48 22.51 34.72
N GLY I 588 60.87 23.76 34.88
CA GLY I 588 60.13 24.65 35.75
C GLY I 588 58.91 25.28 35.09
N VAL I 589 58.11 25.97 35.91
CA VAL I 589 56.92 26.68 35.46
C VAL I 589 56.89 28.04 36.16
N TYR I 590 56.71 29.11 35.37
CA TYR I 590 56.64 30.47 35.88
C TYR I 590 55.17 30.87 36.03
N THR I 591 54.79 31.28 37.23
CA THR I 591 53.43 31.68 37.56
C THR I 591 53.44 33.04 38.23
N SER I 592 52.30 33.72 38.18
CA SER I 592 52.14 35.01 38.83
C SER I 592 51.04 34.93 39.88
N GLY I 593 51.16 35.74 40.92
CA GLY I 593 50.11 35.85 41.90
C GLY I 593 48.86 36.46 41.28
N LYS I 594 47.70 35.96 41.72
CA LYS I 594 46.35 36.37 41.32
C LYS I 594 46.03 35.91 39.89
N GLY I 595 47.02 35.37 39.21
CA GLY I 595 46.85 34.71 37.93
C GLY I 595 46.89 33.21 38.01
N SER I 596 46.86 32.65 39.22
CA SER I 596 46.92 31.21 39.43
C SER I 596 45.91 30.80 40.49
N SER I 597 45.48 29.55 40.42
CA SER I 597 44.51 28.99 41.35
C SER I 597 45.02 27.67 41.91
N ALA I 598 44.29 27.16 42.90
CA ALA I 598 44.64 25.89 43.52
C ALA I 598 44.53 24.73 42.54
N VAL I 599 43.42 24.68 41.80
CA VAL I 599 43.21 23.63 40.82
C VAL I 599 44.20 23.77 39.67
N GLY I 600 44.51 25.00 39.28
CA GLY I 600 45.51 25.24 38.27
C GLY I 600 46.93 24.93 38.69
N LEU I 601 47.19 24.88 40.00
CA LEU I 601 48.51 24.50 40.50
C LEU I 601 48.62 22.99 40.71
N THR I 602 47.54 22.30 41.05
CA THR I 602 47.64 20.88 41.38
C THR I 602 47.40 19.97 40.18
N ALA I 603 46.17 19.95 39.67
CA ALA I 603 45.69 19.01 38.65
C ALA I 603 44.25 19.35 38.37
N TYR I 604 43.75 18.90 37.23
CA TYR I 604 42.38 19.20 36.84
C TYR I 604 41.89 18.20 35.80
N ILE I 605 40.60 18.28 35.49
CA ILE I 605 39.94 17.40 34.55
C ILE I 605 39.50 18.22 33.35
N THR I 606 39.85 17.77 32.15
CA THR I 606 39.61 18.52 30.93
C THR I 606 38.96 17.62 29.89
N ARG I 607 38.06 18.20 29.10
CA ARG I 607 37.44 17.52 27.98
C ARG I 607 38.40 17.54 26.80
N ASP I 608 38.84 16.36 26.36
CA ASP I 608 39.71 16.27 25.19
C ASP I 608 38.95 16.64 23.93
N VAL I 609 39.67 17.16 22.94
CA VAL I 609 39.03 17.60 21.71
C VAL I 609 38.99 16.51 20.65
N ASP I 610 39.85 15.50 20.75
CA ASP I 610 39.87 14.42 19.78
C ASP I 610 38.99 13.25 20.20
N THR I 611 39.11 12.84 21.47
CA THR I 611 38.37 11.69 21.97
C THR I 611 37.05 12.08 22.65
N LYS I 612 36.86 13.36 22.94
CA LYS I 612 35.71 13.87 23.72
C LYS I 612 35.58 13.13 25.04
N GLN I 613 36.71 12.90 25.70
CA GLN I 613 36.77 12.16 26.95
C GLN I 613 37.35 13.03 28.05
N LEU I 614 36.93 12.76 29.28
CA LEU I 614 37.46 13.47 30.44
C LEU I 614 38.83 12.91 30.78
N VAL I 615 39.86 13.74 30.69
CA VAL I 615 41.23 13.33 30.95
C VAL I 615 41.78 14.16 32.09
N LEU I 616 42.82 13.65 32.73
CA LEU I 616 43.47 14.35 33.83
C LEU I 616 44.67 15.12 33.27
N GLU I 617 44.77 16.40 33.60
CA GLU I 617 45.86 17.22 33.13
C GLU I 617 46.52 17.91 34.31
N SER I 618 47.86 17.93 34.28
CA SER I 618 48.67 18.30 35.42
C SER I 618 48.65 19.81 35.65
N GLY I 619 48.64 20.19 36.93
CA GLY I 619 48.78 21.57 37.31
C GLY I 619 50.23 22.01 37.31
N ALA I 620 50.45 23.25 37.74
CA ALA I 620 51.77 23.87 37.62
C ALA I 620 52.79 23.19 38.53
N LEU I 621 52.40 22.85 39.76
CA LEU I 621 53.34 22.24 40.69
C LEU I 621 53.77 20.85 40.25
N VAL I 622 52.84 20.07 39.70
CA VAL I 622 53.19 18.76 39.17
C VAL I 622 54.02 18.90 37.89
N LEU I 623 53.67 19.88 37.05
CA LEU I 623 54.44 20.11 35.83
C LEU I 623 55.84 20.62 36.14
N SER I 624 56.06 21.17 37.33
CA SER I 624 57.36 21.66 37.74
C SER I 624 58.12 20.68 38.62
N ASP I 625 57.68 19.42 38.68
CA ASP I 625 58.35 18.42 39.50
C ASP I 625 59.75 18.14 38.95
N GLY I 626 60.73 18.14 39.85
CA GLY I 626 62.11 18.01 39.44
C GLY I 626 62.76 19.30 39.00
N GLY I 627 62.05 20.42 39.06
CA GLY I 627 62.60 21.69 38.66
C GLY I 627 62.34 22.78 39.69
N VAL I 628 62.15 24.01 39.24
CA VAL I 628 61.88 25.14 40.12
C VAL I 628 60.60 25.82 39.67
N CYS I 629 59.64 25.94 40.58
CA CYS I 629 58.43 26.70 40.34
C CYS I 629 58.68 28.14 40.80
N CYS I 630 58.64 29.06 39.87
CA CYS I 630 58.81 30.48 40.15
C CYS I 630 57.44 31.12 40.31
N ILE I 631 57.24 31.80 41.43
CA ILE I 631 55.98 32.46 41.72
C ILE I 631 56.27 33.94 41.93
N ASP I 632 55.82 34.77 41.00
CA ASP I 632 55.99 36.21 41.09
C ASP I 632 54.74 36.82 41.67
N GLU I 633 54.91 37.93 42.39
CA GLU I 633 53.87 38.57 43.20
C GLU I 633 53.24 37.57 44.16
N PHE I 634 54.10 37.00 45.00
CA PHE I 634 53.67 36.01 45.99
C PHE I 634 52.81 36.63 47.07
N ASP I 635 53.00 37.92 47.37
CA ASP I 635 52.19 38.59 48.38
C ASP I 635 50.74 38.72 47.94
N LYS I 636 50.51 38.99 46.65
CA LYS I 636 49.16 39.21 46.16
C LYS I 636 48.43 37.93 45.84
N MET I 637 49.06 36.78 45.99
CA MET I 637 48.40 35.52 45.72
C MET I 637 47.54 35.13 46.91
N SER I 638 46.36 34.58 46.62
CA SER I 638 45.32 34.39 47.62
C SER I 638 45.73 33.37 48.68
N ASP I 639 45.08 33.48 49.85
CA ASP I 639 45.37 32.57 50.95
C ASP I 639 44.98 31.14 50.62
N SER I 640 43.85 30.96 49.94
CA SER I 640 43.43 29.62 49.53
C SER I 640 44.41 29.02 48.52
N THR I 641 44.95 29.86 47.62
CA THR I 641 45.92 29.36 46.66
C THR I 641 47.27 29.10 47.31
N ARG I 642 47.67 29.97 48.26
CA ARG I 642 48.93 29.76 48.98
C ARG I 642 48.86 28.59 49.94
N SER I 643 47.66 28.13 50.30
CA SER I 643 47.53 26.94 51.14
C SER I 643 48.00 25.68 50.42
N VAL I 644 48.00 25.68 49.10
CA VAL I 644 48.46 24.53 48.33
C VAL I 644 49.95 24.32 48.49
N LEU I 645 50.72 25.40 48.53
CA LEU I 645 52.16 25.30 48.54
C LEU I 645 52.72 24.72 49.83
N HIS I 646 51.91 24.62 50.88
CA HIS I 646 52.40 24.13 52.18
C HIS I 646 52.90 22.70 52.08
N GLU I 647 52.09 21.82 51.49
CA GLU I 647 52.46 20.41 51.39
C GLU I 647 53.63 20.22 50.43
N VAL I 648 53.72 21.05 49.39
CA VAL I 648 54.83 20.98 48.46
C VAL I 648 56.13 21.43 49.14
N MET I 649 56.05 22.45 50.00
CA MET I 649 57.20 22.85 50.79
C MET I 649 57.66 21.74 51.72
N GLU I 650 56.71 21.10 52.41
CA GLU I 650 57.09 20.26 53.54
C GLU I 650 57.36 18.81 53.16
N GLN I 651 56.60 18.23 52.24
CA GLN I 651 56.78 16.83 51.85
C GLN I 651 57.07 16.62 50.38
N GLN I 652 57.02 17.68 49.56
CA GLN I 652 57.23 17.62 48.11
C GLN I 652 56.23 16.68 47.43
N THR I 653 55.01 16.63 47.98
CA THR I 653 53.93 15.82 47.45
C THR I 653 52.65 16.65 47.46
N ILE I 654 51.68 16.20 46.66
CA ILE I 654 50.32 16.75 46.69
C ILE I 654 49.36 15.58 46.80
N SER I 655 48.58 15.54 47.89
CA SER I 655 47.64 14.45 48.13
C SER I 655 46.25 14.93 47.73
N ILE I 656 45.79 14.49 46.56
CA ILE I 656 44.52 14.95 46.01
C ILE I 656 43.46 13.87 46.26
N ALA I 657 42.32 14.31 46.82
CA ALA I 657 41.15 13.46 46.99
C ALA I 657 39.98 14.21 46.37
N LYS I 658 39.81 14.06 45.06
CA LYS I 658 38.74 14.71 44.32
C LYS I 658 37.90 13.64 43.64
N ALA I 659 36.97 14.08 42.77
CA ALA I 659 36.01 13.17 42.17
C ALA I 659 36.69 12.15 41.26
N GLY I 660 37.70 12.58 40.51
CA GLY I 660 38.43 11.67 39.65
C GLY I 660 39.74 11.19 40.22
N ILE I 661 40.41 12.04 40.99
CA ILE I 661 41.75 11.77 41.49
C ILE I 661 41.65 11.54 42.99
N ILE I 662 42.05 10.34 43.44
CA ILE I 662 42.35 10.09 44.85
C ILE I 662 43.70 9.38 44.86
N THR I 663 44.78 10.15 44.99
CA THR I 663 46.14 9.62 45.05
C THR I 663 47.06 10.75 45.50
N THR I 664 48.32 10.40 45.74
CA THR I 664 49.37 11.37 46.00
C THR I 664 50.26 11.47 44.77
N LEU I 665 50.74 12.68 44.49
CA LEU I 665 51.58 12.95 43.33
C LEU I 665 52.87 13.57 43.81
N ASN I 666 53.99 13.12 43.25
CA ASN I 666 55.28 13.70 43.61
C ASN I 666 55.44 15.05 42.95
N ALA I 667 55.63 16.09 43.77
CA ALA I 667 55.91 17.44 43.28
C ALA I 667 57.16 17.90 44.02
N ARG I 668 58.32 17.50 43.52
CA ARG I 668 59.60 17.87 44.12
C ARG I 668 60.11 19.13 43.42
N SER I 669 59.34 20.19 43.58
CA SER I 669 59.61 21.48 42.95
C SER I 669 60.14 22.44 43.99
N SER I 670 61.31 23.02 43.71
CA SER I 670 61.85 24.08 44.55
C SER I 670 61.10 25.37 44.26
N ILE I 671 60.58 26.01 45.30
CA ILE I 671 59.78 27.22 45.14
C ILE I 671 60.71 28.42 45.20
N LEU I 672 60.67 29.25 44.17
CA LEU I 672 61.39 30.51 44.15
C LEU I 672 60.32 31.59 44.05
N ALA I 673 60.09 32.34 45.11
CA ALA I 673 59.00 33.30 45.16
C ALA I 673 59.54 34.72 45.26
N SER I 674 58.76 35.66 44.72
CA SER I 674 59.06 37.08 44.81
C SER I 674 57.87 37.80 45.43
N ALA I 675 58.16 38.74 46.33
CA ALA I 675 57.10 39.44 47.04
C ALA I 675 57.52 40.85 47.37
N ASN I 676 56.53 41.69 47.60
CA ASN I 676 56.67 43.08 48.01
C ASN I 676 56.07 43.25 49.41
N PRO I 677 56.50 44.26 50.15
CA PRO I 677 55.86 44.53 51.45
C PRO I 677 54.43 45.03 51.35
N ILE I 678 53.82 45.34 52.49
CA ILE I 678 52.44 45.83 52.50
C ILE I 678 52.36 47.17 51.79
N GLY I 679 53.27 48.08 52.09
CA GLY I 679 53.24 49.39 51.49
C GLY I 679 53.94 49.50 50.16
N SER I 680 54.26 48.38 49.52
CA SER I 680 55.01 48.27 48.27
C SER I 680 56.38 48.92 48.37
N ARG I 681 56.89 49.10 49.60
CA ARG I 681 58.14 49.76 49.91
C ARG I 681 58.45 49.40 51.34
N TYR I 682 59.69 49.00 51.60
CA TYR I 682 60.04 48.53 52.93
C TYR I 682 60.01 49.68 53.93
N ASN I 683 59.33 49.46 55.05
CA ASN I 683 59.19 50.46 56.10
C ASN I 683 60.09 50.06 57.26
N PRO I 684 61.18 50.80 57.52
CA PRO I 684 62.04 50.47 58.67
C PRO I 684 61.34 50.66 60.01
N ASN I 685 60.26 51.44 60.06
CA ASN I 685 59.48 51.54 61.29
C ASN I 685 58.82 50.22 61.65
N LEU I 686 58.28 49.52 60.65
CA LEU I 686 57.68 48.22 60.88
C LEU I 686 58.75 47.14 61.01
N PRO I 687 58.46 46.06 61.74
CA PRO I 687 59.42 44.96 61.82
C PRO I 687 59.50 44.12 60.56
N VAL I 688 60.33 43.08 60.58
CA VAL I 688 60.53 42.24 59.41
C VAL I 688 59.28 41.42 59.11
N THR I 689 58.69 40.81 60.13
CA THR I 689 57.51 39.97 59.95
C THR I 689 56.33 40.79 59.45
N GLU I 690 56.13 41.98 60.04
CA GLU I 690 55.03 42.84 59.62
C GLU I 690 55.22 43.34 58.19
N ASN I 691 56.46 43.61 57.80
CA ASN I 691 56.73 44.03 56.43
C ASN I 691 56.46 42.89 55.44
N ILE I 692 56.91 41.68 55.77
CA ILE I 692 56.73 40.55 54.84
C ILE I 692 55.26 40.19 54.71
N ASP I 693 54.55 40.10 55.83
CA ASP I 693 53.10 39.84 55.91
C ASP I 693 52.82 38.49 55.23
N LEU I 694 53.32 37.43 55.87
CA LEU I 694 52.99 36.06 55.55
C LEU I 694 52.61 35.34 56.84
N PRO I 695 51.71 34.36 56.78
CA PRO I 695 51.48 33.54 57.95
C PRO I 695 52.72 32.76 58.33
N PRO I 696 52.97 32.57 59.62
CA PRO I 696 54.20 31.90 60.08
C PRO I 696 54.36 30.48 59.55
N PRO I 697 53.29 29.67 59.40
CA PRO I 697 53.51 28.35 58.74
C PRO I 697 54.05 28.45 57.32
N LEU I 698 53.64 29.46 56.56
CA LEU I 698 54.16 29.62 55.21
C LEU I 698 55.59 30.15 55.21
N LEU I 699 55.88 31.10 56.10
CA LEU I 699 57.20 31.73 56.12
C LEU I 699 58.27 30.83 56.72
N SER I 700 57.88 29.89 57.60
CA SER I 700 58.87 28.98 58.18
C SER I 700 59.41 27.98 57.18
N ARG I 701 58.63 27.67 56.13
CA ARG I 701 59.04 26.66 55.16
C ARG I 701 60.04 27.18 54.14
N PHE I 702 60.28 28.48 54.06
CA PHE I 702 61.27 29.01 53.14
C PHE I 702 62.66 28.83 53.72
N ASP I 703 63.53 28.14 52.97
CA ASP I 703 64.90 27.92 53.45
C ASP I 703 65.68 29.21 53.53
N LEU I 704 65.51 30.10 52.57
CA LEU I 704 66.16 31.40 52.56
C LEU I 704 65.10 32.47 52.37
N VAL I 705 65.18 33.53 53.18
CA VAL I 705 64.29 34.68 53.07
C VAL I 705 65.16 35.91 52.88
N TYR I 706 65.13 36.48 51.68
CA TYR I 706 65.99 37.59 51.30
C TYR I 706 65.21 38.89 51.38
N LEU I 707 65.59 39.75 52.30
CA LEU I 707 65.07 41.12 52.34
C LEU I 707 65.95 41.97 51.44
N VAL I 708 65.45 42.29 50.26
CA VAL I 708 66.20 43.04 49.26
C VAL I 708 65.84 44.50 49.39
N LEU I 709 66.83 45.34 49.67
CA LEU I 709 66.60 46.73 49.99
C LEU I 709 67.22 47.62 48.92
N ASP I 710 66.58 48.76 48.68
CA ASP I 710 67.08 49.77 47.75
C ASP I 710 67.52 50.98 48.58
N LYS I 711 68.77 50.97 49.01
CA LYS I 711 69.30 52.01 49.88
C LYS I 711 70.19 52.92 49.03
N VAL I 712 70.01 54.23 49.18
CA VAL I 712 70.63 55.19 48.27
C VAL I 712 72.08 55.44 48.69
N ASP I 713 73.00 55.21 47.75
CA ASP I 713 74.40 55.55 47.89
C ASP I 713 74.85 56.37 46.69
N GLU I 714 75.98 57.07 46.84
CA GLU I 714 76.64 57.65 45.68
C GLU I 714 77.24 56.58 44.80
N LYS I 715 78.18 55.79 45.35
CA LYS I 715 78.97 54.89 44.53
C LYS I 715 78.16 53.70 44.05
N ASN I 716 77.24 53.19 44.88
CA ASN I 716 76.42 52.07 44.46
C ASN I 716 75.50 52.45 43.31
N ASP I 717 74.86 53.62 43.40
CA ASP I 717 74.00 54.08 42.32
C ASP I 717 74.81 54.40 41.08
N ARG I 718 76.04 54.92 41.25
CA ARG I 718 76.90 55.20 40.11
C ARG I 718 77.27 53.92 39.36
N GLU I 719 77.69 52.89 40.09
CA GLU I 719 78.08 51.63 39.46
C GLU I 719 76.87 50.91 38.87
N LEU I 720 75.71 50.99 39.54
CA LEU I 720 74.50 50.39 38.98
C LEU I 720 74.07 51.10 37.70
N ALA I 721 74.16 52.44 37.68
CA ALA I 721 73.82 53.19 36.48
C ALA I 721 74.77 52.85 35.34
N LYS I 722 76.07 52.72 35.63
CA LYS I 722 77.00 52.29 34.60
C LYS I 722 76.69 50.90 34.09
N HIS I 723 76.37 49.95 34.99
CA HIS I 723 76.08 48.59 34.56
C HIS I 723 74.84 48.54 33.68
N LEU I 724 73.78 49.26 34.07
CA LEU I 724 72.58 49.30 33.25
C LEU I 724 72.74 50.13 32.00
N THR I 725 73.77 50.98 31.94
CA THR I 725 73.91 51.88 30.81
C THR I 725 74.84 51.31 29.74
N ASN I 726 75.81 50.48 30.13
CA ASN I 726 76.66 49.82 29.14
C ASN I 726 75.91 48.76 28.33
N LEU I 727 74.71 48.37 28.75
CA LEU I 727 73.95 47.40 27.96
C LEU I 727 73.44 48.01 26.67
N TYR I 728 73.32 49.33 26.62
CA TYR I 728 72.83 50.03 25.44
C TYR I 728 73.93 50.58 24.56
N LEU I 729 75.20 50.24 24.84
CA LEU I 729 76.30 50.69 24.01
C LEU I 729 76.22 50.10 22.61
N GLU I 730 75.86 48.82 22.50
CA GLU I 730 75.85 48.12 21.24
C GLU I 730 74.54 47.34 21.08
N ASP I 731 74.24 46.98 19.83
CA ASP I 731 72.98 46.29 19.52
C ASP I 731 72.93 44.91 20.16
N LYS I 732 74.03 44.17 20.14
CA LYS I 732 74.09 42.84 20.72
C LYS I 732 75.14 42.80 21.82
N PRO I 733 74.76 42.95 23.10
CA PRO I 733 75.71 42.88 24.22
C PRO I 733 75.81 41.48 24.80
N ASP I 739 84.73 41.50 35.74
CA ASP I 739 85.61 40.35 35.98
C ASP I 739 85.39 39.27 34.94
N ASP I 740 85.56 38.02 35.35
CA ASP I 740 85.41 36.87 34.47
C ASP I 740 84.22 36.02 34.93
N VAL I 741 83.33 35.71 34.01
CA VAL I 741 82.18 34.86 34.28
C VAL I 741 82.26 33.64 33.38
N LEU I 742 81.66 32.55 33.84
CA LEU I 742 81.63 31.33 33.04
C LEU I 742 80.52 31.41 31.99
N PRO I 743 80.70 30.73 30.86
CA PRO I 743 79.59 30.60 29.90
C PRO I 743 78.48 29.73 30.47
N VAL I 744 77.29 29.91 29.91
CA VAL I 744 76.11 29.20 30.42
C VAL I 744 76.21 27.70 30.16
N GLU I 745 76.88 27.30 29.07
CA GLU I 745 76.98 25.88 28.74
C GLU I 745 77.85 25.15 29.76
N PHE I 746 79.03 25.69 30.07
CA PHE I 746 79.90 25.06 31.04
C PHE I 746 79.30 25.10 32.45
N LEU I 747 78.60 26.17 32.78
CA LEU I 747 77.95 26.27 34.09
C LEU I 747 76.86 25.22 34.24
N THR I 748 76.02 25.05 33.21
CA THR I 748 74.99 24.03 33.25
C THR I 748 75.59 22.63 33.32
N MET I 749 76.67 22.40 32.56
CA MET I 749 77.34 21.10 32.62
C MET I 749 77.95 20.82 33.99
N TYR I 750 78.56 21.83 34.61
CA TYR I 750 79.13 21.69 35.94
C TYR I 750 78.06 21.37 36.98
N ILE I 751 76.94 22.10 36.93
CA ILE I 751 75.87 21.87 37.90
C ILE I 751 75.23 20.51 37.67
N SER I 752 75.09 20.10 36.40
CA SER I 752 74.53 18.79 36.10
C SER I 752 75.42 17.67 36.60
N TYR I 753 76.74 17.79 36.41
CA TYR I 753 77.67 16.79 36.92
C TYR I 753 77.64 16.73 38.44
N ALA I 754 77.60 17.89 39.09
CA ALA I 754 77.56 17.92 40.55
C ALA I 754 76.28 17.29 41.09
N LYS I 755 75.14 17.57 40.45
CA LYS I 755 73.88 17.01 40.90
C LYS I 755 73.82 15.51 40.64
N GLU I 756 74.42 15.05 39.53
CA GLU I 756 74.34 13.64 39.20
C GLU I 756 75.29 12.78 40.03
N HIS I 757 76.51 13.25 40.29
CA HIS I 757 77.56 12.37 40.78
C HIS I 757 78.06 12.69 42.19
N ILE I 758 77.62 13.78 42.80
CA ILE I 758 78.13 14.18 44.12
C ILE I 758 76.99 14.13 45.11
N HIS I 759 77.13 13.30 46.15
CA HIS I 759 76.14 13.17 47.21
C HIS I 759 76.87 13.31 48.55
N PRO I 760 77.10 14.54 49.00
CA PRO I 760 77.81 14.73 50.28
C PRO I 760 77.02 14.25 51.48
N ILE I 761 77.75 13.84 52.51
CA ILE I 761 77.18 13.34 53.76
C ILE I 761 77.68 14.21 54.91
N ILE I 762 76.89 14.23 55.98
CA ILE I 762 77.18 15.04 57.15
C ILE I 762 78.10 14.27 58.10
N THR I 763 79.15 14.92 58.56
CA THR I 763 80.09 14.35 59.52
C THR I 763 79.80 14.90 60.92
N GLU I 764 80.54 14.37 61.90
CA GLU I 764 80.34 14.77 63.29
C GLU I 764 80.76 16.22 63.52
N ALA I 765 81.81 16.66 62.84
CA ALA I 765 82.22 18.06 62.93
C ALA I 765 81.15 18.98 62.37
N ALA I 766 80.42 18.53 61.34
CA ALA I 766 79.28 19.29 60.86
C ALA I 766 78.11 19.21 61.83
N LYS I 767 77.94 18.05 62.49
CA LYS I 767 76.91 17.89 63.51
C LYS I 767 77.05 18.90 64.63
N THR I 768 78.27 19.05 65.16
CA THR I 768 78.48 19.95 66.30
C THR I 768 78.18 21.40 65.92
N GLU I 769 78.64 21.82 64.74
CA GLU I 769 78.36 23.18 64.29
C GLU I 769 76.88 23.39 64.03
N LEU I 770 76.20 22.38 63.48
CA LEU I 770 74.77 22.51 63.20
C LEU I 770 73.97 22.67 64.48
N VAL I 771 74.23 21.82 65.48
CA VAL I 771 73.48 21.89 66.72
C VAL I 771 73.83 23.18 67.47
N ARG I 772 75.09 23.62 67.40
CA ARG I 772 75.47 24.84 68.09
C ARG I 772 74.78 26.06 67.46
N ALA I 773 74.73 26.11 66.13
CA ALA I 773 74.08 27.23 65.45
C ALA I 773 72.57 27.24 65.71
N TYR I 774 71.94 26.06 65.70
CA TYR I 774 70.50 26.01 65.92
C TYR I 774 70.14 26.40 67.35
N VAL I 775 70.91 25.91 68.33
CA VAL I 775 70.64 26.29 69.71
C VAL I 775 70.95 27.77 69.92
N GLY I 776 71.92 28.31 69.18
CA GLY I 776 72.16 29.74 69.23
C GLY I 776 70.98 30.56 68.74
N MET I 777 70.38 30.14 67.61
CA MET I 777 69.16 30.79 67.15
C MET I 777 68.00 30.63 68.12
N ARG I 778 67.84 29.45 68.73
CA ARG I 778 66.74 29.24 69.67
C ARG I 778 66.90 30.12 70.92
N LYS I 779 68.13 30.28 71.41
CA LYS I 779 68.31 31.15 72.56
C LYS I 779 68.25 32.62 72.17
N MET I 780 68.59 32.94 70.92
CA MET I 780 68.45 34.32 70.45
C MET I 780 66.98 34.71 70.33
N GLY I 781 66.12 33.74 69.97
CA GLY I 781 64.70 34.00 69.88
C GLY I 781 63.99 34.15 71.22
N ASP I 782 64.71 34.00 72.34
CA ASP I 782 64.10 34.15 73.65
C ASP I 782 63.69 35.60 73.92
N ASP I 783 64.41 36.56 73.34
CA ASP I 783 64.10 37.97 73.58
C ASP I 783 62.78 38.35 72.93
N SER I 784 62.01 39.16 73.65
CA SER I 784 60.71 39.62 73.15
C SER I 784 60.87 40.74 72.14
N GLU I 788 55.29 37.17 65.51
CA GLU I 788 55.33 38.38 66.32
C GLU I 788 56.20 39.45 65.67
N LYS I 789 57.02 40.12 66.48
CA LYS I 789 57.87 41.18 65.95
C LYS I 789 59.09 40.63 65.21
N ARG I 790 59.62 39.50 65.65
CA ARG I 790 60.84 38.95 65.07
C ARG I 790 60.56 37.56 64.47
N ILE I 791 61.42 37.17 63.55
CA ILE I 791 61.38 35.84 62.96
C ILE I 791 61.93 34.86 63.99
N THR I 792 61.07 34.02 64.53
CA THR I 792 61.50 33.03 65.50
C THR I 792 62.26 31.90 64.81
N ALA I 793 63.16 31.28 65.56
CA ALA I 793 63.86 30.12 65.05
C ALA I 793 62.92 28.93 64.95
N THR I 794 63.22 28.03 64.03
CA THR I 794 62.32 26.94 63.67
C THR I 794 63.16 25.71 63.39
N THR I 795 62.57 24.53 63.61
CA THR I 795 63.21 23.28 63.19
C THR I 795 63.46 23.25 61.68
N ARG I 796 62.54 23.86 60.92
CA ARG I 796 62.74 23.98 59.48
C ARG I 796 63.96 24.83 59.15
N GLN I 797 64.37 25.71 60.06
CA GLN I 797 65.63 26.44 59.85
C GLN I 797 66.82 25.49 59.99
N LEU I 798 66.74 24.51 60.90
CA LEU I 798 67.80 23.51 60.98
C LEU I 798 67.85 22.66 59.72
N GLU I 799 66.69 22.26 59.20
CA GLU I 799 66.69 21.50 57.95
C GLU I 799 67.19 22.35 56.79
N SER I 800 66.91 23.65 56.80
CA SER I 800 67.46 24.55 55.80
C SER I 800 68.97 24.67 55.92
N MET I 801 69.49 24.71 57.14
CA MET I 801 70.94 24.67 57.36
C MET I 801 71.54 23.42 56.75
N ILE I 802 70.93 22.26 57.01
CA ILE I 802 71.48 21.00 56.52
C ILE I 802 71.45 20.97 55.00
N ARG I 803 70.33 21.40 54.40
CA ARG I 803 70.22 21.41 52.94
C ARG I 803 71.21 22.37 52.29
N LEU I 804 71.38 23.56 52.89
CA LEU I 804 72.32 24.53 52.33
C LEU I 804 73.76 24.07 52.47
N ALA I 805 74.08 23.42 53.59
CA ALA I 805 75.43 22.88 53.76
C ALA I 805 75.71 21.76 52.76
N GLU I 806 74.73 20.89 52.53
CA GLU I 806 74.92 19.84 51.53
C GLU I 806 75.06 20.42 50.13
N ALA I 807 74.29 21.47 49.81
CA ALA I 807 74.42 22.11 48.51
C ALA I 807 75.79 22.76 48.34
N HIS I 808 76.29 23.41 49.40
CA HIS I 808 77.62 24.02 49.34
C HIS I 808 78.70 22.96 49.19
N ALA I 809 78.55 21.82 49.85
CA ALA I 809 79.52 20.74 49.69
C ALA I 809 79.46 20.13 48.30
N LYS I 810 78.25 19.99 47.75
CA LYS I 810 78.08 19.42 46.41
C LYS I 810 78.61 20.36 45.34
N MET I 811 78.60 21.66 45.63
CA MET I 811 79.22 22.63 44.72
C MET I 811 80.70 22.34 44.50
N LYS I 812 81.45 22.16 45.59
CA LYS I 812 82.89 22.00 45.52
C LYS I 812 83.31 20.57 45.20
N LEU I 813 82.37 19.74 44.73
CA LEU I 813 82.58 18.34 44.41
C LEU I 813 83.14 17.54 45.58
N LYS I 814 82.68 17.86 46.79
CA LYS I 814 83.08 17.13 47.98
C LYS I 814 81.97 16.17 48.39
N ASN I 815 82.37 14.96 48.77
CA ASN I 815 81.44 13.93 49.18
C ASN I 815 81.17 13.93 50.68
N VAL I 816 81.71 14.91 51.40
CA VAL I 816 81.44 15.07 52.82
C VAL I 816 80.98 16.51 53.06
N VAL I 817 80.27 16.71 54.17
CA VAL I 817 79.86 18.03 54.62
C VAL I 817 80.70 18.36 55.84
N GLU I 818 81.59 19.33 55.70
CA GLU I 818 82.54 19.68 56.75
C GLU I 818 82.11 20.97 57.45
N LEU I 819 83.00 21.47 58.32
CA LEU I 819 82.69 22.64 59.14
C LEU I 819 82.42 23.89 58.31
N GLU I 820 83.22 24.11 57.26
CA GLU I 820 83.12 25.35 56.49
C GLU I 820 81.81 25.44 55.73
N ASP I 821 81.29 24.30 55.27
CA ASP I 821 80.00 24.31 54.58
C ASP I 821 78.88 24.74 55.51
N VAL I 822 78.87 24.24 56.75
CA VAL I 822 77.83 24.62 57.70
C VAL I 822 77.99 26.08 58.10
N GLN I 823 79.24 26.54 58.26
CA GLN I 823 79.47 27.94 58.59
C GLN I 823 78.98 28.86 57.47
N GLU I 824 79.21 28.47 56.21
CA GLU I 824 78.74 29.26 55.08
C GLU I 824 77.23 29.23 54.97
N ALA I 825 76.60 28.09 55.30
CA ALA I 825 75.15 28.02 55.30
C ALA I 825 74.54 28.96 56.35
N VAL I 826 75.13 28.97 57.55
CA VAL I 826 74.65 29.88 58.60
C VAL I 826 74.89 31.33 58.20
N ARG I 827 76.03 31.61 57.56
CA ARG I 827 76.31 32.96 57.09
C ARG I 827 75.30 33.40 56.02
N LEU I 828 74.92 32.48 55.14
CA LEU I 828 73.94 32.80 54.11
C LEU I 828 72.57 33.06 54.73
N ILE I 829 72.19 32.27 55.73
CA ILE I 829 70.91 32.48 56.42
C ILE I 829 70.90 33.82 57.14
N ARG I 830 72.01 34.17 57.79
CA ARG I 830 72.14 35.48 58.41
C ARG I 830 72.04 36.62 57.39
N SER I 831 72.80 36.51 56.29
CA SER I 831 72.91 37.63 55.36
C SER I 831 71.68 37.78 54.47
N ALA I 832 70.87 36.74 54.31
CA ALA I 832 69.66 36.86 53.52
C ALA I 832 68.65 37.77 54.19
N ILE I 833 68.37 37.53 55.48
CA ILE I 833 67.34 38.29 56.20
C ILE I 833 67.92 39.53 56.85
N LYS I 834 69.24 39.76 56.72
CA LYS I 834 69.95 40.89 57.34
C LYS I 834 69.79 40.89 58.86
N ASP I 835 70.21 39.79 59.48
CA ASP I 835 70.16 39.68 60.93
C ASP I 835 71.16 40.61 61.61
N TYR I 836 72.28 40.91 60.94
CA TYR I 836 73.21 41.89 61.49
C TYR I 836 72.65 43.31 61.44
N ALA I 837 71.81 43.61 60.44
CA ALA I 837 71.24 44.95 60.33
C ALA I 837 70.15 45.18 61.36
N THR I 838 69.35 44.16 61.65
CA THR I 838 68.21 44.32 62.55
C THR I 838 68.65 44.26 64.00
N ASP I 839 67.78 44.76 64.88
CA ASP I 839 67.92 44.76 66.33
C ASP I 839 67.11 43.62 66.94
N PRO I 840 67.70 42.88 67.88
CA PRO I 840 67.00 41.72 68.45
C PRO I 840 65.74 42.08 69.23
N LYS I 841 65.71 43.26 69.85
CA LYS I 841 64.59 43.59 70.72
C LYS I 841 63.41 44.15 69.94
N THR I 842 63.63 45.25 69.21
CA THR I 842 62.52 45.90 68.51
C THR I 842 62.20 45.28 67.16
N GLY I 843 63.16 44.57 66.55
CA GLY I 843 62.94 43.98 65.25
C GLY I 843 63.09 44.93 64.07
N LYS I 844 63.38 46.20 64.33
CA LYS I 844 63.54 47.16 63.25
C LYS I 844 64.94 47.05 62.63
N ILE I 845 65.05 47.54 61.40
CA ILE I 845 66.30 47.52 60.65
C ILE I 845 66.78 48.95 60.47
N ASP I 846 68.02 49.22 60.89
CA ASP I 846 68.62 50.54 60.72
C ASP I 846 69.27 50.61 59.36
N MET I 847 68.75 51.49 58.50
CA MET I 847 69.21 51.56 57.11
C MET I 847 70.61 52.17 57.02
N ASN I 848 70.83 53.29 57.72
CA ASN I 848 72.09 54.00 57.56
C ASN I 848 73.16 53.50 58.53
N LEU I 849 72.76 52.87 59.63
CA LEU I 849 73.73 52.53 60.68
C LEU I 849 74.56 51.32 60.31
N VAL I 850 73.92 50.23 59.89
CA VAL I 850 74.60 48.94 59.83
C VAL I 850 74.72 48.46 58.39
N GLN I 851 73.74 48.81 57.56
CA GLN I 851 73.68 48.28 56.19
C GLN I 851 74.83 48.81 55.35
N THR I 852 75.41 47.91 54.55
CA THR I 852 76.53 48.23 53.65
C THR I 852 76.13 47.77 52.25
N GLY I 853 76.00 48.72 51.33
CA GLY I 853 75.62 48.40 49.96
C GLY I 853 76.75 47.78 49.17
N SER J 2 -19.41 9.19 -20.22
CA SER J 2 -19.01 10.19 -19.25
C SER J 2 -20.13 10.43 -18.24
N PHE J 3 -20.55 9.36 -17.56
CA PHE J 3 -21.70 9.44 -16.67
C PHE J 3 -21.28 9.84 -15.27
N ASP J 4 -22.29 10.11 -14.45
CA ASP J 4 -22.11 10.60 -13.09
C ASP J 4 -21.91 9.44 -12.12
N ARG J 5 -21.59 9.79 -10.88
CA ARG J 5 -21.55 8.80 -9.81
C ARG J 5 -22.96 8.42 -9.42
N PRO J 6 -23.31 7.13 -9.41
CA PRO J 6 -24.61 6.72 -8.89
C PRO J 6 -24.72 6.98 -7.41
N GLU J 7 -25.90 7.41 -6.98
CA GLU J 7 -26.15 7.73 -5.58
C GLU J 7 -26.98 6.64 -4.92
N ILE J 8 -26.80 6.49 -3.61
CA ILE J 8 -27.48 5.49 -2.82
C ILE J 8 -28.27 6.21 -1.73
N TYR J 9 -29.56 5.88 -1.62
CA TYR J 9 -30.42 6.48 -0.61
C TYR J 9 -31.29 5.40 0.00
N SER J 10 -31.89 5.72 1.14
CA SER J 10 -32.68 4.78 1.90
C SER J 10 -33.97 5.42 2.36
N ALA J 11 -34.96 4.59 2.64
CA ALA J 11 -36.26 5.05 3.13
C ALA J 11 -36.84 4.01 4.10
N PRO J 12 -37.26 4.42 5.28
CA PRO J 12 -37.81 3.46 6.25
C PRO J 12 -39.19 2.97 5.84
N VAL J 13 -39.36 1.64 5.84
CA VAL J 13 -40.64 1.06 5.45
C VAL J 13 -41.18 0.18 6.58
N LEU J 14 -40.42 -0.86 6.92
CA LEU J 14 -40.89 -1.88 7.84
C LEU J 14 -40.32 -1.64 9.24
N GLN J 15 -40.89 -2.36 10.21
CA GLN J 15 -40.42 -2.24 11.59
C GLN J 15 -39.03 -2.83 11.76
N GLY J 16 -38.71 -3.89 11.01
CA GLY J 16 -37.44 -4.55 11.16
C GLY J 16 -37.38 -5.39 12.42
N GLU J 17 -36.16 -5.77 12.77
CA GLU J 17 -35.94 -6.52 13.99
C GLU J 17 -36.18 -5.64 15.21
N SER J 18 -36.51 -6.29 16.32
CA SER J 18 -36.81 -5.57 17.55
C SER J 18 -35.55 -4.90 18.09
N PRO J 19 -35.66 -3.66 18.56
CA PRO J 19 -34.45 -2.96 19.03
C PRO J 19 -33.87 -3.57 20.29
N ASN J 20 -32.56 -3.46 20.42
CA ASN J 20 -31.81 -3.98 21.56
C ASN J 20 -31.20 -2.83 22.33
N ASP J 21 -31.05 -3.00 23.65
CA ASP J 21 -30.54 -1.94 24.49
C ASP J 21 -29.08 -1.61 24.20
N ASP J 22 -28.28 -2.62 23.85
CA ASP J 22 -26.87 -2.38 23.56
C ASP J 22 -26.63 -1.78 22.18
N ASP J 23 -27.66 -1.66 21.36
CA ASP J 23 -27.51 -1.05 20.04
C ASP J 23 -27.20 0.44 20.17
N ASN J 24 -26.39 0.93 19.23
CA ASN J 24 -25.96 2.32 19.27
C ASN J 24 -27.12 3.29 19.09
N THR J 25 -28.08 2.94 18.21
CA THR J 25 -29.21 3.81 17.95
C THR J 25 -30.09 3.97 19.19
N GLU J 26 -30.31 2.88 19.93
CA GLU J 26 -31.11 2.97 21.14
C GLU J 26 -30.40 3.73 22.25
N ILE J 27 -29.07 3.61 22.33
CA ILE J 27 -28.31 4.40 23.30
C ILE J 27 -28.40 5.88 22.96
N ILE J 28 -28.30 6.22 21.67
CA ILE J 28 -28.43 7.61 21.24
C ILE J 28 -29.83 8.14 21.54
N LYS J 29 -30.86 7.33 21.29
CA LYS J 29 -32.23 7.77 21.57
C LYS J 29 -32.47 7.96 23.06
N SER J 30 -31.94 7.06 23.89
CA SER J 30 -32.10 7.19 25.34
C SER J 30 -31.37 8.44 25.85
N PHE J 31 -30.18 8.71 25.31
CA PHE J 31 -29.46 9.92 25.68
C PHE J 31 -30.21 11.18 25.25
N LYS J 32 -30.79 11.15 24.05
CA LYS J 32 -31.58 12.29 23.56
C LYS J 32 -32.79 12.54 24.45
N ASN J 33 -33.47 11.47 24.86
CA ASN J 33 -34.61 11.61 25.77
C ASN J 33 -34.16 12.10 27.15
N PHE J 34 -32.96 11.69 27.58
CA PHE J 34 -32.42 12.20 28.83
C PHE J 34 -32.18 13.71 28.76
N ILE J 35 -31.62 14.18 27.65
CA ILE J 35 -31.39 15.61 27.49
C ILE J 35 -32.72 16.37 27.46
N LEU J 36 -33.69 15.86 26.70
CA LEU J 36 -34.92 16.61 26.49
C LEU J 36 -35.88 16.54 27.68
N GLU J 37 -35.81 15.48 28.47
CA GLU J 37 -36.87 15.20 29.44
C GLU J 37 -36.42 15.25 30.90
N PHE J 38 -35.19 15.65 31.19
CA PHE J 38 -34.73 15.67 32.57
C PHE J 38 -35.18 16.95 33.28
N ARG J 39 -35.68 16.80 34.50
CA ARG J 39 -36.11 17.91 35.33
C ARG J 39 -35.40 17.85 36.67
N LEU J 40 -34.76 18.95 37.06
CA LEU J 40 -34.09 19.00 38.36
C LEU J 40 -35.09 19.31 39.47
N ASP J 41 -35.71 20.49 39.40
CA ASP J 41 -36.82 20.83 40.29
C ASP J 41 -38.10 21.05 39.52
N SER J 42 -38.14 22.01 38.60
CA SER J 42 -39.28 22.20 37.73
C SER J 42 -38.89 22.57 36.30
N GLN J 43 -37.61 22.59 35.97
CA GLN J 43 -37.13 23.08 34.69
C GLN J 43 -36.26 22.04 34.00
N PHE J 44 -36.33 22.01 32.68
CA PHE J 44 -35.45 21.18 31.87
C PHE J 44 -34.09 21.88 31.83
N ILE J 45 -33.22 21.50 32.76
CA ILE J 45 -31.96 22.22 32.94
C ILE J 45 -31.03 22.00 31.75
N TYR J 46 -31.02 20.78 31.19
CA TYR J 46 -30.10 20.50 30.09
C TYR J 46 -30.61 21.09 28.78
N ARG J 47 -31.93 21.08 28.57
CA ARG J 47 -32.52 21.73 27.40
C ARG J 47 -32.26 23.23 27.41
N ASP J 48 -32.48 23.86 28.57
CA ASP J 48 -32.22 25.30 28.69
C ASP J 48 -30.74 25.61 28.57
N GLN J 49 -29.87 24.76 29.13
CA GLN J 49 -28.43 24.97 29.00
C GLN J 49 -27.99 24.84 27.55
N LEU J 50 -28.54 23.87 26.82
CA LEU J 50 -28.20 23.71 25.41
C LEU J 50 -28.67 24.92 24.60
N ARG J 51 -29.87 25.43 24.88
CA ARG J 51 -30.35 26.62 24.17
C ARG J 51 -29.47 27.84 24.47
N ASN J 52 -29.11 28.03 25.73
CA ASN J 52 -28.27 29.17 26.10
C ASN J 52 -26.87 29.03 25.53
N ASN J 53 -26.34 27.82 25.44
CA ASN J 53 -25.03 27.59 24.84
C ASN J 53 -25.07 27.83 23.34
N ILE J 54 -26.19 27.50 22.70
CA ILE J 54 -26.37 27.79 21.28
C ILE J 54 -26.40 29.31 21.06
N LEU J 55 -27.06 30.04 21.96
CA LEU J 55 -27.16 31.50 21.80
C LEU J 55 -25.79 32.16 21.92
N VAL J 56 -24.92 31.66 22.81
CA VAL J 56 -23.60 32.26 22.99
C VAL J 56 -22.53 31.59 22.15
N LYS J 57 -22.91 30.73 21.20
CA LYS J 57 -22.00 30.00 20.31
C LYS J 57 -20.99 29.17 21.09
N ASN J 58 -21.44 28.53 22.16
CA ASN J 58 -20.66 27.56 22.92
C ASN J 58 -21.19 26.17 22.56
N TYR J 59 -20.45 25.46 21.70
CA TYR J 59 -20.94 24.19 21.17
C TYR J 59 -20.50 23.04 22.08
N SER J 60 -21.05 23.05 23.29
CA SER J 60 -20.79 22.01 24.26
C SER J 60 -21.94 21.95 25.24
N LEU J 61 -22.01 20.83 25.97
CA LEU J 61 -23.00 20.63 27.02
C LEU J 61 -22.31 20.07 28.24
N THR J 62 -22.66 20.59 29.41
CA THR J 62 -22.14 20.10 30.69
C THR J 62 -23.22 19.28 31.37
N VAL J 63 -22.89 18.03 31.71
CA VAL J 63 -23.85 17.07 32.26
C VAL J 63 -23.30 16.52 33.57
N ASN J 64 -24.15 16.49 34.60
CA ASN J 64 -23.77 15.87 35.86
C ASN J 64 -24.03 14.37 35.80
N MET J 65 -23.09 13.58 36.33
CA MET J 65 -23.22 12.13 36.26
C MET J 65 -24.25 11.58 37.24
N GLU J 66 -24.48 12.25 38.37
CA GLU J 66 -25.53 11.84 39.29
C GLU J 66 -26.92 11.93 38.65
N HIS J 67 -27.11 12.86 37.72
CA HIS J 67 -28.36 12.95 37.00
C HIS J 67 -28.59 11.71 36.13
N LEU J 68 -27.51 11.13 35.59
CA LEU J 68 -27.64 9.90 34.83
C LEU J 68 -28.03 8.73 35.72
N ILE J 69 -27.51 8.67 36.94
CA ILE J 69 -27.97 7.70 37.93
C ILE J 69 -29.46 7.91 38.20
N GLY J 70 -29.87 9.17 38.32
CA GLY J 70 -31.27 9.47 38.58
C GLY J 70 -32.18 9.05 37.43
N TYR J 71 -31.69 9.12 36.20
CA TYR J 71 -32.57 8.85 35.06
C TYR J 71 -32.49 7.39 34.62
N ASN J 72 -31.30 6.91 34.23
CA ASN J 72 -31.16 5.54 33.75
C ASN J 72 -29.80 5.01 34.16
N GLU J 73 -29.80 3.95 34.98
CA GLU J 73 -28.56 3.38 35.47
C GLU J 73 -27.83 2.58 34.39
N ASP J 74 -28.55 2.04 33.41
CA ASP J 74 -27.92 1.18 32.41
C ASP J 74 -27.01 1.98 31.50
N ILE J 75 -27.48 3.13 31.00
CA ILE J 75 -26.62 3.98 30.18
C ILE J 75 -25.50 4.57 31.02
N TYR J 76 -25.73 4.78 32.32
CA TYR J 76 -24.68 5.27 33.20
C TYR J 76 -23.56 4.25 33.33
N LYS J 77 -23.90 2.97 33.52
CA LYS J 77 -22.84 1.99 33.66
C LYS J 77 -22.18 1.67 32.33
N LYS J 78 -22.90 1.80 31.22
CA LYS J 78 -22.26 1.71 29.91
C LYS J 78 -21.27 2.85 29.70
N LEU J 79 -21.63 4.05 30.16
CA LEU J 79 -20.72 5.18 30.06
C LEU J 79 -19.51 5.00 30.97
N SER J 80 -19.72 4.44 32.16
CA SER J 80 -18.62 4.29 33.11
C SER J 80 -17.64 3.20 32.69
N ASP J 81 -18.14 2.05 32.24
CA ASP J 81 -17.25 0.94 31.89
C ASP J 81 -16.57 1.18 30.54
N GLU J 82 -17.32 1.65 29.55
CA GLU J 82 -16.80 1.85 28.20
C GLU J 82 -17.05 3.28 27.76
N PRO J 83 -16.22 4.22 28.21
CA PRO J 83 -16.46 5.63 27.86
C PRO J 83 -16.14 5.96 26.41
N SER J 84 -15.13 5.33 25.81
CA SER J 84 -14.73 5.69 24.46
C SER J 84 -15.73 5.26 23.40
N ASP J 85 -16.63 4.34 23.74
CA ASP J 85 -17.70 3.94 22.83
C ASP J 85 -19.01 4.65 23.09
N ILE J 86 -19.23 5.11 24.32
CA ILE J 86 -20.51 5.71 24.69
C ILE J 86 -20.48 7.23 24.55
N ILE J 87 -19.31 7.86 24.81
CA ILE J 87 -19.22 9.33 24.71
C ILE J 87 -19.52 9.85 23.31
N PRO J 88 -19.00 9.29 22.20
CA PRO J 88 -19.44 9.76 20.89
C PRO J 88 -20.94 9.62 20.64
N LEU J 89 -21.59 8.61 21.22
CA LEU J 89 -23.04 8.47 21.07
C LEU J 89 -23.78 9.60 21.77
N PHE J 90 -23.34 9.99 22.98
CA PHE J 90 -24.02 11.08 23.66
C PHE J 90 -23.73 12.41 22.99
N GLU J 91 -22.53 12.57 22.43
CA GLU J 91 -22.23 13.75 21.64
C GLU J 91 -23.11 13.82 20.39
N THR J 92 -23.35 12.67 19.75
CA THR J 92 -24.26 12.62 18.61
C THR J 92 -25.68 13.00 19.03
N ALA J 93 -26.11 12.55 20.21
CA ALA J 93 -27.42 12.93 20.73
C ALA J 93 -27.51 14.44 20.96
N ILE J 94 -26.45 15.03 21.54
CA ILE J 94 -26.44 16.48 21.74
C ILE J 94 -26.50 17.21 20.41
N THR J 95 -25.76 16.72 19.41
CA THR J 95 -25.75 17.37 18.10
C THR J 95 -27.11 17.27 17.42
N GLN J 96 -27.78 16.12 17.55
CA GLN J 96 -29.11 15.98 16.97
C GLN J 96 -30.13 16.89 17.64
N VAL J 97 -30.04 17.06 18.97
CA VAL J 97 -30.91 18.04 19.62
C VAL J 97 -30.53 19.46 19.21
N ALA J 98 -29.24 19.73 19.05
CA ALA J 98 -28.76 21.09 18.85
C ALA J 98 -29.08 21.60 17.45
N LYS J 99 -29.03 20.72 16.44
CA LYS J 99 -29.45 21.15 15.10
C LYS J 99 -30.93 21.52 15.08
N ARG J 100 -31.75 20.72 15.77
CA ARG J 100 -33.18 21.00 15.87
C ARG J 100 -33.46 22.30 16.61
N ILE J 101 -32.69 22.58 17.67
CA ILE J 101 -32.83 23.85 18.38
C ILE J 101 -32.34 25.02 17.54
N SER J 102 -31.21 24.86 16.85
CA SER J 102 -30.63 25.93 16.04
C SER J 102 -31.49 26.31 14.85
N ILE J 103 -32.08 25.35 14.15
CA ILE J 103 -32.97 25.66 13.04
C ILE J 103 -34.22 26.39 13.51
N LEU J 104 -34.80 25.97 14.61
CA LEU J 104 -35.97 26.63 15.18
C LEU J 104 -35.63 27.94 15.88
N SER J 105 -34.36 28.22 16.14
CA SER J 105 -33.97 29.47 16.78
C SER J 105 -33.79 30.62 15.80
N ARG J 106 -32.93 30.47 14.80
CA ARG J 106 -32.57 31.61 13.96
C ARG J 106 -33.63 31.93 12.92
N ALA J 107 -34.59 31.04 12.69
CA ALA J 107 -35.65 31.29 11.72
C ALA J 107 -36.90 31.91 12.37
N GLN J 108 -36.87 32.17 13.67
CA GLN J 108 -38.03 32.71 14.38
C GLN J 108 -37.68 34.01 15.09
N SER J 109 -36.40 34.20 15.40
CA SER J 109 -35.93 35.36 16.18
C SER J 109 -35.27 36.41 15.29
N ALA J 110 -35.78 36.59 14.07
CA ALA J 110 -35.22 37.59 13.16
C ALA J 110 -35.75 38.98 13.49
N LEU J 129 -24.80 30.40 4.81
CA LEU J 129 -25.21 29.17 5.46
C LEU J 129 -24.56 29.04 6.84
N ASN J 130 -25.14 28.18 7.68
CA ASN J 130 -24.65 27.95 9.03
C ASN J 130 -24.26 26.49 9.18
N SER J 131 -23.07 26.25 9.74
CA SER J 131 -22.57 24.90 9.99
C SER J 131 -22.46 24.68 11.49
N LEU J 132 -23.11 23.62 11.97
CA LEU J 132 -23.08 23.27 13.38
C LEU J 132 -22.15 22.09 13.60
N PRO J 133 -21.03 22.25 14.31
CA PRO J 133 -20.09 21.16 14.49
C PRO J 133 -20.59 20.17 15.54
N THR J 134 -19.85 19.07 15.68
CA THR J 134 -20.17 18.08 16.68
C THR J 134 -19.92 18.64 18.07
N PHE J 135 -20.89 18.49 18.96
CA PHE J 135 -20.83 19.10 20.28
C PHE J 135 -19.93 18.32 21.20
N GLN J 136 -19.36 19.03 22.17
CA GLN J 136 -18.43 18.45 23.12
C GLN J 136 -19.15 18.03 24.39
N LEU J 137 -18.89 16.81 24.84
CA LEU J 137 -19.36 16.36 26.15
C LEU J 137 -18.36 16.73 27.24
N ILE J 138 -18.74 17.69 28.06
CA ILE J 138 -18.12 17.94 29.35
C ILE J 138 -19.02 17.30 30.40
N LEU J 139 -18.46 16.45 31.24
CA LEU J 139 -19.25 15.80 32.27
C LEU J 139 -18.55 15.91 33.61
N ASN J 140 -19.29 16.39 34.61
CA ASN J 140 -18.80 16.59 35.96
C ASN J 140 -19.57 15.69 36.92
N SER J 141 -18.99 15.45 38.09
CA SER J 141 -19.64 14.65 39.11
C SER J 141 -19.09 15.01 40.48
N ASN J 142 -19.83 14.62 41.51
CA ASN J 142 -19.41 14.79 42.89
C ASN J 142 -19.18 13.45 43.59
N ALA J 143 -18.81 12.43 42.84
CA ALA J 143 -18.56 11.11 43.41
C ALA J 143 -17.23 11.08 44.14
N ASN J 144 -16.84 9.89 44.59
CA ASN J 144 -15.62 9.76 45.38
C ASN J 144 -14.39 9.95 44.51
N GLN J 145 -13.51 10.85 44.94
CA GLN J 145 -12.29 11.15 44.22
C GLN J 145 -11.20 10.19 44.67
N ILE J 146 -10.84 9.25 43.80
CA ILE J 146 -9.76 8.33 44.15
C ILE J 146 -8.42 9.07 44.08
N PRO J 147 -7.49 8.80 44.99
CA PRO J 147 -6.19 9.47 44.93
C PRO J 147 -5.33 8.94 43.79
N LEU J 148 -4.34 9.75 43.42
CA LEU J 148 -3.50 9.45 42.26
C LEU J 148 -2.63 8.22 42.50
N ARG J 149 -2.35 7.87 43.75
CA ARG J 149 -1.51 6.71 44.04
C ARG J 149 -2.27 5.40 43.93
N ASP J 150 -3.59 5.40 44.04
CA ASP J 150 -4.37 4.17 43.92
C ASP J 150 -4.93 3.94 42.52
N LEU J 151 -4.39 4.60 41.50
CA LEU J 151 -4.71 4.24 40.13
C LEU J 151 -4.02 2.95 39.75
N ASP J 152 -4.80 1.98 39.29
CA ASP J 152 -4.31 0.65 38.98
C ASP J 152 -4.72 0.27 37.57
N SER J 153 -4.46 -0.99 37.22
CA SER J 153 -4.83 -1.48 35.90
C SER J 153 -6.33 -1.73 35.77
N GLU J 154 -7.05 -1.78 36.89
CA GLU J 154 -8.50 -1.94 36.82
C GLU J 154 -9.20 -0.66 36.38
N HIS J 155 -8.51 0.48 36.43
CA HIS J 155 -9.08 1.75 36.01
C HIS J 155 -8.77 2.09 34.56
N VAL J 156 -8.08 1.22 33.83
CA VAL J 156 -7.69 1.52 32.46
C VAL J 156 -8.93 1.47 31.57
N SER J 157 -9.06 2.50 30.72
CA SER J 157 -10.24 2.72 29.87
C SER J 157 -11.52 2.82 30.70
N LYS J 158 -11.41 3.47 31.86
CA LYS J 158 -12.53 3.69 32.76
C LYS J 158 -12.58 5.16 33.14
N ILE J 159 -13.76 5.64 33.48
CA ILE J 159 -13.93 7.01 33.93
C ILE J 159 -13.53 7.08 35.40
N VAL J 160 -12.54 7.91 35.70
CA VAL J 160 -12.03 8.08 37.05
C VAL J 160 -12.12 9.55 37.44
N ARG J 161 -12.45 9.76 38.70
CA ARG J 161 -12.50 11.08 39.31
C ARG J 161 -11.30 11.19 40.25
N LEU J 162 -10.45 12.19 40.04
CA LEU J 162 -9.22 12.24 40.80
C LEU J 162 -8.75 13.68 40.97
N SER J 163 -8.27 14.00 42.16
CA SER J 163 -7.95 15.36 42.55
C SER J 163 -6.44 15.57 42.56
N GLY J 164 -6.04 16.83 42.45
CA GLY J 164 -4.62 17.17 42.48
C GLY J 164 -4.40 18.64 42.26
N ILE J 165 -3.16 18.98 41.94
CA ILE J 165 -2.75 20.34 41.64
C ILE J 165 -2.10 20.35 40.26
N ILE J 166 -2.16 21.49 39.58
CA ILE J 166 -1.71 21.60 38.20
C ILE J 166 -0.35 22.26 38.17
N ILE J 167 0.62 21.60 37.54
CA ILE J 167 2.00 22.06 37.55
C ILE J 167 2.30 22.87 36.31
N SER J 168 1.89 22.38 35.15
CA SER J 168 2.16 23.06 33.89
C SER J 168 1.02 22.84 32.92
N THR J 169 0.72 23.88 32.15
CA THR J 169 -0.22 23.82 31.04
C THR J 169 0.58 24.07 29.77
N SER J 170 0.43 23.19 28.78
CA SER J 170 1.20 23.31 27.56
C SER J 170 0.58 24.35 26.62
N VAL J 171 1.29 24.63 25.53
CA VAL J 171 0.73 25.49 24.49
C VAL J 171 -0.38 24.76 23.76
N LEU J 172 -1.21 25.53 23.07
CA LEU J 172 -2.34 24.96 22.34
C LEU J 172 -1.87 24.39 21.01
N SER J 173 -1.89 23.06 20.90
CA SER J 173 -1.65 22.40 19.63
C SER J 173 -2.92 22.37 18.81
N SER J 174 -2.76 22.28 17.50
CA SER J 174 -3.87 22.31 16.55
C SER J 174 -4.10 20.89 16.03
N ARG J 175 -5.22 20.29 16.41
CA ARG J 175 -5.64 19.02 15.86
C ARG J 175 -6.67 19.24 14.75
N ALA J 176 -6.79 18.26 13.87
CA ALA J 176 -7.62 18.38 12.67
C ALA J 176 -8.96 17.70 12.88
N THR J 177 -10.04 18.46 12.72
CA THR J 177 -11.39 17.92 12.81
C THR J 177 -11.92 17.50 11.44
N TYR J 178 -12.00 18.47 10.53
CA TYR J 178 -12.39 18.24 9.15
C TYR J 178 -11.21 18.62 8.27
N LEU J 179 -10.73 17.66 7.49
CA LEU J 179 -9.61 17.95 6.59
C LEU J 179 -9.95 17.46 5.19
N SER J 180 -9.73 18.33 4.21
CA SER J 180 -9.91 17.99 2.82
C SER J 180 -8.57 17.58 2.23
N ILE J 181 -8.55 16.44 1.56
CA ILE J 181 -7.34 15.90 0.95
C ILE J 181 -7.53 15.82 -0.56
N MET J 182 -6.42 15.99 -1.26
CA MET J 182 -6.38 15.90 -2.71
C MET J 182 -5.21 15.02 -3.11
N CYS J 183 -5.45 14.13 -4.07
CA CYS J 183 -4.38 13.27 -4.58
C CYS J 183 -3.37 14.08 -5.37
N ARG J 184 -2.11 13.62 -5.36
CA ARG J 184 -1.02 14.37 -5.98
C ARG J 184 -1.20 14.48 -7.49
N ASN J 185 -1.39 13.34 -8.16
CA ASN J 185 -1.55 13.32 -9.60
C ASN J 185 -2.94 12.87 -10.04
N CYS J 186 -3.59 12.02 -9.24
CA CYS J 186 -4.93 11.55 -9.54
C CYS J 186 -5.97 12.65 -9.36
N ARG J 187 -5.67 13.62 -8.48
CA ARG J 187 -6.53 14.78 -8.21
C ARG J 187 -7.88 14.37 -7.61
N HIS J 188 -7.91 13.26 -6.88
CA HIS J 188 -9.14 12.80 -6.25
C HIS J 188 -9.35 13.54 -4.92
N THR J 189 -10.51 14.17 -4.80
CA THR J 189 -10.82 15.00 -3.63
C THR J 189 -11.64 14.19 -2.63
N THR J 190 -11.19 14.18 -1.37
CA THR J 190 -11.82 13.39 -0.32
C THR J 190 -11.84 14.26 0.93
N SER J 191 -12.76 13.95 1.85
CA SER J 191 -12.84 14.65 3.12
C SER J 191 -12.80 13.65 4.26
N ILE J 192 -11.96 13.91 5.26
CA ILE J 192 -11.88 13.10 6.46
C ILE J 192 -12.42 13.92 7.62
N THR J 193 -13.43 13.39 8.29
CA THR J 193 -13.99 13.99 9.49
C THR J 193 -13.48 13.21 10.70
N ILE J 194 -12.97 13.93 11.69
CA ILE J 194 -12.43 13.36 12.91
C ILE J 194 -13.28 13.86 14.07
N ASN J 195 -13.71 12.94 14.93
CA ASN J 195 -14.43 13.31 16.15
C ASN J 195 -13.76 12.75 17.40
N ASN J 196 -12.51 12.29 17.29
CA ASN J 196 -11.77 11.76 18.43
C ASN J 196 -10.36 12.35 18.38
N PHE J 197 -10.09 13.29 19.29
CA PHE J 197 -8.82 14.00 19.34
C PHE J 197 -8.07 13.75 20.64
N ASN J 198 -8.65 12.93 21.51
CA ASN J 198 -8.20 12.74 22.88
C ASN J 198 -7.19 11.62 23.04
N SER J 199 -6.65 11.07 21.95
CA SER J 199 -5.54 10.13 22.03
C SER J 199 -4.21 10.88 22.08
N ILE J 200 -3.18 10.19 22.58
CA ILE J 200 -1.84 10.75 22.70
C ILE J 200 -0.83 9.74 22.18
N THR J 201 0.23 10.24 21.55
CA THR J 201 1.38 9.46 21.05
C THR J 201 0.91 8.37 20.07
N GLY J 202 0.41 8.84 18.93
CA GLY J 202 -0.07 7.94 17.90
C GLY J 202 -1.15 8.58 17.05
N ASN J 203 -1.19 8.22 15.76
CA ASN J 203 -2.18 8.74 14.83
C ASN J 203 -3.28 7.70 14.68
N THR J 204 -4.33 7.84 15.48
CA THR J 204 -5.47 6.93 15.38
C THR J 204 -6.26 7.17 14.10
N VAL J 205 -6.16 8.37 13.52
CA VAL J 205 -6.72 8.67 12.21
C VAL J 205 -5.60 9.28 11.38
N SER J 206 -5.31 8.68 10.23
CA SER J 206 -4.26 9.13 9.35
C SER J 206 -4.80 9.22 7.93
N LEU J 207 -4.02 9.84 7.05
CA LEU J 207 -4.36 9.87 5.65
C LEU J 207 -4.30 8.47 5.07
N PRO J 208 -5.15 8.13 4.10
CA PRO J 208 -5.13 6.78 3.53
C PRO J 208 -3.81 6.45 2.84
N ARG J 209 -3.42 5.19 2.97
CA ARG J 209 -2.18 4.68 2.41
C ARG J 209 -2.17 4.67 0.89
N SER J 210 -3.35 4.59 0.26
CA SER J 210 -3.43 4.56 -1.20
C SER J 210 -4.60 5.41 -1.64
N CYS J 211 -4.64 5.70 -2.93
CA CYS J 211 -5.72 6.50 -3.49
C CYS J 211 -7.04 5.74 -3.44
N LEU J 212 -8.12 6.46 -3.14
CA LEU J 212 -9.44 5.86 -3.01
C LEU J 212 -10.27 5.96 -4.29
N SER J 213 -9.69 6.46 -5.39
CA SER J 213 -10.45 6.57 -6.63
C SER J 213 -10.69 5.20 -7.26
N THR J 214 -9.77 4.26 -7.06
CA THR J 214 -9.91 2.94 -7.68
C THR J 214 -10.99 2.12 -7.00
N ILE J 215 -11.02 2.12 -5.67
CA ILE J 215 -11.98 1.27 -4.95
C ILE J 215 -13.39 1.83 -5.07
N GLU J 216 -13.54 3.17 -5.11
CA GLU J 216 -14.86 3.76 -5.17
C GLU J 216 -15.55 3.51 -6.50
N SER J 217 -14.78 3.58 -7.59
CA SER J 217 -15.28 3.40 -8.96
C SER J 217 -16.42 4.38 -9.26
N GLU J 218 -16.20 5.65 -8.90
CA GLU J 218 -17.24 6.66 -9.08
C GLU J 218 -17.47 7.00 -10.55
N SER J 219 -16.42 6.94 -11.37
CA SER J 219 -16.52 7.26 -12.78
C SER J 219 -16.81 6.00 -13.59
N SER J 220 -17.75 6.11 -14.53
CA SER J 220 -18.11 4.99 -15.37
C SER J 220 -16.97 4.61 -16.33
N MET J 221 -16.26 5.60 -16.86
CA MET J 221 -15.15 5.32 -17.75
C MET J 221 -13.97 4.71 -17.00
N ALA J 222 -13.73 5.18 -15.77
CA ALA J 222 -12.65 4.72 -14.89
C ALA J 222 -11.29 4.89 -15.56
N ASN J 223 -10.94 6.14 -15.84
CA ASN J 223 -9.67 6.47 -16.48
C ASN J 223 -8.50 6.26 -15.53
N LYS J 233 -2.26 -0.30 -16.15
CA LYS J 233 -2.40 -0.16 -14.70
C LYS J 233 -1.85 1.19 -14.23
N LYS J 234 -2.68 1.98 -13.57
CA LYS J 234 -2.30 3.29 -13.07
C LYS J 234 -2.46 3.33 -11.56
N ASN J 235 -1.35 3.58 -10.86
CA ASN J 235 -1.34 3.68 -9.41
C ASN J 235 -0.78 5.04 -9.00
N CYS J 236 -1.40 5.63 -7.98
CA CYS J 236 -1.02 6.98 -7.57
C CYS J 236 0.17 6.98 -6.62
N GLY J 237 0.46 5.85 -5.97
CA GLY J 237 1.63 5.74 -5.13
C GLY J 237 1.29 5.63 -3.66
N PRO J 238 2.31 5.50 -2.82
CA PRO J 238 2.07 5.41 -1.37
C PRO J 238 1.92 6.78 -0.75
N ASP J 239 0.86 6.93 0.05
CA ASP J 239 0.44 8.17 0.71
C ASP J 239 0.35 9.32 -0.28
N PRO J 240 -0.57 9.27 -1.25
CA PRO J 240 -0.60 10.28 -2.31
C PRO J 240 -1.44 11.52 -2.01
N TYR J 241 -1.97 11.66 -0.80
CA TYR J 241 -2.88 12.75 -0.50
C TYR J 241 -2.16 13.87 0.23
N ILE J 242 -2.44 15.10 -0.19
CA ILE J 242 -1.98 16.29 0.50
C ILE J 242 -3.21 16.98 1.09
N ILE J 243 -3.00 17.71 2.18
CA ILE J 243 -4.09 18.38 2.87
C ILE J 243 -4.23 19.79 2.33
N ILE J 244 -5.42 20.13 1.85
CA ILE J 244 -5.74 21.50 1.45
C ILE J 244 -6.07 22.25 2.73
N HIS J 245 -5.13 23.08 3.18
CA HIS J 245 -5.24 23.69 4.50
C HIS J 245 -6.25 24.82 4.53
N GLU J 246 -6.45 25.51 3.41
CA GLU J 246 -7.41 26.61 3.33
C GLU J 246 -8.85 26.15 3.49
N SER J 247 -9.12 24.85 3.34
CA SER J 247 -10.47 24.31 3.49
C SER J 247 -10.56 23.26 4.59
N SER J 248 -9.57 23.20 5.48
CA SER J 248 -9.59 22.25 6.59
C SER J 248 -9.97 22.96 7.89
N LYS J 249 -10.50 22.19 8.83
CA LYS J 249 -10.95 22.70 10.11
C LYS J 249 -10.15 22.10 11.25
N PHE J 250 -9.88 22.90 12.27
CA PHE J 250 -9.00 22.51 13.36
C PHE J 250 -9.61 22.90 14.70
N ILE J 251 -9.18 22.21 15.75
CA ILE J 251 -9.52 22.53 17.13
C ILE J 251 -8.24 22.61 17.94
N ASP J 252 -8.37 23.14 19.16
CA ASP J 252 -7.24 23.28 20.06
C ASP J 252 -7.17 22.14 21.06
N GLN J 253 -5.94 21.77 21.42
CA GLN J 253 -5.68 20.70 22.36
C GLN J 253 -4.54 21.14 23.29
N GLN J 254 -4.65 20.75 24.55
CA GLN J 254 -3.70 21.19 25.57
C GLN J 254 -3.27 20.00 26.43
N PHE J 255 -2.00 20.02 26.83
CA PHE J 255 -1.46 19.05 27.78
C PHE J 255 -1.34 19.73 29.14
N LEU J 256 -1.88 19.07 30.16
CA LEU J 256 -1.74 19.49 31.54
C LEU J 256 -0.92 18.45 32.29
N LYS J 257 -0.25 18.88 33.34
CA LYS J 257 0.46 17.97 34.23
C LYS J 257 -0.17 18.09 35.61
N LEU J 258 -0.69 16.99 36.13
CA LEU J 258 -1.36 16.97 37.41
C LEU J 258 -0.51 16.21 38.42
N GLN J 259 -0.07 16.92 39.45
CA GLN J 259 0.66 16.34 40.56
C GLN J 259 -0.30 16.08 41.71
N GLU J 260 0.07 15.11 42.55
CA GLU J 260 -0.65 14.90 43.79
C GLU J 260 -0.40 16.07 44.74
N ILE J 261 -1.26 16.17 45.74
CA ILE J 261 -1.15 17.26 46.72
C ILE J 261 0.15 17.11 47.50
N PRO J 262 1.02 18.12 47.50
CA PRO J 262 2.29 18.02 48.24
C PRO J 262 2.11 17.97 49.75
N GLU J 263 0.93 18.28 50.26
CA GLU J 263 0.67 18.13 51.70
C GLU J 263 0.63 16.66 52.10
N LEU J 264 0.18 15.78 51.20
CA LEU J 264 0.07 14.35 51.49
C LEU J 264 1.01 13.61 50.54
N VAL J 265 2.28 13.56 50.92
CA VAL J 265 3.34 12.92 50.15
C VAL J 265 4.28 12.27 51.16
N PRO J 266 4.72 11.02 50.94
CA PRO J 266 5.72 10.42 51.84
C PRO J 266 7.02 11.20 51.83
N VAL J 267 7.72 11.15 52.97
CA VAL J 267 8.85 12.04 53.21
C VAL J 267 10.00 11.74 52.26
N GLY J 268 10.29 10.46 52.04
CA GLY J 268 11.43 10.08 51.21
C GLY J 268 11.10 9.71 49.79
N GLU J 269 9.92 10.06 49.28
CA GLU J 269 9.49 9.67 47.95
C GLU J 269 9.13 10.90 47.12
N MET J 270 9.55 10.89 45.86
CA MET J 270 9.20 11.97 44.94
C MET J 270 7.69 11.93 44.66
N PRO J 271 7.02 13.07 44.60
CA PRO J 271 5.59 13.09 44.25
C PRO J 271 5.35 12.60 42.84
N ARG J 272 4.23 11.92 42.65
CA ARG J 272 3.87 11.32 41.37
C ARG J 272 2.89 12.21 40.63
N ASN J 273 3.00 12.22 39.30
CA ASN J 273 2.18 13.09 38.47
C ASN J 273 1.72 12.34 37.23
N LEU J 274 0.74 12.94 36.55
CA LEU J 274 0.16 12.38 35.33
C LEU J 274 0.08 13.45 34.26
N THR J 275 0.15 12.99 33.01
CA THR J 275 -0.13 13.82 31.85
C THR J 275 -1.62 13.69 31.50
N MET J 276 -2.26 14.83 31.27
CA MET J 276 -3.66 14.87 30.89
C MET J 276 -3.79 15.64 29.58
N THR J 277 -4.74 15.21 28.76
CA THR J 277 -5.02 15.85 27.48
C THR J 277 -6.45 16.37 27.49
N CYS J 278 -6.61 17.66 27.25
CA CYS J 278 -7.92 18.28 27.12
C CYS J 278 -8.02 18.92 25.74
N ASP J 279 -9.26 19.11 25.28
CA ASP J 279 -9.49 19.64 23.95
C ASP J 279 -10.76 20.47 23.90
N ARG J 280 -10.87 21.27 22.83
CA ARG J 280 -12.03 22.10 22.51
C ARG J 280 -12.26 23.10 23.65
N TYR J 281 -13.42 23.11 24.28
CA TYR J 281 -13.75 24.11 25.29
C TYR J 281 -13.12 23.82 26.65
N LEU J 282 -12.48 22.67 26.82
CA LEU J 282 -11.76 22.36 28.04
C LEU J 282 -10.39 23.01 28.11
N THR J 283 -9.89 23.53 27.00
CA THR J 283 -8.57 24.17 26.98
C THR J 283 -8.65 25.57 27.56
N ASN J 284 -7.54 25.98 28.20
CA ASN J 284 -7.36 27.32 28.77
C ASN J 284 -8.37 27.62 29.87
N LYS J 285 -8.86 26.60 30.56
CA LYS J 285 -9.77 26.77 31.68
C LYS J 285 -9.04 26.88 33.02
N VAL J 286 -7.78 26.46 33.08
CA VAL J 286 -7.02 26.40 34.31
C VAL J 286 -5.65 27.01 34.09
N ILE J 287 -5.06 27.50 35.18
CA ILE J 287 -3.68 27.99 35.16
C ILE J 287 -2.88 27.08 36.09
N PRO J 288 -1.57 26.97 35.92
CA PRO J 288 -0.77 26.16 36.86
C PRO J 288 -0.85 26.70 38.28
N GLY J 289 -0.92 25.77 39.23
CA GLY J 289 -1.03 26.09 40.64
C GLY J 289 -2.40 25.89 41.24
N THR J 290 -3.44 25.82 40.41
CA THR J 290 -4.79 25.64 40.94
C THR J 290 -5.01 24.20 41.38
N ARG J 291 -5.88 24.04 42.38
CA ARG J 291 -6.23 22.73 42.89
C ARG J 291 -7.54 22.30 42.23
N VAL J 292 -7.50 21.16 41.54
CA VAL J 292 -8.62 20.75 40.71
C VAL J 292 -9.00 19.31 41.01
N THR J 293 -10.21 18.96 40.61
CA THR J 293 -10.66 17.58 40.50
C THR J 293 -10.98 17.32 39.04
N ILE J 294 -10.34 16.31 38.46
CA ILE J 294 -10.43 15.99 37.04
C ILE J 294 -11.28 14.73 36.89
N VAL J 295 -12.24 14.79 35.99
CA VAL J 295 -12.96 13.60 35.54
C VAL J 295 -12.35 13.21 34.21
N GLY J 296 -12.00 11.93 34.05
CA GLY J 296 -11.40 11.59 32.77
C GLY J 296 -11.22 10.10 32.60
N ILE J 297 -10.84 9.72 31.40
CA ILE J 297 -10.58 8.33 31.06
C ILE J 297 -9.10 8.03 31.34
N TYR J 298 -8.86 7.05 32.20
CA TYR J 298 -7.49 6.59 32.46
C TYR J 298 -7.05 5.67 31.33
N SER J 299 -6.11 6.13 30.50
CA SER J 299 -5.77 5.37 29.30
C SER J 299 -4.26 5.31 29.14
N ILE J 300 -3.86 4.86 27.95
CA ILE J 300 -2.57 4.20 27.71
C ILE J 300 -1.92 4.83 26.48
N TYR J 301 -0.62 5.12 26.56
CA TYR J 301 0.15 5.40 25.37
C TYR J 301 1.52 4.74 25.47
N ASN J 302 2.05 4.35 24.32
CA ASN J 302 3.34 3.68 24.22
C ASN J 302 4.40 4.71 23.82
N SER J 303 5.39 4.89 24.68
CA SER J 303 6.43 5.89 24.49
C SER J 303 7.74 5.18 24.15
N LYS J 304 8.32 5.51 22.99
CA LYS J 304 9.59 4.96 22.56
C LYS J 304 10.69 6.01 22.60
N SER J 319 13.14 -0.74 29.64
CA SER J 319 12.39 -0.73 30.89
C SER J 319 11.11 -1.55 30.77
N GLY J 320 11.27 -2.87 30.77
CA GLY J 320 10.13 -3.77 30.69
C GLY J 320 9.76 -4.12 29.26
N VAL J 321 9.25 -5.34 29.06
CA VAL J 321 8.95 -5.79 27.69
C VAL J 321 7.72 -5.09 27.13
N ALA J 322 6.64 -4.94 27.92
CA ALA J 322 5.42 -4.27 27.48
C ALA J 322 4.97 -3.33 28.58
N ILE J 323 5.56 -2.14 28.63
CA ILE J 323 5.25 -1.16 29.66
C ILE J 323 4.70 0.09 28.99
N ARG J 324 3.53 0.52 29.45
CA ARG J 324 2.81 1.63 28.84
C ARG J 324 2.71 2.79 29.82
N THR J 325 2.82 4.00 29.29
CA THR J 325 2.70 5.19 30.12
C THR J 325 1.23 5.57 30.24
N PRO J 326 0.70 5.73 31.45
CA PRO J 326 -0.70 6.15 31.62
C PRO J 326 -0.87 7.64 31.44
N TYR J 327 -2.11 8.02 31.10
CA TYR J 327 -2.47 9.41 30.94
C TYR J 327 -3.98 9.55 31.13
N ILE J 328 -4.43 10.79 31.23
CA ILE J 328 -5.81 11.11 31.57
C ILE J 328 -6.45 11.85 30.39
N LYS J 329 -7.53 11.28 29.87
CA LYS J 329 -8.30 11.81 28.75
C LYS J 329 -9.36 12.70 29.40
N ILE J 330 -9.12 14.01 29.47
CA ILE J 330 -9.96 14.87 30.31
C ILE J 330 -11.35 15.01 29.71
N LEU J 331 -12.37 14.77 30.53
CA LEU J 331 -13.76 15.03 30.16
C LEU J 331 -14.34 16.24 30.87
N GLY J 332 -13.87 16.58 32.06
CA GLY J 332 -14.38 17.72 32.79
C GLY J 332 -13.41 18.18 33.85
N ILE J 333 -13.47 19.48 34.18
CA ILE J 333 -12.59 20.08 35.17
C ILE J 333 -13.43 20.87 36.16
N GLN J 334 -13.29 20.55 37.45
CA GLN J 334 -13.74 21.38 38.55
C GLN J 334 -12.56 21.99 39.28
N SER J 335 -12.63 23.30 39.52
CA SER J 335 -11.65 24.01 40.31
C SER J 335 -12.21 24.22 41.70
N ASP J 336 -11.51 23.67 42.71
CA ASP J 336 -11.99 23.76 44.09
C ASP J 336 -11.97 25.20 44.59
N VAL J 337 -10.90 25.93 44.30
CA VAL J 337 -10.78 27.34 44.64
C VAL J 337 -10.35 28.11 43.40
N GLU J 338 -10.77 29.36 43.34
CA GLU J 338 -10.46 30.24 42.21
C GLU J 338 -9.52 31.34 42.66
N THR J 339 -8.41 31.49 41.94
CA THR J 339 -7.44 32.52 42.28
C THR J 339 -7.99 33.90 41.94
N SER J 340 -7.49 34.90 42.66
CA SER J 340 -7.93 36.28 42.49
C SER J 340 -6.90 37.05 41.68
N SER J 341 -7.34 37.64 40.57
CA SER J 341 -6.47 38.40 39.70
C SER J 341 -7.33 39.37 38.90
N ILE J 342 -6.68 40.18 38.06
CA ILE J 342 -7.40 41.14 37.24
C ILE J 342 -8.20 40.41 36.16
N TRP J 343 -7.59 39.41 35.51
CA TRP J 343 -8.27 38.71 34.44
C TRP J 343 -9.34 37.77 34.96
N ASN J 344 -9.17 37.24 36.17
CA ASN J 344 -10.16 36.38 36.80
C ASN J 344 -11.27 37.17 37.50
N SER J 345 -11.11 38.49 37.64
CA SER J 345 -12.14 39.30 38.25
C SER J 345 -13.33 39.46 37.32
N VAL J 346 -14.53 39.54 37.91
CA VAL J 346 -15.76 39.69 37.16
C VAL J 346 -16.36 41.06 37.46
N THR J 347 -16.76 41.76 36.41
CA THR J 347 -17.38 43.08 36.54
C THR J 347 -18.89 43.05 36.39
N MET J 348 -19.46 41.92 35.98
CA MET J 348 -20.92 41.82 35.85
C MET J 348 -21.56 41.66 37.21
N PHE J 349 -22.74 42.26 37.37
CA PHE J 349 -23.51 42.19 38.60
C PHE J 349 -24.94 41.81 38.28
N THR J 350 -25.55 41.06 39.19
CA THR J 350 -26.98 40.82 39.09
C THR J 350 -27.75 42.05 39.55
N GLU J 351 -29.00 42.15 39.12
CA GLU J 351 -29.83 43.30 39.50
C GLU J 351 -30.20 43.26 40.97
N GLU J 352 -30.41 42.06 41.53
CA GLU J 352 -30.75 41.96 42.93
C GLU J 352 -29.59 42.38 43.84
N GLU J 353 -28.37 41.93 43.53
CA GLU J 353 -27.22 42.31 44.32
C GLU J 353 -26.97 43.82 44.23
N GLU J 354 -27.23 44.39 43.06
CA GLU J 354 -27.24 45.85 42.93
C GLU J 354 -28.30 46.47 43.84
N GLU J 355 -29.45 45.81 44.01
CA GLU J 355 -30.49 46.37 44.86
C GLU J 355 -30.05 46.40 46.33
N GLU J 356 -29.48 45.30 46.85
CA GLU J 356 -28.98 45.41 48.23
C GLU J 356 -27.76 46.33 48.35
N PHE J 357 -26.98 46.49 47.29
CA PHE J 357 -25.85 47.41 47.41
C PHE J 357 -26.29 48.86 47.42
N LEU J 358 -27.37 49.20 46.71
CA LEU J 358 -27.98 50.51 46.92
C LEU J 358 -28.65 50.62 48.27
N GLN J 359 -29.26 49.53 48.77
CA GLN J 359 -29.92 49.58 50.07
C GLN J 359 -28.94 49.81 51.21
N LEU J 360 -27.73 49.27 51.10
CA LEU J 360 -26.72 49.51 52.14
C LEU J 360 -26.24 50.95 52.13
N SER J 361 -26.33 51.63 50.98
CA SER J 361 -25.82 52.99 50.85
C SER J 361 -26.66 54.01 51.60
N ARG J 362 -27.98 53.84 51.64
CA ARG J 362 -28.85 54.80 52.31
C ARG J 362 -28.84 54.68 53.82
N ASN J 363 -28.16 53.68 54.38
CA ASN J 363 -28.07 53.57 55.83
C ASN J 363 -27.22 54.71 56.38
N PRO J 364 -27.74 55.53 57.29
CA PRO J 364 -26.92 56.61 57.87
C PRO J 364 -25.79 56.12 58.74
N LYS J 365 -25.81 54.87 59.19
CA LYS J 365 -24.77 54.29 60.02
C LYS J 365 -23.95 53.28 59.24
N LEU J 366 -23.69 53.55 57.96
CA LEU J 366 -22.93 52.63 57.13
C LEU J 366 -21.46 52.60 57.57
N TYR J 367 -20.94 53.75 58.00
CA TYR J 367 -19.59 53.83 58.52
C TYR J 367 -19.42 52.97 59.77
N GLU J 368 -20.37 53.04 60.69
CA GLU J 368 -20.27 52.29 61.93
C GLU J 368 -20.36 50.78 61.69
N ILE J 369 -21.27 50.36 60.81
CA ILE J 369 -21.41 48.93 60.57
C ILE J 369 -20.21 48.39 59.78
N LEU J 370 -19.62 49.21 58.90
CA LEU J 370 -18.44 48.73 58.18
C LEU J 370 -17.21 48.70 59.09
N THR J 371 -17.12 49.61 60.05
CA THR J 371 -15.99 49.57 60.98
C THR J 371 -16.14 48.43 61.97
N ASN J 372 -17.36 48.16 62.42
CA ASN J 372 -17.59 47.00 63.28
C ASN J 372 -17.42 45.69 62.52
N SER J 373 -17.63 45.72 61.21
CA SER J 373 -17.40 44.55 60.39
C SER J 373 -15.91 44.28 60.15
N ILE J 374 -15.06 45.27 60.35
CA ILE J 374 -13.62 45.09 60.18
C ILE J 374 -13.08 44.45 61.44
N ALA J 375 -12.68 43.17 61.34
CA ALA J 375 -12.07 42.35 62.40
C ALA J 375 -12.89 42.41 63.68
N PRO J 376 -14.07 41.77 63.73
CA PRO J 376 -14.89 41.83 64.94
C PRO J 376 -14.26 41.16 66.15
N SER J 377 -13.31 40.25 65.95
CA SER J 377 -12.66 39.56 67.05
C SER J 377 -11.37 40.23 67.49
N ILE J 378 -11.20 41.52 67.18
CA ILE J 378 -10.09 42.31 67.66
C ILE J 378 -10.65 43.43 68.52
N PHE J 379 -10.16 43.52 69.75
CA PHE J 379 -10.64 44.53 70.69
C PHE J 379 -9.88 45.83 70.48
N GLY J 380 -10.62 46.94 70.45
CA GLY J 380 -10.01 48.25 70.31
C GLY J 380 -9.60 48.54 68.87
N ASN J 381 -8.74 49.56 68.74
CA ASN J 381 -8.16 50.00 67.47
C ASN J 381 -9.25 50.42 66.47
N GLU J 382 -10.21 51.21 66.94
CA GLU J 382 -11.31 51.64 66.09
C GLU J 382 -10.85 52.61 65.00
N ASP J 383 -9.93 53.53 65.33
CA ASP J 383 -9.40 54.44 64.33
C ASP J 383 -8.61 53.70 63.27
N ILE J 384 -7.89 52.65 63.68
CA ILE J 384 -7.18 51.81 62.71
C ILE J 384 -8.18 51.11 61.79
N LYS J 385 -9.33 50.68 62.34
CA LYS J 385 -10.35 50.05 61.51
C LYS J 385 -10.96 51.04 60.53
N LYS J 386 -11.15 52.29 60.96
CA LYS J 386 -11.61 53.33 60.04
C LYS J 386 -10.62 53.56 58.91
N ALA J 387 -9.32 53.56 59.26
CA ALA J 387 -8.28 53.65 58.24
C ALA J 387 -8.31 52.44 57.30
N ILE J 388 -8.62 51.26 57.84
CA ILE J 388 -8.75 50.07 57.01
C ILE J 388 -9.89 50.22 56.02
N VAL J 389 -11.03 50.74 56.47
CA VAL J 389 -12.16 50.97 55.58
C VAL J 389 -11.80 51.97 54.48
N CYS J 390 -11.12 53.06 54.86
CA CYS J 390 -10.68 54.04 53.86
C CYS J 390 -9.68 53.45 52.88
N LEU J 391 -8.77 52.60 53.37
CA LEU J 391 -7.81 51.93 52.49
C LEU J 391 -8.49 50.99 51.52
N LEU J 392 -9.49 50.24 52.01
CA LEU J 392 -10.20 49.30 51.15
C LEU J 392 -11.00 50.01 50.08
N MET J 393 -11.64 51.12 50.42
CA MET J 393 -12.36 51.88 49.40
C MET J 393 -11.41 52.66 48.50
N GLY J 394 -10.42 53.35 49.08
CA GLY J 394 -9.49 54.12 48.29
C GLY J 394 -10.10 55.41 47.73
N GLY J 395 -9.23 56.21 47.12
CA GLY J 395 -9.68 57.46 46.52
C GLY J 395 -9.90 57.32 45.04
N SER J 396 -10.07 58.44 44.34
CA SER J 396 -10.34 58.42 42.91
C SER J 396 -9.04 58.68 42.14
N LYS J 397 -8.72 57.80 41.21
CA LYS J 397 -7.62 57.99 40.29
C LYS J 397 -7.93 59.08 39.29
N LYS J 398 -6.89 59.62 38.66
CA LYS J 398 -7.04 60.66 37.67
C LYS J 398 -6.33 60.28 36.38
N ILE J 399 -6.75 60.93 35.29
CA ILE J 399 -5.97 61.02 34.06
C ILE J 399 -6.02 62.49 33.65
N LEU J 400 -4.93 63.20 33.88
CA LEU J 400 -4.84 64.62 33.58
C LEU J 400 -4.48 64.86 32.13
N PRO J 401 -4.80 66.03 31.58
CA PRO J 401 -4.47 66.30 30.16
C PRO J 401 -2.98 66.28 29.85
N ASP J 402 -2.12 66.55 30.82
CA ASP J 402 -0.68 66.52 30.56
C ASP J 402 -0.11 65.11 30.60
N GLY J 403 -0.94 64.10 30.86
CA GLY J 403 -0.49 62.73 30.96
C GLY J 403 -0.07 62.32 32.36
N MET J 404 -0.17 63.22 33.32
CA MET J 404 0.32 62.96 34.67
C MET J 404 -0.78 62.36 35.52
N ARG J 405 -0.46 61.27 36.22
CA ARG J 405 -1.46 60.48 36.92
C ARG J 405 -1.28 60.61 38.42
N LEU J 406 -2.38 60.90 39.11
CA LEU J 406 -2.39 60.96 40.57
C LEU J 406 -3.24 59.82 41.12
N ARG J 407 -2.68 59.10 42.07
CA ARG J 407 -3.25 57.85 42.57
C ARG J 407 -4.39 58.13 43.54
N GLY J 408 -5.24 57.12 43.71
CA GLY J 408 -6.30 57.15 44.70
C GLY J 408 -6.07 56.16 45.80
N ASP J 409 -5.07 55.29 45.62
CA ASP J 409 -4.79 54.26 46.60
C ASP J 409 -4.14 54.85 47.84
N ILE J 410 -4.55 54.34 49.00
CA ILE J 410 -4.12 54.86 50.29
C ILE J 410 -3.21 53.83 50.95
N ASN J 411 -2.08 54.32 51.48
CA ASN J 411 -1.11 53.47 52.16
C ASN J 411 -1.14 53.77 53.65
N VAL J 412 -1.28 52.72 54.47
CA VAL J 412 -1.39 52.86 55.91
C VAL J 412 -0.33 51.98 56.56
N LEU J 413 0.47 52.57 57.44
CA LEU J 413 1.48 51.87 58.21
C LEU J 413 1.02 51.71 59.65
N LEU J 414 1.28 50.54 60.24
CA LEU J 414 0.93 50.26 61.63
C LEU J 414 2.20 49.80 62.34
N LEU J 415 2.85 50.69 63.08
CA LEU J 415 4.01 50.33 63.87
C LEU J 415 3.72 50.48 65.34
N GLY J 416 4.23 49.55 66.13
CA GLY J 416 3.94 49.53 67.56
C GLY J 416 4.49 48.28 68.19
N ASP J 417 4.17 48.13 69.48
CA ASP J 417 4.71 47.05 70.27
C ASP J 417 4.18 45.70 69.78
N PRO J 418 4.94 44.62 70.00
CA PRO J 418 4.46 43.29 69.61
C PRO J 418 3.23 42.88 70.39
N GLY J 419 2.41 42.04 69.77
CA GLY J 419 1.21 41.54 70.43
C GLY J 419 0.04 42.50 70.42
N THR J 420 -0.06 43.37 69.42
CA THR J 420 -1.13 44.36 69.34
C THR J 420 -2.03 44.14 68.12
N ALA J 421 -2.06 42.92 67.59
CA ALA J 421 -2.98 42.50 66.53
C ALA J 421 -2.80 43.29 65.23
N LYS J 422 -1.59 43.77 64.96
CA LYS J 422 -1.34 44.39 63.65
C LYS J 422 -1.36 43.34 62.55
N SER J 423 -0.69 42.21 62.78
CA SER J 423 -0.67 41.14 61.81
C SER J 423 -2.05 40.53 61.61
N GLN J 424 -2.87 40.48 62.66
CA GLN J 424 -4.21 39.94 62.52
C GLN J 424 -5.10 40.85 61.67
N LEU J 425 -4.96 42.16 61.84
CA LEU J 425 -5.64 43.09 60.96
C LEU J 425 -5.16 42.96 59.53
N LEU J 426 -3.85 42.73 59.35
CA LEU J 426 -3.31 42.48 58.01
C LEU J 426 -3.92 41.22 57.38
N LYS J 427 -4.04 40.15 58.16
CA LYS J 427 -4.64 38.91 57.66
C LYS J 427 -6.11 39.12 57.33
N PHE J 428 -6.83 39.88 58.15
CA PHE J 428 -8.23 40.16 57.84
C PHE J 428 -8.37 40.97 56.56
N VAL J 429 -7.47 41.95 56.34
CA VAL J 429 -7.51 42.72 55.11
C VAL J 429 -7.19 41.83 53.92
N GLU J 430 -6.28 40.87 54.10
CA GLU J 430 -6.03 39.88 53.05
C GLU J 430 -7.27 39.06 52.74
N LYS J 431 -8.05 38.72 53.78
CA LYS J 431 -9.25 37.91 53.57
C LYS J 431 -10.41 38.71 52.99
N VAL J 432 -10.51 40.00 53.27
CA VAL J 432 -11.72 40.74 52.90
C VAL J 432 -11.62 41.45 51.55
N SER J 433 -10.44 41.90 51.15
CA SER J 433 -10.35 42.57 49.86
C SER J 433 -10.39 41.55 48.73
N PRO J 434 -11.00 41.92 47.59
CA PRO J 434 -11.13 40.95 46.48
C PRO J 434 -9.80 40.46 45.94
N ILE J 435 -8.78 41.30 45.88
CA ILE J 435 -7.45 40.91 45.48
C ILE J 435 -6.50 41.33 46.60
N ALA J 436 -5.70 40.40 47.09
CA ALA J 436 -4.77 40.71 48.17
C ALA J 436 -3.64 39.70 48.17
N VAL J 437 -2.44 40.18 48.48
CA VAL J 437 -1.28 39.31 48.67
C VAL J 437 -0.65 39.64 50.01
N TYR J 438 -0.46 38.62 50.83
CA TYR J 438 0.13 38.75 52.15
C TYR J 438 1.58 38.28 52.08
N THR J 439 2.51 39.20 52.35
CA THR J 439 3.93 38.89 52.30
C THR J 439 4.64 39.51 53.48
N SER J 440 5.87 39.08 53.69
CA SER J 440 6.77 39.72 54.63
C SER J 440 7.54 40.82 53.90
N GLY J 441 8.41 41.51 54.64
CA GLY J 441 9.29 42.48 54.02
C GLY J 441 10.29 41.84 53.09
N LYS J 442 10.74 40.63 53.41
CA LYS J 442 11.67 39.88 52.59
C LYS J 442 10.97 39.02 51.55
N GLY J 443 9.69 39.25 51.30
CA GLY J 443 8.95 38.46 50.35
C GLY J 443 8.26 37.28 50.99
N SER J 444 8.16 36.18 50.26
CA SER J 444 7.51 34.97 50.73
C SER J 444 8.54 33.83 50.80
N SER J 445 8.04 32.62 51.07
CA SER J 445 8.91 31.45 51.14
C SER J 445 9.58 31.18 49.80
N ALA J 446 8.80 31.20 48.73
CA ALA J 446 9.36 31.05 47.38
C ALA J 446 8.71 31.99 46.39
N ALA J 447 8.01 33.01 46.85
CA ALA J 447 7.43 34.04 45.99
C ALA J 447 8.11 35.37 46.33
N GLY J 448 8.54 36.08 45.31
CA GLY J 448 9.23 37.33 45.54
C GLY J 448 8.30 38.47 45.86
N LEU J 449 8.89 39.58 46.26
CA LEU J 449 8.20 40.85 46.37
C LEU J 449 8.46 41.67 45.11
N THR J 450 7.68 42.75 44.95
CA THR J 450 7.81 43.73 43.86
C THR J 450 7.59 43.02 42.53
N ALA J 451 8.60 42.89 41.67
CA ALA J 451 8.43 42.23 40.38
C ALA J 451 9.69 41.45 40.05
N SER J 452 9.52 40.18 39.67
CA SER J 452 10.64 39.30 39.34
C SER J 452 10.55 38.90 37.88
N VAL J 453 11.60 39.19 37.13
CA VAL J 453 11.69 38.85 35.71
C VAL J 453 12.79 37.82 35.54
N GLN J 454 12.41 36.61 35.17
CA GLN J 454 13.34 35.52 34.92
C GLN J 454 13.14 35.00 33.51
N ARG J 455 14.03 34.11 33.11
CA ARG J 455 14.01 33.54 31.77
C ARG J 455 13.00 32.41 31.72
N ASP J 456 12.43 32.17 30.54
CA ASP J 456 11.43 31.12 30.38
C ASP J 456 12.09 29.76 30.61
N PRO J 457 11.55 28.92 31.50
CA PRO J 457 12.15 27.60 31.72
C PRO J 457 12.15 26.69 30.50
N MET J 458 11.29 26.93 29.51
CA MET J 458 11.26 26.09 28.32
C MET J 458 11.85 26.76 27.08
N THR J 459 11.81 28.09 26.98
CA THR J 459 12.27 28.77 25.78
C THR J 459 13.33 29.84 26.03
N ARG J 460 13.75 30.05 27.29
CA ARG J 460 14.76 31.06 27.65
C ARG J 460 14.38 32.45 27.17
N GLU J 461 13.15 32.86 27.42
CA GLU J 461 12.68 34.20 27.09
C GLU J 461 12.23 34.91 28.36
N PHE J 462 12.45 36.22 28.39
CA PHE J 462 12.13 37.01 29.58
C PHE J 462 10.62 37.03 29.82
N TYR J 463 10.24 36.78 31.06
CA TYR J 463 8.85 36.85 31.47
C TYR J 463 8.79 37.21 32.94
N LEU J 464 7.68 37.82 33.34
CA LEU J 464 7.46 38.23 34.72
C LEU J 464 6.94 37.03 35.50
N GLU J 465 7.75 36.53 36.43
CA GLU J 465 7.35 35.34 37.17
C GLU J 465 6.33 35.66 38.24
N GLY J 466 6.61 36.66 39.07
CA GLY J 466 5.69 36.98 40.14
C GLY J 466 6.14 38.22 40.88
N GLY J 467 5.63 38.34 42.09
CA GLY J 467 5.87 39.50 42.94
C GLY J 467 4.54 39.89 43.53
N ALA J 468 4.58 40.30 44.80
CA ALA J 468 3.35 40.68 45.49
C ALA J 468 2.72 41.91 44.88
N MET J 469 3.54 42.89 44.49
CA MET J 469 3.06 44.17 44.01
C MET J 469 2.46 44.11 42.62
N VAL J 470 2.67 43.02 41.89
CA VAL J 470 2.08 42.89 40.56
C VAL J 470 0.93 41.90 40.57
N LEU J 471 1.04 40.81 41.31
CA LEU J 471 -0.06 39.85 41.43
C LEU J 471 -1.25 40.44 42.18
N ALA J 472 -1.02 41.48 42.97
CA ALA J 472 -2.09 42.16 43.68
C ALA J 472 -2.49 43.48 43.05
N ASP J 473 -2.32 43.62 41.73
CA ASP J 473 -2.73 44.84 41.05
C ASP J 473 -4.24 45.00 41.13
N GLY J 474 -4.67 46.21 41.50
CA GLY J 474 -6.07 46.42 41.80
C GLY J 474 -6.52 45.86 43.13
N GLY J 475 -5.62 45.73 44.09
CA GLY J 475 -5.93 45.15 45.38
C GLY J 475 -5.08 45.70 46.49
N VAL J 476 -4.77 44.86 47.47
CA VAL J 476 -4.02 45.25 48.67
C VAL J 476 -2.85 44.30 48.84
N VAL J 477 -1.68 44.86 49.17
CA VAL J 477 -0.51 44.09 49.58
C VAL J 477 -0.30 44.33 51.07
N CYS J 478 -0.31 43.25 51.85
CA CYS J 478 -0.15 43.33 53.29
C CYS J 478 1.23 42.83 53.66
N ILE J 479 2.09 43.72 54.15
CA ILE J 479 3.49 43.44 54.40
C ILE J 479 3.76 43.42 55.90
N ASP J 480 4.08 42.25 56.44
CA ASP J 480 4.79 42.18 57.71
C ASP J 480 6.24 42.57 57.53
N GLU J 481 6.86 42.99 58.64
CA GLU J 481 8.30 43.23 58.74
C GLU J 481 8.77 44.19 57.65
N PHE J 482 8.03 45.28 57.51
CA PHE J 482 8.34 46.31 56.53
C PHE J 482 9.69 46.97 56.80
N ASP J 483 10.17 46.92 58.04
CA ASP J 483 11.50 47.45 58.35
C ASP J 483 12.60 46.54 57.81
N LYS J 484 12.37 45.23 57.80
CA LYS J 484 13.34 44.27 57.26
C LYS J 484 13.02 44.04 55.79
N MET J 485 13.78 44.71 54.91
CA MET J 485 13.52 44.63 53.49
C MET J 485 14.81 44.92 52.73
N ARG J 486 14.98 44.24 51.60
CA ARG J 486 16.14 44.45 50.76
C ARG J 486 16.09 45.81 50.08
N ASP J 487 17.25 46.24 49.56
CA ASP J 487 17.35 47.59 48.99
C ASP J 487 16.59 47.71 47.68
N GLU J 488 16.80 46.73 46.76
CA GLU J 488 16.08 46.74 45.49
C GLU J 488 14.58 46.61 45.70
N ASP J 489 14.19 45.74 46.64
CA ASP J 489 12.79 45.66 47.04
C ASP J 489 12.29 47.01 47.55
N ARG J 490 13.09 47.69 48.37
CA ARG J 490 12.67 48.97 48.96
C ARG J 490 12.43 50.03 47.89
N VAL J 491 13.34 50.12 46.91
CA VAL J 491 13.17 51.14 45.88
C VAL J 491 11.99 50.83 44.97
N ALA J 492 11.76 49.55 44.65
CA ALA J 492 10.58 49.21 43.86
C ALA J 492 9.30 49.46 44.65
N ILE J 493 9.33 49.22 45.97
CA ILE J 493 8.19 49.51 46.84
C ILE J 493 7.87 50.99 46.82
N HIS J 494 8.89 51.85 46.89
CA HIS J 494 8.65 53.29 46.83
C HIS J 494 8.02 53.69 45.50
N GLU J 495 8.60 53.22 44.39
CA GLU J 495 8.10 53.57 43.07
C GLU J 495 6.67 53.07 42.85
N ALA J 496 6.36 51.90 43.40
CA ALA J 496 5.00 51.38 43.28
C ALA J 496 4.04 52.04 44.26
N MET J 497 4.56 52.65 45.34
CA MET J 497 3.68 53.37 46.25
C MET J 497 3.20 54.67 45.65
N GLU J 498 4.11 55.53 45.17
CA GLU J 498 3.56 56.69 44.47
C GLU J 498 3.16 56.42 43.03
N GLN J 499 4.09 56.00 42.19
CA GLN J 499 3.77 56.03 40.77
C GLN J 499 2.94 54.84 40.33
N GLN J 500 2.66 53.90 41.24
CA GLN J 500 1.76 52.77 41.03
C GLN J 500 2.24 51.88 39.89
N THR J 501 3.52 51.96 39.58
CA THR J 501 4.13 51.20 38.50
C THR J 501 5.51 50.74 38.93
N ILE J 502 5.98 49.68 38.26
CA ILE J 502 7.31 49.13 38.46
C ILE J 502 8.04 49.24 37.13
N SER J 503 9.20 49.89 37.15
CA SER J 503 10.02 50.08 35.97
C SER J 503 11.14 49.04 35.98
N ILE J 504 11.16 48.19 34.96
CA ILE J 504 12.12 47.11 34.85
C ILE J 504 12.97 47.35 33.63
N ALA J 505 14.28 47.46 33.84
CA ALA J 505 15.25 47.70 32.77
C ALA J 505 16.39 46.70 32.96
N LYS J 506 16.23 45.53 32.37
CA LYS J 506 17.26 44.50 32.39
C LYS J 506 17.97 44.47 31.04
N ALA J 507 18.81 43.46 30.84
CA ALA J 507 19.61 43.38 29.62
C ALA J 507 18.76 43.06 28.40
N GLY J 508 17.64 42.38 28.58
CA GLY J 508 16.83 42.00 27.44
C GLY J 508 15.53 42.76 27.29
N ILE J 509 14.85 43.03 28.40
CA ILE J 509 13.50 43.59 28.37
C ILE J 509 13.48 44.88 29.17
N THR J 510 12.78 45.88 28.64
CA THR J 510 12.51 47.13 29.33
C THR J 510 11.02 47.40 29.28
N THR J 511 10.42 47.66 30.44
CA THR J 511 8.99 47.91 30.50
C THR J 511 8.67 48.70 31.75
N VAL J 512 7.48 49.30 31.73
CA VAL J 512 6.87 49.90 32.91
C VAL J 512 5.53 49.22 33.08
N LEU J 513 5.38 48.47 34.17
CA LEU J 513 4.20 47.65 34.37
C LEU J 513 3.38 48.15 35.54
N ASN J 514 2.06 48.03 35.40
CA ASN J 514 1.15 48.61 36.38
C ASN J 514 1.16 47.81 37.66
N SER J 515 1.32 48.50 38.79
CA SER J 515 1.29 47.93 40.12
C SER J 515 0.31 48.70 40.98
N ARG J 516 -0.90 48.89 40.46
CA ARG J 516 -1.90 49.72 41.10
C ARG J 516 -2.50 49.03 42.32
N THR J 517 -1.89 49.19 43.48
CA THR J 517 -2.33 48.52 44.69
C THR J 517 -2.05 49.38 45.92
N SER J 518 -2.86 49.18 46.95
CA SER J 518 -2.65 49.83 48.23
C SER J 518 -1.76 48.97 49.11
N VAL J 519 -0.85 49.62 49.83
CA VAL J 519 0.12 48.93 50.67
C VAL J 519 -0.26 49.15 52.13
N LEU J 520 -0.55 48.07 52.83
CA LEU J 520 -0.79 48.08 54.27
C LEU J 520 0.39 47.37 54.92
N ALA J 521 1.20 48.12 55.66
CA ALA J 521 2.45 47.61 56.20
C ALA J 521 2.45 47.66 57.72
N ALA J 522 3.14 46.72 58.32
CA ALA J 522 3.35 46.69 59.76
C ALA J 522 4.83 46.56 60.07
N ALA J 523 5.29 47.31 61.06
CA ALA J 523 6.69 47.31 61.44
C ALA J 523 6.80 47.27 62.95
N ASN J 524 7.94 46.80 63.44
CA ASN J 524 8.23 46.73 64.86
C ASN J 524 9.37 47.69 65.18
N PRO J 525 9.26 48.50 66.23
CA PRO J 525 10.37 49.39 66.60
C PRO J 525 11.55 48.60 67.14
N ILE J 526 12.73 49.23 67.07
CA ILE J 526 13.93 48.61 67.60
C ILE J 526 13.88 48.58 69.12
N TYR J 527 14.77 47.77 69.71
CA TYR J 527 14.88 47.56 71.15
C TYR J 527 13.55 47.07 71.75
N GLY J 528 12.86 46.21 71.01
CA GLY J 528 11.62 45.64 71.50
C GLY J 528 10.46 46.63 71.51
N ARG J 529 10.07 47.06 72.71
CA ARG J 529 8.94 47.96 72.85
C ARG J 529 9.29 49.36 72.33
N TYR J 530 8.25 50.12 72.04
CA TYR J 530 8.42 51.52 71.67
C TYR J 530 8.87 52.33 72.88
N ASP J 531 9.79 53.27 72.64
CA ASP J 531 10.34 54.11 73.70
C ASP J 531 9.76 55.51 73.58
N ASP J 532 9.18 56.01 74.68
CA ASP J 532 8.60 57.35 74.66
C ASP J 532 9.67 58.43 74.64
N LEU J 533 10.84 58.15 75.23
CA LEU J 533 11.93 59.12 75.21
C LEU J 533 12.50 59.28 73.81
N LYS J 534 12.58 58.19 73.05
CA LYS J 534 13.13 58.24 71.71
C LYS J 534 12.13 58.84 70.72
N SER J 535 12.67 59.38 69.64
CA SER J 535 11.85 59.93 68.57
C SER J 535 11.17 58.80 67.80
N PRO J 536 10.03 59.07 67.14
CA PRO J 536 9.44 58.07 66.24
C PRO J 536 10.36 57.62 65.12
N GLY J 537 11.20 58.52 64.60
CA GLY J 537 12.20 58.14 63.62
C GLY J 537 13.43 57.51 64.21
N ASP J 538 13.56 57.51 65.54
CA ASP J 538 14.64 56.78 66.18
C ASP J 538 14.28 55.32 66.39
N ASN J 539 12.98 55.02 66.52
CA ASN J 539 12.53 53.66 66.75
C ASN J 539 12.57 52.81 65.48
N ILE J 540 12.44 53.43 64.31
CA ILE J 540 12.38 52.71 63.05
C ILE J 540 13.77 52.19 62.70
N ASP J 541 13.82 51.01 62.09
CA ASP J 541 15.06 50.51 61.51
C ASP J 541 15.12 50.77 60.01
N PHE J 542 14.86 52.02 59.61
CA PHE J 542 14.95 52.43 58.21
C PHE J 542 14.99 53.96 58.15
N GLN J 543 14.87 54.50 56.94
CA GLN J 543 14.97 55.93 56.73
C GLN J 543 13.69 56.65 57.17
N THR J 544 13.85 57.90 57.59
CA THR J 544 12.72 58.68 58.07
C THR J 544 11.81 59.15 56.94
N THR J 545 12.32 59.21 55.70
CA THR J 545 11.49 59.60 54.57
C THR J 545 10.45 58.55 54.23
N ILE J 546 10.67 57.30 54.64
CA ILE J 546 9.72 56.24 54.39
C ILE J 546 8.44 56.44 55.20
N LEU J 547 8.49 57.23 56.27
CA LEU J 547 7.26 57.65 56.94
C LEU J 547 6.47 58.63 56.09
N SER J 548 7.15 59.60 55.47
CA SER J 548 6.48 60.50 54.53
C SER J 548 6.01 59.78 53.29
N ARG J 549 6.60 58.62 53.00
CA ARG J 549 6.25 57.79 51.86
C ARG J 549 4.82 57.24 51.97
N PHE J 550 4.29 57.16 53.19
CA PHE J 550 2.97 56.62 53.49
C PHE J 550 1.92 57.72 53.59
N ASP J 551 0.65 57.32 53.53
CA ASP J 551 -0.44 58.27 53.71
C ASP J 551 -0.85 58.40 55.17
N MET J 552 -1.09 57.28 55.85
CA MET J 552 -1.46 57.29 57.26
C MET J 552 -0.47 56.44 58.05
N ILE J 553 -0.11 56.90 59.24
CA ILE J 553 0.83 56.23 60.13
C ILE J 553 0.14 56.02 61.46
N PHE J 554 0.31 54.83 62.05
CA PHE J 554 -0.31 54.55 63.34
C PHE J 554 0.74 54.03 64.32
N ILE J 555 0.89 54.74 65.43
CA ILE J 555 1.69 54.30 66.56
C ILE J 555 0.75 53.57 67.50
N VAL J 556 0.93 52.27 67.65
CA VAL J 556 0.11 51.46 68.55
C VAL J 556 0.88 51.26 69.85
N LYS J 557 0.26 51.63 70.96
CA LYS J 557 0.92 51.67 72.26
C LYS J 557 0.39 50.59 73.19
N ASP J 558 1.25 50.14 74.10
CA ASP J 558 0.86 49.31 75.22
C ASP J 558 0.87 50.20 76.45
N ASP J 559 -0.25 50.87 76.70
CA ASP J 559 -0.34 51.85 77.77
C ASP J 559 -0.41 51.21 79.16
N HIS J 560 -0.55 49.88 79.22
CA HIS J 560 -0.36 49.10 80.45
C HIS J 560 -1.34 49.48 81.55
N ASN J 561 -2.62 49.30 81.27
CA ASN J 561 -3.69 49.55 82.24
C ASN J 561 -4.37 48.25 82.60
N GLU J 562 -4.74 48.11 83.87
CA GLU J 562 -5.40 46.88 84.32
C GLU J 562 -6.83 46.79 83.84
N GLU J 563 -7.56 47.91 83.86
CA GLU J 563 -8.94 47.92 83.42
C GLU J 563 -9.08 47.61 81.93
N ARG J 564 -8.01 47.76 81.15
CA ARG J 564 -8.03 47.44 79.74
C ARG J 564 -7.63 46.00 79.46
N ASP J 565 -6.59 45.48 80.12
CA ASP J 565 -6.19 44.11 79.80
C ASP J 565 -7.08 43.07 80.48
N ILE J 566 -7.85 43.44 81.51
CA ILE J 566 -8.97 42.58 81.90
C ILE J 566 -9.95 42.41 80.75
N SER J 567 -10.31 43.52 80.09
CA SER J 567 -11.23 43.45 78.96
C SER J 567 -10.62 42.67 77.80
N ILE J 568 -9.33 42.86 77.55
CA ILE J 568 -8.65 42.15 76.48
C ILE J 568 -8.63 40.64 76.75
N ALA J 569 -8.28 40.25 77.98
CA ALA J 569 -8.24 38.84 78.34
C ALA J 569 -9.63 38.22 78.28
N ASN J 570 -10.66 38.94 78.74
CA ASN J 570 -12.03 38.44 78.67
C ASN J 570 -12.46 38.27 77.21
N HIS J 571 -12.10 39.23 76.36
CA HIS J 571 -12.45 39.14 74.94
C HIS J 571 -11.79 37.93 74.29
N VAL J 572 -10.52 37.68 74.59
CA VAL J 572 -9.83 36.53 74.01
C VAL J 572 -10.39 35.22 74.55
N ILE J 573 -10.74 35.19 75.83
CA ILE J 573 -11.37 34.00 76.42
C ILE J 573 -12.72 33.73 75.77
N ASN J 574 -13.49 34.78 75.49
CA ASN J 574 -14.77 34.59 74.80
C ASN J 574 -14.58 34.14 73.35
N ILE J 575 -13.50 34.59 72.69
CA ILE J 575 -13.20 34.10 71.35
C ILE J 575 -12.90 32.60 71.40
N HIS J 576 -12.09 32.17 72.35
CA HIS J 576 -11.74 30.76 72.45
C HIS J 576 -12.92 29.92 72.95
N THR J 577 -13.87 30.53 73.66
CA THR J 577 -15.00 29.78 74.20
C THR J 577 -15.99 29.41 73.12
N GLY J 578 -16.28 30.34 72.22
CA GLY J 578 -17.37 30.21 71.27
C GLY J 578 -18.45 31.26 71.43
N ASN J 579 -18.32 32.14 72.43
CA ASN J 579 -19.30 33.21 72.62
C ASN J 579 -19.14 34.30 71.58
N ALA J 580 -17.90 34.56 71.14
CA ALA J 580 -17.65 35.59 70.13
C ALA J 580 -18.29 35.22 68.79
N ASN J 581 -18.22 33.95 68.41
CA ASN J 581 -18.83 33.51 67.17
C ASN J 581 -20.35 33.69 67.19
N ALA J 582 -20.98 33.31 68.31
CA ALA J 582 -22.43 33.48 68.44
C ALA J 582 -22.81 34.95 68.46
N MET J 583 -22.02 35.79 69.14
CA MET J 583 -22.30 37.21 69.17
C MET J 583 -22.16 37.84 67.79
N GLN J 584 -21.16 37.42 67.02
CA GLN J 584 -20.98 37.93 65.67
C GLN J 584 -22.10 37.47 64.75
N ASN J 585 -22.55 36.22 64.91
CA ASN J 585 -23.67 35.73 64.12
C ASN J 585 -24.96 36.49 64.45
N GLN J 586 -25.19 36.77 65.73
CA GLN J 586 -26.35 37.55 66.13
C GLN J 586 -26.27 38.98 65.60
N GLN J 587 -25.07 39.57 65.61
CA GLN J 587 -24.90 40.92 65.09
C GLN J 587 -25.10 40.96 63.57
N GLU J 588 -24.67 39.92 62.87
CA GLU J 588 -24.91 39.83 61.43
C GLU J 588 -26.39 39.66 61.13
N GLU J 589 -27.09 38.88 61.95
CA GLU J 589 -28.54 38.71 61.78
C GLU J 589 -29.28 40.02 62.07
N ASN J 590 -28.82 40.78 63.07
CA ASN J 590 -29.43 42.07 63.36
C ASN J 590 -29.22 43.05 62.21
N GLY J 591 -28.03 43.06 61.62
CA GLY J 591 -27.71 43.96 60.54
C GLY J 591 -26.66 45.00 60.86
N SER J 592 -26.16 45.04 62.09
CA SER J 592 -25.10 45.98 62.44
C SER J 592 -23.71 45.50 62.02
N GLU J 593 -23.59 44.27 61.55
CA GLU J 593 -22.38 43.79 60.91
C GLU J 593 -22.78 43.02 59.65
N ILE J 594 -21.93 43.10 58.63
CA ILE J 594 -22.19 42.40 57.37
C ILE J 594 -21.06 41.41 57.12
N SER J 595 -21.39 40.38 56.34
CA SER J 595 -20.50 39.24 56.16
C SER J 595 -19.29 39.60 55.31
N ILE J 596 -18.24 38.77 55.42
CA ILE J 596 -16.96 39.08 54.80
C ILE J 596 -17.07 39.01 53.27
N GLU J 597 -17.81 38.03 52.74
CA GLU J 597 -18.02 37.97 51.30
C GLU J 597 -18.88 39.13 50.80
N LYS J 598 -19.87 39.53 51.61
CA LYS J 598 -20.67 40.70 51.27
C LYS J 598 -19.82 41.96 51.26
N MET J 599 -18.91 42.10 52.23
CA MET J 599 -17.97 43.21 52.22
C MET J 599 -17.09 43.19 50.99
N LYS J 600 -16.60 42.00 50.61
CA LYS J 600 -15.73 41.88 49.45
C LYS J 600 -16.45 42.33 48.18
N ARG J 601 -17.67 41.85 47.97
CA ARG J 601 -18.39 42.18 46.75
C ARG J 601 -18.86 43.64 46.77
N TYR J 602 -19.15 44.18 47.97
CA TYR J 602 -19.54 45.57 48.08
C TYR J 602 -18.37 46.52 47.79
N ILE J 603 -17.17 46.19 48.28
CA ILE J 603 -15.99 46.99 47.95
C ILE J 603 -15.68 46.90 46.46
N THR J 604 -15.88 45.71 45.86
CA THR J 604 -15.71 45.58 44.42
C THR J 604 -16.68 46.50 43.66
N TYR J 605 -17.96 46.50 44.06
CA TYR J 605 -18.94 47.34 43.40
C TYR J 605 -18.65 48.82 43.61
N CYS J 606 -18.22 49.20 44.82
CA CYS J 606 -17.90 50.59 45.10
C CYS J 606 -16.71 51.08 44.28
N ARG J 607 -15.69 50.23 44.14
CA ARG J 607 -14.53 50.64 43.36
C ARG J 607 -14.84 50.69 41.87
N LEU J 608 -15.70 49.80 41.39
CA LEU J 608 -16.04 49.82 39.97
C LEU J 608 -17.15 50.80 39.63
N LYS J 609 -17.80 51.41 40.64
CA LYS J 609 -18.95 52.26 40.36
C LYS J 609 -18.71 53.74 40.67
N CYS J 610 -18.29 54.07 41.88
CA CYS J 610 -18.22 55.47 42.32
C CYS J 610 -16.78 55.93 42.46
N ALA J 611 -16.51 57.12 41.92
CA ALA J 611 -15.23 57.80 42.13
C ALA J 611 -15.55 59.25 42.42
N PRO J 612 -15.64 59.63 43.69
CA PRO J 612 -16.19 60.95 44.04
C PRO J 612 -15.24 62.09 43.73
N ARG J 613 -15.76 63.29 43.95
CA ARG J 613 -15.01 64.54 43.82
C ARG J 613 -15.17 65.37 45.08
N LEU J 614 -14.19 66.25 45.30
CA LEU J 614 -14.33 67.27 46.31
C LEU J 614 -15.22 68.40 45.81
N SER J 615 -16.15 68.83 46.65
CA SER J 615 -16.96 69.99 46.33
C SER J 615 -16.11 71.26 46.40
N PRO J 616 -16.46 72.30 45.63
CA PRO J 616 -15.69 73.55 45.70
C PRO J 616 -15.69 74.20 47.07
N GLN J 617 -16.73 73.99 47.86
CA GLN J 617 -16.79 74.53 49.21
C GLN J 617 -15.96 73.72 50.20
N ALA J 618 -15.54 72.52 49.82
CA ALA J 618 -14.68 71.71 50.70
C ALA J 618 -13.20 71.95 50.47
N ALA J 619 -12.83 72.72 49.45
CA ALA J 619 -11.43 72.97 49.16
C ALA J 619 -10.82 73.97 50.15
N GLU J 620 -11.61 74.99 50.55
CA GLU J 620 -11.08 76.03 51.43
C GLU J 620 -10.71 75.47 52.79
N LYS J 621 -11.53 74.57 53.32
CA LYS J 621 -11.23 73.95 54.62
C LYS J 621 -9.95 73.13 54.55
N LEU J 622 -9.77 72.38 53.47
CA LEU J 622 -8.57 71.56 53.32
C LEU J 622 -7.33 72.43 53.19
N SER J 623 -7.41 73.51 52.41
CA SER J 623 -6.28 74.42 52.28
C SER J 623 -5.94 75.09 53.61
N SER J 624 -6.97 75.53 54.34
CA SER J 624 -6.73 76.21 55.61
C SER J 624 -6.09 75.28 56.63
N ASN J 625 -6.58 74.04 56.72
CA ASN J 625 -5.99 73.15 57.70
C ASN J 625 -4.60 72.69 57.26
N PHE J 626 -4.37 72.50 55.96
CA PHE J 626 -3.05 72.10 55.51
C PHE J 626 -2.02 73.20 55.65
N VAL J 627 -2.42 74.47 55.64
CA VAL J 627 -1.45 75.52 55.94
C VAL J 627 -1.28 75.75 57.44
N THR J 628 -2.30 75.50 58.26
CA THR J 628 -2.13 75.71 59.71
C THR J 628 -1.17 74.68 60.32
N ILE J 629 -1.28 73.41 59.92
CA ILE J 629 -0.40 72.38 60.45
C ILE J 629 1.05 72.65 60.07
N ARG J 630 1.28 73.02 58.82
CA ARG J 630 2.64 73.34 58.39
C ARG J 630 3.14 74.65 58.99
N LYS J 631 2.26 75.60 59.30
CA LYS J 631 2.69 76.79 60.04
C LYS J 631 3.13 76.42 61.45
N GLN J 632 2.41 75.50 62.09
CA GLN J 632 2.81 75.03 63.42
C GLN J 632 4.14 74.31 63.36
N LEU J 633 4.34 73.48 62.34
CA LEU J 633 5.63 72.81 62.19
C LEU J 633 6.74 73.81 61.88
N LEU J 634 6.42 74.86 61.12
CA LEU J 634 7.42 75.88 60.78
C LEU J 634 7.88 76.63 62.02
N ILE J 635 6.93 77.07 62.85
CA ILE J 635 7.33 77.80 64.05
C ILE J 635 8.03 76.87 65.04
N ASN J 636 7.64 75.60 65.10
CA ASN J 636 8.33 74.65 65.97
C ASN J 636 9.76 74.40 65.51
N GLU J 637 9.97 74.28 64.19
CA GLU J 637 11.32 74.09 63.66
C GLU J 637 12.16 75.35 63.83
N LEU J 638 11.55 76.54 63.72
CA LEU J 638 12.29 77.77 63.91
C LEU J 638 12.72 77.95 65.36
N GLU J 639 11.85 77.58 66.31
CA GLU J 639 12.22 77.70 67.71
C GLU J 639 13.22 76.63 68.11
N SER J 640 13.03 75.38 67.65
CA SER J 640 13.91 74.29 68.05
C SER J 640 15.24 74.31 67.30
N THR J 641 15.28 74.92 66.12
CA THR J 641 16.44 74.96 65.22
C THR J 641 16.94 73.56 64.85
N GLU J 642 16.04 72.58 64.82
CA GLU J 642 16.36 71.22 64.44
C GLU J 642 15.21 70.66 63.62
N ARG J 643 15.55 69.91 62.56
CA ARG J 643 14.53 69.37 61.68
C ARG J 643 13.71 68.29 62.37
N SER J 644 12.41 68.27 62.08
CA SER J 644 11.52 67.26 62.66
C SER J 644 11.80 65.90 62.05
N SER J 645 11.71 64.86 62.89
CA SER J 645 12.03 63.51 62.44
C SER J 645 10.93 62.91 61.57
N ILE J 646 9.67 63.24 61.83
CA ILE J 646 8.55 62.82 60.99
C ILE J 646 8.06 64.04 60.21
N PRO J 647 8.15 64.03 58.88
CA PRO J 647 7.80 65.21 58.10
C PRO J 647 6.35 65.20 57.62
N ILE J 648 5.84 66.40 57.38
CA ILE J 648 4.50 66.64 56.90
C ILE J 648 4.62 67.35 55.56
N THR J 649 4.13 66.71 54.49
CA THR J 649 4.38 67.22 53.15
C THR J 649 3.10 67.34 52.32
N ILE J 650 3.26 67.64 51.03
CA ILE J 650 2.14 67.76 50.11
C ILE J 650 1.49 66.39 49.90
N ARG J 651 2.29 65.32 50.00
CA ARG J 651 1.76 63.97 49.94
C ARG J 651 0.77 63.72 51.05
N GLN J 652 0.93 64.38 52.20
CA GLN J 652 -0.05 64.27 53.27
C GLN J 652 -1.34 65.00 52.92
N LEU J 653 -1.26 66.11 52.17
CA LEU J 653 -2.46 66.79 51.69
C LEU J 653 -3.24 65.89 50.74
N GLU J 654 -2.54 65.26 49.79
CA GLU J 654 -3.23 64.35 48.89
C GLU J 654 -3.70 63.09 49.62
N ALA J 655 -3.03 62.72 50.70
CA ALA J 655 -3.52 61.64 51.56
C ALA J 655 -4.87 62.00 52.17
N ILE J 656 -4.99 63.23 52.67
CA ILE J 656 -6.26 63.67 53.24
C ILE J 656 -7.35 63.73 52.17
N ILE J 657 -6.98 64.18 50.97
CA ILE J 657 -7.90 64.18 49.84
C ILE J 657 -8.40 62.77 49.55
N ARG J 658 -7.48 61.80 49.51
CA ARG J 658 -7.82 60.42 49.21
C ARG J 658 -8.73 59.82 50.28
N ILE J 659 -8.46 60.14 51.55
CA ILE J 659 -9.33 59.66 52.64
C ILE J 659 -10.73 60.26 52.51
N THR J 660 -10.82 61.56 52.18
CA THR J 660 -12.12 62.20 52.00
C THR J 660 -12.90 61.55 50.87
N GLU J 661 -12.24 61.30 49.74
CA GLU J 661 -12.91 60.66 48.61
C GLU J 661 -13.28 59.22 48.90
N SER J 662 -12.50 58.51 49.74
CA SER J 662 -12.90 57.17 50.16
C SER J 662 -14.16 57.23 51.02
N LEU J 663 -14.23 58.19 51.94
CA LEU J 663 -15.43 58.37 52.75
C LEU J 663 -16.64 58.69 51.89
N ALA J 664 -16.47 59.54 50.88
CA ALA J 664 -17.56 59.82 49.97
C ALA J 664 -17.92 58.61 49.12
N LYS J 665 -16.94 57.75 48.79
CA LYS J 665 -17.20 56.53 48.06
C LYS J 665 -17.93 55.49 48.91
N LEU J 666 -17.87 55.63 50.24
CA LEU J 666 -18.57 54.69 51.11
C LEU J 666 -20.08 54.72 50.91
N GLU J 667 -20.68 55.92 50.91
CA GLU J 667 -22.11 56.05 50.70
C GLU J 667 -22.50 56.22 49.24
N LEU J 668 -21.60 55.88 48.31
CA LEU J 668 -21.82 56.03 46.87
C LEU J 668 -22.17 57.46 46.50
N SER J 669 -21.53 58.42 47.16
CA SER J 669 -21.78 59.83 46.91
C SER J 669 -20.89 60.30 45.77
N PRO J 670 -21.46 60.81 44.68
CA PRO J 670 -20.61 61.32 43.58
C PRO J 670 -19.80 62.55 43.96
N ILE J 671 -20.17 63.26 45.01
CA ILE J 671 -19.46 64.46 45.45
C ILE J 671 -19.24 64.36 46.97
N ALA J 672 -18.09 64.86 47.43
CA ALA J 672 -17.73 64.81 48.83
C ALA J 672 -18.15 66.10 49.52
N GLN J 673 -18.87 65.96 50.62
CA GLN J 673 -19.38 67.11 51.35
C GLN J 673 -18.40 67.48 52.47
N GLU J 674 -18.81 68.41 53.33
CA GLU J 674 -17.94 68.88 54.41
C GLU J 674 -17.78 67.81 55.50
N ARG J 675 -18.80 66.97 55.70
CA ARG J 675 -18.75 65.98 56.77
C ARG J 675 -17.72 64.89 56.49
N HIS J 676 -17.45 64.59 55.22
CA HIS J 676 -16.37 63.66 54.91
C HIS J 676 -15.01 64.30 55.18
N VAL J 677 -14.88 65.58 54.84
CA VAL J 677 -13.63 66.30 55.07
C VAL J 677 -13.33 66.34 56.57
N ASP J 678 -14.35 66.60 57.39
CA ASP J 678 -14.14 66.77 58.82
C ASP J 678 -13.66 65.48 59.47
N GLU J 679 -14.25 64.34 59.10
CA GLU J 679 -13.82 63.09 59.70
C GLU J 679 -12.49 62.63 59.11
N ALA J 680 -12.21 62.97 57.85
CA ALA J 680 -10.88 62.72 57.30
C ALA J 680 -9.82 63.49 58.08
N ILE J 681 -10.11 64.74 58.43
CA ILE J 681 -9.23 65.50 59.32
C ILE J 681 -9.09 64.84 60.68
N ARG J 682 -10.19 64.38 61.27
CA ARG J 682 -10.10 63.81 62.62
C ARG J 682 -9.29 62.52 62.61
N LEU J 683 -9.45 61.71 61.56
CA LEU J 683 -8.65 60.50 61.40
C LEU J 683 -7.19 60.81 61.13
N PHE J 684 -6.91 61.87 60.36
CA PHE J 684 -5.52 62.28 60.16
C PHE J 684 -4.90 62.78 61.45
N GLN J 685 -5.67 63.50 62.28
CA GLN J 685 -5.20 63.89 63.60
C GLN J 685 -4.90 62.69 64.46
N ALA J 686 -5.78 61.68 64.43
CA ALA J 686 -5.58 60.50 65.25
C ALA J 686 -4.45 59.60 64.73
N SER J 687 -4.07 59.73 63.47
CA SER J 687 -3.01 58.89 62.91
C SER J 687 -1.66 59.59 62.84
N THR J 688 -1.54 60.67 62.08
CA THR J 688 -0.22 61.23 61.82
C THR J 688 0.11 62.35 62.80
N MET J 689 -0.90 63.08 63.27
CA MET J 689 -0.63 64.22 64.14
C MET J 689 -0.22 63.79 65.54
N ASP J 690 -0.80 62.72 66.08
CA ASP J 690 -0.34 62.27 67.39
C ASP J 690 1.02 61.60 67.29
N ALA J 691 1.31 60.97 66.15
CA ALA J 691 2.66 60.45 65.92
C ALA J 691 3.68 61.58 65.85
N ALA J 692 3.31 62.70 65.21
CA ALA J 692 4.19 63.86 65.16
C ALA J 692 4.30 64.53 66.53
N SER J 693 3.23 64.49 67.33
CA SER J 693 3.29 65.02 68.70
C SER J 693 4.13 64.14 69.59
N GLN J 694 4.26 62.85 69.27
CA GLN J 694 5.21 62.00 69.99
C GLN J 694 6.64 62.42 69.71
N ASP J 695 6.90 63.02 68.57
CA ASP J 695 8.19 63.65 68.30
C ASP J 695 8.30 64.93 69.11
N PRO J 696 9.32 65.10 69.95
CA PRO J 696 9.45 66.37 70.69
C PRO J 696 9.64 67.59 69.81
N ILE J 697 10.23 67.43 68.63
CA ILE J 697 10.36 68.55 67.69
C ILE J 697 8.99 68.94 67.15
N GLY J 698 8.15 67.94 66.85
CA GLY J 698 6.82 68.22 66.33
C GLY J 698 5.82 68.71 67.36
N GLY J 699 6.16 68.61 68.65
CA GLY J 699 5.29 69.10 69.69
C GLY J 699 5.58 70.55 70.05
N LEU J 700 5.97 70.78 71.32
CA LEU J 700 6.38 72.09 71.81
C LEU J 700 5.30 73.16 71.62
N ASN J 701 4.05 72.76 71.80
CA ASN J 701 2.92 73.67 71.62
C ASN J 701 1.76 73.28 72.53
N LYS K 101 38.20 -31.53 6.60
CA LYS K 101 38.43 -31.72 8.02
C LYS K 101 39.20 -30.55 8.62
N LYS K 102 39.07 -30.37 9.93
CA LYS K 102 39.77 -29.29 10.61
C LYS K 102 41.26 -29.58 10.67
N VAL K 103 42.07 -28.52 10.57
CA VAL K 103 43.52 -28.65 10.65
C VAL K 103 43.97 -28.36 12.08
N ASP K 104 44.94 -29.13 12.55
CA ASP K 104 45.42 -29.02 13.92
C ASP K 104 46.76 -28.28 13.95
N ASP K 105 47.01 -27.63 15.08
CA ASP K 105 48.26 -26.94 15.34
C ASP K 105 49.22 -27.91 16.02
N VAL K 106 50.28 -28.29 15.31
CA VAL K 106 51.23 -29.26 15.85
C VAL K 106 51.95 -28.69 17.06
N THR K 107 52.27 -27.39 17.03
CA THR K 107 52.85 -26.74 18.21
C THR K 107 51.88 -26.75 19.38
N GLY K 108 50.60 -26.49 19.11
CA GLY K 108 49.60 -26.55 20.17
C GLY K 108 49.43 -27.96 20.72
N GLU K 109 49.48 -28.97 19.85
CA GLU K 109 49.41 -30.34 20.30
C GLU K 109 50.60 -30.71 21.18
N LYS K 110 51.81 -30.28 20.79
CA LYS K 110 53.00 -30.55 21.61
C LYS K 110 52.91 -29.85 22.95
N VAL K 111 52.42 -28.60 22.96
CA VAL K 111 52.18 -27.89 24.22
C VAL K 111 51.18 -28.65 25.08
N ARG K 112 50.15 -29.21 24.45
CA ARG K 112 49.16 -30.00 25.18
C ARG K 112 49.79 -31.22 25.85
N GLU K 113 50.53 -32.03 25.08
CA GLU K 113 51.14 -33.24 25.63
C GLU K 113 52.11 -32.92 26.75
N ALA K 114 52.94 -31.88 26.55
CA ALA K 114 53.82 -31.45 27.63
C ALA K 114 53.02 -30.99 28.85
N PHE K 115 51.82 -30.44 28.63
CA PHE K 115 51.01 -29.99 29.75
C PHE K 115 50.47 -31.17 30.57
N GLU K 116 49.92 -32.21 29.91
CA GLU K 116 49.46 -33.31 30.76
C GLU K 116 50.63 -34.10 31.34
N GLN K 117 51.80 -34.09 30.70
CA GLN K 117 52.97 -34.65 31.36
C GLN K 117 53.35 -33.84 32.58
N PHE K 118 53.17 -32.52 32.54
CA PHE K 118 53.52 -31.69 33.69
C PHE K 118 52.58 -31.91 34.86
N LEU K 119 51.27 -32.01 34.60
CA LEU K 119 50.34 -32.15 35.72
C LEU K 119 50.40 -33.53 36.38
N GLU K 120 50.86 -34.55 35.67
CA GLU K 120 50.93 -35.87 36.30
C GLU K 120 52.34 -36.34 36.61
N ASP K 121 53.38 -35.60 36.20
CA ASP K 121 54.74 -36.03 36.42
C ASP K 121 55.50 -35.17 37.42
N PHE K 122 55.15 -33.88 37.53
CA PHE K 122 55.88 -32.97 38.41
C PHE K 122 55.65 -33.34 39.87
N SER K 123 56.72 -33.27 40.66
CA SER K 123 56.66 -33.58 42.08
C SER K 123 57.80 -32.87 42.79
N VAL K 124 57.64 -32.68 44.10
CA VAL K 124 58.65 -32.05 44.93
C VAL K 124 58.87 -32.87 46.19
N GLN K 125 59.99 -32.62 46.85
CA GLN K 125 60.32 -33.28 48.10
C GLN K 125 59.82 -32.46 49.27
N SER K 126 59.15 -33.11 50.22
CA SER K 126 58.56 -32.41 51.35
C SER K 126 59.63 -31.95 52.33
N THR K 127 59.37 -30.82 52.99
CA THR K 127 60.36 -30.25 53.91
C THR K 127 60.37 -30.99 55.25
N ASP K 128 59.19 -31.41 55.74
CA ASP K 128 59.10 -31.94 57.10
C ASP K 128 59.81 -33.28 57.24
N THR K 129 59.58 -34.20 56.30
CA THR K 129 60.22 -35.51 56.35
C THR K 129 61.05 -35.83 55.13
N GLY K 130 60.57 -35.56 53.93
CA GLY K 130 61.34 -35.76 52.72
C GLY K 130 60.72 -36.64 51.66
N GLU K 131 59.44 -36.98 51.78
CA GLU K 131 58.81 -37.78 50.73
C GLU K 131 58.58 -36.94 49.48
N VAL K 132 58.64 -37.61 48.33
CA VAL K 132 58.39 -36.96 47.04
C VAL K 132 56.89 -37.07 46.78
N GLU K 133 56.24 -35.93 46.58
CA GLU K 133 54.79 -35.89 46.37
C GLU K 133 54.47 -35.03 45.15
N LYS K 134 53.52 -35.51 44.36
CA LYS K 134 53.07 -34.79 43.17
C LYS K 134 52.00 -33.78 43.58
N VAL K 135 52.37 -32.50 43.57
CA VAL K 135 51.49 -31.48 44.12
C VAL K 135 50.26 -31.21 43.27
N TYR K 136 50.31 -31.51 41.97
CA TYR K 136 49.16 -31.23 41.13
C TYR K 136 48.18 -32.40 41.08
N ARG K 137 48.67 -33.63 41.21
CA ARG K 137 47.79 -34.75 41.50
C ARG K 137 47.06 -34.54 42.82
N ALA K 138 47.80 -34.08 43.84
CA ALA K 138 47.18 -33.75 45.12
C ALA K 138 46.22 -32.58 45.00
N GLN K 139 46.53 -31.61 44.12
CA GLN K 139 45.63 -30.48 43.92
C GLN K 139 44.32 -30.92 43.30
N ILE K 140 44.38 -31.82 42.31
CA ILE K 140 43.16 -32.34 41.69
C ILE K 140 42.37 -33.17 42.69
N GLU K 141 43.07 -33.97 43.52
CA GLU K 141 42.39 -34.73 44.56
C GLU K 141 41.75 -33.82 45.60
N PHE K 142 42.36 -32.66 45.84
CA PHE K 142 41.76 -31.68 46.75
C PHE K 142 40.55 -31.01 46.13
N MET K 143 40.61 -30.75 44.81
CA MET K 143 39.47 -30.14 44.12
C MET K 143 38.27 -31.06 44.07
N LYS K 144 38.50 -32.37 43.89
CA LYS K 144 37.38 -33.28 43.65
C LYS K 144 36.52 -33.49 44.89
N ILE K 145 37.02 -33.16 46.08
CA ILE K 145 36.25 -33.43 47.29
C ILE K 145 35.48 -32.19 47.75
N TYR K 146 35.99 -31.00 47.46
CA TYR K 146 35.33 -29.75 47.82
C TYR K 146 34.60 -29.11 46.63
N ASP K 147 34.55 -29.80 45.49
CA ASP K 147 33.87 -29.33 44.28
C ASP K 147 34.42 -27.98 43.81
N LEU K 148 35.72 -27.78 43.98
CA LEU K 148 36.36 -26.56 43.51
C LEU K 148 36.52 -26.57 42.00
N ASN K 149 36.59 -25.39 41.42
CA ASN K 149 36.55 -25.23 39.97
C ASN K 149 37.82 -24.64 39.38
N THR K 150 38.76 -24.21 40.22
CA THR K 150 39.95 -23.51 39.76
C THR K 150 41.20 -24.23 40.24
N ILE K 151 42.19 -24.36 39.34
CA ILE K 151 43.48 -24.94 39.65
C ILE K 151 44.54 -23.85 39.58
N TYR K 152 45.44 -23.84 40.56
CA TYR K 152 46.50 -22.85 40.65
C TYR K 152 47.84 -23.49 40.30
N ILE K 153 48.54 -22.91 39.33
CA ILE K 153 49.79 -23.46 38.84
C ILE K 153 50.90 -22.46 39.10
N ASP K 154 51.92 -22.89 39.84
CA ASP K 154 53.07 -22.04 40.11
C ASP K 154 53.96 -22.00 38.88
N TYR K 155 54.40 -20.80 38.51
CA TYR K 155 55.15 -20.63 37.27
C TYR K 155 56.59 -21.10 37.39
N GLN K 156 57.19 -21.07 38.58
CA GLN K 156 58.52 -21.64 38.74
C GLN K 156 58.50 -23.15 38.50
N HIS K 157 57.43 -23.82 38.95
CA HIS K 157 57.28 -25.25 38.70
C HIS K 157 57.20 -25.55 37.21
N LEU K 158 56.47 -24.70 36.46
CA LEU K 158 56.39 -24.89 35.02
C LEU K 158 57.71 -24.55 34.33
N SER K 159 58.44 -23.58 34.87
CA SER K 159 59.70 -23.16 34.25
C SER K 159 60.83 -24.17 34.47
N MET K 160 60.80 -24.89 35.59
CA MET K 160 61.83 -25.92 35.81
C MET K 160 61.67 -27.10 34.85
N ARG K 161 60.48 -27.29 34.27
CA ARG K 161 60.29 -28.34 33.29
C ARG K 161 61.06 -28.01 32.01
N GLU K 162 61.69 -29.03 31.43
CA GLU K 162 62.53 -28.95 30.22
C GLU K 162 63.66 -27.96 30.49
N ASN K 163 64.04 -27.13 29.52
CA ASN K 163 64.96 -26.04 29.73
C ASN K 163 64.24 -24.72 29.90
N GLY K 164 62.92 -24.75 30.11
CA GLY K 164 62.10 -23.57 30.15
C GLY K 164 61.36 -23.25 28.87
N ALA K 165 61.38 -24.16 27.90
CA ALA K 165 60.73 -23.91 26.62
C ALA K 165 59.21 -23.94 26.73
N LEU K 166 58.67 -24.87 27.52
CA LEU K 166 57.22 -24.96 27.68
C LEU K 166 56.65 -23.74 28.40
N ALA K 167 57.31 -23.30 29.47
CA ALA K 167 56.85 -22.10 30.17
C ALA K 167 56.97 -20.86 29.31
N MET K 168 58.04 -20.77 28.51
CA MET K 168 58.19 -19.66 27.58
C MET K 168 57.09 -19.69 26.52
N ALA K 169 56.71 -20.88 26.05
CA ALA K 169 55.63 -20.98 25.07
C ALA K 169 54.29 -20.59 25.68
N ILE K 170 54.07 -20.94 26.96
CA ILE K 170 52.84 -20.53 27.62
C ILE K 170 52.81 -19.02 27.85
N SER K 171 53.95 -18.44 28.25
CA SER K 171 53.99 -17.01 28.48
C SER K 171 53.84 -16.20 27.20
N GLU K 172 54.49 -16.61 26.12
CA GLU K 172 54.51 -15.81 24.91
C GLU K 172 53.18 -15.81 24.18
N GLN K 173 52.49 -16.95 24.17
CA GLN K 173 51.29 -17.16 23.36
C GLN K 173 50.19 -17.80 24.19
N TYR K 174 49.90 -17.20 25.35
CA TYR K 174 48.93 -17.75 26.29
C TYR K 174 47.53 -17.83 25.69
N TYR K 175 47.14 -16.79 24.95
CA TYR K 175 45.81 -16.76 24.36
C TYR K 175 45.63 -17.87 23.34
N ARG K 176 46.67 -18.16 22.56
CA ARG K 176 46.58 -19.21 21.56
C ARG K 176 46.55 -20.59 22.21
N PHE K 177 47.35 -20.79 23.24
CA PHE K 177 47.54 -22.11 23.84
C PHE K 177 46.59 -22.41 24.99
N LEU K 178 45.74 -21.46 25.38
CA LEU K 178 44.82 -21.69 26.51
C LEU K 178 43.81 -22.81 26.28
N PRO K 179 43.12 -22.93 25.13
CA PRO K 179 42.23 -24.09 24.95
C PRO K 179 42.94 -25.43 25.00
N PHE K 180 44.18 -25.51 24.51
CA PHE K 180 44.93 -26.76 24.62
C PHE K 180 45.28 -27.08 26.06
N LEU K 181 45.61 -26.07 26.86
CA LEU K 181 45.81 -26.28 28.29
C LEU K 181 44.54 -26.75 28.96
N GLN K 182 43.39 -26.19 28.56
CA GLN K 182 42.12 -26.60 29.14
C GLN K 182 41.79 -28.05 28.80
N LYS K 183 42.02 -28.46 27.55
CA LYS K 183 41.71 -29.85 27.19
C LYS K 183 42.72 -30.82 27.79
N GLY K 184 43.97 -30.41 27.97
CA GLY K 184 44.93 -31.25 28.68
C GLY K 184 44.55 -31.43 30.14
N LEU K 185 44.11 -30.35 30.80
CA LEU K 185 43.60 -30.47 32.16
C LEU K 185 42.37 -31.35 32.22
N ARG K 186 41.51 -31.25 31.21
CA ARG K 186 40.32 -32.09 31.13
C ARG K 186 40.69 -33.57 31.02
N ARG K 187 41.71 -33.87 30.21
CA ARG K 187 42.15 -35.26 30.07
C ARG K 187 42.78 -35.78 31.36
N VAL K 188 43.56 -34.94 32.05
CA VAL K 188 44.15 -35.37 33.32
C VAL K 188 43.07 -35.66 34.35
N VAL K 189 42.09 -34.77 34.48
CA VAL K 189 41.04 -34.99 35.48
C VAL K 189 40.13 -36.14 35.07
N ARG K 190 39.99 -36.39 33.76
CA ARG K 190 39.27 -37.57 33.31
C ARG K 190 39.98 -38.84 33.72
N LYS K 191 41.30 -38.90 33.55
CA LYS K 191 42.01 -40.14 33.81
C LYS K 191 42.30 -40.30 35.30
N TYR K 192 42.11 -39.24 36.11
CA TYR K 192 42.27 -39.37 37.55
C TYR K 192 40.96 -39.29 38.33
N ALA K 193 40.20 -38.21 38.18
CA ALA K 193 39.01 -37.95 39.00
C ALA K 193 37.81 -37.67 38.13
N PRO K 194 37.14 -38.71 37.62
CA PRO K 194 36.04 -38.49 36.66
C PRO K 194 34.84 -37.74 37.22
N GLU K 195 34.69 -37.66 38.55
CA GLU K 195 33.50 -37.05 39.13
C GLU K 195 33.45 -35.53 38.94
N LEU K 196 34.59 -34.90 38.66
CA LEU K 196 34.59 -33.45 38.47
C LEU K 196 33.98 -33.06 37.13
N LEU K 197 34.15 -33.90 36.10
CA LEU K 197 33.70 -33.57 34.76
C LEU K 197 32.18 -33.43 34.66
N ASN K 198 31.43 -34.18 35.46
CA ASN K 198 29.98 -34.21 35.31
C ASN K 198 29.33 -32.89 35.72
N THR K 199 29.87 -32.24 36.74
CA THR K 199 29.28 -31.00 37.24
C THR K 199 29.48 -29.84 36.27
N GLU K 260 29.08 -30.42 32.10
CA GLU K 260 30.50 -30.10 32.01
C GLU K 260 30.82 -28.80 32.72
N ARG K 261 31.62 -28.88 33.78
CA ARG K 261 32.00 -27.68 34.51
C ARG K 261 33.06 -26.90 33.73
N VAL K 262 33.19 -25.62 34.08
CA VAL K 262 34.06 -24.70 33.38
C VAL K 262 35.34 -24.54 34.19
N PHE K 263 36.38 -25.28 33.80
CA PHE K 263 37.65 -25.26 34.51
C PHE K 263 38.39 -23.96 34.20
N GLN K 264 39.12 -23.46 35.20
CA GLN K 264 39.89 -22.23 35.06
C GLN K 264 41.30 -22.48 35.57
N ILE K 265 42.29 -22.14 34.75
CA ILE K 265 43.70 -22.28 35.11
C ILE K 265 44.21 -20.91 35.54
N SER K 266 44.67 -20.81 36.78
CA SER K 266 45.24 -19.57 37.29
C SER K 266 46.72 -19.78 37.53
N PHE K 267 47.54 -18.96 36.87
CA PHE K 267 48.98 -18.96 37.08
C PHE K 267 49.33 -17.89 38.09
N PHE K 268 50.37 -18.14 38.88
CA PHE K 268 50.81 -17.18 39.88
C PHE K 268 52.31 -17.31 40.04
N ASN K 269 52.90 -16.32 40.74
CA ASN K 269 54.32 -16.26 41.04
C ASN K 269 55.13 -16.25 39.74
N LEU K 270 54.95 -15.18 38.97
CA LEU K 270 55.77 -14.96 37.79
C LEU K 270 57.12 -14.36 38.22
N PRO K 271 58.17 -14.53 37.42
CA PRO K 271 59.48 -13.98 37.81
C PRO K 271 59.51 -12.47 37.96
N THR K 272 58.72 -11.74 37.17
CA THR K 272 58.68 -10.29 37.26
C THR K 272 57.25 -9.79 37.26
N VAL K 273 57.06 -8.58 37.80
CA VAL K 273 55.78 -7.88 37.76
C VAL K 273 56.02 -6.54 37.06
N HIS K 274 55.15 -6.21 36.11
CA HIS K 274 55.31 -5.00 35.31
C HIS K 274 54.42 -3.88 35.83
N ARG K 275 54.86 -2.65 35.60
CA ARG K 275 54.03 -1.51 35.89
C ARG K 275 52.92 -1.38 34.85
N ILE K 276 51.90 -0.60 35.19
CA ILE K 276 50.82 -0.34 34.26
C ILE K 276 51.27 0.55 33.09
N ARG K 277 52.29 1.39 33.28
CA ARG K 277 52.88 2.11 32.17
C ARG K 277 53.91 1.29 31.41
N ASP K 278 54.28 0.12 31.90
CA ASP K 278 55.18 -0.76 31.15
C ASP K 278 54.44 -1.59 30.13
N ILE K 279 53.13 -1.41 30.02
CA ILE K 279 52.29 -2.20 29.13
C ILE K 279 52.50 -1.72 27.70
N ARG K 280 52.89 -2.63 26.82
CA ARG K 280 53.15 -2.33 25.42
C ARG K 280 52.34 -3.29 24.55
N SER K 281 52.20 -2.93 23.27
CA SER K 281 51.37 -3.70 22.35
C SER K 281 51.96 -5.05 21.98
N GLU K 282 53.27 -5.24 22.16
CA GLU K 282 53.89 -6.49 21.73
C GLU K 282 53.67 -7.64 22.72
N LYS K 283 53.09 -7.36 23.89
CA LYS K 283 52.75 -8.40 24.86
C LYS K 283 51.26 -8.74 24.83
N ILE K 284 50.54 -8.33 23.79
CA ILE K 284 49.12 -8.63 23.69
C ILE K 284 48.94 -10.11 23.39
N GLY K 285 48.12 -10.78 24.19
CA GLY K 285 47.98 -12.21 24.06
C GLY K 285 49.01 -13.01 24.81
N SER K 286 49.64 -12.42 25.82
CA SER K 286 50.75 -13.03 26.53
C SER K 286 50.48 -13.02 28.03
N LEU K 287 51.06 -13.99 28.73
CA LEU K 287 50.90 -14.07 30.18
C LEU K 287 51.77 -13.01 30.85
N LEU K 288 51.18 -12.34 31.83
CA LEU K 288 51.78 -11.13 32.37
C LEU K 288 51.29 -10.90 33.79
N SER K 289 52.08 -10.18 34.59
CA SER K 289 51.71 -9.79 35.94
C SER K 289 51.83 -8.27 36.06
N ILE K 290 50.78 -7.64 36.57
CA ILE K 290 50.76 -6.20 36.78
C ILE K 290 50.33 -5.93 38.22
N SER K 291 50.58 -4.70 38.67
CA SER K 291 50.16 -4.28 40.00
C SER K 291 49.50 -2.91 39.90
N GLY K 292 48.45 -2.72 40.68
CA GLY K 292 47.73 -1.47 40.65
C GLY K 292 46.83 -1.32 41.85
N THR K 293 46.37 -0.09 42.05
CA THR K 293 45.45 0.22 43.14
C THR K 293 44.03 0.18 42.61
N VAL K 294 43.19 -0.67 43.19
CA VAL K 294 41.81 -0.83 42.71
C VAL K 294 41.00 0.39 43.13
N THR K 295 40.34 1.02 42.18
CA THR K 295 39.52 2.20 42.44
C THR K 295 38.03 1.95 42.35
N ARG K 296 37.59 1.14 41.38
CA ARG K 296 36.18 0.84 41.20
C ARG K 296 36.00 -0.65 40.96
N THR K 297 34.97 -1.21 41.58
CA THR K 297 34.58 -2.59 41.36
C THR K 297 33.14 -2.60 40.88
N SER K 298 32.85 -3.47 39.91
CA SER K 298 31.53 -3.54 39.33
C SER K 298 30.74 -4.68 39.96
N GLU K 299 29.43 -4.66 39.70
CA GLU K 299 28.56 -5.74 40.10
C GLU K 299 28.92 -7.02 39.36
N VAL K 300 28.84 -8.15 40.05
CA VAL K 300 29.05 -9.44 39.40
C VAL K 300 27.95 -9.69 38.39
N ARG K 301 28.34 -9.99 37.16
CA ARG K 301 27.39 -10.09 36.07
C ARG K 301 27.58 -11.39 35.30
N PRO K 302 26.53 -11.91 34.67
CA PRO K 302 26.69 -13.09 33.81
C PRO K 302 27.23 -12.73 32.43
N GLU K 303 28.12 -13.59 31.94
CA GLU K 303 28.69 -13.46 30.60
C GLU K 303 28.40 -14.74 29.82
N LEU K 304 27.99 -14.57 28.57
CA LEU K 304 27.60 -15.69 27.71
C LEU K 304 28.83 -16.53 27.36
N TYR K 305 28.90 -17.75 27.87
CA TYR K 305 30.06 -18.60 27.64
C TYR K 305 29.77 -19.67 26.60
N LYS K 306 28.60 -20.32 26.71
CA LYS K 306 28.13 -21.29 25.72
C LYS K 306 26.71 -20.88 25.31
N ALA K 307 26.59 -20.31 24.12
CA ALA K 307 25.30 -19.84 23.64
C ALA K 307 24.47 -20.99 23.08
N SER K 308 23.16 -20.90 23.27
CA SER K 308 22.20 -21.85 22.74
C SER K 308 21.25 -21.10 21.83
N PHE K 309 21.34 -21.35 20.52
CA PHE K 309 20.59 -20.59 19.54
C PHE K 309 19.53 -21.46 18.87
N THR K 310 18.54 -20.79 18.30
CA THR K 310 17.49 -21.43 17.52
C THR K 310 17.41 -20.77 16.15
N CYS K 311 17.43 -21.59 15.10
CA CYS K 311 17.27 -21.08 13.76
C CYS K 311 15.84 -20.60 13.56
N ASP K 312 15.69 -19.48 12.86
CA ASP K 312 14.39 -18.79 12.81
C ASP K 312 13.35 -19.58 12.03
N MET K 313 13.75 -20.19 10.90
CA MET K 313 12.76 -20.87 10.08
C MET K 313 12.93 -22.39 10.15
N CYS K 314 14.03 -22.88 10.72
CA CYS K 314 14.10 -24.28 11.11
C CYS K 314 13.31 -24.53 12.39
N ARG K 315 13.36 -23.58 13.33
CA ARG K 315 12.79 -23.70 14.67
C ARG K 315 13.31 -24.93 15.40
N ALA K 316 14.62 -25.17 15.28
CA ALA K 316 15.32 -26.21 16.03
C ALA K 316 16.48 -25.58 16.78
N ILE K 317 16.78 -26.14 17.95
CA ILE K 317 17.76 -25.55 18.85
C ILE K 317 19.12 -26.21 18.64
N VAL K 318 20.17 -25.39 18.76
CA VAL K 318 21.55 -25.86 18.76
C VAL K 318 22.24 -25.22 19.97
N ASP K 319 23.17 -25.96 20.57
CA ASP K 319 23.78 -25.54 21.83
C ASP K 319 25.29 -25.73 21.76
N ASN K 320 25.96 -25.33 22.84
CA ASN K 320 27.41 -25.43 23.01
C ASN K 320 28.15 -24.66 21.91
N VAL K 321 27.88 -23.36 21.85
CA VAL K 321 28.49 -22.47 20.87
C VAL K 321 29.52 -21.61 21.60
N GLU K 322 30.76 -21.63 21.11
CA GLU K 322 31.82 -20.85 21.72
C GLU K 322 31.61 -19.36 21.47
N GLN K 323 31.75 -18.57 22.53
CA GLN K 323 31.64 -17.12 22.44
C GLN K 323 32.99 -16.51 22.80
N SER K 324 33.68 -15.95 21.82
CA SER K 324 34.99 -15.34 22.00
C SER K 324 34.82 -13.83 21.94
N PHE K 325 34.84 -13.20 23.13
CA PHE K 325 34.74 -11.75 23.29
C PHE K 325 33.46 -11.19 22.68
N LYS K 326 33.54 -10.62 21.48
CA LYS K 326 32.36 -10.05 20.85
C LYS K 326 31.34 -11.14 20.52
N TYR K 327 30.08 -10.72 20.44
CA TYR K 327 28.97 -11.65 20.31
C TYR K 327 28.98 -12.33 18.95
N THR K 328 28.97 -13.66 18.95
CA THR K 328 29.05 -14.45 17.73
C THR K 328 27.80 -15.31 17.56
N GLU K 329 27.46 -15.58 16.29
CA GLU K 329 26.37 -16.49 15.95
C GLU K 329 26.92 -17.54 14.98
N PRO K 330 26.63 -18.82 15.20
CA PRO K 330 27.08 -19.85 14.25
C PRO K 330 26.36 -19.74 12.92
N THR K 331 27.05 -20.14 11.86
CA THR K 331 26.49 -20.16 10.51
C THR K 331 26.41 -21.56 9.93
N PHE K 332 26.72 -22.59 10.73
CA PHE K 332 26.74 -23.95 10.20
C PHE K 332 25.33 -24.50 10.04
N CYS K 333 24.54 -24.47 11.12
CA CYS K 333 23.19 -25.02 11.22
C CYS K 333 23.17 -26.47 10.78
N PRO K 334 23.64 -27.41 11.62
CA PRO K 334 23.69 -28.82 11.21
C PRO K 334 22.32 -29.44 10.92
N ASN K 335 21.23 -28.81 11.36
CA ASN K 335 19.91 -29.21 10.90
C ASN K 335 19.81 -28.94 9.40
N PRO K 336 19.48 -29.95 8.59
CA PRO K 336 19.47 -29.76 7.12
C PRO K 336 18.18 -29.20 6.56
N SER K 337 17.30 -28.65 7.40
CA SER K 337 16.02 -28.14 6.90
C SER K 337 16.18 -26.80 6.22
N CYS K 338 17.10 -25.96 6.70
CA CYS K 338 17.22 -24.59 6.22
C CYS K 338 18.26 -24.50 5.12
N GLU K 339 18.35 -23.31 4.50
CA GLU K 339 19.35 -23.01 3.50
C GLU K 339 20.03 -21.68 3.76
N ASN K 340 19.71 -21.01 4.86
CA ASN K 340 20.29 -19.72 5.21
C ASN K 340 21.01 -19.82 6.55
N ARG K 341 22.01 -18.95 6.74
CA ARG K 341 22.92 -19.06 7.87
C ARG K 341 22.88 -17.87 8.83
N ALA K 342 22.48 -16.69 8.35
CA ALA K 342 22.61 -15.48 9.16
C ALA K 342 21.54 -15.35 10.23
N PHE K 343 20.34 -15.87 9.99
CA PHE K 343 19.19 -15.59 10.83
C PHE K 343 19.14 -16.58 11.99
N TRP K 344 19.18 -16.06 13.22
CA TRP K 344 19.19 -16.87 14.43
C TRP K 344 18.55 -16.10 15.56
N THR K 345 18.18 -16.82 16.63
CA THR K 345 17.66 -16.22 17.84
C THR K 345 18.37 -16.82 19.05
N LEU K 346 18.56 -15.99 20.07
CA LEU K 346 19.28 -16.38 21.28
C LEU K 346 18.29 -16.80 22.35
N ASN K 347 18.54 -17.97 22.95
CA ASN K 347 17.74 -18.47 24.06
C ASN K 347 18.57 -18.26 25.34
N VAL K 348 18.20 -17.23 26.11
CA VAL K 348 19.01 -16.86 27.27
C VAL K 348 18.89 -17.85 28.41
N THR K 349 17.78 -18.58 28.51
CA THR K 349 17.63 -19.53 29.61
C THR K 349 18.49 -20.77 29.38
N ARG K 350 18.48 -21.30 28.17
CA ARG K 350 19.19 -22.55 27.88
C ARG K 350 20.70 -22.36 27.77
N SER K 351 21.16 -21.16 27.39
CA SER K 351 22.58 -20.91 27.22
C SER K 351 23.29 -20.89 28.57
N ARG K 352 24.61 -21.05 28.53
CA ARG K 352 25.45 -21.14 29.71
C ARG K 352 26.17 -19.82 29.96
N PHE K 353 26.36 -19.49 31.24
CA PHE K 353 26.94 -18.22 31.63
C PHE K 353 28.13 -18.44 32.56
N LEU K 354 28.87 -17.36 32.78
CA LEU K 354 30.07 -17.38 33.58
C LEU K 354 30.17 -16.06 34.33
N ASP K 355 30.74 -16.11 35.54
CA ASP K 355 30.79 -14.91 36.38
C ASP K 355 31.83 -13.92 35.85
N TRP K 356 31.43 -12.65 35.76
CA TRP K 356 32.24 -11.64 35.11
C TRP K 356 32.23 -10.38 35.96
N GLN K 357 33.40 -9.79 36.16
CA GLN K 357 33.52 -8.52 36.86
C GLN K 357 34.57 -7.67 36.16
N LYS K 358 34.32 -6.36 36.09
CA LYS K 358 35.29 -5.41 35.57
C LYS K 358 35.70 -4.49 36.70
N VAL K 359 36.98 -4.50 37.05
CA VAL K 359 37.50 -3.63 38.10
C VAL K 359 38.55 -2.72 37.49
N ARG K 360 38.48 -1.44 37.86
CA ARG K 360 39.42 -0.44 37.38
C ARG K 360 40.58 -0.32 38.34
N ILE K 361 41.80 -0.32 37.81
CA ILE K 361 43.00 -0.14 38.62
C ILE K 361 43.72 1.10 38.14
N GLN K 362 44.49 1.69 39.05
CA GLN K 362 45.18 2.94 38.87
C GLN K 362 46.64 2.72 39.19
N GLU K 363 47.49 3.66 38.75
CA GLU K 363 48.92 3.58 39.02
C GLU K 363 49.18 3.58 40.52
N ASN K 364 50.16 2.77 40.93
CA ASN K 364 50.64 2.85 42.30
C ASN K 364 51.32 4.19 42.53
N ALA K 365 51.26 4.66 43.78
CA ALA K 365 51.68 6.02 44.09
C ALA K 365 53.16 6.25 43.80
N ASN K 366 54.02 5.29 44.14
CA ASN K 366 55.44 5.42 43.86
C ASN K 366 55.77 5.24 42.38
N GLU K 367 54.91 4.56 41.62
CA GLU K 367 55.23 4.24 40.24
C GLU K 367 54.91 5.38 39.27
N ILE K 368 54.24 6.43 39.72
CA ILE K 368 53.86 7.52 38.84
C ILE K 368 55.10 8.28 38.40
N PRO K 369 55.24 8.61 37.11
CA PRO K 369 56.38 9.43 36.67
C PRO K 369 56.35 10.86 37.16
N THR K 370 57.30 11.67 36.69
CA THR K 370 57.60 12.95 37.34
C THR K 370 56.46 13.96 37.19
N GLY K 371 55.93 14.16 36.00
CA GLY K 371 54.94 15.22 35.85
C GLY K 371 53.57 14.71 35.44
N SER K 372 53.47 13.41 35.24
CA SER K 372 52.28 12.84 34.63
C SER K 372 51.24 12.47 35.66
N MET K 373 49.99 12.54 35.24
CA MET K 373 48.85 12.04 36.00
C MET K 373 48.80 10.51 35.94
N PRO K 374 48.19 9.87 36.93
CA PRO K 374 48.01 8.41 36.87
C PRO K 374 47.05 8.02 35.76
N ARG K 375 47.28 6.83 35.19
CA ARG K 375 46.41 6.29 34.16
C ARG K 375 45.81 4.98 34.65
N THR K 376 44.61 4.68 34.19
CA THR K 376 43.84 3.55 34.66
C THR K 376 43.81 2.43 33.63
N LEU K 377 43.46 1.24 34.09
CA LEU K 377 43.29 0.08 33.24
C LEU K 377 42.11 -0.73 33.76
N ASP K 378 41.28 -1.19 32.84
CA ASP K 378 40.12 -2.00 33.19
C ASP K 378 40.52 -3.46 33.09
N VAL K 379 40.67 -4.11 34.24
CA VAL K 379 41.04 -5.53 34.30
C VAL K 379 39.79 -6.33 34.66
N ILE K 380 39.61 -7.45 33.95
CA ILE K 380 38.38 -8.23 34.03
C ILE K 380 38.69 -9.54 34.74
N LEU K 381 37.93 -9.82 35.80
CA LEU K 381 38.05 -11.04 36.56
C LEU K 381 36.90 -11.96 36.23
N ARG K 382 37.21 -13.24 36.04
CA ARG K 382 36.21 -14.23 35.63
C ARG K 382 36.25 -15.42 36.58
N GLY K 383 35.07 -15.97 36.86
CA GLY K 383 35.00 -17.22 37.61
C GLY K 383 35.18 -17.01 39.09
N ASP K 384 36.07 -17.81 39.69
CA ASP K 384 36.30 -17.74 41.12
C ASP K 384 37.10 -16.52 41.54
N SER K 385 37.73 -15.82 40.60
CA SER K 385 38.52 -14.65 40.92
C SER K 385 37.68 -13.41 41.15
N VAL K 386 36.37 -13.48 40.92
CA VAL K 386 35.49 -12.34 41.13
C VAL K 386 35.38 -12.05 42.62
N GLU K 387 35.33 -10.75 42.95
CA GLU K 387 35.16 -10.21 44.29
C GLU K 387 36.34 -10.50 45.21
N ARG K 388 37.50 -10.82 44.65
CA ARG K 388 38.74 -10.83 45.39
C ARG K 388 39.46 -9.49 45.32
N ALA K 389 38.95 -8.56 44.53
CA ALA K 389 39.48 -7.21 44.43
C ALA K 389 38.52 -6.23 45.08
N LYS K 390 39.01 -5.51 46.08
CA LYS K 390 38.23 -4.56 46.85
C LYS K 390 38.79 -3.16 46.65
N PRO K 391 37.97 -2.13 46.74
CA PRO K 391 38.46 -0.77 46.49
C PRO K 391 39.48 -0.32 47.54
N GLY K 392 40.56 0.28 47.07
CA GLY K 392 41.51 0.93 47.93
C GLY K 392 42.75 0.16 48.33
N ASP K 393 42.97 -1.02 47.77
CA ASP K 393 44.15 -1.79 48.15
C ASP K 393 45.04 -2.08 46.95
N ARG K 394 46.31 -2.30 47.24
CA ARG K 394 47.31 -2.65 46.24
C ARG K 394 47.10 -4.10 45.86
N CYS K 395 46.95 -4.36 44.56
CA CYS K 395 46.66 -5.71 44.09
C CYS K 395 47.59 -6.08 42.95
N LYS K 396 47.96 -7.36 42.92
CA LYS K 396 48.78 -7.95 41.88
C LYS K 396 47.93 -8.90 41.05
N PHE K 397 47.72 -8.55 39.79
CA PHE K 397 46.93 -9.34 38.87
C PHE K 397 47.86 -10.14 37.97
N THR K 398 47.53 -11.40 37.75
CA THR K 398 48.21 -12.23 36.76
C THR K 398 47.20 -12.66 35.71
N GLY K 399 47.51 -12.42 34.45
CA GLY K 399 46.59 -12.76 33.39
C GLY K 399 47.14 -12.55 32.00
N VAL K 400 46.29 -12.15 31.07
CA VAL K 400 46.66 -11.98 29.68
C VAL K 400 46.28 -10.56 29.24
N GLU K 401 47.23 -9.90 28.58
CA GLU K 401 46.96 -8.61 27.95
C GLU K 401 46.09 -8.84 26.73
N ILE K 402 44.83 -8.42 26.81
CA ILE K 402 43.88 -8.58 25.72
C ILE K 402 43.59 -7.22 25.12
N VAL K 403 42.81 -7.22 24.05
CA VAL K 403 42.53 -6.00 23.32
C VAL K 403 41.03 -5.91 23.11
N VAL K 404 40.50 -4.68 23.19
CA VAL K 404 39.06 -4.45 23.25
C VAL K 404 38.72 -3.33 22.29
N PRO K 405 37.63 -3.43 21.52
CA PRO K 405 37.31 -2.36 20.55
C PRO K 405 37.06 -1.02 21.21
N ASP K 406 37.56 0.04 20.57
CA ASP K 406 37.46 1.40 21.06
C ASP K 406 36.91 2.29 19.95
N VAL K 407 35.95 3.14 20.30
CA VAL K 407 35.27 3.98 19.32
C VAL K 407 35.78 5.41 19.47
N THR K 408 36.31 5.73 20.65
CA THR K 408 36.75 7.08 20.95
C THR K 408 38.01 7.50 20.20
N GLN K 409 38.68 6.58 19.52
CA GLN K 409 39.88 6.90 18.74
C GLN K 409 39.55 7.41 17.35
N LEU K 410 38.31 7.88 17.13
CA LEU K 410 37.90 8.32 15.80
C LEU K 410 38.55 9.65 15.43
N GLY K 411 38.58 10.60 16.36
CA GLY K 411 39.15 11.90 16.13
C GLY K 411 40.62 12.03 16.45
N LEU K 412 41.27 10.95 16.86
CA LEU K 412 42.69 11.00 17.17
C LEU K 412 43.51 11.16 15.90
N PRO K 413 44.63 11.88 15.99
CA PRO K 413 45.53 11.99 14.82
C PRO K 413 46.20 10.66 14.51
N GLY K 414 46.57 10.51 13.25
CA GLY K 414 47.16 9.29 12.75
C GLY K 414 46.17 8.50 11.91
N VAL K 415 46.71 7.59 11.11
CA VAL K 415 45.90 6.77 10.22
C VAL K 415 45.27 5.65 11.05
N LYS K 416 43.95 5.65 11.14
CA LYS K 416 43.22 4.59 11.84
C LYS K 416 43.06 3.40 10.90
N PRO K 417 43.54 2.21 11.26
CA PRO K 417 43.42 1.06 10.36
C PRO K 417 41.98 0.66 10.13
N SER K 418 41.69 0.21 8.91
CA SER K 418 40.35 -0.16 8.49
C SER K 418 40.42 -1.42 7.64
N SER K 419 39.30 -2.14 7.57
CA SER K 419 39.23 -3.40 6.85
C SER K 419 38.13 -3.32 5.80
N THR K 420 38.46 -3.74 4.59
CA THR K 420 37.51 -3.86 3.49
C THR K 420 37.50 -5.28 2.95
N LEU K 421 36.38 -5.68 2.35
CA LEU K 421 36.28 -6.99 1.74
C LEU K 421 37.16 -7.07 0.50
N ASP K 422 37.96 -8.12 0.41
CA ASP K 422 38.76 -8.35 -0.79
C ASP K 422 37.90 -9.04 -1.84
N THR K 423 37.74 -8.39 -2.99
CA THR K 423 36.88 -8.89 -4.07
C THR K 423 37.75 -9.07 -5.30
N ARG K 424 38.35 -10.25 -5.44
CA ARG K 424 39.17 -10.57 -6.60
C ARG K 424 38.70 -11.85 -7.25
N GLY K 425 38.23 -12.81 -6.45
CA GLY K 425 37.77 -14.09 -6.96
C GLY K 425 36.26 -14.20 -7.03
N ILE K 426 35.57 -13.07 -6.97
CA ILE K 426 34.11 -13.03 -7.00
C ILE K 426 33.70 -12.50 -8.37
N SER K 427 32.97 -13.31 -9.13
CA SER K 427 32.50 -12.90 -10.44
C SER K 427 31.26 -12.03 -10.30
N LYS K 428 31.20 -10.96 -11.11
CA LYS K 428 30.11 -10.00 -11.07
C LYS K 428 29.64 -9.69 -12.48
N THR K 429 28.38 -9.26 -12.58
CA THR K 429 27.79 -8.85 -13.85
C THR K 429 27.17 -7.46 -13.69
N THR K 430 27.27 -6.66 -14.74
CA THR K 430 26.73 -5.30 -14.74
C THR K 430 25.30 -5.26 -15.27
N GLU K 431 24.45 -6.12 -14.72
CA GLU K 431 23.05 -6.17 -15.13
C GLU K 431 22.30 -4.92 -14.69
N GLY K 432 22.56 -4.44 -13.48
CA GLY K 432 21.90 -3.25 -12.98
C GLY K 432 20.55 -3.54 -12.38
N LEU K 433 19.93 -2.48 -11.86
CA LEU K 433 18.61 -2.57 -11.24
C LEU K 433 17.79 -1.31 -11.50
N ARG K 441 26.27 -1.48 -5.72
CA ARG K 441 27.70 -1.32 -5.47
C ARG K 441 27.95 -0.84 -4.04
N SER K 442 27.62 -1.70 -3.07
CA SER K 442 27.79 -1.39 -1.65
C SER K 442 28.66 -2.45 -1.00
N LEU K 443 29.54 -2.01 -0.10
CA LEU K 443 30.46 -2.90 0.59
C LEU K 443 30.47 -2.56 2.08
N GLY K 444 30.84 -3.55 2.89
CA GLY K 444 30.90 -3.38 4.32
C GLY K 444 32.30 -3.06 4.83
N VAL K 445 32.45 -1.92 5.48
CA VAL K 445 33.74 -1.46 5.99
C VAL K 445 33.60 -1.16 7.47
N ARG K 446 34.61 -1.57 8.25
CA ARG K 446 34.63 -1.31 9.68
C ARG K 446 36.02 -0.83 10.09
N ASP K 447 36.05 0.00 11.13
CA ASP K 447 37.30 0.55 11.63
C ASP K 447 37.87 -0.37 12.70
N LEU K 448 39.18 -0.60 12.63
CA LEU K 448 39.89 -1.45 13.58
C LEU K 448 40.62 -0.54 14.54
N THR K 449 39.89 -0.02 15.52
CA THR K 449 40.44 0.85 16.55
C THR K 449 40.26 0.15 17.89
N TYR K 450 41.32 0.10 18.67
CA TYR K 450 41.38 -0.80 19.81
C TYR K 450 42.09 -0.14 20.99
N LYS K 451 41.81 -0.67 22.17
CA LYS K 451 42.46 -0.28 23.41
C LYS K 451 42.87 -1.52 24.19
N ILE K 452 43.90 -1.37 24.99
CA ILE K 452 44.49 -2.48 25.73
C ILE K 452 43.74 -2.68 27.03
N SER K 453 43.34 -3.92 27.30
CA SER K 453 42.74 -4.29 28.57
C SER K 453 43.45 -5.54 29.10
N PHE K 454 43.07 -5.95 30.30
CA PHE K 454 43.68 -7.09 30.96
C PHE K 454 42.60 -8.09 31.36
N LEU K 455 42.89 -9.37 31.17
CA LEU K 455 42.00 -10.46 31.57
C LEU K 455 42.77 -11.30 32.59
N ALA K 456 42.43 -11.14 33.86
CA ALA K 456 43.20 -11.72 34.95
C ALA K 456 42.58 -13.04 35.39
N CYS K 457 43.44 -14.04 35.58
CA CYS K 457 43.03 -15.33 36.14
C CYS K 457 43.37 -15.48 37.60
N HIS K 458 44.32 -14.70 38.12
CA HIS K 458 44.74 -14.78 39.51
C HIS K 458 44.79 -13.38 40.11
N VAL K 459 44.19 -13.21 41.27
CA VAL K 459 44.19 -11.95 42.01
C VAL K 459 44.74 -12.23 43.40
N ILE K 460 45.74 -11.47 43.81
CA ILE K 460 46.28 -11.53 45.17
C ILE K 460 46.38 -10.11 45.70
N SER K 461 46.07 -9.94 46.98
CA SER K 461 46.00 -8.62 47.61
C SER K 461 47.24 -8.43 48.47
N ILE K 462 48.30 -7.90 47.87
CA ILE K 462 49.46 -7.53 48.65
C ILE K 462 49.14 -6.29 49.49
N GLY K 463 49.91 -6.10 50.56
CA GLY K 463 49.55 -5.09 51.54
C GLY K 463 49.63 -3.68 51.00
N SER K 464 48.58 -2.90 51.28
CA SER K 464 48.58 -1.47 50.98
C SER K 464 49.63 -0.73 51.80
N ASN K 465 50.04 -1.29 52.93
CA ASN K 465 51.14 -0.76 53.72
C ASN K 465 52.46 -0.97 52.98
N ILE K 466 53.51 -0.32 53.49
CA ILE K 466 54.84 -0.48 52.90
C ILE K 466 55.37 -1.89 53.15
N GLY K 467 55.21 -2.39 54.37
CA GLY K 467 55.67 -3.73 54.70
C GLY K 467 54.57 -4.78 54.59
N GLU K 498 37.05 -12.08 59.75
CA GLU K 498 38.36 -12.01 60.39
C GLU K 498 38.28 -11.36 61.76
N ARG K 499 37.04 -11.07 62.19
CA ARG K 499 36.84 -10.47 63.50
C ARG K 499 37.09 -11.47 64.62
N ASP K 500 36.72 -12.73 64.40
CA ASP K 500 36.95 -13.77 65.38
C ASP K 500 38.43 -14.06 65.53
N GLN K 501 38.87 -14.28 66.78
CA GLN K 501 40.29 -14.45 67.05
C GLN K 501 40.80 -15.83 66.66
N GLU K 502 39.91 -16.84 66.64
CA GLU K 502 40.35 -18.19 66.32
C GLU K 502 40.86 -18.29 64.89
N VAL K 503 40.14 -17.67 63.94
CA VAL K 503 40.55 -17.72 62.54
C VAL K 503 41.82 -16.91 62.30
N PHE K 504 42.15 -15.99 63.19
CA PHE K 504 43.39 -15.23 63.03
C PHE K 504 44.58 -15.98 63.64
N LEU K 505 44.39 -16.55 64.83
CA LEU K 505 45.46 -17.32 65.45
C LEU K 505 45.73 -18.63 64.72
N ASN K 506 44.75 -19.17 64.00
CA ASN K 506 45.01 -20.36 63.20
C ASN K 506 45.91 -20.04 62.00
N SER K 507 45.82 -18.82 61.47
CA SER K 507 46.61 -18.45 60.31
C SER K 507 48.08 -18.30 60.63
N LEU K 508 48.41 -17.85 61.85
CA LEU K 508 49.80 -17.63 62.22
C LEU K 508 50.51 -18.97 62.45
N SER K 509 51.83 -18.96 62.27
CA SER K 509 52.64 -20.14 62.44
C SER K 509 53.06 -20.30 63.90
N SER K 510 53.87 -21.34 64.16
CA SER K 510 54.27 -21.64 65.53
C SER K 510 55.27 -20.60 66.06
N ASP K 511 56.23 -20.20 65.24
CA ASP K 511 57.18 -19.17 65.66
C ASP K 511 56.48 -17.83 65.85
N GLU K 512 55.55 -17.50 64.96
CA GLU K 512 54.80 -16.25 65.07
C GLU K 512 53.90 -16.24 66.30
N ILE K 513 53.22 -17.35 66.58
CA ILE K 513 52.37 -17.39 67.78
C ILE K 513 53.23 -17.38 69.04
N ASN K 514 54.43 -17.97 69.00
CA ASN K 514 55.33 -17.90 70.15
C ASN K 514 55.81 -16.47 70.38
N GLU K 515 56.14 -15.76 69.30
CA GLU K 515 56.56 -14.37 69.42
C GLU K 515 55.42 -13.49 69.94
N LEU K 516 54.20 -13.73 69.46
CA LEU K 516 53.05 -12.96 69.93
C LEU K 516 52.78 -13.24 71.41
N LYS K 517 52.93 -14.50 71.84
CA LYS K 517 52.75 -14.83 73.24
C LYS K 517 53.83 -14.20 74.10
N GLU K 518 55.06 -14.13 73.57
CA GLU K 518 56.13 -13.43 74.27
C GLU K 518 55.83 -11.94 74.39
N MET K 519 55.27 -11.34 73.36
CA MET K 519 54.90 -9.93 73.41
C MET K 519 53.79 -9.67 74.43
N VAL K 520 52.75 -10.49 74.43
CA VAL K 520 51.63 -10.25 75.35
C VAL K 520 52.04 -10.58 76.78
N LYS K 521 53.02 -11.47 76.96
CA LYS K 521 53.47 -11.85 78.29
C LYS K 521 54.19 -10.72 79.02
N ASP K 522 54.74 -9.75 78.28
CA ASP K 522 55.54 -8.69 78.89
C ASP K 522 54.69 -7.79 79.77
N GLU K 523 55.26 -7.35 80.89
CA GLU K 523 54.53 -6.48 81.81
C GLU K 523 54.79 -5.00 81.51
N HIS K 524 55.80 -4.69 80.71
CA HIS K 524 56.05 -3.34 80.23
C HIS K 524 55.61 -3.17 78.77
N ILE K 525 54.55 -3.88 78.38
CA ILE K 525 54.16 -3.93 76.97
C ILE K 525 53.63 -2.57 76.51
N TYR K 526 52.90 -1.86 77.38
CA TYR K 526 52.31 -0.58 76.99
C TYR K 526 53.39 0.46 76.69
N ASP K 527 54.46 0.48 77.49
CA ASP K 527 55.57 1.39 77.24
C ASP K 527 56.27 1.06 75.92
N LYS K 528 56.45 -0.23 75.64
CA LYS K 528 57.04 -0.65 74.37
C LYS K 528 56.17 -0.22 73.19
N LEU K 529 54.86 -0.39 73.31
CA LEU K 529 53.94 -0.01 72.24
C LEU K 529 53.97 1.49 72.00
N VAL K 530 53.97 2.29 73.08
CA VAL K 530 53.93 3.74 72.88
C VAL K 530 55.28 4.25 72.36
N ARG K 531 56.40 3.65 72.79
CA ARG K 531 57.67 4.10 72.26
C ARG K 531 57.96 3.56 70.87
N SER K 532 57.22 2.56 70.41
CA SER K 532 57.39 2.06 69.06
C SER K 532 56.52 2.78 68.03
N ILE K 533 55.66 3.70 68.45
CA ILE K 533 54.82 4.44 67.52
C ILE K 533 55.57 5.68 67.04
N ALA K 534 55.78 5.78 65.72
CA ALA K 534 56.47 6.87 65.05
C ALA K 534 57.83 7.15 65.67
N PRO K 535 58.82 6.26 65.49
CA PRO K 535 60.13 6.49 66.13
C PRO K 535 60.90 7.66 65.55
N ALA K 536 60.51 8.17 64.37
CA ALA K 536 61.20 9.32 63.80
C ALA K 536 60.84 10.61 64.54
N VAL K 537 59.78 10.60 65.34
CA VAL K 537 59.36 11.78 66.07
C VAL K 537 59.92 11.69 67.49
N PHE K 538 60.47 12.81 67.96
CA PHE K 538 61.04 12.88 69.30
C PHE K 538 60.05 13.53 70.25
N GLY K 539 59.79 12.87 71.37
CA GLY K 539 58.85 13.40 72.32
C GLY K 539 57.41 13.16 71.88
N HIS K 540 56.51 13.94 72.49
CA HIS K 540 55.07 13.89 72.24
C HIS K 540 54.50 12.50 72.49
N GLU K 541 54.77 11.97 73.69
CA GLU K 541 54.35 10.62 74.04
C GLU K 541 52.84 10.52 74.17
N ALA K 542 52.16 11.60 74.55
CA ALA K 542 50.71 11.60 74.64
C ALA K 542 50.07 11.40 73.27
N VAL K 543 50.64 12.04 72.25
CA VAL K 543 50.12 11.87 70.89
C VAL K 543 50.35 10.44 70.41
N LYS K 544 51.49 9.83 70.79
CA LYS K 544 51.72 8.44 70.47
C LYS K 544 50.73 7.51 71.15
N LYS K 545 50.39 7.80 72.42
CA LYS K 545 49.33 7.06 73.09
C LYS K 545 48.01 7.20 72.36
N GLY K 546 47.67 8.42 71.95
CA GLY K 546 46.41 8.64 71.24
C GLY K 546 46.36 7.92 69.91
N ILE K 547 47.47 7.91 69.18
CA ILE K 547 47.53 7.24 67.89
C ILE K 547 47.40 5.72 68.07
N LEU K 548 48.08 5.17 69.08
CA LEU K 548 47.96 3.74 69.35
C LEU K 548 46.53 3.36 69.74
N LEU K 549 45.89 4.17 70.58
CA LEU K 549 44.51 3.88 70.97
C LEU K 549 43.55 4.06 69.81
N GLN K 550 43.83 5.00 68.90
CA GLN K 550 43.03 5.15 67.69
C GLN K 550 43.15 3.93 66.79
N MET K 551 44.37 3.39 66.66
CA MET K 551 44.55 2.19 65.85
C MET K 551 43.87 0.98 66.49
N LEU K 552 43.88 0.91 67.82
CA LEU K 552 43.19 -0.18 68.50
C LEU K 552 41.67 -0.01 68.43
N GLY K 553 41.19 1.20 68.68
CA GLY K 553 39.77 1.47 68.61
C GLY K 553 38.99 0.95 69.80
N GLY K 554 37.67 1.14 69.72
CA GLY K 554 36.76 0.68 70.75
C GLY K 554 35.72 -0.27 70.18
N VAL K 555 34.81 -0.70 71.06
CA VAL K 555 33.77 -1.64 70.69
C VAL K 555 32.54 -0.86 70.22
N HIS K 556 31.97 -1.29 69.09
CA HIS K 556 30.77 -0.71 68.54
C HIS K 556 29.56 -1.40 69.17
N LYS K 557 28.65 -0.60 69.71
CA LYS K 557 27.50 -1.12 70.45
C LYS K 557 26.20 -0.63 69.82
N SER K 558 25.17 -1.46 69.87
CA SER K 558 23.85 -1.14 69.34
C SER K 558 22.83 -1.27 70.45
N THR K 559 22.18 -0.16 70.79
CA THR K 559 21.12 -0.16 71.79
C THR K 559 19.84 -0.74 71.19
N VAL K 560 19.04 -1.39 72.04
CA VAL K 560 17.80 -2.01 71.61
C VAL K 560 16.81 -1.01 71.03
N GLU K 561 16.94 0.27 71.39
CA GLU K 561 16.12 1.30 70.74
C GLU K 561 16.50 1.49 69.27
N GLY K 562 17.71 1.12 68.90
CA GLY K 562 18.18 1.21 67.52
C GLY K 562 19.35 2.13 67.31
N ILE K 563 19.66 3.02 68.24
CA ILE K 563 20.80 3.94 68.07
C ILE K 563 22.09 3.16 68.21
N LYS K 564 23.14 3.66 67.55
CA LYS K 564 24.43 3.00 67.51
C LYS K 564 25.45 3.82 68.29
N LEU K 565 26.12 3.17 69.23
CA LEU K 565 27.18 3.84 69.98
C LEU K 565 28.49 3.73 69.22
N ARG K 566 29.05 4.89 68.89
CA ARG K 566 30.20 4.98 67.99
C ARG K 566 31.44 4.49 68.74
N GLY K 567 32.21 3.62 68.08
CA GLY K 567 33.35 3.00 68.73
C GLY K 567 34.70 3.48 68.25
N ASP K 568 34.72 4.30 67.20
CA ASP K 568 35.96 4.80 66.64
C ASP K 568 36.50 5.96 67.48
N ILE K 569 37.82 6.14 67.45
CA ILE K 569 38.48 7.23 68.15
C ILE K 569 38.98 8.25 67.13
N ASN K 570 38.55 9.50 67.29
CA ASN K 570 38.96 10.59 66.41
C ASN K 570 39.94 11.48 67.16
N ILE K 571 41.07 11.78 66.52
CA ILE K 571 42.15 12.55 67.14
C ILE K 571 42.39 13.79 66.30
N CYS K 572 42.48 14.94 66.94
CA CYS K 572 42.85 16.18 66.25
C CYS K 572 44.09 16.75 66.90
N VAL K 573 45.10 17.05 66.09
CA VAL K 573 46.36 17.59 66.56
C VAL K 573 46.44 19.04 66.11
N VAL K 574 46.49 19.96 67.08
CA VAL K 574 46.60 21.39 66.84
C VAL K 574 47.85 21.87 67.52
N GLY K 575 48.52 22.87 66.93
CA GLY K 575 49.66 23.46 67.59
C GLY K 575 50.43 24.38 66.66
N ASP K 576 51.63 24.74 67.10
CA ASP K 576 52.46 25.70 66.41
C ASP K 576 52.96 25.12 65.08
N PRO K 577 53.47 25.97 64.19
CA PRO K 577 54.19 25.45 63.01
C PRO K 577 55.42 24.67 63.42
N SER K 578 55.72 23.65 62.61
CA SER K 578 56.88 22.76 62.81
C SER K 578 56.82 22.05 64.16
N THR K 579 55.66 21.47 64.47
CA THR K 579 55.48 20.66 65.66
C THR K 579 55.45 19.17 65.36
N SER K 580 55.83 18.79 64.13
CA SER K 580 55.77 17.41 63.64
C SER K 580 54.36 16.83 63.71
N LYS K 581 53.35 17.65 63.46
CA LYS K 581 51.98 17.13 63.43
C LYS K 581 51.70 16.38 62.13
N SER K 582 52.41 16.71 61.05
CA SER K 582 52.25 15.99 59.81
C SER K 582 53.04 14.69 59.78
N GLN K 583 54.10 14.58 60.60
CA GLN K 583 54.86 13.34 60.67
C GLN K 583 54.03 12.21 61.24
N PHE K 584 53.16 12.52 62.22
CA PHE K 584 52.26 11.52 62.76
C PHE K 584 51.30 11.00 61.70
N LEU K 585 50.76 11.90 60.88
CA LEU K 585 49.86 11.50 59.81
C LEU K 585 50.57 10.67 58.76
N LYS K 586 51.81 11.05 58.41
CA LYS K 586 52.61 10.23 57.50
C LYS K 586 52.88 8.84 58.06
N TYR K 587 53.17 8.76 59.37
CA TYR K 587 53.38 7.45 59.97
C TYR K 587 52.12 6.61 59.93
N VAL K 588 50.96 7.21 60.20
CA VAL K 588 49.72 6.45 60.23
C VAL K 588 49.33 5.98 58.84
N VAL K 589 49.56 6.81 57.82
CA VAL K 589 49.23 6.37 56.47
C VAL K 589 50.24 5.33 55.96
N GLY K 590 51.50 5.41 56.40
CA GLY K 590 52.48 4.43 55.97
C GLY K 590 52.48 3.15 56.78
N PHE K 591 51.79 3.12 57.90
CA PHE K 591 51.80 1.96 58.79
C PHE K 591 50.49 1.17 58.76
N ALA K 592 49.37 1.83 59.03
CA ALA K 592 48.13 1.12 59.29
C ALA K 592 47.51 0.63 57.98
N PRO K 593 46.89 -0.56 57.99
CA PRO K 593 46.08 -0.97 56.84
C PRO K 593 44.81 -0.15 56.76
N ARG K 594 44.29 -0.03 55.53
CA ARG K 594 43.08 0.75 55.22
C ARG K 594 43.23 2.20 55.68
N SER K 595 44.34 2.82 55.29
CA SER K 595 44.64 4.19 55.65
C SER K 595 44.88 5.03 54.40
N VAL K 596 44.29 6.22 54.37
CA VAL K 596 44.47 7.17 53.28
C VAL K 596 44.89 8.51 53.87
N TYR K 597 45.63 9.29 53.09
CA TYR K 597 46.12 10.59 53.50
C TYR K 597 45.60 11.64 52.53
N THR K 598 44.85 12.60 53.04
CA THR K 598 44.30 13.68 52.24
C THR K 598 44.72 15.02 52.82
N SER K 599 44.70 16.04 51.98
CA SER K 599 44.91 17.41 52.42
C SER K 599 43.60 18.18 52.33
N GLY K 600 43.44 19.17 53.20
CA GLY K 600 42.17 19.88 53.27
C GLY K 600 41.87 20.67 52.01
N LYS K 601 42.87 21.36 51.45
CA LYS K 601 42.63 22.20 50.30
C LYS K 601 42.46 21.39 49.01
N ALA K 602 43.24 20.32 48.85
CA ALA K 602 43.17 19.50 47.65
C ALA K 602 41.96 18.57 47.64
N SER K 603 41.23 18.46 48.74
CA SER K 603 40.10 17.56 48.83
C SER K 603 38.84 18.22 48.28
N SER K 604 37.78 17.41 48.20
CA SER K 604 36.47 17.88 47.77
C SER K 604 35.42 17.08 48.53
N ALA K 605 34.16 17.55 48.45
CA ALA K 605 33.07 16.82 49.06
C ALA K 605 32.86 15.46 48.40
N ALA K 606 32.96 15.42 47.07
CA ALA K 606 32.81 14.16 46.36
C ALA K 606 34.03 13.27 46.55
N GLY K 607 35.22 13.87 46.65
CA GLY K 607 36.42 13.08 46.80
C GLY K 607 36.62 12.52 48.20
N LEU K 608 36.10 13.20 49.21
CA LEU K 608 36.25 12.73 50.57
C LEU K 608 35.32 11.57 50.90
N THR K 609 34.10 11.60 50.36
CA THR K 609 33.07 10.64 50.76
C THR K 609 32.74 9.64 49.66
N ALA K 610 32.26 10.11 48.51
CA ALA K 610 31.81 9.28 47.40
C ALA K 610 31.47 10.18 46.23
N ALA K 611 31.68 9.67 45.02
CA ALA K 611 31.49 10.46 43.82
C ALA K 611 30.57 9.74 42.84
N VAL K 612 29.76 10.52 42.13
CA VAL K 612 28.92 10.02 41.04
C VAL K 612 29.59 10.46 39.73
N VAL K 613 30.01 9.48 38.93
CA VAL K 613 30.85 9.73 37.77
C VAL K 613 30.13 9.25 36.52
N ARG K 614 30.11 10.10 35.50
CA ARG K 614 29.62 9.75 34.17
C ARG K 614 30.81 9.30 33.31
N ASP K 615 30.67 8.16 32.66
CA ASP K 615 31.74 7.56 31.89
C ASP K 615 31.41 7.64 30.39
N GLU K 616 32.35 8.19 29.62
CA GLU K 616 32.29 8.24 28.15
C GLU K 616 31.05 8.99 27.65
N GLU K 617 30.58 9.97 28.43
CA GLU K 617 29.42 10.79 28.09
C GLU K 617 28.17 9.95 27.80
N GLY K 618 28.00 8.87 28.58
CA GLY K 618 26.88 7.98 28.40
C GLY K 618 25.78 8.20 29.45
N GLY K 619 24.69 7.46 29.28
CA GLY K 619 23.58 7.54 30.22
C GLY K 619 23.85 6.84 31.54
N ASP K 620 24.85 5.96 31.58
CA ASP K 620 25.14 5.21 32.79
C ASP K 620 25.98 6.06 33.75
N TYR K 621 25.67 5.95 35.03
CA TYR K 621 26.39 6.64 36.10
C TYR K 621 26.96 5.60 37.04
N THR K 622 28.14 5.89 37.59
CA THR K 622 28.84 4.97 38.48
C THR K 622 29.13 5.65 39.80
N ILE K 623 29.30 4.82 40.85
CA ILE K 623 29.70 5.28 42.17
C ILE K 623 31.17 4.96 42.35
N GLU K 624 31.97 5.97 42.67
CA GLU K 624 33.38 5.82 42.97
C GLU K 624 33.63 6.13 44.44
N ALA K 625 34.38 5.26 45.11
CA ALA K 625 34.58 5.39 46.54
C ALA K 625 35.47 6.58 46.87
N GLY K 626 35.04 7.38 47.85
CA GLY K 626 35.80 8.52 48.28
C GLY K 626 36.85 8.15 49.31
N ALA K 627 37.43 9.18 49.91
CA ALA K 627 38.52 8.96 50.87
C ALA K 627 38.03 8.27 52.13
N LEU K 628 36.81 8.58 52.58
CA LEU K 628 36.30 8.00 53.82
C LEU K 628 36.02 6.52 53.69
N MET K 629 35.54 6.06 52.52
CA MET K 629 35.32 4.64 52.34
C MET K 629 36.61 3.86 52.12
N LEU K 630 37.61 4.49 51.51
CA LEU K 630 38.89 3.82 51.33
C LEU K 630 39.62 3.64 52.65
N ALA K 631 39.19 4.34 53.70
CA ALA K 631 39.67 4.13 55.05
C ALA K 631 38.59 3.56 55.97
N ASP K 632 37.62 2.84 55.41
CA ASP K 632 36.56 2.27 56.21
C ASP K 632 37.11 1.16 57.10
N ASN K 633 36.79 1.21 58.40
CA ASN K 633 37.48 0.43 59.44
C ASN K 633 38.98 0.64 59.35
N GLY K 634 39.38 1.90 59.16
CA GLY K 634 40.76 2.31 59.15
C GLY K 634 40.86 3.74 59.64
N ILE K 635 41.91 4.45 59.23
CA ILE K 635 42.11 5.83 59.66
C ILE K 635 42.22 6.72 58.41
N CYS K 636 41.41 7.77 58.38
CA CYS K 636 41.53 8.81 57.37
C CYS K 636 42.33 9.96 57.96
N CYS K 637 43.49 10.22 57.39
CA CYS K 637 44.40 11.25 57.88
C CYS K 637 44.24 12.50 57.04
N ILE K 638 43.70 13.55 57.64
CA ILE K 638 43.42 14.78 56.93
C ILE K 638 44.31 15.87 57.52
N ASP K 639 45.27 16.34 56.73
CA ASP K 639 46.10 17.45 57.14
C ASP K 639 45.50 18.75 56.63
N GLU K 640 45.70 19.82 57.40
CA GLU K 640 45.07 21.12 57.19
C GLU K 640 43.55 21.00 57.12
N PHE K 641 42.99 20.53 58.23
CA PHE K 641 41.53 20.49 58.37
C PHE K 641 40.94 21.89 58.39
N ASP K 642 41.70 22.87 58.87
CA ASP K 642 41.23 24.25 58.89
C ASP K 642 41.09 24.83 57.49
N LYS K 643 41.97 24.42 56.57
CA LYS K 643 41.95 24.96 55.22
C LYS K 643 40.80 24.43 54.38
N MET K 644 40.08 23.41 54.85
CA MET K 644 38.90 22.93 54.16
C MET K 644 37.80 23.98 54.18
N ASP K 645 36.99 24.01 53.12
CA ASP K 645 35.86 24.92 53.08
C ASP K 645 34.71 24.34 53.91
N ILE K 646 33.63 25.13 54.01
CA ILE K 646 32.53 24.77 54.91
C ILE K 646 31.75 23.57 54.38
N SER K 647 31.59 23.48 53.05
CA SER K 647 30.76 22.43 52.46
C SER K 647 31.35 21.04 52.70
N ASP K 648 32.67 20.90 52.53
CA ASP K 648 33.30 19.60 52.79
C ASP K 648 33.28 19.26 54.27
N GLN K 649 33.39 20.27 55.14
CA GLN K 649 33.27 20.04 56.57
C GLN K 649 31.87 19.56 56.94
N VAL K 650 30.85 20.09 56.27
CA VAL K 650 29.48 19.65 56.50
C VAL K 650 29.30 18.20 56.05
N ALA K 651 29.74 17.91 54.82
CA ALA K 651 29.62 16.58 54.27
C ALA K 651 30.48 15.57 55.01
N ILE K 652 31.46 16.03 55.79
CA ILE K 652 32.26 15.06 56.53
C ILE K 652 31.78 14.91 57.98
N HIS K 653 31.19 15.93 58.63
CA HIS K 653 30.70 15.61 59.96
C HIS K 653 29.35 14.92 59.89
N GLU K 654 28.65 15.02 58.76
CA GLU K 654 27.48 14.15 58.58
C GLU K 654 27.89 12.69 58.61
N ALA K 655 29.02 12.36 57.98
CA ALA K 655 29.54 10.99 58.03
C ALA K 655 30.25 10.68 59.34
N MET K 656 30.66 11.70 60.10
CA MET K 656 31.19 11.44 61.43
C MET K 656 30.06 11.04 62.39
N GLU K 657 28.92 11.73 62.30
CA GLU K 657 27.81 11.41 63.19
C GLU K 657 27.08 10.15 62.75
N GLN K 658 26.60 10.11 61.50
CA GLN K 658 25.77 9.01 61.05
C GLN K 658 26.57 7.76 60.70
N GLN K 659 27.88 7.88 60.53
CA GLN K 659 28.78 6.83 60.04
C GLN K 659 28.39 6.34 58.65
N THR K 660 27.61 7.13 57.91
CA THR K 660 27.11 6.77 56.59
C THR K 660 27.19 7.96 55.66
N ILE K 661 27.17 7.67 54.36
CA ILE K 661 27.14 8.67 53.30
C ILE K 661 25.88 8.45 52.49
N SER K 662 25.13 9.52 52.24
CA SER K 662 23.91 9.45 51.45
C SER K 662 24.16 10.07 50.08
N ILE K 663 23.73 9.37 49.03
CA ILE K 663 23.88 9.83 47.66
C ILE K 663 22.50 9.92 47.04
N ALA K 664 22.17 11.09 46.48
CA ALA K 664 20.94 11.29 45.74
C ALA K 664 21.19 11.89 44.36
N LYS K 665 22.45 12.02 43.95
CA LYS K 665 22.79 12.65 42.69
C LYS K 665 22.43 11.75 41.52
N ALA K 666 21.96 12.37 40.44
CA ALA K 666 21.57 11.74 39.16
C ALA K 666 20.47 10.72 39.47
N GLY K 667 20.44 9.58 38.80
CA GLY K 667 19.46 8.55 39.05
C GLY K 667 19.85 7.57 40.12
N ILE K 668 20.94 7.83 40.85
CA ILE K 668 21.44 6.92 41.87
C ILE K 668 21.06 7.47 43.24
N HIS K 669 20.37 6.65 44.02
CA HIS K 669 20.20 6.87 45.45
C HIS K 669 20.93 5.73 46.16
N ALA K 670 21.70 6.05 47.18
CA ALA K 670 22.51 5.02 47.83
C ALA K 670 22.84 5.45 49.25
N THR K 671 23.06 4.44 50.10
CA THR K 671 23.51 4.62 51.47
C THR K 671 24.77 3.79 51.64
N LEU K 672 25.86 4.46 52.01
CA LEU K 672 27.20 3.90 51.98
C LEU K 672 27.80 3.95 53.39
N ASN K 673 28.67 3.00 53.70
CA ASN K 673 29.32 2.98 54.99
C ASN K 673 30.58 3.83 55.01
N ALA K 674 30.77 4.57 56.08
CA ALA K 674 31.97 5.37 56.30
C ALA K 674 32.44 5.25 57.74
N ARG K 675 32.43 4.02 58.27
CA ARG K 675 32.84 3.75 59.65
C ARG K 675 34.36 3.89 59.71
N THR K 676 34.80 5.09 60.05
CA THR K 676 36.19 5.49 59.86
C THR K 676 36.65 6.38 61.00
N SER K 677 37.79 6.03 61.59
CA SER K 677 38.47 6.92 62.52
C SER K 677 39.12 8.05 61.75
N ILE K 678 39.06 9.25 62.32
CA ILE K 678 39.58 10.44 61.65
C ILE K 678 40.74 11.00 62.46
N LEU K 679 41.88 11.17 61.80
CA LEU K 679 43.06 11.78 62.39
C LEU K 679 43.31 13.08 61.63
N ALA K 680 43.01 14.21 62.26
CA ALA K 680 43.11 15.51 61.63
C ALA K 680 44.28 16.29 62.21
N ALA K 681 44.96 17.04 61.35
CA ALA K 681 46.01 17.96 61.76
C ALA K 681 45.60 19.36 61.33
N ALA K 682 45.47 20.25 62.30
CA ALA K 682 44.95 21.59 62.03
C ALA K 682 45.88 22.65 62.59
N ASN K 683 46.10 23.69 61.80
CA ASN K 683 46.81 24.87 62.23
C ASN K 683 45.82 25.87 62.83
N PRO K 684 46.22 26.61 63.86
CA PRO K 684 45.32 27.60 64.44
C PRO K 684 45.15 28.80 63.53
N VAL K 685 44.15 29.61 63.84
CA VAL K 685 43.97 30.88 63.14
C VAL K 685 45.13 31.80 63.48
N GLY K 686 45.65 32.47 62.45
CA GLY K 686 46.82 33.31 62.60
C GLY K 686 48.14 32.59 62.67
N GLY K 687 48.15 31.26 62.48
CA GLY K 687 49.38 30.51 62.51
C GLY K 687 49.79 30.10 63.91
N ARG K 688 50.15 31.07 64.74
CA ARG K 688 50.57 30.77 66.11
C ARG K 688 49.35 30.43 66.97
N TYR K 689 49.58 29.59 67.97
CA TYR K 689 48.52 29.25 68.92
C TYR K 689 48.45 30.33 70.00
N ASN K 690 47.32 31.02 70.06
CA ASN K 690 47.09 32.06 71.06
C ASN K 690 46.67 31.39 72.37
N ARG K 691 47.53 31.48 73.39
CA ARG K 691 47.23 30.85 74.67
C ARG K 691 46.10 31.56 75.39
N LYS K 692 45.84 32.83 75.07
CA LYS K 692 44.83 33.59 75.78
C LYS K 692 43.42 33.17 75.38
N LEU K 693 43.28 32.51 74.24
CA LEU K 693 41.96 32.07 73.78
C LEU K 693 41.72 30.61 74.13
N SER K 694 40.46 30.22 74.08
CA SER K 694 40.08 28.82 74.25
C SER K 694 40.36 28.04 72.96
N LEU K 695 40.06 26.75 72.99
CA LEU K 695 40.31 25.92 71.81
C LEU K 695 39.43 26.32 70.65
N ARG K 696 38.19 26.76 70.92
CA ARG K 696 37.28 27.16 69.86
C ARG K 696 37.71 28.48 69.22
N GLY K 697 38.42 29.33 69.97
CA GLY K 697 38.92 30.56 69.40
C GLY K 697 40.01 30.36 68.36
N ASN K 698 40.87 29.37 68.57
CA ASN K 698 41.97 29.12 67.65
C ASN K 698 41.55 28.32 66.42
N LEU K 699 40.44 27.60 66.50
CA LEU K 699 40.00 26.75 65.40
C LEU K 699 38.80 27.37 64.70
N ASN K 700 38.88 27.48 63.38
CA ASN K 700 37.77 28.00 62.58
C ASN K 700 36.77 26.92 62.19
N MET K 701 37.08 25.66 62.48
CA MET K 701 36.16 24.58 62.12
C MET K 701 34.96 24.55 63.06
N THR K 702 33.85 24.02 62.55
CA THR K 702 32.56 24.21 63.16
C THR K 702 32.41 23.37 64.44
N ALA K 703 31.46 23.78 65.28
CA ALA K 703 31.17 23.05 66.51
C ALA K 703 30.71 21.61 66.30
N PRO K 704 29.86 21.26 65.32
CA PRO K 704 29.61 19.83 65.07
C PRO K 704 30.85 19.04 64.70
N ILE K 705 31.82 19.66 64.02
CA ILE K 705 33.09 18.99 63.75
C ILE K 705 33.84 18.75 65.06
N MET K 706 33.95 19.80 65.89
CA MET K 706 34.76 19.73 67.10
C MET K 706 34.15 18.81 68.15
N SER K 707 32.83 18.64 68.15
CA SER K 707 32.19 17.80 69.14
C SER K 707 32.48 16.32 68.94
N ARG K 708 32.89 15.93 67.73
CA ARG K 708 33.09 14.52 67.41
C ARG K 708 34.52 14.05 67.65
N PHE K 709 35.43 14.96 68.00
CA PHE K 709 36.81 14.58 68.24
C PHE K 709 37.01 14.20 69.70
N ASP K 710 37.54 13.01 69.93
CA ASP K 710 37.72 12.52 71.30
C ASP K 710 38.85 13.24 72.01
N LEU K 711 39.98 13.40 71.33
CA LEU K 711 41.17 14.01 71.92
C LEU K 711 41.71 15.11 71.02
N PHE K 712 41.88 16.29 71.61
CA PHE K 712 42.58 17.40 70.98
C PHE K 712 43.94 17.52 71.63
N PHE K 713 44.99 17.23 70.87
CA PHE K 713 46.36 17.35 71.35
C PHE K 713 46.90 18.69 70.86
N VAL K 714 46.97 19.65 71.77
CA VAL K 714 47.55 20.95 71.47
C VAL K 714 49.01 20.91 71.89
N ILE K 715 49.90 20.80 70.91
CA ILE K 715 51.33 20.63 71.15
C ILE K 715 52.05 21.93 70.78
N LEU K 716 52.86 22.43 71.70
CA LEU K 716 53.33 23.80 71.67
C LEU K 716 54.85 23.85 71.66
N ASP K 717 55.40 24.95 71.16
CA ASP K 717 56.84 25.19 71.19
C ASP K 717 57.20 26.01 72.42
N ASP K 718 58.07 25.46 73.26
CA ASP K 718 58.70 26.20 74.33
C ASP K 718 60.21 26.12 74.14
N CYS K 719 60.89 27.25 74.31
CA CYS K 719 62.32 27.34 74.05
C CYS K 719 63.08 26.94 75.31
N ASN K 720 63.39 25.65 75.42
CA ASN K 720 64.25 25.13 76.47
C ASN K 720 65.52 24.61 75.81
N GLU K 721 66.66 25.00 76.36
CA GLU K 721 67.95 24.71 75.73
C GLU K 721 68.23 23.21 75.65
N LYS K 722 67.91 22.47 76.72
CA LYS K 722 68.16 21.04 76.73
C LYS K 722 67.29 20.30 75.73
N ILE K 723 65.99 20.64 75.69
CA ILE K 723 65.06 19.98 74.79
C ILE K 723 65.40 20.31 73.34
N ASP K 724 65.75 21.58 73.08
CA ASP K 724 66.14 21.98 71.72
C ASP K 724 67.43 21.30 71.30
N THR K 725 68.39 21.14 72.22
CA THR K 725 69.63 20.44 71.90
C THR K 725 69.37 18.98 71.57
N GLU K 726 68.54 18.31 72.37
CA GLU K 726 68.22 16.90 72.10
C GLU K 726 67.46 16.75 70.79
N LEU K 727 66.53 17.65 70.51
CA LEU K 727 65.78 17.61 69.26
C LEU K 727 66.69 17.83 68.05
N ALA K 728 67.59 18.81 68.15
CA ALA K 728 68.53 19.08 67.06
C ALA K 728 69.44 17.90 66.81
N SER K 729 69.95 17.30 67.89
CA SER K 729 70.81 16.13 67.75
C SER K 729 70.04 14.97 67.14
N HIS K 730 68.77 14.79 67.52
CA HIS K 730 67.97 13.71 66.96
C HIS K 730 67.76 13.89 65.47
N ILE K 731 67.47 15.13 65.03
CA ILE K 731 67.21 15.36 63.62
C ILE K 731 68.49 15.23 62.80
N VAL K 732 69.61 15.72 63.31
CA VAL K 732 70.88 15.57 62.58
C VAL K 732 71.30 14.10 62.53
N ASP K 733 71.10 13.35 63.61
CA ASP K 733 71.34 11.91 63.57
C ASP K 733 70.43 11.22 62.58
N LEU K 734 69.19 11.67 62.47
CA LEU K 734 68.28 11.10 61.48
C LEU K 734 68.80 11.32 60.07
N HIS K 735 69.22 12.55 59.77
CA HIS K 735 69.77 12.85 58.45
C HIS K 735 71.06 12.08 58.19
N MET K 736 71.87 11.84 59.22
CA MET K 736 73.13 11.12 59.01
C MET K 736 72.92 9.62 58.86
N LYS K 737 71.96 9.04 59.59
CA LYS K 737 71.92 7.60 59.75
C LYS K 737 70.74 6.90 59.11
N ARG K 738 69.69 7.64 58.71
CA ARG K 738 68.48 7.07 58.12
C ARG K 738 67.84 6.03 59.04
N ASP K 739 67.89 4.76 58.66
CA ASP K 739 67.26 3.71 59.47
C ASP K 739 68.05 3.40 60.73
N GLU K 740 69.35 3.69 60.74
CA GLU K 740 70.16 3.41 61.92
C GLU K 740 69.84 4.33 63.08
N ALA K 741 69.35 5.55 62.81
CA ALA K 741 68.89 6.43 63.87
C ALA K 741 67.51 6.05 64.41
N ILE K 742 66.85 5.09 63.79
CA ILE K 742 65.55 4.61 64.23
C ILE K 742 65.76 3.25 64.91
N GLU K 743 65.53 3.21 66.22
CA GLU K 743 65.67 1.98 67.00
C GLU K 743 64.41 1.80 67.84
N PRO K 744 63.34 1.30 67.25
CA PRO K 744 62.11 1.08 68.01
C PRO K 744 62.17 -0.23 68.77
N PRO K 745 61.41 -0.35 69.87
CA PRO K 745 61.33 -1.64 70.56
C PRO K 745 60.75 -2.75 69.70
N PHE K 746 59.79 -2.45 68.84
CA PHE K 746 59.20 -3.42 67.93
C PHE K 746 59.29 -2.91 66.50
N SER K 747 59.44 -3.82 65.56
CA SER K 747 59.41 -3.47 64.15
C SER K 747 57.98 -3.23 63.69
N ALA K 748 57.84 -2.86 62.43
CA ALA K 748 56.51 -2.53 61.90
C ALA K 748 55.64 -3.78 61.76
N GLU K 749 56.22 -4.89 61.29
CA GLU K 749 55.42 -6.07 61.01
C GLU K 749 54.91 -6.73 62.29
N GLN K 750 55.74 -6.81 63.33
CA GLN K 750 55.28 -7.41 64.58
C GLN K 750 54.33 -6.46 65.31
N LEU K 751 54.50 -5.14 65.14
CA LEU K 751 53.54 -4.20 65.68
C LEU K 751 52.17 -4.36 65.01
N ARG K 752 52.16 -4.55 63.69
CA ARG K 752 50.89 -4.79 63.01
C ARG K 752 50.27 -6.11 63.43
N ARG K 753 51.10 -7.14 63.65
CA ARG K 753 50.59 -8.42 64.13
C ARG K 753 49.95 -8.27 65.52
N TYR K 754 50.60 -7.50 66.40
CA TYR K 754 50.04 -7.25 67.72
C TYR K 754 48.74 -6.47 67.63
N ILE K 755 48.68 -5.47 66.73
CA ILE K 755 47.48 -4.66 66.58
C ILE K 755 46.31 -5.52 66.07
N LYS K 756 46.59 -6.38 65.09
CA LYS K 756 45.55 -7.25 64.56
C LYS K 756 45.10 -8.29 65.58
N TYR K 757 46.01 -8.75 66.44
CA TYR K 757 45.60 -9.63 67.53
C TYR K 757 44.74 -8.89 68.54
N ALA K 758 45.15 -7.68 68.92
CA ALA K 758 44.49 -6.96 70.00
C ALA K 758 43.13 -6.41 69.58
N ARG K 759 42.92 -6.18 68.29
CA ARG K 759 41.62 -5.70 67.83
C ARG K 759 40.56 -6.79 67.90
N THR K 760 40.94 -8.05 68.09
CA THR K 760 39.97 -9.13 68.20
C THR K 760 39.27 -9.12 69.54
N PHE K 761 39.91 -8.59 70.59
CA PHE K 761 39.31 -8.56 71.91
C PHE K 761 38.19 -7.54 71.98
N LYS K 762 37.19 -7.85 72.80
CA LYS K 762 36.06 -6.95 73.06
C LYS K 762 35.94 -6.76 74.56
N PRO K 763 36.51 -5.70 75.12
CA PRO K 763 36.46 -5.52 76.58
C PRO K 763 35.08 -5.25 77.12
N ILE K 764 34.86 -5.67 78.37
CA ILE K 764 33.63 -5.42 79.11
C ILE K 764 34.00 -4.70 80.40
N LEU K 765 33.19 -3.72 80.78
CA LEU K 765 33.40 -3.03 82.04
C LEU K 765 32.97 -3.91 83.20
N THR K 766 33.76 -3.87 84.29
CA THR K 766 33.50 -4.66 85.47
C THR K 766 32.62 -3.87 86.45
N LYS K 767 32.40 -4.44 87.63
CA LYS K 767 31.54 -3.78 88.62
C LYS K 767 32.20 -2.55 89.21
N GLU K 768 33.47 -2.66 89.62
CA GLU K 768 34.14 -1.52 90.23
C GLU K 768 34.53 -0.48 89.19
N ALA K 769 34.74 -0.92 87.94
CA ALA K 769 35.10 0.01 86.87
C ALA K 769 33.98 1.00 86.59
N ARG K 770 32.73 0.57 86.78
CA ARG K 770 31.59 1.46 86.60
C ARG K 770 31.66 2.65 87.55
N SER K 771 31.79 2.36 88.85
CA SER K 771 31.82 3.42 89.84
C SER K 771 33.08 4.26 89.73
N TYR K 772 34.18 3.64 89.33
CA TYR K 772 35.42 4.41 89.19
C TYR K 772 35.34 5.35 87.99
N LEU K 773 34.69 4.92 86.91
CA LEU K 773 34.41 5.77 85.76
C LEU K 773 33.52 6.94 86.16
N VAL K 774 32.48 6.66 86.96
CA VAL K 774 31.59 7.72 87.43
C VAL K 774 32.35 8.72 88.29
N GLU K 775 33.27 8.23 89.13
CA GLU K 775 34.07 9.11 89.98
C GLU K 775 35.01 9.98 89.15
N LYS K 776 35.60 9.42 88.10
CA LYS K 776 36.48 10.22 87.25
C LYS K 776 35.69 11.31 86.52
N TYR K 777 34.50 10.98 86.01
CA TYR K 777 33.68 12.01 85.37
C TYR K 777 33.24 13.06 86.38
N LYS K 778 32.93 12.62 87.60
CA LYS K 778 32.65 13.53 88.71
C LYS K 778 33.76 14.55 88.92
N GLU K 779 35.00 14.08 89.04
CA GLU K 779 36.06 15.04 89.33
C GLU K 779 36.44 15.85 88.10
N LEU K 780 36.19 15.34 86.89
CA LEU K 780 36.40 16.16 85.70
C LEU K 780 35.42 17.33 85.67
N ARG K 781 34.13 17.07 85.94
CA ARG K 781 33.17 18.16 85.99
C ARG K 781 33.45 19.11 87.15
N LYS K 782 33.93 18.59 88.28
CA LYS K 782 34.30 19.45 89.39
C LYS K 782 35.50 20.33 89.03
N ASP K 783 36.45 19.78 88.26
CA ASP K 783 37.57 20.57 87.78
C ASP K 783 37.11 21.66 86.82
N ASP K 784 36.13 21.34 85.96
CA ASP K 784 35.52 22.37 85.11
C ASP K 784 34.89 23.48 85.94
N ALA K 785 34.14 23.09 86.98
CA ALA K 785 33.46 24.08 87.81
C ALA K 785 34.43 24.99 88.54
N GLN K 786 35.52 24.42 89.07
CA GLN K 786 36.49 25.24 89.78
C GLN K 786 37.44 25.97 88.83
N GLY K 787 37.50 25.56 87.56
CA GLY K 787 38.35 26.26 86.62
C GLY K 787 37.64 27.41 85.92
N PHE K 788 36.33 27.30 85.74
CA PHE K 788 35.49 28.30 85.07
C PHE K 788 36.00 28.48 83.64
N SER K 789 36.52 29.64 83.25
CA SER K 789 36.98 29.87 81.89
C SER K 789 38.43 29.44 81.68
N ARG K 790 39.10 28.91 82.70
CA ARG K 790 40.50 28.51 82.55
C ARG K 790 40.64 27.25 81.69
N SER K 791 39.58 26.44 81.59
CA SER K 791 39.63 25.26 80.75
C SER K 791 39.51 25.64 79.28
N SER K 792 40.20 24.88 78.42
CA SER K 792 40.12 25.14 76.99
C SER K 792 38.76 24.74 76.43
N TYR K 793 38.26 23.57 76.79
CA TYR K 793 36.94 23.12 76.42
C TYR K 793 36.35 22.36 77.60
N ARG K 794 35.04 22.46 77.77
CA ARG K 794 34.40 21.91 78.96
C ARG K 794 34.06 20.42 78.76
N ILE K 795 34.21 19.67 79.84
CA ILE K 795 33.85 18.25 79.84
C ILE K 795 32.33 18.11 79.85
N THR K 796 31.82 17.31 78.92
CA THR K 796 30.40 16.98 78.79
C THR K 796 30.27 15.46 78.78
N VAL K 797 29.06 14.98 78.44
CA VAL K 797 28.79 13.55 78.40
C VAL K 797 29.59 12.88 77.27
N ARG K 798 29.87 13.64 76.19
CA ARG K 798 30.68 13.10 75.11
C ARG K 798 32.09 12.77 75.59
N GLN K 799 32.60 13.52 76.57
CA GLN K 799 33.90 13.19 77.15
C GLN K 799 33.83 11.92 77.98
N LEU K 800 32.69 11.66 78.64
CA LEU K 800 32.49 10.38 79.30
C LEU K 800 32.51 9.23 78.29
N GLU K 801 31.81 9.40 77.16
CA GLU K 801 31.79 8.36 76.14
C GLU K 801 33.18 8.15 75.54
N SER K 802 33.93 9.23 75.33
CA SER K 802 35.29 9.12 74.84
C SER K 802 36.20 8.46 75.86
N MET K 803 35.96 8.68 77.15
CA MET K 803 36.74 7.99 78.18
C MET K 803 36.43 6.50 78.20
N ILE K 804 35.18 6.12 77.96
CA ILE K 804 34.83 4.70 77.83
C ILE K 804 35.56 4.09 76.63
N ARG K 805 35.57 4.81 75.50
CA ARG K 805 36.27 4.32 74.31
C ARG K 805 37.77 4.19 74.55
N LEU K 806 38.36 5.18 75.21
CA LEU K 806 39.80 5.15 75.48
C LEU K 806 40.15 4.02 76.44
N SER K 807 39.29 3.77 77.44
CA SER K 807 39.52 2.66 78.35
C SER K 807 39.43 1.32 77.64
N GLU K 808 38.48 1.18 76.71
CA GLU K 808 38.41 -0.04 75.92
C GLU K 808 39.66 -0.22 75.05
N ALA K 809 40.15 0.88 74.47
CA ALA K 809 41.36 0.81 73.67
C ALA K 809 42.58 0.43 74.51
N ILE K 810 42.69 0.97 75.72
CA ILE K 810 43.80 0.62 76.61
C ILE K 810 43.71 -0.84 77.03
N ALA K 811 42.50 -1.32 77.32
CA ALA K 811 42.31 -2.73 77.65
C ALA K 811 42.67 -3.62 76.47
N ARG K 812 42.39 -3.17 75.24
CA ARG K 812 42.85 -3.90 74.06
C ARG K 812 44.37 -3.88 73.95
N ALA K 813 45.01 -2.79 74.38
CA ALA K 813 46.46 -2.67 74.27
C ALA K 813 47.17 -3.71 75.14
N ASN K 814 46.61 -4.03 76.30
CA ASN K 814 47.15 -5.04 77.18
C ASN K 814 46.55 -6.41 76.95
N CYS K 815 45.67 -6.54 75.95
CA CYS K 815 45.11 -7.82 75.50
C CYS K 815 44.35 -8.54 76.61
N VAL K 816 43.38 -7.83 77.20
CA VAL K 816 42.56 -8.39 78.27
C VAL K 816 41.09 -8.30 77.85
N ASP K 817 40.27 -9.10 78.53
CA ASP K 817 38.86 -9.21 78.21
C ASP K 817 38.03 -8.26 79.07
N GLU K 818 38.55 -7.84 80.21
CA GLU K 818 37.81 -6.98 81.13
C GLU K 818 38.64 -5.75 81.46
N ILE K 819 37.96 -4.63 81.67
CA ILE K 819 38.62 -3.36 81.96
C ILE K 819 38.80 -3.22 83.45
N THR K 820 40.02 -3.14 83.87
CA THR K 820 40.60 -2.86 85.17
C THR K 820 40.50 -1.37 85.47
N PRO K 821 40.26 -0.97 86.72
CA PRO K 821 40.21 0.47 87.04
C PRO K 821 41.51 1.22 86.77
N SER K 822 42.65 0.52 86.71
CA SER K 822 43.89 1.18 86.31
C SER K 822 43.79 1.70 84.87
N PHE K 823 43.10 0.96 84.00
CA PHE K 823 42.87 1.43 82.64
C PHE K 823 41.99 2.67 82.62
N ILE K 824 40.98 2.71 83.49
CA ILE K 824 40.13 3.90 83.62
C ILE K 824 40.97 5.08 84.06
N ALA K 825 41.87 4.86 85.03
CA ALA K 825 42.73 5.95 85.50
C ALA K 825 43.67 6.44 84.40
N GLU K 826 44.21 5.52 83.59
CA GLU K 826 45.10 5.93 82.51
C GLU K 826 44.35 6.70 81.43
N ALA K 827 43.13 6.27 81.10
CA ALA K 827 42.32 7.02 80.13
C ALA K 827 41.96 8.40 80.65
N TYR K 828 41.61 8.51 81.94
CA TYR K 828 41.30 9.80 82.54
C TYR K 828 42.53 10.70 82.56
N ASP K 829 43.70 10.12 82.81
CA ASP K 829 44.96 10.86 82.81
C ASP K 829 45.24 11.41 81.40
N LEU K 830 45.08 10.58 80.38
CA LEU K 830 45.34 11.01 79.01
C LEU K 830 44.36 12.11 78.60
N LEU K 831 43.08 11.97 78.97
CA LEU K 831 42.11 13.00 78.64
C LEU K 831 42.34 14.27 79.46
N ARG K 832 42.93 14.15 80.65
CA ARG K 832 43.15 15.33 81.48
C ARG K 832 44.31 16.19 80.98
N GLN K 833 45.43 15.58 80.58
CA GLN K 833 46.38 16.43 79.84
C GLN K 833 46.06 16.58 78.36
N SER K 834 44.98 16.00 77.85
CA SER K 834 44.48 16.42 76.55
C SER K 834 44.01 17.87 76.59
N ILE K 835 43.33 18.25 77.67
CA ILE K 835 42.85 19.61 77.88
C ILE K 835 43.93 20.42 78.57
N ILE K 836 44.17 21.64 78.09
CA ILE K 836 45.20 22.51 78.63
C ILE K 836 44.54 23.75 79.21
N ARG K 837 45.21 24.35 80.19
CA ARG K 837 44.70 25.53 80.87
C ARG K 837 44.89 26.78 80.03
N VAL K 838 43.95 27.71 80.14
CA VAL K 838 43.99 28.95 79.40
C VAL K 838 44.67 30.02 80.23
N ASP K 839 45.71 30.64 79.68
CA ASP K 839 46.44 31.67 80.40
C ASP K 839 45.64 32.97 80.44
N VAL K 840 45.51 33.55 81.63
CA VAL K 840 44.75 34.76 81.85
C VAL K 840 45.69 35.87 82.31
N ASP K 841 45.56 37.05 81.71
CA ASP K 841 46.39 38.18 82.09
C ASP K 841 46.05 38.66 83.49
N ASP K 842 47.05 39.15 84.20
CA ASP K 842 46.86 39.66 85.54
C ASP K 842 46.09 40.98 85.51
N VAL K 843 45.27 41.19 86.54
CA VAL K 843 44.47 42.40 86.65
C VAL K 843 45.12 43.39 87.60
N SER L 2 14.22 20.00 -23.41
CA SER L 2 12.81 19.80 -23.11
C SER L 2 12.23 21.00 -22.36
N ALA L 3 10.95 20.93 -22.02
CA ALA L 3 10.28 22.02 -21.31
C ALA L 3 10.55 22.01 -19.81
N ALA L 4 11.10 20.93 -19.28
CA ALA L 4 11.39 20.89 -17.84
C ALA L 4 12.58 21.78 -17.49
N LEU L 5 13.48 22.01 -18.43
CA LEU L 5 14.62 22.91 -18.25
C LEU L 5 14.59 23.92 -19.38
N PRO L 6 13.74 24.94 -19.29
CA PRO L 6 13.63 25.93 -20.36
C PRO L 6 14.82 26.89 -20.34
N SER L 7 14.82 27.79 -21.32
CA SER L 7 15.96 28.67 -21.55
C SER L 7 15.51 30.13 -21.56
N ILE L 8 16.44 31.01 -21.19
CA ILE L 8 16.26 32.45 -21.31
C ILE L 8 17.43 33.04 -22.08
N GLN L 9 17.20 34.23 -22.62
CA GLN L 9 18.21 34.97 -23.37
C GLN L 9 18.79 36.03 -22.44
N LEU L 10 20.10 36.03 -22.29
CA LEU L 10 20.77 36.98 -21.43
C LEU L 10 21.68 37.90 -22.25
N PRO L 11 21.85 39.16 -21.83
CA PRO L 11 22.74 40.06 -22.58
C PRO L 11 24.20 39.65 -22.54
N VAL L 12 24.59 38.83 -21.57
CA VAL L 12 25.98 38.39 -21.46
C VAL L 12 26.27 37.35 -22.53
N ASP L 13 27.45 37.46 -23.14
CA ASP L 13 27.95 36.49 -24.10
C ASP L 13 29.40 36.18 -23.75
N TYR L 14 29.66 34.95 -23.35
CA TYR L 14 30.95 34.60 -22.75
C TYR L 14 32.06 34.42 -23.78
N ASN L 15 31.75 34.19 -25.04
CA ASN L 15 32.78 34.01 -26.05
C ASN L 15 33.51 35.31 -26.37
N ASN L 16 32.80 36.37 -26.71
CA ASN L 16 33.44 37.66 -26.97
C ASN L 16 34.02 38.28 -25.71
N LEU L 17 33.44 38.02 -24.54
CA LEU L 17 34.05 38.43 -23.29
C LEU L 17 35.36 37.69 -23.03
N PHE L 18 35.42 36.40 -23.34
CA PHE L 18 36.68 35.66 -23.22
C PHE L 18 37.73 36.21 -24.19
N ASN L 19 37.31 36.53 -25.41
CA ASN L 19 38.22 37.16 -26.36
C ASN L 19 38.72 38.51 -25.88
N GLU L 20 37.83 39.30 -25.26
CA GLU L 20 38.23 40.58 -24.71
C GLU L 20 39.20 40.41 -23.54
N ILE L 21 38.99 39.39 -22.71
CA ILE L 21 39.91 39.11 -21.61
C ILE L 21 41.28 38.73 -22.15
N THR L 22 41.30 37.87 -23.18
CA THR L 22 42.57 37.45 -23.79
C THR L 22 43.30 38.65 -24.39
N ASP L 23 42.56 39.53 -25.08
CA ASP L 23 43.19 40.71 -25.67
C ASP L 23 43.67 41.69 -24.60
N PHE L 24 42.91 41.85 -23.51
CA PHE L 24 43.32 42.74 -22.44
C PHE L 24 44.57 42.25 -21.73
N LEU L 25 44.70 40.93 -21.55
CA LEU L 25 45.91 40.39 -20.94
C LEU L 25 47.15 40.64 -21.78
N VAL L 26 47.04 40.58 -23.12
CA VAL L 26 48.21 40.68 -23.98
C VAL L 26 48.48 42.09 -24.47
N THR L 27 47.54 43.02 -24.36
CA THR L 27 47.72 44.35 -24.92
C THR L 27 47.65 45.49 -23.92
N PHE L 28 47.48 45.22 -22.63
CA PHE L 28 47.40 46.30 -21.66
C PHE L 28 48.80 46.78 -21.30
N LYS L 29 49.02 48.08 -21.42
CA LYS L 29 50.30 48.70 -21.09
C LYS L 29 49.99 49.95 -20.27
N GLN L 30 50.28 49.89 -18.97
CA GLN L 30 50.03 51.04 -18.09
C GLN L 30 51.02 52.15 -18.37
N ASP L 31 50.54 53.39 -18.30
CA ASP L 31 51.38 54.55 -18.55
C ASP L 31 50.87 55.77 -17.78
N LYS L 59 58.32 46.67 -18.51
CA LYS L 59 58.81 46.04 -19.73
C LYS L 59 57.69 45.30 -20.44
N GLY L 60 57.20 45.88 -21.53
CA GLY L 60 56.15 45.29 -22.32
C GLY L 60 54.81 45.35 -21.61
N PRO L 61 53.93 44.40 -21.93
CA PRO L 61 52.62 44.36 -21.26
C PRO L 61 52.76 44.01 -19.78
N LYS L 62 51.78 44.48 -19.00
CA LYS L 62 51.83 44.30 -17.55
C LYS L 62 51.59 42.86 -17.15
N TYR L 63 50.45 42.30 -17.56
CA TYR L 63 50.08 40.96 -17.13
C TYR L 63 50.91 39.87 -17.78
N MET L 64 51.49 40.10 -18.96
CA MET L 64 52.50 39.20 -19.47
C MET L 64 53.75 39.17 -18.60
N ALA L 65 54.20 40.31 -18.08
CA ALA L 65 55.29 40.32 -17.12
C ALA L 65 54.90 39.59 -15.83
N MET L 66 53.67 39.79 -15.36
CA MET L 66 53.21 39.07 -14.17
C MET L 66 53.18 37.56 -14.41
N LEU L 67 52.73 37.13 -15.58
CA LEU L 67 52.70 35.70 -15.89
C LEU L 67 54.10 35.13 -16.11
N GLN L 68 55.05 35.95 -16.59
CA GLN L 68 56.44 35.51 -16.62
C GLN L 68 57.00 35.32 -15.21
N LYS L 69 56.63 36.22 -14.29
CA LYS L 69 57.04 36.05 -12.90
C LYS L 69 56.39 34.82 -12.27
N VAL L 70 55.13 34.53 -12.61
CA VAL L 70 54.46 33.34 -12.11
C VAL L 70 55.13 32.08 -12.65
N ALA L 71 55.43 32.06 -13.95
CA ALA L 71 56.04 30.90 -14.57
C ALA L 71 57.45 30.66 -14.05
N ASN L 72 58.14 31.70 -13.63
CA ASN L 72 59.47 31.61 -13.05
C ASN L 72 59.44 31.29 -11.56
N ARG L 73 58.25 31.03 -11.01
CA ARG L 73 58.05 30.68 -9.60
C ARG L 73 58.51 31.80 -8.67
N GLU L 74 58.39 33.04 -9.11
CA GLU L 74 58.67 34.19 -8.27
C GLU L 74 57.42 34.91 -7.80
N LEU L 75 56.28 34.61 -8.40
CA LEU L 75 55.00 35.21 -8.00
C LEU L 75 53.97 34.09 -7.90
N ASN L 76 53.14 34.17 -6.87
CA ASN L 76 52.16 33.11 -6.59
C ASN L 76 50.73 33.59 -6.81
N SER L 77 50.46 34.89 -6.68
CA SER L 77 49.11 35.39 -6.83
C SER L 77 49.05 36.39 -7.98
N VAL L 78 48.00 36.27 -8.79
CA VAL L 78 47.73 37.20 -9.89
C VAL L 78 46.54 38.05 -9.47
N ILE L 79 46.74 39.36 -9.43
CA ILE L 79 45.70 40.31 -9.03
C ILE L 79 45.23 41.03 -10.28
N ILE L 80 43.95 40.86 -10.61
CA ILE L 80 43.33 41.50 -11.76
C ILE L 80 42.74 42.82 -11.31
N ASP L 81 43.29 43.91 -11.82
CA ASP L 81 42.91 45.26 -11.45
C ASP L 81 41.78 45.73 -12.34
N LEU L 82 40.67 46.17 -11.74
CA LEU L 82 39.51 46.60 -12.53
C LEU L 82 39.66 48.03 -13.06
N ASP L 83 40.48 48.87 -12.42
CA ASP L 83 40.83 50.14 -13.05
C ASP L 83 41.60 49.91 -14.34
N ASP L 84 42.41 48.85 -14.38
CA ASP L 84 43.10 48.48 -15.62
C ASP L 84 42.11 48.11 -16.72
N ILE L 85 41.08 47.33 -16.38
CA ILE L 85 40.09 46.94 -17.37
C ILE L 85 39.26 48.13 -17.81
N LEU L 86 38.94 49.04 -16.88
CA LEU L 86 38.21 50.25 -17.25
C LEU L 86 39.05 51.15 -18.17
N GLN L 87 40.35 51.25 -17.89
CA GLN L 87 41.24 52.02 -18.76
C GLN L 87 41.36 51.37 -20.14
N TYR L 88 41.40 50.04 -20.19
CA TYR L 88 41.46 49.31 -21.45
C TYR L 88 40.19 49.55 -22.28
N GLN L 89 39.03 49.49 -21.63
CA GLN L 89 37.77 49.77 -22.32
C GLN L 89 37.71 51.21 -22.81
N ASN L 90 38.18 52.15 -21.98
CA ASN L 90 38.15 53.55 -22.39
C ASN L 90 39.09 53.84 -23.55
N GLU L 91 40.27 53.21 -23.57
CA GLU L 91 41.18 53.46 -24.68
C GLU L 91 40.72 52.75 -25.94
N LYS L 92 40.01 51.63 -25.82
CA LYS L 92 39.39 51.04 -27.00
C LYS L 92 38.21 51.87 -27.51
N PHE L 93 37.51 52.55 -26.60
CA PHE L 93 36.45 53.47 -27.02
C PHE L 93 37.05 54.68 -27.73
N LEU L 94 38.18 55.19 -27.24
CA LEU L 94 38.86 56.29 -27.91
C LEU L 94 39.42 55.86 -29.26
N GLN L 95 39.87 54.61 -29.38
CA GLN L 95 40.33 54.10 -30.66
C GLN L 95 39.17 53.92 -31.63
N GLY L 96 37.93 53.85 -31.13
CA GLY L 96 36.75 53.77 -31.96
C GLY L 96 36.14 52.38 -32.08
N THR L 97 36.88 51.34 -31.72
CA THR L 97 36.35 49.99 -31.79
C THR L 97 35.36 49.74 -30.66
N GLN L 98 34.56 48.70 -30.82
CA GLN L 98 33.49 48.36 -29.88
C GLN L 98 33.99 47.29 -28.92
N ALA L 99 33.81 47.54 -27.62
CA ALA L 99 34.20 46.60 -26.58
C ALA L 99 33.05 46.46 -25.59
N ASP L 100 32.82 45.22 -25.13
CA ASP L 100 31.77 44.97 -24.17
C ASP L 100 32.18 45.45 -22.79
N ASP L 101 31.18 45.70 -21.95
CA ASP L 101 31.40 46.16 -20.57
C ASP L 101 31.85 44.97 -19.75
N LEU L 102 33.16 44.69 -19.81
CA LEU L 102 33.72 43.58 -19.04
C LEU L 102 33.70 43.86 -17.55
N VAL L 103 33.81 45.13 -17.16
CA VAL L 103 33.87 45.49 -15.75
C VAL L 103 32.54 45.18 -15.06
N SER L 104 31.42 45.59 -15.68
CA SER L 104 30.11 45.31 -15.09
C SER L 104 29.81 43.82 -15.07
N ALA L 105 30.25 43.09 -16.10
CA ALA L 105 30.05 41.65 -16.14
C ALA L 105 30.84 40.96 -15.03
N ILE L 106 32.05 41.43 -14.74
CA ILE L 106 32.80 40.89 -13.61
C ILE L 106 32.12 41.24 -12.29
N GLN L 107 31.67 42.50 -12.14
CA GLN L 107 31.06 42.92 -10.89
C GLN L 107 29.73 42.22 -10.61
N GLN L 108 29.05 41.73 -11.63
CA GLN L 108 27.78 41.04 -11.40
C GLN L 108 27.93 39.54 -11.25
N ASN L 109 28.89 38.92 -11.92
CA ASN L 109 29.02 37.46 -11.99
C ASN L 109 30.48 37.04 -11.84
N ALA L 110 31.14 37.51 -10.77
CA ALA L 110 32.59 37.35 -10.63
C ALA L 110 33.03 35.89 -10.54
N ASN L 111 32.17 35.01 -10.04
CA ASN L 111 32.56 33.62 -9.82
C ASN L 111 32.85 32.90 -11.13
N HIS L 112 32.02 33.13 -12.16
CA HIS L 112 32.30 32.57 -13.48
C HIS L 112 33.57 33.18 -14.08
N PHE L 113 33.76 34.47 -13.90
CA PHE L 113 34.89 35.15 -14.50
C PHE L 113 36.20 34.78 -13.85
N THR L 114 36.18 34.20 -12.65
CA THR L 114 37.40 33.65 -12.07
C THR L 114 37.97 32.53 -12.94
N GLU L 115 37.16 31.52 -13.27
CA GLU L 115 37.65 30.45 -14.14
C GLU L 115 37.83 30.93 -15.57
N LEU L 116 37.06 31.92 -16.02
CA LEU L 116 37.30 32.48 -17.35
C LEU L 116 38.68 33.11 -17.45
N PHE L 117 39.05 33.90 -16.45
CA PHE L 117 40.38 34.52 -16.42
C PHE L 117 41.48 33.49 -16.23
N CYS L 118 41.23 32.45 -15.43
CA CYS L 118 42.23 31.39 -15.27
C CYS L 118 42.49 30.65 -16.57
N ARG L 119 41.41 30.36 -17.33
CA ARG L 119 41.58 29.73 -18.63
C ARG L 119 42.32 30.65 -19.60
N ALA L 120 41.98 31.95 -19.59
CA ALA L 120 42.65 32.89 -20.48
C ALA L 120 44.13 33.01 -20.15
N ILE L 121 44.48 32.97 -18.87
CA ILE L 121 45.88 32.95 -18.46
C ILE L 121 46.56 31.67 -18.92
N ASP L 122 45.89 30.52 -18.76
CA ASP L 122 46.49 29.25 -19.14
C ASP L 122 46.69 29.12 -20.65
N ASN L 123 45.89 29.81 -21.45
CA ASN L 123 46.15 29.81 -22.89
C ASN L 123 47.44 30.54 -23.22
N ASN L 124 47.74 31.63 -22.52
CA ASN L 124 48.92 32.45 -22.79
C ASN L 124 49.88 32.46 -21.59
N MET L 125 50.66 31.40 -21.49
CA MET L 125 51.57 31.19 -20.37
C MET L 125 53.00 31.19 -20.89
N PRO L 126 53.85 32.12 -20.46
CA PRO L 126 55.26 32.09 -20.89
C PRO L 126 55.98 30.88 -20.33
N LEU L 127 56.98 30.43 -21.06
CA LEU L 127 57.79 29.30 -20.62
C LEU L 127 58.69 29.73 -19.47
N PRO L 128 58.97 28.85 -18.51
CA PRO L 128 59.86 29.20 -17.40
C PRO L 128 61.29 29.40 -17.87
N THR L 129 61.83 30.59 -17.61
CA THR L 129 63.19 30.89 -18.05
C THR L 129 64.23 30.11 -17.25
N LYS L 130 64.09 30.08 -15.93
CA LYS L 130 65.04 29.35 -15.11
C LYS L 130 64.63 27.90 -14.97
N GLU L 131 65.63 27.03 -14.84
CA GLU L 131 65.39 25.60 -14.79
C GLU L 131 64.95 25.17 -13.40
N ILE L 132 64.31 24.01 -13.33
CA ILE L 132 63.84 23.46 -12.07
C ILE L 132 65.04 22.90 -11.31
N ASP L 133 65.04 23.08 -10.00
CA ASP L 133 66.19 22.71 -9.17
C ASP L 133 65.70 22.04 -7.89
N TYR L 134 66.64 21.78 -6.98
CA TYR L 134 66.33 21.09 -5.73
C TYR L 134 65.83 22.03 -4.64
N LYS L 135 65.82 23.33 -4.90
CA LYS L 135 65.30 24.32 -3.96
C LYS L 135 63.87 24.73 -4.29
N ASP L 136 63.25 24.11 -5.29
CA ASP L 136 61.90 24.45 -5.68
C ASP L 136 60.87 23.75 -4.78
N ASP L 137 59.63 24.22 -4.88
CA ASP L 137 58.54 23.70 -4.07
C ASP L 137 58.17 22.30 -4.55
N VAL L 138 57.62 21.49 -3.63
CA VAL L 138 57.16 20.16 -3.97
C VAL L 138 55.95 20.24 -4.91
N LEU L 139 55.09 21.25 -4.69
CA LEU L 139 53.99 21.49 -5.62
C LEU L 139 54.52 21.83 -7.01
N ASP L 140 55.63 22.56 -7.05
CA ASP L 140 56.22 22.95 -8.33
C ASP L 140 56.71 21.73 -9.10
N VAL L 141 57.39 20.79 -8.43
CA VAL L 141 57.89 19.62 -9.14
C VAL L 141 56.74 18.69 -9.52
N ILE L 142 55.68 18.65 -8.70
CA ILE L 142 54.50 17.86 -9.06
C ILE L 142 53.85 18.39 -10.32
N LEU L 143 53.67 19.70 -10.40
CA LEU L 143 53.04 20.30 -11.58
C LEU L 143 53.94 20.20 -12.81
N ASN L 144 55.25 20.32 -12.63
CA ASN L 144 56.17 20.11 -13.75
C ASN L 144 56.10 18.68 -14.26
N GLN L 145 56.03 17.71 -13.35
CA GLN L 145 55.91 16.31 -13.77
C GLN L 145 54.58 16.05 -14.45
N ARG L 146 53.52 16.71 -14.00
CA ARG L 146 52.22 16.56 -14.64
C ARG L 146 52.23 17.12 -16.05
N ARG L 147 52.84 18.29 -16.26
CA ARG L 147 52.94 18.85 -17.60
C ARG L 147 53.77 17.97 -18.51
N LEU L 148 54.90 17.45 -18.02
CA LEU L 148 55.75 16.58 -18.83
C LEU L 148 55.04 15.28 -19.16
N ARG L 149 54.28 14.73 -18.21
CA ARG L 149 53.52 13.52 -18.48
C ARG L 149 52.42 13.76 -19.51
N ASN L 150 51.77 14.93 -19.45
CA ASN L 150 50.78 15.28 -20.46
C ASN L 150 51.41 15.37 -21.85
N GLU L 151 52.58 16.02 -21.94
CA GLU L 151 53.27 16.13 -23.22
C GLU L 151 53.68 14.76 -23.75
N ARG L 152 54.16 13.89 -22.87
CA ARG L 152 54.59 12.56 -23.29
C ARG L 152 53.41 11.68 -23.70
N MET L 153 52.27 11.80 -23.01
CA MET L 153 51.08 11.07 -23.45
C MET L 153 50.64 11.54 -24.83
N LEU L 154 50.62 12.85 -25.05
CA LEU L 154 50.21 13.38 -26.36
C LEU L 154 51.16 12.92 -27.46
N SER L 155 52.48 12.94 -27.18
CA SER L 155 53.46 12.52 -28.18
C SER L 155 53.36 11.02 -28.46
N ASP L 156 53.14 10.20 -27.43
CA ASP L 156 53.01 8.76 -27.65
C ASP L 156 51.76 8.43 -28.44
N ARG L 157 50.64 9.11 -28.16
CA ARG L 157 49.42 8.84 -28.93
C ARG L 157 49.58 9.32 -30.37
N THR L 158 50.23 10.46 -30.57
CA THR L 158 50.54 10.92 -31.92
C THR L 158 51.38 9.91 -32.68
N ASN L 159 52.41 9.36 -32.02
CA ASN L 159 53.25 8.36 -32.65
C ASN L 159 52.48 7.09 -33.00
N GLU L 160 51.60 6.64 -32.11
CA GLU L 160 50.83 5.42 -32.38
C GLU L 160 49.84 5.62 -33.52
N ILE L 161 49.13 6.75 -33.53
CA ILE L 161 48.16 6.99 -34.61
C ILE L 161 48.87 7.18 -35.94
N ARG L 162 50.03 7.84 -35.94
CA ARG L 162 50.79 7.97 -37.18
C ARG L 162 51.37 6.63 -37.63
N SER L 163 51.74 5.75 -36.69
CA SER L 163 52.31 4.46 -37.04
C SER L 163 51.25 3.48 -37.52
N GLU L 164 49.99 3.64 -37.11
CA GLU L 164 48.95 2.73 -37.58
C GLU L 164 48.71 2.87 -39.07
N ASN L 165 48.73 4.11 -39.57
CA ASN L 165 48.56 4.43 -40.99
C ASN L 165 47.22 3.91 -41.51
N LEU L 166 46.16 4.50 -40.98
CA LEU L 166 44.80 4.03 -41.24
C LEU L 166 44.43 4.16 -42.72
N MET L 167 44.79 5.29 -43.34
CA MET L 167 44.38 5.51 -44.72
C MET L 167 45.55 5.47 -45.70
N ASP L 168 46.78 5.61 -45.21
CA ASP L 168 48.00 5.64 -46.04
C ASP L 168 47.90 6.74 -47.11
N THR L 169 47.44 7.91 -46.70
CA THR L 169 47.30 9.04 -47.61
C THR L 169 48.31 10.14 -47.31
N PRO L 173 47.89 17.25 -48.71
CA PRO L 173 47.49 18.23 -47.70
C PRO L 173 48.00 17.87 -46.31
N PRO L 174 49.27 18.18 -46.01
CA PRO L 174 49.84 17.78 -44.72
C PRO L 174 49.14 18.37 -43.52
N SER L 175 48.78 19.66 -43.59
CA SER L 175 48.14 20.32 -42.46
C SER L 175 46.77 19.72 -42.17
N SER L 176 46.11 19.14 -43.19
CA SER L 176 44.80 18.53 -42.99
C SER L 176 44.85 17.35 -42.02
N MET L 177 45.64 16.31 -42.33
CA MET L 177 45.67 15.18 -41.40
C MET L 177 46.52 15.50 -40.17
N ASN L 178 47.37 16.53 -40.24
CA ASN L 178 47.99 16.99 -39.00
C ASN L 178 46.96 17.53 -38.00
N ASP L 179 46.07 18.40 -38.46
CA ASP L 179 45.02 18.93 -37.59
C ASP L 179 44.05 17.84 -37.16
N ALA L 180 43.68 16.95 -38.10
CA ALA L 180 42.78 15.85 -37.76
C ALA L 180 43.39 14.89 -36.76
N LEU L 181 44.68 14.59 -36.89
CA LEU L 181 45.34 13.69 -35.95
C LEU L 181 45.51 14.37 -34.59
N ARG L 182 45.76 15.68 -34.59
CA ARG L 182 45.79 16.41 -33.32
C ARG L 182 44.44 16.35 -32.62
N GLU L 183 43.35 16.49 -33.39
CA GLU L 183 42.02 16.40 -32.81
C GLU L 183 41.73 15.01 -32.26
N VAL L 184 42.09 13.96 -33.00
CA VAL L 184 41.78 12.61 -32.52
C VAL L 184 42.64 12.24 -31.31
N VAL L 185 43.89 12.74 -31.25
CA VAL L 185 44.71 12.51 -30.08
C VAL L 185 44.17 13.29 -28.88
N GLU L 186 43.73 14.53 -29.10
CA GLU L 186 43.29 15.36 -27.98
C GLU L 186 41.93 14.94 -27.44
N ASP L 187 41.09 14.28 -28.24
CA ASP L 187 39.86 13.73 -27.66
C ASP L 187 39.95 12.22 -27.40
N GLU L 188 41.10 11.60 -27.66
CA GLU L 188 41.30 10.20 -27.28
C GLU L 188 42.00 10.07 -25.94
N THR L 189 43.00 10.91 -25.69
CA THR L 189 43.85 10.78 -24.50
C THR L 189 43.18 11.38 -23.27
N GLU L 190 43.72 11.00 -22.11
CA GLU L 190 43.29 11.50 -20.81
C GLU L 190 44.45 12.30 -20.21
N LEU L 191 44.31 13.61 -20.17
CA LEU L 191 45.35 14.50 -19.66
C LEU L 191 44.99 15.01 -18.28
N PHE L 192 46.01 15.48 -17.58
CA PHE L 192 45.79 16.25 -16.36
C PHE L 192 45.13 17.56 -16.73
N PRO L 193 44.04 17.95 -16.08
CA PRO L 193 43.35 19.19 -16.45
C PRO L 193 44.17 20.41 -16.05
N PRO L 194 43.86 21.59 -16.59
CA PRO L 194 44.56 22.80 -16.16
C PRO L 194 44.41 23.10 -14.68
N ASN L 195 43.29 22.73 -14.06
CA ASN L 195 43.10 22.96 -12.63
C ASN L 195 44.13 22.22 -11.79
N LEU L 196 44.64 21.09 -12.29
CA LEU L 196 45.69 20.35 -11.61
C LEU L 196 47.09 20.77 -12.04
N THR L 197 47.22 21.73 -12.96
CA THR L 197 48.52 22.24 -13.37
C THR L 197 48.65 23.74 -13.14
N ARG L 198 47.87 24.29 -12.21
CA ARG L 198 47.90 25.71 -11.89
C ARG L 198 48.63 25.93 -10.57
N ARG L 199 49.69 26.72 -10.61
CA ARG L 199 50.47 27.06 -9.42
C ARG L 199 50.13 28.44 -8.88
N TYR L 200 49.05 29.06 -9.36
CA TYR L 200 48.76 30.44 -9.04
C TYR L 200 47.33 30.58 -8.53
N PHE L 201 47.09 31.69 -7.84
CA PHE L 201 45.78 32.07 -7.35
C PHE L 201 45.41 33.40 -7.96
N LEU L 202 44.15 33.55 -8.37
CA LEU L 202 43.70 34.73 -9.09
C LEU L 202 42.67 35.47 -8.26
N TYR L 203 42.82 36.79 -8.17
CA TYR L 203 41.95 37.64 -7.38
C TYR L 203 41.56 38.88 -8.17
N PHE L 204 40.47 39.51 -7.75
CA PHE L 204 39.92 40.71 -8.40
C PHE L 204 40.05 41.89 -7.45
N LYS L 205 40.92 42.83 -7.78
CA LYS L 205 40.99 44.07 -7.03
C LYS L 205 39.89 45.02 -7.50
N PRO L 206 39.08 45.56 -6.58
CA PRO L 206 37.97 46.43 -7.00
C PRO L 206 38.48 47.74 -7.57
N LEU L 207 37.63 48.36 -8.40
CA LEU L 207 38.01 49.65 -8.98
C LEU L 207 37.93 50.74 -7.91
N SER L 208 38.89 51.65 -7.96
CA SER L 208 38.93 52.75 -7.00
C SER L 208 37.85 53.77 -7.34
N GLN L 209 37.47 54.55 -6.31
CA GLN L 209 36.43 55.57 -6.50
C GLN L 209 36.94 56.73 -7.35
N ASN L 210 38.22 57.07 -7.24
CA ASN L 210 38.77 58.18 -8.01
C ASN L 210 38.77 57.90 -9.51
N CYS L 211 39.17 56.69 -9.90
CA CYS L 211 39.17 56.32 -11.32
C CYS L 211 37.77 56.27 -11.89
N ALA L 212 36.77 55.90 -11.06
CA ALA L 212 35.39 56.00 -11.49
C ALA L 212 34.93 57.45 -11.59
N ARG L 213 35.47 58.32 -10.73
CA ARG L 213 35.14 59.75 -10.81
C ARG L 213 35.68 60.39 -12.09
N ARG L 214 36.90 60.00 -12.51
CA ARG L 214 37.47 60.57 -13.73
C ARG L 214 36.68 60.17 -14.96
N TYR L 215 36.20 58.93 -15.01
CA TYR L 215 35.66 58.36 -16.24
C TYR L 215 34.15 58.13 -16.17
N ARG L 216 33.46 58.80 -15.24
CA ARG L 216 31.99 58.79 -15.14
C ARG L 216 31.43 57.38 -14.97
N LYS L 217 32.11 56.56 -14.19
CA LYS L 217 31.66 55.20 -13.92
C LYS L 217 31.03 55.13 -12.54
N LYS L 218 29.97 54.34 -12.41
CA LYS L 218 29.25 54.15 -11.15
C LYS L 218 29.21 52.66 -10.85
N ALA L 219 30.04 52.23 -9.91
CA ALA L 219 30.23 50.81 -9.62
C ALA L 219 29.81 50.51 -8.19
N ILE L 220 29.13 49.39 -8.00
CA ILE L 220 28.76 48.96 -6.65
C ILE L 220 29.93 48.29 -5.93
N SER L 221 30.97 47.89 -6.66
CA SER L 221 32.11 47.24 -6.02
C SER L 221 32.97 48.25 -5.28
N SER L 222 33.04 49.49 -5.78
CA SER L 222 33.85 50.52 -5.13
C SER L 222 33.22 51.00 -3.83
N LYS L 223 31.90 51.04 -3.75
CA LYS L 223 31.23 51.57 -2.57
C LYS L 223 31.33 50.58 -1.42
N PRO L 224 31.78 51.01 -0.24
CA PRO L 224 31.79 50.10 0.91
C PRO L 224 30.40 49.99 1.53
N LEU L 225 29.98 48.76 1.79
CA LEU L 225 28.69 48.48 2.39
C LEU L 225 28.86 47.97 3.82
N SER L 226 27.88 48.28 4.66
CA SER L 226 27.81 47.64 5.97
C SER L 226 27.19 46.26 5.83
N VAL L 227 27.20 45.51 6.93
CA VAL L 227 26.64 44.16 6.92
C VAL L 227 25.13 44.17 6.69
N ARG L 228 24.42 45.14 7.28
CA ARG L 228 22.97 45.23 7.07
C ARG L 228 22.62 45.56 5.62
N GLN L 229 23.50 46.27 4.92
CA GLN L 229 23.22 46.65 3.55
C GLN L 229 23.51 45.54 2.54
N ILE L 230 24.09 44.42 2.98
CA ILE L 230 24.35 43.29 2.11
C ILE L 230 23.12 42.39 2.13
N LYS L 231 22.29 42.50 1.10
CA LYS L 231 21.04 41.77 1.05
C LYS L 231 21.14 40.63 0.04
N GLY L 232 20.02 39.95 -0.20
CA GLY L 232 20.02 38.79 -1.06
C GLY L 232 20.15 39.13 -2.54
N ASP L 233 19.96 40.39 -2.91
CA ASP L 233 20.14 40.79 -4.30
C ASP L 233 21.61 40.99 -4.67
N PHE L 234 22.51 40.93 -3.71
CA PHE L 234 23.94 41.10 -3.94
C PHE L 234 24.67 39.77 -4.12
N LEU L 235 23.96 38.65 -4.13
CA LEU L 235 24.62 37.36 -4.23
C LEU L 235 25.20 37.15 -5.62
N GLY L 236 26.43 36.62 -5.66
CA GLY L 236 27.16 36.44 -6.89
C GLY L 236 27.91 37.66 -7.36
N GLN L 237 27.82 38.77 -6.65
CA GLN L 237 28.47 40.01 -7.05
C GLN L 237 29.76 40.21 -6.27
N LEU L 238 30.66 40.97 -6.88
CA LEU L 238 31.90 41.39 -6.23
C LEU L 238 31.61 42.68 -5.47
N ILE L 239 31.56 42.59 -4.13
CA ILE L 239 31.17 43.71 -3.29
C ILE L 239 32.25 43.94 -2.23
N THR L 240 32.25 45.16 -1.69
CA THR L 240 33.20 45.56 -0.66
C THR L 240 32.46 45.83 0.64
N VAL L 241 32.96 45.24 1.73
CA VAL L 241 32.37 45.38 3.05
C VAL L 241 33.36 46.12 3.95
N ARG L 242 32.86 47.12 4.64
CA ARG L 242 33.63 47.86 5.62
C ARG L 242 33.26 47.37 7.01
N GLY L 243 34.26 47.05 7.83
CA GLY L 243 33.95 46.59 9.16
C GLY L 243 35.19 46.24 9.94
N ILE L 244 34.95 45.74 11.15
CA ILE L 244 36.02 45.35 12.06
C ILE L 244 36.03 43.83 12.17
N ILE L 245 37.22 43.25 12.11
CA ILE L 245 37.38 41.81 12.21
C ILE L 245 37.35 41.43 13.69
N THR L 246 36.50 40.46 14.03
CA THR L 246 36.33 40.05 15.43
C THR L 246 36.89 38.68 15.73
N ARG L 247 37.00 37.80 14.73
CA ARG L 247 37.45 36.44 14.96
C ARG L 247 38.11 35.91 13.69
N VAL L 248 39.30 35.33 13.86
CA VAL L 248 40.06 34.74 12.76
C VAL L 248 40.42 33.32 13.13
N SER L 249 40.05 32.37 12.27
CA SER L 249 40.37 30.98 12.52
C SER L 249 41.80 30.66 12.10
N ASP L 250 42.31 29.53 12.58
CA ASP L 250 43.62 29.06 12.18
C ASP L 250 43.60 28.63 10.72
N VAL L 251 44.73 28.80 10.04
CA VAL L 251 44.85 28.39 8.66
C VAL L 251 44.85 26.87 8.58
N LYS L 252 43.92 26.32 7.81
CA LYS L 252 43.83 24.87 7.71
C LYS L 252 43.81 24.43 6.26
N PRO L 253 44.27 23.22 5.97
CA PRO L 253 44.22 22.72 4.59
C PRO L 253 42.83 22.21 4.23
N ALA L 254 42.15 22.93 3.35
CA ALA L 254 40.86 22.51 2.81
C ALA L 254 41.09 21.88 1.45
N VAL L 255 40.69 20.63 1.29
CA VAL L 255 40.95 19.93 0.03
C VAL L 255 39.95 20.41 -1.02
N GLU L 256 40.46 20.71 -2.21
CA GLU L 256 39.60 21.09 -3.33
C GLU L 256 39.38 19.94 -4.29
N VAL L 257 40.38 19.10 -4.49
CA VAL L 257 40.25 17.86 -5.24
C VAL L 257 41.19 16.83 -4.60
N ILE L 258 40.69 15.60 -4.47
CA ILE L 258 41.39 14.51 -3.79
C ILE L 258 42.02 13.64 -4.86
N ALA L 259 43.26 13.21 -4.62
CA ALA L 259 43.98 12.34 -5.53
C ALA L 259 44.05 10.93 -4.97
N TYR L 260 43.73 9.94 -5.79
CA TYR L 260 43.78 8.53 -5.44
C TYR L 260 44.71 7.82 -6.41
N THR L 261 45.44 6.84 -5.89
CA THR L 261 46.26 5.95 -6.69
C THR L 261 45.62 4.57 -6.72
N CYS L 262 45.74 3.91 -7.87
CA CYS L 262 45.25 2.55 -8.06
C CYS L 262 46.42 1.65 -8.39
N ASP L 263 46.64 0.63 -7.55
CA ASP L 263 47.72 -0.32 -7.81
C ASP L 263 47.39 -1.24 -8.96
N GLN L 264 46.11 -1.41 -9.29
CA GLN L 264 45.71 -2.33 -10.34
C GLN L 264 46.07 -1.80 -11.73
N CYS L 265 45.79 -0.52 -11.98
CA CYS L 265 45.97 0.04 -13.31
C CYS L 265 47.00 1.16 -13.38
N GLY L 266 47.40 1.73 -12.25
CA GLY L 266 48.37 2.80 -12.26
C GLY L 266 47.83 4.19 -12.52
N TYR L 267 46.51 4.33 -12.71
CA TYR L 267 45.91 5.64 -12.93
C TYR L 267 45.85 6.42 -11.62
N GLU L 268 45.77 7.74 -11.75
CA GLU L 268 45.47 8.62 -10.64
C GLU L 268 44.07 9.17 -10.85
N VAL L 269 43.19 8.92 -9.88
CA VAL L 269 41.79 9.30 -9.96
C VAL L 269 41.55 10.51 -9.07
N PHE L 270 41.04 11.58 -9.65
CA PHE L 270 40.85 12.83 -8.94
C PHE L 270 39.36 13.10 -8.75
N GLN L 271 38.95 13.32 -7.51
CA GLN L 271 37.57 13.62 -7.16
C GLN L 271 37.49 15.04 -6.61
N GLU L 272 36.77 15.90 -7.30
CA GLU L 272 36.63 17.27 -6.81
C GLU L 272 35.78 17.31 -5.55
N VAL L 273 36.03 18.32 -4.72
CA VAL L 273 35.27 18.55 -3.50
C VAL L 273 34.87 20.01 -3.47
N ASN L 274 33.57 20.27 -3.35
CA ASN L 274 33.07 21.63 -3.28
C ASN L 274 32.21 21.88 -2.05
N SER L 275 32.15 20.92 -1.13
CA SER L 275 31.27 21.01 0.02
C SER L 275 32.07 20.93 1.31
N ARG L 276 31.39 21.23 2.41
CA ARG L 276 32.01 21.14 3.73
C ARG L 276 32.35 19.71 4.11
N THR L 277 31.75 18.73 3.45
CA THR L 277 32.03 17.33 3.76
C THR L 277 31.85 16.50 2.50
N PHE L 278 32.59 15.39 2.43
CA PHE L 278 32.64 14.56 1.23
C PHE L 278 32.62 13.09 1.64
N THR L 279 32.43 12.23 0.64
CA THR L 279 32.60 10.81 0.82
C THR L 279 33.74 10.29 -0.05
N PRO L 280 34.62 9.47 0.50
CA PRO L 280 35.74 8.96 -0.29
C PRO L 280 35.33 7.89 -1.27
N LEU L 281 36.06 7.81 -2.37
CA LEU L 281 35.86 6.77 -3.36
C LEU L 281 36.55 5.47 -2.93
N SER L 282 35.93 4.34 -3.25
CA SER L 282 36.44 3.04 -2.88
C SER L 282 36.93 2.23 -4.07
N GLU L 283 36.21 2.28 -5.19
CA GLU L 283 36.57 1.53 -6.39
C GLU L 283 37.03 2.48 -7.49
N CYS L 284 37.97 2.01 -8.31
CA CYS L 284 38.62 2.88 -9.28
C CYS L 284 37.67 3.24 -10.42
N THR L 285 37.61 4.53 -10.74
CA THR L 285 36.67 5.06 -11.70
C THR L 285 37.34 5.31 -13.05
N SER L 286 38.62 4.97 -13.18
CA SER L 286 39.33 5.14 -14.44
C SER L 286 38.80 4.18 -15.49
N GLU L 287 39.08 4.51 -16.76
CA GLU L 287 38.50 3.77 -17.87
C GLU L 287 38.97 2.31 -17.91
N GLU L 288 40.23 2.06 -17.56
CA GLU L 288 40.74 0.69 -17.55
C GLU L 288 40.01 -0.16 -16.51
N CYS L 289 39.89 0.33 -15.28
CA CYS L 289 39.17 -0.42 -14.26
C CYS L 289 37.68 -0.44 -14.52
N SER L 290 37.14 0.60 -15.17
CA SER L 290 35.72 0.60 -15.52
C SER L 290 35.41 -0.49 -16.53
N GLN L 291 36.30 -0.71 -17.50
CA GLN L 291 36.07 -1.78 -18.46
C GLN L 291 36.33 -3.16 -17.86
N ASN L 292 37.41 -3.31 -17.09
CA ASN L 292 37.79 -4.61 -16.56
C ASN L 292 36.81 -5.12 -15.51
N GLN L 293 36.75 -6.44 -15.40
CA GLN L 293 35.90 -7.07 -14.40
C GLN L 293 36.44 -6.84 -13.00
N THR L 294 37.74 -7.02 -12.81
CA THR L 294 38.38 -6.82 -11.51
C THR L 294 38.59 -5.33 -11.28
N LYS L 295 38.28 -4.88 -10.08
CA LYS L 295 38.37 -3.47 -9.74
C LYS L 295 39.51 -3.24 -8.75
N GLY L 296 40.31 -2.23 -9.02
CA GLY L 296 41.34 -1.84 -8.08
C GLY L 296 40.79 -1.03 -6.93
N GLN L 297 41.59 -0.91 -5.88
CA GLN L 297 41.23 -0.16 -4.69
C GLN L 297 41.99 1.15 -4.67
N LEU L 298 41.25 2.25 -4.53
CA LEU L 298 41.85 3.58 -4.53
C LEU L 298 42.44 3.91 -3.15
N PHE L 299 43.62 4.49 -3.16
CA PHE L 299 44.29 4.94 -1.94
C PHE L 299 44.56 6.42 -2.03
N MET L 300 44.29 7.16 -0.94
CA MET L 300 44.52 8.60 -0.95
C MET L 300 45.99 8.92 -1.00
N SER L 301 46.36 9.90 -1.84
CA SER L 301 47.71 10.43 -1.93
C SER L 301 47.65 11.91 -1.62
N THR L 302 48.06 12.28 -0.40
CA THR L 302 47.85 13.64 0.07
C THR L 302 48.82 14.62 -0.59
N ARG L 303 49.97 14.14 -1.06
CA ARG L 303 50.90 15.01 -1.78
C ARG L 303 50.38 15.33 -3.18
N ALA L 304 49.71 14.38 -3.83
CA ALA L 304 49.19 14.63 -5.16
C ALA L 304 47.86 15.38 -5.16
N SER L 305 47.18 15.47 -4.03
CA SER L 305 45.90 16.17 -3.98
C SER L 305 46.12 17.68 -3.83
N LYS L 306 45.07 18.43 -4.13
CA LYS L 306 45.13 19.89 -4.15
C LYS L 306 44.46 20.46 -2.90
N PHE L 307 45.21 21.28 -2.17
CA PHE L 307 44.76 21.90 -0.94
C PHE L 307 44.81 23.41 -1.07
N SER L 308 43.86 24.07 -0.43
CA SER L 308 43.84 25.52 -0.28
C SER L 308 44.02 25.87 1.18
N ALA L 309 44.80 26.90 1.45
CA ALA L 309 44.88 27.44 2.79
C ALA L 309 43.59 28.16 3.10
N PHE L 310 42.87 27.70 4.11
CA PHE L 310 41.52 28.17 4.39
C PHE L 310 41.48 28.84 5.75
N GLN L 311 40.85 30.01 5.79
CA GLN L 311 40.57 30.74 7.01
C GLN L 311 39.13 31.20 6.99
N GLU L 312 38.46 31.12 8.14
CA GLU L 312 37.11 31.63 8.30
C GLU L 312 37.18 32.78 9.29
N CYS L 313 36.72 33.96 8.86
CA CYS L 313 36.78 35.16 9.69
C CYS L 313 35.38 35.73 9.86
N LYS L 314 35.19 36.42 10.98
CA LYS L 314 33.97 37.17 11.24
C LYS L 314 34.27 38.65 11.07
N ILE L 315 33.45 39.36 10.30
CA ILE L 315 33.54 40.80 10.21
C ILE L 315 32.30 41.41 10.86
N GLN L 316 32.51 42.40 11.69
CA GLN L 316 31.44 43.03 12.46
C GLN L 316 31.22 44.45 11.97
N GLU L 317 29.95 44.86 11.96
CA GLU L 317 29.60 46.20 11.51
C GLU L 317 30.12 47.23 12.50
N LEU L 318 30.62 48.33 11.97
CA LEU L 318 31.16 49.41 12.80
C LEU L 318 30.04 50.17 13.48
N SER L 319 30.39 50.80 14.61
CA SER L 319 29.38 51.49 15.43
C SER L 319 28.81 52.70 14.70
N GLN L 320 29.59 53.31 13.80
CA GLN L 320 29.07 54.40 12.99
C GLN L 320 28.08 53.92 11.94
N GLN L 321 28.04 52.63 11.65
CA GLN L 321 27.12 52.09 10.65
C GLN L 321 25.88 51.48 11.26
N VAL L 322 25.93 51.09 12.53
CA VAL L 322 24.78 50.46 13.19
C VAL L 322 23.70 51.50 13.39
N PRO L 323 22.44 51.22 13.00
CA PRO L 323 21.36 52.19 13.23
C PRO L 323 21.00 52.34 14.70
N VAL L 324 20.05 53.23 14.99
CA VAL L 324 19.78 53.64 16.36
C VAL L 324 19.11 52.49 17.12
N GLY L 325 19.69 52.14 18.26
CA GLY L 325 19.12 51.12 19.12
C GLY L 325 19.33 49.70 18.65
N HIS L 326 20.32 49.46 17.79
CA HIS L 326 20.55 48.14 17.22
C HIS L 326 21.88 47.56 17.69
N ILE L 327 21.97 46.24 17.60
CA ILE L 327 23.19 45.48 17.91
C ILE L 327 23.94 45.28 16.60
N PRO L 328 25.27 45.45 16.57
CA PRO L 328 26.01 45.22 15.32
C PRO L 328 25.89 43.78 14.85
N ARG L 329 25.81 43.62 13.53
CA ARG L 329 25.70 42.32 12.91
C ARG L 329 27.06 41.84 12.42
N SER L 330 27.11 40.58 11.99
CA SER L 330 28.35 39.95 11.57
C SER L 330 28.14 39.24 10.24
N LEU L 331 29.24 39.10 9.51
CA LEU L 331 29.25 38.42 8.22
C LEU L 331 30.47 37.51 8.14
N ASN L 332 30.27 36.31 7.59
CA ASN L 332 31.35 35.35 7.41
C ASN L 332 32.21 35.74 6.22
N ILE L 333 33.52 35.59 6.35
CA ILE L 333 34.47 35.80 5.27
C ILE L 333 35.31 34.54 5.11
N HIS L 334 35.30 33.99 3.91
CA HIS L 334 36.10 32.82 3.57
C HIS L 334 37.35 33.31 2.85
N VAL L 335 38.51 33.05 3.44
CA VAL L 335 39.79 33.46 2.86
C VAL L 335 40.49 32.20 2.37
N ASN L 336 40.82 32.17 1.09
CA ASN L 336 41.44 31.02 0.46
C ASN L 336 42.67 31.47 -0.33
N GLY L 337 43.66 30.60 -0.39
CA GLY L 337 44.83 30.86 -1.22
C GLY L 337 45.85 31.69 -0.49
N THR L 338 46.42 32.67 -1.20
CA THR L 338 47.53 33.48 -0.69
C THR L 338 47.08 34.66 0.15
N LEU L 339 45.78 34.90 0.28
CA LEU L 339 45.30 35.99 1.10
C LEU L 339 45.20 35.63 2.57
N VAL L 340 45.57 34.41 2.95
CA VAL L 340 45.50 34.01 4.36
C VAL L 340 46.51 34.80 5.17
N ARG L 341 46.19 34.93 6.47
CA ARG L 341 46.92 35.72 7.45
C ARG L 341 47.00 37.20 7.09
N SER L 342 46.07 37.71 6.29
CA SER L 342 45.98 39.13 6.01
C SER L 342 44.88 39.81 6.82
N LEU L 343 44.15 39.06 7.64
CA LEU L 343 43.13 39.60 8.52
C LEU L 343 43.42 39.16 9.94
N SER L 344 43.36 40.10 10.88
CA SER L 344 43.55 39.82 12.29
C SER L 344 42.44 40.50 13.08
N PRO L 345 42.10 39.99 14.26
CA PRO L 345 41.06 40.64 15.07
C PRO L 345 41.43 42.06 15.46
N GLY L 346 40.42 42.92 15.49
CA GLY L 346 40.61 44.33 15.79
C GLY L 346 41.02 45.19 14.63
N ASP L 347 40.94 44.69 13.40
CA ASP L 347 41.36 45.44 12.23
C ASP L 347 40.16 46.09 11.56
N ILE L 348 40.21 47.41 11.42
CA ILE L 348 39.25 48.13 10.61
C ILE L 348 39.67 47.93 9.16
N VAL L 349 38.76 47.41 8.34
CA VAL L 349 39.16 46.84 7.07
C VAL L 349 38.04 47.01 6.04
N ASP L 350 38.44 47.18 4.78
CA ASP L 350 37.56 47.02 3.62
C ASP L 350 37.96 45.73 2.94
N VAL L 351 37.06 44.75 2.96
CA VAL L 351 37.28 43.46 2.33
C VAL L 351 36.39 43.37 1.10
N THR L 352 37.00 43.16 -0.06
CA THR L 352 36.27 43.01 -1.31
C THR L 352 36.27 41.55 -1.71
N GLY L 353 35.09 41.01 -1.99
CA GLY L 353 34.99 39.63 -2.37
C GLY L 353 33.65 39.32 -2.99
N ILE L 354 33.50 38.06 -3.40
CA ILE L 354 32.29 37.59 -4.07
C ILE L 354 31.31 37.09 -3.03
N PHE L 355 30.12 37.67 -3.03
CA PHE L 355 29.06 37.28 -2.10
C PHE L 355 28.38 36.02 -2.63
N LEU L 356 28.59 34.90 -1.96
CA LEU L 356 28.15 33.61 -2.47
C LEU L 356 27.31 32.88 -1.44
N PRO L 357 26.35 32.07 -1.87
CA PRO L 357 25.54 31.30 -0.93
C PRO L 357 26.14 29.93 -0.62
N ALA L 358 25.71 29.39 0.51
CA ALA L 358 26.11 28.07 0.98
C ALA L 358 24.87 27.32 1.43
N PRO L 359 24.94 25.99 1.47
CA PRO L 359 23.85 25.18 2.02
C PRO L 359 23.41 25.63 3.41
N TYR L 360 22.13 25.39 3.70
CA TYR L 360 21.54 25.83 4.95
C TYR L 360 22.12 25.10 6.14
N THR L 361 22.47 25.84 7.18
CA THR L 361 22.94 25.29 8.44
C THR L 361 22.02 25.79 9.55
N GLY L 362 21.39 24.86 10.25
CA GLY L 362 20.44 25.21 11.27
C GLY L 362 19.40 24.11 11.42
N PHE L 363 18.33 24.44 12.14
CA PHE L 363 17.28 23.48 12.40
C PHE L 363 16.49 23.18 11.14
N LYS L 364 16.23 21.89 10.90
CA LYS L 364 15.44 21.49 9.74
C LYS L 364 13.98 21.89 9.89
N ALA L 365 13.48 21.98 11.12
CA ALA L 365 12.08 22.34 11.32
C ALA L 365 11.84 23.83 11.06
N LEU L 366 12.88 24.65 11.17
CA LEU L 366 12.73 26.09 11.03
C LEU L 366 12.96 26.61 9.62
N LYS L 367 13.32 25.74 8.68
CA LYS L 367 13.48 26.20 7.30
C LYS L 367 12.16 26.16 6.56
N ALA L 368 11.97 27.12 5.65
CA ALA L 368 10.73 27.24 4.90
C ALA L 368 10.87 26.67 3.49
N GLY L 369 11.85 27.16 2.73
CA GLY L 369 12.10 26.66 1.40
C GLY L 369 13.56 26.34 1.18
N LEU L 370 14.15 26.91 0.13
CA LEU L 370 15.56 26.72 -0.16
C LEU L 370 16.37 27.83 0.49
N LEU L 371 16.35 27.83 1.83
CA LEU L 371 17.15 28.78 2.60
C LEU L 371 18.63 28.48 2.42
N THR L 372 19.42 29.53 2.34
CA THR L 372 20.86 29.41 2.14
C THR L 372 21.60 30.29 3.14
N GLU L 373 22.73 29.79 3.63
CA GLU L 373 23.64 30.63 4.37
C GLU L 373 24.45 31.48 3.40
N THR L 374 25.11 32.51 3.95
CA THR L 374 25.87 33.44 3.13
C THR L 374 27.29 33.57 3.64
N TYR L 375 28.19 33.87 2.70
CA TYR L 375 29.59 34.12 3.03
C TYR L 375 30.18 34.99 1.93
N LEU L 376 31.42 35.44 2.16
CA LEU L 376 32.15 36.26 1.21
C LEU L 376 33.49 35.61 0.92
N GLU L 377 33.68 35.18 -0.32
CA GLU L 377 34.97 34.68 -0.78
C GLU L 377 35.91 35.85 -1.00
N ALA L 378 36.85 36.03 -0.08
CA ALA L 378 37.69 37.22 -0.07
C ALA L 378 38.60 37.28 -1.29
N GLN L 379 38.60 38.43 -1.96
CA GLN L 379 39.46 38.67 -3.11
C GLN L 379 40.51 39.74 -2.84
N PHE L 380 40.20 40.75 -2.04
CA PHE L 380 41.11 41.83 -1.76
C PHE L 380 40.86 42.35 -0.35
N VAL L 381 41.94 42.80 0.30
CA VAL L 381 41.89 43.32 1.66
C VAL L 381 42.65 44.63 1.69
N ARG L 382 42.04 45.69 2.21
CA ARG L 382 42.77 46.92 2.50
C ARG L 382 42.50 47.37 3.92
N GLN L 383 43.57 47.77 4.60
CA GLN L 383 43.52 48.16 6.00
C GLN L 383 43.35 49.67 6.12
N HIS L 384 42.41 50.10 6.97
CA HIS L 384 42.28 51.52 7.26
C HIS L 384 43.52 52.05 7.97
N LYS L 385 44.07 51.27 8.89
CA LYS L 385 45.32 51.60 9.57
C LYS L 385 46.37 50.59 9.14
N LYS L 386 47.47 51.08 8.60
CA LYS L 386 48.54 50.20 8.16
C LYS L 386 49.42 49.79 9.34
N LYS L 387 49.81 48.52 9.36
CA LYS L 387 50.61 48.00 10.46
C LYS L 387 52.05 48.52 10.39
N PHE L 388 52.68 48.63 11.56
CA PHE L 388 54.06 49.10 11.62
C PHE L 388 55.03 48.06 11.07
N ALA L 389 54.77 46.78 11.32
CA ALA L 389 55.66 45.72 10.83
C ALA L 389 55.55 45.53 9.32
N SER L 390 54.42 45.90 8.73
CA SER L 390 54.23 45.78 7.29
C SER L 390 54.77 46.98 6.52
N PHE L 391 55.32 47.98 7.22
CA PHE L 391 55.87 49.15 6.56
C PHE L 391 57.10 48.79 5.75
N SER L 392 57.19 49.34 4.54
CA SER L 392 58.35 49.18 3.67
C SER L 392 58.72 50.52 3.08
N LEU L 393 60.01 50.73 2.87
CA LEU L 393 60.51 52.00 2.31
C LEU L 393 60.35 51.98 0.79
N THR L 394 59.10 52.15 0.36
CA THR L 394 58.79 52.24 -1.06
C THR L 394 59.10 53.64 -1.57
N SER L 395 58.93 53.81 -2.88
CA SER L 395 59.31 55.07 -3.52
C SER L 395 58.38 56.22 -3.10
N ASP L 396 57.07 55.99 -3.10
CA ASP L 396 56.11 57.05 -2.81
C ASP L 396 56.17 57.52 -1.37
N VAL L 397 56.60 56.65 -0.46
CA VAL L 397 56.74 57.03 0.94
C VAL L 397 57.91 58.00 1.12
N GLU L 398 58.93 57.88 0.26
CA GLU L 398 60.16 58.66 0.44
C GLU L 398 59.92 60.16 0.30
N GLU L 399 59.22 60.59 -0.77
CA GLU L 399 59.10 62.03 -1.00
C GLU L 399 58.23 62.69 0.06
N ARG L 400 57.22 61.99 0.56
CA ARG L 400 56.38 62.57 1.61
C ARG L 400 57.10 62.55 2.97
N VAL L 401 57.94 61.53 3.21
CA VAL L 401 58.74 61.51 4.44
C VAL L 401 59.74 62.67 4.45
N MET L 402 60.50 62.84 3.36
CA MET L 402 61.43 63.97 3.34
C MET L 402 60.72 65.31 3.20
N GLU L 403 59.48 65.33 2.72
CA GLU L 403 58.70 66.56 2.80
C GLU L 403 58.40 66.93 4.25
N LEU L 404 58.01 65.94 5.04
CA LEU L 404 57.76 66.18 6.46
C LEU L 404 59.04 66.56 7.19
N ILE L 405 60.18 65.99 6.78
CA ILE L 405 61.46 66.34 7.38
C ILE L 405 61.86 67.76 7.03
N THR L 406 61.79 68.11 5.74
CA THR L 406 62.22 69.42 5.29
C THR L 406 61.26 70.53 5.67
N SER L 407 60.03 70.19 6.07
CA SER L 407 59.16 71.20 6.67
C SER L 407 59.75 71.70 7.98
N GLY L 408 60.46 70.85 8.70
CA GLY L 408 61.20 71.26 9.87
C GLY L 408 60.39 71.13 11.15
N ASP L 409 61.10 70.93 12.26
CA ASP L 409 60.52 70.82 13.60
C ASP L 409 59.49 69.70 13.67
N VAL L 410 59.95 68.48 13.37
CA VAL L 410 59.03 67.35 13.23
C VAL L 410 58.42 66.98 14.57
N TYR L 411 59.21 67.06 15.64
CA TYR L 411 58.75 66.63 16.97
C TYR L 411 57.60 67.50 17.47
N ASN L 412 57.77 68.82 17.40
CA ASN L 412 56.73 69.72 17.90
C ASN L 412 55.47 69.65 17.03
N ARG L 413 55.64 69.58 15.70
CA ARG L 413 54.48 69.53 14.83
C ARG L 413 53.70 68.23 14.97
N LEU L 414 54.41 67.11 15.13
CA LEU L 414 53.71 65.85 15.36
C LEU L 414 53.08 65.80 16.73
N ALA L 415 53.66 66.49 17.72
CA ALA L 415 53.02 66.54 19.03
C ALA L 415 51.76 67.39 19.00
N LYS L 416 51.79 68.54 18.31
CA LYS L 416 50.64 69.43 18.30
C LYS L 416 49.48 68.91 17.48
N SER L 417 49.67 67.85 16.69
CA SER L 417 48.61 67.34 15.82
C SER L 417 48.01 66.04 16.32
N ILE L 418 48.39 65.57 17.51
CA ILE L 418 47.80 64.37 18.06
C ILE L 418 46.33 64.59 18.40
N ALA L 419 46.04 65.66 19.11
CA ALA L 419 44.67 66.08 19.42
C ALA L 419 44.58 67.57 19.12
N PRO L 420 44.38 67.93 17.86
CA PRO L 420 44.39 69.36 17.49
C PRO L 420 43.25 70.16 18.10
N GLU L 421 42.16 69.51 18.49
CA GLU L 421 41.03 70.20 19.09
C GLU L 421 41.08 70.25 20.61
N ILE L 422 42.07 69.61 21.22
CA ILE L 422 42.29 69.71 22.65
C ILE L 422 43.36 70.78 22.88
N TYR L 423 42.94 71.90 23.46
CA TYR L 423 43.83 73.05 23.64
C TYR L 423 44.89 72.76 24.68
N GLY L 424 46.12 73.20 24.40
CA GLY L 424 47.19 73.04 25.37
C GLY L 424 47.65 71.61 25.47
N ASN L 425 48.12 71.25 26.68
CA ASN L 425 48.65 69.92 27.00
C ASN L 425 49.78 69.54 26.05
N LEU L 426 50.70 70.49 25.84
CA LEU L 426 51.77 70.29 24.87
C LEU L 426 52.74 69.20 25.31
N ASP L 427 53.14 69.21 26.58
CA ASP L 427 54.00 68.15 27.10
C ASP L 427 53.25 66.83 27.17
N VAL L 428 51.94 66.88 27.44
CA VAL L 428 51.12 65.68 27.41
C VAL L 428 51.13 65.05 26.03
N LYS L 429 50.95 65.88 25.00
CA LYS L 429 50.95 65.38 23.64
C LYS L 429 52.35 64.91 23.23
N LYS L 430 53.40 65.55 23.74
CA LYS L 430 54.75 65.09 23.48
C LYS L 430 55.01 63.70 24.06
N ALA L 431 54.56 63.46 25.29
CA ALA L 431 54.73 62.14 25.87
C ALA L 431 53.84 61.11 25.21
N LEU L 432 52.68 61.52 24.70
CA LEU L 432 51.84 60.58 23.95
C LEU L 432 52.47 60.23 22.60
N LEU L 433 53.15 61.20 21.97
CA LEU L 433 53.91 60.91 20.76
C LEU L 433 55.05 59.93 21.05
N LEU L 434 55.74 60.11 22.17
CA LEU L 434 56.79 59.15 22.54
C LEU L 434 56.22 57.79 22.90
N LEU L 435 55.02 57.76 23.49
CA LEU L 435 54.28 56.53 23.70
C LEU L 435 54.03 55.81 22.38
N LEU L 436 53.63 56.56 21.35
CA LEU L 436 53.40 55.98 20.04
C LEU L 436 54.70 55.46 19.42
N VAL L 437 55.80 56.19 19.62
CA VAL L 437 57.06 55.78 19.02
C VAL L 437 57.73 54.66 19.82
N GLY L 438 58.04 54.92 21.09
CA GLY L 438 58.65 53.93 21.95
C GLY L 438 60.16 53.86 21.77
N GLY L 439 60.81 53.21 22.75
CA GLY L 439 62.24 53.05 22.75
C GLY L 439 62.68 51.77 22.06
N VAL L 440 63.88 51.33 22.41
CA VAL L 440 64.49 50.16 21.79
C VAL L 440 64.40 48.98 22.74
N ASP L 441 63.79 47.90 22.27
CA ASP L 441 63.74 46.66 23.04
C ASP L 441 65.11 46.02 23.02
N LYS L 442 65.61 45.64 24.20
CA LYS L 442 66.98 45.18 24.35
C LYS L 442 67.03 43.68 24.63
N ARG L 443 67.82 42.97 23.82
CA ARG L 443 68.12 41.56 24.00
C ARG L 443 69.57 41.40 24.41
N VAL L 444 69.78 40.72 25.53
CA VAL L 444 71.12 40.39 26.00
C VAL L 444 71.30 38.88 25.86
N GLY L 445 72.54 38.46 25.59
CA GLY L 445 72.83 37.05 25.34
C GLY L 445 72.57 36.13 26.51
N ASP L 446 72.41 36.68 27.71
CA ASP L 446 72.04 35.88 28.87
C ASP L 446 70.59 35.42 28.83
N GLY L 447 69.78 35.98 27.93
CA GLY L 447 68.38 35.62 27.79
C GLY L 447 67.40 36.60 28.38
N MET L 448 67.86 37.50 29.25
CA MET L 448 66.95 38.45 29.87
C MET L 448 66.61 39.59 28.91
N LYS L 449 65.47 40.22 29.14
CA LYS L 449 64.97 41.28 28.29
C LYS L 449 64.76 42.54 29.09
N ILE L 450 64.96 43.68 28.44
CA ILE L 450 64.55 44.98 28.95
C ILE L 450 63.61 45.60 27.92
N ARG L 451 62.42 45.96 28.36
CA ARG L 451 61.39 46.42 27.44
C ARG L 451 61.72 47.81 26.91
N GLY L 452 61.33 48.04 25.66
CA GLY L 452 61.44 49.33 25.03
C GLY L 452 60.16 50.12 24.95
N ASP L 453 59.05 49.57 25.44
CA ASP L 453 57.76 50.25 25.37
C ASP L 453 57.58 51.17 26.57
N ILE L 454 57.00 52.33 26.32
CA ILE L 454 56.80 53.37 27.33
C ILE L 454 55.39 53.23 27.88
N ASN L 455 55.24 53.39 29.19
CA ASN L 455 53.95 53.41 29.85
C ASN L 455 53.70 54.79 30.42
N VAL L 456 52.54 55.37 30.13
CA VAL L 456 52.24 56.75 30.48
C VAL L 456 50.93 56.80 31.24
N CYS L 457 50.92 57.52 32.36
CA CYS L 457 49.70 57.74 33.12
C CYS L 457 49.32 59.21 33.10
N LEU L 458 48.04 59.47 32.87
CA LEU L 458 47.46 60.81 32.89
C LEU L 458 46.45 60.81 34.03
N MET L 459 46.84 61.31 35.20
CA MET L 459 45.88 61.47 36.28
C MET L 459 45.61 62.95 36.46
N GLY L 460 44.34 63.32 36.57
CA GLY L 460 44.03 64.73 36.66
C GLY L 460 42.63 64.99 37.15
N ASP L 461 42.30 66.28 37.24
CA ASP L 461 40.99 66.72 37.66
C ASP L 461 39.96 66.37 36.59
N PRO L 462 38.68 66.25 36.96
CA PRO L 462 37.66 65.98 35.93
C PRO L 462 37.52 67.13 34.95
N GLY L 463 37.31 66.77 33.69
CA GLY L 463 37.10 67.76 32.65
C GLY L 463 38.36 68.38 32.07
N VAL L 464 39.50 67.69 32.16
CA VAL L 464 40.74 68.18 31.58
C VAL L 464 41.05 67.49 30.25
N ALA L 465 40.07 66.81 29.67
CA ALA L 465 40.16 66.18 28.35
C ALA L 465 41.28 65.15 28.27
N LYS L 466 41.22 64.14 29.15
CA LYS L 466 42.16 63.03 29.02
C LYS L 466 41.51 61.83 28.35
N SER L 467 40.19 61.67 28.49
CA SER L 467 39.48 60.64 27.73
C SER L 467 39.56 60.91 26.23
N GLN L 468 39.47 62.18 25.85
CA GLN L 468 39.64 62.55 24.45
C GLN L 468 41.03 62.20 23.96
N LEU L 469 42.04 62.41 24.81
CA LEU L 469 43.42 62.08 24.44
C LEU L 469 43.61 60.57 24.29
N LEU L 470 43.00 59.77 25.18
CA LEU L 470 43.08 58.32 25.04
C LEU L 470 42.37 57.84 23.78
N LYS L 471 41.20 58.38 23.47
CA LYS L 471 40.52 58.02 22.23
C LYS L 471 41.37 58.40 21.02
N ALA L 472 42.00 59.58 21.05
CA ALA L 472 42.87 60.00 19.97
C ALA L 472 44.07 59.07 19.82
N ILE L 473 44.68 58.66 20.93
CA ILE L 473 45.88 57.85 20.87
C ILE L 473 45.58 56.46 20.35
N CYS L 474 44.56 55.80 20.90
CA CYS L 474 44.20 54.49 20.36
C CYS L 474 43.42 54.54 19.05
N LYS L 475 43.10 55.72 18.53
CA LYS L 475 42.69 55.75 17.13
C LYS L 475 43.87 55.99 16.19
N ILE L 476 44.89 56.73 16.63
CA ILE L 476 46.09 56.90 15.82
C ILE L 476 46.85 55.59 15.69
N SER L 477 47.03 54.87 16.79
CA SER L 477 47.81 53.66 16.76
C SER L 477 47.05 52.55 16.03
N PRO L 478 47.74 51.76 15.19
CA PRO L 478 47.06 50.69 14.46
C PRO L 478 46.52 49.58 15.34
N ARG L 479 47.15 49.29 16.47
CA ARG L 479 46.73 48.22 17.35
C ARG L 479 46.33 48.78 18.71
N GLY L 480 45.52 49.83 18.68
CA GLY L 480 45.03 50.45 19.90
C GLY L 480 43.68 49.90 20.31
N VAL L 481 43.52 49.68 21.61
CA VAL L 481 42.25 49.24 22.17
C VAL L 481 41.88 50.20 23.29
N TYR L 482 40.62 50.56 23.37
CA TYR L 482 40.12 51.44 24.42
C TYR L 482 39.40 50.61 25.48
N THR L 483 39.76 50.82 26.73
CA THR L 483 39.23 50.04 27.84
C THR L 483 38.76 50.97 28.95
N THR L 484 37.56 50.70 29.44
CA THR L 484 36.99 51.37 30.59
C THR L 484 37.33 50.54 31.82
N GLY L 485 37.48 51.21 32.96
CA GLY L 485 38.01 50.56 34.15
C GLY L 485 37.18 49.37 34.62
N LYS L 486 35.86 49.50 34.59
CA LYS L 486 34.98 48.38 34.90
C LYS L 486 34.34 47.78 33.66
N GLY L 487 34.64 48.30 32.47
CA GLY L 487 34.12 47.69 31.25
C GLY L 487 34.70 46.32 30.98
N SER L 488 35.96 46.11 31.35
CA SER L 488 36.64 44.84 31.14
C SER L 488 36.84 44.17 32.50
N SER L 489 36.43 42.91 32.61
CA SER L 489 36.66 42.13 33.81
C SER L 489 38.01 41.44 33.74
N GLY L 490 38.23 40.49 34.66
CA GLY L 490 39.47 39.73 34.63
C GLY L 490 39.61 38.86 33.40
N VAL L 491 38.50 38.25 32.97
CA VAL L 491 38.53 37.40 31.77
C VAL L 491 38.56 38.24 30.50
N GLY L 492 38.10 39.49 30.57
CA GLY L 492 38.08 40.36 29.40
C GLY L 492 39.42 40.99 29.06
N LEU L 493 40.40 40.92 29.96
CA LEU L 493 41.73 41.44 29.70
C LEU L 493 42.75 40.36 29.35
N THR L 494 42.68 39.19 30.00
CA THR L 494 43.77 38.24 29.88
C THR L 494 43.53 37.19 28.80
N ALA L 495 42.53 36.32 28.98
CA ALA L 495 42.32 35.17 28.11
C ALA L 495 41.05 34.45 28.51
N ALA L 496 40.57 33.59 27.61
CA ALA L 496 39.45 32.70 27.86
C ALA L 496 39.59 31.49 26.93
N VAL L 497 39.26 30.30 27.45
CA VAL L 497 39.51 29.06 26.73
C VAL L 497 38.21 28.66 26.05
N MET L 498 38.17 28.68 24.71
CA MET L 498 36.92 28.54 23.97
C MET L 498 37.09 27.60 22.78
N LYS L 499 35.97 27.05 22.32
CA LYS L 499 35.98 26.10 21.22
C LYS L 499 35.85 26.82 19.87
N ASP L 500 36.68 26.40 18.92
CA ASP L 500 36.56 26.84 17.54
C ASP L 500 35.91 25.73 16.73
N PRO L 501 34.69 25.94 16.21
CA PRO L 501 33.96 24.85 15.56
C PRO L 501 34.39 24.61 14.12
N VAL L 502 34.91 25.65 13.47
CA VAL L 502 35.34 25.51 12.08
C VAL L 502 36.53 24.57 11.97
N THR L 503 37.49 24.69 12.88
CA THR L 503 38.60 23.74 12.97
C THR L 503 38.39 22.72 14.07
N ASP L 504 37.35 22.87 14.88
CA ASP L 504 36.90 21.89 15.87
C ASP L 504 37.99 21.59 16.90
N GLU L 505 38.50 22.65 17.53
CA GLU L 505 39.54 22.46 18.52
C GLU L 505 39.45 23.58 19.56
N MET L 506 39.98 23.31 20.75
CA MET L 506 39.80 24.20 21.88
C MET L 506 41.02 25.12 21.94
N ILE L 507 40.81 26.42 21.69
CA ILE L 507 41.89 27.38 21.58
C ILE L 507 41.68 28.50 22.59
N LEU L 508 42.76 29.24 22.85
CA LEU L 508 42.75 30.34 23.81
C LEU L 508 42.54 31.65 23.07
N GLU L 509 41.45 32.35 23.41
CA GLU L 509 41.12 33.65 22.82
C GLU L 509 41.51 34.73 23.83
N GLY L 510 42.33 35.67 23.39
CA GLY L 510 42.85 36.67 24.30
C GLY L 510 41.95 37.88 24.47
N GLY L 511 42.23 38.65 25.51
CA GLY L 511 41.49 39.85 25.84
C GLY L 511 42.08 41.09 25.22
N ALA L 512 41.85 42.22 25.90
CA ALA L 512 42.28 43.51 25.34
C ALA L 512 43.79 43.66 25.34
N LEU L 513 44.46 43.14 26.38
CA LEU L 513 45.92 43.19 26.43
C LEU L 513 46.54 42.32 25.33
N VAL L 514 45.91 41.19 25.02
CA VAL L 514 46.36 40.39 23.89
C VAL L 514 46.02 41.08 22.59
N LEU L 515 44.85 41.71 22.51
CA LEU L 515 44.42 42.39 21.30
C LEU L 515 45.26 43.64 21.03
N ALA L 516 45.92 44.18 22.04
CA ALA L 516 46.83 45.30 21.89
C ALA L 516 48.29 44.87 21.91
N ASP L 517 48.58 43.62 21.54
CA ASP L 517 49.96 43.17 21.40
C ASP L 517 50.65 43.96 20.30
N ASN L 518 51.85 44.48 20.61
CA ASN L 518 52.55 45.45 19.78
C ASN L 518 51.66 46.64 19.44
N GLY L 519 50.94 47.13 20.46
CA GLY L 519 50.06 48.27 20.31
C GLY L 519 49.94 49.03 21.62
N ILE L 520 48.88 49.80 21.76
CA ILE L 520 48.66 50.63 22.95
C ILE L 520 47.29 50.28 23.54
N CYS L 521 47.28 50.00 24.84
CA CYS L 521 46.03 49.84 25.58
C CYS L 521 45.75 51.16 26.29
N CYS L 522 44.71 51.86 25.84
CA CYS L 522 44.20 53.04 26.54
C CYS L 522 43.21 52.56 27.60
N ILE L 523 43.65 52.54 28.85
CA ILE L 523 42.86 52.10 29.99
C ILE L 523 42.31 53.34 30.68
N ASP L 524 41.05 53.66 30.38
CA ASP L 524 40.36 54.78 30.99
C ASP L 524 39.81 54.38 32.35
N GLU L 525 39.74 55.37 33.24
CA GLU L 525 39.27 55.21 34.62
C GLU L 525 40.09 54.14 35.35
N PHE L 526 41.39 54.41 35.46
CA PHE L 526 42.32 53.42 35.99
C PHE L 526 42.19 53.27 37.51
N ASP L 527 41.64 54.27 38.19
CA ASP L 527 41.58 54.24 39.64
C ASP L 527 40.39 53.46 40.19
N LYS L 528 39.45 53.05 39.33
CA LYS L 528 38.31 52.26 39.76
C LYS L 528 38.28 50.87 39.13
N MET L 529 39.39 50.15 39.18
CA MET L 529 39.45 48.79 38.65
C MET L 529 39.55 47.77 39.78
N ASP L 530 39.25 46.52 39.46
CA ASP L 530 39.39 45.44 40.43
C ASP L 530 40.86 45.02 40.52
N GLU L 531 41.15 44.23 41.56
CA GLU L 531 42.55 43.89 41.86
C GLU L 531 43.13 42.89 40.88
N SER L 532 42.30 42.02 40.31
CA SER L 532 42.82 41.00 39.39
C SER L 532 43.35 41.64 38.10
N ASP L 533 42.61 42.61 37.55
CA ASP L 533 43.10 43.36 36.40
C ASP L 533 44.32 44.19 36.77
N ARG L 534 44.38 44.71 38.00
CA ARG L 534 45.57 45.40 38.46
C ARG L 534 46.78 44.48 38.47
N THR L 535 46.61 43.23 38.90
CA THR L 535 47.73 42.28 38.89
C THR L 535 48.12 41.89 37.47
N ALA L 536 47.14 41.73 36.58
CA ALA L 536 47.45 41.42 35.19
C ALA L 536 48.28 42.53 34.54
N ILE L 537 47.85 43.78 34.71
CA ILE L 537 48.57 44.93 34.19
C ILE L 537 49.93 45.10 34.90
N HIS L 538 49.96 44.75 36.18
CA HIS L 538 51.18 44.72 36.99
C HIS L 538 52.23 43.82 36.38
N GLU L 539 51.82 42.65 35.89
CA GLU L 539 52.74 41.77 35.20
C GLU L 539 53.05 42.25 33.78
N VAL L 540 52.05 42.84 33.10
CA VAL L 540 52.20 43.23 31.71
C VAL L 540 53.24 44.35 31.55
N MET L 541 53.22 45.33 32.46
CA MET L 541 54.06 46.51 32.28
C MET L 541 55.56 46.23 32.33
N GLU L 542 56.00 45.09 32.86
CA GLU L 542 57.42 44.80 32.87
C GLU L 542 57.77 43.46 32.22
N GLN L 543 56.98 42.42 32.47
CA GLN L 543 57.30 41.14 31.85
C GLN L 543 56.81 41.05 30.42
N GLN L 544 55.80 41.87 30.07
CA GLN L 544 55.07 41.79 28.80
C GLN L 544 54.51 40.40 28.53
N THR L 545 54.06 39.73 29.60
CA THR L 545 53.41 38.43 29.49
C THR L 545 52.27 38.38 30.50
N ILE L 546 51.35 37.45 30.28
CA ILE L 546 50.39 37.03 31.30
C ILE L 546 50.61 35.55 31.54
N SER L 547 50.87 35.19 32.78
CA SER L 547 51.02 33.80 33.20
C SER L 547 49.72 33.36 33.86
N ILE L 548 49.06 32.37 33.26
CA ILE L 548 47.79 31.87 33.74
C ILE L 548 47.98 30.41 34.14
N SER L 549 47.63 30.09 35.38
CA SER L 549 47.59 28.71 35.87
C SER L 549 46.23 28.50 36.52
N LYS L 550 45.23 28.21 35.69
CA LYS L 550 43.87 28.00 36.15
C LYS L 550 43.43 26.59 35.81
N ALA L 551 42.17 26.28 36.10
CA ALA L 551 41.63 24.97 35.77
C ALA L 551 41.52 24.77 34.27
N GLY L 552 41.43 25.85 33.50
CA GLY L 552 41.35 25.70 32.05
C GLY L 552 42.69 25.38 31.42
N ILE L 553 43.73 26.13 31.78
CA ILE L 553 44.98 26.11 31.04
C ILE L 553 46.11 26.51 31.98
N ASN L 554 47.33 26.13 31.60
CA ASN L 554 48.56 26.53 32.27
C ASN L 554 49.51 27.02 31.18
N THR L 555 49.54 28.33 30.97
CA THR L 555 50.32 28.87 29.86
C THR L 555 50.72 30.31 30.15
N THR L 556 51.86 30.69 29.59
CA THR L 556 52.28 32.09 29.51
C THR L 556 52.01 32.59 28.10
N LEU L 557 51.44 33.78 28.00
CA LEU L 557 51.09 34.35 26.71
C LEU L 557 51.67 35.75 26.59
N ASN L 558 52.15 36.07 25.39
CA ASN L 558 52.88 37.30 25.15
C ASN L 558 51.92 38.46 24.97
N ALA L 559 52.18 39.57 25.65
CA ALA L 559 51.43 40.82 25.48
C ALA L 559 52.42 41.96 25.59
N ARG L 560 52.88 42.45 24.45
CA ARG L 560 53.91 43.50 24.37
C ARG L 560 53.29 44.88 24.31
N THR L 561 52.17 45.04 25.01
CA THR L 561 51.37 46.25 24.96
C THR L 561 52.03 47.40 25.70
N SER L 562 52.03 48.57 25.07
CA SER L 562 52.34 49.83 25.74
C SER L 562 51.06 50.38 26.35
N ILE L 563 51.13 50.80 27.61
CA ILE L 563 49.93 51.07 28.39
C ILE L 563 49.82 52.56 28.66
N LEU L 564 48.67 53.14 28.32
CA LEU L 564 48.33 54.53 28.60
C LEU L 564 47.11 54.52 29.50
N ALA L 565 47.28 54.94 30.75
CA ALA L 565 46.20 54.94 31.71
C ALA L 565 45.71 56.35 31.97
N ALA L 566 44.41 56.45 32.28
CA ALA L 566 43.82 57.73 32.68
C ALA L 566 43.14 57.55 34.04
N ALA L 567 43.33 58.53 34.92
CA ALA L 567 42.92 58.36 36.30
C ALA L 567 42.57 59.69 36.95
N ASN L 568 41.88 59.59 38.08
CA ASN L 568 41.53 60.70 38.95
C ASN L 568 42.26 60.56 40.28
N PRO L 569 42.48 61.66 41.01
CA PRO L 569 43.00 61.55 42.38
C PRO L 569 42.01 60.88 43.33
N LEU L 570 42.41 60.71 44.59
CA LEU L 570 41.67 59.86 45.51
C LEU L 570 40.29 60.43 45.82
N TYR L 571 40.20 61.74 46.01
CA TYR L 571 38.93 62.40 46.25
C TYR L 571 38.27 62.91 44.98
N GLY L 572 38.81 62.59 43.81
CA GLY L 572 38.31 63.11 42.56
C GLY L 572 38.96 64.41 42.13
N ARG L 573 39.25 65.31 43.06
CA ARG L 573 39.99 66.53 42.80
C ARG L 573 41.30 66.49 43.57
N TYR L 574 42.32 67.09 42.98
CA TYR L 574 43.60 67.24 43.67
C TYR L 574 43.50 68.36 44.68
N ASN L 575 43.90 68.09 45.92
CA ASN L 575 44.01 69.13 46.92
C ASN L 575 45.46 69.35 47.35
N PRO L 576 45.91 70.60 47.47
CA PRO L 576 47.31 70.83 47.85
C PRO L 576 47.62 70.52 49.30
N ARG L 577 46.60 70.32 50.14
CA ARG L 577 46.84 70.06 51.56
C ARG L 577 47.55 68.73 51.77
N LEU L 578 47.16 67.70 51.02
CA LEU L 578 47.79 66.40 51.16
C LEU L 578 49.04 66.32 50.30
N SER L 579 49.87 65.33 50.61
CA SER L 579 51.08 65.08 49.84
C SER L 579 50.70 64.54 48.46
N PRO L 580 51.55 64.77 47.45
CA PRO L 580 51.30 64.17 46.13
C PRO L 580 51.17 62.66 46.16
N LEU L 581 51.96 61.97 46.99
CA LEU L 581 51.82 60.53 47.09
C LEU L 581 50.52 60.13 47.77
N ASP L 582 49.94 61.03 48.58
CA ASP L 582 48.73 60.69 49.32
C ASP L 582 47.51 60.62 48.40
N ASN L 583 47.37 61.59 47.51
CA ASN L 583 46.25 61.60 46.57
C ASN L 583 46.58 60.96 45.23
N ILE L 584 47.76 60.36 45.09
CA ILE L 584 48.00 59.34 44.09
C ILE L 584 47.75 58.02 44.80
N ASN L 585 46.53 57.48 44.65
CA ASN L 585 46.15 56.26 45.33
C ASN L 585 46.58 55.07 44.47
N LEU L 586 47.90 54.93 44.34
CA LEU L 586 48.49 53.84 43.58
C LEU L 586 49.67 53.31 44.38
N PRO L 587 49.97 52.01 44.30
CA PRO L 587 51.15 51.48 44.98
C PRO L 587 52.44 52.01 44.38
N ALA L 588 53.50 51.93 45.19
CA ALA L 588 54.79 52.48 44.78
C ALA L 588 55.36 51.73 43.58
N ALA L 589 55.17 50.41 43.53
CA ALA L 589 55.68 49.62 42.41
C ALA L 589 54.95 49.96 41.11
N LEU L 590 53.62 50.11 41.18
CA LEU L 590 52.85 50.47 40.00
C LEU L 590 53.16 51.89 39.53
N LEU L 591 53.51 52.79 40.45
CA LEU L 591 54.07 54.08 40.04
C LEU L 591 55.42 53.92 39.38
N SER L 592 56.25 53.01 39.89
CA SER L 592 57.57 52.80 39.31
C SER L 592 57.51 52.23 37.91
N ARG L 593 56.45 51.48 37.59
CA ARG L 593 56.30 50.94 36.24
C ARG L 593 55.81 51.98 35.23
N PHE L 594 55.24 53.09 35.67
CA PHE L 594 54.89 54.13 34.72
C PHE L 594 56.14 54.96 34.43
N ASP L 595 56.53 55.00 33.15
CA ASP L 595 57.70 55.77 32.76
C ASP L 595 57.47 57.25 32.93
N ILE L 596 56.25 57.72 32.65
CA ILE L 596 55.88 59.11 32.83
C ILE L 596 54.54 59.20 33.54
N LEU L 597 54.48 60.03 34.58
CA LEU L 597 53.25 60.31 35.33
C LEU L 597 52.92 61.80 35.23
N PHE L 598 51.82 62.12 34.56
CA PHE L 598 51.26 63.46 34.49
C PHE L 598 50.17 63.70 35.51
N LEU L 599 50.43 64.62 36.43
CA LEU L 599 49.38 65.36 37.10
C LEU L 599 48.88 66.43 36.15
N MET L 600 47.59 66.38 35.81
CA MET L 600 47.00 67.33 34.89
C MET L 600 45.96 68.14 35.67
N LEU L 601 46.42 69.24 36.25
CA LEU L 601 45.63 70.02 37.20
C LEU L 601 44.72 71.00 36.47
N ASP L 602 43.59 71.30 37.11
CA ASP L 602 42.63 72.29 36.62
C ASP L 602 42.63 73.45 37.61
N ILE L 603 43.52 74.41 37.38
CA ILE L 603 43.64 75.60 38.24
C ILE L 603 43.04 76.78 37.49
N PRO L 604 41.88 77.31 37.92
CA PRO L 604 41.27 78.43 37.20
C PRO L 604 42.13 79.68 37.26
N SER L 605 42.16 80.42 36.15
CA SER L 605 42.80 81.72 36.09
C SER L 605 42.17 82.50 34.94
N ARG L 606 42.37 83.82 34.96
CA ARG L 606 41.72 84.69 33.99
C ARG L 606 42.31 84.52 32.59
N ASP L 607 43.60 84.22 32.48
CA ASP L 607 44.25 84.25 31.18
C ASP L 607 43.95 82.98 30.38
N ASP L 608 44.30 81.81 30.93
CA ASP L 608 44.25 80.59 30.14
C ASP L 608 42.82 80.09 29.92
N ASP L 609 41.90 80.39 30.84
CA ASP L 609 40.51 80.02 30.64
C ASP L 609 39.89 80.75 29.46
N GLU L 610 40.28 82.02 29.26
CA GLU L 610 39.85 82.76 28.08
C GLU L 610 40.29 82.08 26.80
N LYS L 611 41.55 81.64 26.74
CA LYS L 611 42.08 81.03 25.52
C LYS L 611 41.47 79.65 25.29
N LEU L 612 41.25 78.89 26.37
CA LEU L 612 40.57 77.60 26.25
C LEU L 612 39.15 77.79 25.77
N ALA L 613 38.46 78.81 26.28
CA ALA L 613 37.10 79.08 25.83
C ALA L 613 37.05 79.47 24.35
N GLU L 614 38.00 80.30 23.91
CA GLU L 614 38.07 80.67 22.51
C GLU L 614 38.33 79.45 21.63
N HIS L 615 39.26 78.58 22.06
CA HIS L 615 39.55 77.36 21.31
C HIS L 615 38.33 76.46 21.19
N VAL L 616 37.66 76.19 22.31
CA VAL L 616 36.54 75.27 22.31
C VAL L 616 35.36 75.83 21.52
N THR L 617 35.13 77.15 21.64
CA THR L 617 34.04 77.76 20.90
C THR L 617 34.32 77.78 19.40
N TYR L 618 35.57 77.99 19.00
CA TYR L 618 35.90 77.91 17.58
C TYR L 618 35.71 76.48 17.09
N VAL L 619 36.10 75.48 17.88
CA VAL L 619 35.93 74.10 17.48
C VAL L 619 34.44 73.76 17.33
N HIS L 620 33.60 74.29 18.21
CA HIS L 620 32.17 74.04 18.07
C HIS L 620 31.54 74.85 16.94
N MET L 621 32.15 75.97 16.53
CA MET L 621 31.56 76.76 15.46
C MET L 621 32.01 76.30 14.07
N HIS L 622 33.31 76.34 13.81
CA HIS L 622 33.85 76.02 12.50
C HIS L 622 34.14 74.54 12.29
N ASN L 623 34.00 73.71 13.33
CA ASN L 623 34.18 72.27 13.27
C ASN L 623 35.61 71.92 12.80
N LYS L 624 36.59 72.68 13.30
CA LYS L 624 38.00 72.46 12.97
C LYS L 624 38.87 73.18 14.00
N GLN L 625 40.18 73.02 13.86
CA GLN L 625 41.12 73.63 14.79
C GLN L 625 41.22 75.14 14.56
N PRO L 626 41.43 75.91 15.63
CA PRO L 626 41.54 77.37 15.47
C PRO L 626 42.77 77.86 14.72
N ASP L 627 43.94 77.40 15.12
CA ASP L 627 45.18 78.01 14.66
C ASP L 627 45.44 77.69 13.19
N LEU L 628 45.72 78.73 12.41
CA LEU L 628 46.01 78.58 10.98
C LEU L 628 47.48 78.82 10.65
N ASP L 629 48.32 79.05 11.65
CA ASP L 629 49.75 79.24 11.43
C ASP L 629 50.50 77.93 11.23
N PHE L 630 49.89 76.80 11.57
CA PHE L 630 50.49 75.50 11.31
C PHE L 630 49.39 74.55 10.85
N THR L 631 49.74 73.71 9.88
CA THR L 631 48.80 72.70 9.38
C THR L 631 48.99 71.42 10.18
N PRO L 632 47.98 70.94 10.91
CA PRO L 632 48.12 69.67 11.61
C PRO L 632 48.25 68.51 10.64
N VAL L 633 49.16 67.60 10.95
CA VAL L 633 49.42 66.45 10.08
C VAL L 633 48.26 65.47 10.20
N GLU L 634 47.82 64.95 9.05
CA GLU L 634 46.80 63.93 9.02
C GLU L 634 47.32 62.67 9.70
N PRO L 635 46.46 61.93 10.40
CA PRO L 635 46.93 60.71 11.09
C PRO L 635 47.50 59.63 10.18
N SER L 636 47.20 59.64 8.89
CA SER L 636 47.85 58.70 7.98
C SER L 636 49.33 59.01 7.82
N LYS L 637 49.66 60.28 7.58
CA LYS L 637 51.07 60.67 7.47
C LYS L 637 51.79 60.57 8.80
N MET L 638 51.10 60.86 9.91
CA MET L 638 51.66 60.60 11.23
C MET L 638 51.96 59.13 11.42
N ARG L 639 51.04 58.26 11.00
CA ARG L 639 51.22 56.83 11.16
C ARG L 639 52.40 56.32 10.35
N GLU L 640 52.55 56.79 9.11
CA GLU L 640 53.67 56.32 8.31
C GLU L 640 55.00 56.91 8.78
N TYR L 641 55.00 58.14 9.31
CA TYR L 641 56.24 58.67 9.85
C TYR L 641 56.65 57.94 11.13
N ILE L 642 55.67 57.58 11.97
CA ILE L 642 55.97 56.80 13.16
C ILE L 642 56.44 55.40 12.77
N ALA L 643 55.87 54.84 11.69
CA ALA L 643 56.31 53.54 11.19
C ALA L 643 57.76 53.59 10.71
N TYR L 644 58.14 54.66 10.03
CA TYR L 644 59.53 54.79 9.60
C TYR L 644 60.46 55.10 10.78
N ALA L 645 59.96 55.81 11.79
CA ALA L 645 60.75 56.10 12.97
C ALA L 645 61.00 54.85 13.81
N LYS L 646 60.04 53.93 13.85
CA LYS L 646 60.19 52.73 14.67
C LYS L 646 61.22 51.77 14.10
N THR L 647 61.59 51.90 12.83
CA THR L 647 62.61 51.04 12.26
C THR L 647 64.00 51.35 12.81
N LYS L 648 64.24 52.60 13.21
CA LYS L 648 65.54 52.99 13.72
C LYS L 648 65.76 52.41 15.11
N ARG L 649 67.01 52.01 15.37
CA ARG L 649 67.43 51.46 16.65
C ARG L 649 68.66 52.22 17.13
N PRO L 650 68.46 53.38 17.74
CA PRO L 650 69.60 54.21 18.15
C PRO L 650 70.40 53.57 19.28
N VAL L 651 71.69 53.93 19.32
CA VAL L 651 72.60 53.51 20.37
C VAL L 651 73.09 54.77 21.10
N MET L 652 73.76 54.54 22.22
CA MET L 652 74.21 55.63 23.08
C MET L 652 75.73 55.57 23.23
N SER L 653 76.39 56.71 23.02
CA SER L 653 77.84 56.82 23.13
C SER L 653 78.24 57.09 24.59
N GLU L 654 79.56 57.11 24.82
CA GLU L 654 80.07 57.19 26.20
C GLU L 654 79.70 58.50 26.90
N ALA L 655 79.74 59.62 26.19
CA ALA L 655 79.46 60.91 26.81
C ALA L 655 78.00 61.00 27.24
N VAL L 656 77.08 60.59 26.37
CA VAL L 656 75.68 60.62 26.77
C VAL L 656 75.41 59.58 27.85
N ASN L 657 76.18 58.48 27.86
CA ASN L 657 76.07 57.49 28.93
C ASN L 657 76.41 58.10 30.29
N ASP L 658 77.56 58.79 30.38
CA ASP L 658 77.97 59.31 31.68
C ASP L 658 77.09 60.48 32.09
N TYR L 659 76.55 61.23 31.12
CA TYR L 659 75.61 62.29 31.47
C TYR L 659 74.33 61.71 32.06
N VAL L 660 73.83 60.61 31.48
CA VAL L 660 72.65 59.94 32.02
C VAL L 660 72.94 59.41 33.42
N VAL L 661 74.15 58.88 33.64
CA VAL L 661 74.53 58.39 34.97
C VAL L 661 74.52 59.51 35.99
N GLN L 662 75.10 60.66 35.64
CA GLN L 662 75.14 61.79 36.57
C GLN L 662 73.73 62.32 36.85
N ALA L 663 72.88 62.36 35.82
CA ALA L 663 71.50 62.78 36.03
C ALA L 663 70.77 61.82 36.97
N TYR L 664 71.03 60.53 36.84
CA TYR L 664 70.44 59.54 37.73
C TYR L 664 70.91 59.73 39.17
N ILE L 665 72.20 60.03 39.36
CA ILE L 665 72.73 60.30 40.70
C ILE L 665 72.02 61.50 41.32
N ARG L 666 71.91 62.59 40.55
CA ARG L 666 71.26 63.78 41.08
C ARG L 666 69.79 63.53 41.39
N LEU L 667 69.10 62.74 40.55
CA LEU L 667 67.70 62.43 40.80
C LEU L 667 67.53 61.61 42.08
N ARG L 668 68.40 60.63 42.31
CA ARG L 668 68.30 59.83 43.52
C ARG L 668 68.59 60.65 44.76
N GLN L 669 69.58 61.55 44.69
CA GLN L 669 69.87 62.39 45.86
C GLN L 669 68.72 63.37 46.14
N ASP L 670 68.13 63.96 45.10
CA ASP L 670 67.00 64.85 45.31
C ASP L 670 65.81 64.11 45.92
N SER L 671 65.54 62.89 45.44
CA SER L 671 64.46 62.09 46.03
C SER L 671 64.73 61.78 47.49
N LYS L 672 65.96 61.35 47.80
CA LYS L 672 66.32 61.02 49.19
C LYS L 672 66.18 62.24 50.09
N ARG L 673 66.53 63.42 49.59
CA ARG L 673 66.33 64.64 50.36
C ARG L 673 64.85 64.99 50.52
N GLU L 674 64.01 64.60 49.55
CA GLU L 674 62.60 64.97 49.59
C GLU L 674 61.67 63.88 50.13
N MET L 675 62.20 62.78 50.66
CA MET L 675 61.36 61.87 51.45
C MET L 675 60.68 62.56 52.63
N ASP L 676 61.45 63.27 53.46
CA ASP L 676 60.87 63.86 54.66
C ASP L 676 59.99 65.06 54.35
N SER L 677 60.22 65.75 53.24
CA SER L 677 59.39 66.88 52.87
C SER L 677 58.05 66.39 52.33
N LYS L 678 57.09 67.33 52.25
CA LYS L 678 55.77 66.99 51.73
C LYS L 678 55.74 66.93 50.21
N PHE L 679 56.78 67.43 49.53
CA PHE L 679 56.78 67.53 48.08
C PHE L 679 57.16 66.24 47.38
N SER L 680 57.12 65.09 48.07
CA SER L 680 57.59 63.85 47.50
C SER L 680 56.60 63.30 46.47
N PHE L 681 57.13 62.89 45.32
CA PHE L 681 56.37 62.17 44.31
C PHE L 681 56.70 60.69 44.29
N GLY L 682 57.51 60.23 45.22
CA GLY L 682 57.98 58.86 45.23
C GLY L 682 59.48 58.82 45.33
N GLN L 683 60.04 57.63 45.18
CA GLN L 683 61.47 57.40 45.34
C GLN L 683 62.09 57.16 43.96
N ALA L 684 63.23 57.79 43.70
CA ALA L 684 63.91 57.62 42.43
C ALA L 684 64.40 56.18 42.29
N THR L 685 64.33 55.66 41.08
CA THR L 685 64.26 54.23 40.85
C THR L 685 65.15 53.86 39.68
N PRO L 686 65.72 52.65 39.67
CA PRO L 686 66.35 52.16 38.42
C PRO L 686 65.39 52.12 37.24
N ARG L 687 64.09 51.90 37.50
CA ARG L 687 63.11 52.02 36.44
C ARG L 687 63.02 53.44 35.90
N THR L 688 63.30 54.45 36.73
CA THR L 688 63.37 55.82 36.24
C THR L 688 64.57 56.00 35.30
N LEU L 689 65.70 55.35 35.62
CA LEU L 689 66.85 55.36 34.72
C LEU L 689 66.51 54.72 33.38
N LEU L 690 65.85 53.56 33.43
CA LEU L 690 65.45 52.87 32.20
C LEU L 690 64.42 53.69 31.43
N GLY L 691 63.54 54.40 32.13
CA GLY L 691 62.58 55.26 31.45
C GLY L 691 63.23 56.45 30.76
N ILE L 692 64.25 57.03 31.41
CA ILE L 692 65.00 58.12 30.78
C ILE L 692 65.69 57.63 29.53
N ILE L 693 66.33 56.46 29.60
CA ILE L 693 67.00 55.88 28.44
C ILE L 693 65.98 55.58 27.34
N ARG L 694 64.81 55.06 27.73
CA ARG L 694 63.76 54.73 26.77
C ARG L 694 63.22 55.97 26.07
N LEU L 695 62.98 57.04 26.82
CA LEU L 695 62.49 58.28 26.22
C LEU L 695 63.54 58.90 25.32
N SER L 696 64.81 58.83 25.71
CA SER L 696 65.88 59.33 24.87
C SER L 696 65.96 58.55 23.56
N GLN L 697 65.81 57.23 23.64
CA GLN L 697 65.83 56.41 22.43
C GLN L 697 64.64 56.69 21.54
N ALA L 698 63.46 56.91 22.12
CA ALA L 698 62.28 57.26 21.33
C ALA L 698 62.46 58.61 20.63
N LEU L 699 63.00 59.59 21.34
CA LEU L 699 63.24 60.90 20.75
C LEU L 699 64.32 60.84 19.68
N ALA L 700 65.29 59.94 19.82
CA ALA L 700 66.29 59.74 18.77
C ALA L 700 65.68 59.03 17.57
N LYS L 701 64.70 58.14 17.79
CA LYS L 701 63.95 57.56 16.69
C LYS L 701 63.18 58.63 15.93
N LEU L 702 62.65 59.61 16.66
CA LEU L 702 61.86 60.67 16.01
C LEU L 702 62.72 61.52 15.09
N ARG L 703 64.00 61.71 15.44
CA ARG L 703 64.91 62.45 14.58
C ARG L 703 65.53 61.60 13.49
N LEU L 704 65.13 60.32 13.41
CA LEU L 704 65.64 59.37 12.43
C LEU L 704 67.15 59.23 12.51
N ALA L 705 67.66 59.15 13.73
CA ALA L 705 69.08 59.10 14.02
C ALA L 705 69.45 57.77 14.64
N ASP L 706 70.68 57.33 14.38
CA ASP L 706 71.22 56.11 14.94
C ASP L 706 72.02 56.36 16.22
N MET L 707 72.09 57.60 16.69
CA MET L 707 72.83 57.96 17.88
C MET L 707 71.99 58.90 18.73
N VAL L 708 72.04 58.70 20.04
CA VAL L 708 71.32 59.52 21.01
C VAL L 708 72.24 60.65 21.47
N ASP L 709 71.74 61.88 21.42
CA ASP L 709 72.53 63.06 21.69
C ASP L 709 72.25 63.62 23.08
N ILE L 710 72.99 64.68 23.43
CA ILE L 710 72.89 65.27 24.76
C ILE L 710 71.57 66.01 24.92
N ASP L 711 71.19 66.82 23.93
CA ASP L 711 69.94 67.57 24.01
C ASP L 711 68.74 66.63 23.96
N ASP L 712 68.92 65.43 23.43
CA ASP L 712 67.86 64.44 23.41
C ASP L 712 67.51 64.01 24.84
N VAL L 713 68.53 63.69 25.63
CA VAL L 713 68.33 63.35 27.04
C VAL L 713 67.90 64.58 27.82
N GLU L 714 68.33 65.77 27.38
CA GLU L 714 67.83 67.01 27.98
C GLU L 714 66.32 67.11 27.84
N GLU L 715 65.79 66.82 26.65
CA GLU L 715 64.34 66.84 26.45
C GLU L 715 63.65 65.75 27.26
N ALA L 716 64.28 64.58 27.37
CA ALA L 716 63.70 63.49 28.17
C ALA L 716 63.60 63.88 29.65
N LEU L 717 64.69 64.41 30.21
CA LEU L 717 64.67 64.84 31.61
C LEU L 717 63.73 66.02 31.82
N ARG L 718 63.62 66.89 30.81
CA ARG L 718 62.68 68.00 30.90
C ARG L 718 61.24 67.47 30.98
N LEU L 719 60.92 66.46 30.18
CA LEU L 719 59.59 65.85 30.23
C LEU L 719 59.34 65.22 31.60
N VAL L 720 60.33 64.51 32.14
CA VAL L 720 60.19 63.87 33.44
C VAL L 720 59.96 64.92 34.53
N ARG L 721 60.64 66.06 34.43
CA ARG L 721 60.50 67.10 35.45
C ARG L 721 59.18 67.84 35.34
N VAL L 722 58.75 68.17 34.10
CA VAL L 722 57.49 68.91 33.93
C VAL L 722 56.30 68.00 34.12
N SER L 723 56.54 66.69 34.15
CA SER L 723 55.47 65.73 34.42
C SER L 723 54.81 65.99 35.75
N LYS L 724 55.61 66.22 36.79
CA LYS L 724 55.09 66.44 38.13
C LYS L 724 55.50 67.78 38.72
N GLU L 725 56.81 68.07 38.74
CA GLU L 725 57.32 69.11 39.64
C GLU L 725 56.95 70.51 39.15
N SER L 726 57.02 70.74 37.85
CA SER L 726 56.74 72.06 37.31
C SER L 726 55.29 72.48 37.53
N LEU L 727 54.36 71.54 37.32
CA LEU L 727 52.95 71.89 37.51
C LEU L 727 52.57 71.91 38.99
N TYR L 728 53.13 71.02 39.80
CA TYR L 728 52.74 71.00 41.21
C TYR L 728 53.34 72.18 41.97
N GLN L 729 54.53 72.64 41.58
CA GLN L 729 55.15 73.78 42.24
C GLN L 729 54.37 75.06 41.98
N GLU L 730 53.82 75.21 40.79
CA GLU L 730 53.05 76.39 40.44
C GLU L 730 51.64 76.31 41.02
N PRO M 12 -92.49 -0.92 21.54
CA PRO M 12 -91.96 -1.56 20.34
C PRO M 12 -91.65 -0.56 19.22
N PRO M 13 -90.53 0.18 19.32
CA PRO M 13 -90.20 1.17 18.29
C PRO M 13 -89.85 0.55 16.95
N GLU M 14 -88.92 -0.42 16.95
CA GLU M 14 -88.49 -1.08 15.73
C GLU M 14 -88.72 -2.58 15.72
N ILE M 15 -88.96 -3.20 16.88
CA ILE M 15 -89.11 -4.65 16.96
C ILE M 15 -90.45 -5.12 16.38
N LYS M 16 -91.40 -4.21 16.17
CA LYS M 16 -92.69 -4.63 15.63
C LYS M 16 -92.55 -5.10 14.20
N GLU M 17 -91.60 -4.52 13.46
CA GLU M 17 -91.32 -5.03 12.14
C GLU M 17 -90.73 -6.44 12.21
N GLU M 18 -89.95 -6.76 13.26
CA GLU M 18 -89.53 -8.15 13.41
C GLU M 18 -90.68 -9.08 13.78
N MET M 19 -91.67 -8.63 14.56
CA MET M 19 -92.83 -9.48 14.81
C MET M 19 -93.60 -9.76 13.53
N ILE M 20 -93.87 -8.73 12.73
CA ILE M 20 -94.59 -8.94 11.48
C ILE M 20 -93.76 -9.76 10.51
N GLN M 21 -92.44 -9.57 10.50
CA GLN M 21 -91.55 -10.39 9.67
C GLN M 21 -91.63 -11.86 10.06
N LEU M 22 -91.61 -12.14 11.36
CA LEU M 22 -91.80 -13.51 11.83
C LEU M 22 -93.18 -14.04 11.47
N TYR M 23 -94.18 -13.16 11.44
CA TYR M 23 -95.51 -13.57 10.99
C TYR M 23 -95.49 -14.01 9.53
N HIS M 24 -94.76 -13.28 8.67
CA HIS M 24 -94.61 -13.78 7.30
C HIS M 24 -93.75 -15.03 7.25
N ASP M 25 -92.86 -15.22 8.22
CA ASP M 25 -91.94 -16.36 8.21
C ASP M 25 -92.69 -17.68 8.36
N LEU M 26 -93.72 -17.71 9.21
CA LEU M 26 -94.46 -18.95 9.44
C LEU M 26 -95.93 -18.72 9.13
N PRO M 27 -96.55 -19.55 8.29
CA PRO M 27 -97.95 -19.32 7.90
C PRO M 27 -98.96 -19.77 8.94
N GLY M 28 -98.59 -20.65 9.86
CA GLY M 28 -99.56 -21.23 10.78
C GLY M 28 -99.57 -20.62 12.17
N ILE M 29 -98.62 -19.74 12.47
CA ILE M 29 -98.49 -19.22 13.83
C ILE M 29 -99.63 -18.26 14.17
N GLU M 30 -100.23 -17.61 13.17
CA GLU M 30 -101.35 -16.70 13.45
C GLU M 30 -102.54 -17.46 14.01
N ASN M 31 -102.86 -18.62 13.44
CA ASN M 31 -103.97 -19.41 13.95
C ASN M 31 -103.61 -20.13 15.24
N GLU M 32 -102.32 -20.29 15.54
CA GLU M 32 -101.89 -21.09 16.67
C GLU M 32 -101.42 -20.27 17.86
N TYR M 33 -100.92 -19.04 17.65
CA TYR M 33 -100.38 -18.24 18.73
C TYR M 33 -100.64 -16.76 18.46
N LYS M 34 -100.65 -15.98 19.53
CA LYS M 34 -100.57 -14.53 19.46
C LYS M 34 -99.43 -14.07 20.35
N LEU M 35 -98.56 -13.23 19.81
CA LEU M 35 -97.29 -12.94 20.47
C LEU M 35 -97.28 -11.51 20.97
N ILE M 36 -96.77 -11.31 22.18
CA ILE M 36 -96.86 -10.01 22.82
C ILE M 36 -95.56 -9.23 22.64
N ASP M 37 -94.48 -9.70 23.25
CA ASP M 37 -93.27 -8.87 23.36
C ASP M 37 -92.01 -9.69 23.15
N LYS M 38 -90.87 -8.99 23.14
CA LYS M 38 -89.55 -9.61 23.15
C LYS M 38 -89.00 -9.57 24.57
N ILE M 39 -88.67 -10.74 25.12
CA ILE M 39 -88.22 -10.85 26.49
C ILE M 39 -86.71 -10.92 26.60
N GLY M 40 -86.06 -11.72 25.76
CA GLY M 40 -84.63 -11.92 25.87
C GLY M 40 -83.98 -12.04 24.50
N GLU M 41 -82.75 -11.52 24.42
CA GLU M 41 -81.92 -11.63 23.23
C GLU M 41 -80.67 -12.42 23.58
N GLY M 42 -80.36 -13.43 22.77
CA GLY M 42 -79.19 -14.26 23.03
C GLY M 42 -78.16 -14.19 21.92
N THR M 43 -77.32 -15.21 21.82
CA THR M 43 -76.34 -15.31 20.74
C THR M 43 -76.81 -16.17 19.59
N PHE M 44 -77.41 -17.32 19.88
CA PHE M 44 -77.91 -18.21 18.85
C PHE M 44 -79.43 -18.28 18.82
N SER M 45 -80.13 -17.49 19.63
CA SER M 45 -81.58 -17.48 19.61
C SER M 45 -82.09 -16.16 20.15
N SER M 46 -83.34 -15.86 19.83
CA SER M 46 -84.07 -14.70 20.35
C SER M 46 -85.46 -15.16 20.78
N VAL M 47 -85.79 -14.94 22.05
CA VAL M 47 -87.00 -15.51 22.64
C VAL M 47 -88.01 -14.37 22.80
N TYR M 48 -89.28 -14.72 22.61
CA TYR M 48 -90.39 -13.77 22.65
C TYR M 48 -91.43 -14.30 23.64
N LYS M 49 -92.22 -13.41 24.22
CA LYS M 49 -93.35 -13.84 25.04
C LYS M 49 -94.61 -13.76 24.20
N ALA M 50 -95.43 -14.81 24.29
CA ALA M 50 -96.61 -15.00 23.45
C ALA M 50 -97.78 -15.50 24.29
N LYS M 51 -98.99 -15.22 23.81
CA LYS M 51 -100.20 -15.70 24.45
C LYS M 51 -100.44 -17.17 24.10
N ASP M 52 -100.92 -17.93 25.07
CA ASP M 52 -101.15 -19.35 24.86
C ASP M 52 -102.31 -19.59 23.90
N ILE M 53 -103.29 -18.68 23.90
CA ILE M 53 -104.61 -18.75 23.26
C ILE M 53 -105.16 -20.17 23.45
N THR M 54 -105.70 -20.81 22.41
CA THR M 54 -106.17 -22.18 22.52
C THR M 54 -105.06 -23.19 22.21
N GLY M 55 -105.07 -24.29 22.95
CA GLY M 55 -104.08 -25.33 22.77
C GLY M 55 -104.10 -26.41 23.82
N LYS M 56 -103.82 -27.65 23.40
CA LYS M 56 -103.76 -28.79 24.31
C LYS M 56 -102.47 -28.82 25.13
N ILE M 57 -101.42 -28.11 24.71
CA ILE M 57 -100.12 -28.19 25.37
C ILE M 57 -100.20 -27.57 26.76
N THR M 58 -100.94 -26.48 26.88
CA THR M 58 -101.11 -25.79 28.16
C THR M 58 -101.89 -26.66 29.12
N LYS M 59 -102.89 -27.38 28.61
CA LYS M 59 -103.65 -28.23 29.50
C LYS M 59 -102.87 -29.47 29.88
N LYS M 60 -101.99 -29.98 29.00
CA LYS M 60 -101.28 -31.22 29.38
C LYS M 60 -100.27 -30.90 30.47
N PHE M 61 -99.48 -29.84 30.27
CA PHE M 61 -98.37 -29.60 31.20
C PHE M 61 -98.83 -28.97 32.50
N ALA M 62 -99.63 -27.90 32.44
CA ALA M 62 -100.22 -27.19 33.58
C ALA M 62 -99.28 -26.92 34.76
N SER M 63 -98.75 -28.00 35.36
CA SER M 63 -97.94 -27.87 36.57
C SER M 63 -96.62 -27.17 36.32
N HIS M 64 -96.10 -27.24 35.09
CA HIS M 64 -94.86 -26.55 34.78
C HIS M 64 -95.04 -25.04 34.87
N PHE M 65 -96.21 -24.54 34.48
CA PHE M 65 -96.54 -23.14 34.70
C PHE M 65 -96.66 -22.89 36.20
N TRP M 66 -96.36 -21.66 36.62
CA TRP M 66 -96.21 -21.41 38.04
C TRP M 66 -97.57 -21.16 38.67
N ASN M 67 -97.56 -20.66 39.90
CA ASN M 67 -98.75 -20.17 40.57
C ASN M 67 -99.04 -18.72 40.20
N TYR M 68 -98.16 -18.09 39.43
CA TYR M 68 -98.40 -16.74 38.94
C TYR M 68 -99.61 -16.68 38.03
N GLY M 69 -99.82 -17.72 37.22
CA GLY M 69 -100.98 -17.80 36.37
C GLY M 69 -100.83 -17.02 35.07
N SER M 70 -101.96 -16.98 34.34
CA SER M 70 -102.20 -16.34 33.04
C SER M 70 -101.52 -17.07 31.88
N ASN M 71 -100.63 -18.02 32.18
CA ASN M 71 -100.12 -19.02 31.23
C ASN M 71 -99.53 -18.41 29.97
N TYR M 72 -98.57 -17.49 30.14
CA TYR M 72 -97.80 -17.04 28.99
C TYR M 72 -96.90 -18.16 28.49
N VAL M 73 -96.59 -18.11 27.19
CA VAL M 73 -95.77 -19.14 26.54
C VAL M 73 -94.59 -18.48 25.85
N ALA M 74 -93.37 -18.93 26.17
CA ALA M 74 -92.18 -18.43 25.52
C ALA M 74 -92.06 -19.07 24.13
N LEU M 75 -91.58 -18.27 23.18
CA LEU M 75 -91.39 -18.69 21.79
C LEU M 75 -89.94 -18.37 21.41
N LYS M 76 -89.15 -19.40 21.19
CA LYS M 76 -87.73 -19.29 20.93
C LYS M 76 -87.50 -19.36 19.43
N LYS M 77 -87.07 -18.26 18.83
CA LYS M 77 -86.71 -18.22 17.43
C LYS M 77 -85.21 -18.44 17.30
N ILE M 78 -84.82 -19.40 16.49
CA ILE M 78 -83.42 -19.72 16.30
C ILE M 78 -82.97 -19.19 14.95
N TYR M 79 -81.79 -18.59 14.93
CA TYR M 79 -81.23 -18.08 13.68
C TYR M 79 -80.92 -19.24 12.74
N VAL M 80 -81.00 -18.95 11.44
CA VAL M 80 -80.78 -20.00 10.44
C VAL M 80 -79.31 -20.35 10.29
N THR M 81 -78.42 -19.54 10.88
CA THR M 81 -77.00 -19.79 10.78
C THR M 81 -76.56 -21.00 11.59
N SER M 82 -77.36 -21.41 12.58
CA SER M 82 -77.02 -22.56 13.39
C SER M 82 -77.14 -23.85 12.60
N SER M 83 -76.24 -24.80 12.87
CA SER M 83 -76.26 -26.08 12.19
C SER M 83 -77.47 -26.89 12.62
N PRO M 84 -78.12 -27.59 11.69
CA PRO M 84 -79.30 -28.39 12.06
C PRO M 84 -78.98 -29.52 13.02
N GLN M 85 -77.74 -30.02 13.03
CA GLN M 85 -77.36 -31.05 13.99
C GLN M 85 -77.43 -30.55 15.42
N ARG M 86 -76.92 -29.34 15.69
CA ARG M 86 -77.02 -28.79 17.04
C ARG M 86 -78.47 -28.53 17.44
N ILE M 87 -79.30 -28.09 16.49
CA ILE M 87 -80.71 -27.87 16.78
C ILE M 87 -81.40 -29.18 17.15
N TYR M 88 -81.14 -30.22 16.36
CA TYR M 88 -81.73 -31.52 16.65
C TYR M 88 -81.23 -32.06 17.97
N ASN M 89 -79.94 -31.84 18.28
CA ASN M 89 -79.38 -32.24 19.56
C ASN M 89 -80.10 -31.53 20.70
N GLU M 90 -80.32 -30.23 20.56
CA GLU M 90 -80.95 -29.46 21.62
C GLU M 90 -82.40 -29.89 21.85
N LEU M 91 -83.18 -30.00 20.77
CA LEU M 91 -84.58 -30.39 20.91
C LEU M 91 -84.70 -31.84 21.37
N ASN M 92 -83.81 -32.72 20.94
CA ASN M 92 -83.81 -34.11 21.37
C ASN M 92 -83.51 -34.18 22.86
N LEU M 93 -82.52 -33.41 23.32
CA LEU M 93 -82.17 -33.41 24.73
C LEU M 93 -83.31 -32.87 25.58
N LEU M 94 -84.02 -31.85 25.09
CA LEU M 94 -85.18 -31.36 25.86
C LEU M 94 -86.31 -32.39 25.87
N TYR M 95 -86.54 -33.09 24.75
CA TYR M 95 -87.67 -34.01 24.71
C TYR M 95 -87.42 -35.31 25.45
N ILE M 96 -86.17 -35.79 25.50
CA ILE M 96 -85.89 -37.05 26.19
C ILE M 96 -86.07 -36.88 27.70
N MET M 97 -85.67 -35.72 28.21
CA MET M 97 -85.52 -35.50 29.64
C MET M 97 -86.86 -35.42 30.35
N THR M 98 -87.66 -34.37 30.04
CA THR M 98 -88.91 -34.06 30.73
C THR M 98 -88.79 -34.06 32.24
N GLY M 99 -89.78 -34.63 32.93
CA GLY M 99 -89.66 -34.86 34.36
C GLY M 99 -89.80 -33.61 35.19
N SER M 100 -88.72 -33.18 35.85
CA SER M 100 -88.82 -32.10 36.83
C SER M 100 -89.12 -30.77 36.13
N SER M 101 -89.60 -29.82 36.93
CA SER M 101 -90.03 -28.52 36.41
C SER M 101 -88.86 -27.61 36.07
N ARG M 102 -87.67 -27.87 36.61
CA ARG M 102 -86.56 -26.94 36.47
C ARG M 102 -85.92 -27.00 35.08
N VAL M 103 -86.23 -28.03 34.29
CA VAL M 103 -85.54 -28.27 33.03
C VAL M 103 -86.21 -27.58 31.86
N ALA M 104 -87.44 -27.10 32.05
CA ALA M 104 -88.29 -26.42 31.07
C ALA M 104 -88.50 -27.26 29.82
N PRO M 105 -89.33 -28.31 29.89
CA PRO M 105 -89.57 -29.14 28.71
C PRO M 105 -90.33 -28.40 27.61
N LEU M 106 -90.02 -28.75 26.37
CA LEU M 106 -90.65 -28.09 25.25
C LEU M 106 -92.07 -28.61 25.00
N CYS M 107 -92.94 -27.71 24.58
CA CYS M 107 -94.33 -28.01 24.26
C CYS M 107 -94.44 -28.51 22.82
N ASP M 108 -94.03 -27.68 21.87
CA ASP M 108 -94.19 -27.96 20.46
C ASP M 108 -93.03 -27.34 19.69
N ALA M 109 -92.83 -27.82 18.47
CA ALA M 109 -91.81 -27.33 17.57
C ALA M 109 -92.48 -26.96 16.26
N LYS M 110 -92.21 -25.76 15.74
CA LYS M 110 -92.74 -25.35 14.45
C LYS M 110 -91.59 -25.03 13.52
N ARG M 111 -91.57 -25.69 12.36
CA ARG M 111 -90.50 -25.59 11.40
C ARG M 111 -91.01 -25.16 10.02
N VAL M 112 -90.25 -24.27 9.38
CA VAL M 112 -90.45 -23.91 7.98
C VAL M 112 -89.19 -24.31 7.23
N ARG M 113 -89.12 -23.98 5.94
CA ARG M 113 -88.10 -24.51 5.05
C ARG M 113 -86.68 -24.17 5.48
N ASP M 114 -86.48 -23.13 6.28
CA ASP M 114 -85.14 -22.77 6.73
C ASP M 114 -85.02 -22.47 8.22
N GLN M 115 -86.11 -22.13 8.89
CA GLN M 115 -86.07 -21.63 10.25
C GLN M 115 -86.97 -22.51 11.11
N VAL M 116 -86.68 -22.60 12.40
CA VAL M 116 -87.42 -23.47 13.31
C VAL M 116 -87.77 -22.66 14.55
N ILE M 117 -88.96 -22.90 15.09
CA ILE M 117 -89.48 -22.24 16.27
C ILE M 117 -89.64 -23.28 17.37
N ALA M 118 -89.07 -23.01 18.53
CA ALA M 118 -89.24 -23.85 19.71
C ALA M 118 -90.23 -23.20 20.66
N VAL M 119 -91.18 -24.00 21.16
CA VAL M 119 -92.25 -23.46 21.99
C VAL M 119 -92.06 -24.05 23.38
N LEU M 120 -91.94 -23.18 24.37
CA LEU M 120 -91.68 -23.58 25.75
C LEU M 120 -92.63 -22.82 26.65
N PRO M 121 -92.98 -23.36 27.82
CA PRO M 121 -93.74 -22.55 28.76
C PRO M 121 -92.89 -21.37 29.24
N TYR M 122 -93.54 -20.22 29.39
CA TYR M 122 -92.84 -19.02 29.83
C TYR M 122 -92.70 -19.03 31.34
N TYR M 123 -91.49 -18.76 31.82
CA TYR M 123 -91.27 -18.69 33.26
C TYR M 123 -90.92 -17.24 33.58
N PRO M 124 -91.80 -16.50 34.26
CA PRO M 124 -91.45 -15.12 34.63
C PRO M 124 -90.31 -15.00 35.62
N HIS M 125 -89.52 -13.95 35.46
CA HIS M 125 -88.34 -13.70 36.28
C HIS M 125 -87.94 -12.24 36.08
N GLU M 126 -86.87 -11.85 36.75
CA GLU M 126 -86.30 -10.51 36.60
C GLU M 126 -84.80 -10.72 36.33
N GLU M 127 -84.13 -9.71 35.78
CA GLU M 127 -82.70 -9.79 35.50
C GLU M 127 -81.79 -9.83 36.73
N PHE M 128 -80.67 -10.55 36.55
CA PHE M 128 -79.69 -10.90 37.58
C PHE M 128 -78.83 -9.74 38.05
N ARG M 129 -78.72 -8.65 37.28
CA ARG M 129 -77.95 -7.50 37.73
C ARG M 129 -78.61 -6.82 38.93
N THR M 130 -79.87 -7.14 39.16
CA THR M 130 -80.66 -6.67 40.30
C THR M 130 -80.50 -7.59 41.50
N PHE M 131 -80.21 -8.89 41.29
CA PHE M 131 -80.11 -9.82 42.41
C PHE M 131 -78.88 -9.51 43.25
N TYR M 132 -77.69 -9.62 42.65
CA TYR M 132 -76.47 -9.96 43.39
C TYR M 132 -76.06 -8.86 44.34
N ARG M 133 -76.38 -7.60 44.02
CA ARG M 133 -75.90 -6.50 44.83
C ARG M 133 -76.60 -6.48 46.18
N ASP M 134 -77.84 -7.00 46.24
CA ASP M 134 -78.70 -6.87 47.41
C ASP M 134 -79.38 -8.17 47.83
N LEU M 135 -78.95 -9.35 47.29
CA LEU M 135 -79.69 -10.57 47.62
C LEU M 135 -79.10 -11.25 48.85
N PRO M 136 -79.92 -11.57 49.85
CA PRO M 136 -79.42 -12.12 51.12
C PRO M 136 -78.97 -13.57 51.05
N ILE M 137 -78.35 -14.01 52.14
CA ILE M 137 -77.71 -15.32 52.18
C ILE M 137 -78.74 -16.44 52.14
N LYS M 138 -79.92 -16.21 52.71
CA LYS M 138 -80.99 -17.21 52.62
C LYS M 138 -81.51 -17.32 51.19
N GLY M 139 -81.57 -16.20 50.48
CA GLY M 139 -81.89 -16.26 49.06
C GLY M 139 -80.83 -17.03 48.30
N ILE M 140 -79.57 -16.86 48.71
CA ILE M 140 -78.47 -17.64 48.14
C ILE M 140 -78.69 -19.12 48.41
N LYS M 141 -79.18 -19.46 49.62
CA LYS M 141 -79.45 -20.85 49.96
C LYS M 141 -80.50 -21.46 49.04
N LYS M 142 -81.60 -20.73 48.83
CA LYS M 142 -82.65 -21.23 47.95
C LYS M 142 -82.15 -21.31 46.50
N TYR M 143 -81.41 -20.28 46.06
CA TYR M 143 -80.87 -20.23 44.70
C TYR M 143 -79.94 -21.40 44.42
N ILE M 144 -78.96 -21.62 45.30
CA ILE M 144 -77.98 -22.69 45.13
C ILE M 144 -78.67 -24.03 45.25
N TRP M 145 -79.69 -24.12 46.10
CA TRP M 145 -80.44 -25.37 46.27
C TRP M 145 -81.15 -25.73 44.97
N GLU M 146 -81.83 -24.75 44.35
CA GLU M 146 -82.52 -25.02 43.09
C GLU M 146 -81.53 -25.41 41.99
N LEU M 147 -80.39 -24.70 41.90
CA LEU M 147 -79.46 -25.08 40.83
C LEU M 147 -78.86 -26.46 41.08
N LEU M 148 -78.54 -26.80 42.33
CA LEU M 148 -77.95 -28.11 42.55
C LEU M 148 -78.97 -29.24 42.39
N ARG M 149 -80.25 -29.01 42.71
CA ARG M 149 -81.26 -30.03 42.38
C ARG M 149 -81.41 -30.23 40.89
N ALA M 150 -81.48 -29.13 40.12
CA ALA M 150 -81.59 -29.27 38.67
C ALA M 150 -80.35 -29.88 38.03
N LEU M 151 -79.15 -29.48 38.49
CA LEU M 151 -77.94 -30.08 37.96
C LEU M 151 -77.79 -31.56 38.31
N LYS M 152 -78.11 -31.98 39.55
CA LYS M 152 -77.98 -33.41 39.81
C LYS M 152 -79.04 -34.21 39.06
N PHE M 153 -80.20 -33.59 38.79
CA PHE M 153 -81.18 -34.20 37.91
C PHE M 153 -80.61 -34.44 36.53
N VAL M 154 -80.00 -33.40 35.93
CA VAL M 154 -79.50 -33.56 34.56
C VAL M 154 -78.25 -34.43 34.56
N HIS M 155 -77.60 -34.60 35.72
CA HIS M 155 -76.49 -35.55 35.83
C HIS M 155 -77.01 -36.98 35.77
N SER M 156 -78.09 -37.26 36.50
CA SER M 156 -78.67 -38.60 36.44
C SER M 156 -79.17 -38.93 35.04
N LYS M 157 -79.61 -37.92 34.29
CA LYS M 157 -79.97 -38.11 32.89
C LYS M 157 -78.74 -38.24 31.99
N GLY M 158 -77.56 -37.86 32.48
CA GLY M 158 -76.34 -37.97 31.70
C GLY M 158 -76.03 -36.80 30.80
N ILE M 159 -76.65 -35.65 31.01
CA ILE M 159 -76.47 -34.49 30.15
C ILE M 159 -75.55 -33.49 30.84
N ILE M 160 -74.52 -33.04 30.13
CA ILE M 160 -73.61 -32.00 30.61
C ILE M 160 -74.03 -30.69 29.96
N HIS M 161 -74.13 -29.62 30.74
CA HIS M 161 -74.74 -28.42 30.20
C HIS M 161 -73.70 -27.50 29.57
N ARG M 162 -72.61 -27.24 30.30
CA ARG M 162 -71.44 -26.44 29.91
C ARG M 162 -71.80 -24.99 29.54
N ASP M 163 -72.98 -24.51 29.94
CA ASP M 163 -73.40 -23.17 29.58
C ASP M 163 -74.11 -22.49 30.75
N ILE M 164 -73.76 -22.85 31.99
CA ILE M 164 -74.44 -22.30 33.16
C ILE M 164 -73.99 -20.86 33.35
N LYS M 165 -74.90 -19.93 33.17
CA LYS M 165 -74.68 -18.51 33.36
C LYS M 165 -75.90 -17.94 34.07
N PRO M 166 -75.76 -16.77 34.72
CA PRO M 166 -76.92 -16.17 35.38
C PRO M 166 -78.09 -15.85 34.45
N THR M 167 -77.83 -15.56 33.18
CA THR M 167 -78.90 -15.29 32.23
C THR M 167 -79.65 -16.57 31.87
N ASN M 168 -78.96 -17.71 31.86
CA ASN M 168 -79.60 -18.98 31.53
C ASN M 168 -80.54 -19.43 32.64
N PHE M 169 -80.18 -19.18 33.88
CA PHE M 169 -81.02 -19.54 35.01
C PHE M 169 -82.10 -18.49 35.26
N LEU M 170 -83.34 -18.94 35.39
CA LEU M 170 -84.47 -18.04 35.57
C LEU M 170 -84.97 -18.24 37.00
N PHE M 171 -85.09 -17.15 37.75
CA PHE M 171 -85.46 -17.19 39.15
C PHE M 171 -86.51 -16.13 39.44
N ASN M 172 -87.56 -16.47 40.19
CA ASN M 172 -88.56 -15.46 40.51
C ASN M 172 -88.59 -15.25 42.01
N LEU M 173 -88.52 -13.98 42.43
CA LEU M 173 -88.28 -13.66 43.84
C LEU M 173 -89.50 -13.94 44.71
N GLU M 174 -90.69 -13.50 44.27
CA GLU M 174 -91.88 -13.59 45.11
C GLU M 174 -92.39 -15.01 45.26
N LEU M 175 -91.95 -15.93 44.40
CA LEU M 175 -92.25 -17.34 44.54
C LEU M 175 -91.04 -18.13 45.02
N GLY M 176 -89.83 -17.61 44.77
CA GLY M 176 -88.58 -18.20 45.18
C GLY M 176 -88.17 -19.53 44.57
N ARG M 177 -88.29 -19.66 43.25
CA ARG M 177 -87.96 -20.90 42.57
C ARG M 177 -87.28 -20.58 41.24
N GLY M 178 -86.68 -21.62 40.67
CA GLY M 178 -85.88 -21.50 39.48
C GLY M 178 -86.23 -22.50 38.39
N VAL M 179 -85.65 -22.24 37.22
CA VAL M 179 -85.83 -23.10 36.05
C VAL M 179 -84.63 -22.86 35.12
N LEU M 180 -84.24 -23.91 34.38
CA LEU M 180 -83.10 -23.88 33.49
C LEU M 180 -83.52 -24.03 32.03
N VAL M 181 -82.89 -23.24 31.17
CA VAL M 181 -83.12 -23.27 29.73
C VAL M 181 -81.73 -23.41 29.09
N ASP M 182 -81.65 -23.32 27.76
CA ASP M 182 -80.39 -23.26 27.01
C ASP M 182 -79.56 -24.54 27.19
N PHE M 183 -80.12 -25.64 26.69
CA PHE M 183 -79.38 -26.88 26.50
C PHE M 183 -78.88 -27.02 25.07
N GLY M 184 -78.79 -25.92 24.33
CA GLY M 184 -78.37 -25.93 22.94
C GLY M 184 -76.90 -26.23 22.74
N LEU M 185 -76.06 -25.98 23.74
CA LEU M 185 -74.66 -26.34 23.71
C LEU M 185 -74.36 -27.55 24.57
N ALA M 186 -75.40 -28.19 25.11
CA ALA M 186 -75.24 -29.38 25.93
C ALA M 186 -75.08 -30.63 25.07
N GLU M 187 -74.45 -31.66 25.65
CA GLU M 187 -74.36 -32.97 25.03
C GLU M 187 -74.19 -34.03 26.12
N ALA M 188 -74.06 -35.28 25.67
CA ALA M 188 -73.88 -36.43 26.55
C ALA M 188 -72.57 -37.15 26.24
N GLN M 189 -71.90 -37.64 27.28
CA GLN M 189 -70.65 -38.36 27.13
C GLN M 189 -70.85 -39.79 27.63
N MET M 190 -70.12 -40.72 27.03
CA MET M 190 -70.24 -42.14 27.37
C MET M 190 -69.00 -42.72 28.02
N ASP M 191 -67.83 -42.15 27.76
CA ASP M 191 -66.58 -42.66 28.31
C ASP M 191 -65.52 -41.57 28.38
N ASN M 254 -39.81 -42.70 28.28
CA ASN M 254 -40.48 -41.45 28.64
C ASN M 254 -39.57 -40.25 28.41
N ASN M 255 -38.28 -40.42 28.68
CA ASN M 255 -37.30 -39.35 28.55
C ASN M 255 -36.35 -39.66 27.42
N VAL M 256 -36.04 -38.64 26.62
CA VAL M 256 -35.14 -38.75 25.48
C VAL M 256 -34.03 -37.72 25.61
N ASN M 257 -32.80 -38.12 25.30
CA ASN M 257 -31.66 -37.22 25.39
C ASN M 257 -31.77 -36.10 24.36
N GLY M 258 -31.34 -34.91 24.74
CA GLY M 258 -31.52 -33.74 23.91
C GLY M 258 -32.97 -33.29 23.92
N VAL M 259 -33.30 -32.49 22.88
CA VAL M 259 -34.60 -31.84 22.60
C VAL M 259 -35.32 -31.42 23.88
N ASP M 260 -34.67 -30.61 24.70
CA ASP M 260 -35.27 -30.11 25.93
C ASP M 260 -36.26 -29.00 25.57
N LEU M 261 -37.50 -29.41 25.33
CA LEU M 261 -38.54 -28.49 24.90
C LEU M 261 -39.15 -27.73 26.07
N THR M 262 -38.78 -28.06 27.30
CA THR M 262 -39.33 -27.44 28.49
C THR M 262 -38.84 -26.02 28.69
N LYS M 263 -37.85 -25.57 27.92
CA LYS M 263 -37.35 -24.21 27.99
C LYS M 263 -37.74 -23.35 26.79
N GLY M 264 -38.27 -23.95 25.72
CA GLY M 264 -38.65 -23.15 24.57
C GLY M 264 -39.43 -23.96 23.55
N TYR M 265 -40.16 -23.20 22.65
CA TYR M 265 -40.99 -23.73 21.58
C TYR M 265 -40.27 -23.67 20.24
N PRO M 266 -40.55 -24.59 19.32
CA PRO M 266 -39.92 -24.55 18.00
C PRO M 266 -40.40 -23.35 17.20
N LYS M 267 -39.52 -22.85 16.33
CA LYS M 267 -39.88 -21.69 15.50
C LYS M 267 -40.97 -22.03 14.49
N ASN M 268 -40.92 -23.22 13.91
CA ASN M 268 -41.97 -23.68 13.00
C ASN M 268 -42.66 -24.86 13.66
N GLU M 269 -43.99 -24.82 13.67
CA GLU M 269 -44.78 -25.86 14.32
C GLU M 269 -45.24 -26.88 13.29
N THR M 270 -45.00 -28.16 13.56
CA THR M 270 -45.57 -29.23 12.74
C THR M 270 -46.59 -30.11 13.45
N ARG M 271 -46.49 -30.28 14.76
CA ARG M 271 -47.44 -31.09 15.52
C ARG M 271 -48.78 -30.36 15.66
N ARG M 272 -49.85 -31.15 15.77
CA ARG M 272 -51.19 -30.58 15.90
C ARG M 272 -51.54 -30.08 17.30
N ILE M 273 -52.60 -29.26 17.33
CA ILE M 273 -53.28 -28.81 18.56
C ILE M 273 -54.51 -29.68 18.79
N LYS M 274 -54.67 -30.16 20.03
CA LYS M 274 -55.76 -31.09 20.36
C LYS M 274 -57.13 -30.44 20.16
N ARG M 275 -58.02 -31.17 19.50
CA ARG M 275 -59.36 -30.69 19.15
C ARG M 275 -60.25 -30.83 20.37
N ALA M 276 -60.38 -29.76 21.15
CA ALA M 276 -61.19 -29.76 22.35
C ALA M 276 -62.68 -29.60 22.04
N ASN M 277 -63.48 -29.55 23.10
CA ASN M 277 -64.91 -29.28 23.05
C ASN M 277 -65.20 -27.90 23.63
N ARG M 278 -64.34 -26.94 23.33
CA ARG M 278 -64.40 -25.58 23.86
C ARG M 278 -65.65 -24.91 23.32
N ALA M 279 -66.69 -24.82 24.17
CA ALA M 279 -67.96 -24.24 23.74
C ALA M 279 -68.66 -23.40 24.81
N GLY M 280 -68.05 -23.16 25.96
CA GLY M 280 -68.71 -22.41 27.01
C GLY M 280 -68.77 -20.93 26.73
N THR M 281 -69.23 -20.18 27.74
CA THR M 281 -69.17 -18.73 27.72
C THR M 281 -67.95 -18.22 28.48
N ARG M 282 -67.56 -16.99 28.14
CA ARG M 282 -66.33 -16.41 28.66
C ARG M 282 -66.45 -16.19 30.16
N GLY M 283 -65.44 -16.63 30.91
CA GLY M 283 -65.42 -16.49 32.35
C GLY M 283 -66.08 -17.61 33.13
N PHE M 284 -66.71 -18.56 32.46
CA PHE M 284 -67.34 -19.68 33.14
C PHE M 284 -66.75 -21.01 32.71
N ARG M 285 -65.79 -21.01 31.80
CA ARG M 285 -65.27 -22.24 31.23
C ARG M 285 -64.39 -22.93 32.25
N ALA M 286 -64.61 -24.23 32.44
CA ALA M 286 -63.94 -24.98 33.48
C ALA M 286 -62.43 -25.01 33.24
N PRO M 287 -61.61 -25.10 34.30
CA PRO M 287 -60.16 -25.23 34.07
C PRO M 287 -59.73 -26.48 33.32
N GLU M 288 -60.48 -27.59 33.42
CA GLU M 288 -60.23 -28.72 32.52
C GLU M 288 -60.49 -28.33 31.06
N VAL M 289 -61.54 -27.55 30.81
CA VAL M 289 -61.86 -27.08 29.46
C VAL M 289 -60.79 -26.13 28.95
N LEU M 290 -60.25 -25.29 29.84
CA LEU M 290 -59.15 -24.40 29.47
C LEU M 290 -57.93 -25.20 29.01
N MET M 291 -57.66 -26.34 29.64
CA MET M 291 -56.53 -27.16 29.23
C MET M 291 -56.90 -28.26 28.25
N LYS M 292 -58.12 -28.25 27.70
CA LYS M 292 -58.50 -29.09 26.55
C LYS M 292 -58.32 -30.58 26.82
N CYS M 293 -58.91 -31.07 27.91
CA CYS M 293 -58.83 -32.48 28.25
C CYS M 293 -59.61 -33.33 27.25
N GLY M 294 -58.96 -34.37 26.74
CA GLY M 294 -59.57 -35.21 25.72
C GLY M 294 -60.77 -35.98 26.25
N ALA M 295 -60.67 -36.49 27.47
CA ALA M 295 -61.80 -37.16 28.11
C ALA M 295 -62.40 -36.10 29.02
N GLN M 296 -63.48 -35.48 28.57
CA GLN M 296 -64.15 -34.42 29.31
C GLN M 296 -65.29 -34.96 30.15
N SER M 297 -65.24 -34.65 31.45
CA SER M 297 -66.23 -35.19 32.39
C SER M 297 -67.54 -34.40 32.41
N THR M 298 -68.33 -34.65 33.45
CA THR M 298 -69.60 -33.96 33.71
C THR M 298 -69.43 -32.69 34.55
N LYS M 299 -68.26 -32.49 35.15
CA LYS M 299 -68.08 -31.55 36.26
C LYS M 299 -67.65 -30.15 35.84
N ILE M 300 -67.88 -29.74 34.58
CA ILE M 300 -67.81 -28.32 34.25
C ILE M 300 -68.91 -27.53 34.96
N ASP M 301 -70.13 -28.08 34.93
CA ASP M 301 -71.30 -27.41 35.49
C ASP M 301 -71.18 -27.14 36.98
N ILE M 302 -70.56 -28.06 37.73
CA ILE M 302 -70.51 -27.84 39.17
C ILE M 302 -69.47 -26.78 39.50
N TRP M 303 -68.42 -26.65 38.69
CA TRP M 303 -67.49 -25.58 38.99
C TRP M 303 -68.12 -24.26 38.61
N SER M 304 -68.95 -24.26 37.55
CA SER M 304 -69.64 -23.03 37.13
C SER M 304 -70.64 -22.57 38.18
N VAL M 305 -71.38 -23.51 38.79
CA VAL M 305 -72.30 -23.11 39.86
C VAL M 305 -71.49 -22.65 41.07
N GLY M 306 -70.30 -23.20 41.28
CA GLY M 306 -69.40 -22.63 42.29
C GLY M 306 -69.02 -21.20 41.95
N VAL M 307 -68.76 -20.91 40.68
CA VAL M 307 -68.38 -19.57 40.26
C VAL M 307 -69.53 -18.60 40.52
N ILE M 308 -70.76 -19.02 40.22
CA ILE M 308 -71.92 -18.20 40.53
C ILE M 308 -72.06 -17.98 42.03
N LEU M 309 -71.75 -19.02 42.82
CA LEU M 309 -71.77 -18.88 44.27
C LEU M 309 -70.75 -17.84 44.74
N LEU M 310 -69.55 -17.89 44.17
CA LEU M 310 -68.51 -16.95 44.57
C LEU M 310 -68.84 -15.53 44.10
N SER M 311 -69.49 -15.39 42.94
CA SER M 311 -69.92 -14.07 42.51
C SER M 311 -71.01 -13.49 43.40
N LEU M 312 -71.95 -14.35 43.85
CA LEU M 312 -72.96 -13.91 44.80
C LEU M 312 -72.37 -13.51 46.14
N LEU M 313 -71.44 -14.31 46.66
CA LEU M 313 -70.82 -13.97 47.94
C LEU M 313 -69.85 -12.80 47.81
N GLY M 314 -69.19 -12.69 46.66
CA GLY M 314 -68.24 -11.63 46.39
C GLY M 314 -68.86 -10.32 46.02
N ARG M 315 -70.16 -10.31 45.72
CA ARG M 315 -70.89 -9.09 45.34
C ARG M 315 -70.29 -8.43 44.10
N ARG M 316 -69.68 -9.20 43.20
CA ARG M 316 -69.19 -8.65 41.96
C ARG M 316 -69.73 -9.54 40.85
N PHE M 317 -70.42 -8.95 39.86
CA PHE M 317 -71.10 -9.78 38.85
C PHE M 317 -70.16 -10.35 37.78
N PRO M 318 -69.40 -9.52 36.98
CA PRO M 318 -68.62 -10.06 35.86
C PRO M 318 -67.23 -10.49 36.30
N MET M 319 -67.17 -11.30 37.35
CA MET M 319 -65.95 -11.51 38.12
C MET M 319 -64.83 -12.15 37.29
N PHE M 320 -65.17 -13.12 36.44
CA PHE M 320 -64.24 -13.64 35.44
C PHE M 320 -64.58 -13.12 34.05
N GLN M 321 -63.67 -12.35 33.44
CA GLN M 321 -63.86 -11.92 32.06
C GLN M 321 -62.58 -12.28 31.32
N SER M 322 -62.72 -12.97 30.18
CA SER M 322 -61.55 -13.50 29.48
C SER M 322 -61.46 -12.89 28.09
N LEU M 323 -60.37 -12.18 27.83
CA LEU M 323 -60.09 -11.75 26.45
C LEU M 323 -59.79 -12.95 25.56
N ASP M 324 -59.03 -13.91 26.07
CA ASP M 324 -58.78 -15.18 25.40
C ASP M 324 -58.57 -16.27 26.45
N ASP M 325 -58.10 -17.43 26.00
CA ASP M 325 -57.97 -18.60 26.87
C ASP M 325 -56.84 -18.40 27.89
N ALA M 326 -55.67 -17.97 27.41
CA ALA M 326 -54.52 -17.78 28.30
C ALA M 326 -54.76 -16.66 29.29
N ASP M 327 -55.61 -15.70 28.91
CA ASP M 327 -56.00 -14.67 29.86
C ASP M 327 -56.73 -15.33 31.01
N SER M 328 -57.63 -16.28 30.71
CA SER M 328 -58.33 -17.00 31.76
C SER M 328 -57.40 -17.87 32.60
N LEU M 329 -56.35 -18.45 31.99
CA LEU M 329 -55.38 -19.20 32.77
C LEU M 329 -54.68 -18.30 33.77
N LEU M 330 -54.28 -17.09 33.35
CA LEU M 330 -53.65 -16.17 34.30
C LEU M 330 -54.66 -15.63 35.31
N GLU M 331 -55.94 -15.54 34.92
CA GLU M 331 -56.97 -15.16 35.88
C GLU M 331 -57.09 -16.21 36.98
N LEU M 332 -56.99 -17.49 36.63
CA LEU M 332 -56.97 -18.51 37.69
C LEU M 332 -55.69 -18.46 38.49
N CYS M 333 -54.58 -18.09 37.84
CA CYS M 333 -53.30 -17.98 38.51
C CYS M 333 -53.30 -16.89 39.59
N THR M 334 -53.90 -15.73 39.30
CA THR M 334 -53.75 -14.65 40.29
C THR M 334 -54.58 -14.85 41.56
N ILE M 335 -55.53 -15.79 41.59
CA ILE M 335 -56.22 -16.14 42.83
C ILE M 335 -55.65 -17.40 43.45
N PHE M 336 -55.46 -18.48 42.67
CA PHE M 336 -55.09 -19.71 43.35
C PHE M 336 -53.59 -19.90 43.46
N GLY M 337 -52.80 -19.29 42.60
CA GLY M 337 -51.38 -19.51 42.75
C GLY M 337 -50.76 -20.30 41.62
N TRP M 338 -49.51 -19.96 41.32
CA TRP M 338 -48.75 -20.66 40.28
C TRP M 338 -48.50 -22.11 40.67
N LYS M 339 -48.15 -22.37 41.94
CA LYS M 339 -47.86 -23.73 42.36
C LYS M 339 -49.11 -24.58 42.34
N GLU M 340 -50.25 -24.02 42.76
CA GLU M 340 -51.49 -24.77 42.82
C GLU M 340 -51.94 -25.20 41.43
N LEU M 341 -51.84 -24.30 40.45
CA LEU M 341 -52.17 -24.72 39.11
C LEU M 341 -51.10 -25.58 38.46
N ARG M 342 -49.84 -25.54 38.92
CA ARG M 342 -48.90 -26.52 38.39
C ARG M 342 -49.25 -27.93 38.87
N LYS M 343 -49.62 -28.09 40.16
CA LYS M 343 -50.10 -29.39 40.61
C LYS M 343 -51.38 -29.81 39.90
N CYS M 344 -52.29 -28.86 39.64
CA CYS M 344 -53.49 -29.23 38.89
C CYS M 344 -53.14 -29.62 37.46
N ALA M 345 -52.11 -29.01 36.90
CA ALA M 345 -51.68 -29.33 35.55
C ALA M 345 -50.97 -30.67 35.49
N ALA M 346 -50.31 -31.06 36.58
CA ALA M 346 -49.55 -32.31 36.63
C ALA M 346 -50.43 -33.53 36.41
N LEU M 347 -51.66 -33.52 36.95
CA LEU M 347 -52.51 -34.70 36.83
C LEU M 347 -53.05 -34.82 35.42
N HIS M 348 -53.16 -33.69 34.71
CA HIS M 348 -53.61 -33.66 33.33
C HIS M 348 -52.49 -33.96 32.34
N GLY M 349 -51.23 -34.02 32.75
CA GLY M 349 -50.20 -34.48 31.85
C GLY M 349 -49.34 -33.39 31.27
N LEU M 350 -49.67 -32.14 31.52
CA LEU M 350 -48.95 -30.97 31.01
C LEU M 350 -48.44 -30.09 32.16
N GLY M 351 -47.23 -29.54 31.99
CA GLY M 351 -46.55 -28.72 32.98
C GLY M 351 -46.59 -27.26 32.58
N PHE M 352 -46.89 -26.39 33.56
CA PHE M 352 -46.96 -24.96 33.27
C PHE M 352 -45.91 -24.13 34.03
N GLU M 353 -45.16 -23.29 33.32
CA GLU M 353 -44.09 -22.53 33.96
C GLU M 353 -44.39 -21.05 33.73
N ALA M 354 -44.18 -20.22 34.76
CA ALA M 354 -44.35 -18.77 34.66
C ALA M 354 -43.08 -18.09 35.13
N SER M 355 -42.45 -17.29 34.28
CA SER M 355 -41.19 -16.66 34.62
C SER M 355 -41.40 -15.16 34.71
N GLY M 356 -40.93 -14.56 35.79
CA GLY M 356 -41.24 -13.16 36.02
C GLY M 356 -42.61 -13.00 36.64
N LEU M 357 -43.50 -12.31 35.92
CA LEU M 357 -44.93 -12.21 36.22
C LEU M 357 -45.16 -11.63 37.61
N ILE M 358 -44.83 -10.34 37.75
CA ILE M 358 -44.98 -9.69 39.04
C ILE M 358 -46.46 -9.52 39.35
N TRP M 359 -46.86 -9.90 40.55
CA TRP M 359 -48.20 -9.66 41.07
C TRP M 359 -48.10 -9.50 42.58
N ASP M 360 -49.25 -9.61 43.25
CA ASP M 360 -49.33 -9.34 44.68
C ASP M 360 -48.91 -10.55 45.51
N LYS M 361 -49.63 -11.67 45.37
CA LYS M 361 -49.41 -12.83 46.21
C LYS M 361 -48.57 -13.85 45.44
N PRO M 362 -47.28 -14.02 45.78
CA PRO M 362 -46.40 -14.85 44.94
C PRO M 362 -46.81 -16.32 44.85
N ASN M 363 -47.39 -16.89 45.91
CA ASN M 363 -47.84 -18.27 45.87
C ASN M 363 -49.36 -18.38 45.94
N GLY M 364 -50.05 -17.29 45.61
CA GLY M 364 -51.49 -17.23 45.74
C GLY M 364 -51.88 -17.08 47.21
N TYR M 365 -53.06 -17.59 47.54
CA TYR M 365 -53.59 -17.52 48.90
C TYR M 365 -53.52 -18.93 49.46
N SER M 366 -52.58 -19.20 50.38
CA SER M 366 -52.57 -20.53 50.98
C SER M 366 -53.73 -20.77 51.94
N ASN M 367 -54.26 -19.71 52.56
CA ASN M 367 -55.41 -19.84 53.45
C ASN M 367 -56.66 -20.26 52.67
N GLY M 368 -56.82 -19.74 51.45
CA GLY M 368 -57.98 -19.97 50.63
C GLY M 368 -58.65 -18.73 50.04
N LEU M 369 -59.95 -18.82 49.75
CA LEU M 369 -60.69 -17.70 49.18
C LEU M 369 -61.14 -16.65 50.18
N LYS M 370 -60.97 -16.87 51.49
CA LYS M 370 -61.48 -15.92 52.48
C LYS M 370 -60.79 -14.57 52.37
N GLU M 371 -59.46 -14.53 52.33
CA GLU M 371 -58.78 -13.26 52.45
C GLU M 371 -58.86 -12.51 51.14
N PHE M 372 -58.93 -13.26 50.04
CA PHE M 372 -59.09 -12.69 48.72
C PHE M 372 -60.42 -11.97 48.60
N VAL M 373 -61.52 -12.64 48.97
CA VAL M 373 -62.79 -11.91 48.93
C VAL M 373 -62.85 -10.87 50.05
N TYR M 374 -62.02 -11.02 51.09
CA TYR M 374 -61.92 -10.02 52.16
C TYR M 374 -61.40 -8.70 51.63
N ASP M 375 -60.19 -8.68 51.06
CA ASP M 375 -59.71 -7.39 50.58
C ASP M 375 -60.41 -6.98 49.29
N LEU M 376 -61.07 -7.92 48.60
CA LEU M 376 -61.96 -7.57 47.49
C LEU M 376 -63.11 -6.69 47.97
N LEU M 377 -63.75 -7.04 49.09
CA LEU M 377 -64.76 -6.15 49.64
C LEU M 377 -64.15 -4.94 50.34
N ASN M 378 -62.94 -5.08 50.89
CA ASN M 378 -62.32 -3.97 51.61
C ASN M 378 -62.06 -2.79 50.69
N LYS M 379 -61.61 -3.06 49.46
CA LYS M 379 -61.33 -1.97 48.53
C LYS M 379 -62.59 -1.17 48.21
N GLU M 380 -63.66 -1.87 47.81
CA GLU M 380 -64.90 -1.19 47.44
C GLU M 380 -65.67 -0.67 48.64
N CYS M 381 -65.32 -1.09 49.85
CA CYS M 381 -65.94 -0.54 51.05
C CYS M 381 -65.24 0.75 51.47
N THR M 382 -63.91 0.74 51.49
CA THR M 382 -63.17 1.92 51.91
C THR M 382 -63.25 3.01 50.86
N ILE M 383 -63.44 2.66 49.59
CA ILE M 383 -63.74 3.68 48.59
C ILE M 383 -65.08 4.34 48.91
N GLY M 384 -66.08 3.55 49.28
CA GLY M 384 -67.34 4.06 49.78
C GLY M 384 -68.48 4.18 48.80
N THR M 385 -68.37 3.58 47.61
CA THR M 385 -69.43 3.57 46.61
C THR M 385 -70.44 2.46 46.83
N PHE M 386 -70.23 1.59 47.81
CA PHE M 386 -71.10 0.45 48.06
C PHE M 386 -72.42 0.90 48.67
N PRO M 387 -73.53 0.25 48.30
CA PRO M 387 -74.85 0.66 48.82
C PRO M 387 -75.01 0.37 50.30
N GLU M 388 -76.04 1.01 50.88
CA GLU M 388 -76.23 1.13 52.31
C GLU M 388 -76.88 -0.06 52.97
N TYR M 389 -77.21 -1.09 52.20
CA TYR M 389 -78.05 -2.14 52.75
C TYR M 389 -77.21 -3.16 53.51
N SER M 390 -77.68 -3.53 54.71
CA SER M 390 -76.94 -4.45 55.57
C SER M 390 -77.11 -5.89 55.13
N VAL M 391 -77.73 -6.10 53.97
CA VAL M 391 -77.84 -7.41 53.35
C VAL M 391 -76.46 -7.96 52.97
N ALA M 392 -75.54 -7.07 52.57
CA ALA M 392 -74.19 -7.43 52.20
C ALA M 392 -73.14 -6.85 53.15
N PHE M 393 -73.55 -6.41 54.34
CA PHE M 393 -72.63 -5.95 55.36
C PHE M 393 -72.33 -7.00 56.41
N GLU M 394 -73.16 -8.05 56.49
CA GLU M 394 -72.91 -9.13 57.43
C GLU M 394 -71.65 -9.91 57.06
N THR M 395 -71.40 -10.08 55.76
CA THR M 395 -70.18 -10.71 55.29
C THR M 395 -68.92 -9.92 55.64
N PHE M 396 -68.97 -8.59 55.59
CA PHE M 396 -67.80 -7.80 55.95
C PHE M 396 -67.45 -7.98 57.42
N GLY M 397 -68.46 -7.93 58.29
CA GLY M 397 -68.23 -8.18 59.71
C GLY M 397 -67.75 -9.60 59.97
N PHE M 398 -68.34 -10.56 59.26
CA PHE M 398 -67.99 -11.97 59.41
C PHE M 398 -66.53 -12.19 59.07
N LEU M 399 -66.13 -11.69 57.91
CA LEU M 399 -64.78 -11.92 57.41
C LEU M 399 -63.78 -11.11 58.19
N GLN M 400 -64.23 -9.98 58.73
CA GLN M 400 -63.39 -9.17 59.58
C GLN M 400 -63.08 -9.91 60.88
N GLN M 401 -64.06 -10.58 61.49
CA GLN M 401 -63.68 -11.29 62.71
C GLN M 401 -62.84 -12.55 62.41
N GLU M 402 -63.05 -13.24 61.27
CA GLU M 402 -62.11 -14.35 61.01
C GLU M 402 -60.69 -13.85 60.74
N LEU M 403 -60.53 -12.80 59.95
CA LEU M 403 -59.17 -12.33 59.68
C LEU M 403 -58.56 -11.64 60.89
N HIS M 404 -59.37 -10.99 61.72
CA HIS M 404 -58.86 -10.38 62.95
C HIS M 404 -58.38 -11.43 63.93
N ASP M 405 -59.12 -12.54 64.04
CA ASP M 405 -58.79 -13.61 64.97
C ASP M 405 -57.80 -14.58 64.33
N ALA M 425 -80.16 -6.95 72.78
CA ALA M 425 -81.24 -7.84 72.37
C ALA M 425 -80.74 -9.28 72.23
N TYR M 426 -81.43 -10.21 72.89
CA TYR M 426 -81.07 -11.62 72.78
C TYR M 426 -81.39 -12.17 71.39
N GLU M 427 -82.49 -11.69 70.79
CA GLU M 427 -82.84 -12.09 69.43
C GLU M 427 -81.77 -11.63 68.44
N LEU M 428 -81.10 -10.51 68.72
CA LEU M 428 -79.94 -10.11 67.93
C LEU M 428 -78.83 -11.14 68.02
N LYS M 429 -78.61 -11.71 69.21
CA LYS M 429 -77.59 -12.74 69.39
C LYS M 429 -77.99 -14.05 68.72
N LYS M 430 -79.30 -14.31 68.64
CA LYS M 430 -79.78 -15.48 67.91
C LYS M 430 -79.52 -15.33 66.42
N TYR M 431 -79.85 -14.15 65.88
CA TYR M 431 -79.59 -13.87 64.47
C TYR M 431 -78.10 -13.95 64.18
N GLN M 432 -77.27 -13.38 65.08
CA GLN M 432 -75.81 -13.56 65.10
C GLN M 432 -75.41 -15.01 64.90
N GLU M 433 -75.71 -15.86 65.89
CA GLU M 433 -75.19 -17.22 65.88
C GLU M 433 -75.69 -18.02 64.67
N GLU M 434 -76.93 -17.79 64.23
CA GLU M 434 -77.43 -18.50 63.05
C GLU M 434 -76.68 -18.08 61.79
N ILE M 435 -76.54 -16.77 61.58
CA ILE M 435 -75.91 -16.24 60.38
C ILE M 435 -74.44 -16.59 60.35
N TRP M 436 -73.76 -16.41 61.49
CA TRP M 436 -72.39 -16.88 61.70
C TRP M 436 -72.20 -18.34 61.34
N SER M 437 -73.09 -19.22 61.81
CA SER M 437 -72.87 -20.65 61.57
C SER M 437 -73.04 -21.01 60.10
N ASP M 438 -74.20 -20.68 59.50
CA ASP M 438 -74.36 -21.10 58.11
C ASP M 438 -73.57 -20.25 57.11
N HIS M 439 -73.16 -19.05 57.52
CA HIS M 439 -72.30 -18.23 56.67
C HIS M 439 -70.85 -18.67 56.72
N TYR M 440 -70.41 -19.27 57.82
CA TYR M 440 -69.14 -19.99 57.80
C TYR M 440 -69.25 -21.24 56.93
N TRP M 441 -70.41 -21.90 57.01
CA TRP M 441 -70.66 -23.12 56.25
C TRP M 441 -70.61 -22.88 54.75
N CYS M 442 -71.13 -21.75 54.27
CA CYS M 442 -71.15 -21.55 52.81
C CYS M 442 -69.73 -21.37 52.25
N PHE M 443 -68.86 -20.64 52.94
CA PHE M 443 -67.47 -20.59 52.50
C PHE M 443 -66.82 -21.97 52.60
N GLN M 444 -67.10 -22.69 53.69
CA GLN M 444 -66.54 -24.03 53.87
C GLN M 444 -66.89 -24.93 52.69
N VAL M 445 -68.17 -24.93 52.29
CA VAL M 445 -68.59 -25.78 51.19
C VAL M 445 -68.08 -25.21 49.87
N LEU M 446 -67.80 -23.89 49.83
CA LEU M 446 -67.21 -23.28 48.65
C LEU M 446 -65.82 -23.82 48.35
N GLU M 447 -64.99 -24.06 49.38
CA GLU M 447 -63.66 -24.60 49.03
C GLU M 447 -63.75 -25.99 48.40
N GLN M 448 -64.66 -26.85 48.89
CA GLN M 448 -64.83 -28.10 48.16
C GLN M 448 -65.55 -27.89 46.84
N CYS M 449 -66.26 -26.76 46.68
CA CYS M 449 -66.91 -26.49 45.41
C CYS M 449 -65.93 -25.99 44.36
N PHE M 450 -64.71 -25.64 44.77
CA PHE M 450 -63.70 -25.06 43.90
C PHE M 450 -62.49 -25.98 43.74
N GLU M 451 -62.64 -27.28 43.92
CA GLU M 451 -61.48 -28.15 43.85
C GLU M 451 -61.01 -28.32 42.40
N MET M 452 -59.68 -28.29 42.23
CA MET M 452 -59.09 -28.40 40.91
C MET M 452 -59.27 -29.79 40.28
N ASP M 453 -58.96 -30.84 41.02
CA ASP M 453 -59.05 -32.20 40.49
C ASP M 453 -60.50 -32.66 40.41
N PRO M 454 -61.00 -33.00 39.22
CA PRO M 454 -62.40 -33.47 39.12
C PRO M 454 -62.69 -34.73 39.92
N GLN M 455 -61.76 -35.68 39.96
CA GLN M 455 -61.98 -36.89 40.77
C GLN M 455 -62.03 -36.58 42.26
N LYS M 456 -61.22 -35.62 42.73
CA LYS M 456 -61.37 -35.18 44.12
C LYS M 456 -62.59 -34.28 44.28
N ARG M 457 -62.98 -33.59 43.21
CA ARG M 457 -64.15 -32.73 43.27
C ARG M 457 -65.42 -33.56 43.38
N SER M 458 -66.15 -33.32 44.47
CA SER M 458 -67.34 -34.07 44.82
C SER M 458 -68.51 -33.74 43.89
N SER M 459 -69.37 -34.74 43.68
CA SER M 459 -70.49 -34.60 42.77
C SER M 459 -71.63 -33.86 43.47
N ALA M 460 -72.59 -33.37 42.67
CA ALA M 460 -73.65 -32.52 43.20
C ALA M 460 -74.53 -33.25 44.20
N GLU M 461 -74.68 -34.57 44.04
CA GLU M 461 -75.38 -35.36 45.05
C GLU M 461 -74.67 -35.28 46.39
N ASP M 462 -73.33 -35.33 46.40
CA ASP M 462 -72.60 -35.12 47.66
C ASP M 462 -72.77 -33.70 48.16
N LEU M 463 -72.89 -32.72 47.26
CA LEU M 463 -73.15 -31.35 47.66
C LEU M 463 -74.50 -31.21 48.35
N LEU M 464 -75.50 -32.00 47.94
CA LEU M 464 -76.79 -31.95 48.64
C LEU M 464 -76.74 -32.50 50.06
N LYS M 465 -75.90 -33.51 50.33
CA LYS M 465 -75.91 -34.13 51.65
C LYS M 465 -74.95 -33.46 52.63
N THR M 466 -74.38 -32.31 52.26
CA THR M 466 -73.52 -31.59 53.18
C THR M 466 -74.35 -31.02 54.33
N PRO M 467 -73.74 -30.80 55.49
CA PRO M 467 -74.49 -30.17 56.61
C PRO M 467 -74.92 -28.74 56.35
N PHE M 468 -74.38 -28.09 55.32
CA PHE M 468 -74.76 -26.71 55.01
C PHE M 468 -76.21 -26.61 54.56
N PHE M 469 -76.72 -27.62 53.84
CA PHE M 469 -78.07 -27.57 53.25
C PHE M 469 -79.11 -28.27 54.13
N ASN M 470 -78.95 -28.22 55.46
CA ASN M 470 -79.77 -29.06 56.33
C ASN M 470 -81.24 -28.64 56.37
N GLU M 471 -81.52 -27.34 56.42
CA GLU M 471 -82.91 -26.93 56.63
C GLU M 471 -83.79 -27.14 55.40
N LEU M 472 -83.23 -27.18 54.19
CA LEU M 472 -84.07 -27.47 53.04
C LEU M 472 -84.50 -28.93 53.00
N ASN M 473 -83.82 -29.81 53.72
CA ASN M 473 -84.22 -31.22 53.79
C ASN M 473 -85.25 -31.46 54.90
N PRO N 106 -32.14 -61.58 58.15
CA PRO N 106 -32.27 -60.46 57.23
C PRO N 106 -32.88 -59.22 57.89
N LYS N 107 -33.80 -59.44 58.84
CA LYS N 107 -34.42 -58.32 59.54
C LYS N 107 -33.44 -57.63 60.47
N GLU N 108 -32.64 -58.42 61.21
CA GLU N 108 -31.63 -57.83 62.09
C GLU N 108 -30.55 -57.11 61.28
N LEU N 109 -30.18 -57.68 60.12
CA LEU N 109 -29.25 -56.99 59.24
C LEU N 109 -29.85 -55.71 58.69
N LEU N 110 -31.15 -55.73 58.37
CA LEU N 110 -31.82 -54.54 57.86
C LEU N 110 -31.82 -53.43 58.91
N GLU N 111 -32.16 -53.76 60.16
CA GLU N 111 -32.21 -52.72 61.19
C GLU N 111 -30.82 -52.23 61.55
N TRP N 112 -29.81 -53.11 61.52
CA TRP N 112 -28.43 -52.69 61.76
C TRP N 112 -27.95 -51.75 60.66
N GLN N 113 -28.28 -52.07 59.41
CA GLN N 113 -27.91 -51.17 58.32
C GLN N 113 -28.67 -49.85 58.41
N THR N 114 -29.92 -49.88 58.87
CA THR N 114 -30.69 -48.64 58.98
C THR N 114 -30.15 -47.73 60.07
N ASN N 115 -29.86 -48.27 61.26
CA ASN N 115 -29.41 -47.38 62.32
C ASN N 115 -27.97 -46.95 62.10
N TRP N 116 -27.16 -47.77 61.40
CA TRP N 116 -25.87 -47.25 60.96
C TRP N 116 -26.02 -46.20 59.86
N LYS N 117 -27.05 -46.31 59.00
CA LYS N 117 -27.32 -45.23 58.05
C LYS N 117 -27.60 -43.94 58.80
N LYS N 118 -28.35 -44.03 59.90
CA LYS N 118 -28.68 -42.83 60.65
C LYS N 118 -27.43 -42.21 61.27
N ILE N 119 -26.57 -43.03 61.88
CA ILE N 119 -25.35 -42.50 62.50
C ILE N 119 -24.39 -41.94 61.45
N MET N 120 -24.21 -42.63 60.33
CA MET N 120 -23.33 -42.07 59.30
C MET N 120 -23.96 -40.87 58.61
N LYS N 121 -25.27 -40.67 58.75
CA LYS N 121 -25.84 -39.40 58.29
C LYS N 121 -25.48 -38.25 59.22
N ARG N 122 -25.80 -38.38 60.52
CA ARG N 122 -25.74 -37.17 61.34
C ARG N 122 -24.43 -37.00 62.12
N ASP N 123 -23.49 -37.96 62.08
CA ASP N 123 -22.19 -37.76 62.72
C ASP N 123 -21.05 -38.38 61.91
N SER N 124 -21.00 -38.12 60.61
CA SER N 124 -19.87 -38.60 59.80
C SER N 124 -19.43 -37.49 58.87
N ARG N 125 -18.15 -37.11 58.97
CA ARG N 125 -17.51 -36.26 57.99
C ARG N 125 -16.68 -37.14 57.06
N ILE N 126 -16.89 -36.97 55.76
CA ILE N 126 -16.41 -37.91 54.74
C ILE N 126 -15.46 -37.21 53.76
N TYR N 127 -14.28 -37.80 53.53
CA TYR N 127 -13.29 -37.14 52.68
C TYR N 127 -12.81 -38.13 51.62
N PHE N 128 -12.57 -37.65 50.40
CA PHE N 128 -12.09 -38.51 49.31
C PHE N 128 -10.65 -38.18 48.93
N ASP N 129 -9.92 -39.20 48.46
CA ASP N 129 -8.51 -39.11 48.12
C ASP N 129 -8.35 -38.94 46.60
N ILE N 130 -7.24 -38.32 46.19
CA ILE N 130 -6.98 -38.00 44.80
C ILE N 130 -5.73 -38.68 44.27
N THR N 131 -4.66 -38.73 45.06
CA THR N 131 -3.37 -39.23 44.62
C THR N 131 -3.37 -40.75 44.43
N ASP N 132 -2.42 -41.22 43.61
CA ASP N 132 -2.33 -42.61 43.19
C ASP N 132 -0.93 -43.14 43.43
N ASP N 133 -0.85 -44.44 43.75
CA ASP N 133 0.42 -45.10 44.03
C ASP N 133 1.01 -45.83 42.83
N VAL N 134 0.25 -46.03 41.76
CA VAL N 134 0.65 -46.83 40.61
C VAL N 134 0.63 -45.96 39.37
N GLU N 135 1.64 -46.11 38.52
CA GLU N 135 1.62 -45.46 37.21
C GLU N 135 0.55 -46.13 36.37
N MET N 136 -0.32 -45.31 35.78
CA MET N 136 -1.45 -45.81 35.01
C MET N 136 -1.92 -44.77 34.00
N ASN N 137 -2.52 -45.27 32.92
CA ASN N 137 -2.78 -44.50 31.72
C ASN N 137 -3.82 -43.39 31.94
N THR N 138 -3.75 -42.38 31.07
CA THR N 138 -4.67 -41.25 31.12
C THR N 138 -6.10 -41.67 30.75
N TYR N 139 -6.24 -42.56 29.76
CA TYR N 139 -7.56 -43.06 29.39
C TYR N 139 -8.18 -43.88 30.51
N ASN N 140 -7.36 -44.60 31.29
CA ASN N 140 -7.85 -45.25 32.50
C ASN N 140 -8.06 -44.21 33.61
N LYS N 141 -7.34 -43.08 33.54
CA LYS N 141 -7.54 -42.02 34.54
C LYS N 141 -8.91 -41.40 34.36
N SER N 142 -9.40 -41.33 33.12
CA SER N 142 -10.77 -40.88 32.91
C SER N 142 -11.76 -41.83 33.57
N LYS N 143 -11.45 -43.14 33.58
CA LYS N 143 -12.27 -44.10 34.30
C LYS N 143 -12.25 -43.81 35.80
N MET N 144 -11.07 -43.46 36.34
CA MET N 144 -10.99 -43.10 37.76
C MET N 144 -11.81 -41.84 38.06
N ASP N 145 -11.75 -40.85 37.18
CA ASP N 145 -12.58 -39.65 37.35
C ASP N 145 -14.06 -40.01 37.33
N LYS N 146 -14.45 -40.88 36.40
CA LYS N 146 -15.85 -41.29 36.30
C LYS N 146 -16.33 -42.02 37.55
N ARG N 147 -15.56 -43.00 38.03
CA ARG N 147 -15.99 -43.72 39.23
C ARG N 147 -16.04 -42.80 40.45
N ARG N 148 -15.09 -41.85 40.55
CA ARG N 148 -15.15 -40.89 41.65
C ARG N 148 -16.39 -40.00 41.55
N ASP N 149 -16.74 -39.56 40.34
CA ASP N 149 -17.93 -38.71 40.17
C ASP N 149 -19.22 -39.47 40.42
N LEU N 150 -19.31 -40.72 39.95
CA LEU N 150 -20.49 -41.54 40.19
C LEU N 150 -20.68 -41.85 41.68
N LEU N 151 -19.60 -42.18 42.39
CA LEU N 151 -19.74 -42.40 43.82
C LEU N 151 -20.04 -41.11 44.56
N LYS N 152 -19.54 -39.98 44.08
CA LYS N 152 -19.92 -38.70 44.65
C LYS N 152 -21.41 -38.43 44.48
N ARG N 153 -21.95 -38.60 43.26
CA ARG N 153 -23.36 -38.26 43.07
C ARG N 153 -24.27 -39.26 43.79
N GLY N 154 -23.86 -40.52 43.90
CA GLY N 154 -24.66 -41.48 44.64
C GLY N 154 -24.69 -41.18 46.13
N PHE N 155 -23.56 -40.72 46.67
CA PHE N 155 -23.51 -40.42 48.09
C PHE N 155 -24.23 -39.08 48.37
N LEU N 156 -24.27 -38.17 47.38
CA LEU N 156 -25.15 -37.01 47.42
C LEU N 156 -26.62 -37.42 47.36
N THR N 157 -26.91 -38.46 46.57
CA THR N 157 -28.27 -38.98 46.43
C THR N 157 -28.75 -39.48 47.79
N LEU N 158 -27.87 -40.11 48.57
CA LEU N 158 -28.27 -40.50 49.92
C LEU N 158 -28.50 -39.26 50.80
N GLY N 159 -27.93 -38.13 50.42
CA GLY N 159 -28.11 -36.84 51.10
C GLY N 159 -27.02 -36.37 52.03
N ALA N 160 -25.87 -37.02 52.04
CA ALA N 160 -24.74 -36.60 52.84
C ALA N 160 -24.01 -35.40 52.23
N GLN N 161 -23.71 -34.39 53.04
CA GLN N 161 -23.03 -33.19 52.59
C GLN N 161 -21.53 -33.48 52.54
N ILE N 162 -20.88 -33.18 51.40
CA ILE N 162 -19.46 -33.45 51.20
C ILE N 162 -18.62 -32.17 51.24
N THR N 163 -17.62 -32.17 52.13
CA THR N 163 -16.61 -31.12 52.26
C THR N 163 -15.37 -31.45 51.41
N GLN N 164 -14.92 -30.45 50.65
CA GLN N 164 -13.78 -30.61 49.75
C GLN N 164 -12.44 -30.78 50.48
N PHE N 165 -12.26 -30.15 51.64
CA PHE N 165 -10.97 -30.23 52.32
C PHE N 165 -10.91 -31.30 53.41
N PHE N 166 -9.75 -31.94 53.49
CA PHE N 166 -9.37 -32.80 54.60
C PHE N 166 -9.24 -32.01 55.89
N ASP N 167 -9.61 -32.64 57.01
CA ASP N 167 -9.66 -31.98 58.30
C ASP N 167 -9.59 -33.04 59.39
N THR N 168 -9.44 -32.57 60.63
CA THR N 168 -9.43 -33.45 61.80
C THR N 168 -10.83 -33.95 62.17
N THR N 169 -11.88 -33.33 61.65
CA THR N 169 -13.23 -33.77 61.94
C THR N 169 -13.71 -34.83 60.97
N VAL N 170 -12.87 -35.20 60.00
CA VAL N 170 -13.19 -36.25 59.04
C VAL N 170 -13.24 -37.60 59.73
N THR N 171 -14.27 -38.39 59.40
CA THR N 171 -14.54 -39.67 60.04
C THR N 171 -14.09 -40.87 59.21
N ILE N 172 -14.57 -40.98 57.97
CA ILE N 172 -14.26 -42.11 57.09
C ILE N 172 -13.57 -41.57 55.83
N VAL N 173 -12.43 -42.17 55.47
CA VAL N 173 -11.67 -41.77 54.29
C VAL N 173 -11.74 -42.90 53.26
N ILE N 174 -12.08 -42.57 52.02
CA ILE N 174 -12.05 -43.51 50.90
C ILE N 174 -10.91 -43.10 49.98
N THR N 175 -10.01 -44.06 49.71
CA THR N 175 -8.78 -43.81 48.99
C THR N 175 -8.65 -44.81 47.86
N ARG N 176 -7.87 -44.43 46.85
CA ARG N 176 -7.61 -45.33 45.73
C ARG N 176 -6.44 -46.25 46.04
N ARG N 177 -5.51 -45.81 46.88
CA ARG N 177 -4.33 -46.59 47.20
C ARG N 177 -4.69 -47.74 48.15
N SER N 178 -3.86 -48.77 48.15
CA SER N 178 -4.20 -50.05 48.75
C SER N 178 -4.23 -49.96 50.28
N VAL N 179 -5.09 -50.79 50.88
CA VAL N 179 -5.17 -50.90 52.33
C VAL N 179 -3.91 -51.57 52.89
N GLU N 180 -3.25 -52.41 52.09
CA GLU N 180 -2.06 -53.13 52.57
C GLU N 180 -0.92 -52.17 52.89
N ASN N 181 -0.79 -51.08 52.14
CA ASN N 181 0.40 -50.24 52.20
C ASN N 181 0.36 -49.23 53.35
N ILE N 182 -0.74 -49.16 54.11
CA ILE N 182 -0.92 -48.08 55.07
C ILE N 182 0.11 -48.14 56.19
N TYR N 183 0.56 -49.35 56.55
CA TYR N 183 1.60 -49.49 57.58
C TYR N 183 2.93 -48.93 57.11
N LEU N 184 3.29 -49.18 55.85
CA LEU N 184 4.60 -48.79 55.33
C LEU N 184 4.47 -47.52 54.49
N LEU N 185 4.28 -46.40 55.19
CA LEU N 185 4.27 -45.08 54.58
C LEU N 185 4.89 -44.09 55.55
N LYS N 186 5.01 -42.85 55.09
CA LYS N 186 5.60 -41.78 55.89
C LYS N 186 4.60 -41.30 56.94
N ASP N 187 5.13 -40.61 57.95
CA ASP N 187 4.26 -39.98 58.95
C ASP N 187 3.47 -38.84 58.33
N THR N 188 4.06 -38.13 57.36
CA THR N 188 3.42 -36.97 56.76
C THR N 188 2.30 -37.36 55.80
N ASP N 189 2.19 -38.64 55.45
CA ASP N 189 1.11 -39.10 54.60
C ASP N 189 -0.22 -39.08 55.35
N ILE N 190 -1.30 -39.10 54.58
CA ILE N 190 -2.62 -38.90 55.17
C ILE N 190 -3.13 -40.16 55.84
N LEU N 191 -2.67 -41.34 55.40
CA LEU N 191 -3.15 -42.59 55.98
C LEU N 191 -2.59 -42.78 57.39
N SER N 192 -1.37 -42.32 57.64
CA SER N 192 -0.82 -42.34 58.99
C SER N 192 -1.62 -41.43 59.92
N ARG N 193 -2.00 -40.25 59.41
CA ARG N 193 -2.84 -39.35 60.19
C ARG N 193 -4.20 -39.96 60.44
N ALA N 194 -4.73 -40.70 59.46
CA ALA N 194 -6.04 -41.33 59.60
C ALA N 194 -6.01 -42.42 60.66
N LYS N 195 -5.02 -43.32 60.58
CA LYS N 195 -4.93 -44.39 61.57
C LYS N 195 -4.53 -43.87 62.95
N LYS N 196 -3.81 -42.74 63.02
CA LYS N 196 -3.53 -42.15 64.33
C LYS N 196 -4.79 -41.58 64.96
N ASN N 197 -5.64 -40.92 64.18
CA ASN N 197 -6.82 -40.25 64.69
C ASN N 197 -8.06 -41.15 64.64
N TYR N 198 -7.84 -42.46 64.54
CA TYR N 198 -8.86 -43.51 64.50
C TYR N 198 -9.88 -43.40 63.36
N MET N 199 -9.44 -43.04 62.16
CA MET N 199 -10.39 -42.93 61.04
C MET N 199 -10.44 -44.23 60.25
N LYS N 200 -11.66 -44.62 59.89
CA LYS N 200 -11.91 -45.81 59.09
C LYS N 200 -11.55 -45.52 57.64
N VAL N 201 -10.76 -46.40 57.04
CA VAL N 201 -10.24 -46.26 55.68
C VAL N 201 -10.80 -47.39 54.81
N TRP N 202 -11.49 -47.03 53.72
CA TRP N 202 -12.08 -47.97 52.78
C TRP N 202 -11.48 -47.76 51.39
N SER N 203 -11.23 -48.87 50.71
CA SER N 203 -10.89 -48.84 49.29
C SER N 203 -12.17 -48.94 48.45
N TYR N 204 -12.01 -48.81 47.13
CA TYR N 204 -13.16 -48.95 46.23
C TYR N 204 -13.79 -50.32 46.28
N GLU N 205 -13.01 -51.37 46.57
CA GLU N 205 -13.62 -52.68 46.75
C GLU N 205 -14.57 -52.68 47.95
N LYS N 206 -14.08 -52.22 49.11
CA LYS N 206 -14.91 -52.17 50.30
C LYS N 206 -16.02 -51.14 50.16
N ALA N 207 -15.74 -49.98 49.56
CA ALA N 207 -16.76 -48.93 49.44
C ALA N 207 -17.85 -49.33 48.46
N ALA N 208 -17.48 -49.97 47.34
CA ALA N 208 -18.48 -50.42 46.38
C ALA N 208 -19.29 -51.57 46.94
N ARG N 209 -18.66 -52.45 47.73
CA ARG N 209 -19.41 -53.49 48.42
C ARG N 209 -20.37 -52.87 49.43
N PHE N 210 -19.94 -51.82 50.12
CA PHE N 210 -20.81 -51.14 51.07
C PHE N 210 -22.00 -50.53 50.35
N LEU N 211 -21.76 -49.84 49.23
CA LEU N 211 -22.82 -49.16 48.52
C LEU N 211 -23.84 -50.12 47.94
N LYS N 212 -23.37 -51.24 47.38
CA LYS N 212 -24.31 -52.24 46.86
C LYS N 212 -25.01 -53.01 47.97
N ASN N 213 -24.33 -53.29 49.09
CA ASN N 213 -24.98 -53.96 50.20
C ASN N 213 -25.96 -53.06 50.93
N LEU N 214 -25.79 -51.75 50.88
CA LEU N 214 -26.72 -50.83 51.52
C LEU N 214 -27.62 -50.13 50.49
N ASP N 215 -27.68 -50.69 49.26
CA ASP N 215 -28.41 -50.16 48.10
C ASP N 215 -28.27 -48.65 47.91
N ALA N 230 -32.34 -48.92 29.86
CA ALA N 230 -32.80 -49.67 28.70
C ALA N 230 -32.11 -49.20 27.43
N ALA N 231 -31.87 -50.13 26.51
CA ALA N 231 -31.22 -49.78 25.25
C ALA N 231 -32.18 -48.96 24.39
N PRO N 232 -31.70 -47.92 23.72
CA PRO N 232 -32.60 -47.11 22.89
C PRO N 232 -33.12 -47.83 21.66
N THR N 233 -32.35 -48.78 21.11
CA THR N 233 -32.62 -49.55 19.88
C THR N 233 -32.60 -48.66 18.64
N LEU N 234 -32.31 -49.27 17.49
CA LEU N 234 -32.05 -48.49 16.28
C LEU N 234 -33.32 -47.88 15.71
N SER N 235 -34.43 -48.61 15.79
CA SER N 235 -35.69 -48.13 15.22
C SER N 235 -36.17 -46.88 15.93
N ASN N 236 -36.02 -46.83 17.26
CA ASN N 236 -36.43 -45.64 18.00
C ASN N 236 -35.52 -44.46 17.66
N LEU N 237 -34.22 -44.71 17.47
CA LEU N 237 -33.32 -43.64 17.09
C LEU N 237 -33.66 -43.08 15.71
N LEU N 238 -34.03 -43.95 14.77
CA LEU N 238 -34.42 -43.47 13.44
C LEU N 238 -35.77 -42.76 13.48
N HIS N 239 -36.66 -43.21 14.36
CA HIS N 239 -37.93 -42.51 14.53
C HIS N 239 -37.72 -41.12 15.10
N ASN N 240 -36.78 -40.98 16.04
CA ASN N 240 -36.44 -39.67 16.56
C ASN N 240 -35.69 -38.84 15.52
N GLU N 241 -34.95 -39.51 14.65
CA GLU N 241 -34.30 -38.85 13.53
C GLU N 241 -35.32 -38.20 12.60
N LYS N 242 -36.43 -38.91 12.34
CA LYS N 242 -37.46 -38.38 11.44
C LYS N 242 -38.12 -37.13 12.01
N LEU N 243 -38.43 -37.14 13.30
CA LEU N 243 -39.12 -35.99 13.90
C LEU N 243 -38.16 -34.86 14.22
N TYR N 244 -37.21 -35.10 15.13
CA TYR N 244 -36.39 -34.04 15.69
C TYR N 244 -35.05 -33.86 14.99
N GLY N 245 -34.90 -34.43 13.80
CA GLY N 245 -33.69 -34.22 13.02
C GLY N 245 -32.52 -35.05 13.51
N PRO N 246 -31.31 -34.64 13.12
CA PRO N 246 -30.12 -35.42 13.49
C PRO N 246 -29.82 -35.40 14.98
N THR N 247 -29.27 -36.52 15.45
CA THR N 247 -28.62 -36.61 16.75
C THR N 247 -27.12 -36.41 16.64
N ASP N 248 -26.67 -35.91 15.49
CA ASP N 248 -25.27 -35.82 15.13
C ASP N 248 -24.54 -34.72 15.90
N ARG N 249 -25.23 -33.63 16.25
CA ARG N 249 -24.64 -32.48 16.92
C ARG N 249 -24.55 -32.69 18.43
N ASP N 250 -24.11 -31.63 19.11
CA ASP N 250 -24.00 -31.64 20.57
C ASP N 250 -25.40 -31.47 21.17
N PRO N 251 -25.83 -32.38 22.04
CA PRO N 251 -27.18 -32.22 22.64
C PRO N 251 -27.32 -31.02 23.56
N ARG N 252 -26.24 -30.61 24.23
CA ARG N 252 -26.35 -29.56 25.24
C ARG N 252 -26.57 -28.18 24.62
N THR N 253 -26.03 -27.96 23.42
CA THR N 253 -26.06 -26.64 22.82
C THR N 253 -27.45 -26.29 22.33
N LYS N 254 -27.74 -24.99 22.31
CA LYS N 254 -29.07 -24.52 21.95
C LYS N 254 -29.31 -24.67 20.45
N ARG N 255 -30.28 -25.50 20.09
CA ARG N 255 -30.59 -25.74 18.69
C ARG N 255 -31.24 -24.50 18.09
N ASP N 256 -31.01 -24.31 16.78
CA ASP N 256 -31.30 -23.01 16.17
C ASP N 256 -32.80 -22.84 15.91
N ASP N 257 -33.46 -23.88 15.39
CA ASP N 257 -34.83 -23.71 14.92
C ASP N 257 -35.84 -23.86 16.06
N ILE N 258 -35.38 -23.84 17.30
CA ILE N 258 -36.25 -23.80 18.47
C ILE N 258 -35.98 -22.51 19.25
N HIS N 259 -37.05 -21.79 19.56
CA HIS N 259 -36.94 -20.54 20.31
C HIS N 259 -36.59 -20.86 21.76
N TYR N 260 -35.83 -19.98 22.40
CA TYR N 260 -35.52 -20.10 23.83
C TYR N 260 -35.90 -18.83 24.55
N PHE N 261 -36.44 -19.00 25.76
CA PHE N 261 -36.99 -17.87 26.50
C PHE N 261 -35.89 -17.02 27.12
N LYS N 262 -35.98 -15.71 26.87
CA LYS N 262 -35.06 -14.74 27.47
C LYS N 262 -35.82 -13.62 28.16
N TYR N 263 -37.15 -13.66 28.13
CA TYR N 263 -38.04 -12.62 28.61
C TYR N 263 -39.13 -13.26 29.47
N PRO N 264 -39.82 -12.51 30.32
CA PRO N 264 -40.91 -13.09 31.12
C PRO N 264 -42.01 -13.66 30.24
N HIS N 265 -42.40 -14.90 30.53
CA HIS N 265 -43.19 -15.69 29.59
C HIS N 265 -44.27 -16.49 30.31
N VAL N 266 -45.20 -17.01 29.52
CA VAL N 266 -46.04 -18.14 29.90
C VAL N 266 -45.99 -19.15 28.75
N TYR N 267 -45.83 -20.42 29.10
CA TYR N 267 -45.56 -21.48 28.13
C TYR N 267 -46.46 -22.67 28.46
N LEU N 268 -47.58 -22.75 27.75
CA LEU N 268 -48.62 -23.74 27.98
C LEU N 268 -48.34 -24.86 26.99
N TYR N 269 -47.62 -25.91 27.45
CA TYR N 269 -47.14 -27.01 26.61
C TYR N 269 -47.63 -28.32 27.21
N ASP N 270 -47.19 -29.44 26.62
CA ASP N 270 -47.45 -30.77 27.17
C ASP N 270 -46.15 -31.54 27.36
N LEU N 271 -46.14 -32.44 28.36
CA LEU N 271 -44.94 -33.25 28.62
C LEU N 271 -44.61 -34.18 27.46
N TRP N 272 -45.61 -34.90 26.94
CA TRP N 272 -45.31 -35.89 25.90
C TRP N 272 -44.90 -35.23 24.59
N GLN N 273 -45.21 -33.94 24.41
CA GLN N 273 -44.92 -33.16 23.22
C GLN N 273 -45.48 -33.77 21.96
N THR N 274 -46.57 -34.54 22.05
CA THR N 274 -47.25 -35.01 20.85
C THR N 274 -48.17 -33.93 20.30
N TRP N 275 -48.75 -33.13 21.20
CA TRP N 275 -49.60 -32.03 20.82
C TRP N 275 -48.81 -30.73 20.94
N ALA N 276 -49.28 -29.72 20.21
CA ALA N 276 -48.56 -28.48 20.00
C ALA N 276 -48.33 -27.75 21.32
N PRO N 277 -47.18 -27.10 21.48
CA PRO N 277 -47.04 -26.15 22.59
C PRO N 277 -48.13 -25.10 22.49
N ILE N 278 -49.09 -25.20 23.40
CA ILE N 278 -50.43 -24.70 23.12
C ILE N 278 -50.45 -23.18 23.11
N ILE N 279 -50.07 -22.55 24.21
CA ILE N 279 -50.04 -21.08 24.23
C ILE N 279 -48.66 -20.62 24.68
N THR N 280 -47.90 -20.08 23.74
CA THR N 280 -46.47 -19.83 23.93
C THR N 280 -46.24 -18.35 23.74
N LEU N 281 -46.15 -17.59 24.82
CA LEU N 281 -46.05 -16.14 24.66
C LEU N 281 -45.26 -15.48 25.78
N GLU N 282 -44.28 -14.68 25.37
CA GLU N 282 -43.38 -13.95 26.26
C GLU N 282 -43.54 -12.48 25.95
N TRP N 283 -43.05 -11.61 26.83
CA TRP N 283 -43.11 -10.18 26.55
C TRP N 283 -41.74 -9.54 26.68
N LYS N 284 -41.41 -8.68 25.72
CA LYS N 284 -40.25 -7.81 25.86
C LYS N 284 -40.51 -6.80 26.96
N PRO N 285 -39.45 -6.33 27.64
CA PRO N 285 -39.66 -5.33 28.70
C PRO N 285 -40.26 -4.02 28.22
N GLN N 286 -40.11 -3.68 26.93
CA GLN N 286 -40.71 -2.46 26.43
C GLN N 286 -42.23 -2.54 26.38
N GLU N 287 -42.77 -3.75 26.16
CA GLU N 287 -44.21 -3.92 26.12
C GLU N 287 -44.84 -3.77 27.51
N LEU N 288 -44.19 -4.31 28.53
CA LEU N 288 -44.74 -4.34 29.88
C LEU N 288 -44.40 -3.12 30.71
N THR N 289 -43.62 -2.18 30.15
CA THR N 289 -43.16 -0.98 30.87
C THR N 289 -44.30 -0.25 31.58
N ASN N 290 -45.48 -0.18 30.98
CA ASN N 290 -46.59 0.53 31.56
C ASN N 290 -47.11 -0.20 32.79
N LEU N 291 -47.35 0.54 33.87
CA LEU N 291 -47.94 -0.01 35.09
C LEU N 291 -49.47 0.02 35.06
N ASP N 292 -50.08 0.68 34.09
CA ASP N 292 -51.53 0.77 34.01
C ASP N 292 -52.12 -0.28 33.09
N GLU N 293 -51.65 -0.35 31.85
CA GLU N 293 -52.05 -1.39 30.92
C GLU N 293 -51.04 -2.52 30.96
N LEU N 294 -51.51 -3.73 31.27
CA LEU N 294 -50.64 -4.89 31.27
C LEU N 294 -51.30 -5.97 30.43
N PRO N 295 -50.53 -6.70 29.62
CA PRO N 295 -51.10 -7.80 28.85
C PRO N 295 -51.68 -8.92 29.70
N TYR N 296 -51.09 -9.19 30.83
CA TYR N 296 -51.64 -10.22 31.67
C TYR N 296 -52.53 -9.60 32.73
N PRO N 297 -53.57 -10.28 33.18
CA PRO N 297 -54.45 -9.71 34.20
C PRO N 297 -53.79 -9.57 35.56
N ILE N 298 -54.09 -8.46 36.23
CA ILE N 298 -53.62 -8.18 37.57
C ILE N 298 -54.85 -7.93 38.42
N LEU N 299 -54.73 -8.20 39.72
CA LEU N 299 -55.89 -8.07 40.60
C LEU N 299 -55.85 -6.69 41.25
N LYS N 300 -56.41 -5.71 40.55
CA LYS N 300 -56.50 -4.35 41.05
C LYS N 300 -57.84 -4.06 41.71
N ILE N 301 -58.71 -5.07 41.77
CA ILE N 301 -60.04 -5.04 42.40
C ILE N 301 -60.81 -3.91 41.69
N GLY N 302 -61.25 -2.90 42.43
CA GLY N 302 -62.09 -1.87 41.87
C GLY N 302 -63.26 -1.61 42.79
N SER N 303 -64.32 -1.04 42.22
CA SER N 303 -65.48 -0.69 43.01
C SER N 303 -66.74 -0.68 42.14
N PHE N 304 -67.89 -0.62 42.81
CA PHE N 304 -69.21 -0.45 42.19
C PHE N 304 -69.56 -1.58 41.23
N GLY N 305 -69.41 -2.82 41.70
CA GLY N 305 -69.87 -4.00 40.99
C GLY N 305 -69.10 -4.35 39.73
N ARG N 306 -68.01 -3.66 39.44
CA ARG N 306 -67.23 -3.90 38.24
C ARG N 306 -66.29 -5.08 38.41
N CYS N 307 -65.85 -5.62 37.28
CA CYS N 307 -64.94 -6.75 37.31
C CYS N 307 -63.59 -6.36 37.91
N PRO N 308 -62.99 -7.24 38.73
CA PRO N 308 -61.78 -6.86 39.49
C PRO N 308 -60.53 -6.70 38.65
N PHE N 309 -60.49 -7.24 37.44
CA PHE N 309 -59.27 -7.24 36.63
C PHE N 309 -59.14 -5.96 35.82
N ILE N 310 -60.22 -5.52 35.18
CA ILE N 310 -60.23 -4.22 34.51
C ILE N 310 -60.13 -3.11 35.54
N GLY N 311 -60.89 -3.20 36.63
CA GLY N 311 -60.84 -2.19 37.66
C GLY N 311 -61.62 -0.93 37.29
N ASP N 312 -61.16 0.20 37.82
CA ASP N 312 -61.84 1.48 37.68
C ASP N 312 -60.88 2.51 37.11
N ARG N 313 -60.21 2.14 36.02
CA ARG N 313 -59.20 3.01 35.42
C ARG N 313 -59.82 4.26 34.81
N ASN N 314 -61.03 4.15 34.27
CA ASN N 314 -61.61 5.27 33.53
C ASN N 314 -62.01 6.42 34.46
N TYR N 315 -62.61 6.10 35.61
CA TYR N 315 -63.10 7.12 36.52
C TYR N 315 -63.04 6.60 37.95
N ASP N 316 -63.09 7.53 38.90
CA ASP N 316 -63.01 7.21 40.31
C ASP N 316 -64.35 7.45 40.98
N GLU N 317 -64.64 6.63 42.00
CA GLU N 317 -65.85 6.76 42.81
C GLU N 317 -65.67 7.70 44.00
N SER N 318 -64.48 8.24 44.22
CA SER N 318 -64.28 9.19 45.30
C SER N 318 -64.70 10.61 44.94
N SER N 319 -65.06 10.86 43.68
CA SER N 319 -65.47 12.20 43.30
C SER N 319 -66.84 12.53 43.86
N TYR N 320 -67.10 13.82 44.05
CA TYR N 320 -68.34 14.28 44.67
C TYR N 320 -69.54 14.02 43.76
N LYS N 321 -69.40 14.31 42.46
CA LYS N 321 -70.50 14.13 41.52
C LYS N 321 -70.88 12.66 41.38
N ARG N 322 -69.89 11.77 41.35
CA ARG N 322 -70.16 10.34 41.28
C ARG N 322 -70.91 9.89 42.53
N VAL N 323 -70.55 10.46 43.68
CA VAL N 323 -71.24 10.16 44.93
C VAL N 323 -72.70 10.61 44.84
N VAL N 324 -72.94 11.79 44.24
CA VAL N 324 -74.31 12.28 44.09
C VAL N 324 -75.15 11.35 43.21
N LYS N 325 -74.61 10.91 42.06
CA LYS N 325 -75.42 10.01 41.22
C LYS N 325 -75.63 8.65 41.89
N ARG N 326 -74.60 8.14 42.58
CA ARG N 326 -74.76 6.86 43.27
C ARG N 326 -75.78 6.97 44.39
N TYR N 327 -75.80 8.09 45.10
CA TYR N 327 -76.81 8.34 46.13
C TYR N 327 -78.21 8.44 45.54
N SER N 328 -78.31 9.07 44.35
CA SER N 328 -79.62 9.17 43.70
C SER N 328 -80.14 7.80 43.29
N ARG N 329 -79.26 6.94 42.76
CA ARG N 329 -79.67 5.56 42.47
C ARG N 329 -79.98 4.78 43.73
N ASP N 330 -79.27 5.10 44.83
CA ASP N 330 -79.49 4.42 46.09
C ASP N 330 -80.88 4.72 46.62
N LYS N 331 -81.33 5.98 46.46
CA LYS N 331 -82.68 6.39 46.86
C LYS N 331 -83.72 5.54 46.17
N ALA N 332 -83.53 5.27 44.89
CA ALA N 332 -84.45 4.41 44.16
C ALA N 332 -84.35 2.99 44.69
N ASN N 333 -83.15 2.56 45.05
CA ASN N 333 -82.93 1.17 45.44
C ASN N 333 -83.44 0.83 46.85
N LYS N 334 -83.73 1.82 47.72
CA LYS N 334 -84.18 1.47 49.08
C LYS N 334 -85.45 0.63 49.06
N LYS N 335 -86.47 1.12 48.33
CA LYS N 335 -87.76 0.45 48.29
C LYS N 335 -87.62 -0.93 47.69
N TYR N 336 -86.78 -1.08 46.67
CA TYR N 336 -86.55 -2.38 46.05
C TYR N 336 -85.85 -3.33 47.02
N ALA N 337 -84.94 -2.81 47.84
CA ALA N 337 -84.17 -3.67 48.73
C ALA N 337 -84.96 -4.08 49.97
N LEU N 338 -86.02 -3.33 50.32
CA LEU N 338 -86.79 -3.70 51.50
C LEU N 338 -87.48 -5.06 51.37
N GLN N 339 -88.12 -5.35 50.23
CA GLN N 339 -88.72 -6.68 50.11
C GLN N 339 -87.65 -7.77 50.03
N LEU N 340 -86.50 -7.44 49.44
CA LEU N 340 -85.39 -8.38 49.36
C LEU N 340 -84.93 -8.77 50.76
N ARG N 341 -84.82 -7.79 51.65
CA ARG N 341 -84.42 -8.16 53.02
C ARG N 341 -85.55 -8.90 53.73
N ALA N 342 -86.79 -8.48 53.51
CA ALA N 342 -87.89 -9.02 54.30
C ALA N 342 -88.28 -10.45 53.93
N LEU N 343 -88.05 -10.87 52.68
CA LEU N 343 -88.49 -12.20 52.29
C LEU N 343 -87.63 -13.28 52.93
N PHE N 344 -86.32 -13.10 52.95
CA PHE N 344 -85.37 -14.09 53.46
C PHE N 344 -84.79 -13.80 54.84
N GLN N 345 -85.48 -13.02 55.70
CA GLN N 345 -84.87 -12.68 57.00
C GLN N 345 -84.70 -13.90 57.89
N TYR N 346 -85.65 -14.82 57.87
CA TYR N 346 -85.62 -15.99 58.73
C TYR N 346 -85.74 -17.31 58.00
N HIS N 347 -86.38 -17.33 56.84
CA HIS N 347 -86.59 -18.57 56.10
C HIS N 347 -86.25 -18.36 54.63
N ALA N 348 -85.56 -19.35 54.05
CA ALA N 348 -85.23 -19.29 52.63
C ALA N 348 -86.49 -19.45 51.79
N ASP N 349 -87.42 -20.29 52.25
CA ASP N 349 -88.67 -20.53 51.55
C ASP N 349 -89.70 -19.52 52.02
N THR N 350 -90.82 -19.41 51.30
CA THR N 350 -91.91 -18.52 51.69
C THR N 350 -92.78 -19.18 52.76
N LEU N 351 -92.17 -19.41 53.92
CA LEU N 351 -92.85 -19.99 55.07
C LEU N 351 -93.20 -18.94 56.13
N LEU N 352 -93.09 -17.66 55.80
CA LEU N 352 -93.29 -16.59 56.78
C LEU N 352 -94.77 -16.44 57.11
N ASN N 363 -89.80 -4.75 61.80
CA ASN N 363 -90.05 -6.06 61.24
C ASN N 363 -88.75 -6.74 60.83
N LEU N 364 -87.74 -5.94 60.50
CA LEU N 364 -86.46 -6.45 60.05
C LEU N 364 -85.36 -5.98 61.00
N ILE N 365 -84.36 -6.83 61.17
CA ILE N 365 -83.19 -6.56 62.00
C ILE N 365 -81.94 -6.55 61.13
N PHE N 366 -81.06 -5.57 61.36
CA PHE N 366 -79.88 -5.42 60.54
C PHE N 366 -78.67 -5.17 61.45
N ILE N 367 -77.54 -5.72 61.03
CA ILE N 367 -76.30 -5.68 61.81
C ILE N 367 -75.66 -4.30 61.70
N PRO N 368 -75.34 -3.64 62.81
CA PRO N 368 -74.57 -2.40 62.73
C PRO N 368 -73.14 -2.68 62.27
N HIS N 369 -72.55 -1.70 61.59
CA HIS N 369 -71.21 -1.84 61.03
C HIS N 369 -70.33 -0.63 61.34
N THR N 370 -69.08 -0.88 61.70
CA THR N 370 -68.19 0.22 62.03
C THR N 370 -67.68 0.93 60.78
N CYS N 371 -67.53 0.21 59.67
CA CYS N 371 -66.95 0.74 58.43
C CYS N 371 -67.92 1.71 57.75
N ASN N 372 -67.37 2.54 56.86
CA ASN N 372 -68.11 3.70 56.38
C ASN N 372 -69.14 3.30 55.32
N ASP N 373 -69.90 4.30 54.85
CA ASP N 373 -71.01 4.11 53.94
C ASP N 373 -70.98 5.17 52.84
N SER N 374 -71.79 4.96 51.81
CA SER N 374 -72.03 6.00 50.81
C SER N 374 -72.81 7.20 51.36
N THR N 375 -73.84 6.98 52.20
CA THR N 375 -74.55 8.11 52.80
C THR N 375 -73.71 8.88 53.81
N LYS N 376 -72.86 8.22 54.61
CA LYS N 376 -72.03 9.02 55.50
C LYS N 376 -71.00 9.82 54.71
N SER N 377 -70.45 9.25 53.63
CA SER N 377 -69.56 10.02 52.77
C SER N 377 -70.29 11.18 52.11
N PHE N 378 -71.56 10.97 51.73
CA PHE N 378 -72.38 12.06 51.19
C PHE N 378 -72.60 13.14 52.25
N LYS N 379 -72.84 12.72 53.49
CA LYS N 379 -73.00 13.66 54.60
C LYS N 379 -71.71 14.43 54.84
N LYS N 380 -70.57 13.73 54.73
CA LYS N 380 -69.27 14.39 54.88
C LYS N 380 -69.05 15.41 53.77
N TRP N 381 -69.49 15.07 52.55
CA TRP N 381 -69.37 16.02 51.45
C TRP N 381 -70.28 17.22 51.64
N MET N 382 -71.45 17.03 52.24
CA MET N 382 -72.33 18.15 52.56
C MET N 382 -71.73 19.00 53.68
N GLN N 383 -71.08 18.38 54.66
CA GLN N 383 -70.39 19.13 55.71
C GLN N 383 -69.22 19.92 55.16
N GLU N 384 -68.51 19.34 54.18
CA GLU N 384 -67.46 20.09 53.48
C GLU N 384 -68.06 21.25 52.70
N LYS N 385 -69.21 21.02 52.06
CA LYS N 385 -69.87 22.08 51.30
C LYS N 385 -70.44 23.15 52.21
N ALA N 386 -70.98 22.74 53.36
CA ALA N 386 -71.53 23.68 54.33
C ALA N 386 -70.61 23.81 55.55
N GLY N 511 -71.12 -16.34 17.59
CA GLY N 511 -69.78 -16.28 17.05
C GLY N 511 -69.08 -17.63 17.04
N LEU N 512 -69.58 -18.55 16.22
CA LEU N 512 -68.96 -19.87 16.12
C LEU N 512 -67.60 -19.79 15.46
N GLY N 513 -67.51 -19.13 14.31
CA GLY N 513 -66.27 -19.03 13.57
C GLY N 513 -65.97 -20.28 12.78
N PRO N 514 -65.12 -20.15 11.76
CA PRO N 514 -64.72 -21.34 10.99
C PRO N 514 -63.47 -22.00 11.54
N THR N 515 -63.48 -23.33 11.59
CA THR N 515 -62.29 -24.04 12.05
C THR N 515 -61.19 -23.98 11.00
N ARG N 516 -59.94 -23.96 11.48
CA ARG N 516 -58.78 -23.77 10.63
C ARG N 516 -57.69 -24.75 11.02
N ALA N 517 -56.68 -24.86 10.17
CA ALA N 517 -55.59 -25.81 10.37
C ALA N 517 -54.74 -25.42 11.57
N SER N 518 -54.18 -26.44 12.23
CA SER N 518 -53.34 -26.21 13.40
C SER N 518 -52.04 -25.52 13.02
N VAL N 519 -51.34 -26.06 12.02
CA VAL N 519 -50.01 -25.61 11.66
C VAL N 519 -50.12 -24.60 10.52
N MET N 520 -49.28 -23.58 10.57
CA MET N 520 -49.26 -22.54 9.55
C MET N 520 -48.02 -22.79 8.68
N SER N 521 -47.88 -22.08 7.57
CA SER N 521 -46.79 -22.31 6.64
C SER N 521 -45.69 -21.28 6.87
N LYS N 522 -44.49 -21.64 6.42
CA LYS N 522 -43.33 -20.74 6.57
C LYS N 522 -43.51 -19.49 5.73
N ASN N 523 -44.07 -19.63 4.52
CA ASN N 523 -44.37 -18.47 3.69
C ASN N 523 -45.44 -17.59 4.34
N MET N 524 -46.40 -18.22 5.03
CA MET N 524 -47.43 -17.46 5.74
C MET N 524 -46.83 -16.65 6.88
N LYS N 525 -45.90 -17.23 7.63
CA LYS N 525 -45.24 -16.50 8.71
C LYS N 525 -44.30 -15.43 8.15
N SER N 526 -43.74 -15.66 6.96
CA SER N 526 -42.87 -14.66 6.36
C SER N 526 -43.64 -13.43 5.90
N LEU N 527 -44.93 -13.58 5.66
CA LEU N 527 -45.74 -12.46 5.17
C LEU N 527 -46.18 -11.53 6.30
N SER N 528 -46.01 -11.94 7.56
CA SER N 528 -46.44 -11.10 8.67
C SER N 528 -45.54 -9.88 8.81
N ARG N 529 -44.29 -10.00 8.37
CA ARG N 529 -43.35 -8.89 8.54
C ARG N 529 -43.54 -7.82 7.47
N LEU N 530 -44.32 -8.11 6.43
CA LEU N 530 -44.49 -7.23 5.29
C LEU N 530 -45.80 -6.44 5.32
N MET N 531 -46.56 -6.51 6.39
CA MET N 531 -47.90 -5.93 6.44
C MET N 531 -47.87 -4.52 7.00
N VAL N 532 -48.60 -3.61 6.35
CA VAL N 532 -48.78 -2.25 6.81
C VAL N 532 -50.26 -1.92 6.70
N ASP N 533 -50.64 -0.79 7.30
CA ASP N 533 -52.02 -0.35 7.25
C ASP N 533 -52.38 0.19 5.87
N ARG N 534 -53.68 0.25 5.59
CA ARG N 534 -54.16 0.93 4.38
C ARG N 534 -53.80 2.41 4.38
N ASN N 657 -74.46 -8.16 13.15
CA ASN N 657 -74.29 -7.68 11.79
C ASN N 657 -73.52 -8.69 10.95
N SER N 658 -72.25 -8.89 11.28
CA SER N 658 -71.39 -9.83 10.59
C SER N 658 -71.22 -11.08 11.43
N GLY N 659 -71.04 -12.22 10.75
CA GLY N 659 -70.94 -13.47 11.47
C GLY N 659 -70.62 -14.61 10.53
N TYR N 660 -70.86 -15.81 11.02
CA TYR N 660 -70.49 -17.05 10.34
C TYR N 660 -71.70 -17.98 10.28
N CYS N 661 -72.03 -18.45 9.08
CA CYS N 661 -73.09 -19.43 8.90
C CYS N 661 -72.49 -20.82 8.75
N GLU N 662 -72.84 -21.71 9.67
CA GLU N 662 -72.33 -23.07 9.66
C GLU N 662 -73.10 -23.97 8.70
N ASN N 663 -74.34 -23.60 8.38
CA ASN N 663 -75.09 -24.33 7.35
C ASN N 663 -74.39 -24.24 6.00
N CYS N 664 -73.99 -23.03 5.60
CA CYS N 664 -73.21 -22.83 4.40
C CYS N 664 -71.70 -22.80 4.67
N ARG N 665 -71.30 -22.79 5.95
CA ARG N 665 -69.90 -22.80 6.37
C ARG N 665 -69.11 -21.65 5.75
N VAL N 666 -69.72 -20.46 5.73
CA VAL N 666 -69.07 -19.27 5.17
C VAL N 666 -69.29 -18.10 6.10
N LYS N 667 -68.34 -17.17 6.09
CA LYS N 667 -68.54 -15.88 6.74
C LYS N 667 -69.39 -14.98 5.86
N TYR N 668 -70.19 -14.12 6.49
CA TYR N 668 -70.99 -13.16 5.77
C TYR N 668 -70.78 -11.76 6.33
N GLU N 669 -70.85 -10.77 5.44
CA GLU N 669 -70.75 -9.38 5.88
C GLU N 669 -72.02 -8.95 6.62
N SER N 670 -73.18 -9.33 6.07
CA SER N 670 -74.46 -9.07 6.71
C SER N 670 -75.33 -10.30 6.59
N LEU N 671 -76.19 -10.50 7.59
CA LEU N 671 -77.06 -11.68 7.59
C LEU N 671 -78.09 -11.61 6.47
N GLU N 672 -78.68 -10.43 6.23
CA GLU N 672 -79.71 -10.29 5.22
C GLU N 672 -79.19 -10.50 3.80
N GLN N 673 -77.89 -10.27 3.56
CA GLN N 673 -77.30 -10.65 2.28
C GLN N 673 -77.05 -12.14 2.19
N HIS N 674 -76.73 -12.78 3.31
CA HIS N 674 -76.54 -14.23 3.31
C HIS N 674 -77.85 -14.97 3.12
N ILE N 675 -78.96 -14.38 3.56
CA ILE N 675 -80.28 -14.98 3.32
C ILE N 675 -80.57 -15.04 1.82
N VAL N 676 -80.32 -13.94 1.11
CA VAL N 676 -80.47 -13.93 -0.34
C VAL N 676 -79.14 -14.33 -1.00
N SER N 677 -78.93 -15.65 -1.06
CA SER N 677 -77.76 -16.22 -1.70
C SER N 677 -78.15 -17.60 -2.20
N GLU N 678 -77.51 -18.02 -3.31
CA GLU N 678 -77.94 -19.24 -3.99
C GLU N 678 -77.74 -20.47 -3.11
N LYS N 679 -76.67 -20.49 -2.31
CA LYS N 679 -76.39 -21.67 -1.51
C LYS N 679 -77.35 -21.77 -0.32
N HIS N 680 -77.65 -20.65 0.33
CA HIS N 680 -78.59 -20.67 1.44
C HIS N 680 -80.01 -20.98 0.99
N LEU N 681 -80.45 -20.39 -0.13
CA LEU N 681 -81.79 -20.69 -0.62
C LEU N 681 -81.88 -22.11 -1.16
N SER N 682 -80.80 -22.62 -1.76
CA SER N 682 -80.80 -24.02 -2.19
C SER N 682 -80.77 -24.96 -1.01
N PHE N 683 -80.17 -24.55 0.10
CA PHE N 683 -80.20 -25.34 1.33
C PHE N 683 -81.60 -25.30 1.96
N ALA N 684 -82.30 -24.18 1.82
CA ALA N 684 -83.62 -24.04 2.42
C ALA N 684 -84.66 -24.90 1.72
N GLU N 685 -84.65 -24.91 0.39
CA GLU N 685 -85.65 -25.67 -0.35
C GLU N 685 -85.46 -27.17 -0.21
N ASN N 686 -84.27 -27.62 0.18
CA ASN N 686 -84.04 -29.04 0.40
C ASN N 686 -84.58 -29.41 1.77
N ASP N 687 -85.26 -30.56 1.85
CA ASP N 687 -85.83 -31.05 3.09
C ASP N 687 -85.19 -32.35 3.56
N LEU N 688 -84.24 -32.90 2.79
CA LEU N 688 -83.63 -34.18 3.13
C LEU N 688 -82.57 -34.04 4.21
N ASN N 689 -82.27 -32.82 4.65
CA ASN N 689 -81.27 -32.63 5.68
C ASN N 689 -81.88 -32.22 7.02
N PHE N 690 -83.21 -32.10 7.08
CA PHE N 690 -83.95 -31.90 8.31
C PHE N 690 -84.79 -33.12 8.65
N GLU N 691 -84.43 -34.27 8.07
CA GLU N 691 -85.25 -35.48 8.19
C GLU N 691 -85.42 -35.89 9.64
N ALA N 692 -84.31 -35.89 10.41
CA ALA N 692 -84.39 -36.16 11.84
C ALA N 692 -85.35 -35.18 12.51
N ILE N 693 -85.20 -33.89 12.19
CA ILE N 693 -86.14 -32.87 12.66
C ILE N 693 -87.56 -33.26 12.32
N ASP N 694 -87.78 -33.66 11.06
CA ASP N 694 -89.11 -34.05 10.61
C ASP N 694 -89.67 -35.17 11.47
N SER N 695 -88.87 -36.20 11.73
CA SER N 695 -89.34 -37.31 12.55
C SER N 695 -89.72 -36.80 13.93
N LEU N 696 -88.85 -35.96 14.51
CA LEU N 696 -89.12 -35.38 15.81
C LEU N 696 -90.40 -34.55 15.78
N ILE N 697 -90.59 -33.76 14.70
CA ILE N 697 -91.81 -32.97 14.56
C ILE N 697 -93.01 -33.89 14.61
N GLU N 698 -92.95 -35.00 13.86
CA GLU N 698 -94.09 -35.92 13.81
C GLU N 698 -94.36 -36.49 15.19
N ASN N 699 -93.29 -36.89 15.90
CA ASN N 699 -93.48 -37.44 17.23
C ASN N 699 -94.09 -36.39 18.15
N LEU N 700 -93.58 -35.16 18.06
CA LEU N 700 -94.04 -34.13 18.98
C LEU N 700 -95.43 -33.66 18.60
N ARG N 701 -95.93 -34.09 17.43
CA ARG N 701 -97.29 -33.75 17.06
C ARG N 701 -98.30 -34.67 17.76
N PHE N 702 -97.91 -35.92 18.06
CA PHE N 702 -98.92 -36.82 18.61
C PHE N 702 -98.62 -37.19 20.07
N GLN N 703 -97.75 -36.42 20.72
CA GLN N 703 -97.49 -36.63 22.15
C GLN N 703 -98.72 -36.31 23.00
#